data_7QOL
#
_entry.id   7QOL
#
_cell.length_a   1.00
_cell.length_b   1.00
_cell.length_c   1.00
_cell.angle_alpha   90.00
_cell.angle_beta   90.00
_cell.angle_gamma   90.00
#
_symmetry.space_group_name_H-M   'P 1'
#
loop_
_entity.id
_entity.type
_entity.pdbx_description
1 polymer 'Portal protein gp20'
2 polymer 'Ring protein 1 gp43'
3 polymer 'Ring protein 2 gp40'
4 polymer 'Ring protein 3 gp35'
5 polymer 'Ring protein 4/5 gp34'
6 polymer 'Tail hub protein A gp38'
7 polymer 'Tail hub protein B gp39'
8 polymer 'Tail fiber protein gp22'
9 polymer 'Cargo protein 1 gp45'
10 polymer 'Muzzle protein gp44'
11 polymer 'Muzzle bound helix'
12 non-polymer 'MAGNESIUM ION'
13 water water
#
loop_
_entity_poly.entity_id
_entity_poly.type
_entity_poly.pdbx_seq_one_letter_code
_entity_poly.pdbx_strand_id
1 'polypeptide(L)'
;MADFLNFPRQMLPFSKKTKQWRKDCLLWANQKTFFNYSLVRKSVIHKKINYDLLNGRLHMSDLELVLNPDGIKAAYIPDR
LQHYPIMNSKLNVLRGEESKRVFDFKVVVTNPNAISEIEDNKKNELLQRLQEMITDTSISEDEYNIKLEKLNDYYTYEWQ
DIREVRANELLNHYIKEYDIPLIFNNGFMDAMTCGEEIYQCDIVGGEPVIERVNPLKIRIFKSGYSNKVEDADMIILEDY
WSPGRVIDTYYDVLSPKDIKYIETMPDYIGQGAVDQMDNIDERYGFVNQNMIGDEITVRDGTYFFDPANLFTEGIANSLL
PYDLAGNLRVLRLYWKSKRKILKVKSYDPETGEEEWNFYPENYVVNKEAGEEVQSFWVNEAWEGTMIGNEIFVNMRPRLI
QYNRLNNPSRCHFGIVGSIYNLNDSRPFSLVDMMKPYNYLYDAIHDRLNKAIASNWGSILELDLSKVPKGWDVGKWMYYA
RVNHIAVIDSFKEGTIGASTGKLAGALNNAGKGMIETNIGNYIQQQINLLEFIKMEMADVAGISKQREGQISQRETVGGV
ERATLQSSHITEWLFTIHDDVKKRALECFLETAKVALKGRNKKFQYILSDTSTRVMEIDGDEFAEADYGLVVDNSNGTQE
LQQKLDTLAQAALQTQTLSFSTITKLYTSSSLAEKQRLIEKDEKQIRERQAQAQKEQLEAQQQIAAMQQQQKEAELLQKE
EANIRDNQTKIIIAQIQSEGGPDEEDGIMIDDYSPEAKANLAEKIREFDEKLKLDKDKLKLDKKKAETDASIKRQALRKK
SSTTNK
;
A,O
2 'polypeptide(L)'
;MVNNINWVKLPVILDRLLRHPLLTDLNLETAIQYTLDFISAMGLPNVYVDKIETIDIKEYRGELPCDLISINQVRLHKNG
IALRAMTDNFNAYPTHDHKEGDWYERGEPSFKTQGRVIFTSIKHEKVDISYKAIMLDDEGLPLIPDNPIFLKTLELYIKK
EWFTILFDMGKISPAVLNNTQQEYAFKAGQCNNEFVIPSVSEMEAITNMWNQLIPRVTEFRRGFKNLGDKEYIRVH
;
B,Q
3 'polypeptide(L)'
;MTYNELIYMVLDELKLSSDDSYYTPDHVIFLLVKYRSFLLKQRYSDIKKQIPDSDYQSICLDLIEVPAISGEPCEGSSYL
RSKNKVPTTMMIGNPRVYPMDFYQGEITYISRDRMRYVGYNKFLRNIIYCSKAPDGYLYFKSWNPQFLHLEKVSFNAIFE
DAKEASEMACPEENGTICKLEDKEFPIEDALVPPLIELVVKELRGPEYSPKDEDNNAKDDLPDAR
;
C,S
4 'polypeptide(L)'
;MTNKEFSDGFSTLLNSFGITPNITLDEYEKSTFLTNAQEQLIIDIYSGRNIIYGKSFEQTEEIRRYLSNLVETYETSTKV
TGKLGLSKDSVFFEIPQDTWFITYEVAFLKDSRLGCLDGIEASVVPLPQDDLYRAKDNPFRGPSKDRVLRLDIKSDLAEL
ISKYNVDKYLMRYISQPTPIILVDLPDGLSINGVSTESECELNPVVHRAILERAVQLAIISKTQLTGNKE
;
D,T
5 'polypeptide(L)'
;MNVNEFSNEFDVLYNNIMSNAAPGLNEYEKSVLLTKAQEEIVKNYFEPAGNKYGKGLDDSPKRQIDFSELIKVGEGVLNT
SAPTITFDKRAKVYDLPADLFLVINEAVDTNAGTKQIVPISYSDYTRLMSRPYKEPVKYQAWRIITTSINNISVELIVNS
NETITDYKVRYIRRPAPIITTNLSSEYGDVTINGVSTVSECELNPIIHSEILQRAVELAKAAYQGDLQASVELGQRSE
;
E,F,U,V
6 'polypeptide(L)'
;MHFNELRISQDNRFLIIDVSVDNQDYFEDVLLDSIVIDTQDTFVMNGPSDNPLYIYNVEDAYDLTYSLPEQCNCNPVRVE
EDESYCFTYGTQQMKNVRLELNIQDLKVSPCSTMFFVYVKSKGTPSTDTPCGFDKDQILGTVINLQPIYKQTLKYLKEVE
CDCNIPKGFIDMILKLKAIELCVRTGNYPQAIKYWNKFFIKNNCKSPTSNCGCYG
;
G,H,W,Z
7 'polypeptide(L)'
;MDKMLEISEEAITRYFTTLSQFGYKKYSDVDKIIVLFFMEEMLAGEMSYYVTQDDYRNIVNALYCLAGSTCMIDFPMFES
YDTLVHSNNRTFVPRITEDSILRSTEDDNFRVEA
;
I,a
8 'polypeptide(L)'
;MFFTQEDYRKIEKWLLANSRKDTDFAGAATPLKGNETVVLVQNGKNVKASVKDVVEQLFLLGVSDFVNITDKYGESYISL
SQAIELIPYRSRKIGQVVTFLDDTGKWAMFQFQGTRKNQWGTLSLWVDLIDLMTGLTITDSEDIVTETNSANQVALKFAD
KTYNEADYSGLGRVYLRKNIVNVEDPVTGNIVKMNYLTQSMISKENTIYIVQYSYNLNGQTITIPSGCVLKFEGGSISNG
SIKGTDTNIIAPQIRIFNTILLSGTWKVRDIFDDWFDFNATTNFDNINNFYNISILQSDDLENNVILKGNYYSSLKDGIV
LSLSSNTNLVLNGSISLLPNNLSSYSIIKGVDKENIKISGGGRLIGDLQNHLGDTGEWGFGISFTGCKTVSITNIDSSYM
WGDGLYIGASDDTKEETLSQNIQVNNCKFEYNRRQGISITGAVDVFVNNCYFFNTGKINGTSPKAGLDIEPSGLYNSNVT
ISNCIADSNVSTGFLVYGDNRNIVIDNCASKNQLISITIAQRSATTDNDDVFIRHGNIGGSLQITRGNIRVEDCEVDSVY
FTADTSGIGANVTISNSVIGAKRWEGSTYFNSVFLIDSNSQINNLYIFDSKIDYDPSILTQGLFNIGGNSIRDNILFENC
DISQKNTVNSLNTKVGSYRNCRFYNMTRIYLANEPNKTVEFTDNYCAMTRESSSTNIFSFLNSSSTQDVILFVVRNNTFS
TKGSINVGSIGLIDVTGVNLGNKMIFENNHFLTQYPLTQEQIIKALSNRITVDTNYNFTSRFPYRATLESLPAYNTFDAG
ALIYGDDNLLYFWNGTNLTNSEGTDARKVVIV
;
J,K,L,b,c,d
9 'polypeptide(L)'
;MAKKKIKRRGKMPPNIFDTGGQSWGQQSSGQFSNAFKGENLGNSIGSIGGAVGGIAQAGISNAQIADTSGIEAQNKAQKN
MVVGASSNDDLMSEWGSWNKVKDDYSWKDVRGGSTGQRVTNTIGAAGQGAAAGASVGGPIGAIVGGVVGLGSAIGGWLGG
NRKAKRKAKKLNKEAKEANERALTSFETRADNIDTQNDFNMLANFSAYGGPLEFGSGAIGYEFDNRYLNNQEMSAVAKQR
LTSLPNSFQALPEMNTYNAFAEGGGLSREKNYGSKKKPYPSVPSGDFAGPHRSYPIPTKADARDALRLAGLHGNESVRRK
VLAKYPSLKAFGGSLFDSVVGNNFNQSFTQGIQGMFQQEPEQTVQAANIAKDGGDIKIKEKNKGKFTAYCGGKVTEACIR
KGKNSSNPTTRKRATFAQNARNWNAFGGWLNTQGGDFTNGVTFINEGGSHEENPYQGIQIGVDPEGAPNLVEQGEVVYDD
YVFSDRMEIPDDIRKEYKLRGKTFAKAAKSAQRESEERPNDPLSTKGLQAAMERIATAQEEARQRKEAHREGNEYPSMFA
YGGDTNPYGLALEDPMSVEELEALMVQSGETGEIAPEGNNGNRQTWTRYAPIIGSGLASLSDLFSKPDYDSADLISGVDL
GAEAVGYAPIGNYLSYRPLDRDFYINKMNQQAAATRRGLMNTSGGNRLNAQAGILAADYNYGQNMGNLARQAEEYNQQLR
ERVEAFNRGTNMFNTETGLKASMFNAESRNAAKRARLGQATTVAQLRQGIKDQDAARRSANITNFLQGLGDMGWENEQAN
WLDTLAKSGVLKMNTKGEYTGGTKKAKGGKVRTKKKKGLTYG
;
M,N,e,f
10 'polypeptide(L)'
;MALKKEQHFFKGMQRDLSVSKFNPEYAFDAQNIRITAREHDTLLSVSNEKGNKEIPLQSPSGDPVVIDGVLLGQNVLNNY
VTLFTKGTNDNIYRLENKGTYFETLILFSGNLNFSTDYPIESISVYENNNIQKVYWVDGLNQARVINITKDDYNNADDFD
FVGTIHTSSKIEVSKVNGSGAFGQGVIQYAFTYYNKYGKETNIFRTSPLLYIAYSDRGASPEETVSCSFQINFTELDSSY
DFIRVYSIHRTSIDATPTVRKVADLATDTKLYVDTGTTGEIVDPTLLLYVGGEEIAPYTMTQKDNTLFLGNYTLKRSLIS
TELKNQIKSDSIVTTILGGLDDAIESEWNVNTQYNSNYDLNYDSRIKGFQKGEIYRLGIQFQDNKGKWSEVVFIGDYECT
ERFKYTQYDTYGITLIPRFKVVISNSTTIQAIKNLGYINARGVVVFPTLEDRNILCQGILCPTVANYKDRLDNSPFVQSS
WFSRPKQATETWKTEYSGTNHLSEFGEVPYFQHNEPIGSASLSEITRWEIQTSLGLVPYYNPSTTNAKDFVDGSPSEFLV
DENIVTMHSPDVEFDDRLQNITNGKFKLRIIGTTHLTNTLSDISVITSTPTYGNYATGFYKGKVANMNISTSYYGGRQLS
AGLFWSDNVKFQDPSPQDKLERLWMVYPWHRNGSLMNMGVPTEGTRAAALQRKIISNLKFASQNNYLPNQSVWEAEISGD
ANHTGITPVNSWTEGLVRIPAQANSNLGSLNYYANIDKVLTFNRSEQISEIYKNGYLIYTTKDWITDGKIADLFNNAISQ
TISVDQVQDWLTRIADTDKYGTEPVSMKYKSNPHLVFAFNYTESGKQLILPMKNNNNGYLAPSANSKPFWNPTAPEGAVY
QDSINFTNENRAFFWLAELYRDSVVNRFGGDTEEAILNNTWLPSGDSVIIGDSINIEYTEGDTYYQRYDCLRTFAYTNED
QNSIVDIVSFMCESKVNIDGRYDKNRGQVNNLAVSPTNFNLFNPVYSQKNNFFTFRTIDYERFSINYFPNSITVTKEKSL
GEDIDTWTNITLATTLDLDGDKGEIVSLNTYNNEIFCFQRRGLSNILFNSRVQIPTSDGMPIEITNGLKVSGKRYISNTI
GCANKWSIAESPSGLYFIDNETNSLYLFNGEIVSLSDKLGFRQWISTHNVHVNWEPVGYNNYRSFYDKNNNDVYFTYKDH
CLCYSELINQFTSFMSYEGVPAMFNVSSEFYAFKDGKMWEQFAGDYNMFFGEYKPFSITFVANAEEPNDKIFNTVEFRAD
SWDSDNLISNKTFDTLDVWNEYQHGTTPLTNLLGHPSPLKKKFRIWRANIPRAIANNRDRIRNTWAYIKLGMNTPNTYRT
EFHDAIIHYFA
;
P
11 'polypeptide(L)' (UNK)(UNK)(UNK)(UNK)(UNK)(UNK)(UNK)(UNK)(UNK)(UNK)(UNK)(UNK)(UNK)(UNK) R
#
loop_
_chem_comp.id
_chem_comp.type
_chem_comp.name
_chem_comp.formula
MG non-polymer 'MAGNESIUM ION' 'Mg 2'
#
# COMPACT_ATOMS: atom_id res chain seq x y z
N ASN A 6 150.79 -44.66 -54.58
CA ASN A 6 151.72 -44.20 -55.65
C ASN A 6 152.39 -45.39 -56.33
N PHE A 7 152.33 -45.40 -57.66
CA PHE A 7 152.88 -46.51 -58.42
C PHE A 7 154.40 -46.37 -58.49
N PRO A 8 155.18 -47.41 -58.11
CA PRO A 8 156.64 -47.23 -57.99
C PRO A 8 157.31 -46.89 -59.32
N ARG A 9 158.61 -46.63 -59.27
CA ARG A 9 159.36 -46.25 -60.45
C ARG A 9 159.70 -47.48 -61.28
N GLN A 10 159.47 -47.39 -62.59
CA GLN A 10 159.82 -48.45 -63.53
C GLN A 10 161.08 -48.17 -64.33
N MET A 11 161.65 -46.96 -64.21
CA MET A 11 162.89 -46.63 -64.89
C MET A 11 164.07 -47.00 -63.99
N LEU A 12 164.23 -48.32 -63.82
CA LEU A 12 165.27 -48.90 -62.98
C LEU A 12 165.96 -50.02 -63.74
N PRO A 13 167.18 -50.39 -63.34
CA PRO A 13 167.79 -51.59 -63.92
C PRO A 13 167.12 -52.84 -63.40
N PHE A 14 167.37 -53.96 -64.08
CA PHE A 14 166.74 -55.21 -63.69
C PHE A 14 167.17 -55.66 -62.30
N SER A 15 168.36 -55.25 -61.84
CA SER A 15 168.82 -55.66 -60.52
C SER A 15 168.01 -55.01 -59.41
N LYS A 16 167.61 -53.76 -59.59
CA LYS A 16 166.89 -53.03 -58.55
C LYS A 16 165.40 -53.34 -58.52
N LYS A 17 164.89 -54.15 -59.45
CA LYS A 17 163.50 -54.58 -59.42
C LYS A 17 163.39 -55.77 -58.49
N THR A 18 163.46 -55.48 -57.19
CA THR A 18 163.55 -56.50 -56.15
C THR A 18 162.16 -57.01 -55.81
N LYS A 19 162.08 -57.88 -54.79
CA LYS A 19 160.78 -58.46 -54.42
C LYS A 19 159.84 -57.38 -53.89
N GLN A 20 160.36 -56.49 -53.03
CA GLN A 20 159.51 -55.46 -52.45
C GLN A 20 159.00 -54.49 -53.51
N TRP A 21 159.74 -54.31 -54.60
CA TRP A 21 159.28 -53.44 -55.67
C TRP A 21 158.02 -54.00 -56.33
N ARG A 22 158.06 -55.28 -56.72
CA ARG A 22 156.89 -55.91 -57.32
C ARG A 22 155.75 -55.97 -56.32
N LYS A 23 156.08 -56.22 -55.05
CA LYS A 23 155.05 -56.20 -54.02
C LYS A 23 154.39 -54.83 -53.94
N ASP A 24 155.17 -53.76 -54.05
CA ASP A 24 154.59 -52.42 -54.01
C ASP A 24 153.69 -52.19 -55.22
N CYS A 25 154.09 -52.71 -56.38
CA CYS A 25 153.20 -52.63 -57.55
C CYS A 25 151.85 -53.30 -57.25
N LEU A 26 151.89 -54.49 -56.63
CA LEU A 26 150.64 -55.21 -56.39
C LEU A 26 149.80 -54.53 -55.31
N LEU A 27 150.42 -53.99 -54.26
CA LEU A 27 149.66 -53.23 -53.29
C LEU A 27 149.06 -51.97 -53.91
N TRP A 28 149.77 -51.31 -54.82
CA TRP A 28 149.16 -50.19 -55.53
C TRP A 28 147.95 -50.66 -56.32
N ALA A 29 148.07 -51.81 -57.00
CA ALA A 29 146.94 -52.34 -57.75
C ALA A 29 145.76 -52.62 -56.84
N ASN A 30 146.03 -53.15 -55.65
CA ASN A 30 144.96 -53.36 -54.67
C ASN A 30 144.31 -52.03 -54.28
N GLN A 31 145.13 -51.01 -54.05
CA GLN A 31 144.62 -49.71 -53.64
C GLN A 31 143.75 -49.07 -54.72
N LYS A 32 143.85 -49.53 -55.96
CA LYS A 32 142.95 -49.11 -57.04
C LYS A 32 143.14 -47.63 -57.33
N ASN A 36 136.75 -46.58 -61.54
CA ASN A 36 137.60 -46.72 -62.73
C ASN A 36 137.14 -45.80 -63.85
N TYR A 37 138.07 -45.07 -64.43
CA TYR A 37 137.80 -44.12 -65.51
C TYR A 37 138.54 -44.55 -66.76
N SER A 38 137.81 -44.68 -67.86
CA SER A 38 138.37 -44.98 -69.16
C SER A 38 137.74 -44.06 -70.20
N LEU A 39 138.45 -43.88 -71.31
CA LEU A 39 138.05 -42.90 -72.31
C LEU A 39 137.14 -43.47 -73.40
N VAL A 40 137.11 -44.78 -73.57
CA VAL A 40 136.32 -45.42 -74.61
C VAL A 40 135.50 -46.57 -74.05
N ARG A 41 135.19 -46.52 -72.75
CA ARG A 41 134.37 -47.53 -72.10
C ARG A 41 133.29 -46.87 -71.28
N LYS A 42 132.15 -47.55 -71.16
CA LYS A 42 131.08 -47.10 -70.31
C LYS A 42 131.38 -47.44 -68.85
N SER A 43 130.57 -46.88 -67.96
CA SER A 43 130.69 -47.20 -66.54
C SER A 43 130.25 -48.63 -66.28
N VAL A 44 130.79 -49.20 -65.20
CA VAL A 44 130.43 -50.56 -64.84
C VAL A 44 128.95 -50.66 -64.49
N ILE A 45 128.37 -49.59 -63.95
CA ILE A 45 126.95 -49.62 -63.61
C ILE A 45 126.11 -49.72 -64.87
N HIS A 46 126.48 -49.01 -65.93
CA HIS A 46 125.73 -49.07 -67.18
C HIS A 46 125.76 -50.48 -67.76
N LYS A 47 126.94 -51.10 -67.78
CA LYS A 47 127.05 -52.46 -68.29
C LYS A 47 126.25 -53.44 -67.44
N LYS A 48 126.33 -53.28 -66.11
CA LYS A 48 125.55 -54.14 -65.22
C LYS A 48 124.07 -53.98 -65.49
N ILE A 49 123.61 -52.75 -65.74
CA ILE A 49 122.21 -52.51 -66.03
C ILE A 49 121.81 -53.21 -67.32
N ASN A 50 122.65 -53.12 -68.35
CA ASN A 50 122.34 -53.78 -69.61
C ASN A 50 122.24 -55.29 -69.43
N TYR A 51 123.20 -55.88 -68.72
CA TYR A 51 123.17 -57.32 -68.50
C TYR A 51 121.96 -57.74 -67.66
N ASP A 52 121.62 -56.93 -66.65
CA ASP A 52 120.44 -57.22 -65.86
C ASP A 52 119.18 -57.15 -66.70
N LEU A 53 119.09 -56.18 -67.61
CA LEU A 53 117.96 -56.11 -68.52
C LEU A 53 117.87 -57.37 -69.36
N LEU A 54 119.01 -57.82 -69.90
CA LEU A 54 118.99 -59.07 -70.66
C LEU A 54 118.66 -60.27 -69.79
N ASN A 55 118.87 -60.19 -68.48
CA ASN A 55 118.55 -61.27 -67.56
C ASN A 55 117.22 -61.04 -66.85
N GLY A 56 116.44 -60.05 -67.26
CA GLY A 56 115.09 -59.90 -66.75
C GLY A 56 114.96 -59.18 -65.43
N ARG A 57 115.83 -58.21 -65.17
CA ARG A 57 115.74 -57.38 -63.97
C ARG A 57 115.62 -55.91 -64.39
N LEU A 58 114.62 -55.23 -63.83
CA LEU A 58 114.38 -53.82 -64.10
C LEU A 58 114.73 -53.02 -62.86
N HIS A 59 115.62 -52.05 -63.01
CA HIS A 59 116.01 -51.14 -61.94
C HIS A 59 115.17 -49.88 -62.08
N MET A 60 114.26 -49.65 -61.14
CA MET A 60 113.39 -48.49 -61.22
C MET A 60 114.17 -47.18 -61.13
N SER A 61 115.39 -47.21 -60.62
CA SER A 61 116.22 -46.01 -60.57
C SER A 61 116.91 -45.72 -61.90
N ASP A 62 116.70 -46.55 -62.92
CA ASP A 62 117.29 -46.34 -64.24
C ASP A 62 116.33 -45.68 -65.22
N LEU A 63 115.06 -45.48 -64.85
CA LEU A 63 114.11 -44.82 -65.73
C LEU A 63 113.28 -43.76 -65.02
N GLU A 64 113.60 -43.42 -63.78
CA GLU A 64 112.90 -42.35 -63.07
C GLU A 64 113.63 -42.05 -61.77
N LEU A 65 113.21 -40.97 -61.12
CA LEU A 65 113.58 -40.72 -59.73
C LEU A 65 112.62 -41.48 -58.82
N VAL A 66 113.19 -42.29 -57.93
CA VAL A 66 112.40 -43.09 -57.01
C VAL A 66 112.16 -42.23 -55.77
N LEU A 67 110.90 -41.84 -55.56
CA LEU A 67 110.53 -41.02 -54.41
C LEU A 67 110.26 -41.90 -53.19
N ILE A 72 109.99 -49.29 -55.83
CA ILE A 72 110.48 -49.43 -54.47
C ILE A 72 111.29 -50.72 -54.35
N LYS A 73 111.69 -51.06 -53.13
CA LYS A 73 112.46 -52.26 -52.85
C LYS A 73 111.60 -53.49 -52.62
N ALA A 74 110.28 -53.36 -52.68
CA ALA A 74 109.36 -54.47 -52.47
C ALA A 74 108.98 -55.06 -53.81
N ALA A 75 109.08 -56.40 -53.93
CA ALA A 75 108.91 -57.10 -55.20
C ALA A 75 107.43 -57.29 -55.52
N TYR A 76 106.72 -56.17 -55.65
CA TYR A 76 105.27 -56.19 -55.89
C TYR A 76 104.89 -55.06 -56.83
N ILE A 77 103.98 -55.35 -57.75
CA ILE A 77 103.68 -54.47 -58.89
C ILE A 77 102.98 -53.17 -58.50
N PRO A 78 102.12 -53.12 -57.46
CA PRO A 78 101.47 -51.83 -57.13
C PRO A 78 102.41 -50.66 -56.92
N ASP A 79 103.71 -50.93 -56.70
CA ASP A 79 104.72 -49.88 -56.69
C ASP A 79 105.95 -50.21 -57.53
N ARG A 80 106.13 -51.45 -57.96
CA ARG A 80 107.21 -51.84 -58.86
C ARG A 80 106.66 -52.09 -60.25
N LEU A 81 107.57 -52.20 -61.21
CA LEU A 81 107.23 -52.23 -62.63
C LEU A 81 107.66 -53.56 -63.23
N GLN A 82 106.75 -54.19 -63.99
CA GLN A 82 107.07 -55.41 -64.70
C GLN A 82 108.10 -55.15 -65.79
N HIS A 83 108.91 -56.17 -66.06
CA HIS A 83 109.77 -56.21 -67.22
C HIS A 83 109.27 -57.31 -68.16
N TYR A 84 109.19 -57.00 -69.45
CA TYR A 84 108.82 -57.97 -70.47
C TYR A 84 109.97 -58.13 -71.45
N PRO A 85 110.66 -59.28 -71.50
CA PRO A 85 111.90 -59.34 -72.30
C PRO A 85 111.65 -59.46 -73.80
N ILE A 86 111.43 -58.30 -74.42
CA ILE A 86 111.24 -58.25 -75.87
C ILE A 86 112.54 -58.04 -76.62
N MET A 87 113.62 -57.66 -75.95
CA MET A 87 114.92 -57.47 -76.61
C MET A 87 115.68 -58.78 -76.80
N ASN A 88 115.35 -59.81 -76.02
CA ASN A 88 116.15 -61.03 -76.02
C ASN A 88 116.15 -61.69 -77.39
N SER A 89 115.01 -61.71 -78.07
CA SER A 89 114.92 -62.39 -79.35
C SER A 89 115.81 -61.74 -80.39
N LYS A 90 115.89 -60.41 -80.37
CA LYS A 90 116.70 -59.72 -81.36
C LYS A 90 118.17 -60.09 -81.25
N LEU A 91 118.70 -60.15 -80.02
CA LEU A 91 120.09 -60.54 -79.85
C LEU A 91 120.28 -62.03 -80.08
N ASN A 92 119.25 -62.83 -79.77
CA ASN A 92 119.35 -64.27 -79.98
C ASN A 92 119.47 -64.60 -81.46
N VAL A 93 118.73 -63.88 -82.31
CA VAL A 93 118.85 -64.09 -83.75
C VAL A 93 120.29 -63.88 -84.20
N LEU A 94 120.90 -62.79 -83.76
CA LEU A 94 122.24 -62.46 -84.22
C LEU A 94 123.27 -63.43 -83.69
N ARG A 95 123.16 -63.84 -82.42
CA ARG A 95 124.12 -64.81 -81.91
C ARG A 95 123.94 -66.17 -82.59
N GLY A 96 122.69 -66.55 -82.90
CA GLY A 96 122.47 -67.80 -83.60
C GLY A 96 123.03 -67.77 -85.01
N GLU A 97 122.92 -66.63 -85.69
CA GLU A 97 123.56 -66.49 -86.99
C GLU A 97 125.07 -66.54 -86.87
N GLU A 98 125.62 -65.99 -85.78
CA GLU A 98 127.07 -66.02 -85.59
C GLU A 98 127.58 -67.45 -85.52
N SER A 99 126.81 -68.34 -84.89
CA SER A 99 127.25 -69.72 -84.73
C SER A 99 127.32 -70.45 -86.07
N LYS A 100 126.35 -70.22 -86.94
CA LYS A 100 126.27 -70.95 -88.21
C LYS A 100 127.07 -70.31 -89.33
N ARG A 101 127.59 -69.10 -89.15
CA ARG A 101 128.55 -68.58 -90.12
C ARG A 101 129.76 -69.52 -90.20
N VAL A 102 130.23 -69.76 -91.42
CA VAL A 102 131.29 -70.75 -91.61
C VAL A 102 132.53 -70.33 -90.85
N PHE A 103 133.11 -71.27 -90.12
CA PHE A 103 134.26 -71.03 -89.26
C PHE A 103 135.43 -71.86 -89.77
N ASP A 104 136.28 -71.23 -90.59
CA ASP A 104 137.55 -71.83 -91.00
C ASP A 104 138.65 -70.75 -90.91
N PHE A 105 139.21 -70.62 -89.71
CA PHE A 105 140.29 -69.67 -89.44
C PHE A 105 141.59 -70.45 -89.51
N LYS A 106 142.24 -70.41 -90.67
CA LYS A 106 143.48 -71.14 -90.92
C LYS A 106 144.64 -70.18 -91.10
N VAL A 107 145.82 -70.61 -90.64
CA VAL A 107 147.05 -69.91 -90.96
C VAL A 107 147.42 -70.18 -92.41
N VAL A 108 147.55 -69.12 -93.20
CA VAL A 108 147.94 -69.21 -94.60
C VAL A 108 149.20 -68.38 -94.79
N VAL A 109 150.00 -68.78 -95.76
CA VAL A 109 151.16 -67.98 -96.16
C VAL A 109 150.67 -66.87 -97.07
N THR A 110 150.95 -65.62 -96.71
CA THR A 110 150.44 -64.50 -97.48
C THR A 110 151.03 -64.47 -98.89
N ASN A 111 152.30 -64.83 -99.02
CA ASN A 111 153.01 -64.82 -100.31
C ASN A 111 153.70 -66.18 -100.49
N PRO A 112 152.93 -67.24 -100.77
CA PRO A 112 153.50 -68.59 -100.78
C PRO A 112 154.50 -68.83 -101.90
N ASN A 113 154.59 -67.94 -102.89
CA ASN A 113 155.60 -68.03 -103.93
C ASN A 113 156.76 -67.08 -103.66
N ALA A 114 156.96 -66.67 -102.41
CA ALA A 114 158.00 -65.73 -102.02
C ALA A 114 158.97 -66.46 -101.09
N ILE A 115 160.05 -66.97 -101.67
CA ILE A 115 161.11 -67.65 -100.93
C ILE A 115 162.39 -66.86 -101.10
N SER A 116 163.13 -66.72 -100.00
CA SER A 116 164.38 -65.96 -99.97
C SER A 116 165.50 -66.86 -99.47
N GLU A 117 166.72 -66.30 -99.46
CA GLU A 117 167.89 -67.08 -99.05
C GLU A 117 167.78 -67.51 -97.60
N ILE A 118 167.29 -66.63 -96.73
CA ILE A 118 167.21 -66.94 -95.31
C ILE A 118 166.26 -68.11 -95.06
N GLU A 119 165.12 -68.14 -95.75
CA GLU A 119 164.19 -69.24 -95.59
C GLU A 119 164.83 -70.57 -95.98
N ASP A 120 165.59 -70.56 -97.08
CA ASP A 120 166.31 -71.76 -97.48
C ASP A 120 167.34 -72.16 -96.44
N ASN A 121 168.01 -71.19 -95.83
CA ASN A 121 169.01 -71.51 -94.80
C ASN A 121 168.37 -72.17 -93.59
N LYS A 122 167.25 -71.63 -93.12
CA LYS A 122 166.58 -72.23 -91.97
C LYS A 122 165.99 -73.60 -92.33
N LYS A 123 165.50 -73.76 -93.56
CA LYS A 123 165.05 -75.08 -93.99
C LYS A 123 166.20 -76.08 -93.97
N ASN A 124 167.38 -75.66 -94.45
CA ASN A 124 168.53 -76.55 -94.45
C ASN A 124 168.93 -76.91 -93.03
N GLU A 125 168.89 -75.95 -92.11
CA GLU A 125 169.18 -76.25 -90.71
C GLU A 125 168.22 -77.30 -90.17
N LEU A 126 166.91 -77.13 -90.44
CA LEU A 126 165.94 -78.10 -89.95
C LEU A 126 166.18 -79.48 -90.54
N LEU A 127 166.45 -79.54 -91.86
CA LEU A 127 166.68 -80.83 -92.50
C LEU A 127 167.93 -81.50 -91.93
N GLN A 128 169.00 -80.74 -91.72
CA GLN A 128 170.20 -81.33 -91.14
C GLN A 128 169.95 -81.85 -89.74
N ARG A 129 169.22 -81.10 -88.92
CA ARG A 129 168.93 -81.55 -87.56
C ARG A 129 168.10 -82.83 -87.58
N LEU A 130 167.09 -82.88 -88.45
CA LEU A 130 166.29 -84.08 -88.58
C LEU A 130 167.14 -85.26 -89.04
N GLN A 131 168.08 -85.01 -89.94
CA GLN A 131 168.95 -86.09 -90.43
C GLN A 131 169.80 -86.64 -89.29
N GLU A 132 170.41 -85.74 -88.49
CA GLU A 132 171.17 -86.21 -87.34
C GLU A 132 170.30 -87.01 -86.40
N MET A 133 169.06 -86.56 -86.19
CA MET A 133 168.17 -87.28 -85.28
C MET A 133 167.91 -88.69 -85.79
N ILE A 134 167.66 -88.84 -87.09
CA ILE A 134 167.33 -90.18 -87.58
C ILE A 134 168.55 -91.09 -87.56
N THR A 135 169.76 -90.55 -87.77
CA THR A 135 170.95 -91.38 -87.53
C THR A 135 171.04 -91.78 -86.07
N ASP A 136 170.72 -90.87 -85.14
CA ASP A 136 170.81 -91.19 -83.72
C ASP A 136 169.85 -92.30 -83.35
N THR A 137 168.60 -92.24 -83.84
CA THR A 137 167.59 -93.19 -83.41
C THR A 137 167.65 -94.50 -84.20
N SER A 138 167.83 -94.43 -85.52
CA SER A 138 167.82 -95.63 -86.34
C SER A 138 168.95 -96.56 -85.93
N ILE A 139 168.63 -97.85 -85.78
CA ILE A 139 169.57 -98.84 -85.25
C ILE A 139 170.14 -99.62 -86.44
N SER A 140 171.22 -99.09 -87.02
CA SER A 140 172.03 -99.80 -88.01
C SER A 140 171.18 -100.34 -89.17
N GLU A 141 170.55 -99.41 -89.89
CA GLU A 141 169.93 -99.70 -91.18
C GLU A 141 168.61 -100.48 -91.04
N ASP A 142 168.23 -100.85 -89.81
CA ASP A 142 166.99 -101.62 -89.65
C ASP A 142 165.78 -100.77 -90.02
N GLU A 143 165.77 -99.49 -89.63
CA GLU A 143 164.70 -98.57 -89.97
C GLU A 143 165.24 -97.24 -90.50
N TYR A 144 166.54 -97.17 -90.80
CA TYR A 144 167.13 -95.95 -91.34
C TYR A 144 166.47 -95.57 -92.66
N ASN A 145 166.35 -96.54 -93.57
CA ASN A 145 165.70 -96.28 -94.85
C ASN A 145 164.25 -95.85 -94.67
N ILE A 146 163.59 -96.33 -93.61
CA ILE A 146 162.22 -95.90 -93.35
C ILE A 146 162.20 -94.40 -93.02
N LYS A 147 163.14 -93.95 -92.20
CA LYS A 147 163.20 -92.53 -91.86
C LYS A 147 163.53 -91.68 -93.08
N LEU A 148 164.46 -92.15 -93.93
CA LEU A 148 164.74 -91.42 -95.16
C LEU A 148 163.50 -91.36 -96.05
N GLU A 149 162.76 -92.46 -96.17
CA GLU A 149 161.54 -92.45 -96.96
C GLU A 149 160.55 -91.44 -96.39
N LYS A 150 160.48 -91.34 -95.05
CA LYS A 150 159.56 -90.40 -94.43
C LYS A 150 159.96 -88.96 -94.72
N LEU A 151 161.25 -88.65 -94.68
CA LEU A 151 161.68 -87.26 -94.79
C LEU A 151 162.05 -86.82 -96.22
N ASN A 152 162.03 -87.73 -97.20
CA ASN A 152 162.33 -87.30 -98.56
C ASN A 152 161.26 -86.34 -99.10
N ASP A 153 159.98 -86.62 -98.82
CA ASP A 153 158.93 -85.74 -99.31
C ASP A 153 159.00 -84.34 -98.70
N TYR A 154 159.73 -84.17 -97.59
CA TYR A 154 159.92 -82.86 -97.00
C TYR A 154 160.99 -82.05 -97.72
N TYR A 155 161.76 -82.65 -98.63
CA TYR A 155 162.69 -81.86 -99.43
C TYR A 155 161.94 -80.89 -100.34
N THR A 156 160.72 -81.25 -100.75
CA THR A 156 159.91 -80.36 -101.57
C THR A 156 159.19 -79.29 -100.75
N TYR A 157 159.28 -79.35 -99.43
CA TYR A 157 158.66 -78.34 -98.58
C TYR A 157 159.52 -77.10 -98.50
N GLU A 158 158.96 -76.05 -97.90
CA GLU A 158 159.67 -74.80 -97.66
C GLU A 158 159.49 -74.41 -96.21
N TRP A 159 160.36 -73.50 -95.75
CA TRP A 159 160.32 -73.07 -94.35
C TRP A 159 158.95 -72.49 -94.00
N GLN A 160 158.43 -71.63 -94.86
CA GLN A 160 157.11 -71.05 -94.63
C GLN A 160 156.04 -72.13 -94.56
N ASP A 161 156.15 -73.15 -95.42
CA ASP A 161 155.18 -74.23 -95.41
C ASP A 161 155.24 -75.02 -94.10
N ILE A 162 156.45 -75.28 -93.59
CA ILE A 162 156.57 -76.04 -92.34
C ILE A 162 156.00 -75.23 -91.18
N ARG A 163 156.32 -73.93 -91.13
CA ARG A 163 155.75 -73.09 -90.08
C ARG A 163 154.23 -73.04 -90.18
N GLU A 164 153.70 -72.91 -91.39
CA GLU A 164 152.26 -72.88 -91.57
C GLU A 164 151.62 -74.19 -91.12
N VAL A 165 152.25 -75.32 -91.43
CA VAL A 165 151.73 -76.61 -91.02
C VAL A 165 151.69 -76.69 -89.49
N ARG A 166 152.77 -76.28 -88.83
CA ARG A 166 152.80 -76.34 -87.37
C ARG A 166 151.70 -75.46 -86.77
N ALA A 167 151.56 -74.24 -87.28
CA ALA A 167 150.57 -73.32 -86.73
C ALA A 167 149.15 -73.85 -86.97
N ASN A 168 148.88 -74.38 -88.16
CA ASN A 168 147.57 -74.94 -88.44
C ASN A 168 147.30 -76.15 -87.55
N GLU A 169 148.31 -76.98 -87.31
CA GLU A 169 148.14 -78.12 -86.42
C GLU A 169 147.72 -77.66 -85.03
N LEU A 170 148.43 -76.67 -84.49
CA LEU A 170 148.11 -76.18 -83.15
C LEU A 170 146.69 -75.62 -83.09
N LEU A 171 146.37 -74.70 -84.01
CA LEU A 171 145.04 -74.08 -83.96
C LEU A 171 143.94 -75.09 -84.20
N ASN A 172 144.14 -76.02 -85.13
CA ASN A 172 143.16 -77.05 -85.41
C ASN A 172 142.87 -77.87 -84.16
N HIS A 173 143.92 -78.39 -83.53
CA HIS A 173 143.72 -79.23 -82.36
C HIS A 173 143.02 -78.48 -81.25
N TYR A 174 143.47 -77.26 -80.95
CA TYR A 174 142.90 -76.57 -79.80
C TYR A 174 141.52 -75.99 -80.09
N ILE A 175 141.23 -75.63 -81.34
CA ILE A 175 139.88 -75.22 -81.70
C ILE A 175 138.91 -76.38 -81.51
N LYS A 176 139.29 -77.57 -81.95
CA LYS A 176 138.40 -78.70 -81.73
C LYS A 176 138.32 -79.09 -80.26
N GLU A 177 139.40 -78.90 -79.49
CA GLU A 177 139.40 -79.35 -78.11
C GLU A 177 138.58 -78.42 -77.21
N TYR A 178 138.71 -77.11 -77.39
CA TYR A 178 138.09 -76.14 -76.48
C TYR A 178 136.70 -75.69 -76.91
N ASP A 179 136.24 -76.02 -78.10
CA ASP A 179 135.05 -75.39 -78.69
C ASP A 179 135.16 -73.87 -78.60
N ILE A 180 136.23 -73.36 -79.18
CA ILE A 180 136.47 -71.93 -79.31
C ILE A 180 135.27 -71.24 -79.96
N PRO A 181 134.58 -71.85 -80.93
CA PRO A 181 133.36 -71.18 -81.45
C PRO A 181 132.32 -70.83 -80.39
N LEU A 182 132.11 -71.68 -79.39
CA LEU A 182 131.17 -71.32 -78.33
C LEU A 182 131.68 -70.12 -77.53
N ILE A 183 132.99 -70.07 -77.29
CA ILE A 183 133.56 -68.93 -76.58
C ILE A 183 133.34 -67.65 -77.39
N PHE A 184 133.50 -67.74 -78.71
CA PHE A 184 133.26 -66.58 -79.56
C PHE A 184 131.79 -66.20 -79.59
N ASN A 185 130.88 -67.18 -79.52
CA ASN A 185 129.46 -66.84 -79.44
C ASN A 185 129.16 -66.08 -78.16
N ASN A 186 129.70 -66.54 -77.03
CA ASN A 186 129.49 -65.82 -75.78
C ASN A 186 130.10 -64.43 -75.83
N GLY A 187 131.28 -64.30 -76.43
CA GLY A 187 131.89 -62.99 -76.58
C GLY A 187 131.07 -62.07 -77.46
N PHE A 188 130.45 -62.62 -78.51
CA PHE A 188 129.58 -61.82 -79.37
C PHE A 188 128.38 -61.32 -78.60
N MET A 189 127.79 -62.16 -77.74
CA MET A 189 126.71 -61.70 -76.90
C MET A 189 127.18 -60.59 -75.95
N ASP A 190 128.35 -60.77 -75.34
CA ASP A 190 128.89 -59.73 -74.47
C ASP A 190 129.12 -58.43 -75.23
N ALA A 191 129.54 -58.54 -76.49
CA ALA A 191 129.80 -57.35 -77.29
C ALA A 191 128.50 -56.64 -77.67
N MET A 192 127.47 -57.41 -78.02
CA MET A 192 126.18 -56.80 -78.31
C MET A 192 125.59 -56.13 -77.07
N THR A 193 125.86 -56.67 -75.89
CA THR A 193 125.33 -56.07 -74.66
C THR A 193 126.13 -54.86 -74.21
N CYS A 194 127.45 -54.88 -74.41
CA CYS A 194 128.35 -53.86 -73.90
C CYS A 194 129.03 -53.03 -74.98
N GLY A 195 129.12 -53.53 -76.19
CA GLY A 195 130.05 -52.96 -77.15
C GLY A 195 131.49 -53.30 -76.85
N GLU A 196 131.72 -54.36 -76.07
CA GLU A 196 133.05 -54.74 -75.62
C GLU A 196 133.18 -56.25 -75.75
N GLU A 197 134.25 -56.70 -76.40
CA GLU A 197 134.54 -58.12 -76.54
C GLU A 197 136.02 -58.33 -76.26
N ILE A 198 136.31 -59.15 -75.26
CA ILE A 198 137.67 -59.33 -74.75
C ILE A 198 137.96 -60.81 -74.59
N TYR A 199 139.21 -61.21 -74.86
CA TYR A 199 139.65 -62.59 -74.65
C TYR A 199 141.06 -62.58 -74.10
N GLN A 200 141.34 -63.49 -73.16
CA GLN A 200 142.65 -63.63 -72.55
C GLN A 200 143.32 -64.90 -73.06
N CYS A 201 144.60 -64.80 -73.41
CA CYS A 201 145.44 -65.91 -73.82
C CYS A 201 146.45 -66.16 -72.72
N ASP A 202 146.57 -67.40 -72.26
CA ASP A 202 147.55 -67.69 -71.23
C ASP A 202 147.90 -69.16 -71.27
N ILE A 203 148.95 -69.51 -70.53
CA ILE A 203 149.36 -70.89 -70.32
C ILE A 203 148.91 -71.28 -68.91
N VAL A 204 148.17 -72.38 -68.82
CA VAL A 204 147.74 -72.93 -67.54
C VAL A 204 148.03 -74.42 -67.57
N GLY A 205 148.84 -74.89 -66.63
CA GLY A 205 149.20 -76.29 -66.60
C GLY A 205 150.11 -76.71 -67.73
N GLY A 206 150.81 -75.76 -68.35
CA GLY A 206 151.71 -76.05 -69.44
C GLY A 206 151.08 -76.00 -70.81
N GLU A 207 149.73 -75.95 -70.90
CA GLU A 207 149.01 -75.88 -72.16
C GLU A 207 148.50 -74.48 -72.42
N PRO A 208 148.45 -74.02 -73.68
CA PRO A 208 147.78 -72.74 -73.94
C PRO A 208 146.28 -72.86 -73.72
N VAL A 209 145.70 -71.84 -73.09
CA VAL A 209 144.27 -71.77 -72.85
C VAL A 209 143.75 -70.41 -73.30
N ILE A 210 142.46 -70.37 -73.64
CA ILE A 210 141.79 -69.15 -74.07
C ILE A 210 140.51 -69.00 -73.26
N GLU A 211 140.28 -67.80 -72.76
CA GLU A 211 139.13 -67.50 -71.92
C GLU A 211 138.46 -66.22 -72.39
N ARG A 212 137.17 -66.10 -72.08
CA ARG A 212 136.42 -64.89 -72.31
C ARG A 212 136.42 -64.07 -71.02
N VAL A 213 136.82 -62.82 -71.12
CA VAL A 213 136.94 -61.94 -69.96
C VAL A 213 135.61 -61.25 -69.72
N ASN A 214 135.18 -61.24 -68.48
CA ASN A 214 133.98 -60.49 -68.13
C ASN A 214 134.25 -59.00 -68.32
N PRO A 215 133.43 -58.27 -69.07
CA PRO A 215 133.67 -56.82 -69.19
C PRO A 215 133.59 -56.09 -67.87
N LEU A 216 132.88 -56.63 -66.88
CA LEU A 216 132.77 -55.99 -65.57
C LEU A 216 133.91 -56.34 -64.63
N LYS A 217 134.85 -57.19 -65.06
CA LYS A 217 135.93 -57.66 -64.21
C LYS A 217 137.28 -57.47 -64.87
N ILE A 218 137.41 -56.42 -65.69
CA ILE A 218 138.69 -56.03 -66.28
C ILE A 218 138.78 -54.51 -66.25
N ARG A 219 139.90 -54.00 -65.75
CA ARG A 219 140.13 -52.57 -65.62
C ARG A 219 141.28 -52.20 -66.54
N ILE A 220 141.00 -51.42 -67.58
CA ILE A 220 141.98 -51.05 -68.59
C ILE A 220 142.42 -49.61 -68.33
N PHE A 221 143.71 -49.41 -68.10
CA PHE A 221 144.29 -48.10 -67.85
C PHE A 221 145.26 -47.72 -68.96
N LYS A 222 145.46 -46.41 -69.10
CA LYS A 222 146.52 -45.84 -69.93
C LYS A 222 146.44 -46.33 -71.37
N SER A 223 145.29 -46.06 -71.99
CA SER A 223 145.08 -46.29 -73.41
C SER A 223 144.88 -44.95 -74.11
N GLY A 224 145.04 -44.98 -75.43
CA GLY A 224 145.17 -43.76 -76.21
C GLY A 224 143.97 -43.46 -77.10
N TYR A 225 142.76 -43.56 -76.57
CA TYR A 225 141.54 -43.49 -77.37
C TYR A 225 141.53 -44.60 -78.42
N SER A 226 142.12 -45.74 -78.09
CA SER A 226 142.23 -46.87 -79.00
C SER A 226 141.10 -47.85 -78.74
N ASN A 227 140.40 -48.23 -79.80
CA ASN A 227 139.33 -49.22 -79.67
C ASN A 227 139.87 -50.63 -79.43
N LYS A 228 141.17 -50.84 -79.59
CA LYS A 228 141.78 -52.14 -79.33
C LYS A 228 142.23 -52.24 -77.88
N VAL A 229 142.16 -53.45 -77.33
CA VAL A 229 142.59 -53.68 -75.95
C VAL A 229 144.09 -53.95 -75.85
N GLU A 230 144.72 -54.40 -76.94
CA GLU A 230 146.16 -54.68 -76.90
C GLU A 230 146.99 -53.43 -76.68
N ASP A 231 146.46 -52.24 -76.99
CA ASP A 231 147.21 -51.02 -76.85
C ASP A 231 147.32 -50.55 -75.40
N ALA A 232 146.62 -51.18 -74.46
CA ALA A 232 146.65 -50.75 -73.07
C ALA A 232 148.00 -51.03 -72.45
N ASP A 233 148.35 -50.23 -71.44
CA ASP A 233 149.61 -50.36 -70.72
C ASP A 233 149.47 -51.00 -69.34
N MET A 234 148.26 -51.03 -68.78
CA MET A 234 148.08 -51.60 -67.46
C MET A 234 146.67 -52.16 -67.36
N ILE A 235 146.57 -53.44 -67.00
CA ILE A 235 145.29 -54.14 -66.91
C ILE A 235 145.24 -54.88 -65.58
N ILE A 236 144.14 -54.73 -64.86
CA ILE A 236 143.91 -55.42 -63.59
C ILE A 236 142.68 -56.30 -63.76
N LEU A 237 142.83 -57.59 -63.47
CA LEU A 237 141.75 -58.57 -63.57
C LEU A 237 141.42 -59.04 -62.16
N GLU A 238 140.26 -58.63 -61.65
CA GLU A 238 139.79 -58.99 -60.32
C GLU A 238 138.63 -59.95 -60.47
N ASP A 239 138.79 -61.18 -60.00
CA ASP A 239 137.74 -62.19 -60.05
C ASP A 239 137.91 -63.12 -58.87
N TYR A 240 136.85 -63.85 -58.56
CA TYR A 240 136.84 -64.79 -57.45
C TYR A 240 137.00 -66.20 -57.97
N TRP A 241 138.09 -66.86 -57.60
CA TRP A 241 138.41 -68.21 -58.01
C TRP A 241 138.14 -69.19 -56.87
N SER A 242 137.85 -70.43 -57.23
CA SER A 242 137.76 -71.47 -56.23
C SER A 242 139.16 -71.85 -55.77
N PRO A 243 139.31 -72.41 -54.56
CA PRO A 243 140.63 -72.89 -54.15
C PRO A 243 141.20 -73.93 -55.11
N GLY A 244 140.33 -74.79 -55.65
CA GLY A 244 140.81 -75.79 -56.59
C GLY A 244 141.46 -75.18 -57.80
N ARG A 245 140.89 -74.09 -58.32
CA ARG A 245 141.45 -73.47 -59.52
C ARG A 245 142.81 -72.84 -59.24
N VAL A 246 142.94 -72.13 -58.11
CA VAL A 246 144.22 -71.49 -57.82
C VAL A 246 145.30 -72.54 -57.57
N ILE A 247 144.94 -73.65 -56.93
CA ILE A 247 145.93 -74.72 -56.78
C ILE A 247 146.21 -75.39 -58.13
N ASP A 248 145.23 -75.41 -59.04
CA ASP A 248 145.47 -75.96 -60.36
C ASP A 248 146.36 -75.08 -61.20
N THR A 249 146.41 -73.78 -60.93
CA THR A 249 147.19 -72.85 -61.72
C THR A 249 148.52 -72.48 -61.09
N TYR A 250 148.68 -72.62 -59.78
CA TYR A 250 149.85 -72.13 -59.07
C TYR A 250 150.41 -73.17 -58.09
N TYR A 251 150.27 -74.46 -58.41
CA TYR A 251 150.84 -75.48 -57.55
C TYR A 251 152.37 -75.39 -57.54
N ASP A 252 152.97 -75.09 -58.69
CA ASP A 252 154.42 -75.08 -58.82
C ASP A 252 155.07 -73.90 -58.13
N VAL A 253 154.30 -72.92 -57.65
CA VAL A 253 154.84 -71.74 -57.00
C VAL A 253 154.24 -71.49 -55.63
N LEU A 254 153.11 -72.07 -55.27
CA LEU A 254 152.51 -71.84 -53.96
C LEU A 254 153.40 -72.46 -52.88
N SER A 255 153.66 -71.69 -51.83
CA SER A 255 154.45 -72.17 -50.71
C SER A 255 153.56 -72.88 -49.71
N PRO A 256 154.14 -73.68 -48.81
CA PRO A 256 153.32 -74.29 -47.75
C PRO A 256 152.60 -73.28 -46.89
N LYS A 257 153.21 -72.11 -46.65
CA LYS A 257 152.53 -71.07 -45.89
C LYS A 257 151.28 -70.59 -46.61
N ASP A 258 151.39 -70.38 -47.93
CA ASP A 258 150.24 -69.95 -48.71
C ASP A 258 149.15 -71.02 -48.73
N ILE A 259 149.53 -72.29 -48.82
CA ILE A 259 148.54 -73.35 -48.84
C ILE A 259 147.86 -73.45 -47.48
N LYS A 260 148.61 -73.23 -46.39
CA LYS A 260 147.97 -73.16 -45.08
C LYS A 260 147.02 -71.98 -45.00
N TYR A 261 147.39 -70.84 -45.60
CA TYR A 261 146.48 -69.71 -45.67
C TYR A 261 145.20 -70.09 -46.38
N ILE A 262 145.31 -70.86 -47.46
CA ILE A 262 144.12 -71.35 -48.15
C ILE A 262 143.30 -72.24 -47.22
N GLU A 263 143.97 -73.12 -46.46
CA GLU A 263 143.27 -73.96 -45.49
C GLU A 263 142.65 -73.14 -44.37
N THR A 264 143.42 -72.25 -43.78
CA THR A 264 143.02 -71.61 -42.53
C THR A 264 141.95 -70.53 -42.71
N MET A 265 141.53 -70.25 -43.94
CA MET A 265 140.47 -69.28 -44.13
C MET A 265 139.19 -69.79 -43.47
N PRO A 266 138.36 -68.90 -42.90
CA PRO A 266 137.15 -69.38 -42.21
C PRO A 266 136.23 -70.18 -43.10
N ASP A 267 136.11 -69.80 -44.37
CA ASP A 267 135.25 -70.48 -45.33
C ASP A 267 133.81 -70.50 -44.80
N TYR A 268 133.28 -69.30 -44.67
CA TYR A 268 131.92 -69.12 -44.17
C TYR A 268 130.90 -69.53 -45.22
N ALA A 325 130.41 -67.47 -50.45
CA ALA A 325 131.01 -68.76 -50.77
C ALA A 325 132.45 -68.82 -50.27
N GLY A 326 133.10 -69.97 -50.47
CA GLY A 326 134.45 -70.16 -50.03
C GLY A 326 135.48 -69.92 -51.11
N ASN A 327 135.26 -68.90 -51.92
CA ASN A 327 136.14 -68.58 -53.04
C ASN A 327 137.24 -67.62 -52.60
N LEU A 328 138.25 -67.48 -53.44
CA LEU A 328 139.41 -66.66 -53.19
C LEU A 328 139.46 -65.51 -54.19
N ARG A 329 139.66 -64.29 -53.68
CA ARG A 329 139.80 -63.12 -54.53
C ARG A 329 141.16 -63.15 -55.21
N VAL A 330 141.17 -63.45 -56.51
CA VAL A 330 142.39 -63.52 -57.30
C VAL A 330 142.49 -62.26 -58.13
N LEU A 331 143.38 -61.35 -57.72
CA LEU A 331 143.65 -60.13 -58.45
C LEU A 331 144.97 -60.30 -59.21
N ARG A 332 144.91 -60.15 -60.52
CA ARG A 332 146.07 -60.28 -61.40
C ARG A 332 146.36 -58.94 -62.03
N LEU A 333 147.60 -58.47 -61.86
CA LEU A 333 148.03 -57.19 -62.39
C LEU A 333 148.88 -57.43 -63.64
N TYR A 334 148.56 -56.71 -64.71
CA TYR A 334 149.37 -56.68 -65.92
C TYR A 334 149.77 -55.23 -66.16
N TRP A 335 151.07 -55.00 -66.32
CA TRP A 335 151.57 -53.64 -66.53
C TRP A 335 152.84 -53.69 -67.37
N LYS A 336 152.99 -52.70 -68.25
CA LYS A 336 154.16 -52.60 -69.12
C LYS A 336 155.27 -51.86 -68.38
N SER A 337 156.26 -52.58 -67.90
CA SER A 337 157.44 -51.96 -67.32
C SER A 337 158.39 -51.52 -68.42
N LYS A 338 159.53 -50.97 -68.02
CA LYS A 338 160.58 -50.57 -68.96
C LYS A 338 161.89 -51.25 -68.61
N ARG A 339 162.66 -51.58 -69.64
CA ARG A 339 163.96 -52.22 -69.51
C ARG A 339 164.99 -51.41 -70.28
N LYS A 340 166.20 -51.34 -69.73
CA LYS A 340 167.31 -50.67 -70.40
C LYS A 340 168.02 -51.69 -71.28
N ILE A 341 168.01 -51.45 -72.60
CA ILE A 341 168.64 -52.34 -73.55
C ILE A 341 169.62 -51.54 -74.40
N LEU A 342 170.54 -52.26 -75.02
CA LEU A 342 171.67 -51.67 -75.73
C LEU A 342 171.57 -51.98 -77.21
N LYS A 343 171.68 -50.95 -78.05
CA LYS A 343 171.72 -51.10 -79.50
C LYS A 343 173.18 -51.01 -79.92
N VAL A 344 173.78 -52.17 -80.20
CA VAL A 344 175.21 -52.29 -80.45
C VAL A 344 175.42 -52.46 -81.95
N LYS A 345 176.35 -51.68 -82.50
CA LYS A 345 176.61 -51.64 -83.93
C LYS A 345 177.93 -52.35 -84.20
N SER A 346 177.88 -53.46 -84.93
CA SER A 346 179.07 -54.26 -85.18
C SER A 346 179.22 -54.52 -86.67
N TYR A 347 180.48 -54.65 -87.10
CA TYR A 347 180.80 -54.94 -88.49
C TYR A 347 180.96 -56.44 -88.69
N ASP A 348 180.35 -56.96 -89.76
CA ASP A 348 180.55 -58.34 -90.15
C ASP A 348 182.03 -58.58 -90.40
N PRO A 349 182.66 -59.60 -89.78
CA PRO A 349 184.12 -59.75 -90.00
C PRO A 349 184.49 -60.03 -91.45
N GLU A 350 183.76 -60.90 -92.14
CA GLU A 350 184.15 -61.27 -93.50
C GLU A 350 184.02 -60.08 -94.45
N THR A 351 182.87 -59.41 -94.44
CA THR A 351 182.58 -58.31 -95.35
C THR A 351 182.35 -57.03 -94.56
N GLY A 352 182.75 -55.90 -95.14
CA GLY A 352 182.57 -54.63 -94.48
C GLY A 352 181.13 -54.16 -94.50
N GLU A 353 180.23 -54.93 -93.89
CA GLU A 353 178.81 -54.63 -93.85
C GLU A 353 178.43 -54.32 -92.40
N GLU A 354 177.83 -53.16 -92.19
CA GLU A 354 177.42 -52.76 -90.85
C GLU A 354 176.26 -53.63 -90.38
N GLU A 355 176.30 -54.02 -89.11
CA GLU A 355 175.29 -54.87 -88.52
C GLU A 355 174.81 -54.28 -87.20
N TRP A 356 173.55 -54.55 -86.88
CA TRP A 356 172.91 -54.06 -85.67
C TRP A 356 172.40 -55.22 -84.84
N ASN A 357 172.45 -55.06 -83.52
CA ASN A 357 171.93 -56.06 -82.61
C ASN A 357 171.44 -55.37 -81.35
N PHE A 358 170.48 -55.99 -80.67
CA PHE A 358 169.93 -55.51 -79.42
C PHE A 358 170.34 -56.44 -78.29
N TYR A 359 170.89 -55.88 -77.23
CA TYR A 359 171.34 -56.63 -76.06
C TYR A 359 170.85 -55.97 -74.80
N PRO A 360 170.79 -56.70 -73.68
CA PRO A 360 170.37 -56.06 -72.42
C PRO A 360 171.42 -55.10 -71.88
N GLU A 361 171.15 -54.53 -70.70
CA GLU A 361 172.07 -53.55 -70.14
C GLU A 361 173.34 -54.20 -69.59
N ASN A 362 173.29 -55.47 -69.21
CA ASN A 362 174.47 -56.15 -68.67
C ASN A 362 175.45 -56.56 -69.75
N TYR A 363 175.11 -56.42 -71.03
CA TYR A 363 176.04 -56.74 -72.10
C TYR A 363 177.19 -55.76 -72.09
N VAL A 364 178.41 -56.27 -72.25
CA VAL A 364 179.61 -55.44 -72.30
C VAL A 364 179.95 -55.20 -73.76
N VAL A 365 180.03 -53.93 -74.15
CA VAL A 365 180.38 -53.58 -75.51
C VAL A 365 181.83 -53.97 -75.77
N ASN A 366 182.07 -54.64 -76.89
CA ASN A 366 183.40 -55.17 -77.21
C ASN A 366 184.20 -54.08 -77.91
N LYS A 367 184.91 -53.28 -77.13
CA LYS A 367 185.85 -52.32 -77.70
C LYS A 367 186.96 -53.07 -78.45
N GLU A 368 187.79 -52.29 -79.15
CA GLU A 368 188.87 -52.78 -80.01
C GLU A 368 188.34 -53.52 -81.23
N ALA A 369 187.03 -53.48 -81.49
CA ALA A 369 186.44 -54.11 -82.66
C ALA A 369 185.43 -53.19 -83.36
N GLY A 370 185.36 -51.93 -82.96
CA GLY A 370 184.45 -50.99 -83.59
C GLY A 370 183.04 -50.99 -83.06
N GLU A 371 182.78 -51.71 -81.98
CA GLU A 371 181.43 -51.80 -81.43
C GLU A 371 181.15 -50.57 -80.58
N GLU A 372 180.21 -49.73 -81.02
CA GLU A 372 179.77 -48.56 -80.29
C GLU A 372 178.31 -48.75 -79.89
N VAL A 373 177.99 -48.29 -78.68
CA VAL A 373 176.78 -48.71 -77.97
C VAL A 373 175.97 -47.50 -77.55
N GLN A 374 174.67 -47.72 -77.34
CA GLN A 374 173.72 -46.71 -76.91
C GLN A 374 172.78 -47.35 -75.90
N SER A 375 172.23 -46.54 -75.00
CA SER A 375 171.24 -47.02 -74.04
C SER A 375 169.87 -46.47 -74.41
N PHE A 376 168.93 -47.38 -74.69
CA PHE A 376 167.53 -47.04 -74.88
C PHE A 376 166.71 -47.67 -73.76
N TRP A 377 165.57 -47.06 -73.49
CA TRP A 377 164.59 -47.58 -72.55
C TRP A 377 163.41 -48.11 -73.35
N VAL A 378 163.02 -49.35 -73.06
CA VAL A 378 162.14 -50.13 -73.91
C VAL A 378 161.12 -50.86 -73.05
N ASN A 379 159.91 -51.00 -73.59
CA ASN A 379 158.81 -51.60 -72.85
C ASN A 379 159.09 -53.07 -72.56
N GLU A 380 158.67 -53.51 -71.38
CA GLU A 380 158.61 -54.92 -71.02
C GLU A 380 157.27 -55.20 -70.37
N ALA A 381 156.68 -56.33 -70.72
CA ALA A 381 155.42 -56.76 -70.13
C ALA A 381 155.70 -57.53 -68.84
N TRP A 382 155.08 -57.09 -67.75
CA TRP A 382 155.23 -57.71 -66.43
C TRP A 382 153.88 -58.17 -65.93
N GLU A 383 153.90 -59.09 -64.97
CA GLU A 383 152.69 -59.64 -64.40
C GLU A 383 152.90 -59.91 -62.92
N GLY A 384 151.78 -60.00 -62.20
CA GLY A 384 151.79 -60.30 -60.79
C GLY A 384 150.39 -60.64 -60.31
N THR A 385 150.28 -61.59 -59.37
CA THR A 385 148.98 -62.09 -58.93
C THR A 385 148.90 -62.06 -57.42
N MET A 386 147.79 -61.56 -56.90
CA MET A 386 147.46 -61.63 -55.47
C MET A 386 146.27 -62.56 -55.30
N ILE A 387 146.40 -63.49 -54.35
CA ILE A 387 145.32 -64.39 -53.97
C ILE A 387 144.95 -64.07 -52.53
N GLY A 388 143.67 -63.81 -52.29
CA GLY A 388 143.24 -63.32 -51.00
C GLY A 388 143.85 -61.95 -50.75
N ASN A 389 144.57 -61.82 -49.64
CA ASN A 389 145.30 -60.59 -49.32
C ASN A 389 146.74 -60.82 -48.90
N GLU A 390 147.16 -62.07 -48.68
CA GLU A 390 148.48 -62.38 -48.17
C GLU A 390 149.39 -63.06 -49.19
N ILE A 391 148.84 -63.68 -50.23
CA ILE A 391 149.63 -64.46 -51.17
C ILE A 391 150.10 -63.55 -52.31
N PHE A 392 151.34 -63.75 -52.73
CA PHE A 392 151.93 -62.99 -53.83
C PHE A 392 152.65 -63.98 -54.73
N VAL A 393 152.14 -64.17 -55.94
CA VAL A 393 152.53 -65.27 -56.82
C VAL A 393 152.84 -64.73 -58.19
N ASN A 394 153.90 -65.26 -58.80
CA ASN A 394 154.26 -64.98 -60.20
C ASN A 394 154.48 -63.49 -60.44
N MET A 395 155.34 -62.89 -59.60
CA MET A 395 155.77 -61.51 -59.81
C MET A 395 157.05 -61.55 -60.62
N ARG A 396 156.93 -61.28 -61.92
CA ARG A 396 158.06 -61.42 -62.84
C ARG A 396 157.71 -60.79 -64.18
N PRO A 397 158.67 -60.63 -65.09
CA PRO A 397 158.31 -60.32 -66.47
C PRO A 397 157.44 -61.43 -67.04
N ARG A 398 156.42 -61.04 -67.81
CA ARG A 398 155.53 -62.01 -68.41
C ARG A 398 156.32 -62.91 -69.35
N LEU A 399 156.32 -64.21 -69.08
CA LEU A 399 157.13 -65.13 -69.88
C LEU A 399 156.64 -65.24 -71.32
N ILE A 400 155.42 -64.80 -71.60
CA ILE A 400 154.92 -64.74 -72.97
C ILE A 400 155.08 -63.28 -73.41
N GLN A 401 156.24 -62.97 -73.97
CA GLN A 401 156.48 -61.66 -74.55
C GLN A 401 156.00 -61.70 -76.00
N TYR A 402 154.85 -61.10 -76.27
CA TYR A 402 154.31 -61.14 -77.63
C TYR A 402 155.15 -60.22 -78.51
N ASN A 403 156.35 -60.69 -78.84
CA ASN A 403 157.35 -59.84 -79.47
C ASN A 403 157.12 -59.71 -80.96
N ARG A 404 157.60 -58.61 -81.52
CA ARG A 404 157.69 -58.41 -82.96
C ARG A 404 159.16 -58.44 -83.38
N LEU A 405 159.38 -58.70 -84.67
CA LEU A 405 160.72 -59.02 -85.14
C LEU A 405 161.65 -57.81 -85.03
N ASN A 406 161.18 -56.63 -85.46
CA ASN A 406 162.05 -55.48 -85.61
C ASN A 406 161.89 -54.42 -84.52
N ASN A 407 160.87 -54.54 -83.67
CA ASN A 407 160.61 -53.57 -82.61
C ASN A 407 160.74 -54.24 -81.26
N PRO A 408 161.83 -54.03 -80.51
CA PRO A 408 161.91 -54.63 -79.17
C PRO A 408 160.88 -54.06 -78.20
N SER A 409 160.31 -52.89 -78.47
CA SER A 409 159.32 -52.30 -77.59
C SER A 409 157.91 -52.84 -77.82
N ARG A 410 157.65 -53.49 -78.95
CA ARG A 410 156.30 -53.96 -79.26
C ARG A 410 156.02 -55.21 -78.45
N CYS A 411 155.20 -55.05 -77.41
CA CYS A 411 154.77 -56.17 -76.58
C CYS A 411 153.38 -55.86 -76.07
N HIS A 412 152.67 -56.90 -75.68
CA HIS A 412 151.36 -56.75 -75.06
C HIS A 412 151.11 -57.98 -74.21
N PHE A 413 149.88 -58.13 -73.74
CA PHE A 413 149.52 -59.18 -72.81
C PHE A 413 148.63 -60.18 -73.51
N GLY A 414 148.23 -61.22 -72.78
CA GLY A 414 147.33 -62.20 -73.34
C GLY A 414 145.95 -61.67 -73.63
N ILE A 415 145.60 -60.49 -73.13
CA ILE A 415 144.27 -59.94 -73.31
C ILE A 415 144.18 -59.31 -74.70
N VAL A 416 143.18 -59.74 -75.46
CA VAL A 416 142.90 -59.20 -76.78
C VAL A 416 141.41 -58.91 -76.86
N GLY A 417 141.05 -57.78 -77.44
CA GLY A 417 139.65 -57.41 -77.54
C GLY A 417 139.49 -56.14 -78.33
N SER A 418 138.23 -55.72 -78.45
CA SER A 418 137.91 -54.52 -79.22
C SER A 418 136.66 -53.89 -78.63
N ILE A 419 136.50 -52.60 -78.89
CA ILE A 419 135.31 -51.83 -78.54
C ILE A 419 134.52 -51.58 -79.80
N TYR A 420 133.21 -51.83 -79.75
CA TYR A 420 132.34 -51.57 -80.90
C TYR A 420 131.80 -50.15 -80.74
N ASN A 421 132.68 -49.18 -80.98
CA ASN A 421 132.38 -47.76 -80.84
C ASN A 421 132.49 -47.07 -82.19
N LEU A 422 132.24 -45.76 -82.18
CA LEU A 422 132.27 -44.93 -83.37
C LEU A 422 133.15 -43.73 -83.08
N ASN A 423 134.28 -43.64 -83.78
CA ASN A 423 135.06 -42.42 -83.84
C ASN A 423 135.61 -42.04 -82.45
N ASP A 424 136.34 -42.97 -81.86
CA ASP A 424 137.05 -42.75 -80.60
C ASP A 424 136.13 -42.34 -79.46
N SER A 425 134.86 -42.74 -79.52
CA SER A 425 133.88 -42.44 -78.50
C SER A 425 133.55 -43.70 -77.71
N ARG A 426 132.67 -43.57 -76.74
CA ARG A 426 132.23 -44.73 -75.99
C ARG A 426 131.20 -45.51 -76.82
N PRO A 427 131.13 -46.83 -76.64
CA PRO A 427 130.28 -47.63 -77.53
C PRO A 427 128.80 -47.41 -77.26
N PHE A 428 128.04 -47.24 -78.35
CA PHE A 428 126.58 -47.14 -78.30
C PHE A 428 126.03 -48.48 -78.75
N SER A 429 125.97 -49.41 -77.81
CA SER A 429 125.67 -50.80 -78.13
C SER A 429 124.21 -50.97 -78.54
N LEU A 430 123.89 -52.17 -79.01
CA LEU A 430 122.55 -52.47 -79.48
C LEU A 430 121.54 -52.41 -78.33
N VAL A 431 121.92 -52.92 -77.16
CA VAL A 431 121.03 -52.84 -76.01
C VAL A 431 120.78 -51.38 -75.66
N ASP A 432 121.79 -50.54 -75.79
CA ASP A 432 121.62 -49.12 -75.47
C ASP A 432 120.60 -48.47 -76.38
N MET A 433 120.64 -48.78 -77.68
CA MET A 433 119.72 -48.15 -78.62
C MET A 433 118.36 -48.83 -78.66
N MET A 434 118.19 -49.99 -78.03
CA MET A 434 116.87 -50.59 -77.87
C MET A 434 116.25 -50.33 -76.50
N LYS A 435 117.04 -49.91 -75.51
CA LYS A 435 116.54 -49.80 -74.14
C LYS A 435 115.40 -48.80 -73.96
N PRO A 436 115.44 -47.58 -74.53
CA PRO A 436 114.31 -46.66 -74.32
C PRO A 436 112.98 -47.24 -74.76
N TYR A 437 112.98 -47.95 -75.89
CA TYR A 437 111.75 -48.57 -76.36
C TYR A 437 111.28 -49.65 -75.39
N ASN A 438 112.21 -50.42 -74.83
CA ASN A 438 111.82 -51.44 -73.87
C ASN A 438 111.20 -50.82 -72.62
N TYR A 439 111.77 -49.70 -72.17
CA TYR A 439 111.21 -49.01 -71.00
C TYR A 439 109.82 -48.47 -71.29
N LEU A 440 109.63 -47.88 -72.47
CA LEU A 440 108.30 -47.39 -72.84
C LEU A 440 107.31 -48.56 -72.94
N TYR A 441 107.78 -49.69 -73.48
CA TYR A 441 106.96 -50.90 -73.52
C TYR A 441 106.53 -51.31 -72.12
N ASP A 442 107.47 -51.31 -71.18
CA ASP A 442 107.15 -51.71 -69.81
C ASP A 442 106.13 -50.78 -69.18
N ALA A 443 106.30 -49.47 -69.37
CA ALA A 443 105.34 -48.52 -68.80
C ALA A 443 103.95 -48.71 -69.42
N ILE A 444 103.89 -48.84 -70.74
CA ILE A 444 102.60 -48.94 -71.40
C ILE A 444 101.92 -50.26 -71.02
N HIS A 445 102.70 -51.32 -70.85
CA HIS A 445 102.11 -52.59 -70.45
C HIS A 445 101.70 -52.57 -68.99
N ASP A 446 102.35 -51.74 -68.17
CA ASP A 446 101.86 -51.47 -66.82
C ASP A 446 100.48 -50.84 -66.86
N ARG A 447 100.32 -49.83 -67.73
CA ARG A 447 98.98 -49.26 -67.94
C ARG A 447 97.99 -50.32 -68.39
N LEU A 448 98.41 -51.18 -69.31
CA LEU A 448 97.52 -52.24 -69.80
C LEU A 448 97.11 -53.17 -68.68
N ASN A 449 98.05 -53.56 -67.83
CA ASN A 449 97.73 -54.46 -66.72
C ASN A 449 96.75 -53.81 -65.75
N LYS A 450 96.96 -52.53 -65.45
CA LYS A 450 96.03 -51.85 -64.55
C LYS A 450 94.64 -51.72 -65.17
N ALA A 451 94.57 -51.44 -66.46
CA ALA A 451 93.27 -51.39 -67.13
C ALA A 451 92.59 -52.75 -67.09
N ILE A 452 93.36 -53.82 -67.27
CA ILE A 452 92.81 -55.17 -67.15
C ILE A 452 92.27 -55.39 -65.74
N ALA A 453 93.04 -54.99 -64.73
CA ALA A 453 92.63 -55.22 -63.35
C ALA A 453 91.34 -54.49 -63.04
N SER A 454 91.21 -53.25 -63.53
CA SER A 454 90.02 -52.45 -63.27
C SER A 454 88.84 -52.81 -64.14
N ASN A 455 89.00 -53.73 -65.10
CA ASN A 455 87.97 -54.01 -66.09
C ASN A 455 87.03 -55.09 -65.56
N TRP A 456 85.78 -54.70 -65.30
CA TRP A 456 84.69 -55.62 -65.06
C TRP A 456 83.57 -55.33 -66.04
N GLY A 457 82.75 -56.34 -66.33
CA GLY A 457 81.73 -56.23 -67.36
C GLY A 457 80.68 -55.17 -67.08
N SER A 458 79.67 -55.10 -67.92
CA SER A 458 78.58 -54.16 -67.69
C SER A 458 77.81 -54.56 -66.45
N ILE A 459 77.34 -53.57 -65.71
CA ILE A 459 76.53 -53.76 -64.52
C ILE A 459 75.15 -53.19 -64.80
N LEU A 460 74.12 -54.02 -64.64
CA LEU A 460 72.74 -53.60 -64.84
C LEU A 460 72.12 -53.20 -63.51
N GLU A 461 71.51 -52.02 -63.47
CA GLU A 461 70.80 -51.55 -62.29
C GLU A 461 69.37 -52.06 -62.36
N LEU A 462 69.02 -52.98 -61.48
CA LEU A 462 67.74 -53.68 -61.52
C LEU A 462 66.88 -53.24 -60.34
N ASP A 463 65.66 -52.82 -60.64
CA ASP A 463 64.67 -52.46 -59.62
C ASP A 463 63.66 -53.58 -59.50
N LEU A 464 63.42 -54.03 -58.26
CA LEU A 464 62.54 -55.16 -57.99
C LEU A 464 61.13 -54.71 -57.65
N SER A 465 60.71 -53.54 -58.15
CA SER A 465 59.41 -52.99 -57.82
C SER A 465 58.26 -53.74 -58.47
N LYS A 466 58.53 -54.68 -59.39
CA LYS A 466 57.50 -55.40 -60.11
C LYS A 466 57.60 -56.91 -59.94
N VAL A 467 58.42 -57.40 -59.00
CA VAL A 467 58.39 -58.83 -58.68
C VAL A 467 57.02 -59.17 -58.12
N PRO A 468 56.34 -60.23 -58.56
CA PRO A 468 54.98 -60.48 -58.09
C PRO A 468 54.92 -60.70 -56.59
N LYS A 469 53.71 -60.56 -56.05
CA LYS A 469 53.49 -60.75 -54.63
C LYS A 469 53.76 -62.20 -54.23
N GLY A 470 54.20 -62.38 -52.99
CA GLY A 470 54.43 -63.71 -52.46
C GLY A 470 55.59 -64.45 -53.10
N TRP A 471 56.41 -63.77 -53.89
CA TRP A 471 57.56 -64.37 -54.55
C TRP A 471 58.84 -63.81 -53.94
N ASP A 472 59.72 -64.70 -53.50
CA ASP A 472 61.04 -64.28 -53.07
C ASP A 472 61.88 -63.91 -54.29
N VAL A 473 62.83 -63.01 -54.09
CA VAL A 473 63.66 -62.56 -55.20
C VAL A 473 64.48 -63.71 -55.76
N GLY A 474 65.03 -64.54 -54.87
CA GLY A 474 65.91 -65.61 -55.33
C GLY A 474 65.22 -66.58 -56.27
N LYS A 475 64.03 -67.05 -55.89
CA LYS A 475 63.31 -67.99 -56.75
C LYS A 475 62.81 -67.31 -58.02
N TRP A 476 62.43 -66.04 -57.92
CA TRP A 476 62.04 -65.28 -59.11
C TRP A 476 63.18 -65.25 -60.12
N MET A 477 64.37 -64.85 -59.69
CA MET A 477 65.52 -64.82 -60.59
C MET A 477 65.90 -66.21 -61.06
N TYR A 478 65.74 -67.24 -60.23
CA TYR A 478 66.01 -68.60 -60.67
C TYR A 478 65.12 -69.00 -61.84
N TYR A 479 63.81 -68.82 -61.68
CA TYR A 479 62.92 -69.18 -62.78
C TYR A 479 63.12 -68.27 -63.98
N ALA A 480 63.55 -67.02 -63.75
CA ALA A 480 63.93 -66.16 -64.85
C ALA A 480 65.11 -66.74 -65.61
N ARG A 481 66.11 -67.27 -64.90
CA ARG A 481 67.21 -67.96 -65.56
C ARG A 481 66.71 -69.11 -66.40
N VAL A 482 65.92 -70.00 -65.78
CA VAL A 482 65.60 -71.28 -66.41
C VAL A 482 64.70 -71.07 -67.63
N ASN A 483 63.66 -70.24 -67.47
CA ASN A 483 62.68 -70.07 -68.53
C ASN A 483 63.00 -68.92 -69.47
N HIS A 484 63.89 -68.00 -69.08
CA HIS A 484 64.17 -66.75 -69.78
C HIS A 484 62.95 -65.82 -69.83
N ILE A 485 61.92 -66.12 -69.05
CA ILE A 485 60.71 -65.30 -68.96
C ILE A 485 60.41 -65.10 -67.48
N ALA A 486 60.33 -63.84 -67.06
CA ALA A 486 60.11 -63.49 -65.66
C ALA A 486 58.74 -62.82 -65.56
N VAL A 487 57.78 -63.49 -64.92
CA VAL A 487 56.48 -62.90 -64.72
C VAL A 487 56.62 -61.68 -63.81
N ILE A 488 56.01 -60.57 -64.21
CA ILE A 488 56.03 -59.34 -63.44
C ILE A 488 54.58 -58.97 -63.11
N ASP A 489 54.44 -57.99 -62.22
CA ASP A 489 53.14 -57.53 -61.73
C ASP A 489 53.09 -56.02 -61.91
N SER A 490 52.49 -55.57 -63.01
CA SER A 490 52.39 -54.16 -63.31
C SER A 490 51.39 -53.43 -62.41
N PHE A 491 50.60 -54.17 -61.64
CA PHE A 491 49.58 -53.60 -60.76
C PHE A 491 49.90 -53.88 -59.31
N LYS A 492 51.18 -53.79 -58.94
CA LYS A 492 51.53 -53.85 -57.53
C LYS A 492 51.08 -52.59 -56.82
N GLU A 493 50.91 -52.71 -55.50
CA GLU A 493 50.45 -51.56 -54.72
C GLU A 493 51.47 -50.43 -54.76
N GLY A 494 52.75 -50.74 -55.00
CA GLY A 494 53.76 -49.71 -55.05
C GLY A 494 53.76 -48.89 -56.32
N THR A 495 53.14 -49.38 -57.39
CA THR A 495 53.00 -48.64 -58.63
C THR A 495 51.71 -47.83 -58.70
N ILE A 496 50.99 -47.72 -57.58
CA ILE A 496 49.69 -47.05 -57.58
C ILE A 496 49.86 -45.59 -57.93
N GLY A 497 50.91 -44.95 -57.42
CA GLY A 497 51.11 -43.54 -57.71
C GLY A 497 51.32 -43.28 -59.18
N ALA A 498 52.24 -44.03 -59.80
CA ALA A 498 52.55 -43.81 -61.20
C ALA A 498 51.36 -44.17 -62.09
N SER A 499 50.64 -45.24 -61.76
CA SER A 499 49.47 -45.61 -62.55
C SER A 499 48.36 -44.56 -62.41
N THR A 500 48.17 -44.04 -61.21
CA THR A 500 47.07 -43.12 -60.92
C THR A 500 47.45 -41.66 -61.15
N GLY A 501 48.66 -41.39 -61.61
CA GLY A 501 49.07 -40.03 -61.90
C GLY A 501 49.54 -39.23 -60.71
N LYS A 502 49.63 -39.83 -59.53
CA LYS A 502 50.10 -39.12 -58.36
C LYS A 502 51.62 -39.05 -58.28
N LEU A 503 52.32 -39.96 -58.95
CA LEU A 503 53.78 -39.97 -58.98
C LEU A 503 54.26 -39.90 -60.42
N ALA A 504 55.53 -39.54 -60.57
CA ALA A 504 56.10 -39.37 -61.91
C ALA A 504 56.00 -40.65 -62.71
N GLY A 505 55.60 -40.52 -63.97
CA GLY A 505 55.43 -41.68 -64.83
C GLY A 505 56.72 -42.39 -65.18
N ALA A 506 57.88 -41.79 -64.88
CA ALA A 506 59.14 -42.45 -65.14
C ALA A 506 59.34 -43.71 -64.30
N LEU A 507 58.56 -43.86 -63.22
CA LEU A 507 58.71 -45.02 -62.35
C LEU A 507 58.12 -46.30 -62.94
N ASN A 508 57.27 -46.17 -63.95
CA ASN A 508 56.77 -47.31 -64.73
C ASN A 508 57.37 -47.34 -66.13
N ASN A 509 58.52 -46.72 -66.32
CA ASN A 509 59.12 -46.52 -67.63
C ASN A 509 60.60 -46.22 -67.41
N ALA A 510 61.27 -45.74 -68.45
CA ALA A 510 62.66 -45.26 -68.47
C ALA A 510 63.66 -46.40 -68.56
N GLY A 511 63.24 -47.66 -68.59
CA GLY A 511 64.19 -48.75 -68.74
C GLY A 511 65.08 -48.90 -67.52
N LYS A 512 66.08 -49.76 -67.67
CA LYS A 512 67.03 -50.08 -66.62
C LYS A 512 68.39 -49.50 -66.98
N GLY A 513 68.98 -48.76 -66.03
CA GLY A 513 70.26 -48.12 -66.27
C GLY A 513 71.41 -49.11 -66.26
N MET A 514 72.54 -48.66 -66.79
CA MET A 514 73.75 -49.46 -66.92
C MET A 514 74.95 -48.68 -66.41
N ILE A 515 75.74 -49.29 -65.53
CA ILE A 515 77.00 -48.68 -65.06
C ILE A 515 78.08 -49.19 -66.01
N GLU A 516 78.24 -48.48 -67.12
CA GLU A 516 79.12 -48.88 -68.21
C GLU A 516 80.33 -47.96 -68.27
N THR A 517 81.52 -48.53 -68.22
CA THR A 517 82.77 -47.80 -68.42
C THR A 517 83.43 -48.28 -69.70
N ASN A 518 83.86 -47.33 -70.53
CA ASN A 518 84.49 -47.66 -71.81
C ASN A 518 85.97 -47.96 -71.58
N ILE A 519 86.22 -49.12 -70.96
CA ILE A 519 87.59 -49.55 -70.70
C ILE A 519 88.14 -50.43 -71.81
N GLY A 520 87.27 -51.03 -72.63
CA GLY A 520 87.77 -51.81 -73.76
C GLY A 520 88.55 -50.96 -74.74
N ASN A 521 88.09 -49.74 -75.00
CA ASN A 521 88.80 -48.86 -75.92
C ASN A 521 90.17 -48.48 -75.34
N TYR A 522 90.25 -48.26 -74.04
CA TYR A 522 91.53 -47.97 -73.41
C TYR A 522 92.49 -49.14 -73.59
N ILE A 523 91.99 -50.37 -73.38
CA ILE A 523 92.82 -51.55 -73.54
C ILE A 523 93.31 -51.67 -74.98
N GLN A 524 92.40 -51.42 -75.94
CA GLN A 524 92.79 -51.48 -77.35
C GLN A 524 93.86 -50.43 -77.67
N GLN A 525 93.72 -49.24 -77.09
CA GLN A 525 94.72 -48.20 -77.32
C GLN A 525 96.09 -48.63 -76.79
N GLN A 526 96.13 -49.17 -75.58
CA GLN A 526 97.41 -49.62 -75.04
C GLN A 526 98.00 -50.75 -75.88
N ILE A 527 97.16 -51.69 -76.33
CA ILE A 527 97.67 -52.79 -77.13
C ILE A 527 98.25 -52.27 -78.44
N ASN A 528 97.54 -51.35 -79.10
CA ASN A 528 98.06 -50.77 -80.34
C ASN A 528 99.37 -50.04 -80.09
N LEU A 529 99.47 -49.32 -78.98
CA LEU A 529 100.72 -48.65 -78.66
C LEU A 529 101.85 -49.65 -78.45
N LEU A 530 101.56 -50.78 -77.79
CA LEU A 530 102.59 -51.79 -77.61
C LEU A 530 103.07 -52.33 -78.96
N GLU A 531 102.14 -52.59 -79.88
CA GLU A 531 102.54 -53.04 -81.20
C GLU A 531 103.41 -51.98 -81.89
N PHE A 532 103.02 -50.71 -81.78
CA PHE A 532 103.78 -49.64 -82.42
C PHE A 532 105.20 -49.55 -81.85
N ILE A 533 105.33 -49.63 -80.53
CA ILE A 533 106.65 -49.50 -79.92
C ILE A 533 107.52 -50.70 -80.26
N LYS A 534 106.92 -51.90 -80.27
CA LYS A 534 107.70 -53.07 -80.65
C LYS A 534 108.17 -52.97 -82.11
N MET A 535 107.31 -52.44 -82.99
CA MET A 535 107.71 -52.26 -84.38
C MET A 535 108.83 -51.23 -84.50
N GLU A 536 108.73 -50.12 -83.75
CA GLU A 536 109.77 -49.11 -83.78
C GLU A 536 111.10 -49.68 -83.30
N MET A 537 111.08 -50.44 -82.20
CA MET A 537 112.29 -51.02 -81.66
C MET A 537 112.89 -52.02 -82.64
N ALA A 538 112.05 -52.83 -83.29
CA ALA A 538 112.55 -53.75 -84.30
C ALA A 538 113.20 -53.00 -85.46
N ASP A 539 112.56 -51.92 -85.93
CA ASP A 539 113.12 -51.16 -87.04
C ASP A 539 114.45 -50.54 -86.66
N VAL A 540 114.54 -49.97 -85.46
CA VAL A 540 115.78 -49.31 -85.04
C VAL A 540 116.90 -50.33 -84.86
N ALA A 541 116.58 -51.51 -84.32
CA ALA A 541 117.59 -52.55 -84.20
C ALA A 541 117.99 -53.12 -85.55
N GLY A 542 117.26 -52.81 -86.62
CA GLY A 542 117.56 -53.37 -87.92
C GLY A 542 117.19 -54.82 -88.05
N ILE A 543 116.24 -55.30 -87.24
CA ILE A 543 115.83 -56.70 -87.22
C ILE A 543 114.32 -56.72 -87.42
N SER A 544 113.89 -56.86 -88.67
CA SER A 544 112.47 -56.77 -89.01
C SER A 544 111.74 -58.04 -88.60
N LYS A 545 110.40 -57.95 -88.58
CA LYS A 545 109.59 -59.10 -88.22
C LYS A 545 109.80 -60.26 -89.18
N GLN A 546 109.84 -59.97 -90.49
CA GLN A 546 110.13 -61.01 -91.47
C GLN A 546 111.54 -61.54 -91.30
N ARG A 547 112.44 -60.78 -90.67
CA ARG A 547 113.82 -61.19 -90.47
C ARG A 547 114.01 -62.03 -89.21
N GLU A 548 112.99 -62.16 -88.37
CA GLU A 548 113.03 -63.02 -87.20
C GLU A 548 112.47 -64.42 -87.45
N GLY A 549 111.79 -64.63 -88.58
CA GLY A 549 111.18 -65.92 -88.87
C GLY A 549 111.10 -66.22 -90.35
N THR A 564 115.86 -60.23 -96.86
CA THR A 564 116.60 -60.41 -95.61
C THR A 564 118.06 -60.00 -95.77
N LEU A 565 118.57 -60.05 -97.00
CA LEU A 565 119.96 -59.68 -97.26
C LEU A 565 120.21 -58.22 -96.89
N GLN A 566 119.30 -57.34 -97.29
CA GLN A 566 119.46 -55.93 -96.96
C GLN A 566 119.34 -55.69 -95.47
N SER A 567 118.61 -56.55 -94.76
CA SER A 567 118.61 -56.50 -93.30
C SER A 567 119.88 -57.09 -92.71
N SER A 568 120.45 -58.11 -93.37
CA SER A 568 121.74 -58.64 -92.93
C SER A 568 122.83 -57.59 -93.05
N HIS A 569 122.71 -56.67 -94.01
CA HIS A 569 123.66 -55.57 -94.12
C HIS A 569 123.69 -54.72 -92.86
N ILE A 570 122.56 -54.61 -92.17
CA ILE A 570 122.49 -53.71 -91.02
C ILE A 570 123.35 -54.20 -89.87
N THR A 571 123.53 -55.52 -89.73
CA THR A 571 124.33 -56.10 -88.65
C THR A 571 125.65 -56.68 -89.13
N GLU A 572 125.91 -56.64 -90.44
CA GLU A 572 127.21 -57.13 -90.90
C GLU A 572 128.36 -56.30 -90.35
N TRP A 573 128.12 -55.08 -89.87
CA TRP A 573 129.22 -54.35 -89.22
C TRP A 573 129.59 -55.00 -87.90
N LEU A 574 128.59 -55.40 -87.10
CA LEU A 574 128.86 -56.18 -85.89
C LEU A 574 129.61 -57.44 -86.24
N PHE A 575 129.14 -58.14 -87.28
CA PHE A 575 129.79 -59.41 -87.63
C PHE A 575 131.21 -59.19 -88.14
N THR A 576 131.47 -58.07 -88.84
CA THR A 576 132.81 -57.81 -89.35
C THR A 576 133.78 -57.52 -88.22
N ILE A 577 133.38 -56.66 -87.28
CA ILE A 577 134.28 -56.37 -86.16
C ILE A 577 134.46 -57.63 -85.31
N HIS A 578 133.41 -58.45 -85.19
CA HIS A 578 133.53 -59.72 -84.48
C HIS A 578 134.54 -60.63 -85.16
N ASP A 579 134.50 -60.70 -86.49
CA ASP A 579 135.46 -61.53 -87.22
C ASP A 579 136.89 -61.03 -87.02
N ASP A 580 137.08 -59.71 -87.02
CA ASP A 580 138.41 -59.16 -86.77
C ASP A 580 138.90 -59.52 -85.38
N VAL A 581 138.03 -59.41 -84.37
CA VAL A 581 138.41 -59.77 -83.00
C VAL A 581 138.77 -61.24 -82.93
N LYS A 582 137.99 -62.09 -83.60
CA LYS A 582 138.29 -63.52 -83.59
C LYS A 582 139.64 -63.81 -84.24
N LYS A 583 139.92 -63.15 -85.36
CA LYS A 583 141.22 -63.33 -86.00
C LYS A 583 142.36 -62.96 -85.06
N ARG A 584 142.27 -61.78 -84.45
CA ARG A 584 143.34 -61.34 -83.55
C ARG A 584 143.47 -62.26 -82.34
N ALA A 585 142.34 -62.72 -81.81
CA ALA A 585 142.39 -63.65 -80.68
C ALA A 585 143.09 -64.95 -81.08
N LEU A 586 142.86 -65.42 -82.31
CA LEU A 586 143.51 -66.64 -82.74
C LEU A 586 145.01 -66.45 -83.00
N GLU A 587 145.41 -65.29 -83.50
CA GLU A 587 146.86 -65.01 -83.55
C GLU A 587 147.45 -65.02 -82.14
N CYS A 588 146.75 -64.39 -81.19
CA CYS A 588 147.18 -64.41 -79.80
C CYS A 588 147.34 -65.83 -79.27
N PHE A 589 146.35 -66.69 -79.52
CA PHE A 589 146.43 -68.06 -79.05
C PHE A 589 147.57 -68.80 -79.72
N LEU A 590 147.82 -68.50 -81.00
CA LEU A 590 148.93 -69.13 -81.70
C LEU A 590 150.27 -68.77 -81.08
N GLU A 591 150.47 -67.49 -80.76
CA GLU A 591 151.73 -67.11 -80.09
C GLU A 591 151.81 -67.72 -78.70
N THR A 592 150.69 -67.81 -77.99
CA THR A 592 150.70 -68.46 -76.68
C THR A 592 151.12 -69.90 -76.80
N ALA A 593 150.59 -70.62 -77.80
CA ALA A 593 150.98 -72.01 -78.01
C ALA A 593 152.45 -72.11 -78.41
N LYS A 594 152.94 -71.16 -79.21
CA LYS A 594 154.34 -71.16 -79.59
C LYS A 594 155.24 -71.05 -78.37
N VAL A 595 154.89 -70.16 -77.44
CA VAL A 595 155.68 -70.05 -76.22
C VAL A 595 155.55 -71.30 -75.38
N ALA A 596 154.34 -71.88 -75.32
CA ALA A 596 154.14 -73.07 -74.51
C ALA A 596 154.90 -74.27 -75.05
N LEU A 597 155.19 -74.28 -76.35
CA LEU A 597 155.93 -75.39 -76.95
C LEU A 597 157.26 -75.62 -76.24
N LYS A 598 157.99 -74.54 -75.99
CA LYS A 598 159.32 -74.63 -75.37
C LYS A 598 159.22 -74.56 -73.85
N GLY A 599 158.43 -75.47 -73.29
CA GLY A 599 158.24 -75.54 -71.85
C GLY A 599 158.20 -76.97 -71.33
N ARG A 600 158.68 -77.92 -72.13
CA ARG A 600 158.78 -79.32 -71.72
C ARG A 600 157.40 -79.90 -71.40
N ASN A 601 156.53 -79.88 -72.40
CA ASN A 601 155.22 -80.50 -72.34
C ASN A 601 155.16 -81.61 -73.38
N LYS A 602 154.81 -82.81 -72.94
CA LYS A 602 154.78 -83.97 -73.83
C LYS A 602 153.51 -84.03 -74.67
N LYS A 603 152.54 -83.16 -74.43
CA LYS A 603 151.33 -83.16 -75.26
C LYS A 603 151.66 -82.79 -76.70
N PHE A 604 152.54 -81.81 -76.89
CA PHE A 604 152.84 -81.34 -78.24
C PHE A 604 153.51 -82.42 -79.08
N GLN A 605 154.14 -83.42 -78.47
CA GLN A 605 154.71 -84.51 -79.24
C GLN A 605 153.66 -85.37 -79.91
N TYR A 606 152.41 -85.33 -79.43
CA TYR A 606 151.35 -86.16 -79.99
C TYR A 606 150.55 -85.43 -81.07
N ILE A 607 150.28 -84.13 -80.88
CA ILE A 607 149.47 -83.39 -81.83
C ILE A 607 150.30 -82.75 -82.95
N LEU A 608 151.61 -82.89 -82.92
CA LEU A 608 152.50 -82.31 -83.92
C LEU A 608 153.39 -83.38 -84.53
N SER A 609 153.88 -83.08 -85.73
CA SER A 609 154.77 -83.97 -86.46
C SER A 609 156.20 -83.80 -85.92
N ASP A 610 157.17 -84.37 -86.63
CA ASP A 610 158.56 -84.23 -86.23
C ASP A 610 159.14 -82.88 -86.65
N THR A 611 158.88 -82.47 -87.89
CA THR A 611 159.35 -81.16 -88.34
C THR A 611 158.68 -80.05 -87.56
N SER A 612 157.41 -80.22 -87.22
CA SER A 612 156.71 -79.22 -86.42
C SER A 612 157.37 -79.06 -85.06
N THR A 613 157.75 -80.16 -84.44
CA THR A 613 158.45 -80.09 -83.16
C THR A 613 159.89 -79.63 -83.31
N ARG A 614 160.46 -79.73 -84.51
CA ARG A 614 161.83 -79.30 -84.75
C ARG A 614 161.94 -77.83 -85.16
N VAL A 615 160.83 -77.19 -85.54
CA VAL A 615 160.90 -75.78 -85.90
C VAL A 615 161.39 -74.94 -84.72
N MET A 616 161.01 -75.31 -83.50
CA MET A 616 161.38 -74.50 -82.34
C MET A 616 162.88 -74.44 -82.12
N GLU A 617 163.64 -75.40 -82.64
CA GLU A 617 165.08 -75.41 -82.42
C GLU A 617 165.79 -74.28 -83.16
N ILE A 618 165.16 -73.72 -84.20
CA ILE A 618 165.75 -72.59 -84.90
C ILE A 618 165.55 -71.31 -84.09
N ASP A 619 166.42 -70.33 -84.33
CA ASP A 619 166.52 -69.15 -83.49
C ASP A 619 165.56 -68.03 -83.89
N GLY A 620 164.46 -68.36 -84.58
CA GLY A 620 163.49 -67.37 -85.00
C GLY A 620 162.11 -67.55 -84.39
N ASP A 621 161.97 -68.48 -83.45
CA ASP A 621 160.66 -68.84 -82.92
C ASP A 621 160.14 -67.87 -81.87
N GLU A 622 160.94 -66.91 -81.42
CA GLU A 622 160.52 -66.01 -80.35
C GLU A 622 159.65 -64.86 -80.84
N PHE A 623 159.45 -64.71 -82.14
CA PHE A 623 158.73 -63.57 -82.71
C PHE A 623 157.39 -64.01 -83.25
N ALA A 624 156.57 -63.02 -83.59
CA ALA A 624 155.22 -63.27 -84.05
C ALA A 624 155.24 -63.91 -85.44
N GLU A 625 154.25 -64.77 -85.69
CA GLU A 625 154.13 -65.39 -87.01
C GLU A 625 153.77 -64.39 -88.09
N ALA A 626 153.21 -63.23 -87.72
CA ALA A 626 152.92 -62.21 -88.72
C ALA A 626 154.19 -61.66 -89.35
N ASP A 627 155.31 -61.72 -88.63
CA ASP A 627 156.58 -61.25 -89.15
C ASP A 627 157.24 -62.25 -90.09
N TYR A 628 156.71 -63.47 -90.20
CA TYR A 628 157.26 -64.50 -91.07
C TYR A 628 156.37 -64.77 -92.27
N GLY A 629 155.39 -63.92 -92.53
CA GLY A 629 154.50 -64.10 -93.66
C GLY A 629 153.33 -65.02 -93.41
N LEU A 630 152.97 -65.27 -92.15
CA LEU A 630 151.87 -66.16 -91.80
C LEU A 630 150.83 -65.38 -91.02
N VAL A 631 149.56 -65.55 -91.39
CA VAL A 631 148.46 -64.84 -90.75
C VAL A 631 147.27 -65.78 -90.64
N VAL A 632 146.60 -65.74 -89.49
CA VAL A 632 145.29 -66.37 -89.37
C VAL A 632 144.33 -65.58 -90.25
N ASP A 633 143.64 -66.28 -91.16
CA ASP A 633 142.80 -65.60 -92.13
C ASP A 633 141.55 -66.42 -92.41
N ASN A 634 140.39 -65.76 -92.36
CA ASN A 634 139.11 -66.33 -92.79
C ASN A 634 138.48 -65.30 -93.72
N SER A 635 138.83 -65.37 -94.99
CA SER A 635 138.30 -64.47 -96.01
C SER A 635 137.90 -65.29 -97.22
N ASN A 636 137.22 -64.66 -98.17
CA ASN A 636 136.78 -65.36 -99.36
C ASN A 636 137.96 -65.89 -100.18
N GLY A 637 139.14 -65.27 -100.04
CA GLY A 637 140.29 -65.77 -100.77
C GLY A 637 140.67 -67.18 -100.34
N THR A 638 140.71 -67.43 -99.04
CA THR A 638 141.12 -68.74 -98.55
C THR A 638 140.06 -69.80 -98.84
N GLN A 639 138.78 -69.47 -98.69
CA GLN A 639 137.74 -70.43 -99.05
C GLN A 639 137.77 -70.75 -100.53
N GLU A 640 137.96 -69.72 -101.38
CA GLU A 640 138.06 -69.98 -102.81
C GLU A 640 139.27 -70.85 -103.12
N LEU A 641 140.40 -70.58 -102.46
CA LEU A 641 141.59 -71.39 -102.69
C LEU A 641 141.38 -72.83 -102.23
N GLN A 642 140.72 -73.03 -101.09
CA GLN A 642 140.38 -74.38 -100.65
C GLN A 642 139.51 -75.09 -101.66
N GLN A 643 138.47 -74.42 -102.15
CA GLN A 643 137.55 -75.05 -103.09
C GLN A 643 138.28 -75.39 -104.39
N LYS A 644 139.13 -74.46 -104.87
CA LYS A 644 139.89 -74.73 -106.08
C LYS A 644 140.81 -75.92 -105.90
N LEU A 645 141.53 -75.98 -104.77
CA LEU A 645 142.44 -77.10 -104.54
C LEU A 645 141.68 -78.42 -104.44
N ASP A 646 140.55 -78.44 -103.74
CA ASP A 646 139.80 -79.67 -103.59
C ASP A 646 139.23 -80.14 -104.93
N THR A 647 138.63 -79.23 -105.69
CA THR A 647 138.10 -79.60 -107.00
C THR A 647 139.22 -80.04 -107.93
N LEU A 648 140.38 -79.38 -107.84
CA LEU A 648 141.51 -79.75 -108.68
C LEU A 648 142.00 -81.14 -108.34
N ALA A 649 142.05 -81.47 -107.05
CA ALA A 649 142.42 -82.82 -106.63
C ALA A 649 141.41 -83.85 -107.11
N GLN A 650 140.12 -83.50 -107.06
CA GLN A 650 139.10 -84.40 -107.59
C GLN A 650 139.32 -84.66 -109.08
N ALA A 651 139.62 -83.60 -109.84
CA ALA A 651 139.91 -83.76 -111.26
C ALA A 651 141.18 -84.57 -111.47
N ALA A 652 142.14 -84.47 -110.56
CA ALA A 652 143.38 -85.23 -110.68
C ALA A 652 143.19 -86.71 -110.37
N LEU A 653 142.29 -87.03 -109.44
CA LEU A 653 141.99 -88.42 -109.13
C LEU A 653 141.60 -89.18 -110.40
N GLN A 654 140.55 -88.68 -111.08
CA GLN A 654 140.28 -89.14 -112.42
C GLN A 654 141.44 -88.72 -113.33
N THR A 655 141.65 -89.50 -114.39
CA THR A 655 142.81 -89.47 -115.28
C THR A 655 143.99 -90.20 -114.65
N GLN A 656 143.84 -90.81 -113.47
CA GLN A 656 144.88 -91.64 -112.86
C GLN A 656 146.14 -90.82 -112.61
N THR A 657 145.96 -89.65 -112.00
CA THR A 657 147.05 -88.73 -111.72
C THR A 657 147.21 -88.45 -110.24
N LEU A 658 146.36 -89.00 -109.38
CA LEU A 658 146.44 -88.73 -107.95
C LEU A 658 145.91 -89.94 -107.21
N SER A 659 146.65 -90.39 -106.20
CA SER A 659 146.36 -91.65 -105.52
C SER A 659 145.28 -91.47 -104.45
N PHE A 660 144.55 -92.57 -104.19
CA PHE A 660 143.51 -92.55 -103.16
C PHE A 660 144.09 -92.21 -101.79
N SER A 661 145.26 -92.77 -101.47
CA SER A 661 145.89 -92.47 -100.19
C SER A 661 146.18 -90.98 -100.06
N THR A 662 146.73 -90.39 -101.12
CA THR A 662 147.02 -88.97 -101.07
C THR A 662 145.75 -88.14 -101.09
N ILE A 663 144.69 -88.62 -101.74
CA ILE A 663 143.39 -87.95 -101.65
C ILE A 663 142.94 -87.88 -100.20
N THR A 664 143.06 -89.00 -99.47
CA THR A 664 142.69 -89.00 -98.07
C THR A 664 143.57 -88.04 -97.28
N LYS A 665 144.87 -88.00 -97.61
CA LYS A 665 145.76 -87.05 -96.94
C LYS A 665 145.31 -85.61 -97.18
N LEU A 666 144.87 -85.29 -98.40
CA LEU A 666 144.34 -83.96 -98.65
C LEU A 666 143.08 -83.71 -97.82
N TYR A 667 142.17 -84.69 -97.79
CA TYR A 667 140.96 -84.53 -96.99
C TYR A 667 141.27 -84.41 -95.50
N THR A 668 142.45 -84.82 -95.06
CA THR A 668 142.82 -84.80 -93.65
C THR A 668 144.09 -83.98 -93.44
N SER A 669 144.16 -82.79 -94.03
CA SER A 669 145.35 -81.95 -94.00
C SER A 669 145.21 -80.74 -93.11
N SER A 670 144.17 -79.93 -93.32
CA SER A 670 143.90 -78.68 -92.62
C SER A 670 144.83 -77.54 -93.04
N SER A 671 145.80 -77.79 -93.93
CA SER A 671 146.72 -76.78 -94.42
C SER A 671 146.69 -76.79 -95.94
N LEU A 672 146.49 -75.61 -96.53
CA LEU A 672 146.49 -75.53 -97.99
C LEU A 672 147.87 -75.86 -98.55
N ALA A 673 148.93 -75.42 -97.86
CA ALA A 673 150.28 -75.71 -98.33
C ALA A 673 150.57 -77.20 -98.35
N GLU A 674 150.12 -77.93 -97.33
CA GLU A 674 150.39 -79.36 -97.26
C GLU A 674 149.76 -80.10 -98.44
N LYS A 675 148.48 -79.81 -98.71
CA LYS A 675 147.81 -80.47 -99.83
C LYS A 675 148.39 -80.03 -101.16
N GLN A 676 148.81 -78.77 -101.28
CA GLN A 676 149.50 -78.32 -102.48
C GLN A 676 150.74 -79.15 -102.74
N ARG A 677 151.56 -79.33 -101.70
CA ARG A 677 152.79 -80.10 -101.84
C ARG A 677 152.48 -81.56 -102.16
N LEU A 678 151.42 -82.10 -101.56
CA LEU A 678 151.04 -83.48 -101.85
C LEU A 678 150.68 -83.64 -103.32
N ILE A 679 149.89 -82.71 -103.87
CA ILE A 679 149.52 -82.79 -105.28
C ILE A 679 150.76 -82.69 -106.16
N GLU A 680 151.66 -81.76 -105.83
CA GLU A 680 152.88 -81.60 -106.63
C GLU A 680 153.73 -82.85 -106.59
N LYS A 681 153.89 -83.44 -105.40
CA LYS A 681 154.69 -84.66 -105.26
C LYS A 681 154.11 -85.79 -106.09
N ASP A 682 152.78 -85.95 -106.04
CA ASP A 682 152.14 -87.02 -106.81
C ASP A 682 152.32 -86.79 -108.31
N GLU A 683 152.15 -85.55 -108.78
CA GLU A 683 152.44 -85.25 -110.18
C GLU A 683 153.86 -85.68 -110.54
N LYS A 684 154.84 -85.24 -109.76
CA LYS A 684 156.22 -85.50 -110.14
C LYS A 684 156.51 -86.99 -110.14
N GLN A 685 156.02 -87.71 -109.14
CA GLN A 685 156.25 -89.15 -109.07
C GLN A 685 155.63 -89.87 -110.28
N ILE A 686 154.38 -89.53 -110.61
CA ILE A 686 153.71 -90.23 -111.70
C ILE A 686 154.36 -89.87 -113.05
N ARG A 687 154.76 -88.61 -113.23
CA ARG A 687 155.43 -88.27 -114.48
C ARG A 687 156.76 -89.00 -114.63
N GLU A 688 157.54 -89.10 -113.54
CA GLU A 688 158.79 -89.83 -113.62
C GLU A 688 158.55 -91.30 -113.94
N ARG A 689 157.53 -91.91 -113.32
CA ARG A 689 157.24 -93.30 -113.62
C ARG A 689 156.81 -93.47 -115.08
N GLN A 690 156.01 -92.55 -115.59
CA GLN A 690 155.62 -92.64 -117.00
C GLN A 690 156.83 -92.54 -117.91
N ALA A 691 157.71 -91.58 -117.64
CA ALA A 691 158.88 -91.37 -118.50
C ALA A 691 159.80 -92.59 -118.49
N GLN A 692 160.07 -93.15 -117.31
CA GLN A 692 160.92 -94.33 -117.28
C GLN A 692 160.23 -95.52 -117.91
N ALA A 693 158.89 -95.57 -117.88
CA ALA A 693 158.19 -96.62 -118.60
C ALA A 693 158.43 -96.51 -120.11
N GLN A 694 158.30 -95.29 -120.66
CA GLN A 694 158.58 -95.13 -122.08
C GLN A 694 160.01 -95.51 -122.41
N LYS A 695 160.97 -95.09 -121.56
CA LYS A 695 162.37 -95.40 -121.83
C LYS A 695 162.61 -96.91 -121.81
N GLU A 696 162.03 -97.61 -120.82
CA GLU A 696 162.23 -99.05 -120.73
C GLU A 696 161.64 -99.76 -121.94
N GLN A 697 160.44 -99.35 -122.36
CA GLN A 697 159.84 -99.97 -123.54
C GLN A 697 160.68 -99.71 -124.79
N LEU A 698 161.17 -98.49 -124.94
CA LEU A 698 161.96 -98.14 -126.12
C LEU A 698 163.25 -98.95 -126.17
N GLU A 699 163.95 -99.07 -125.03
CA GLU A 699 165.20 -99.84 -125.04
C GLU A 699 164.93 -101.33 -125.22
N ALA A 700 163.79 -101.82 -124.72
CA ALA A 700 163.44 -103.22 -124.98
C ALA A 700 163.26 -103.46 -126.47
N GLN A 701 162.54 -102.56 -127.15
CA GLN A 701 162.39 -102.69 -128.59
C GLN A 701 163.74 -102.60 -129.30
N GLN A 702 164.59 -101.67 -128.87
CA GLN A 702 165.88 -101.48 -129.52
C GLN A 702 166.75 -102.71 -129.37
N GLN A 703 166.80 -103.31 -128.18
CA GLN A 703 167.64 -104.48 -128.00
C GLN A 703 167.04 -105.71 -128.67
N ILE A 704 165.71 -105.78 -128.79
CA ILE A 704 165.11 -106.84 -129.61
C ILE A 704 165.61 -106.73 -131.04
N ALA A 705 165.56 -105.51 -131.60
CA ALA A 705 166.01 -105.32 -132.98
C ALA A 705 167.50 -105.64 -133.11
N ALA A 706 168.30 -105.26 -132.11
CA ALA A 706 169.72 -105.56 -132.15
C ALA A 706 169.97 -107.07 -132.15
N MET A 707 169.20 -107.82 -131.35
CA MET A 707 169.38 -109.26 -131.32
C MET A 707 168.96 -109.90 -132.64
N GLN A 708 167.90 -109.38 -133.27
CA GLN A 708 167.55 -109.87 -134.60
C GLN A 708 168.68 -109.61 -135.59
N GLN A 709 169.28 -108.42 -135.53
CA GLN A 709 170.40 -108.12 -136.42
C GLN A 709 171.57 -109.06 -136.16
N GLN A 710 171.84 -109.35 -134.89
CA GLN A 710 172.98 -110.21 -134.54
C GLN A 710 172.78 -111.63 -135.06
N GLN A 711 171.59 -112.19 -134.85
CA GLN A 711 171.35 -113.55 -135.36
C GLN A 711 171.32 -113.57 -136.89
N LYS A 712 170.86 -112.50 -137.53
CA LYS A 712 170.84 -112.48 -138.99
C LYS A 712 172.25 -112.43 -139.56
N GLU A 713 173.11 -111.57 -139.01
CA GLU A 713 174.50 -111.57 -139.47
C GLU A 713 175.22 -112.86 -139.07
N ALA A 714 174.77 -113.53 -138.02
CA ALA A 714 175.29 -114.87 -137.73
C ALA A 714 174.94 -115.84 -138.85
N GLU A 715 173.70 -115.78 -139.34
CA GLU A 715 173.35 -116.57 -140.52
C GLU A 715 174.28 -116.24 -141.69
N LEU A 716 174.51 -114.95 -141.91
CA LEU A 716 175.33 -114.54 -143.06
C LEU A 716 176.73 -115.10 -142.97
N LEU A 717 177.37 -114.98 -141.79
CA LEU A 717 178.74 -115.46 -141.66
C LEU A 717 178.80 -116.98 -141.70
N GLN A 718 177.79 -117.67 -141.14
CA GLN A 718 177.76 -119.12 -141.29
C GLN A 718 177.67 -119.52 -142.75
N LYS A 719 176.83 -118.83 -143.52
CA LYS A 719 176.66 -119.21 -144.92
C LYS A 719 177.94 -118.96 -145.72
N GLU A 720 178.59 -117.81 -145.50
CA GLU A 720 179.82 -117.54 -146.25
C GLU A 720 180.93 -118.52 -145.87
N GLU A 721 181.09 -118.83 -144.58
CA GLU A 721 182.14 -119.77 -144.21
C GLU A 721 181.82 -121.19 -144.68
N ALA A 722 180.53 -121.57 -144.71
CA ALA A 722 180.16 -122.86 -145.26
C ALA A 722 180.50 -122.95 -146.74
N ASN A 723 180.20 -121.89 -147.49
CA ASN A 723 180.59 -121.88 -148.90
C ASN A 723 182.11 -121.99 -149.05
N ILE A 724 182.85 -121.29 -148.19
CA ILE A 724 184.31 -121.36 -148.26
C ILE A 724 184.78 -122.78 -147.98
N ARG A 725 184.21 -123.44 -146.98
CA ARG A 725 184.62 -124.80 -146.65
C ARG A 725 184.33 -125.76 -147.81
N ASP A 726 183.13 -125.66 -148.39
CA ASP A 726 182.81 -126.52 -149.52
C ASP A 726 183.76 -126.29 -150.68
N ASN A 727 184.10 -125.03 -150.94
CA ASN A 727 185.01 -124.70 -152.03
C ASN A 727 186.42 -125.23 -151.75
N GLN A 728 186.88 -125.11 -150.51
CA GLN A 728 188.18 -125.62 -150.14
C GLN A 728 188.24 -127.13 -150.34
N THR A 729 187.18 -127.85 -149.96
CA THR A 729 187.20 -129.29 -150.17
C THR A 729 187.05 -129.65 -151.65
N LYS A 730 186.39 -128.80 -152.43
CA LYS A 730 186.39 -129.01 -153.89
C LYS A 730 187.80 -128.99 -154.44
N ILE A 731 188.57 -127.96 -154.10
CA ILE A 731 189.95 -127.92 -154.60
C ILE A 731 190.77 -129.05 -153.99
N ILE A 732 190.43 -129.49 -152.77
CA ILE A 732 191.16 -130.59 -152.16
C ILE A 732 190.94 -131.89 -152.93
N ILE A 733 189.69 -132.18 -153.32
CA ILE A 733 189.44 -133.39 -154.10
C ILE A 733 190.08 -133.26 -155.47
N ALA A 734 190.12 -132.05 -156.04
CA ALA A 734 190.85 -131.87 -157.29
C ALA A 734 192.31 -132.23 -157.12
N GLN A 735 192.93 -131.78 -156.02
CA GLN A 735 194.32 -132.14 -155.74
C GLN A 735 194.47 -133.65 -155.56
N ILE A 736 193.51 -134.27 -154.86
CA ILE A 736 193.59 -135.70 -154.59
C ILE A 736 193.58 -136.48 -155.90
N GLN A 737 192.66 -136.13 -156.80
CA GLN A 737 192.59 -136.83 -158.08
C GLN A 737 193.72 -136.43 -159.03
N SER A 738 194.38 -135.29 -158.78
CA SER A 738 195.52 -134.92 -159.61
C SER A 738 196.74 -135.78 -159.33
N GLU A 739 196.78 -136.48 -158.21
CA GLU A 739 197.92 -137.33 -157.87
C GLU A 739 198.07 -138.46 -158.90
N MET B 1 65.09 -58.94 -47.00
CA MET B 1 64.92 -57.78 -46.08
C MET B 1 66.15 -57.56 -45.22
N VAL B 2 66.66 -56.32 -45.23
CA VAL B 2 67.80 -55.99 -44.38
C VAL B 2 67.40 -56.01 -42.91
N ASN B 3 66.27 -55.38 -42.58
CA ASN B 3 65.85 -55.24 -41.20
C ASN B 3 65.13 -56.51 -40.73
N ASN B 4 64.87 -56.55 -39.42
CA ASN B 4 64.19 -57.67 -38.78
C ASN B 4 62.75 -57.30 -38.46
N ILE B 5 61.89 -58.32 -38.42
CA ILE B 5 60.46 -58.12 -38.17
C ILE B 5 60.24 -58.28 -36.67
N ASN B 6 60.45 -57.21 -35.93
CA ASN B 6 60.07 -57.19 -34.51
C ASN B 6 58.57 -56.92 -34.43
N TRP B 7 57.86 -57.79 -33.73
CA TRP B 7 56.39 -57.76 -33.71
C TRP B 7 55.88 -56.85 -32.62
N VAL B 8 54.81 -56.11 -32.93
CA VAL B 8 54.09 -55.29 -31.96
C VAL B 8 52.60 -55.41 -32.22
N LYS B 9 51.82 -55.04 -31.21
CA LYS B 9 50.37 -55.20 -31.26
C LYS B 9 49.73 -54.14 -32.16
N LEU B 10 48.53 -54.47 -32.61
CA LEU B 10 47.83 -53.62 -33.58
C LEU B 10 47.60 -52.18 -33.12
N PRO B 11 47.20 -51.88 -31.85
CA PRO B 11 46.92 -50.49 -31.50
C PRO B 11 48.12 -49.55 -31.53
N VAL B 12 49.30 -50.08 -31.88
CA VAL B 12 50.43 -49.20 -32.15
C VAL B 12 50.13 -48.31 -33.36
N ILE B 13 49.26 -48.77 -34.27
CA ILE B 13 48.86 -47.92 -35.39
C ILE B 13 47.86 -46.86 -34.94
N LEU B 14 47.01 -47.18 -33.96
CA LEU B 14 46.09 -46.18 -33.43
C LEU B 14 46.77 -45.18 -32.50
N ASP B 15 47.95 -45.54 -31.98
CA ASP B 15 48.79 -44.54 -31.33
C ASP B 15 49.02 -43.37 -32.26
N ARG B 16 49.19 -43.67 -33.55
CA ARG B 16 49.74 -42.75 -34.53
C ARG B 16 48.66 -42.10 -35.38
N LEU B 17 47.60 -42.85 -35.70
CA LEU B 17 46.49 -42.29 -36.47
C LEU B 17 45.76 -41.19 -35.70
N LEU B 18 45.46 -41.44 -34.43
CA LEU B 18 44.59 -40.56 -33.68
C LEU B 18 45.27 -39.26 -33.25
N ARG B 19 46.56 -39.08 -33.58
CA ARG B 19 47.14 -37.73 -33.51
C ARG B 19 46.37 -36.75 -34.39
N HIS B 20 45.78 -37.25 -35.47
CA HIS B 20 45.08 -36.41 -36.44
C HIS B 20 43.65 -36.18 -35.95
N PRO B 21 43.21 -34.95 -35.75
CA PRO B 21 41.84 -34.76 -35.22
C PRO B 21 40.74 -35.29 -36.14
N LEU B 22 41.01 -35.47 -37.42
CA LEU B 22 40.02 -35.98 -38.36
C LEU B 22 39.97 -37.50 -38.40
N LEU B 23 40.80 -38.20 -37.63
CA LEU B 23 40.81 -39.65 -37.59
C LEU B 23 40.53 -40.17 -36.19
N THR B 24 39.81 -39.40 -35.38
CA THR B 24 39.60 -39.74 -33.98
C THR B 24 38.49 -40.77 -33.76
N ASP B 25 37.67 -41.04 -34.75
CA ASP B 25 36.62 -42.04 -34.66
C ASP B 25 37.04 -43.39 -35.20
N LEU B 26 38.32 -43.56 -35.53
CA LEU B 26 38.82 -44.87 -35.89
C LEU B 26 38.93 -45.75 -34.65
N ASN B 27 38.76 -47.07 -34.85
CA ASN B 27 38.68 -48.02 -33.77
C ASN B 27 39.54 -49.23 -34.11
N LEU B 28 39.72 -50.10 -33.12
CA LEU B 28 40.41 -51.36 -33.38
C LEU B 28 39.62 -52.22 -34.36
N GLU B 29 38.30 -52.10 -34.35
CA GLU B 29 37.48 -52.81 -35.33
C GLU B 29 37.81 -52.36 -36.76
N THR B 30 37.99 -51.06 -36.97
CA THR B 30 38.39 -50.55 -38.27
C THR B 30 39.87 -50.82 -38.55
N ALA B 31 40.70 -50.72 -37.52
CA ALA B 31 42.12 -50.99 -37.69
C ALA B 31 42.35 -52.42 -38.17
N ILE B 32 41.61 -53.38 -37.62
CA ILE B 32 41.80 -54.78 -38.01
C ILE B 32 41.49 -54.96 -39.49
N GLN B 33 40.33 -54.45 -39.94
CA GLN B 33 39.94 -54.61 -41.33
C GLN B 33 40.95 -53.97 -42.26
N TYR B 34 41.27 -52.69 -42.03
CA TYR B 34 42.15 -52.01 -42.97
C TYR B 34 43.57 -52.56 -42.89
N THR B 35 43.99 -53.06 -41.73
CA THR B 35 45.30 -53.68 -41.64
C THR B 35 45.36 -54.97 -42.43
N LEU B 36 44.32 -55.80 -42.33
CA LEU B 36 44.30 -57.02 -43.15
C LEU B 36 44.27 -56.67 -44.63
N ASP B 37 43.51 -55.64 -45.00
CA ASP B 37 43.47 -55.20 -46.39
C ASP B 37 44.86 -54.78 -46.87
N PHE B 38 45.59 -54.04 -46.03
CA PHE B 38 46.93 -53.59 -46.40
C PHE B 38 47.90 -54.75 -46.49
N ILE B 39 47.85 -55.68 -45.53
CA ILE B 39 48.70 -56.86 -45.57
C ILE B 39 48.49 -57.63 -46.86
N SER B 40 47.24 -57.81 -47.28
CA SER B 40 47.00 -58.58 -48.48
C SER B 40 47.37 -57.79 -49.74
N ALA B 41 47.00 -56.51 -49.79
CA ALA B 41 47.31 -55.70 -50.97
C ALA B 41 48.81 -55.57 -51.18
N MET B 42 49.60 -55.59 -50.10
CA MET B 42 51.04 -55.52 -50.25
C MET B 42 51.64 -56.87 -50.56
N GLY B 43 51.11 -57.94 -49.98
CA GLY B 43 51.55 -59.29 -50.31
C GLY B 43 53.01 -59.56 -50.01
N LEU B 44 53.52 -59.01 -48.92
CA LEU B 44 54.93 -59.19 -48.58
C LEU B 44 55.12 -60.53 -47.87
N PRO B 45 56.02 -61.40 -48.34
CA PRO B 45 56.13 -62.73 -47.70
C PRO B 45 56.85 -62.71 -46.36
N ASN B 46 57.65 -61.67 -46.07
CA ASN B 46 58.33 -61.59 -44.80
C ASN B 46 57.40 -61.30 -43.64
N VAL B 47 56.15 -60.92 -43.92
CA VAL B 47 55.19 -60.60 -42.86
C VAL B 47 54.48 -61.85 -42.35
N TYR B 48 54.53 -62.96 -43.07
CA TYR B 48 53.85 -64.19 -42.69
C TYR B 48 54.79 -65.12 -41.94
N VAL B 49 54.20 -66.02 -41.17
CA VAL B 49 54.95 -66.98 -40.36
C VAL B 49 55.11 -68.26 -41.17
N ASP B 50 56.36 -68.71 -41.31
CA ASP B 50 56.64 -69.96 -42.01
C ASP B 50 56.38 -71.13 -41.07
N LYS B 51 55.49 -72.03 -41.47
CA LYS B 51 55.14 -73.21 -40.69
C LYS B 51 55.15 -74.43 -41.59
N ILE B 52 55.43 -75.58 -40.98
CA ILE B 52 55.41 -76.87 -41.66
C ILE B 52 54.50 -77.79 -40.87
N GLU B 53 53.60 -78.48 -41.58
CA GLU B 53 52.64 -79.34 -40.91
C GLU B 53 52.29 -80.49 -41.83
N THR B 54 52.33 -81.71 -41.30
CA THR B 54 52.09 -82.92 -42.07
C THR B 54 50.64 -83.34 -41.96
N ILE B 55 50.09 -83.84 -43.07
CA ILE B 55 48.74 -84.39 -43.10
C ILE B 55 48.78 -85.71 -43.86
N ASP B 56 47.72 -86.49 -43.70
CA ASP B 56 47.54 -87.75 -44.41
C ASP B 56 46.52 -87.56 -45.53
N ILE B 57 46.70 -88.32 -46.61
CA ILE B 57 45.81 -88.31 -47.76
C ILE B 57 44.92 -89.54 -47.69
N LYS B 58 43.60 -89.33 -47.72
CA LYS B 58 42.68 -90.44 -47.65
C LYS B 58 42.52 -91.11 -49.02
N GLU B 59 42.02 -90.38 -50.00
CA GLU B 59 42.02 -90.84 -51.39
C GLU B 59 42.04 -89.60 -52.28
N TYR B 60 43.24 -89.24 -52.73
CA TYR B 60 43.46 -88.03 -53.53
C TYR B 60 42.92 -86.78 -52.86
N ARG B 61 42.78 -86.79 -51.54
CA ARG B 61 42.23 -85.66 -50.80
C ARG B 61 42.81 -85.66 -49.40
N GLY B 62 42.99 -84.46 -48.86
CA GLY B 62 43.52 -84.31 -47.52
C GLY B 62 42.99 -83.07 -46.85
N GLU B 63 42.89 -83.12 -45.53
CA GLU B 63 42.43 -81.97 -44.77
C GLU B 63 43.55 -80.96 -44.62
N LEU B 64 43.20 -79.68 -44.74
CA LEU B 64 44.18 -78.61 -44.74
C LEU B 64 44.17 -77.89 -43.39
N PRO B 65 45.31 -77.37 -42.92
CA PRO B 65 45.31 -76.66 -41.64
C PRO B 65 44.39 -75.44 -41.65
N CYS B 66 44.08 -74.97 -40.44
CA CYS B 66 43.10 -73.90 -40.28
C CYS B 66 43.66 -72.54 -40.70
N ASP B 67 44.92 -72.27 -40.35
CA ASP B 67 45.50 -70.94 -40.52
C ASP B 67 46.23 -70.76 -41.84
N LEU B 68 46.15 -71.73 -42.74
CA LEU B 68 46.87 -71.64 -44.00
C LEU B 68 46.36 -70.49 -44.84
N ILE B 69 47.30 -69.75 -45.44
CA ILE B 69 47.00 -68.71 -46.42
C ILE B 69 47.63 -69.01 -47.77
N SER B 70 48.86 -69.52 -47.76
CA SER B 70 49.54 -69.89 -48.99
C SER B 70 50.44 -71.07 -48.71
N ILE B 71 50.75 -71.83 -49.75
CA ILE B 71 51.57 -73.03 -49.67
C ILE B 71 52.90 -72.73 -50.35
N ASN B 72 53.99 -72.84 -49.60
CA ASN B 72 55.31 -72.74 -50.20
C ASN B 72 55.60 -73.96 -51.07
N GLN B 73 55.37 -75.15 -50.53
CA GLN B 73 55.62 -76.39 -51.25
C GLN B 73 54.84 -77.51 -50.60
N VAL B 74 54.70 -78.60 -51.34
CA VAL B 74 54.17 -79.87 -50.81
C VAL B 74 55.11 -80.96 -51.28
N ARG B 75 55.42 -81.91 -50.40
CA ARG B 75 56.31 -83.01 -50.71
C ARG B 75 55.78 -84.28 -50.07
N LEU B 76 56.31 -85.41 -50.52
CA LEU B 76 55.98 -86.70 -49.92
C LEU B 76 56.80 -86.89 -48.65
N HIS B 77 56.14 -87.35 -47.59
CA HIS B 77 56.81 -87.43 -46.31
C HIS B 77 57.93 -88.46 -46.30
N LYS B 78 57.79 -89.55 -47.05
CA LYS B 78 58.78 -90.61 -47.01
C LYS B 78 59.94 -90.38 -47.98
N ASN B 79 59.67 -89.93 -49.20
CA ASN B 79 60.72 -89.70 -50.17
C ASN B 79 61.35 -88.32 -50.03
N GLY B 80 60.54 -87.32 -49.69
CA GLY B 80 60.99 -85.95 -49.72
C GLY B 80 60.84 -85.27 -51.06
N ILE B 81 60.32 -85.98 -52.08
CA ILE B 81 60.17 -85.39 -53.40
C ILE B 81 59.04 -84.36 -53.37
N ALA B 82 59.32 -83.18 -53.89
CA ALA B 82 58.33 -82.11 -53.89
C ALA B 82 57.28 -82.36 -54.97
N LEU B 83 56.11 -81.75 -54.77
CA LEU B 83 54.97 -81.87 -55.66
C LEU B 83 54.85 -80.61 -56.52
N ARG B 84 54.23 -80.77 -57.68
CA ARG B 84 54.01 -79.69 -58.63
C ARG B 84 52.51 -79.42 -58.74
N ALA B 85 52.17 -78.33 -59.42
CA ALA B 85 50.78 -78.02 -59.67
C ALA B 85 50.17 -79.06 -60.60
N MET B 86 48.92 -79.42 -60.34
CA MET B 86 48.24 -80.47 -61.08
C MET B 86 47.58 -79.85 -62.30
N THR B 87 48.16 -80.11 -63.47
CA THR B 87 47.55 -79.69 -64.73
C THR B 87 46.46 -80.64 -65.20
N ASP B 88 46.31 -81.80 -64.55
CA ASP B 88 45.40 -82.82 -65.05
C ASP B 88 43.95 -82.44 -64.76
N ASN B 89 43.08 -82.69 -65.72
CA ASN B 89 41.64 -82.40 -65.59
C ASN B 89 40.83 -83.59 -65.09
N PHE B 90 41.43 -84.77 -64.98
CA PHE B 90 40.71 -86.00 -64.63
C PHE B 90 41.51 -86.79 -63.60
N ASN B 91 41.94 -86.12 -62.52
CA ASN B 91 42.84 -86.74 -61.56
C ASN B 91 42.27 -87.99 -60.91
N ALA B 92 41.22 -87.83 -60.10
CA ALA B 92 40.67 -88.92 -59.31
C ALA B 92 39.48 -89.58 -59.97
N TYR B 93 39.41 -89.54 -61.30
CA TYR B 93 38.30 -90.08 -62.06
C TYR B 93 38.83 -91.15 -63.02
N PRO B 94 38.45 -92.41 -62.88
CA PRO B 94 39.05 -93.46 -63.71
C PRO B 94 38.26 -93.68 -65.01
N THR B 95 38.91 -94.37 -65.93
CA THR B 95 38.28 -94.79 -67.18
C THR B 95 37.60 -96.13 -66.96
N HIS B 96 37.14 -96.76 -68.04
CA HIS B 96 36.49 -98.07 -67.96
C HIS B 96 37.26 -99.09 -68.80
N GLY B 107 52.40 -91.23 -62.82
CA GLY B 107 53.47 -90.36 -63.26
C GLY B 107 54.02 -89.51 -62.13
N GLU B 108 54.62 -88.38 -62.48
CA GLU B 108 55.17 -87.48 -61.47
C GLU B 108 54.03 -86.93 -60.61
N PRO B 109 54.16 -86.95 -59.27
CA PRO B 109 53.03 -86.54 -58.44
C PRO B 109 52.83 -85.04 -58.47
N SER B 110 51.59 -84.63 -58.15
CA SER B 110 51.19 -83.24 -58.20
C SER B 110 50.09 -83.01 -57.16
N PHE B 111 49.63 -81.77 -57.08
CA PHE B 111 48.62 -81.40 -56.09
C PHE B 111 47.85 -80.18 -56.55
N LYS B 112 46.80 -79.85 -55.80
CA LYS B 112 45.96 -78.69 -56.04
C LYS B 112 45.23 -78.39 -54.74
N THR B 113 45.08 -77.11 -54.43
CA THR B 113 44.43 -76.69 -53.20
C THR B 113 43.45 -75.56 -53.51
N GLN B 114 42.21 -75.70 -53.04
CA GLN B 114 41.20 -74.64 -53.18
C GLN B 114 40.79 -74.07 -51.84
N GLY B 115 40.24 -74.88 -50.94
CA GLY B 115 39.74 -74.40 -49.66
C GLY B 115 40.46 -75.06 -48.50
N ARG B 116 39.72 -75.86 -47.74
CA ARG B 116 40.30 -76.69 -46.70
C ARG B 116 40.69 -78.07 -47.20
N VAL B 117 40.66 -78.28 -48.52
CA VAL B 117 40.94 -79.57 -49.14
C VAL B 117 42.12 -79.40 -50.09
N ILE B 118 43.03 -80.37 -50.05
CA ILE B 118 44.14 -80.45 -50.99
C ILE B 118 43.96 -81.71 -51.83
N PHE B 119 43.90 -81.54 -53.15
CA PHE B 119 43.70 -82.64 -54.08
C PHE B 119 45.06 -83.06 -54.62
N THR B 120 45.62 -84.13 -54.05
CA THR B 120 46.84 -84.71 -54.56
C THR B 120 46.52 -85.81 -55.57
N SER B 121 47.56 -86.29 -56.25
CA SER B 121 47.44 -87.39 -57.19
C SER B 121 47.79 -88.73 -56.56
N ILE B 122 47.99 -88.78 -55.24
CA ILE B 122 48.33 -90.01 -54.53
C ILE B 122 47.12 -90.43 -53.72
N LYS B 123 46.93 -91.74 -53.59
CA LYS B 123 45.76 -92.26 -52.88
C LYS B 123 45.96 -92.20 -51.36
N HIS B 124 46.97 -92.91 -50.85
CA HIS B 124 47.20 -93.05 -49.42
C HIS B 124 48.67 -92.77 -49.12
N GLU B 125 48.96 -91.54 -48.69
CA GLU B 125 50.30 -91.19 -48.27
C GLU B 125 50.23 -89.95 -47.40
N LYS B 126 51.31 -89.71 -46.66
CA LYS B 126 51.46 -88.51 -45.85
C LYS B 126 52.33 -87.51 -46.58
N VAL B 127 51.90 -86.25 -46.57
CA VAL B 127 52.57 -85.18 -47.31
C VAL B 127 52.92 -84.06 -46.33
N ASP B 128 54.08 -83.46 -46.56
CA ASP B 128 54.56 -82.33 -45.76
C ASP B 128 54.26 -81.04 -46.52
N ILE B 129 53.58 -80.11 -45.85
CA ILE B 129 53.20 -78.84 -46.44
C ILE B 129 53.90 -77.73 -45.66
N SER B 130 54.72 -76.96 -46.36
CA SER B 130 55.32 -75.75 -45.81
C SER B 130 54.44 -74.58 -46.26
N TYR B 131 53.73 -73.99 -45.31
CA TYR B 131 52.72 -72.97 -45.61
C TYR B 131 53.01 -71.73 -44.78
N LYS B 132 52.35 -70.64 -45.15
CA LYS B 132 52.49 -69.36 -44.50
C LYS B 132 51.20 -68.98 -43.79
N ALA B 133 51.34 -68.38 -42.61
CA ALA B 133 50.18 -67.92 -41.84
C ALA B 133 50.45 -66.52 -41.30
N ILE B 134 49.57 -66.02 -40.43
CA ILE B 134 49.71 -64.70 -39.82
C ILE B 134 50.16 -64.87 -38.38
N MET B 135 51.12 -64.04 -37.96
CA MET B 135 51.53 -64.03 -36.57
C MET B 135 50.42 -63.39 -35.75
N LEU B 136 49.91 -64.12 -34.77
CA LEU B 136 48.80 -63.66 -33.94
C LEU B 136 49.31 -63.15 -32.60
N ASP B 137 48.41 -62.52 -31.86
CA ASP B 137 48.68 -61.95 -30.56
C ASP B 137 48.12 -62.89 -29.49
N ASP B 138 48.38 -62.56 -28.22
CA ASP B 138 47.70 -63.28 -27.14
C ASP B 138 46.19 -63.23 -27.33
N GLU B 139 45.67 -62.09 -27.79
CA GLU B 139 44.34 -62.05 -28.36
C GLU B 139 44.38 -62.60 -29.78
N GLY B 140 43.26 -63.18 -30.21
CA GLY B 140 43.21 -63.73 -31.54
C GLY B 140 43.12 -62.64 -32.59
N LEU B 141 44.17 -61.84 -32.72
CA LEU B 141 44.21 -60.69 -33.60
C LEU B 141 45.52 -60.68 -34.38
N PRO B 142 45.57 -59.98 -35.51
CA PRO B 142 46.83 -59.91 -36.26
C PRO B 142 47.89 -59.15 -35.49
N LEU B 143 49.15 -59.46 -35.80
CA LEU B 143 50.30 -58.88 -35.15
C LEU B 143 51.19 -58.28 -36.24
N ILE B 144 51.47 -56.98 -36.13
CA ILE B 144 52.05 -56.22 -37.25
C ILE B 144 53.54 -55.97 -37.01
N PRO B 145 54.36 -55.81 -38.05
CA PRO B 145 55.74 -55.36 -37.83
C PRO B 145 55.77 -53.94 -37.30
N ASP B 146 56.79 -53.67 -36.49
CA ASP B 146 57.00 -52.32 -35.95
C ASP B 146 57.94 -51.49 -36.82
N ASN B 147 58.24 -51.94 -38.03
CA ASN B 147 59.09 -51.15 -38.92
C ASN B 147 58.40 -49.80 -39.17
N PRO B 148 59.02 -48.67 -38.82
CA PRO B 148 58.32 -47.39 -38.99
C PRO B 148 57.92 -47.09 -40.42
N ILE B 149 58.61 -47.65 -41.41
CA ILE B 149 58.14 -47.54 -42.78
C ILE B 149 56.81 -48.26 -42.94
N PHE B 150 56.72 -49.48 -42.42
CA PHE B 150 55.46 -50.23 -42.49
C PHE B 150 54.36 -49.50 -41.72
N LEU B 151 54.68 -49.00 -40.53
CA LEU B 151 53.67 -48.30 -39.73
C LEU B 151 53.20 -47.04 -40.42
N LYS B 152 54.13 -46.26 -40.98
CA LYS B 152 53.74 -45.04 -41.68
C LYS B 152 52.90 -45.35 -42.91
N THR B 153 53.25 -46.40 -43.65
CA THR B 153 52.47 -46.73 -44.84
C THR B 153 51.08 -47.23 -44.45
N LEU B 154 50.96 -48.03 -43.40
CA LEU B 154 49.64 -48.47 -42.96
C LEU B 154 48.82 -47.31 -42.44
N GLU B 155 49.46 -46.39 -41.70
CA GLU B 155 48.78 -45.18 -41.25
C GLU B 155 48.24 -44.41 -42.45
N LEU B 156 49.05 -44.27 -43.49
CA LEU B 156 48.63 -43.54 -44.68
C LEU B 156 47.53 -44.28 -45.42
N TYR B 157 47.56 -45.62 -45.42
CA TYR B 157 46.48 -46.39 -46.03
C TYR B 157 45.16 -46.11 -45.33
N ILE B 158 45.15 -46.22 -44.00
CA ILE B 158 43.91 -46.01 -43.25
C ILE B 158 43.45 -44.57 -43.39
N LYS B 159 44.40 -43.63 -43.35
CA LYS B 159 44.07 -42.22 -43.56
C LYS B 159 43.45 -41.99 -44.93
N LYS B 160 44.02 -42.60 -45.96
CA LYS B 160 43.53 -42.42 -47.32
C LYS B 160 42.13 -42.99 -47.47
N GLU B 161 41.87 -44.17 -46.89
CA GLU B 161 40.53 -44.73 -46.96
C GLU B 161 39.52 -43.84 -46.25
N TRP B 162 39.88 -43.35 -45.06
CA TRP B 162 38.93 -42.55 -44.30
C TRP B 162 38.66 -41.23 -45.00
N PHE B 163 39.70 -40.63 -45.57
CA PHE B 163 39.53 -39.39 -46.33
C PHE B 163 38.76 -39.62 -47.62
N THR B 164 38.90 -40.79 -48.23
CA THR B 164 38.06 -41.10 -49.39
C THR B 164 36.59 -41.14 -49.00
N ILE B 165 36.28 -41.75 -47.86
CA ILE B 165 34.90 -41.75 -47.39
C ILE B 165 34.42 -40.33 -47.15
N LEU B 166 35.20 -39.54 -46.40
CA LEU B 166 34.80 -38.17 -46.09
C LEU B 166 34.67 -37.32 -47.34
N PHE B 167 35.47 -37.60 -48.37
CA PHE B 167 35.40 -36.84 -49.61
C PHE B 167 34.20 -37.25 -50.45
N ASP B 168 33.83 -38.53 -50.42
CA ASP B 168 32.56 -38.93 -51.01
C ASP B 168 31.41 -38.24 -50.33
N MET B 169 31.52 -38.01 -49.03
CA MET B 169 30.53 -37.22 -48.30
C MET B 169 30.63 -35.73 -48.60
N GLY B 170 31.78 -35.26 -49.07
CA GLY B 170 31.99 -33.84 -49.25
C GLY B 170 32.50 -33.14 -48.02
N LYS B 171 33.12 -33.86 -47.08
CA LYS B 171 33.62 -33.29 -45.83
C LYS B 171 35.13 -33.08 -45.87
N ILE B 172 35.78 -33.27 -47.01
CA ILE B 172 37.21 -33.09 -47.16
C ILE B 172 37.47 -32.41 -48.48
N SER B 173 38.39 -31.46 -48.51
CA SER B 173 38.72 -30.78 -49.74
C SER B 173 39.40 -31.74 -50.70
N PRO B 174 39.18 -31.63 -52.01
CA PRO B 174 39.85 -32.56 -52.93
C PRO B 174 41.37 -32.46 -52.91
N ALA B 175 41.91 -31.28 -52.63
CA ALA B 175 43.36 -31.15 -52.53
C ALA B 175 43.91 -31.99 -51.38
N VAL B 176 43.18 -32.03 -50.27
CA VAL B 176 43.61 -32.83 -49.12
C VAL B 176 43.71 -34.29 -49.51
N LEU B 177 42.67 -34.81 -50.18
CA LEU B 177 42.68 -36.21 -50.58
C LEU B 177 43.78 -36.47 -51.60
N ASN B 178 44.00 -35.54 -52.53
CA ASN B 178 45.06 -35.72 -53.51
C ASN B 178 46.43 -35.81 -52.82
N ASN B 179 46.68 -34.93 -51.85
CA ASN B 179 47.94 -34.99 -51.11
C ASN B 179 48.07 -36.31 -50.36
N THR B 180 46.98 -36.76 -49.72
CA THR B 180 47.04 -38.02 -48.98
C THR B 180 47.35 -39.18 -49.92
N GLN B 181 46.71 -39.21 -51.09
CA GLN B 181 46.96 -40.30 -52.03
C GLN B 181 48.39 -40.26 -52.55
N GLN B 182 48.92 -39.06 -52.81
CA GLN B 182 50.30 -38.94 -53.27
C GLN B 182 51.27 -39.48 -52.23
N GLU B 183 51.10 -39.04 -50.98
CA GLU B 183 51.98 -39.51 -49.91
C GLU B 183 51.87 -41.01 -49.74
N TYR B 184 50.65 -41.54 -49.77
CA TYR B 184 50.48 -42.98 -49.59
C TYR B 184 51.12 -43.75 -50.73
N ALA B 185 51.01 -43.25 -51.96
CA ALA B 185 51.61 -43.94 -53.08
C ALA B 185 53.13 -44.01 -52.93
N PHE B 186 53.75 -42.89 -52.56
CA PHE B 186 55.20 -42.92 -52.40
C PHE B 186 55.61 -43.86 -51.28
N LYS B 187 54.89 -43.83 -50.15
CA LYS B 187 55.28 -44.69 -49.05
C LYS B 187 54.95 -46.15 -49.32
N ALA B 188 53.95 -46.43 -50.16
CA ALA B 188 53.69 -47.80 -50.56
C ALA B 188 54.84 -48.34 -51.38
N GLY B 189 55.34 -47.54 -52.33
CA GLY B 189 56.53 -47.97 -53.07
C GLY B 189 57.72 -48.15 -52.15
N GLN B 190 57.90 -47.24 -51.20
CA GLN B 190 59.03 -47.32 -50.27
C GLN B 190 58.96 -48.60 -49.44
N CYS B 191 57.78 -48.91 -48.90
CA CYS B 191 57.63 -50.12 -48.10
C CYS B 191 57.82 -51.37 -48.93
N ASN B 192 57.27 -51.39 -50.15
CA ASN B 192 57.45 -52.53 -51.04
C ASN B 192 58.92 -52.80 -51.27
N ASN B 193 59.70 -51.74 -51.54
CA ASN B 193 61.13 -51.95 -51.73
C ASN B 193 61.83 -52.35 -50.45
N GLU B 194 61.40 -51.79 -49.31
CA GLU B 194 62.08 -52.09 -48.05
C GLU B 194 61.94 -53.56 -47.70
N PHE B 195 60.76 -54.13 -47.89
CA PHE B 195 60.50 -55.51 -47.50
C PHE B 195 60.93 -56.52 -48.56
N VAL B 196 61.43 -56.08 -49.71
CA VAL B 196 61.74 -56.97 -50.82
C VAL B 196 63.24 -57.02 -51.11
N ILE B 197 63.94 -55.89 -51.01
CA ILE B 197 65.34 -55.84 -51.46
C ILE B 197 66.19 -56.79 -50.60
N PRO B 198 67.02 -57.65 -51.18
CA PRO B 198 67.71 -58.65 -50.37
C PRO B 198 68.71 -58.05 -49.40
N SER B 199 68.99 -58.80 -48.34
CA SER B 199 70.04 -58.48 -47.40
C SER B 199 71.38 -58.97 -47.95
N VAL B 200 72.46 -58.71 -47.21
CA VAL B 200 73.78 -59.16 -47.65
C VAL B 200 73.84 -60.69 -47.64
N SER B 201 73.29 -61.31 -46.59
CA SER B 201 73.27 -62.76 -46.51
C SER B 201 72.37 -63.36 -47.58
N GLU B 202 71.29 -62.66 -47.95
CA GLU B 202 70.45 -63.11 -49.04
C GLU B 202 71.10 -62.86 -50.39
N MET B 203 71.94 -61.82 -50.49
CA MET B 203 72.66 -61.61 -51.74
C MET B 203 73.75 -62.66 -51.94
N GLU B 204 74.31 -63.23 -50.87
CA GLU B 204 75.17 -64.39 -51.08
C GLU B 204 74.41 -65.57 -51.66
N ALA B 205 73.20 -65.83 -51.17
CA ALA B 205 72.39 -66.89 -51.77
C ALA B 205 72.10 -66.59 -53.23
N ILE B 206 71.74 -65.35 -53.54
CA ILE B 206 71.43 -64.99 -54.92
C ILE B 206 72.67 -65.12 -55.79
N THR B 207 73.83 -64.72 -55.28
CA THR B 207 75.07 -64.83 -56.03
C THR B 207 75.41 -66.29 -56.32
N ASN B 208 75.31 -67.15 -55.30
CA ASN B 208 75.58 -68.56 -55.50
C ASN B 208 74.63 -69.17 -56.51
N MET B 209 73.38 -68.72 -56.51
CA MET B 209 72.43 -69.18 -57.52
C MET B 209 72.80 -68.67 -58.91
N TRP B 210 73.31 -67.44 -58.99
CA TRP B 210 73.50 -66.78 -60.27
C TRP B 210 74.71 -67.32 -61.02
N ASN B 211 75.86 -67.37 -60.36
CA ASN B 211 77.11 -67.74 -61.01
C ASN B 211 77.30 -69.25 -60.86
N GLN B 212 77.03 -69.99 -61.93
CA GLN B 212 77.12 -71.45 -61.93
C GLN B 212 77.65 -71.89 -63.29
N LEU B 213 78.89 -72.39 -63.31
CA LEU B 213 79.44 -72.89 -64.57
C LEU B 213 78.63 -74.09 -65.06
N ILE B 214 78.23 -74.96 -64.15
CA ILE B 214 77.31 -76.07 -64.45
C ILE B 214 75.96 -75.71 -63.81
N PRO B 215 74.96 -75.26 -64.57
CA PRO B 215 73.74 -74.77 -63.93
C PRO B 215 73.01 -75.86 -63.14
N ARG B 216 72.45 -75.45 -62.01
CA ARG B 216 71.59 -76.31 -61.18
C ARG B 216 70.14 -75.89 -61.42
N VAL B 217 69.33 -76.83 -61.91
CA VAL B 217 67.96 -76.51 -62.32
C VAL B 217 66.97 -77.48 -61.67
N THR B 218 67.34 -78.04 -60.51
CA THR B 218 66.51 -79.05 -59.86
C THR B 218 66.52 -78.80 -58.34
N GLU B 219 66.35 -77.54 -57.94
CA GLU B 219 66.16 -77.23 -56.54
C GLU B 219 64.69 -77.27 -56.13
N PHE B 220 63.76 -77.43 -57.08
CA PHE B 220 62.38 -77.63 -56.71
C PHE B 220 62.13 -79.02 -56.15
N ARG B 221 62.85 -80.03 -56.65
CA ARG B 221 62.70 -81.38 -56.11
C ARG B 221 63.01 -81.40 -54.63
N ARG B 222 64.17 -80.87 -54.25
CA ARG B 222 64.40 -80.54 -52.85
C ARG B 222 63.56 -79.32 -52.48
N GLY B 223 63.55 -78.98 -51.20
CA GLY B 223 62.76 -77.83 -50.78
C GLY B 223 63.45 -76.51 -51.04
N PHE B 224 64.05 -76.35 -52.22
CA PHE B 224 64.96 -75.24 -52.51
C PHE B 224 66.06 -75.13 -51.46
N LYS B 225 66.48 -76.28 -50.91
CA LYS B 225 67.55 -76.27 -49.92
C LYS B 225 68.84 -75.75 -50.54
N ASN B 226 69.18 -76.24 -51.73
CA ASN B 226 70.45 -75.92 -52.38
C ASN B 226 70.32 -74.85 -53.43
N LEU B 227 69.33 -73.97 -53.32
CA LEU B 227 69.23 -72.84 -54.23
C LEU B 227 70.43 -71.90 -54.06
N GLY B 228 70.92 -71.77 -52.83
CA GLY B 228 71.97 -70.83 -52.49
C GLY B 228 73.33 -71.40 -52.22
N ASP B 229 73.55 -72.70 -52.40
CA ASP B 229 74.88 -73.24 -52.14
C ASP B 229 75.86 -72.83 -53.23
N LYS B 230 77.11 -72.60 -52.82
CA LYS B 230 78.16 -72.26 -53.78
C LYS B 230 78.50 -73.46 -54.65
N GLU B 231 78.96 -73.17 -55.86
CA GLU B 231 79.15 -74.18 -56.92
C GLU B 231 80.65 -74.33 -57.13
N TYR B 232 81.26 -75.28 -56.41
CA TYR B 232 82.71 -75.37 -56.33
C TYR B 232 83.26 -76.28 -57.43
N ILE B 233 84.16 -75.74 -58.26
CA ILE B 233 84.76 -76.49 -59.35
C ILE B 233 86.15 -76.95 -58.90
N ARG B 234 86.44 -78.22 -59.10
CA ARG B 234 87.74 -78.75 -58.72
C ARG B 234 88.82 -78.21 -59.66
N VAL B 235 90.06 -78.18 -59.16
CA VAL B 235 91.21 -77.68 -59.91
C VAL B 235 91.93 -78.85 -60.55
N HIS B 236 92.20 -78.72 -61.85
CA HIS B 236 92.91 -79.76 -62.61
C HIS B 236 94.17 -79.18 -63.25
N MET C 1 28.67 -24.33 -17.67
CA MET C 1 27.40 -23.63 -17.36
C MET C 1 26.26 -24.62 -17.21
N THR C 2 25.20 -24.20 -16.54
CA THR C 2 24.04 -25.05 -16.25
C THR C 2 22.83 -24.59 -17.04
N TYR C 3 21.80 -25.43 -17.05
CA TYR C 3 20.54 -25.06 -17.65
C TYR C 3 19.98 -23.80 -17.03
N ASN C 4 20.19 -23.61 -15.73
CA ASN C 4 19.64 -22.44 -15.04
C ASN C 4 20.22 -21.15 -15.61
N GLU C 5 21.53 -21.10 -15.81
CA GLU C 5 22.15 -19.86 -16.28
C GLU C 5 21.68 -19.51 -17.68
N LEU C 6 21.65 -20.48 -18.59
CA LEU C 6 21.17 -20.21 -19.94
C LEU C 6 19.71 -19.81 -19.93
N ILE C 7 18.89 -20.51 -19.15
CA ILE C 7 17.46 -20.24 -19.11
C ILE C 7 17.22 -18.82 -18.63
N TYR C 8 17.89 -18.43 -17.54
CA TYR C 8 17.65 -17.11 -16.98
C TYR C 8 18.32 -16.01 -17.78
N MET C 9 19.41 -16.31 -18.50
CA MET C 9 19.91 -15.34 -19.46
C MET C 9 18.88 -15.05 -20.52
N VAL C 10 18.26 -16.11 -21.08
CA VAL C 10 17.23 -15.89 -22.09
C VAL C 10 16.07 -15.10 -21.50
N LEU C 11 15.63 -15.47 -20.30
CA LEU C 11 14.49 -14.80 -19.68
C LEU C 11 14.80 -13.33 -19.40
N ASP C 12 16.01 -13.03 -18.93
CA ASP C 12 16.36 -11.66 -18.60
C ASP C 12 16.58 -10.81 -19.85
N GLU C 13 17.14 -11.41 -20.91
CA GLU C 13 17.16 -10.72 -22.20
C GLU C 13 15.75 -10.39 -22.66
N LEU C 14 14.81 -11.30 -22.41
CA LEU C 14 13.41 -11.06 -22.74
C LEU C 14 12.65 -10.34 -21.64
N LYS C 15 13.20 -10.24 -20.43
CA LYS C 15 12.51 -9.62 -19.28
C LYS C 15 11.16 -10.31 -19.02
N LEU C 16 11.18 -11.63 -18.99
CA LEU C 16 10.02 -12.41 -18.56
C LEU C 16 10.18 -12.78 -17.09
N SER C 17 10.06 -11.76 -16.23
CA SER C 17 10.30 -11.92 -14.81
C SER C 17 9.04 -12.19 -14.00
N SER C 18 7.91 -11.63 -14.41
CA SER C 18 6.68 -11.81 -13.66
C SER C 18 6.18 -13.24 -13.79
N ASP C 19 5.62 -13.76 -12.70
CA ASP C 19 4.99 -15.08 -12.75
C ASP C 19 3.79 -15.11 -13.69
N ASP C 20 3.19 -13.95 -13.97
CA ASP C 20 2.06 -13.84 -14.88
C ASP C 20 2.53 -13.55 -16.31
N SER C 21 3.46 -14.36 -16.80
CA SER C 21 4.02 -14.22 -18.14
C SER C 21 3.52 -15.36 -19.00
N TYR C 22 3.21 -15.03 -20.26
CA TYR C 22 2.69 -16.06 -21.16
C TYR C 22 3.74 -17.12 -21.45
N TYR C 23 4.97 -16.70 -21.72
CA TYR C 23 6.05 -17.62 -22.08
C TYR C 23 6.83 -17.97 -20.82
N THR C 24 6.64 -19.20 -20.35
CA THR C 24 7.25 -19.70 -19.13
C THR C 24 8.66 -20.19 -19.43
N PRO C 25 9.42 -20.56 -18.40
CA PRO C 25 10.74 -21.15 -18.66
C PRO C 25 10.70 -22.45 -19.44
N ASP C 26 9.57 -23.16 -19.46
CA ASP C 26 9.50 -24.40 -20.22
C ASP C 26 9.65 -24.14 -21.72
N HIS C 27 9.03 -23.05 -22.21
CA HIS C 27 9.27 -22.64 -23.59
C HIS C 27 10.75 -22.41 -23.83
N VAL C 28 11.43 -21.79 -22.85
CA VAL C 28 12.85 -21.50 -22.99
C VAL C 28 13.65 -22.80 -23.08
N ILE C 29 13.33 -23.78 -22.24
CA ILE C 29 14.04 -25.06 -22.29
C ILE C 29 13.82 -25.73 -23.64
N PHE C 30 12.58 -25.75 -24.11
CA PHE C 30 12.30 -26.37 -25.40
C PHE C 30 13.10 -25.71 -26.51
N LEU C 31 13.04 -24.38 -26.60
CA LEU C 31 13.74 -23.66 -27.66
C LEU C 31 15.24 -23.85 -27.54
N LEU C 32 15.78 -23.82 -26.33
CA LEU C 32 17.22 -24.00 -26.16
C LEU C 32 17.65 -25.38 -26.62
N VAL C 33 16.90 -26.41 -26.24
CA VAL C 33 17.30 -27.77 -26.58
C VAL C 33 17.22 -27.98 -28.09
N LYS C 34 16.23 -27.39 -28.76
CA LYS C 34 16.14 -27.56 -30.21
C LYS C 34 17.19 -26.73 -30.95
N TYR C 35 17.39 -25.48 -30.54
CA TYR C 35 18.35 -24.63 -31.22
C TYR C 35 19.79 -25.11 -30.99
N ARG C 36 20.04 -25.81 -29.89
CA ARG C 36 21.36 -26.40 -29.70
C ARG C 36 21.68 -27.39 -30.81
N SER C 37 20.76 -28.34 -31.06
CA SER C 37 20.97 -29.30 -32.12
C SER C 37 21.02 -28.62 -33.48
N PHE C 38 20.19 -27.59 -33.67
CA PHE C 38 20.21 -26.84 -34.92
C PHE C 38 21.59 -26.25 -35.18
N LEU C 39 22.14 -25.55 -34.18
CA LEU C 39 23.45 -24.92 -34.35
C LEU C 39 24.55 -25.97 -34.54
N LEU C 40 24.49 -27.06 -33.77
CA LEU C 40 25.52 -28.08 -33.89
C LEU C 40 25.51 -28.72 -35.27
N LYS C 41 24.33 -29.01 -35.81
CA LYS C 41 24.26 -29.52 -37.17
C LYS C 41 24.78 -28.49 -38.16
N GLN C 42 24.38 -27.23 -38.01
CA GLN C 42 24.81 -26.22 -38.98
C GLN C 42 26.31 -26.05 -38.98
N ARG C 43 26.96 -26.22 -37.83
CA ARG C 43 28.40 -26.00 -37.75
C ARG C 43 29.22 -27.23 -38.08
N TYR C 44 28.73 -28.43 -37.76
CA TYR C 44 29.54 -29.65 -37.84
C TYR C 44 28.92 -30.68 -38.77
N SER C 45 28.33 -30.23 -39.88
CA SER C 45 27.79 -31.13 -40.90
C SER C 45 28.35 -30.81 -42.27
N ASP C 46 28.69 -29.55 -42.51
CA ASP C 46 29.23 -29.16 -43.82
C ASP C 46 30.53 -29.91 -44.12
N ILE C 47 31.55 -29.73 -43.28
CA ILE C 47 32.81 -30.43 -43.42
C ILE C 47 33.31 -30.81 -42.03
N LYS C 48 34.13 -31.86 -41.98
CA LYS C 48 34.49 -32.46 -40.70
C LYS C 48 35.43 -31.54 -39.96
N LYS C 49 35.07 -31.22 -38.72
CA LYS C 49 35.84 -30.33 -37.86
C LYS C 49 36.00 -30.95 -36.48
N GLN C 50 36.92 -30.41 -35.71
CA GLN C 50 37.09 -30.83 -34.33
C GLN C 50 35.87 -30.43 -33.52
N ILE C 51 35.28 -31.38 -32.80
CA ILE C 51 34.17 -31.13 -31.89
C ILE C 51 34.74 -31.01 -30.47
N PRO C 52 34.47 -29.91 -29.75
CA PRO C 52 35.01 -29.82 -28.39
C PRO C 52 34.41 -30.86 -27.46
N ASP C 53 34.88 -30.88 -26.22
CA ASP C 53 34.36 -31.80 -25.22
C ASP C 53 33.05 -31.33 -24.61
N SER C 54 32.69 -30.06 -24.80
CA SER C 54 31.49 -29.53 -24.16
C SER C 54 30.22 -30.04 -24.82
N ASP C 55 30.27 -30.39 -26.10
CA ASP C 55 29.09 -30.82 -26.84
C ASP C 55 28.62 -32.21 -26.46
N TYR C 56 29.40 -32.98 -25.70
CA TYR C 56 29.12 -34.38 -25.45
C TYR C 56 28.39 -34.57 -24.12
N GLN C 57 27.76 -35.73 -23.99
CA GLN C 57 27.22 -36.18 -22.70
C GLN C 57 27.37 -37.68 -22.56
N SER C 58 27.54 -38.13 -21.33
CA SER C 58 27.61 -39.55 -21.00
C SER C 58 26.32 -39.99 -20.33
N ILE C 59 25.61 -40.91 -20.96
CA ILE C 59 24.51 -41.63 -20.35
C ILE C 59 25.03 -42.99 -19.90
N CYS C 60 24.44 -43.52 -18.83
CA CYS C 60 24.72 -44.87 -18.35
C CYS C 60 23.49 -45.73 -18.51
N LEU C 61 23.68 -46.90 -19.12
CA LEU C 61 22.62 -47.82 -19.50
C LEU C 61 22.79 -49.11 -18.71
N ASP C 62 21.66 -49.77 -18.45
CA ASP C 62 21.64 -51.08 -17.82
C ASP C 62 21.10 -52.07 -18.84
N LEU C 63 21.87 -53.10 -19.14
CA LEU C 63 21.56 -54.00 -20.24
C LEU C 63 20.81 -55.23 -19.73
N ILE C 64 19.92 -55.74 -20.58
CA ILE C 64 19.15 -56.94 -20.30
C ILE C 64 19.15 -57.81 -21.56
N GLU C 65 19.27 -59.11 -21.37
CA GLU C 65 19.21 -60.03 -22.49
C GLU C 65 17.77 -60.18 -22.95
N VAL C 66 17.57 -60.10 -24.27
CA VAL C 66 16.23 -60.23 -24.86
C VAL C 66 16.29 -61.15 -26.04
N PRO C 67 15.20 -61.85 -26.34
CA PRO C 67 15.18 -62.67 -27.56
C PRO C 67 15.20 -61.79 -28.80
N ALA C 68 15.62 -62.39 -29.92
CA ALA C 68 15.64 -61.64 -31.17
C ALA C 68 14.22 -61.23 -31.57
N ILE C 69 13.28 -62.18 -31.52
CA ILE C 69 11.87 -61.88 -31.81
C ILE C 69 11.05 -62.33 -30.61
N SER C 70 11.08 -63.63 -30.32
CA SER C 70 10.32 -64.21 -29.21
C SER C 70 11.12 -65.38 -28.67
N GLY C 71 10.48 -66.23 -27.88
CA GLY C 71 11.19 -67.31 -27.21
C GLY C 71 11.37 -68.56 -28.04
N GLU C 72 11.24 -68.46 -29.36
CA GLU C 72 11.33 -69.65 -30.20
C GLU C 72 12.77 -70.14 -30.27
N PRO C 73 12.97 -71.42 -30.64
CA PRO C 73 14.35 -71.89 -30.81
C PRO C 73 15.03 -71.32 -32.04
N CYS C 74 14.33 -71.29 -33.18
CA CYS C 74 14.91 -70.92 -34.46
C CYS C 74 14.85 -69.43 -34.76
N GLU C 75 14.43 -68.62 -33.80
CA GLU C 75 14.29 -67.17 -34.01
C GLU C 75 15.62 -66.42 -33.93
N GLY C 76 16.75 -67.11 -33.98
CA GLY C 76 18.04 -66.47 -33.97
C GLY C 76 18.61 -66.33 -32.58
N SER C 77 19.84 -65.84 -32.53
CA SER C 77 20.52 -65.64 -31.26
C SER C 77 19.94 -64.44 -30.53
N SER C 78 20.10 -64.44 -29.21
CA SER C 78 19.58 -63.37 -28.38
C SER C 78 20.50 -62.15 -28.44
N TYR C 79 19.93 -60.99 -28.11
CA TYR C 79 20.65 -59.73 -28.01
C TYR C 79 20.53 -59.17 -26.60
N LEU C 80 21.52 -58.40 -26.19
CA LEU C 80 21.38 -57.53 -25.04
C LEU C 80 20.77 -56.22 -25.51
N ARG C 81 20.10 -55.52 -24.60
CA ARG C 81 19.59 -54.21 -24.91
C ARG C 81 19.45 -53.40 -23.62
N SER C 82 19.54 -52.08 -23.77
CA SER C 82 19.35 -51.19 -22.63
C SER C 82 17.94 -51.33 -22.08
N LYS C 83 17.83 -51.22 -20.75
CA LYS C 83 16.52 -51.38 -20.12
C LYS C 83 15.53 -50.32 -20.62
N ASN C 84 15.98 -49.07 -20.71
CA ASN C 84 15.16 -47.95 -21.12
C ASN C 84 15.54 -47.49 -22.52
N LYS C 85 14.63 -46.76 -23.15
CA LYS C 85 14.90 -46.22 -24.47
C LYS C 85 16.05 -45.22 -24.40
N VAL C 86 16.84 -45.17 -25.47
CA VAL C 86 18.09 -44.40 -25.47
C VAL C 86 17.91 -43.17 -26.36
N PRO C 87 18.53 -42.02 -26.04
CA PRO C 87 18.42 -40.87 -26.94
C PRO C 87 19.09 -41.12 -28.29
N THR C 88 18.62 -40.38 -29.29
CA THR C 88 19.17 -40.47 -30.64
C THR C 88 20.41 -39.58 -30.75
N THR C 89 21.51 -40.15 -31.20
CA THR C 89 22.74 -39.39 -31.38
C THR C 89 22.70 -38.60 -32.67
N MET C 90 23.39 -37.47 -32.67
CA MET C 90 23.69 -36.80 -33.94
C MET C 90 24.93 -37.42 -34.56
N MET C 91 25.05 -37.24 -35.88
CA MET C 91 26.08 -37.90 -36.67
C MET C 91 27.29 -37.00 -36.89
N ILE C 92 27.57 -36.11 -35.95
CA ILE C 92 28.61 -35.10 -36.12
C ILE C 92 29.79 -35.31 -35.19
N GLY C 93 29.63 -36.06 -34.10
CA GLY C 93 30.66 -36.14 -33.10
C GLY C 93 31.44 -37.44 -33.13
N ASN C 94 31.70 -37.99 -31.94
CA ASN C 94 32.45 -39.22 -31.75
C ASN C 94 31.68 -40.12 -30.80
N PRO C 95 30.56 -40.69 -31.24
CA PRO C 95 29.81 -41.60 -30.35
C PRO C 95 30.69 -42.77 -29.91
N ARG C 96 30.55 -43.13 -28.63
CA ARG C 96 31.31 -44.26 -28.12
C ARG C 96 30.62 -44.86 -26.91
N VAL C 97 30.41 -46.17 -26.95
CA VAL C 97 29.94 -46.93 -25.79
C VAL C 97 31.16 -47.54 -25.12
N TYR C 98 31.34 -47.25 -23.84
CA TYR C 98 32.49 -47.72 -23.10
C TYR C 98 32.05 -48.41 -21.81
N PRO C 99 32.82 -49.38 -21.30
CA PRO C 99 32.37 -50.18 -20.15
C PRO C 99 32.68 -49.50 -18.82
N MET C 100 32.11 -48.32 -18.62
CA MET C 100 32.29 -47.47 -17.44
C MET C 100 33.72 -46.93 -17.34
N ASP C 101 34.58 -47.18 -18.32
CA ASP C 101 35.92 -46.60 -18.38
C ASP C 101 36.17 -46.20 -19.82
N PHE C 102 36.30 -44.90 -20.06
CA PHE C 102 36.42 -44.44 -21.44
C PHE C 102 37.74 -44.90 -22.07
N TYR C 103 38.77 -45.16 -21.26
CA TYR C 103 40.09 -45.44 -21.76
C TYR C 103 40.36 -46.92 -21.93
N GLN C 104 39.32 -47.75 -22.01
CA GLN C 104 39.50 -49.18 -22.04
C GLN C 104 38.27 -49.83 -22.66
N GLY C 105 38.47 -51.01 -23.22
CA GLY C 105 37.39 -51.76 -23.83
C GLY C 105 37.11 -51.31 -25.26
N GLU C 106 36.49 -52.21 -26.02
CA GLU C 106 36.11 -51.95 -27.41
C GLU C 106 34.68 -52.42 -27.64
N ILE C 107 33.73 -51.49 -27.50
CA ILE C 107 32.35 -51.69 -27.90
C ILE C 107 32.07 -50.66 -28.99
N THR C 108 31.68 -51.14 -30.18
CA THR C 108 31.60 -50.32 -31.37
C THR C 108 30.15 -49.88 -31.58
N TYR C 109 29.94 -48.58 -31.71
CA TYR C 109 28.62 -48.04 -32.03
C TYR C 109 28.54 -47.82 -33.53
N ILE C 110 27.67 -48.58 -34.20
CA ILE C 110 27.58 -48.58 -35.65
C ILE C 110 26.15 -48.24 -36.07
N SER C 111 25.93 -48.16 -37.38
CA SER C 111 24.60 -47.85 -37.90
C SER C 111 23.68 -49.06 -37.76
N ARG C 112 22.37 -48.78 -37.82
CA ARG C 112 21.39 -49.85 -37.78
C ARG C 112 21.57 -50.80 -38.94
N ASP C 113 21.77 -50.25 -40.14
CA ASP C 113 21.88 -51.08 -41.33
C ASP C 113 23.12 -51.95 -41.30
N ARG C 114 24.25 -51.40 -40.86
CA ARG C 114 25.48 -52.19 -40.82
C ARG C 114 25.36 -53.37 -39.87
N MET C 115 24.76 -53.16 -38.70
CA MET C 115 24.79 -54.18 -37.66
C MET C 115 24.04 -55.44 -38.06
N ARG C 116 23.23 -55.39 -39.13
CA ARG C 116 22.65 -56.61 -39.66
C ARG C 116 23.71 -57.63 -40.03
N TYR C 117 24.85 -57.15 -40.54
CA TYR C 117 25.89 -58.00 -41.12
C TYR C 117 27.23 -57.58 -40.53
N VAL C 118 27.58 -58.17 -39.39
CA VAL C 118 28.84 -57.88 -38.72
C VAL C 118 29.34 -59.15 -38.06
N GLY C 119 30.66 -59.27 -37.94
CA GLY C 119 31.27 -60.39 -37.29
C GLY C 119 31.56 -61.58 -38.17
N TYR C 120 31.21 -61.52 -39.46
CA TYR C 120 31.55 -62.63 -40.34
C TYR C 120 33.06 -62.74 -40.53
N ASN C 121 33.78 -61.62 -40.46
CA ASN C 121 35.23 -61.68 -40.48
C ASN C 121 35.72 -62.44 -39.24
N LYS C 122 36.59 -63.41 -39.46
CA LYS C 122 36.98 -64.30 -38.36
C LYS C 122 37.70 -63.54 -37.26
N PHE C 123 38.41 -62.46 -37.60
CA PHE C 123 39.11 -61.67 -36.59
C PHE C 123 38.21 -60.68 -35.88
N LEU C 124 36.98 -60.47 -36.36
CA LEU C 124 36.03 -59.55 -35.76
C LEU C 124 34.86 -60.29 -35.11
N ARG C 125 35.08 -61.53 -34.69
CA ARG C 125 34.04 -62.33 -34.06
C ARG C 125 33.93 -62.10 -32.57
N ASN C 126 34.78 -61.24 -32.00
CA ASN C 126 34.79 -60.97 -30.57
C ASN C 126 34.52 -59.51 -30.25
N ILE C 127 34.03 -58.73 -31.21
CA ILE C 127 33.80 -57.30 -31.05
C ILE C 127 32.32 -57.07 -30.83
N ILE C 128 31.97 -56.38 -29.75
CA ILE C 128 30.58 -56.05 -29.46
C ILE C 128 30.19 -54.84 -30.28
N TYR C 129 29.00 -54.92 -30.88
CA TYR C 129 28.49 -53.87 -31.76
C TYR C 129 27.20 -53.30 -31.17
N CYS C 130 26.92 -52.04 -31.46
CA CYS C 130 25.79 -51.34 -30.89
C CYS C 130 25.07 -50.55 -31.97
N SER C 131 23.77 -50.36 -31.79
CA SER C 131 22.97 -49.51 -32.65
C SER C 131 21.63 -49.29 -31.98
N LYS C 132 20.99 -48.17 -32.32
CA LYS C 132 19.66 -47.84 -31.80
C LYS C 132 18.62 -48.38 -32.75
N ALA C 133 17.87 -49.38 -32.31
CA ALA C 133 16.85 -49.99 -33.15
C ALA C 133 15.69 -49.02 -33.34
N PRO C 134 14.83 -49.26 -34.34
CA PRO C 134 13.61 -48.45 -34.44
C PRO C 134 12.70 -48.57 -33.23
N ASP C 135 12.87 -49.60 -32.41
CA ASP C 135 12.15 -49.67 -31.14
C ASP C 135 12.49 -48.49 -30.24
N GLY C 136 13.68 -47.92 -30.40
CA GLY C 136 14.16 -46.87 -29.54
C GLY C 136 15.15 -47.32 -28.48
N TYR C 137 15.53 -48.59 -28.48
CA TYR C 137 16.50 -49.14 -27.54
C TYR C 137 17.84 -49.37 -28.23
N LEU C 138 18.89 -49.40 -27.42
CA LEU C 138 20.23 -49.70 -27.91
C LEU C 138 20.44 -51.21 -27.87
N TYR C 139 20.56 -51.83 -29.03
CA TYR C 139 20.72 -53.27 -29.16
C TYR C 139 22.18 -53.62 -29.35
N PHE C 140 22.60 -54.73 -28.73
CA PHE C 140 23.98 -55.20 -28.78
C PHE C 140 24.04 -56.53 -29.49
N LYS C 141 25.12 -56.75 -30.25
CA LYS C 141 25.24 -57.94 -31.06
C LYS C 141 26.71 -58.32 -31.18
N SER C 142 26.98 -59.63 -31.09
CA SER C 142 28.33 -60.16 -31.28
C SER C 142 28.23 -61.67 -31.42
N TRP C 143 29.32 -62.28 -31.87
CA TRP C 143 29.41 -63.73 -32.06
C TRP C 143 30.11 -64.43 -30.92
N ASN C 144 30.45 -63.71 -29.84
CA ASN C 144 31.23 -64.25 -28.73
C ASN C 144 30.34 -64.36 -27.50
N PRO C 145 29.77 -65.55 -27.17
CA PRO C 145 28.73 -65.64 -26.13
C PRO C 145 29.04 -64.99 -24.79
N GLN C 146 30.30 -64.59 -24.58
CA GLN C 146 30.65 -63.84 -23.37
C GLN C 146 29.95 -62.49 -23.30
N PHE C 147 29.48 -61.93 -24.42
CA PHE C 147 28.98 -60.55 -24.34
C PHE C 147 27.69 -60.49 -23.53
N LEU C 148 26.94 -61.60 -23.48
CA LEU C 148 25.64 -61.61 -22.83
C LEU C 148 25.72 -61.42 -21.32
N HIS C 149 26.91 -61.55 -20.74
CA HIS C 149 27.10 -61.29 -19.32
C HIS C 149 27.25 -59.81 -19.01
N LEU C 150 27.43 -58.96 -20.03
CA LEU C 150 27.61 -57.53 -19.79
C LEU C 150 26.38 -56.95 -19.10
N GLU C 151 26.61 -56.13 -18.08
CA GLU C 151 25.55 -55.60 -17.24
C GLU C 151 25.43 -54.08 -17.29
N LYS C 152 26.51 -53.36 -17.53
CA LYS C 152 26.49 -51.90 -17.48
C LYS C 152 27.45 -51.35 -18.51
N VAL C 153 26.98 -50.35 -19.26
CA VAL C 153 27.82 -49.59 -20.18
C VAL C 153 27.45 -48.12 -20.05
N SER C 154 28.39 -47.27 -20.45
CA SER C 154 28.17 -45.84 -20.55
C SER C 154 28.42 -45.41 -21.99
N PHE C 155 27.57 -44.50 -22.47
CA PHE C 155 27.55 -44.10 -23.88
C PHE C 155 27.81 -42.61 -23.96
N ASN C 156 28.90 -42.24 -24.62
CA ASN C 156 29.31 -40.85 -24.78
C ASN C 156 29.09 -40.43 -26.23
N ALA C 157 28.28 -39.41 -26.43
CA ALA C 157 27.95 -38.94 -27.78
C ALA C 157 27.34 -37.56 -27.67
N ILE C 158 27.20 -36.91 -28.82
CA ILE C 158 26.52 -35.62 -28.91
C ILE C 158 25.05 -35.95 -29.16
N PHE C 159 24.30 -36.10 -28.08
CA PHE C 159 22.92 -36.55 -28.19
C PHE C 159 22.04 -35.44 -28.73
N GLU C 160 21.04 -35.85 -29.53
CA GLU C 160 20.24 -34.89 -30.27
C GLU C 160 19.27 -34.12 -29.40
N ASP C 161 18.95 -34.65 -28.21
CA ASP C 161 18.07 -33.97 -27.26
C ASP C 161 18.82 -33.88 -25.94
N ALA C 162 19.26 -32.66 -25.60
CA ALA C 162 20.00 -32.48 -24.36
C ALA C 162 19.18 -32.88 -23.14
N LYS C 163 17.87 -32.63 -23.18
CA LYS C 163 17.02 -32.93 -22.02
C LYS C 163 16.96 -34.44 -21.77
N GLU C 164 16.77 -35.23 -22.83
CA GLU C 164 16.67 -36.68 -22.66
C GLU C 164 17.97 -37.26 -22.12
N ALA C 165 19.10 -36.92 -22.73
CA ALA C 165 20.36 -37.51 -22.30
C ALA C 165 20.80 -36.98 -20.95
N SER C 166 20.40 -35.75 -20.60
CA SER C 166 20.70 -35.24 -19.27
C SER C 166 19.85 -35.92 -18.21
N GLU C 167 18.61 -36.27 -18.54
CA GLU C 167 17.79 -37.05 -17.62
C GLU C 167 18.39 -38.43 -17.39
N MET C 168 19.03 -38.99 -18.41
CA MET C 168 19.74 -40.26 -18.29
C MET C 168 21.19 -40.08 -17.86
N ALA C 169 21.53 -38.95 -17.26
CA ALA C 169 22.91 -38.67 -16.91
C ALA C 169 23.41 -39.66 -15.87
N CYS C 170 24.72 -39.87 -15.88
CA CYS C 170 25.32 -40.87 -15.02
C CYS C 170 25.45 -40.35 -13.59
N PRO C 171 25.37 -41.20 -12.57
CA PRO C 171 25.48 -40.71 -11.19
C PRO C 171 26.85 -40.09 -10.93
N GLU C 172 26.82 -38.90 -10.34
CA GLU C 172 28.04 -38.20 -9.96
C GLU C 172 28.53 -38.72 -8.61
N GLU C 173 29.73 -38.26 -8.22
CA GLU C 173 30.30 -38.69 -6.94
C GLU C 173 29.41 -38.25 -5.77
N ASN C 174 28.99 -36.98 -5.77
CA ASN C 174 28.13 -36.50 -4.69
C ASN C 174 26.80 -37.25 -4.69
N GLY C 175 26.24 -37.46 -5.86
CA GLY C 175 24.94 -38.10 -6.00
C GLY C 175 24.25 -37.58 -7.23
N THR C 176 23.02 -38.06 -7.43
CA THR C 176 22.24 -37.62 -8.58
C THR C 176 21.76 -36.18 -8.38
N ILE C 177 21.78 -35.42 -9.47
CA ILE C 177 21.20 -34.07 -9.49
C ILE C 177 19.75 -34.22 -9.95
N CYS C 178 18.80 -34.07 -9.00
CA CYS C 178 17.39 -34.24 -9.34
C CYS C 178 16.92 -33.24 -10.39
N LYS C 179 17.15 -31.95 -10.15
CA LYS C 179 16.59 -30.94 -11.02
C LYS C 179 17.43 -30.79 -12.27
N LEU C 180 16.75 -30.73 -13.42
CA LEU C 180 17.45 -30.53 -14.67
C LEU C 180 18.14 -29.17 -14.69
N GLU C 181 17.56 -28.19 -14.01
CA GLU C 181 18.12 -26.83 -14.02
C GLU C 181 19.52 -26.80 -13.41
N ASP C 182 19.82 -27.73 -12.49
CA ASP C 182 21.13 -27.78 -11.85
C ASP C 182 22.14 -28.65 -12.61
N LYS C 183 21.73 -29.33 -13.67
CA LYS C 183 22.66 -30.07 -14.51
C LYS C 183 23.36 -29.13 -15.48
N GLU C 184 24.34 -29.66 -16.23
CA GLU C 184 25.18 -28.86 -17.09
C GLU C 184 24.69 -28.93 -18.53
N PHE C 185 24.51 -27.77 -19.14
CA PHE C 185 24.03 -27.71 -20.51
C PHE C 185 25.15 -28.16 -21.47
N PRO C 186 24.83 -28.99 -22.49
CA PRO C 186 25.86 -29.54 -23.44
C PRO C 186 26.20 -28.68 -24.66
N ILE C 187 26.98 -27.61 -24.49
CA ILE C 187 27.32 -26.79 -25.64
C ILE C 187 28.58 -25.99 -25.32
N GLU C 188 29.40 -25.78 -26.34
CA GLU C 188 30.59 -24.94 -26.21
C GLU C 188 30.20 -23.47 -26.07
N ASP C 189 31.02 -22.72 -25.33
CA ASP C 189 30.74 -21.31 -25.10
C ASP C 189 30.69 -20.51 -26.40
N ALA C 190 31.51 -20.90 -27.39
CA ALA C 190 31.52 -20.18 -28.65
C ALA C 190 30.21 -20.30 -29.41
N LEU C 191 29.35 -21.23 -29.01
CA LEU C 191 28.03 -21.40 -29.59
C LEU C 191 26.92 -20.89 -28.69
N VAL C 192 27.25 -20.37 -27.51
CA VAL C 192 26.23 -19.91 -26.57
C VAL C 192 25.67 -18.55 -26.97
N PRO C 193 26.48 -17.54 -27.31
CA PRO C 193 25.90 -16.26 -27.70
C PRO C 193 25.01 -16.39 -28.93
N PRO C 194 25.41 -17.13 -29.97
CA PRO C 194 24.47 -17.36 -31.08
C PRO C 194 23.20 -18.06 -30.64
N LEU C 195 23.29 -19.02 -29.73
CA LEU C 195 22.10 -19.74 -29.28
C LEU C 195 21.13 -18.81 -28.57
N ILE C 196 21.66 -17.98 -27.67
CA ILE C 196 20.82 -17.02 -26.98
C ILE C 196 20.22 -16.03 -27.96
N GLU C 197 21.00 -15.57 -28.93
CA GLU C 197 20.48 -14.63 -29.92
C GLU C 197 19.33 -15.25 -30.71
N LEU C 198 19.49 -16.51 -31.14
CA LEU C 198 18.45 -17.15 -31.92
C LEU C 198 17.18 -17.34 -31.09
N VAL C 199 17.32 -17.79 -29.84
CA VAL C 199 16.13 -18.01 -29.02
C VAL C 199 15.44 -16.68 -28.70
N VAL C 200 16.23 -15.65 -28.40
CA VAL C 200 15.64 -14.36 -28.05
C VAL C 200 14.95 -13.76 -29.28
N LYS C 201 15.56 -13.89 -30.45
CA LYS C 201 14.85 -13.48 -31.67
C LYS C 201 13.58 -14.29 -31.88
N GLU C 202 13.60 -15.57 -31.52
CA GLU C 202 12.44 -16.41 -31.75
C GLU C 202 11.26 -15.94 -30.91
N LEU C 203 11.52 -15.55 -29.66
CA LEU C 203 10.44 -15.14 -28.75
C LEU C 203 10.26 -13.63 -28.60
N ARG C 204 11.06 -12.80 -29.25
CA ARG C 204 10.88 -11.35 -29.09
C ARG C 204 9.58 -10.89 -29.73
N GLY C 205 9.33 -11.31 -30.96
CA GLY C 205 8.12 -10.93 -31.66
C GLY C 205 6.87 -11.42 -30.97
N PRO C 206 6.81 -12.73 -30.67
CA PRO C 206 5.66 -13.26 -29.95
C PRO C 206 5.45 -12.64 -28.57
N GLU C 207 6.50 -12.09 -27.96
CA GLU C 207 6.37 -11.55 -26.61
C GLU C 207 5.39 -10.39 -26.57
N TYR C 208 5.41 -9.52 -27.57
CA TYR C 208 4.59 -8.32 -27.60
C TYR C 208 3.35 -8.46 -28.48
N SER C 209 3.02 -9.67 -28.90
CA SER C 209 1.88 -9.85 -29.78
C SER C 209 0.57 -9.77 -29.00
N PRO C 210 -0.54 -9.43 -29.66
CA PRO C 210 -1.82 -9.34 -28.95
C PRO C 210 -2.38 -10.71 -28.61
N LYS C 211 -3.34 -10.72 -27.69
CA LYS C 211 -4.02 -11.93 -27.24
C LYS C 211 -5.52 -11.84 -27.50
N ASP C 212 -6.14 -13.01 -27.58
CA ASP C 212 -7.59 -13.15 -27.57
C ASP C 212 -8.03 -13.05 -26.11
N GLU C 213 -8.18 -11.81 -25.66
CA GLU C 213 -8.25 -11.52 -24.24
C GLU C 213 -9.67 -11.43 -23.70
N ASP C 214 -10.65 -11.03 -24.52
CA ASP C 214 -12.02 -10.94 -24.05
C ASP C 214 -12.68 -12.32 -24.04
N ASN C 215 -13.32 -12.64 -22.93
CA ASN C 215 -14.08 -13.89 -22.80
C ASN C 215 -15.51 -13.61 -23.24
N ASN C 216 -15.72 -13.70 -24.56
CA ASN C 216 -16.99 -13.32 -25.17
C ASN C 216 -17.44 -14.28 -26.25
N ALA C 217 -16.96 -15.53 -26.23
CA ALA C 217 -17.31 -16.52 -27.26
C ALA C 217 -16.99 -16.00 -28.66
N LYS C 218 -15.82 -15.37 -28.79
CA LYS C 218 -15.45 -14.69 -30.02
C LYS C 218 -13.93 -14.74 -30.18
N ASP C 219 -13.49 -14.77 -31.43
CA ASP C 219 -12.08 -14.60 -31.75
C ASP C 219 -11.76 -13.12 -31.84
N ASP C 220 -10.83 -12.66 -30.99
CA ASP C 220 -10.54 -11.24 -30.83
C ASP C 220 -9.17 -10.85 -31.37
N LEU C 221 -8.48 -11.76 -32.07
CA LEU C 221 -7.17 -11.46 -32.62
C LEU C 221 -7.23 -10.58 -33.87
N PRO C 222 -8.22 -10.74 -34.75
CA PRO C 222 -8.32 -9.80 -35.88
C PRO C 222 -8.42 -8.34 -35.47
N ASP C 223 -9.02 -8.05 -34.31
CA ASP C 223 -9.15 -6.69 -33.82
C ASP C 223 -7.95 -6.23 -33.01
N ALA C 224 -6.89 -7.05 -32.91
CA ALA C 224 -5.71 -6.72 -32.13
C ALA C 224 -6.07 -6.45 -30.67
N ARG C 225 -6.86 -7.36 -30.11
CA ARG C 225 -7.31 -7.21 -28.72
C ARG C 225 -6.25 -7.69 -27.75
N MET D 1 -0.82 10.84 11.55
CA MET D 1 -1.83 11.67 12.24
C MET D 1 -2.83 10.79 12.98
N THR D 2 -3.29 11.26 14.14
CA THR D 2 -4.25 10.53 14.95
C THR D 2 -5.66 10.95 14.58
N ASN D 3 -6.65 10.30 15.22
CA ASN D 3 -8.04 10.62 14.94
C ASN D 3 -8.36 12.07 15.30
N LYS D 4 -7.87 12.53 16.46
CA LYS D 4 -8.05 13.93 16.83
C LYS D 4 -7.41 14.85 15.81
N GLU D 5 -6.19 14.52 15.39
CA GLU D 5 -5.52 15.33 14.38
C GLU D 5 -6.23 15.24 13.05
N PHE D 6 -6.75 14.06 12.69
CA PHE D 6 -7.54 13.94 11.47
C PHE D 6 -8.73 14.90 11.49
N SER D 7 -9.51 14.87 12.57
CA SER D 7 -10.69 15.73 12.66
C SER D 7 -10.31 17.20 12.65
N ASP D 8 -9.28 17.58 13.41
CA ASP D 8 -8.89 18.98 13.47
C ASP D 8 -8.38 19.48 12.13
N GLY D 9 -7.55 18.69 11.45
CA GLY D 9 -7.09 19.08 10.12
C GLY D 9 -8.22 19.13 9.12
N PHE D 10 -9.19 18.22 9.24
CA PHE D 10 -10.34 18.25 8.35
C PHE D 10 -11.11 19.55 8.52
N SER D 11 -11.35 19.94 9.78
CA SER D 11 -12.04 21.19 10.05
C SER D 11 -11.24 22.38 9.54
N THR D 12 -9.92 22.39 9.77
CA THR D 12 -9.11 23.51 9.34
C THR D 12 -9.11 23.65 7.83
N LEU D 13 -8.96 22.54 7.11
CA LEU D 13 -8.96 22.58 5.65
C LEU D 13 -10.32 22.97 5.11
N LEU D 14 -11.40 22.58 5.78
CA LEU D 14 -12.74 22.95 5.33
C LEU D 14 -13.15 24.34 5.79
N ASN D 15 -12.32 25.02 6.58
CA ASN D 15 -12.64 26.36 7.08
C ASN D 15 -13.95 26.35 7.88
N SER D 16 -14.11 25.37 8.75
CA SER D 16 -15.32 25.28 9.54
C SER D 16 -15.40 26.44 10.53
N PHE D 17 -16.60 27.00 10.65
CA PHE D 17 -16.90 28.07 11.60
C PHE D 17 -16.07 29.33 11.36
N GLY D 18 -15.57 29.52 10.14
CA GLY D 18 -14.96 30.78 9.75
C GLY D 18 -16.00 31.78 9.28
N ILE D 19 -15.51 32.99 8.98
CA ILE D 19 -16.43 34.04 8.55
C ILE D 19 -16.90 33.83 7.12
N THR D 20 -16.08 33.23 6.27
CA THR D 20 -16.47 33.00 4.89
C THR D 20 -17.43 31.82 4.80
N PRO D 21 -18.18 31.69 3.70
CA PRO D 21 -19.02 30.50 3.53
C PRO D 21 -18.15 29.24 3.54
N ASN D 22 -18.69 28.19 4.16
CA ASN D 22 -17.87 27.03 4.47
C ASN D 22 -18.78 25.83 4.69
N ILE D 23 -18.20 24.71 5.14
CA ILE D 23 -18.89 23.46 5.34
C ILE D 23 -18.48 22.90 6.70
N THR D 24 -19.45 22.44 7.47
CA THR D 24 -19.22 21.80 8.77
C THR D 24 -19.78 20.39 8.73
N LEU D 25 -18.96 19.43 9.16
CA LEU D 25 -19.32 18.02 9.12
C LEU D 25 -19.40 17.45 10.53
N ASP D 26 -20.26 16.45 10.68
CA ASP D 26 -20.27 15.63 11.88
C ASP D 26 -19.11 14.63 11.83
N GLU D 27 -18.71 14.14 13.00
CA GLU D 27 -17.64 13.16 13.04
C GLU D 27 -18.02 11.89 12.29
N TYR D 28 -19.31 11.56 12.21
CA TYR D 28 -19.71 10.44 11.37
C TYR D 28 -19.46 10.73 9.90
N GLU D 29 -19.80 11.94 9.44
CA GLU D 29 -19.54 12.30 8.07
C GLU D 29 -18.04 12.37 7.79
N LYS D 30 -17.27 12.90 8.73
CA LYS D 30 -15.82 12.91 8.59
C LYS D 30 -15.28 11.50 8.46
N SER D 31 -15.77 10.57 9.30
CA SER D 31 -15.33 9.19 9.21
C SER D 31 -15.70 8.57 7.88
N THR D 32 -16.93 8.81 7.41
CA THR D 32 -17.38 8.24 6.16
C THR D 32 -16.51 8.72 5.00
N PHE D 33 -16.27 10.03 4.94
CA PHE D 33 -15.49 10.56 3.83
C PHE D 33 -14.02 10.18 3.93
N LEU D 34 -13.47 10.11 5.14
CA LEU D 34 -12.09 9.64 5.28
C LEU D 34 -11.95 8.20 4.84
N THR D 35 -12.90 7.34 5.22
CA THR D 35 -12.85 5.95 4.79
C THR D 35 -12.99 5.82 3.27
N ASN D 36 -13.92 6.58 2.69
CA ASN D 36 -14.08 6.54 1.24
C ASN D 36 -12.83 7.00 0.53
N ALA D 37 -12.22 8.10 1.00
CA ALA D 37 -10.99 8.58 0.40
C ALA D 37 -9.88 7.55 0.55
N GLN D 38 -9.76 6.94 1.73
CA GLN D 38 -8.73 5.92 1.95
C GLN D 38 -8.87 4.80 0.94
N GLU D 39 -10.07 4.23 0.82
CA GLU D 39 -10.22 3.04 0.00
C GLU D 39 -10.14 3.38 -1.48
N GLN D 40 -10.69 4.52 -1.89
CA GLN D 40 -10.50 4.97 -3.27
C GLN D 40 -9.02 5.13 -3.59
N LEU D 41 -8.28 5.79 -2.70
CA LEU D 41 -6.88 6.07 -2.96
C LEU D 41 -6.08 4.78 -3.09
N ILE D 42 -6.30 3.83 -2.18
CA ILE D 42 -5.49 2.62 -2.24
C ILE D 42 -5.87 1.77 -3.45
N ILE D 43 -7.16 1.74 -3.83
CA ILE D 43 -7.52 0.96 -5.01
C ILE D 43 -6.93 1.60 -6.26
N ASP D 44 -7.00 2.92 -6.38
CA ASP D 44 -6.40 3.61 -7.52
C ASP D 44 -4.89 3.42 -7.55
N ILE D 45 -4.26 3.37 -6.37
CA ILE D 45 -2.82 3.15 -6.30
C ILE D 45 -2.48 1.74 -6.76
N TYR D 46 -3.23 0.75 -6.26
CA TYR D 46 -2.96 -0.63 -6.63
C TYR D 46 -3.13 -0.85 -8.13
N SER D 47 -4.20 -0.30 -8.70
CA SER D 47 -4.41 -0.45 -10.14
C SER D 47 -3.52 0.48 -10.97
N GLY D 48 -2.80 1.40 -10.34
CA GLY D 48 -1.96 2.31 -11.09
C GLY D 48 -2.71 3.35 -11.87
N ARG D 49 -3.96 3.62 -11.51
CA ARG D 49 -4.81 4.56 -12.22
C ARG D 49 -4.78 5.97 -11.65
N ASN D 50 -4.06 6.19 -10.57
CA ASN D 50 -3.92 7.54 -10.04
C ASN D 50 -2.99 8.34 -10.94
N ILE D 51 -3.52 9.42 -11.53
CA ILE D 51 -2.69 10.22 -12.43
C ILE D 51 -1.57 10.91 -11.66
N ILE D 52 -1.81 11.24 -10.39
CA ILE D 52 -0.78 11.91 -9.59
C ILE D 52 0.42 11.00 -9.41
N TYR D 53 0.18 9.78 -8.91
CA TYR D 53 1.25 8.80 -8.77
C TYR D 53 1.56 8.10 -10.09
N GLY D 54 0.55 7.48 -10.68
CA GLY D 54 0.75 6.73 -11.92
C GLY D 54 1.65 5.53 -11.75
N LYS D 55 1.63 4.90 -10.58
CA LYS D 55 2.47 3.73 -10.30
C LYS D 55 1.62 2.64 -9.67
N SER D 56 2.07 1.40 -9.87
CA SER D 56 1.29 0.21 -9.50
C SER D 56 1.64 -0.19 -8.06
N PHE D 57 1.25 -1.42 -7.68
CA PHE D 57 1.22 -1.83 -6.28
C PHE D 57 2.59 -1.70 -5.61
N GLU D 58 3.65 -2.15 -6.28
CA GLU D 58 5.00 -2.10 -5.72
C GLU D 58 5.98 -1.61 -6.76
N GLN D 59 5.53 -0.67 -7.59
CA GLN D 59 6.34 -0.21 -8.71
C GLN D 59 7.42 0.78 -8.29
N THR D 60 7.30 1.39 -7.11
CA THR D 60 8.33 2.29 -6.61
C THR D 60 8.35 2.20 -5.09
N GLU D 61 9.38 2.84 -4.49
CA GLU D 61 9.48 2.85 -3.04
C GLU D 61 8.33 3.60 -2.41
N GLU D 62 7.86 4.68 -3.03
CA GLU D 62 6.77 5.45 -2.48
C GLU D 62 5.53 4.59 -2.28
N ILE D 63 5.15 3.83 -3.31
CA ILE D 63 3.95 3.01 -3.19
C ILE D 63 4.17 1.86 -2.22
N ARG D 64 5.37 1.31 -2.15
CA ARG D 64 5.67 0.32 -1.12
C ARG D 64 5.39 0.89 0.27
N ARG D 65 5.95 2.07 0.53
CA ARG D 65 5.78 2.72 1.83
C ARG D 65 4.34 3.13 2.10
N TYR D 66 3.53 3.29 1.05
CA TYR D 66 2.11 3.60 1.26
C TYR D 66 1.33 2.36 1.68
N LEU D 67 1.30 1.33 0.83
CA LEU D 67 0.48 0.15 1.05
C LEU D 67 1.25 -0.99 1.71
N SER D 68 2.33 -0.70 2.43
CA SER D 68 3.07 -1.76 3.10
C SER D 68 2.23 -2.43 4.18
N ASN D 69 1.33 -1.69 4.82
CA ASN D 69 0.63 -2.17 6.01
C ASN D 69 -0.65 -2.94 5.69
N LEU D 70 -0.97 -3.16 4.42
CA LEU D 70 -2.08 -4.03 4.04
C LEU D 70 -1.63 -5.42 3.60
N VAL D 71 -0.33 -5.63 3.42
CA VAL D 71 0.18 -6.87 2.86
C VAL D 71 0.17 -7.93 3.97
N GLU D 72 -0.68 -8.94 3.81
CA GLU D 72 -0.86 -10.00 4.79
C GLU D 72 -0.59 -11.35 4.14
N THR D 73 0.11 -12.22 4.86
CA THR D 73 0.47 -13.54 4.38
C THR D 73 -0.45 -14.58 5.02
N TYR D 74 -0.75 -15.64 4.27
CA TYR D 74 -1.74 -16.63 4.69
C TYR D 74 -1.30 -18.03 4.27
N GLU D 75 -1.61 -19.01 5.12
CA GLU D 75 -1.25 -20.40 4.91
C GLU D 75 -2.45 -21.28 5.22
N THR D 76 -2.65 -22.32 4.42
CA THR D 76 -3.77 -23.23 4.65
C THR D 76 -3.45 -24.59 4.04
N SER D 77 -3.83 -25.64 4.75
CA SER D 77 -3.70 -27.01 4.27
C SER D 77 -5.04 -27.74 4.15
N THR D 78 -6.14 -27.12 4.58
CA THR D 78 -7.46 -27.75 4.51
C THR D 78 -8.05 -27.55 3.13
N LYS D 79 -8.73 -28.57 2.64
CA LYS D 79 -9.37 -28.54 1.32
C LYS D 79 -10.88 -28.71 1.49
N VAL D 80 -11.65 -27.90 0.77
CA VAL D 80 -13.10 -28.04 0.76
C VAL D 80 -13.47 -29.25 -0.08
N THR D 81 -14.31 -30.12 0.49
CA THR D 81 -14.55 -31.43 -0.13
C THR D 81 -15.63 -31.38 -1.20
N GLY D 82 -16.84 -30.96 -0.85
CA GLY D 82 -17.95 -31.04 -1.78
C GLY D 82 -18.09 -29.81 -2.65
N LYS D 83 -17.49 -29.86 -3.85
CA LYS D 83 -17.60 -28.80 -4.84
C LYS D 83 -17.45 -29.43 -6.21
N LEU D 84 -18.04 -28.78 -7.21
CA LEU D 84 -18.03 -29.26 -8.58
C LEU D 84 -17.06 -28.40 -9.38
N GLY D 85 -16.02 -29.03 -9.94
CA GLY D 85 -14.96 -28.35 -10.64
C GLY D 85 -14.93 -28.67 -12.12
N LEU D 86 -13.92 -28.09 -12.79
CA LEU D 86 -13.73 -28.25 -14.21
C LEU D 86 -12.71 -29.33 -14.56
N SER D 87 -12.27 -30.12 -13.58
CA SER D 87 -11.35 -31.22 -13.85
C SER D 87 -11.39 -32.18 -12.69
N LYS D 88 -10.97 -33.42 -12.95
CA LYS D 88 -10.90 -34.42 -11.89
C LYS D 88 -9.89 -34.03 -10.83
N ASP D 89 -8.72 -33.55 -11.25
CA ASP D 89 -7.64 -33.19 -10.32
C ASP D 89 -7.75 -31.72 -9.91
N SER D 90 -8.89 -31.38 -9.33
CA SER D 90 -9.20 -30.03 -8.87
C SER D 90 -9.43 -30.05 -7.37
N VAL D 91 -8.70 -29.22 -6.64
CA VAL D 91 -8.86 -29.05 -5.20
C VAL D 91 -9.25 -27.61 -4.92
N PHE D 92 -10.04 -27.41 -3.87
CA PHE D 92 -10.61 -26.13 -3.53
C PHE D 92 -10.12 -25.70 -2.15
N PHE D 93 -9.72 -24.44 -2.04
CA PHE D 93 -9.22 -23.86 -0.80
C PHE D 93 -10.02 -22.61 -0.47
N GLU D 94 -10.29 -22.39 0.81
CA GLU D 94 -10.97 -21.18 1.25
C GLU D 94 -10.03 -19.97 1.16
N ILE D 95 -10.64 -18.81 0.97
CA ILE D 95 -9.94 -17.53 0.97
C ILE D 95 -10.14 -16.91 2.35
N PRO D 96 -9.19 -16.13 2.87
CA PRO D 96 -9.37 -15.59 4.23
C PRO D 96 -10.60 -14.71 4.44
N GLN D 97 -11.30 -14.29 3.38
CA GLN D 97 -12.52 -13.51 3.39
C GLN D 97 -12.27 -12.04 3.69
N ASP D 98 -11.05 -11.63 4.07
CA ASP D 98 -10.67 -10.23 4.15
C ASP D 98 -9.77 -9.81 3.00
N THR D 99 -9.58 -10.67 2.01
CA THR D 99 -8.69 -10.36 0.90
C THR D 99 -9.30 -9.29 0.01
N TRP D 100 -8.44 -8.43 -0.54
CA TRP D 100 -8.83 -7.48 -1.57
C TRP D 100 -8.28 -7.88 -2.94
N PHE D 101 -6.97 -8.11 -3.02
CA PHE D 101 -6.33 -8.56 -4.25
C PHE D 101 -5.21 -9.49 -3.86
N ILE D 102 -5.11 -10.63 -4.53
CA ILE D 102 -4.02 -11.58 -4.29
C ILE D 102 -2.83 -11.14 -5.12
N THR D 103 -1.68 -10.96 -4.47
CA THR D 103 -0.48 -10.46 -5.10
C THR D 103 0.62 -11.50 -5.21
N TYR D 104 0.78 -12.36 -4.22
CA TYR D 104 1.63 -13.53 -4.31
C TYR D 104 0.80 -14.74 -3.93
N GLU D 105 1.00 -15.83 -4.67
CA GLU D 105 0.17 -17.01 -4.49
C GLU D 105 0.99 -18.19 -4.97
N VAL D 106 1.40 -19.05 -4.04
CA VAL D 106 2.23 -20.20 -4.35
C VAL D 106 1.67 -21.42 -3.63
N ALA D 107 2.03 -22.61 -4.13
CA ALA D 107 1.45 -23.87 -3.67
C ALA D 107 2.53 -24.93 -3.55
N PHE D 108 2.66 -25.50 -2.36
CA PHE D 108 3.58 -26.61 -2.14
C PHE D 108 2.89 -27.93 -2.47
N LEU D 109 3.64 -28.86 -3.05
CA LEU D 109 3.10 -30.12 -3.55
C LEU D 109 3.71 -31.28 -2.79
N LYS D 110 2.88 -32.26 -2.44
CA LYS D 110 3.33 -33.50 -1.82
C LYS D 110 2.77 -34.66 -2.62
N ASP D 111 3.62 -35.31 -3.41
CA ASP D 111 3.20 -36.49 -4.16
C ASP D 111 4.42 -37.38 -4.35
N SER D 112 4.17 -38.69 -4.47
CA SER D 112 5.26 -39.64 -4.68
C SER D 112 5.78 -39.59 -6.10
N ARG D 113 4.92 -39.26 -7.06
CA ARG D 113 5.27 -39.38 -8.47
C ARG D 113 6.47 -38.52 -8.84
N LEU D 114 6.56 -37.31 -8.29
CA LEU D 114 7.71 -36.44 -8.49
C LEU D 114 8.79 -36.79 -7.46
N GLY D 115 9.45 -37.91 -7.70
CA GLY D 115 10.36 -38.47 -6.72
C GLY D 115 11.64 -37.66 -6.59
N CYS D 116 12.03 -37.37 -5.34
CA CYS D 116 13.24 -36.65 -4.91
C CYS D 116 13.08 -35.15 -5.15
N LEU D 117 11.94 -34.73 -5.70
CA LEU D 117 11.56 -33.33 -5.78
C LEU D 117 10.37 -33.04 -4.87
N ASP D 118 10.07 -33.94 -3.94
CA ASP D 118 8.88 -33.84 -3.11
C ASP D 118 8.95 -32.59 -2.24
N GLY D 119 7.78 -32.01 -1.96
CA GLY D 119 7.75 -30.75 -1.26
C GLY D 119 8.15 -29.57 -2.12
N ILE D 120 7.92 -29.64 -3.43
CA ILE D 120 8.30 -28.58 -4.35
C ILE D 120 7.31 -27.43 -4.26
N GLU D 121 7.84 -26.23 -4.10
CA GLU D 121 7.03 -25.03 -4.20
C GLU D 121 6.63 -24.83 -5.65
N ALA D 122 5.36 -24.52 -5.90
CA ALA D 122 4.83 -24.45 -7.25
C ALA D 122 4.11 -23.12 -7.46
N SER D 123 4.33 -22.52 -8.63
CA SER D 123 3.81 -21.19 -8.93
C SER D 123 2.35 -21.30 -9.33
N VAL D 124 1.47 -20.72 -8.53
CA VAL D 124 0.05 -20.67 -8.87
C VAL D 124 -0.15 -19.60 -9.92
N VAL D 125 -0.58 -20.00 -11.11
CA VAL D 125 -0.81 -19.09 -12.23
C VAL D 125 -2.30 -18.83 -12.33
N PRO D 126 -2.78 -17.62 -12.08
CA PRO D 126 -4.21 -17.33 -12.33
C PRO D 126 -4.51 -17.37 -13.81
N LEU D 127 -5.41 -18.27 -14.22
CA LEU D 127 -5.66 -18.55 -15.61
C LEU D 127 -7.13 -18.26 -15.93
N PRO D 128 -7.45 -17.51 -16.98
CA PRO D 128 -8.86 -17.34 -17.35
C PRO D 128 -9.45 -18.64 -17.88
N GLN D 129 -10.79 -18.66 -17.96
CA GLN D 129 -11.50 -19.85 -18.39
C GLN D 129 -11.44 -20.09 -19.89
N ASP D 130 -11.15 -19.05 -20.69
CA ASP D 130 -10.94 -19.27 -22.12
C ASP D 130 -9.77 -20.22 -22.34
N ASP D 131 -8.69 -20.03 -21.59
CA ASP D 131 -7.46 -20.77 -21.81
C ASP D 131 -7.46 -22.14 -21.14
N LEU D 132 -8.45 -22.44 -20.29
CA LEU D 132 -8.38 -23.64 -19.48
C LEU D 132 -8.34 -24.90 -20.34
N TYR D 133 -9.24 -25.00 -21.33
CA TYR D 133 -9.27 -26.21 -22.12
C TYR D 133 -7.98 -26.40 -22.89
N ARG D 134 -7.47 -25.34 -23.51
CA ARG D 134 -6.25 -25.42 -24.28
C ARG D 134 -5.00 -25.28 -23.43
N ALA D 135 -5.15 -25.11 -22.11
CA ALA D 135 -4.02 -25.11 -21.19
C ALA D 135 -3.92 -26.38 -20.35
N LYS D 136 -4.99 -27.17 -20.26
CA LYS D 136 -4.91 -28.42 -19.52
C LYS D 136 -3.86 -29.35 -20.10
N ASP D 137 -3.83 -29.47 -21.43
CA ASP D 137 -2.87 -30.32 -22.13
C ASP D 137 -1.58 -29.58 -22.47
N ASN D 138 -1.50 -28.29 -22.21
CA ASN D 138 -0.30 -27.53 -22.57
C ASN D 138 0.85 -27.95 -21.67
N PRO D 139 1.98 -28.43 -22.21
CA PRO D 139 3.10 -28.82 -21.34
C PRO D 139 3.99 -27.66 -20.93
N PHE D 140 3.73 -26.45 -21.42
CA PHE D 140 4.52 -25.27 -21.10
C PHE D 140 3.77 -24.26 -20.25
N ARG D 141 2.43 -24.26 -20.31
CA ARG D 141 1.61 -23.34 -19.55
C ARG D 141 0.55 -24.06 -18.72
N GLY D 142 0.45 -25.39 -18.81
CA GLY D 142 -0.53 -26.14 -18.08
C GLY D 142 -0.01 -26.57 -16.72
N PRO D 143 -0.82 -27.37 -16.01
CA PRO D 143 -0.36 -27.87 -14.71
C PRO D 143 0.86 -28.77 -14.86
N SER D 144 1.75 -28.67 -13.90
CA SER D 144 2.98 -29.46 -13.89
C SER D 144 3.59 -29.37 -12.49
N LYS D 145 4.81 -29.88 -12.34
CA LYS D 145 5.48 -29.87 -11.06
C LYS D 145 5.87 -28.47 -10.60
N ASP D 146 6.02 -27.53 -11.53
CA ASP D 146 6.45 -26.17 -11.23
C ASP D 146 5.41 -25.13 -11.56
N ARG D 147 4.14 -25.51 -11.64
CA ARG D 147 3.10 -24.59 -12.10
C ARG D 147 1.73 -25.17 -11.80
N VAL D 148 0.85 -24.36 -11.23
CA VAL D 148 -0.50 -24.76 -10.85
C VAL D 148 -1.46 -23.69 -11.34
N LEU D 149 -2.64 -24.10 -11.81
CA LEU D 149 -3.67 -23.20 -12.31
C LEU D 149 -4.71 -22.97 -11.23
N ARG D 150 -4.98 -21.70 -10.93
CA ARG D 150 -5.99 -21.30 -9.97
C ARG D 150 -7.13 -20.58 -10.68
N LEU D 151 -8.35 -21.07 -10.48
CA LEU D 151 -9.55 -20.43 -11.01
C LEU D 151 -10.42 -19.99 -9.85
N ASP D 152 -10.90 -18.76 -9.91
CA ASP D 152 -11.78 -18.22 -8.88
C ASP D 152 -13.19 -18.76 -9.07
N ILE D 153 -13.81 -19.20 -7.98
CA ILE D 153 -15.20 -19.66 -8.00
C ILE D 153 -15.95 -19.02 -6.84
N LYS D 154 -17.23 -19.34 -6.73
CA LYS D 154 -18.12 -18.66 -5.82
C LYS D 154 -17.77 -18.98 -4.37
N SER D 155 -18.37 -18.22 -3.45
CA SER D 155 -18.24 -18.44 -2.01
C SER D 155 -16.80 -18.25 -1.54
N ASP D 156 -16.05 -17.37 -2.20
CA ASP D 156 -14.68 -17.04 -1.80
C ASP D 156 -13.81 -18.31 -1.76
N LEU D 157 -13.65 -18.91 -2.93
CA LEU D 157 -12.91 -20.16 -3.08
C LEU D 157 -11.88 -19.99 -4.19
N ALA D 158 -10.92 -20.90 -4.19
CA ALA D 158 -9.85 -20.93 -5.20
C ALA D 158 -9.69 -22.37 -5.67
N GLU D 159 -10.03 -22.62 -6.93
CA GLU D 159 -9.96 -23.96 -7.51
C GLU D 159 -8.57 -24.15 -8.09
N LEU D 160 -7.74 -24.94 -7.42
CA LEU D 160 -6.37 -25.20 -7.86
C LEU D 160 -6.36 -26.47 -8.70
N ILE D 161 -6.01 -26.33 -9.97
CA ILE D 161 -5.86 -27.45 -10.89
C ILE D 161 -4.39 -27.80 -10.97
N SER D 162 -4.03 -29.00 -10.54
CA SER D 162 -2.65 -29.46 -10.52
C SER D 162 -2.58 -30.88 -11.05
N LYS D 163 -1.43 -31.22 -11.65
CA LYS D 163 -1.20 -32.60 -12.08
C LYS D 163 -0.81 -33.48 -10.90
N TYR D 164 -0.19 -32.88 -9.88
CA TYR D 164 0.20 -33.55 -8.66
C TYR D 164 -0.64 -33.08 -7.49
N ASN D 165 -0.61 -33.85 -6.41
CA ASN D 165 -1.38 -33.51 -5.22
C ASN D 165 -0.87 -32.23 -4.59
N VAL D 166 -1.79 -31.38 -4.16
CA VAL D 166 -1.47 -30.10 -3.53
C VAL D 166 -1.68 -30.26 -2.03
N ASP D 167 -0.62 -30.07 -1.26
CA ASP D 167 -0.68 -30.22 0.19
C ASP D 167 -0.94 -28.90 0.91
N LYS D 168 -0.25 -27.85 0.52
CA LYS D 168 -0.29 -26.56 1.21
C LYS D 168 -0.49 -25.44 0.20
N TYR D 169 -1.15 -24.38 0.64
CA TYR D 169 -1.48 -23.25 -0.22
C TYR D 169 -1.11 -21.95 0.51
N LEU D 170 -0.16 -21.22 -0.05
CA LEU D 170 0.38 -20.01 0.54
C LEU D 170 -0.06 -18.79 -0.25
N MET D 171 -0.33 -17.68 0.45
CA MET D 171 -0.82 -16.45 -0.16
C MET D 171 -0.16 -15.25 0.49
N ARG D 172 -0.10 -14.16 -0.27
CA ARG D 172 0.21 -12.83 0.27
C ARG D 172 -0.66 -11.82 -0.48
N TYR D 173 -1.67 -11.30 0.19
CA TYR D 173 -2.70 -10.48 -0.42
C TYR D 173 -2.71 -9.09 0.21
N ILE D 174 -3.54 -8.22 -0.36
CA ILE D 174 -3.83 -6.91 0.21
C ILE D 174 -5.10 -7.06 1.05
N SER D 175 -5.05 -6.62 2.30
CA SER D 175 -6.15 -6.83 3.22
C SER D 175 -7.14 -5.65 3.17
N GLN D 176 -8.33 -5.91 3.71
CA GLN D 176 -9.26 -4.83 4.03
C GLN D 176 -8.57 -3.87 5.00
N PRO D 177 -8.40 -2.60 4.65
CA PRO D 177 -7.90 -1.66 5.66
C PRO D 177 -8.94 -1.41 6.73
N THR D 178 -8.47 -1.17 7.94
CA THR D 178 -9.38 -0.79 9.01
C THR D 178 -9.96 0.59 8.69
N PRO D 179 -11.26 0.80 8.94
CA PRO D 179 -11.84 2.11 8.61
C PRO D 179 -11.27 3.20 9.52
N ILE D 180 -11.41 4.44 9.06
CA ILE D 180 -11.00 5.61 9.83
C ILE D 180 -12.25 6.12 10.52
N ILE D 181 -12.42 5.73 11.78
CA ILE D 181 -13.56 6.12 12.60
C ILE D 181 -13.03 7.03 13.70
N LEU D 182 -13.53 8.26 13.74
CA LEU D 182 -13.02 9.27 14.64
C LEU D 182 -13.73 9.32 15.99
N VAL D 183 -14.81 8.57 16.16
CA VAL D 183 -15.58 8.58 17.40
C VAL D 183 -16.30 7.25 17.55
N ASP D 184 -16.53 6.85 18.80
CA ASP D 184 -17.34 5.67 19.07
C ASP D 184 -18.77 5.95 18.62
N LEU D 185 -19.17 5.34 17.51
CA LEU D 185 -20.45 5.69 16.90
C LEU D 185 -21.61 5.15 17.75
N PRO D 186 -22.78 5.81 17.70
CA PRO D 186 -23.93 5.29 18.47
C PRO D 186 -24.35 3.90 18.01
N ASP D 187 -25.33 3.32 18.72
CA ASP D 187 -25.83 2.01 18.33
C ASP D 187 -26.47 2.07 16.95
N GLY D 188 -26.26 1.02 16.17
CA GLY D 188 -26.82 0.93 14.84
C GLY D 188 -25.83 1.36 13.77
N LEU D 189 -25.08 2.42 14.05
CA LEU D 189 -24.12 2.93 13.08
C LEU D 189 -22.84 2.10 13.08
N SER D 190 -22.16 2.10 11.94
CA SER D 190 -20.91 1.39 11.78
C SER D 190 -20.33 1.75 10.41
N ILE D 191 -19.01 1.59 10.29
CA ILE D 191 -18.31 1.70 9.02
C ILE D 191 -17.53 0.41 8.85
N ASN D 192 -17.82 -0.34 7.78
CA ASN D 192 -17.22 -1.65 7.55
C ASN D 192 -17.46 -2.57 8.75
N GLY D 193 -18.62 -2.45 9.37
CA GLY D 193 -18.97 -3.30 10.49
C GLY D 193 -18.27 -2.95 11.79
N VAL D 194 -17.58 -1.83 11.86
CA VAL D 194 -16.86 -1.40 13.05
C VAL D 194 -17.57 -0.19 13.64
N SER D 195 -17.85 -0.24 14.94
CA SER D 195 -18.58 0.83 15.62
C SER D 195 -17.70 1.71 16.49
N THR D 196 -16.56 1.21 16.95
CA THR D 196 -15.68 1.96 17.85
C THR D 196 -14.68 2.76 17.03
N GLU D 197 -13.80 3.49 17.73
CA GLU D 197 -12.75 4.24 17.05
C GLU D 197 -11.80 3.28 16.34
N SER D 198 -11.34 3.68 15.16
CA SER D 198 -10.45 2.86 14.35
C SER D 198 -9.44 3.78 13.67
N GLU D 199 -8.17 3.63 14.04
CA GLU D 199 -7.11 4.45 13.47
C GLU D 199 -6.62 3.86 12.15
N CYS D 200 -6.22 4.75 11.24
CA CYS D 200 -5.66 4.29 9.97
C CYS D 200 -4.36 3.53 10.21
N GLU D 201 -4.25 2.34 9.63
CA GLU D 201 -3.10 1.50 9.84
C GLU D 201 -1.97 1.75 8.85
N LEU D 202 -2.21 2.54 7.79
CA LEU D 202 -1.17 2.88 6.85
C LEU D 202 -0.16 3.83 7.48
N ASN D 203 0.85 4.20 6.71
CA ASN D 203 1.88 5.09 7.21
C ASN D 203 1.39 6.54 7.20
N PRO D 204 1.95 7.40 8.04
CA PRO D 204 1.55 8.82 8.01
C PRO D 204 1.82 9.54 6.70
N VAL D 205 2.67 8.98 5.83
CA VAL D 205 2.96 9.65 4.55
C VAL D 205 1.69 9.87 3.76
N VAL D 206 0.80 8.88 3.72
CA VAL D 206 -0.39 8.93 2.89
C VAL D 206 -1.60 9.47 3.64
N HIS D 207 -1.48 9.73 4.95
CA HIS D 207 -2.61 10.25 5.70
C HIS D 207 -3.03 11.62 5.19
N ARG D 208 -2.08 12.48 4.84
CA ARG D 208 -2.45 13.81 4.39
C ARG D 208 -3.05 13.78 2.98
N ALA D 209 -2.57 12.89 2.12
CA ALA D 209 -3.24 12.70 0.83
C ALA D 209 -4.66 12.20 1.03
N ILE D 210 -4.85 11.27 1.98
CA ILE D 210 -6.19 10.79 2.29
C ILE D 210 -7.05 11.93 2.79
N LEU D 211 -6.49 12.81 3.63
CA LEU D 211 -7.25 13.94 4.13
C LEU D 211 -7.66 14.88 3.00
N GLU D 212 -6.74 15.15 2.07
CA GLU D 212 -7.08 16.03 0.94
C GLU D 212 -8.19 15.41 0.09
N ARG D 213 -8.08 14.11 -0.20
CA ARG D 213 -9.12 13.48 -1.01
C ARG D 213 -10.45 13.46 -0.27
N ALA D 214 -10.43 13.23 1.05
CA ALA D 214 -11.66 13.25 1.82
C ALA D 214 -12.30 14.63 1.80
N VAL D 215 -11.49 15.68 1.91
CA VAL D 215 -12.02 17.04 1.84
C VAL D 215 -12.66 17.28 0.48
N GLN D 216 -11.98 16.87 -0.59
CA GLN D 216 -12.55 17.06 -1.93
C GLN D 216 -13.86 16.30 -2.07
N LEU D 217 -13.93 15.09 -1.53
CA LEU D 217 -15.18 14.34 -1.57
C LEU D 217 -16.27 15.05 -0.78
N ALA D 218 -15.91 15.69 0.33
CA ALA D 218 -16.90 16.43 1.10
C ALA D 218 -17.49 17.58 0.29
N ILE D 219 -16.61 18.37 -0.35
CA ILE D 219 -17.12 19.49 -1.15
C ILE D 219 -17.95 18.97 -2.31
N ILE D 220 -17.55 17.85 -2.91
CA ILE D 220 -18.35 17.27 -3.98
C ILE D 220 -19.72 16.87 -3.46
N SER D 221 -19.77 16.28 -2.26
CA SER D 221 -21.05 15.85 -1.70
C SER D 221 -21.97 17.03 -1.44
N LYS D 222 -21.42 18.12 -0.90
CA LYS D 222 -22.25 19.29 -0.62
C LYS D 222 -22.52 20.16 -1.85
N THR D 223 -21.79 19.97 -2.94
CA THR D 223 -21.85 20.85 -4.10
C THR D 223 -21.96 20.04 -5.39
N GLN D 224 -22.91 19.10 -5.41
CA GLN D 224 -23.20 18.32 -6.61
C GLN D 224 -24.55 18.64 -7.22
N LEU D 225 -25.39 19.42 -6.54
CA LEU D 225 -26.67 19.86 -7.08
C LEU D 225 -26.76 21.37 -7.28
N THR D 226 -25.92 22.15 -6.62
CA THR D 226 -25.94 23.60 -6.78
C THR D 226 -25.28 23.99 -8.09
N MET E 1 -28.04 58.32 38.06
CA MET E 1 -29.02 59.24 38.71
C MET E 1 -30.00 58.44 39.58
N ASN E 2 -30.21 58.91 40.81
CA ASN E 2 -31.02 58.16 41.77
C ASN E 2 -32.51 58.42 41.55
N VAL E 3 -33.33 57.69 42.32
CA VAL E 3 -34.78 57.72 42.17
C VAL E 3 -35.35 59.12 42.35
N ASN E 4 -34.82 59.89 43.30
CA ASN E 4 -35.27 61.26 43.47
C ASN E 4 -35.06 62.06 42.19
N GLU E 5 -33.92 61.87 41.54
CA GLU E 5 -33.64 62.59 40.32
C GLU E 5 -34.53 62.12 39.17
N PHE E 6 -34.80 60.81 39.08
CA PHE E 6 -35.81 60.36 38.12
C PHE E 6 -37.14 61.08 38.33
N SER E 7 -37.64 61.11 39.56
CA SER E 7 -38.96 61.73 39.77
C SER E 7 -38.93 63.23 39.49
N ASN E 8 -37.88 63.92 39.94
CA ASN E 8 -37.81 65.37 39.74
C ASN E 8 -37.73 65.70 38.26
N GLU E 9 -36.81 65.07 37.53
CA GLU E 9 -36.69 65.36 36.11
C GLU E 9 -37.92 64.86 35.33
N PHE E 10 -38.59 63.83 35.83
CA PHE E 10 -39.84 63.40 35.20
C PHE E 10 -40.88 64.49 35.29
N ASP E 11 -41.02 65.10 36.47
CA ASP E 11 -41.92 66.24 36.61
C ASP E 11 -41.50 67.38 35.68
N VAL E 12 -40.20 67.66 35.64
CA VAL E 12 -39.69 68.78 34.82
C VAL E 12 -40.06 68.56 33.36
N LEU E 13 -39.84 67.35 32.85
CA LEU E 13 -40.10 67.06 31.45
C LEU E 13 -41.58 66.88 31.16
N TYR E 14 -42.40 66.57 32.17
CA TYR E 14 -43.80 66.23 31.93
C TYR E 14 -44.71 67.44 32.02
N ASN E 15 -44.73 68.13 33.17
CA ASN E 15 -45.76 69.12 33.42
C ASN E 15 -45.29 70.43 34.03
N ASN E 16 -44.01 70.59 34.35
CA ASN E 16 -43.55 71.85 34.94
C ASN E 16 -43.22 72.92 33.90
N ILE E 17 -43.09 72.55 32.63
CA ILE E 17 -42.83 73.50 31.57
C ILE E 17 -44.01 73.62 30.60
N MET E 18 -44.88 72.62 30.52
CA MET E 18 -45.95 72.65 29.55
C MET E 18 -46.92 73.79 29.83
N SER E 19 -47.42 74.40 28.75
CA SER E 19 -48.20 75.62 28.84
C SER E 19 -49.46 75.43 29.67
N ASN E 20 -50.38 74.60 29.19
CA ASN E 20 -51.60 74.29 29.94
C ASN E 20 -51.34 73.03 30.75
N ALA E 21 -50.63 73.21 31.86
CA ALA E 21 -50.05 72.10 32.60
C ALA E 21 -51.12 71.10 33.03
N ALA E 22 -50.78 69.82 32.89
CA ALA E 22 -51.67 68.72 33.23
C ALA E 22 -51.47 68.34 34.68
N PRO E 23 -52.40 67.57 35.25
CA PRO E 23 -52.21 67.12 36.64
C PRO E 23 -50.92 66.32 36.81
N GLY E 24 -50.24 66.56 37.92
CA GLY E 24 -49.03 65.81 38.20
C GLY E 24 -49.34 64.35 38.48
N LEU E 25 -48.35 63.50 38.17
CA LEU E 25 -48.53 62.07 38.31
C LEU E 25 -48.15 61.61 39.71
N ASN E 26 -48.90 60.64 40.22
CA ASN E 26 -48.59 60.02 41.50
C ASN E 26 -47.32 59.19 41.38
N GLU E 27 -46.63 59.02 42.51
CA GLU E 27 -45.35 58.29 42.48
C GLU E 27 -45.55 56.84 42.06
N TYR E 28 -46.70 56.24 42.36
CA TYR E 28 -46.97 54.91 41.83
C TYR E 28 -47.04 54.93 40.32
N GLU E 29 -47.72 55.93 39.75
CA GLU E 29 -47.81 56.03 38.30
C GLU E 29 -46.44 56.25 37.68
N LYS E 30 -45.63 57.13 38.27
CA LYS E 30 -44.29 57.37 37.75
C LYS E 30 -43.44 56.12 37.82
N SER E 31 -43.51 55.38 38.94
CA SER E 31 -42.74 54.15 39.07
C SER E 31 -43.19 53.11 38.04
N VAL E 32 -44.50 53.00 37.84
CA VAL E 32 -45.03 52.07 36.84
C VAL E 32 -44.50 52.42 35.46
N LEU E 33 -44.59 53.69 35.09
CA LEU E 33 -44.15 54.09 33.76
C LEU E 33 -42.65 53.93 33.59
N LEU E 34 -41.88 54.19 34.65
CA LEU E 34 -40.44 53.99 34.57
C LEU E 34 -40.08 52.52 34.39
N THR E 35 -40.76 51.63 35.11
CA THR E 35 -40.49 50.20 34.96
C THR E 35 -40.88 49.72 33.56
N LYS E 36 -42.04 50.15 33.07
CA LYS E 36 -42.45 49.78 31.73
C LYS E 36 -41.47 50.30 30.69
N ALA E 37 -41.01 51.54 30.84
CA ALA E 37 -40.02 52.10 29.93
C ALA E 37 -38.71 51.32 30.01
N GLN E 38 -38.34 50.87 31.21
CA GLN E 38 -37.12 50.09 31.37
C GLN E 38 -37.18 48.81 30.57
N GLU E 39 -38.26 48.04 30.76
CA GLU E 39 -38.41 46.79 30.01
C GLU E 39 -38.48 47.07 28.50
N GLU E 40 -39.22 48.11 28.11
CA GLU E 40 -39.33 48.44 26.69
C GLU E 40 -37.96 48.78 26.10
N ILE E 41 -37.17 49.59 26.80
CA ILE E 41 -35.87 49.98 26.29
C ILE E 41 -34.98 48.75 26.15
N VAL E 42 -35.01 47.86 27.15
CA VAL E 42 -34.19 46.65 27.08
C VAL E 42 -34.58 45.82 25.85
N LYS E 43 -35.88 45.62 25.65
CA LYS E 43 -36.32 44.79 24.52
C LYS E 43 -36.05 45.47 23.19
N ASN E 44 -36.17 46.80 23.12
CA ASN E 44 -35.81 47.51 21.89
C ASN E 44 -34.34 47.32 21.58
N TYR E 45 -33.48 47.43 22.59
CA TYR E 45 -32.05 47.45 22.35
C TYR E 45 -31.45 46.07 22.16
N PHE E 46 -32.13 45.01 22.63
CA PHE E 46 -31.60 43.68 22.40
C PHE E 46 -31.73 43.28 20.94
N GLU E 47 -32.85 43.64 20.31
CA GLU E 47 -33.15 43.26 18.93
C GLU E 47 -32.74 44.37 17.98
N PRO E 48 -31.94 44.12 16.93
CA PRO E 48 -31.60 45.22 16.01
C PRO E 48 -32.80 45.85 15.35
N ALA E 49 -33.81 45.07 14.97
CA ALA E 49 -34.97 45.63 14.29
C ALA E 49 -35.84 46.47 15.21
N GLY E 50 -35.67 46.36 16.53
CA GLY E 50 -36.51 47.08 17.47
C GLY E 50 -36.15 48.54 17.68
N ASN E 51 -34.99 48.98 17.22
CA ASN E 51 -34.55 50.36 17.38
C ASN E 51 -34.13 50.92 16.02
N LYS E 52 -34.05 52.25 15.95
CA LYS E 52 -33.87 52.90 14.65
C LYS E 52 -32.50 52.63 14.05
N TYR E 53 -31.50 52.31 14.87
CA TYR E 53 -30.14 52.11 14.38
C TYR E 53 -29.93 50.77 13.70
N GLY E 54 -30.80 49.79 13.97
CA GLY E 54 -30.58 48.46 13.43
C GLY E 54 -29.50 47.69 14.13
N LYS E 55 -29.16 48.06 15.36
CA LYS E 55 -28.05 47.48 16.12
C LYS E 55 -28.58 46.75 17.34
N GLY E 56 -28.08 45.54 17.56
CA GLY E 56 -28.54 44.66 18.61
C GLY E 56 -27.68 44.74 19.86
N LEU E 57 -27.49 43.60 20.51
CA LEU E 57 -26.83 43.57 21.80
C LEU E 57 -25.38 44.02 21.71
N ASP E 58 -24.64 43.53 20.71
CA ASP E 58 -23.19 43.69 20.67
C ASP E 58 -22.74 44.28 19.33
N ASP E 59 -23.58 45.12 18.72
CA ASP E 59 -23.30 45.67 17.40
C ASP E 59 -22.65 47.05 17.45
N SER E 60 -22.29 47.55 18.64
CA SER E 60 -21.60 48.81 18.78
C SER E 60 -21.15 48.94 20.23
N PRO E 61 -20.17 49.82 20.51
CA PRO E 61 -19.73 49.98 21.90
C PRO E 61 -20.86 50.40 22.83
N LYS E 62 -21.75 51.27 22.35
CA LYS E 62 -22.87 51.70 23.19
C LYS E 62 -23.76 50.53 23.57
N ARG E 63 -24.05 49.64 22.62
CA ARG E 63 -24.92 48.52 22.94
C ARG E 63 -24.24 47.54 23.90
N GLN E 64 -22.92 47.39 23.82
CA GLN E 64 -22.22 46.59 24.82
C GLN E 64 -22.35 47.22 26.19
N ILE E 65 -22.03 48.51 26.30
CA ILE E 65 -22.02 49.18 27.59
C ILE E 65 -23.44 49.34 28.14
N ASP E 66 -24.46 49.24 27.29
CA ASP E 66 -25.84 49.34 27.76
C ASP E 66 -26.19 48.16 28.66
N PHE E 67 -25.94 46.94 28.19
CA PHE E 67 -26.24 45.72 28.93
C PHE E 67 -25.07 45.25 29.79
N SER E 68 -23.95 45.98 29.81
CA SER E 68 -22.81 45.58 30.64
C SER E 68 -23.22 45.38 32.09
N GLU E 69 -24.08 46.25 32.63
CA GLU E 69 -24.50 46.14 34.02
C GLU E 69 -25.68 45.19 34.22
N LEU E 70 -26.17 44.56 33.15
CA LEU E 70 -27.27 43.61 33.23
C LEU E 70 -26.86 42.18 32.91
N ILE E 71 -25.62 41.95 32.52
CA ILE E 71 -25.16 40.61 32.16
C ILE E 71 -24.84 39.86 33.45
N LYS E 72 -25.21 38.57 33.48
CA LYS E 72 -24.94 37.72 34.62
C LYS E 72 -24.59 36.32 34.12
N VAL E 73 -23.74 35.63 34.89
CA VAL E 73 -23.31 34.28 34.59
C VAL E 73 -23.69 33.40 35.78
N GLY E 74 -24.39 32.31 35.50
CA GLY E 74 -24.79 31.36 36.52
C GLY E 74 -24.56 29.94 36.07
N GLU E 75 -25.18 28.98 36.75
CA GLU E 75 -25.07 27.57 36.38
C GLU E 75 -26.45 26.94 36.43
N GLY E 76 -26.68 25.99 35.54
CA GLY E 76 -27.91 25.22 35.54
C GLY E 76 -27.81 24.06 36.52
N VAL E 77 -28.91 23.84 37.25
CA VAL E 77 -28.97 22.77 38.24
C VAL E 77 -29.55 21.54 37.58
N LEU E 78 -28.87 20.41 37.75
CA LEU E 78 -29.37 19.15 37.21
C LEU E 78 -30.73 18.83 37.82
N ASN E 79 -31.69 18.50 36.97
CA ASN E 79 -33.07 18.29 37.40
C ASN E 79 -33.36 16.80 37.63
N THR E 80 -32.55 16.17 38.47
CA THR E 80 -32.81 14.81 38.94
C THR E 80 -33.57 14.80 40.26
N SER E 81 -34.07 15.96 40.71
CA SER E 81 -34.81 16.02 41.97
C SER E 81 -36.06 15.15 41.91
N ALA E 82 -36.78 15.19 40.79
CA ALA E 82 -38.00 14.44 40.60
C ALA E 82 -37.99 13.80 39.22
N PRO E 83 -38.78 12.75 39.00
CA PRO E 83 -38.85 12.16 37.66
C PRO E 83 -39.61 13.06 36.70
N THR E 84 -39.39 12.80 35.41
CA THR E 84 -40.03 13.60 34.37
C THR E 84 -39.97 12.82 33.06
N ILE E 85 -40.71 13.31 32.07
CA ILE E 85 -40.80 12.69 30.75
C ILE E 85 -40.04 13.59 29.78
N THR E 86 -38.83 13.19 29.42
CA THR E 86 -38.05 13.92 28.44
C THR E 86 -38.51 13.56 27.03
N PHE E 87 -38.53 14.56 26.15
CA PHE E 87 -38.86 14.29 24.75
C PHE E 87 -37.83 13.38 24.09
N ASP E 88 -36.57 13.49 24.51
CA ASP E 88 -35.47 12.73 23.92
C ASP E 88 -34.89 11.83 24.99
N LYS E 89 -34.70 10.54 24.65
CA LYS E 89 -34.29 9.56 25.65
C LYS E 89 -32.92 9.85 26.22
N ARG E 90 -32.06 10.51 25.45
CA ARG E 90 -30.65 10.72 25.79
C ARG E 90 -30.36 12.19 26.13
N ALA E 91 -31.32 12.85 26.77
CA ALA E 91 -31.21 14.26 27.14
C ALA E 91 -31.24 14.39 28.65
N LYS E 92 -30.32 15.17 29.19
CA LYS E 92 -30.27 15.46 30.62
C LYS E 92 -30.96 16.79 30.89
N VAL E 93 -31.88 16.80 31.84
CA VAL E 93 -32.69 17.97 32.13
C VAL E 93 -31.94 18.86 33.12
N TYR E 94 -31.92 20.16 32.84
CA TYR E 94 -31.26 21.16 33.68
C TYR E 94 -32.20 22.34 33.89
N ASP E 95 -32.12 22.95 35.06
CA ASP E 95 -32.98 24.08 35.42
C ASP E 95 -32.17 25.37 35.40
N LEU E 96 -32.66 26.37 34.67
CA LEU E 96 -31.98 27.65 34.55
C LEU E 96 -32.28 28.53 35.76
N PRO E 97 -31.51 29.60 35.95
CA PRO E 97 -31.79 30.50 37.08
C PRO E 97 -33.14 31.18 36.95
N ALA E 98 -33.74 31.49 38.10
CA ALA E 98 -35.07 32.09 38.10
C ALA E 98 -35.06 33.48 37.48
N ASP E 99 -34.05 34.29 37.79
CA ASP E 99 -34.00 35.68 37.32
C ASP E 99 -33.38 35.78 35.93
N LEU E 100 -33.92 35.00 35.00
CA LEU E 100 -33.40 34.92 33.63
C LEU E 100 -34.31 35.68 32.69
N PHE E 101 -33.73 36.60 31.91
CA PHE E 101 -34.45 37.41 30.95
C PHE E 101 -34.18 36.96 29.52
N LEU E 102 -32.92 36.76 29.16
CA LEU E 102 -32.55 36.30 27.83
C LEU E 102 -31.23 35.54 27.93
N VAL E 103 -31.12 34.46 27.16
CA VAL E 103 -29.89 33.67 27.08
C VAL E 103 -29.13 34.11 25.84
N ILE E 104 -27.85 34.41 26.02
CA ILE E 104 -27.01 34.91 24.94
C ILE E 104 -25.84 33.98 24.69
N ASN E 105 -25.42 33.24 25.71
CA ASN E 105 -24.35 32.27 25.57
C ASN E 105 -24.54 31.17 26.59
N GLU E 106 -24.32 29.93 26.14
CA GLU E 106 -24.33 28.76 27.00
C GLU E 106 -23.12 27.90 26.66
N ALA E 107 -22.67 27.13 27.66
CA ALA E 107 -21.56 26.22 27.46
C ALA E 107 -21.65 25.11 28.49
N VAL E 108 -21.20 23.92 28.10
CA VAL E 108 -21.23 22.74 28.95
C VAL E 108 -19.84 22.14 29.01
N ASP E 109 -19.41 21.77 30.20
CA ASP E 109 -18.09 21.17 30.42
C ASP E 109 -18.29 19.67 30.67
N THR E 110 -17.91 18.86 29.69
CA THR E 110 -18.03 17.42 29.77
C THR E 110 -16.66 16.81 30.06
N ASN E 111 -16.63 15.47 30.16
CA ASN E 111 -15.36 14.78 30.26
C ASN E 111 -14.53 14.90 28.99
N ALA E 112 -15.18 15.17 27.86
CA ALA E 112 -14.50 15.35 26.58
C ALA E 112 -14.18 16.81 26.28
N GLY E 113 -14.22 17.67 27.29
CA GLY E 113 -13.91 19.08 27.12
C GLY E 113 -15.16 19.94 27.04
N THR E 114 -14.92 21.24 26.93
CA THR E 114 -16.00 22.21 26.87
C THR E 114 -16.65 22.20 25.49
N LYS E 115 -17.97 22.38 25.47
CA LYS E 115 -18.74 22.33 24.24
C LYS E 115 -19.80 23.41 24.24
N GLN E 116 -19.85 24.19 23.17
CA GLN E 116 -20.80 25.29 23.07
C GLN E 116 -22.19 24.76 22.75
N ILE E 117 -23.18 25.24 23.49
CA ILE E 117 -24.55 24.79 23.31
C ILE E 117 -25.20 25.63 22.21
N VAL E 118 -25.73 24.94 21.21
CA VAL E 118 -26.43 25.57 20.09
C VAL E 118 -27.93 25.36 20.31
N PRO E 119 -28.74 26.39 20.55
CA PRO E 119 -30.17 26.17 20.72
C PRO E 119 -30.84 25.83 19.39
N ILE E 120 -31.18 24.56 19.20
CA ILE E 120 -31.71 24.09 17.94
C ILE E 120 -33.23 24.31 17.91
N SER E 121 -33.72 24.75 16.77
CA SER E 121 -35.14 24.97 16.59
C SER E 121 -35.87 23.63 16.46
N TYR E 122 -37.19 23.69 16.54
CA TYR E 122 -38.00 22.48 16.37
C TYR E 122 -37.91 21.94 14.95
N SER E 123 -37.87 22.82 13.95
CA SER E 123 -37.66 22.35 12.58
C SER E 123 -36.25 21.83 12.39
N ASP E 124 -35.27 22.45 13.05
CA ASP E 124 -33.91 21.93 13.00
C ASP E 124 -33.80 20.63 13.79
N TYR E 125 -34.54 20.49 14.89
CA TYR E 125 -34.57 19.21 15.58
C TYR E 125 -35.10 18.11 14.66
N THR E 126 -36.21 18.38 13.98
CA THR E 126 -36.77 17.37 13.09
C THR E 126 -35.81 17.03 11.95
N ARG E 127 -35.13 18.04 11.41
CA ARG E 127 -34.17 17.78 10.33
C ARG E 127 -32.98 16.96 10.84
N LEU E 128 -32.47 17.29 12.03
CA LEU E 128 -31.23 16.68 12.49
C LEU E 128 -31.45 15.25 12.97
N MET E 129 -32.59 14.97 13.60
CA MET E 129 -32.88 13.59 13.99
C MET E 129 -33.36 12.72 12.83
N SER E 130 -33.48 13.27 11.63
CA SER E 130 -33.72 12.45 10.45
C SER E 130 -32.44 11.90 9.83
N ARG E 131 -31.29 12.48 10.17
CA ARG E 131 -30.01 12.05 9.65
C ARG E 131 -29.54 10.79 10.38
N PRO E 132 -28.65 10.01 9.79
CA PRO E 132 -28.18 8.79 10.46
C PRO E 132 -27.50 9.03 11.80
N TYR E 133 -26.78 10.15 11.97
CA TYR E 133 -25.93 10.30 13.14
C TYR E 133 -26.72 10.74 14.37
N LYS E 134 -27.43 11.86 14.28
CA LYS E 134 -28.31 12.35 15.35
C LYS E 134 -27.53 12.84 16.57
N GLU E 135 -26.33 13.39 16.36
CA GLU E 135 -25.51 13.92 17.44
C GLU E 135 -24.91 15.24 16.99
N PRO E 136 -24.49 16.09 17.93
CA PRO E 136 -23.90 17.37 17.55
C PRO E 136 -22.55 17.21 16.87
N VAL E 137 -22.03 18.33 16.38
CA VAL E 137 -20.68 18.42 15.84
C VAL E 137 -19.69 18.33 16.99
N LYS E 138 -18.40 18.22 16.65
CA LYS E 138 -17.35 17.93 17.63
C LYS E 138 -17.43 18.84 18.85
N TYR E 139 -17.30 20.15 18.64
CA TYR E 139 -17.14 21.11 19.74
C TYR E 139 -18.45 21.84 20.06
N GLN E 140 -19.59 21.17 19.98
CA GLN E 140 -20.86 21.79 20.34
C GLN E 140 -21.77 20.77 20.99
N ALA E 141 -22.85 21.28 21.57
CA ALA E 141 -23.92 20.48 22.12
C ALA E 141 -25.25 21.10 21.71
N TRP E 142 -26.32 20.32 21.78
CA TRP E 142 -27.64 20.77 21.37
C TRP E 142 -28.53 20.98 22.59
N ARG E 143 -29.59 21.76 22.39
CA ARG E 143 -30.43 22.20 23.48
C ARG E 143 -31.84 22.45 22.99
N ILE E 144 -32.82 22.04 23.79
CA ILE E 144 -34.23 22.32 23.52
C ILE E 144 -34.92 22.51 24.86
N ILE E 145 -35.88 23.44 24.89
CA ILE E 145 -36.62 23.71 26.11
C ILE E 145 -37.66 22.62 26.31
N THR E 146 -37.77 22.14 27.55
CA THR E 146 -38.68 21.07 27.92
C THR E 146 -39.72 21.60 28.90
N THR E 147 -40.50 20.69 29.47
CA THR E 147 -41.58 21.06 30.39
C THR E 147 -41.05 21.93 31.52
N SER E 148 -41.49 23.19 31.56
CA SER E 148 -41.00 24.18 32.49
C SER E 148 -42.14 24.62 33.40
N ILE E 149 -41.87 24.63 34.71
CA ILE E 149 -42.83 25.09 35.72
C ILE E 149 -42.10 26.01 36.69
N ASN E 150 -42.51 27.29 36.71
CA ASN E 150 -41.96 28.30 37.61
C ASN E 150 -40.54 28.74 37.24
N ASN E 151 -39.92 28.07 36.26
CA ASN E 151 -38.58 28.40 35.81
C ASN E 151 -38.25 27.53 34.62
N ILE E 152 -37.35 27.99 33.75
CA ILE E 152 -37.11 27.30 32.49
C ILE E 152 -36.34 26.00 32.76
N SER E 153 -36.88 24.89 32.27
CA SER E 153 -36.18 23.61 32.26
C SER E 153 -35.65 23.35 30.86
N VAL E 154 -34.46 22.76 30.79
CA VAL E 154 -33.69 22.68 29.55
C VAL E 154 -33.17 21.28 29.36
N GLU E 155 -33.27 20.77 28.13
CA GLU E 155 -32.82 19.44 27.76
C GLU E 155 -31.52 19.57 26.97
N LEU E 156 -30.43 19.01 27.49
CA LEU E 156 -29.14 19.06 26.84
C LEU E 156 -28.86 17.72 26.17
N ILE E 157 -28.48 17.77 24.89
CA ILE E 157 -28.14 16.58 24.12
C ILE E 157 -26.66 16.69 23.77
N VAL E 158 -25.86 15.76 24.28
CA VAL E 158 -24.43 15.70 23.98
C VAL E 158 -24.16 14.42 23.21
N ASN E 159 -22.91 14.28 22.76
CA ASN E 159 -22.52 13.07 22.04
C ASN E 159 -22.58 11.86 22.97
N SER E 160 -22.55 10.68 22.37
CA SER E 160 -22.66 9.45 23.14
C SER E 160 -21.43 9.27 24.03
N ASN E 161 -21.64 8.58 25.15
CA ASN E 161 -20.57 8.27 26.10
C ASN E 161 -19.90 9.56 26.60
N GLU E 162 -20.73 10.55 26.93
CA GLU E 162 -20.25 11.82 27.48
C GLU E 162 -21.11 12.19 28.69
N THR E 163 -20.46 12.62 29.76
CA THR E 163 -21.13 13.04 30.99
C THR E 163 -20.88 14.52 31.21
N ILE E 164 -21.90 15.22 31.69
CA ILE E 164 -21.84 16.66 31.91
C ILE E 164 -21.42 16.92 33.34
N THR E 165 -20.42 17.79 33.52
CA THR E 165 -19.95 18.18 34.84
C THR E 165 -20.58 19.48 35.33
N ASP E 166 -20.70 20.48 34.45
CA ASP E 166 -21.36 21.73 34.79
C ASP E 166 -21.98 22.32 33.54
N TYR E 167 -22.89 23.27 33.74
CA TYR E 167 -23.65 23.89 32.65
C TYR E 167 -23.77 25.39 32.96
N LYS E 168 -22.82 26.16 32.45
CA LYS E 168 -22.80 27.61 32.67
C LYS E 168 -23.69 28.30 31.64
N VAL E 169 -24.39 29.35 32.09
CA VAL E 169 -25.34 30.07 31.26
C VAL E 169 -25.07 31.56 31.43
N ARG E 170 -24.51 32.19 30.41
CA ARG E 170 -24.39 33.64 30.35
C ARG E 170 -25.72 34.20 29.85
N TYR E 171 -26.48 34.83 30.74
CA TYR E 171 -27.79 35.38 30.41
C TYR E 171 -27.82 36.85 30.79
N ILE E 172 -28.96 37.48 30.51
CA ILE E 172 -29.22 38.86 30.90
C ILE E 172 -30.16 38.81 32.11
N ARG E 173 -29.73 39.40 33.21
CA ARG E 173 -30.54 39.37 34.42
C ARG E 173 -31.83 40.17 34.20
N ARG E 174 -32.89 39.72 34.86
CA ARG E 174 -34.16 40.42 34.78
C ARG E 174 -34.02 41.79 35.43
N PRO E 175 -34.33 42.90 34.75
CA PRO E 175 -34.15 44.21 35.39
C PRO E 175 -35.03 44.38 36.61
N ALA E 176 -34.47 44.99 37.64
CA ALA E 176 -35.25 45.29 38.83
C ALA E 176 -36.11 46.54 38.58
N PRO E 177 -37.26 46.66 39.23
CA PRO E 177 -38.12 47.82 38.99
C PRO E 177 -37.50 49.10 39.53
N ILE E 178 -37.96 50.21 38.96
CA ILE E 178 -37.61 51.54 39.45
C ILE E 178 -38.81 52.04 40.26
N ILE E 179 -38.62 52.17 41.57
CA ILE E 179 -39.66 52.63 42.48
C ILE E 179 -39.14 53.86 43.19
N THR E 180 -39.88 54.96 43.10
CA THR E 180 -39.38 56.22 43.63
C THR E 180 -39.47 56.29 45.15
N THR E 181 -40.55 55.78 45.73
CA THR E 181 -40.80 55.93 47.15
C THR E 181 -41.33 54.62 47.72
N ASN E 182 -41.22 54.49 49.03
CA ASN E 182 -41.75 53.31 49.72
C ASN E 182 -43.25 53.26 49.47
N LEU E 183 -43.70 52.29 48.70
CA LEU E 183 -45.10 52.18 48.33
C LEU E 183 -45.97 51.60 49.44
N SER E 184 -45.42 51.38 50.63
CA SER E 184 -46.25 50.94 51.74
C SER E 184 -47.31 51.97 52.06
N SER E 185 -48.53 51.50 52.28
CA SER E 185 -49.66 52.38 52.59
C SER E 185 -50.57 51.67 53.57
N GLU E 186 -51.29 52.46 54.38
CA GLU E 186 -52.26 51.87 55.28
C GLU E 186 -53.47 51.33 54.52
N TYR E 187 -53.79 51.90 53.37
CA TYR E 187 -54.94 51.49 52.58
C TYR E 187 -54.66 50.27 51.71
N GLY E 188 -53.41 49.81 51.66
CA GLY E 188 -53.06 48.66 50.84
C GLY E 188 -51.69 48.81 50.23
N ASP E 189 -50.86 47.77 50.34
CA ASP E 189 -49.50 47.82 49.83
C ASP E 189 -49.51 47.46 48.35
N VAL E 190 -49.08 48.40 47.50
CA VAL E 190 -49.02 48.18 46.06
C VAL E 190 -47.57 47.91 45.69
N THR E 191 -47.38 47.06 44.68
CA THR E 191 -46.07 46.62 44.25
C THR E 191 -45.96 46.70 42.74
N ILE E 192 -44.74 46.87 42.25
CA ILE E 192 -44.48 46.91 40.81
C ILE E 192 -44.21 45.53 40.25
N ASN E 193 -43.25 44.80 40.84
CA ASN E 193 -42.98 43.41 40.51
C ASN E 193 -42.79 42.61 41.79
N GLY E 194 -43.64 42.87 42.79
CA GLY E 194 -43.59 42.16 44.04
C GLY E 194 -42.76 42.83 45.12
N VAL E 195 -42.23 44.02 44.88
CA VAL E 195 -41.44 44.75 45.87
C VAL E 195 -42.03 46.15 46.01
N SER E 196 -42.28 46.56 47.25
CA SER E 196 -42.83 47.87 47.56
C SER E 196 -41.77 48.88 47.99
N THR E 197 -40.59 48.42 48.40
CA THR E 197 -39.56 49.33 48.88
C THR E 197 -38.96 50.11 47.71
N VAL E 198 -38.17 51.13 48.05
CA VAL E 198 -37.47 51.91 47.04
C VAL E 198 -36.51 51.00 46.28
N SER E 199 -36.49 51.15 44.96
CA SER E 199 -35.64 50.33 44.11
C SER E 199 -34.99 51.22 43.07
N GLU E 200 -33.66 51.29 43.10
CA GLU E 200 -32.91 52.09 42.14
C GLU E 200 -32.85 51.38 40.79
N CYS E 201 -32.53 52.16 39.77
CA CYS E 201 -32.28 51.60 38.44
C CYS E 201 -30.93 50.87 38.44
N GLU E 202 -30.98 49.55 38.30
CA GLU E 202 -29.78 48.71 38.41
C GLU E 202 -29.03 48.58 37.08
N LEU E 203 -29.24 49.50 36.14
CA LEU E 203 -28.57 49.50 34.86
C LEU E 203 -27.60 50.68 34.79
N ASN E 204 -26.84 50.73 33.70
CA ASN E 204 -25.81 51.73 33.56
C ASN E 204 -26.47 53.12 33.47
N PRO E 205 -25.83 54.17 34.01
CA PRO E 205 -26.41 55.51 33.85
C PRO E 205 -26.43 56.02 32.41
N ILE E 206 -25.85 55.28 31.46
CA ILE E 206 -25.87 55.72 30.07
C ILE E 206 -27.30 55.74 29.52
N ILE E 207 -28.17 54.87 30.02
CA ILE E 207 -29.53 54.72 29.51
C ILE E 207 -30.58 55.25 30.49
N HIS E 208 -30.16 55.90 31.58
CA HIS E 208 -31.14 56.45 32.50
C HIS E 208 -31.95 57.57 31.83
N SER E 209 -31.27 58.44 31.08
CA SER E 209 -31.99 59.47 30.34
C SER E 209 -32.91 58.84 29.30
N GLU E 210 -32.48 57.73 28.72
CA GLU E 210 -33.29 57.04 27.72
C GLU E 210 -34.58 56.52 28.35
N ILE E 211 -34.45 55.89 29.51
CA ILE E 211 -35.60 55.37 30.24
C ILE E 211 -36.53 56.50 30.62
N LEU E 212 -35.96 57.63 31.06
CA LEU E 212 -36.79 58.77 31.44
C LEU E 212 -37.57 59.30 30.23
N GLN E 213 -36.92 59.41 29.08
CA GLN E 213 -37.61 59.89 27.89
C GLN E 213 -38.74 58.95 27.50
N ARG E 214 -38.49 57.64 27.54
CA ARG E 214 -39.55 56.69 27.20
C ARG E 214 -40.69 56.77 28.20
N ALA E 215 -40.37 56.96 29.48
CA ALA E 215 -41.41 57.10 30.49
C ALA E 215 -42.27 58.33 30.22
N VAL E 216 -41.64 59.44 29.86
CA VAL E 216 -42.39 60.66 29.55
C VAL E 216 -43.29 60.44 28.33
N GLU E 217 -42.76 59.77 27.30
CA GLU E 217 -43.57 59.50 26.12
C GLU E 217 -44.78 58.64 26.47
N LEU E 218 -44.58 57.60 27.27
CA LEU E 218 -45.70 56.75 27.67
C LEU E 218 -46.70 57.53 28.51
N ALA E 219 -46.21 58.41 29.39
CA ALA E 219 -47.11 59.21 30.21
C ALA E 219 -47.99 60.09 29.34
N LYS E 220 -47.39 60.76 28.36
CA LYS E 220 -48.19 61.64 27.49
C LYS E 220 -49.13 60.84 26.60
N ALA E 221 -48.71 59.66 26.16
CA ALA E 221 -49.61 58.81 25.38
C ALA E 221 -50.82 58.39 26.20
N ALA E 222 -50.58 58.01 27.47
CA ALA E 222 -51.70 57.68 28.35
C ALA E 222 -52.59 58.90 28.58
N TYR E 223 -51.98 60.08 28.71
CA TYR E 223 -52.75 61.30 28.89
C TYR E 223 -53.67 61.54 27.70
N GLN E 224 -53.16 61.35 26.48
CA GLN E 224 -53.99 61.52 25.30
C GLN E 224 -55.15 60.52 25.32
N GLY E 225 -54.84 59.25 25.52
CA GLY E 225 -55.83 58.24 25.82
C GLY E 225 -56.62 57.71 24.64
N ASP E 226 -56.38 58.21 23.44
CA ASP E 226 -57.10 57.68 22.29
C ASP E 226 -56.48 56.37 21.84
N LEU E 227 -57.25 55.62 21.03
CA LEU E 227 -56.75 54.35 20.53
C LEU E 227 -55.50 54.53 19.67
N GLN E 228 -55.43 55.65 18.93
CA GLN E 228 -54.29 55.88 18.05
C GLN E 228 -52.99 55.89 18.83
N ALA E 229 -52.92 56.69 19.89
CA ALA E 229 -51.67 56.81 20.64
C ALA E 229 -51.25 55.47 21.23
N SER E 230 -52.20 54.73 21.81
CA SER E 230 -51.89 53.44 22.40
C SER E 230 -51.40 52.46 21.35
N VAL E 231 -52.03 52.46 20.18
CA VAL E 231 -51.63 51.50 19.15
C VAL E 231 -50.24 51.83 18.62
N GLU E 232 -49.97 53.11 18.32
CA GLU E 232 -48.67 53.44 17.74
C GLU E 232 -47.54 53.34 18.74
N LEU E 233 -47.78 53.63 20.03
CA LEU E 233 -46.73 53.49 21.02
C LEU E 233 -46.68 52.10 21.65
N GLY E 234 -47.63 51.23 21.32
CA GLY E 234 -47.50 49.83 21.64
C GLY E 234 -46.68 49.03 20.65
N GLN E 235 -46.41 49.61 19.48
CA GLN E 235 -45.55 48.96 18.51
C GLN E 235 -44.14 48.77 19.05
N ARG E 236 -43.72 49.63 19.98
CA ARG E 236 -42.39 49.57 20.56
C ARG E 236 -42.33 48.72 21.84
N SER E 237 -43.43 48.11 22.24
CA SER E 237 -43.38 47.20 23.39
C SER E 237 -42.58 45.95 23.05
N GLU E 238 -42.89 45.32 21.92
CA GLU E 238 -42.11 44.22 21.38
C GLU E 238 -42.05 43.04 22.34
N MET F 1 -59.16 106.57 59.16
CA MET F 1 -60.20 107.42 59.81
C MET F 1 -60.54 106.88 61.19
N ASN F 2 -60.36 107.68 62.23
CA ASN F 2 -60.72 107.30 63.62
C ASN F 2 -62.20 106.99 63.59
N VAL F 3 -62.73 106.38 64.63
CA VAL F 3 -64.17 106.06 64.70
C VAL F 3 -64.93 107.38 64.65
N ASN F 4 -64.42 108.43 65.28
CA ASN F 4 -65.15 109.71 65.37
C ASN F 4 -65.36 110.21 63.95
N GLU F 5 -64.41 110.01 63.06
CA GLU F 5 -64.52 110.40 61.63
C GLU F 5 -65.53 109.53 60.91
N PHE F 6 -65.61 108.25 61.17
CA PHE F 6 -66.64 107.39 60.56
C PHE F 6 -68.02 107.89 60.98
N SER F 7 -68.28 108.20 62.25
CA SER F 7 -69.59 108.75 62.67
C SER F 7 -69.86 110.11 62.07
N ASN F 8 -68.93 111.04 62.15
CA ASN F 8 -69.20 112.41 61.68
C ASN F 8 -69.44 112.37 60.18
N GLU F 9 -68.73 111.54 59.43
CA GLU F 9 -68.81 111.55 57.94
C GLU F 9 -69.95 110.68 57.45
N PHE F 10 -70.58 109.92 58.30
CA PHE F 10 -71.77 109.13 57.94
C PHE F 10 -72.85 110.16 57.74
N ASP F 11 -72.92 111.18 58.59
CA ASP F 11 -73.94 112.24 58.54
C ASP F 11 -73.70 113.25 57.43
N VAL F 12 -72.56 113.27 56.78
CA VAL F 12 -72.33 114.16 55.62
C VAL F 12 -72.83 113.40 54.42
N LEU F 13 -73.18 112.14 54.53
CA LEU F 13 -73.59 111.28 53.40
C LEU F 13 -74.98 110.72 53.64
N TYR F 14 -75.25 110.06 54.74
CA TYR F 14 -76.58 109.55 55.04
C TYR F 14 -77.53 110.67 55.28
N ASN F 15 -77.22 111.57 56.20
CA ASN F 15 -78.17 112.62 56.63
C ASN F 15 -78.15 113.78 55.68
N ASN F 16 -78.37 113.61 54.41
CA ASN F 16 -78.56 114.76 53.51
C ASN F 16 -77.58 115.88 53.85
N ILE F 17 -76.28 115.66 53.80
CA ILE F 17 -75.19 116.64 54.09
C ILE F 17 -75.31 117.23 55.49
N MET F 18 -75.61 116.42 56.49
CA MET F 18 -75.74 116.87 57.90
C MET F 18 -76.80 117.94 57.98
N SER F 19 -77.96 117.70 57.39
CA SER F 19 -79.10 118.63 57.37
C SER F 19 -80.24 118.14 58.22
N ASN F 20 -80.14 116.98 58.85
CA ASN F 20 -81.19 116.31 59.64
C ASN F 20 -82.40 116.17 58.73
N ALA F 21 -82.20 115.93 57.45
CA ALA F 21 -83.27 115.80 56.43
C ALA F 21 -83.72 114.37 56.31
N ALA F 22 -82.84 113.42 56.53
CA ALA F 22 -83.11 111.97 56.45
C ALA F 22 -83.50 111.48 57.83
N PRO F 23 -83.79 110.18 58.09
CA PRO F 23 -84.30 109.77 59.39
C PRO F 23 -83.52 109.96 60.68
N GLY F 24 -82.24 109.70 60.71
CA GLY F 24 -81.41 109.95 61.89
C GLY F 24 -81.11 108.65 62.52
N LEU F 25 -79.84 108.29 62.63
CA LEU F 25 -79.40 106.99 63.13
C LEU F 25 -78.72 107.22 64.49
N ASN F 26 -78.86 106.32 65.44
CA ASN F 26 -78.21 106.37 66.77
C ASN F 26 -76.78 106.00 66.48
N GLU F 27 -75.88 105.96 67.47
CA GLU F 27 -74.52 105.50 67.29
C GLU F 27 -74.43 103.99 67.31
N TYR F 28 -75.34 103.31 68.02
CA TYR F 28 -75.38 101.86 67.96
C TYR F 28 -75.75 101.37 66.58
N GLU F 29 -76.76 101.99 65.96
CA GLU F 29 -77.15 101.61 64.61
C GLU F 29 -76.03 101.88 63.61
N LYS F 30 -75.33 103.01 63.76
CA LYS F 30 -74.21 103.29 62.88
C LYS F 30 -73.10 102.26 63.06
N SER F 31 -72.84 101.86 64.31
CA SER F 31 -71.83 100.83 64.55
C SER F 31 -72.23 99.50 63.91
N VAL F 32 -73.49 99.12 64.05
CA VAL F 32 -73.97 97.87 63.48
C VAL F 32 -73.83 97.90 61.96
N LEU F 33 -74.24 99.00 61.34
CA LEU F 33 -74.17 99.10 59.89
C LEU F 33 -72.73 99.14 59.41
N LEU F 34 -71.83 99.78 60.15
CA LEU F 34 -70.43 99.78 59.76
C LEU F 34 -69.82 98.39 59.86
N THR F 35 -70.15 97.64 60.91
CA THR F 35 -69.64 96.27 61.03
C THR F 35 -70.14 95.41 59.88
N LYS F 36 -71.45 95.49 59.59
CA LYS F 36 -72.00 94.72 58.49
C LYS F 36 -71.36 95.14 57.17
N ALA F 37 -71.13 96.44 56.99
CA ALA F 37 -70.54 96.93 55.75
C ALA F 37 -69.12 96.41 55.57
N GLN F 38 -68.33 96.37 56.65
CA GLN F 38 -66.97 95.88 56.50
C GLN F 38 -66.96 94.39 56.22
N GLU F 39 -67.85 93.62 56.84
CA GLU F 39 -67.95 92.20 56.50
C GLU F 39 -68.31 92.03 55.03
N GLU F 40 -69.28 92.80 54.55
CA GLU F 40 -69.69 92.71 53.15
C GLU F 40 -68.54 93.08 52.22
N ILE F 41 -67.80 94.15 52.55
CA ILE F 41 -66.71 94.59 51.69
C ILE F 41 -65.62 93.53 51.63
N VAL F 42 -65.27 92.93 52.78
CA VAL F 42 -64.27 91.87 52.78
C VAL F 42 -64.73 90.72 51.90
N LYS F 43 -65.97 90.27 52.08
CA LYS F 43 -66.45 89.12 51.32
C LYS F 43 -66.51 89.42 49.82
N ASN F 44 -66.91 90.65 49.46
CA ASN F 44 -67.02 90.98 48.04
C ASN F 44 -65.66 91.13 47.39
N TYR F 45 -64.72 91.78 48.06
CA TYR F 45 -63.41 92.00 47.47
C TYR F 45 -62.54 90.75 47.52
N PHE F 46 -62.91 89.76 48.33
CA PHE F 46 -62.21 88.48 48.27
C PHE F 46 -62.58 87.72 47.01
N GLU F 47 -63.85 87.41 46.85
CA GLU F 47 -64.30 86.68 45.66
C GLU F 47 -64.20 87.59 44.44
N PRO F 48 -63.55 87.18 43.35
CA PRO F 48 -63.47 88.07 42.19
C PRO F 48 -64.82 88.42 41.61
N ALA F 49 -65.78 87.49 41.62
CA ALA F 49 -67.08 87.73 41.03
C ALA F 49 -67.99 88.59 41.91
N GLY F 50 -67.58 88.91 43.13
CA GLY F 50 -68.41 89.66 44.04
C GLY F 50 -68.33 91.16 43.89
N ASN F 51 -67.23 91.64 43.28
CA ASN F 51 -67.01 93.06 43.07
C ASN F 51 -67.25 93.42 41.60
N LYS F 52 -67.01 94.70 41.28
CA LYS F 52 -67.29 95.22 39.95
C LYS F 52 -66.14 95.06 38.97
N TYR F 53 -64.93 94.73 39.43
CA TYR F 53 -63.77 94.61 38.58
C TYR F 53 -63.45 93.17 38.21
N GLY F 54 -64.07 92.19 38.85
CA GLY F 54 -63.73 90.81 38.57
C GLY F 54 -62.38 90.39 39.10
N LYS F 55 -61.92 91.00 40.19
CA LYS F 55 -60.58 90.79 40.72
C LYS F 55 -60.67 90.38 42.18
N GLY F 56 -59.89 89.39 42.56
CA GLY F 56 -59.97 88.77 43.88
C GLY F 56 -58.93 89.30 44.84
N LEU F 57 -58.37 88.40 45.65
CA LEU F 57 -57.46 88.79 46.72
C LEU F 57 -56.16 89.39 46.17
N ASP F 58 -55.52 88.68 45.23
CA ASP F 58 -54.17 89.01 44.80
C ASP F 58 -54.14 89.35 43.31
N ASP F 59 -55.24 89.87 42.79
CA ASP F 59 -55.39 90.12 41.36
C ASP F 59 -55.03 91.53 40.94
N SER F 60 -54.64 92.39 41.87
CA SER F 60 -54.21 93.74 41.55
C SER F 60 -53.52 94.33 42.78
N PRO F 61 -52.69 95.37 42.60
CA PRO F 61 -52.04 95.97 43.78
C PRO F 61 -53.03 96.48 44.81
N LYS F 62 -54.15 97.05 44.35
CA LYS F 62 -55.16 97.56 45.28
C LYS F 62 -55.70 96.45 46.17
N ARG F 63 -56.01 95.29 45.57
CA ARG F 63 -56.50 94.17 46.38
C ARG F 63 -55.45 93.68 47.35
N GLN F 64 -54.17 93.71 46.95
CA GLN F 64 -53.12 93.29 47.88
C GLN F 64 -53.01 94.22 49.07
N ILE F 65 -53.15 95.53 48.85
CA ILE F 65 -53.14 96.47 49.97
C ILE F 65 -54.44 96.44 50.77
N ASP F 66 -55.55 95.99 50.17
CA ASP F 66 -56.81 95.96 50.89
C ASP F 66 -56.76 94.98 52.06
N PHE F 67 -56.35 93.75 51.79
CA PHE F 67 -56.30 92.69 52.80
C PHE F 67 -54.96 92.63 53.52
N SER F 68 -54.12 93.66 53.39
CA SER F 68 -52.77 93.58 53.91
C SER F 68 -52.76 93.44 55.43
N GLU F 69 -53.66 94.13 56.11
CA GLU F 69 -53.69 94.14 57.57
C GLU F 69 -54.57 93.05 58.17
N LEU F 70 -55.20 92.21 57.34
CA LEU F 70 -55.92 91.04 57.84
C LEU F 70 -55.11 89.77 57.76
N ILE F 71 -54.14 89.69 56.84
CA ILE F 71 -53.40 88.45 56.63
C ILE F 71 -52.59 88.15 57.88
N LYS F 72 -52.78 86.94 58.41
CA LYS F 72 -52.09 86.48 59.61
C LYS F 72 -51.55 85.08 59.36
N VAL F 73 -50.44 84.77 60.01
CA VAL F 73 -49.80 83.45 59.92
C VAL F 73 -49.82 82.84 61.31
N GLY F 74 -50.44 81.67 61.43
CA GLY F 74 -50.53 80.99 62.70
C GLY F 74 -50.36 79.49 62.51
N GLU F 75 -49.97 78.84 63.61
CA GLU F 75 -49.75 77.40 63.61
C GLU F 75 -50.99 76.66 64.09
N GLY F 76 -51.22 75.50 63.50
CA GLY F 76 -52.25 74.62 64.01
C GLY F 76 -51.73 73.76 65.14
N VAL F 77 -52.63 73.46 66.09
CA VAL F 77 -52.30 72.71 67.29
C VAL F 77 -52.93 71.32 67.17
N LEU F 78 -52.15 70.29 67.43
CA LEU F 78 -52.64 68.92 67.36
C LEU F 78 -53.81 68.73 68.31
N ASN F 79 -54.89 68.13 67.79
CA ASN F 79 -56.08 67.87 68.58
C ASN F 79 -56.05 66.47 69.20
N THR F 80 -54.96 66.17 69.92
CA THR F 80 -54.83 64.89 70.59
C THR F 80 -55.58 64.83 71.91
N SER F 81 -56.05 65.97 72.42
CA SER F 81 -56.80 65.95 73.67
C SER F 81 -58.09 65.15 73.56
N ALA F 82 -58.83 65.36 72.46
CA ALA F 82 -60.10 64.67 72.25
C ALA F 82 -59.89 63.46 71.37
N PRO F 83 -60.15 62.22 71.83
CA PRO F 83 -59.95 61.06 70.94
C PRO F 83 -61.17 60.80 70.04
N THR F 84 -61.33 61.65 69.04
CA THR F 84 -62.46 61.57 68.13
C THR F 84 -62.20 60.49 67.07
N ILE F 85 -63.08 60.42 66.07
CA ILE F 85 -62.99 59.44 64.99
C ILE F 85 -62.77 60.20 63.68
N THR F 86 -61.74 59.80 62.95
CA THR F 86 -61.38 60.43 61.69
C THR F 86 -61.91 59.60 60.52
N PHE F 87 -62.23 60.29 59.42
CA PHE F 87 -62.72 59.61 58.23
C PHE F 87 -61.62 58.88 57.48
N ASP F 88 -60.36 59.26 57.68
CA ASP F 88 -59.23 58.63 57.01
C ASP F 88 -58.32 57.99 58.05
N LYS F 89 -57.73 56.85 57.68
CA LYS F 89 -56.94 56.09 58.63
C LYS F 89 -55.73 56.88 59.11
N ARG F 90 -55.06 57.58 58.20
CA ARG F 90 -53.81 58.28 58.48
C ARG F 90 -54.01 59.78 58.61
N ALA F 91 -55.12 60.20 59.20
CA ALA F 91 -55.45 61.60 59.37
C ALA F 91 -55.08 62.04 60.78
N LYS F 92 -54.25 63.07 60.88
CA LYS F 92 -53.92 63.70 62.16
C LYS F 92 -54.77 64.95 62.31
N VAL F 93 -55.65 64.96 63.32
CA VAL F 93 -56.56 66.08 63.50
C VAL F 93 -55.80 67.28 64.04
N TYR F 94 -56.00 68.43 63.42
CA TYR F 94 -55.39 69.68 63.85
C TYR F 94 -56.46 70.74 64.01
N ASP F 95 -56.34 71.54 65.07
CA ASP F 95 -57.25 72.65 65.31
C ASP F 95 -56.63 73.93 64.78
N LEU F 96 -57.45 74.74 64.13
CA LEU F 96 -57.01 75.97 63.49
C LEU F 96 -57.23 77.16 64.41
N PRO F 97 -56.65 78.32 64.08
CA PRO F 97 -56.82 79.49 64.95
C PRO F 97 -58.28 79.90 65.08
N ALA F 98 -58.61 80.45 66.25
CA ALA F 98 -59.99 80.83 66.54
C ALA F 98 -60.43 82.04 65.73
N ASP F 99 -59.54 83.00 65.50
CA ASP F 99 -59.86 84.22 64.77
C ASP F 99 -59.64 84.06 63.27
N LEU F 100 -60.19 82.99 62.71
CA LEU F 100 -59.96 82.62 61.31
C LEU F 100 -61.20 82.96 60.49
N PHE F 101 -60.98 83.65 59.37
CA PHE F 101 -62.03 84.05 58.44
C PHE F 101 -61.96 83.29 57.12
N LEU F 102 -60.80 83.30 56.46
CA LEU F 102 -60.62 82.59 55.20
C LEU F 102 -59.17 82.13 55.14
N VAL F 103 -58.96 80.87 54.75
CA VAL F 103 -57.62 80.31 54.60
C VAL F 103 -57.18 80.53 53.16
N ILE F 104 -55.91 80.90 52.97
CA ILE F 104 -55.36 81.12 51.64
C ILE F 104 -54.09 80.33 51.37
N ASN F 105 -53.34 79.92 52.39
CA ASN F 105 -52.16 79.08 52.18
C ASN F 105 -51.96 78.22 53.42
N GLU F 106 -51.68 76.94 53.20
CA GLU F 106 -51.37 75.99 54.26
C GLU F 106 -50.17 75.17 53.85
N ALA F 107 -49.29 74.91 54.83
CA ALA F 107 -48.11 74.09 54.59
C ALA F 107 -47.87 73.22 55.82
N VAL F 108 -47.34 72.02 55.58
CA VAL F 108 -47.03 71.06 56.63
C VAL F 108 -45.56 70.68 56.50
N ASP F 109 -44.86 70.66 57.63
CA ASP F 109 -43.44 70.34 57.67
C ASP F 109 -43.29 68.91 58.17
N THR F 110 -42.95 68.00 57.27
CA THR F 110 -42.78 66.60 57.59
C THR F 110 -41.30 66.25 57.70
N ASN F 111 -41.03 65.03 58.16
CA ASN F 111 -39.65 64.55 58.19
C ASN F 111 -39.06 64.48 56.79
N ALA F 112 -39.90 64.17 55.79
CA ALA F 112 -39.43 64.12 54.41
C ALA F 112 -39.21 65.52 53.84
N GLY F 113 -39.99 66.49 54.28
CA GLY F 113 -39.84 67.85 53.80
C GLY F 113 -41.18 68.57 53.83
N THR F 114 -41.10 69.88 53.59
CA THR F 114 -42.31 70.70 53.57
C THR F 114 -43.18 70.31 52.37
N LYS F 115 -44.50 70.35 52.58
CA LYS F 115 -45.46 69.91 51.58
C LYS F 115 -46.64 70.85 51.58
N GLN F 116 -46.93 71.45 50.43
CA GLN F 116 -48.05 72.38 50.32
C GLN F 116 -49.36 71.62 50.42
N ILE F 117 -50.26 72.11 51.27
CA ILE F 117 -51.53 71.45 51.51
C ILE F 117 -52.54 71.88 50.46
N VAL F 118 -53.20 70.89 49.87
CA VAL F 118 -54.25 71.12 48.87
C VAL F 118 -55.58 70.87 49.55
N PRO F 119 -56.46 71.88 49.70
CA PRO F 119 -57.77 71.60 50.28
C PRO F 119 -58.63 70.82 49.30
N ILE F 120 -58.82 69.53 49.57
CA ILE F 120 -59.38 68.61 48.59
C ILE F 120 -60.88 68.52 48.83
N SER F 121 -61.66 68.62 47.75
CA SER F 121 -63.11 68.59 47.85
C SER F 121 -63.60 67.16 48.05
N TYR F 122 -64.88 67.05 48.42
CA TYR F 122 -65.48 65.74 48.67
C TYR F 122 -65.59 64.89 47.41
N SER F 123 -65.64 65.51 46.24
CA SER F 123 -65.66 64.74 45.00
C SER F 123 -64.26 64.23 44.65
N ASP F 124 -63.25 65.10 44.75
CA ASP F 124 -61.89 64.69 44.46
C ASP F 124 -61.40 63.65 45.45
N TYR F 125 -61.87 63.69 46.69
CA TYR F 125 -61.46 62.67 47.66
C TYR F 125 -61.97 61.29 47.23
N THR F 126 -63.25 61.21 46.83
CA THR F 126 -63.78 59.94 46.36
C THR F 126 -63.11 59.50 45.08
N ARG F 127 -62.76 60.45 44.21
CA ARG F 127 -62.12 60.10 42.94
C ARG F 127 -60.71 59.57 43.17
N LEU F 128 -59.93 60.22 44.03
CA LEU F 128 -58.55 59.83 44.27
C LEU F 128 -58.41 58.64 45.20
N MET F 129 -59.45 58.27 45.93
CA MET F 129 -59.43 57.10 46.80
C MET F 129 -60.02 55.87 46.13
N SER F 130 -60.32 55.94 44.83
CA SER F 130 -60.77 54.80 44.06
C SER F 130 -59.65 54.19 43.22
N ARG F 131 -58.40 54.58 43.47
CA ARG F 131 -57.25 54.22 42.66
C ARG F 131 -56.31 53.28 43.40
N PRO F 132 -55.33 52.70 42.71
CA PRO F 132 -54.41 51.77 43.40
C PRO F 132 -53.65 52.39 44.57
N TYR F 133 -52.97 53.52 44.36
CA TYR F 133 -52.01 53.99 45.36
C TYR F 133 -52.68 54.73 46.50
N LYS F 134 -53.49 55.75 46.19
CA LYS F 134 -54.29 56.48 47.17
C LYS F 134 -53.42 57.32 48.10
N GLU F 135 -52.44 58.02 47.54
CA GLU F 135 -51.60 58.94 48.29
C GLU F 135 -51.41 60.21 47.47
N PRO F 136 -51.10 61.33 48.13
CA PRO F 136 -50.85 62.57 47.37
C PRO F 136 -49.59 62.46 46.54
N VAL F 137 -49.36 63.49 45.73
CA VAL F 137 -48.12 63.58 44.96
C VAL F 137 -46.99 63.90 45.93
N LYS F 138 -45.74 63.78 45.46
CA LYS F 138 -44.59 63.80 46.35
C LYS F 138 -44.43 65.13 47.08
N TYR F 139 -45.01 66.22 46.57
CA TYR F 139 -44.77 67.55 47.12
C TYR F 139 -46.05 68.21 47.63
N GLN F 140 -47.05 67.41 48.01
CA GLN F 140 -48.32 67.96 48.45
C GLN F 140 -48.94 67.06 49.51
N ALA F 141 -49.90 67.62 50.23
CA ALA F 141 -50.70 66.89 51.21
C ALA F 141 -52.13 67.34 51.07
N TRP F 142 -53.05 66.48 51.50
CA TRP F 142 -54.48 66.76 51.42
C TRP F 142 -54.99 67.28 52.74
N ARG F 143 -56.21 67.84 52.70
CA ARG F 143 -56.84 68.38 53.89
C ARG F 143 -58.35 68.35 53.72
N ILE F 144 -59.03 67.76 54.68
CA ILE F 144 -60.49 67.76 54.73
C ILE F 144 -60.93 68.10 56.15
N ILE F 145 -62.04 68.80 56.25
CA ILE F 145 -62.55 69.24 57.54
C ILE F 145 -63.33 68.11 58.19
N THR F 146 -63.22 68.00 59.52
CA THR F 146 -63.82 66.90 60.26
C THR F 146 -64.71 67.43 61.38
N THR F 147 -65.15 66.54 62.26
CA THR F 147 -66.03 66.91 63.37
C THR F 147 -65.42 68.05 64.18
N SER F 148 -66.09 69.21 64.15
CA SER F 148 -65.58 70.43 64.76
C SER F 148 -66.55 70.90 65.84
N ILE F 149 -66.01 71.25 67.00
CA ILE F 149 -66.79 71.78 68.12
C ILE F 149 -66.24 73.16 68.45
N ASN F 150 -67.08 74.19 68.26
CA ASN F 150 -66.77 75.59 68.54
C ASN F 150 -65.38 76.00 68.06
N ASN F 151 -64.90 75.39 66.97
CA ASN F 151 -63.60 75.69 66.41
C ASN F 151 -63.56 75.09 65.00
N ILE F 152 -62.37 75.06 64.41
CA ILE F 152 -62.16 74.50 63.07
C ILE F 152 -61.15 73.37 63.20
N SER F 153 -61.57 72.15 62.86
CA SER F 153 -60.72 70.97 62.92
C SER F 153 -60.53 70.42 61.52
N VAL F 154 -59.28 70.11 61.17
CA VAL F 154 -58.91 69.68 59.83
C VAL F 154 -58.11 68.38 59.94
N GLU F 155 -58.47 67.40 59.11
CA GLU F 155 -57.70 66.19 58.97
C GLU F 155 -56.59 66.41 57.96
N LEU F 156 -55.34 66.22 58.36
CA LEU F 156 -54.19 66.34 57.48
C LEU F 156 -53.82 64.95 56.99
N ILE F 157 -54.17 64.64 55.75
CA ILE F 157 -53.88 63.35 55.15
C ILE F 157 -52.58 63.51 54.38
N VAL F 158 -51.47 63.29 55.07
CA VAL F 158 -50.15 63.27 54.46
C VAL F 158 -49.83 61.82 54.14
N ASN F 159 -48.89 61.62 53.21
CA ASN F 159 -48.49 60.29 52.80
C ASN F 159 -48.09 59.45 54.00
N SER F 160 -48.41 58.16 53.94
CA SER F 160 -47.95 57.24 54.97
C SER F 160 -46.42 57.23 55.00
N ASN F 161 -45.88 56.63 56.06
CA ASN F 161 -44.44 56.58 56.29
C ASN F 161 -43.85 57.96 56.55
N GLU F 162 -44.67 58.95 56.88
CA GLU F 162 -44.21 60.30 57.16
C GLU F 162 -44.94 60.84 58.37
N THR F 163 -44.24 61.64 59.16
CA THR F 163 -44.76 62.22 60.39
C THR F 163 -44.83 63.72 60.26
N ILE F 164 -45.87 64.32 60.81
CA ILE F 164 -46.08 65.76 60.75
C ILE F 164 -45.42 66.39 61.97
N THR F 165 -44.51 67.33 61.73
CA THR F 165 -43.85 68.06 62.80
C THR F 165 -44.36 69.50 62.95
N ASP F 166 -45.00 70.04 61.92
CA ASP F 166 -45.47 71.42 61.95
C ASP F 166 -46.65 71.57 61.01
N TYR F 167 -47.40 72.65 61.21
CA TYR F 167 -48.55 72.95 60.35
C TYR F 167 -48.79 74.45 60.40
N LYS F 168 -48.37 75.16 59.35
CA LYS F 168 -48.50 76.61 59.27
C LYS F 168 -49.71 76.97 58.43
N VAL F 169 -50.47 77.96 58.89
CA VAL F 169 -51.69 78.40 58.22
C VAL F 169 -51.60 79.90 58.02
N ARG F 170 -51.68 80.34 56.77
CA ARG F 170 -51.79 81.75 56.43
C ARG F 170 -53.24 82.02 56.03
N TYR F 171 -53.89 82.94 56.74
CA TYR F 171 -55.33 83.15 56.61
C TYR F 171 -55.64 84.62 56.76
N ILE F 172 -56.87 84.97 56.44
CA ILE F 172 -57.40 86.31 56.65
C ILE F 172 -58.03 86.36 58.03
N ARG F 173 -57.51 87.23 58.89
CA ARG F 173 -58.02 87.32 60.25
C ARG F 173 -59.43 87.91 60.25
N ARG F 174 -60.23 87.47 61.21
CA ARG F 174 -61.60 87.98 61.34
C ARG F 174 -61.55 89.46 61.72
N PRO F 175 -62.17 90.37 60.96
CA PRO F 175 -62.07 91.78 61.32
C PRO F 175 -62.77 92.08 62.64
N ALA F 176 -62.23 93.05 63.37
CA ALA F 176 -62.84 93.50 64.60
C ALA F 176 -63.99 94.47 64.29
N PRO F 177 -64.96 94.60 65.20
CA PRO F 177 -66.09 95.50 64.92
C PRO F 177 -65.65 96.95 64.83
N ILE F 178 -66.51 97.75 64.21
CA ILE F 178 -66.38 99.20 64.18
C ILE F 178 -67.44 99.77 65.11
N ILE F 179 -66.99 100.45 66.17
CA ILE F 179 -67.87 101.03 67.17
C ILE F 179 -67.46 102.48 67.41
N THR F 180 -68.43 103.38 67.41
CA THR F 180 -68.19 104.81 67.45
C THR F 180 -68.45 105.43 68.82
N THR F 181 -68.73 104.63 69.84
CA THR F 181 -69.00 105.16 71.18
C THR F 181 -69.07 103.98 72.14
N ASN F 182 -68.98 104.30 73.43
CA ASN F 182 -69.15 103.28 74.47
C ASN F 182 -70.62 102.91 74.52
N LEU F 183 -70.96 101.74 73.95
CA LEU F 183 -72.37 101.37 73.81
C LEU F 183 -73.07 101.23 75.15
N SER F 184 -72.35 100.79 76.18
CA SER F 184 -72.97 100.59 77.48
C SER F 184 -73.42 101.90 78.13
N SER F 185 -72.90 103.04 77.68
CA SER F 185 -73.23 104.30 78.32
C SER F 185 -74.71 104.63 78.22
N GLU F 186 -75.30 104.42 77.04
CA GLU F 186 -76.70 104.76 76.79
C GLU F 186 -77.56 103.57 76.40
N TYR F 187 -76.97 102.51 75.85
CA TYR F 187 -77.69 101.30 75.46
C TYR F 187 -77.25 100.18 76.39
N GLY F 188 -78.23 99.53 77.01
CA GLY F 188 -77.98 98.72 78.19
C GLY F 188 -76.88 97.68 78.09
N ASP F 189 -77.08 96.65 77.28
CA ASP F 189 -76.15 95.53 77.20
C ASP F 189 -75.98 95.07 75.75
N VAL F 190 -75.98 96.01 74.82
CA VAL F 190 -75.88 95.70 73.40
C VAL F 190 -74.41 95.54 73.04
N THR F 191 -74.10 94.47 72.32
CA THR F 191 -72.77 94.21 71.78
C THR F 191 -72.89 94.00 70.29
N ILE F 192 -71.82 94.36 69.57
CA ILE F 192 -71.76 94.10 68.13
C ILE F 192 -71.26 92.70 67.83
N ASN F 193 -70.10 92.34 68.37
CA ASN F 193 -69.58 90.98 68.30
C ASN F 193 -68.97 90.58 69.63
N GLY F 194 -69.59 91.04 70.73
CA GLY F 194 -69.11 90.74 72.06
C GLY F 194 -68.30 91.83 72.72
N VAL F 195 -68.10 92.97 72.06
CA VAL F 195 -67.37 94.10 72.60
C VAL F 195 -68.31 95.28 72.73
N SER F 196 -68.34 95.89 73.91
CA SER F 196 -69.25 96.99 74.22
C SER F 196 -68.58 98.36 74.22
N THR F 197 -67.28 98.43 73.91
CA THR F 197 -66.51 99.66 74.01
C THR F 197 -66.08 100.12 72.61
N VAL F 198 -65.39 101.25 72.58
CA VAL F 198 -64.94 101.82 71.31
C VAL F 198 -63.96 100.86 70.65
N SER F 199 -64.22 100.55 69.38
CA SER F 199 -63.37 99.64 68.61
C SER F 199 -63.06 100.29 67.27
N GLU F 200 -61.77 100.43 66.98
CA GLU F 200 -61.33 101.06 65.73
C GLU F 200 -61.36 100.03 64.60
N CYS F 201 -61.11 100.51 63.39
CA CYS F 201 -61.04 99.64 62.22
C CYS F 201 -59.64 99.04 62.12
N GLU F 202 -59.58 97.71 62.05
CA GLU F 202 -58.32 96.99 61.96
C GLU F 202 -57.88 96.77 60.51
N LEU F 203 -58.31 97.65 59.60
CA LEU F 203 -58.04 97.52 58.19
C LEU F 203 -57.19 98.69 57.69
N ASN F 204 -56.59 98.50 56.52
CA ASN F 204 -55.82 99.57 55.92
C ASN F 204 -56.74 100.76 55.60
N PRO F 205 -56.27 102.00 55.73
CA PRO F 205 -57.15 103.14 55.44
C PRO F 205 -57.66 103.20 54.00
N ILE F 206 -57.13 102.38 53.09
CA ILE F 206 -57.52 102.49 51.69
C ILE F 206 -59.00 102.14 51.50
N ILE F 207 -59.52 101.18 52.26
CA ILE F 207 -60.90 100.72 52.09
C ILE F 207 -61.85 101.34 53.11
N HIS F 208 -61.39 102.30 53.90
CA HIS F 208 -62.29 102.96 54.84
C HIS F 208 -63.39 103.71 54.08
N SER F 209 -63.04 104.34 52.97
CA SER F 209 -64.06 105.01 52.15
C SER F 209 -65.06 103.99 51.61
N GLU F 210 -64.58 102.83 51.16
CA GLU F 210 -65.48 101.79 50.66
C GLU F 210 -66.44 101.35 51.74
N ILE F 211 -65.92 101.13 52.95
CA ILE F 211 -66.75 100.65 54.04
C ILE F 211 -67.78 101.69 54.42
N LEU F 212 -67.37 102.96 54.50
CA LEU F 212 -68.32 104.02 54.84
C LEU F 212 -69.41 104.16 53.80
N GLN F 213 -69.04 104.10 52.51
CA GLN F 213 -70.05 104.21 51.46
C GLN F 213 -71.02 103.03 51.51
N ARG F 214 -70.51 101.83 51.74
CA ARG F 214 -71.39 100.67 51.84
C ARG F 214 -72.31 100.80 53.04
N ALA F 215 -71.80 101.32 54.16
CA ALA F 215 -72.65 101.55 55.32
C ALA F 215 -73.74 102.55 55.00
N VAL F 216 -73.41 103.61 54.28
CA VAL F 216 -74.42 104.61 53.92
C VAL F 216 -75.49 103.99 53.03
N GLU F 217 -75.07 103.20 52.04
CA GLU F 217 -76.04 102.55 51.16
C GLU F 217 -76.94 101.61 51.97
N LEU F 218 -76.35 100.83 52.88
CA LEU F 218 -77.13 99.92 53.70
C LEU F 218 -78.13 100.67 54.57
N ALA F 219 -77.70 101.80 55.14
CA ALA F 219 -78.61 102.60 55.96
C ALA F 219 -79.77 103.13 55.14
N LYS F 220 -79.48 103.69 53.97
CA LYS F 220 -80.54 104.24 53.12
C LYS F 220 -81.51 103.16 52.69
N ALA F 221 -81.00 101.96 52.38
CA ALA F 221 -81.89 100.87 52.00
C ALA F 221 -82.73 100.39 53.18
N ALA F 222 -82.12 100.25 54.35
CA ALA F 222 -82.85 99.77 55.52
C ALA F 222 -83.93 100.76 55.94
N TYR F 223 -83.73 102.05 55.66
CA TYR F 223 -84.72 103.05 55.99
C TYR F 223 -85.75 103.30 54.90
N GLN F 224 -85.40 103.16 53.63
CA GLN F 224 -86.42 103.27 52.58
C GLN F 224 -87.50 102.20 52.76
N GLY F 225 -87.18 101.09 53.42
CA GLY F 225 -88.15 100.11 53.83
C GLY F 225 -88.81 99.34 52.70
N ASP F 226 -88.44 99.60 51.46
CA ASP F 226 -88.95 98.80 50.36
C ASP F 226 -88.37 97.40 50.43
N LEU F 227 -89.21 96.41 50.15
CA LEU F 227 -88.69 95.06 50.02
C LEU F 227 -87.71 94.98 48.87
N GLN F 228 -88.00 95.68 47.77
CA GLN F 228 -87.15 95.63 46.59
C GLN F 228 -85.74 96.13 46.92
N ALA F 229 -85.64 97.25 47.63
CA ALA F 229 -84.33 97.77 47.99
C ALA F 229 -83.58 96.80 48.89
N SER F 230 -84.27 96.21 49.87
CA SER F 230 -83.62 95.29 50.79
C SER F 230 -83.08 94.07 50.06
N VAL F 231 -83.89 93.47 49.17
CA VAL F 231 -83.42 92.29 48.46
C VAL F 231 -82.36 92.66 47.44
N GLU F 232 -82.41 93.88 46.88
CA GLU F 232 -81.41 94.28 45.90
C GLU F 232 -80.04 94.47 46.56
N LEU F 233 -79.99 95.19 47.68
CA LEU F 233 -78.71 95.35 48.37
C LEU F 233 -78.36 94.14 49.24
N GLY F 234 -79.27 93.17 49.37
CA GLY F 234 -78.89 91.91 49.99
C GLY F 234 -78.10 91.01 49.08
N GLN F 235 -78.12 91.28 47.78
CA GLN F 235 -77.29 90.52 46.84
C GLN F 235 -75.83 90.63 47.20
N ARG F 236 -75.38 91.83 47.56
CA ARG F 236 -73.99 92.12 47.85
C ARG F 236 -73.58 91.76 49.26
N SER F 237 -74.39 90.98 49.98
CA SER F 237 -74.04 90.58 51.34
C SER F 237 -73.07 89.41 51.37
N GLU F 238 -72.68 88.89 50.21
CA GLU F 238 -71.93 87.66 50.10
C GLU F 238 -70.68 87.86 49.25
N MET G 1 17.04 -99.75 -8.39
CA MET G 1 18.43 -100.31 -8.28
C MET G 1 19.46 -99.20 -8.42
N HIS G 2 20.72 -99.52 -8.15
CA HIS G 2 21.80 -98.55 -8.28
C HIS G 2 23.12 -99.30 -8.28
N PHE G 3 24.18 -98.57 -8.63
CA PHE G 3 25.53 -99.09 -8.66
C PHE G 3 26.29 -98.68 -7.40
N ASN G 4 26.97 -99.64 -6.78
CA ASN G 4 27.82 -99.33 -5.64
C ASN G 4 29.18 -98.82 -6.12
N GLU G 5 29.90 -99.65 -6.87
CA GLU G 5 31.13 -99.23 -7.53
C GLU G 5 31.14 -99.85 -8.91
N LEU G 6 31.64 -99.10 -9.90
CA LEU G 6 31.69 -99.56 -11.28
C LEU G 6 32.93 -98.95 -11.93
N ARG G 7 34.03 -99.71 -11.92
CA ARG G 7 35.28 -99.20 -12.45
C ARG G 7 36.10 -100.36 -12.97
N ILE G 8 37.15 -100.05 -13.72
CA ILE G 8 38.17 -101.02 -14.08
C ILE G 8 39.22 -101.00 -12.98
N SER G 9 39.71 -102.19 -12.60
CA SER G 9 40.67 -102.28 -11.52
C SER G 9 41.93 -101.50 -11.84
N GLN G 10 42.59 -100.99 -10.80
CA GLN G 10 43.78 -100.16 -10.99
C GLN G 10 44.91 -100.93 -11.66
N ASP G 11 44.89 -102.25 -11.62
CA ASP G 11 45.90 -103.07 -12.27
C ASP G 11 45.60 -103.32 -13.74
N ASN G 12 44.51 -102.80 -14.26
CA ASN G 12 44.12 -102.98 -15.66
C ASN G 12 43.95 -104.45 -16.00
N ARG G 13 43.39 -105.22 -15.06
CA ARG G 13 43.14 -106.65 -15.26
C ARG G 13 41.73 -107.09 -14.95
N PHE G 14 40.95 -106.33 -14.19
CA PHE G 14 39.59 -106.70 -13.82
C PHE G 14 38.63 -105.56 -14.10
N LEU G 15 37.39 -105.93 -14.43
CA LEU G 15 36.29 -104.99 -14.61
C LEU G 15 35.31 -105.24 -13.47
N ILE G 16 35.27 -104.33 -12.51
CA ILE G 16 34.55 -104.53 -11.27
C ILE G 16 33.12 -104.01 -11.43
N ILE G 17 32.15 -104.86 -11.11
CA ILE G 17 30.75 -104.48 -11.03
C ILE G 17 30.24 -104.86 -9.66
N ASP G 18 29.66 -103.89 -8.95
CA ASP G 18 29.03 -104.12 -7.64
C ASP G 18 27.67 -103.45 -7.69
N VAL G 19 26.61 -104.26 -7.74
CA VAL G 19 25.25 -103.75 -7.84
C VAL G 19 24.52 -104.03 -6.53
N SER G 20 23.59 -103.15 -6.20
CA SER G 20 22.72 -103.33 -5.05
C SER G 20 21.33 -102.79 -5.40
N VAL G 21 20.32 -103.33 -4.75
CA VAL G 21 18.95 -102.88 -4.93
C VAL G 21 18.68 -101.82 -3.88
N ASP G 22 17.80 -100.88 -4.22
CA ASP G 22 17.49 -99.80 -3.30
C ASP G 22 16.88 -100.36 -2.02
N ASN G 23 17.20 -99.70 -0.91
CA ASN G 23 16.81 -100.16 0.42
C ASN G 23 15.34 -99.87 0.76
N GLN G 24 14.51 -99.54 -0.22
CA GLN G 24 13.26 -98.88 0.08
C GLN G 24 12.25 -99.87 0.63
N ASP G 25 11.33 -99.36 1.44
CA ASP G 25 10.29 -100.20 2.02
C ASP G 25 9.33 -100.79 0.98
N TYR G 26 9.35 -100.28 -0.25
CA TYR G 26 8.56 -100.84 -1.34
C TYR G 26 9.39 -101.64 -2.35
N PHE G 27 10.66 -101.92 -2.07
CA PHE G 27 11.51 -102.73 -2.95
C PHE G 27 11.97 -104.03 -2.29
N GLU G 28 11.23 -104.57 -1.31
CA GLU G 28 11.57 -105.88 -0.78
C GLU G 28 11.41 -106.96 -1.84
N ASP G 29 10.32 -106.91 -2.59
CA ASP G 29 10.02 -107.95 -3.58
C ASP G 29 10.93 -107.86 -4.81
N VAL G 30 11.72 -106.80 -4.95
CA VAL G 30 12.59 -106.63 -6.09
C VAL G 30 13.95 -107.24 -5.78
N LEU G 31 14.45 -108.04 -6.72
CA LEU G 31 15.73 -108.73 -6.64
C LEU G 31 16.59 -108.30 -7.83
N LEU G 32 17.70 -108.99 -8.04
CA LEU G 32 18.54 -108.82 -9.22
C LEU G 32 18.39 -110.03 -10.14
N ASP G 33 18.43 -109.78 -11.44
CA ASP G 33 18.18 -110.80 -12.45
C ASP G 33 19.43 -111.20 -13.21
N SER G 34 20.12 -110.26 -13.85
CA SER G 34 21.24 -110.60 -14.72
C SER G 34 22.10 -109.37 -14.92
N ILE G 35 23.31 -109.61 -15.44
CA ILE G 35 24.26 -108.57 -15.80
C ILE G 35 24.69 -108.82 -17.23
N VAL G 36 24.51 -107.83 -18.10
CA VAL G 36 24.85 -107.93 -19.51
C VAL G 36 25.90 -106.88 -19.84
N ILE G 37 27.00 -107.31 -20.45
CA ILE G 37 28.10 -106.43 -20.81
C ILE G 37 28.09 -106.24 -22.32
N ASP G 38 28.14 -104.99 -22.76
CA ASP G 38 28.23 -104.64 -24.17
C ASP G 38 29.38 -103.65 -24.35
N THR G 39 29.93 -103.64 -25.56
CA THR G 39 30.99 -102.72 -25.94
C THR G 39 30.45 -101.71 -26.95
N GLN G 40 31.32 -100.79 -27.37
CA GLN G 40 30.93 -99.78 -28.34
C GLN G 40 30.65 -100.37 -29.73
N ASP G 41 31.04 -101.62 -29.97
CA ASP G 41 30.77 -102.26 -31.25
C ASP G 41 29.40 -102.90 -31.32
N THR G 42 28.92 -103.48 -30.22
CA THR G 42 27.66 -104.20 -30.18
C THR G 42 26.53 -103.39 -29.56
N PHE G 43 26.80 -102.17 -29.11
CA PHE G 43 25.77 -101.42 -28.37
C PHE G 43 24.60 -101.06 -29.27
N VAL G 44 23.39 -101.22 -28.73
CA VAL G 44 22.15 -100.78 -29.37
C VAL G 44 21.34 -100.00 -28.34
N MET G 45 20.51 -99.08 -28.85
CA MET G 45 19.76 -98.21 -27.96
C MET G 45 18.71 -98.98 -27.16
N ASN G 46 17.92 -99.81 -27.84
CA ASN G 46 16.78 -100.48 -27.20
C ASN G 46 17.28 -101.72 -26.47
N GLY G 47 17.76 -101.52 -25.23
CA GLY G 47 18.14 -102.60 -24.37
C GLY G 47 19.43 -103.27 -24.81
N PRO G 48 19.85 -104.33 -24.12
CA PRO G 48 21.06 -105.04 -24.52
C PRO G 48 20.91 -105.61 -25.92
N SER G 49 22.00 -105.58 -26.68
CA SER G 49 22.01 -106.15 -28.01
C SER G 49 22.05 -107.67 -27.91
N ASP G 50 21.91 -108.32 -29.07
CA ASP G 50 22.15 -109.75 -29.18
C ASP G 50 23.65 -109.96 -29.29
N ASN G 51 24.06 -111.21 -29.16
CA ASN G 51 25.45 -111.60 -29.22
C ASN G 51 26.27 -110.68 -28.29
N PRO G 52 25.90 -110.65 -26.95
CA PRO G 52 26.50 -109.68 -26.02
C PRO G 52 27.90 -110.18 -25.66
N LEU G 53 28.70 -109.35 -25.03
CA LEU G 53 30.07 -109.73 -24.70
C LEU G 53 30.09 -110.75 -23.57
N TYR G 54 29.18 -110.59 -22.60
CA TYR G 54 29.22 -111.41 -21.39
C TYR G 54 27.85 -111.36 -20.73
N ILE G 55 27.18 -112.51 -20.69
CA ILE G 55 25.87 -112.65 -20.04
C ILE G 55 26.09 -113.34 -18.72
N TYR G 56 25.47 -112.79 -17.67
CA TYR G 56 25.63 -113.33 -16.32
C TYR G 56 24.26 -113.45 -15.68
N ASN G 57 23.99 -114.62 -15.11
CA ASN G 57 22.74 -114.91 -14.43
C ASN G 57 23.02 -115.11 -12.95
N VAL G 58 22.24 -114.44 -12.10
CA VAL G 58 22.60 -114.36 -10.68
C VAL G 58 22.18 -115.61 -9.90
N GLU G 59 21.09 -116.28 -10.30
CA GLU G 59 20.68 -117.46 -9.56
C GLU G 59 21.68 -118.61 -9.68
N ASP G 60 22.60 -118.57 -10.64
CA ASP G 60 23.64 -119.59 -10.69
C ASP G 60 24.57 -119.49 -9.49
N ALA G 61 24.98 -118.28 -9.13
CA ALA G 61 26.01 -118.11 -8.10
C ALA G 61 25.50 -118.55 -6.74
N TYR G 62 24.31 -118.09 -6.34
CA TYR G 62 23.79 -118.36 -5.02
C TYR G 62 22.99 -119.65 -5.00
N ASP G 63 22.84 -120.21 -3.80
CA ASP G 63 22.11 -121.45 -3.58
C ASP G 63 20.86 -121.20 -2.75
N THR G 91 17.18 -114.84 0.89
CA THR G 91 16.86 -114.13 -0.34
C THR G 91 17.61 -112.81 -0.45
N GLN G 92 18.10 -112.30 0.68
CA GLN G 92 18.84 -111.04 0.67
C GLN G 92 20.16 -111.16 -0.08
N GLN G 93 20.66 -112.37 -0.31
CA GLN G 93 21.85 -112.54 -1.15
C GLN G 93 21.58 -112.08 -2.57
N MET G 94 20.34 -112.25 -3.05
CA MET G 94 19.99 -111.83 -4.40
C MET G 94 19.99 -110.31 -4.56
N LYS G 95 19.87 -109.56 -3.46
CA LYS G 95 19.75 -108.11 -3.54
C LYS G 95 21.11 -107.40 -3.64
N ASN G 96 22.22 -108.12 -3.48
CA ASN G 96 23.55 -107.55 -3.63
C ASN G 96 24.38 -108.51 -4.45
N VAL G 97 25.09 -107.96 -5.45
CA VAL G 97 25.90 -108.76 -6.36
C VAL G 97 27.21 -108.02 -6.59
N ARG G 98 28.31 -108.78 -6.64
CA ARG G 98 29.62 -108.23 -6.97
C ARG G 98 30.33 -109.17 -7.93
N LEU G 99 31.08 -108.59 -8.87
CA LEU G 99 31.82 -109.36 -9.86
C LEU G 99 33.20 -108.75 -10.05
N GLU G 100 34.14 -109.59 -10.46
CA GLU G 100 35.48 -109.16 -10.89
C GLU G 100 35.80 -109.96 -12.14
N LEU G 101 35.45 -109.40 -13.30
CA LEU G 101 35.62 -110.09 -14.57
C LEU G 101 37.01 -109.79 -15.12
N ASN G 102 37.83 -110.84 -15.27
CA ASN G 102 39.13 -110.69 -15.92
C ASN G 102 38.90 -110.23 -17.36
N ILE G 103 39.35 -109.02 -17.67
CA ILE G 103 39.05 -108.44 -18.98
C ILE G 103 39.70 -109.24 -20.10
N GLN G 104 40.90 -109.78 -19.85
CA GLN G 104 41.57 -110.56 -20.89
C GLN G 104 40.83 -111.85 -21.20
N ASP G 105 39.97 -112.33 -20.31
CA ASP G 105 39.10 -113.46 -20.65
C ASP G 105 37.96 -113.02 -21.57
N LEU G 106 37.52 -111.77 -21.47
CA LEU G 106 36.49 -111.25 -22.36
C LEU G 106 37.00 -111.00 -23.77
N LYS G 107 38.32 -111.06 -23.99
CA LYS G 107 38.91 -110.95 -25.32
C LYS G 107 38.69 -109.55 -25.90
N VAL G 108 38.85 -108.52 -25.06
CA VAL G 108 38.75 -107.13 -25.49
C VAL G 108 39.88 -106.35 -24.85
N SER G 109 40.17 -105.19 -25.43
CA SER G 109 41.25 -104.34 -24.94
C SER G 109 40.78 -103.56 -23.72
N PRO G 110 41.45 -103.68 -22.56
CA PRO G 110 41.03 -102.85 -21.41
C PRO G 110 41.24 -101.37 -21.60
N CYS G 111 42.12 -100.97 -22.53
CA CYS G 111 42.34 -99.53 -22.77
C CYS G 111 41.34 -98.94 -23.75
N SER G 112 40.99 -99.67 -24.80
CA SER G 112 40.27 -99.14 -25.94
C SER G 112 38.85 -99.70 -26.05
N THR G 113 38.22 -99.98 -24.90
CA THR G 113 36.87 -100.53 -24.87
C THR G 113 36.00 -99.68 -23.96
N MET G 114 34.74 -99.53 -24.33
CA MET G 114 33.75 -98.73 -23.60
C MET G 114 32.63 -99.68 -23.18
N PHE G 115 32.78 -100.27 -22.01
CA PHE G 115 31.84 -101.31 -21.58
C PHE G 115 30.53 -100.68 -21.12
N PHE G 116 29.42 -101.29 -21.54
CA PHE G 116 28.08 -100.92 -21.12
C PHE G 116 27.51 -102.06 -20.29
N VAL G 117 27.13 -101.76 -19.06
CA VAL G 117 26.68 -102.76 -18.10
C VAL G 117 25.20 -102.56 -17.86
N TYR G 118 24.38 -103.50 -18.32
CA TYR G 118 22.95 -103.50 -18.06
C TYR G 118 22.66 -104.42 -16.89
N VAL G 119 21.62 -104.08 -16.13
CA VAL G 119 21.16 -104.89 -15.01
C VAL G 119 19.64 -104.92 -15.06
N LYS G 120 19.06 -106.06 -14.69
CA LYS G 120 17.62 -106.25 -14.68
C LYS G 120 17.17 -106.74 -13.31
N SER G 121 15.89 -106.53 -13.02
CA SER G 121 15.37 -106.65 -11.66
C SER G 121 14.76 -108.03 -11.38
N LYS G 122 13.80 -108.46 -12.20
CA LYS G 122 13.01 -109.67 -11.93
C LYS G 122 12.30 -109.51 -10.58
N GLY G 123 11.36 -108.57 -10.56
CA GLY G 123 10.58 -108.33 -9.37
C GLY G 123 9.55 -107.24 -9.54
N THR G 124 8.42 -107.37 -8.83
CA THR G 124 7.34 -106.41 -8.92
C THR G 124 7.34 -105.55 -7.66
N PRO G 125 7.63 -104.24 -7.74
CA PRO G 125 7.58 -103.41 -6.54
C PRO G 125 6.15 -103.26 -6.02
N SER G 126 6.06 -102.71 -4.82
CA SER G 126 4.76 -102.56 -4.17
C SER G 126 3.88 -101.57 -4.94
N THR G 127 2.60 -101.54 -4.57
CA THR G 127 1.64 -100.66 -5.22
C THR G 127 1.73 -99.22 -4.73
N ASP G 128 2.42 -98.96 -3.62
CA ASP G 128 2.66 -97.62 -3.14
C ASP G 128 3.92 -97.00 -3.73
N THR G 129 4.46 -97.59 -4.80
CA THR G 129 5.67 -97.07 -5.40
C THR G 129 5.41 -95.68 -5.95
N PRO G 130 6.22 -94.67 -5.62
CA PRO G 130 5.99 -93.34 -6.20
C PRO G 130 6.20 -93.38 -7.71
N CYS G 131 5.50 -92.51 -8.42
CA CYS G 131 5.64 -92.45 -9.87
C CYS G 131 7.09 -92.16 -10.24
N GLY G 132 7.66 -93.01 -11.11
CA GLY G 132 8.97 -92.80 -11.68
C GLY G 132 10.07 -93.69 -11.14
N PHE G 133 9.87 -94.33 -9.99
CA PHE G 133 10.91 -95.16 -9.39
C PHE G 133 10.89 -96.60 -9.86
N ASP G 134 9.79 -97.06 -10.47
CA ASP G 134 9.66 -98.46 -10.88
C ASP G 134 10.34 -98.67 -12.25
N LYS G 135 11.65 -98.48 -12.26
CA LYS G 135 12.47 -98.73 -13.45
C LYS G 135 13.25 -100.02 -13.22
N ASP G 136 12.95 -101.04 -14.03
CA ASP G 136 13.58 -102.35 -13.82
C ASP G 136 15.03 -102.35 -14.28
N GLN G 137 15.31 -101.69 -15.41
CA GLN G 137 16.62 -101.72 -16.02
C GLN G 137 17.43 -100.47 -15.67
N ILE G 138 18.75 -100.65 -15.57
CA ILE G 138 19.69 -99.56 -15.41
C ILE G 138 20.84 -99.77 -16.39
N LEU G 139 21.74 -98.79 -16.44
CA LEU G 139 22.87 -98.84 -17.36
C LEU G 139 24.05 -98.13 -16.73
N GLY G 140 25.23 -98.69 -16.91
CA GLY G 140 26.46 -98.10 -16.40
C GLY G 140 27.58 -98.14 -17.40
N THR G 141 28.13 -96.97 -17.74
CA THR G 141 29.21 -96.86 -18.70
C THR G 141 30.56 -96.93 -18.00
N VAL G 142 31.52 -97.57 -18.66
CA VAL G 142 32.85 -97.79 -18.11
C VAL G 142 33.90 -97.44 -19.14
N ILE G 143 34.93 -96.72 -18.71
CA ILE G 143 36.11 -96.45 -19.52
C ILE G 143 37.34 -96.56 -18.62
N ASN G 144 38.49 -96.75 -19.26
CA ASN G 144 39.76 -96.78 -18.55
C ASN G 144 40.31 -95.37 -18.44
N LEU G 145 40.60 -94.94 -17.21
CA LEU G 145 41.06 -93.58 -16.96
C LEU G 145 42.57 -93.42 -16.99
N GLN G 146 43.33 -94.53 -16.94
CA GLN G 146 44.78 -94.45 -17.10
C GLN G 146 45.21 -93.72 -18.37
N PRO G 147 44.65 -94.00 -19.56
CA PRO G 147 45.19 -93.35 -20.77
C PRO G 147 45.00 -91.86 -20.74
N ILE G 148 43.87 -91.40 -20.20
CA ILE G 148 43.60 -89.99 -20.05
C ILE G 148 44.57 -89.37 -19.05
N TYR G 149 44.86 -90.10 -17.97
CA TYR G 149 45.83 -89.63 -16.99
C TYR G 149 47.21 -89.45 -17.61
N LYS G 150 47.66 -90.45 -18.36
CA LYS G 150 48.98 -90.34 -18.99
C LYS G 150 49.01 -89.22 -20.02
N GLN G 151 47.92 -89.04 -20.76
CA GLN G 151 47.86 -87.94 -21.71
C GLN G 151 47.94 -86.60 -21.00
N THR G 152 47.24 -86.46 -19.87
CA THR G 152 47.32 -85.22 -19.11
C THR G 152 48.74 -84.98 -18.58
N LEU G 153 49.41 -86.04 -18.13
CA LEU G 153 50.80 -85.87 -17.69
C LEU G 153 51.71 -85.45 -18.84
N LYS G 154 51.52 -86.04 -20.02
CA LYS G 154 52.31 -85.61 -21.17
C LYS G 154 52.07 -84.13 -21.49
N TYR G 155 50.80 -83.72 -21.48
CA TYR G 155 50.49 -82.33 -21.79
C TYR G 155 51.02 -81.38 -20.72
N LEU G 156 50.97 -81.79 -19.46
CA LEU G 156 51.52 -80.97 -18.39
C LEU G 156 53.04 -80.87 -18.53
N LYS G 157 53.70 -81.96 -18.93
CA LYS G 157 55.14 -81.89 -19.17
C LYS G 157 55.45 -80.92 -20.30
N GLU G 158 54.62 -80.91 -21.35
CA GLU G 158 54.78 -79.93 -22.40
C GLU G 158 54.57 -78.52 -21.88
N VAL G 159 53.61 -78.35 -20.97
CA VAL G 159 53.36 -77.05 -20.36
C VAL G 159 54.57 -76.59 -19.54
N GLU G 160 55.24 -77.53 -18.87
CA GLU G 160 56.37 -77.16 -18.03
C GLU G 160 57.47 -76.48 -18.84
N CYS G 161 57.64 -76.88 -20.10
CA CYS G 161 58.46 -76.11 -21.02
C CYS G 161 57.67 -74.89 -21.47
N ASP G 162 58.32 -73.73 -21.42
CA ASP G 162 57.91 -72.41 -21.96
C ASP G 162 56.51 -71.98 -21.53
N CYS G 163 55.88 -72.68 -20.57
CA CYS G 163 54.64 -72.24 -19.93
C CYS G 163 53.54 -71.87 -20.92
N ASN G 164 53.46 -72.59 -22.04
CA ASN G 164 52.39 -72.44 -23.02
C ASN G 164 51.52 -73.69 -23.04
N ILE G 165 50.21 -73.49 -23.07
CA ILE G 165 49.25 -74.58 -23.05
C ILE G 165 49.07 -75.10 -24.48
N PRO G 166 49.35 -76.36 -24.76
CA PRO G 166 49.03 -76.89 -26.10
C PRO G 166 47.54 -76.83 -26.35
N LYS G 167 47.16 -76.52 -27.59
CA LYS G 167 45.74 -76.47 -27.94
C LYS G 167 45.12 -77.86 -27.91
N GLY G 168 45.92 -78.90 -28.17
CA GLY G 168 45.42 -80.25 -28.08
C GLY G 168 44.94 -80.60 -26.69
N PHE G 169 45.56 -80.00 -25.67
CA PHE G 169 45.15 -80.26 -24.29
C PHE G 169 43.75 -79.73 -24.02
N ILE G 170 43.49 -78.48 -24.42
CA ILE G 170 42.15 -77.93 -24.27
C ILE G 170 41.16 -78.72 -25.10
N ASP G 171 41.56 -79.13 -26.30
CA ASP G 171 40.68 -79.95 -27.13
C ASP G 171 40.33 -81.25 -26.44
N MET G 172 41.31 -81.92 -25.84
CA MET G 172 41.04 -83.17 -25.15
C MET G 172 40.10 -82.95 -23.97
N ILE G 173 40.32 -81.87 -23.21
CA ILE G 173 39.46 -81.59 -22.06
C ILE G 173 38.02 -81.40 -22.52
N LEU G 174 37.82 -80.59 -23.56
CA LEU G 174 36.47 -80.30 -24.00
C LEU G 174 35.82 -81.50 -24.68
N LYS G 175 36.61 -82.35 -25.34
CA LYS G 175 36.05 -83.56 -25.94
C LYS G 175 35.61 -84.53 -24.83
N LEU G 176 36.39 -84.63 -23.76
CA LEU G 176 35.95 -85.42 -22.62
C LEU G 176 34.67 -84.87 -22.02
N LYS G 177 34.57 -83.55 -21.91
CA LYS G 177 33.33 -82.94 -21.41
C LYS G 177 32.16 -83.26 -22.32
N ALA G 178 32.40 -83.28 -23.64
CA ALA G 178 31.33 -83.63 -24.58
C ALA G 178 30.86 -85.06 -24.36
N ILE G 179 31.80 -85.99 -24.18
CA ILE G 179 31.40 -87.38 -23.95
C ILE G 179 30.66 -87.50 -22.62
N GLU G 180 31.09 -86.75 -21.60
CA GLU G 180 30.38 -86.77 -20.33
C GLU G 180 28.94 -86.27 -20.50
N LEU G 181 28.76 -85.17 -21.22
CA LEU G 181 27.40 -84.66 -21.42
C LEU G 181 26.55 -85.66 -22.19
N CYS G 182 27.14 -86.29 -23.21
CA CYS G 182 26.40 -87.27 -23.99
C CYS G 182 25.98 -88.46 -23.12
N VAL G 183 26.87 -88.92 -22.24
CA VAL G 183 26.53 -90.05 -21.39
C VAL G 183 25.46 -89.68 -20.38
N ARG G 184 25.63 -88.53 -19.71
CA ARG G 184 24.64 -88.13 -18.70
C ARG G 184 23.28 -87.85 -19.31
N THR G 185 23.24 -87.44 -20.58
CA THR G 185 21.97 -87.20 -21.25
C THR G 185 21.41 -88.44 -21.93
N GLY G 186 22.14 -89.55 -21.92
CA GLY G 186 21.66 -90.78 -22.53
C GLY G 186 21.92 -90.90 -24.02
N ASN G 187 22.61 -89.94 -24.63
CA ASN G 187 22.91 -89.96 -26.06
C ASN G 187 24.19 -90.77 -26.26
N TYR G 188 24.05 -92.08 -26.13
CA TYR G 188 25.20 -92.98 -26.17
C TYR G 188 25.78 -93.20 -27.57
N PRO G 189 24.97 -93.28 -28.64
CA PRO G 189 25.57 -93.47 -29.97
C PRO G 189 26.56 -92.39 -30.37
N GLN G 190 26.21 -91.12 -30.14
CA GLN G 190 27.16 -90.05 -30.47
C GLN G 190 28.35 -90.08 -29.53
N ALA G 191 28.15 -90.55 -28.29
CA ALA G 191 29.29 -90.74 -27.40
C ALA G 191 30.24 -91.79 -27.97
N ILE G 192 29.70 -92.88 -28.52
CA ILE G 192 30.54 -93.86 -29.20
C ILE G 192 31.27 -93.24 -30.37
N LYS G 193 30.57 -92.42 -31.16
CA LYS G 193 31.21 -91.75 -32.28
C LYS G 193 32.40 -90.91 -31.82
N TYR G 194 32.18 -90.07 -30.81
CA TYR G 194 33.25 -89.22 -30.31
C TYR G 194 34.40 -90.05 -29.76
N TRP G 195 34.08 -91.09 -28.99
CA TRP G 195 35.12 -91.92 -28.39
C TRP G 195 35.97 -92.57 -29.46
N ASN G 196 35.33 -93.25 -30.41
CA ASN G 196 36.06 -93.96 -31.46
C ASN G 196 36.87 -92.99 -32.31
N LYS G 197 36.35 -91.81 -32.56
CA LYS G 197 37.06 -90.88 -33.43
C LYS G 197 38.26 -90.27 -32.72
N PHE G 198 38.09 -89.89 -31.46
CA PHE G 198 39.04 -89.02 -30.81
C PHE G 198 40.01 -89.79 -29.89
N PHE G 199 39.48 -90.67 -29.03
CA PHE G 199 40.26 -91.26 -27.96
C PHE G 199 40.63 -92.72 -28.19
N ILE G 200 40.43 -93.24 -29.40
CA ILE G 200 40.50 -94.70 -29.58
C ILE G 200 41.93 -95.20 -29.40
N LYS G 201 42.92 -94.48 -29.95
CA LYS G 201 44.32 -94.91 -29.88
C LYS G 201 44.91 -94.47 -28.55
N ASN G 202 44.96 -95.39 -27.59
CA ASN G 202 45.33 -95.10 -26.22
C ASN G 202 46.40 -96.08 -25.76
N ASN G 203 47.41 -95.56 -25.05
CA ASN G 203 48.50 -96.39 -24.53
C ASN G 203 48.36 -96.56 -23.03
N CYS G 204 48.17 -97.80 -22.58
CA CYS G 204 48.11 -98.12 -21.15
C CYS G 204 48.14 -99.62 -20.90
N MET H 1 27.69 -86.80 10.35
CA MET H 1 26.47 -86.82 9.48
C MET H 1 26.89 -86.60 8.02
N HIS H 2 26.12 -87.15 7.09
CA HIS H 2 26.45 -87.02 5.67
C HIS H 2 25.19 -87.26 4.86
N PHE H 3 25.27 -86.93 3.58
CA PHE H 3 24.17 -87.13 2.63
C PHE H 3 24.44 -88.39 1.82
N ASN H 4 23.41 -89.23 1.69
CA ASN H 4 23.47 -90.43 0.86
C ASN H 4 22.92 -90.22 -0.54
N GLU H 5 21.79 -89.53 -0.66
CA GLU H 5 21.17 -89.29 -1.96
C GLU H 5 20.47 -87.94 -1.90
N LEU H 6 20.96 -86.99 -2.68
CA LEU H 6 20.43 -85.63 -2.73
C LEU H 6 20.19 -85.31 -4.21
N ARG H 7 18.92 -85.32 -4.63
CA ARG H 7 18.61 -85.32 -6.05
C ARG H 7 17.16 -84.92 -6.26
N ILE H 8 16.89 -84.37 -7.44
CA ILE H 8 15.54 -84.15 -7.93
C ILE H 8 15.27 -85.16 -9.03
N SER H 9 14.13 -85.85 -8.94
CA SER H 9 13.79 -86.85 -9.93
C SER H 9 13.70 -86.23 -11.31
N GLN H 10 14.21 -86.95 -12.31
CA GLN H 10 14.27 -86.41 -13.67
C GLN H 10 12.89 -86.21 -14.27
N ASP H 11 11.85 -86.81 -13.68
CA ASP H 11 10.48 -86.53 -14.08
C ASP H 11 9.94 -85.22 -13.50
N ASN H 12 10.77 -84.47 -12.77
CA ASN H 12 10.42 -83.15 -12.25
C ASN H 12 9.23 -83.22 -11.29
N ARG H 13 9.13 -84.31 -10.53
CA ARG H 13 8.13 -84.44 -9.47
C ARG H 13 8.72 -84.31 -8.08
N PHE H 14 9.77 -85.07 -7.78
CA PHE H 14 10.14 -85.38 -6.41
C PHE H 14 11.52 -84.82 -6.09
N LEU H 15 11.60 -84.07 -4.99
CA LEU H 15 12.86 -83.65 -4.40
C LEU H 15 13.27 -84.73 -3.41
N ILE H 16 14.20 -85.58 -3.82
CA ILE H 16 14.56 -86.76 -3.04
C ILE H 16 15.62 -86.39 -2.03
N ILE H 17 15.37 -86.72 -0.77
CA ILE H 17 16.29 -86.47 0.33
C ILE H 17 16.53 -87.79 1.03
N ASP H 18 17.79 -88.12 1.31
CA ASP H 18 18.11 -89.35 2.01
C ASP H 18 19.35 -89.09 2.84
N VAL H 19 19.15 -88.79 4.13
CA VAL H 19 20.22 -88.44 5.04
C VAL H 19 20.37 -89.57 6.07
N SER H 20 21.59 -89.77 6.54
CA SER H 20 21.89 -90.78 7.53
C SER H 20 23.06 -90.29 8.37
N VAL H 21 22.96 -90.45 9.69
CA VAL H 21 24.09 -90.12 10.53
C VAL H 21 25.26 -91.04 10.16
N ASP H 22 26.46 -90.51 10.34
CA ASP H 22 27.67 -91.27 10.10
C ASP H 22 27.73 -92.44 11.07
N ASN H 23 28.38 -93.52 10.65
CA ASN H 23 28.30 -94.81 11.33
C ASN H 23 29.33 -95.02 12.42
N GLN H 24 30.20 -94.04 12.69
CA GLN H 24 31.23 -94.22 13.71
C GLN H 24 30.62 -94.32 15.11
N ASP H 25 31.38 -94.92 16.02
CA ASP H 25 30.87 -95.31 17.34
C ASP H 25 30.93 -94.19 18.37
N TYR H 26 31.23 -92.95 17.95
CA TYR H 26 30.94 -91.79 18.78
C TYR H 26 29.56 -91.22 18.49
N PHE H 27 29.01 -91.50 17.32
CA PHE H 27 27.70 -91.00 16.91
C PHE H 27 26.59 -92.02 17.17
N GLU H 28 26.41 -92.40 18.44
CA GLU H 28 25.17 -93.03 18.86
C GLU H 28 24.17 -92.02 19.38
N ASP H 29 24.59 -91.19 20.34
CA ASP H 29 23.68 -90.28 21.02
C ASP H 29 23.20 -89.14 20.13
N VAL H 30 23.84 -88.89 19.00
CA VAL H 30 23.38 -87.88 18.06
C VAL H 30 22.24 -88.45 17.21
N LEU H 31 21.13 -87.73 17.14
CA LEU H 31 19.97 -88.16 16.38
C LEU H 31 19.63 -87.06 15.39
N LEU H 32 18.52 -87.19 14.66
CA LEU H 32 18.05 -86.16 13.73
C LEU H 32 16.88 -85.43 14.35
N ASP H 33 16.97 -84.10 14.40
CA ASP H 33 15.92 -83.27 14.98
C ASP H 33 14.87 -82.90 13.94
N SER H 34 15.28 -82.24 12.86
CA SER H 34 14.33 -81.77 11.85
C SER H 34 15.03 -81.62 10.52
N ILE H 35 14.23 -81.48 9.46
CA ILE H 35 14.69 -81.21 8.11
C ILE H 35 14.00 -79.95 7.62
N VAL H 36 14.78 -78.93 7.26
CA VAL H 36 14.26 -77.66 6.82
C VAL H 36 14.65 -77.46 5.36
N ILE H 37 13.65 -77.23 4.51
CA ILE H 37 13.87 -76.99 3.08
C ILE H 37 13.72 -75.49 2.83
N ASP H 38 14.70 -74.90 2.18
CA ASP H 38 14.76 -73.47 1.92
C ASP H 38 15.17 -73.24 0.47
N THR H 39 14.79 -72.09 -0.07
CA THR H 39 15.02 -71.75 -1.46
C THR H 39 15.93 -70.52 -1.56
N GLN H 40 16.31 -70.19 -2.80
CA GLN H 40 17.18 -69.04 -3.04
C GLN H 40 16.52 -67.72 -2.65
N ASP H 41 15.20 -67.64 -2.68
CA ASP H 41 14.50 -66.38 -2.41
C ASP H 41 14.32 -66.11 -0.92
N THR H 42 14.51 -67.12 -0.05
CA THR H 42 14.32 -66.98 1.39
C THR H 42 15.52 -67.50 2.14
N PHE H 43 16.72 -67.19 1.64
CA PHE H 43 17.97 -67.64 2.23
C PHE H 43 18.51 -66.62 3.23
N VAL H 44 19.16 -67.14 4.27
CA VAL H 44 19.86 -66.32 5.26
C VAL H 44 21.26 -66.90 5.42
N MET H 45 22.21 -66.02 5.76
CA MET H 45 23.61 -66.42 5.79
C MET H 45 23.85 -67.56 6.79
N ASN H 46 23.31 -67.42 8.00
CA ASN H 46 23.53 -68.38 9.08
C ASN H 46 22.24 -69.10 9.42
N GLY H 47 22.26 -70.42 9.37
CA GLY H 47 21.13 -71.24 9.73
C GLY H 47 19.95 -71.05 8.79
N PRO H 48 18.89 -71.83 9.00
CA PRO H 48 17.70 -71.66 8.16
C PRO H 48 17.01 -70.34 8.43
N SER H 49 16.25 -69.89 7.44
CA SER H 49 15.50 -68.66 7.57
C SER H 49 14.30 -68.87 8.51
N ASP H 50 13.74 -67.76 8.98
CA ASP H 50 12.54 -67.82 9.80
C ASP H 50 11.27 -67.98 8.97
N ASN H 51 11.39 -68.06 7.64
CA ASN H 51 10.26 -68.30 6.75
C ASN H 51 10.66 -69.39 5.75
N PRO H 52 10.82 -70.64 6.22
CA PRO H 52 11.26 -71.70 5.31
C PRO H 52 10.18 -72.14 4.35
N LEU H 53 10.52 -73.07 3.45
CA LEU H 53 9.56 -73.62 2.51
C LEU H 53 8.88 -74.87 3.03
N TYR H 54 9.54 -75.62 3.91
CA TYR H 54 9.00 -76.86 4.43
C TYR H 54 9.79 -77.26 5.66
N ILE H 55 9.09 -77.76 6.68
CA ILE H 55 9.70 -78.20 7.92
C ILE H 55 9.21 -79.61 8.21
N TYR H 56 10.10 -80.45 8.74
CA TYR H 56 9.76 -81.84 9.03
C TYR H 56 10.54 -82.27 10.26
N ASN H 57 9.84 -82.41 11.39
CA ASN H 57 10.47 -82.87 12.61
C ASN H 57 10.51 -84.40 12.62
N VAL H 58 11.71 -84.95 12.81
CA VAL H 58 11.88 -86.40 12.71
C VAL H 58 11.24 -87.09 13.91
N GLU H 59 11.30 -86.47 15.09
CA GLU H 59 10.85 -87.12 16.31
C GLU H 59 9.36 -87.39 16.35
N ASP H 60 8.58 -86.79 15.44
CA ASP H 60 7.14 -87.06 15.35
C ASP H 60 6.89 -88.32 14.51
N ALA H 61 7.45 -89.43 14.99
CA ALA H 61 7.38 -90.70 14.30
C ALA H 61 7.72 -91.79 15.32
N TYR H 62 7.98 -93.01 14.82
CA TYR H 62 8.47 -94.09 15.68
C TYR H 62 9.67 -93.64 16.50
N ASP H 63 9.61 -93.89 17.80
CA ASP H 63 10.68 -93.51 18.72
C ASP H 63 11.30 -94.75 19.35
N THR H 91 16.23 -97.45 17.29
CA THR H 91 16.69 -96.08 17.18
C THR H 91 17.29 -95.80 15.80
N GLN H 92 17.65 -96.86 15.08
CA GLN H 92 18.19 -96.69 13.73
C GLN H 92 17.17 -96.09 12.78
N GLN H 93 15.87 -96.15 13.11
CA GLN H 93 14.88 -95.51 12.25
C GLN H 93 15.03 -93.99 12.29
N MET H 94 15.40 -93.43 13.44
CA MET H 94 15.78 -92.01 13.48
C MET H 94 17.06 -91.76 12.71
N LYS H 95 18.09 -92.59 12.92
CA LYS H 95 19.42 -92.29 12.40
C LYS H 95 19.47 -92.26 10.88
N ASN H 96 18.46 -92.83 10.21
CA ASN H 96 18.35 -92.77 8.76
C ASN H 96 16.95 -92.28 8.41
N VAL H 97 16.87 -91.21 7.63
CA VAL H 97 15.59 -90.59 7.25
C VAL H 97 15.60 -90.31 5.76
N ARG H 98 14.43 -90.39 5.16
CA ARG H 98 14.26 -90.17 3.73
C ARG H 98 12.95 -89.42 3.49
N LEU H 99 13.02 -88.35 2.71
CA LEU H 99 11.85 -87.58 2.30
C LEU H 99 11.76 -87.57 0.77
N GLU H 100 10.53 -87.59 0.27
CA GLU H 100 10.25 -87.69 -1.16
C GLU H 100 9.19 -86.64 -1.54
N LEU H 101 9.43 -85.41 -1.14
CA LEU H 101 8.44 -84.34 -1.29
C LEU H 101 8.01 -84.17 -2.74
N ASN H 102 6.69 -84.08 -2.96
CA ASN H 102 6.17 -83.65 -4.24
C ASN H 102 6.36 -82.15 -4.38
N ILE H 103 6.97 -81.72 -5.48
CA ILE H 103 7.31 -80.31 -5.63
C ILE H 103 6.08 -79.48 -5.93
N GLN H 104 5.05 -80.07 -6.54
CA GLN H 104 3.82 -79.32 -6.80
C GLN H 104 3.18 -78.85 -5.50
N ASP H 105 3.26 -79.67 -4.46
CA ASP H 105 2.71 -79.26 -3.16
C ASP H 105 3.44 -78.04 -2.62
N LEU H 106 4.75 -77.96 -2.86
CA LEU H 106 5.53 -76.82 -2.41
C LEU H 106 5.26 -75.56 -3.21
N LYS H 107 4.60 -75.67 -4.37
CA LYS H 107 4.20 -74.51 -5.16
C LYS H 107 5.42 -73.76 -5.69
N VAL H 108 6.43 -74.50 -6.13
CA VAL H 108 7.64 -73.92 -6.72
C VAL H 108 7.99 -74.71 -7.97
N SER H 109 8.79 -74.07 -8.84
CA SER H 109 9.18 -74.69 -10.09
C SER H 109 10.35 -75.65 -9.85
N PRO H 110 10.28 -76.90 -10.31
CA PRO H 110 11.41 -77.82 -10.07
C PRO H 110 12.70 -77.41 -10.76
N CYS H 111 12.64 -76.58 -11.80
CA CYS H 111 13.79 -76.28 -12.63
C CYS H 111 14.38 -74.90 -12.38
N SER H 112 13.56 -73.89 -12.14
CA SER H 112 14.03 -72.54 -11.84
C SER H 112 14.16 -72.30 -10.34
N THR H 113 14.32 -73.36 -9.55
CA THR H 113 14.43 -73.26 -8.09
C THR H 113 15.64 -74.03 -7.61
N MET H 114 16.39 -73.44 -6.69
CA MET H 114 17.58 -74.04 -6.10
C MET H 114 17.36 -74.16 -4.60
N PHE H 115 17.36 -75.39 -4.10
CA PHE H 115 16.94 -75.67 -2.74
C PHE H 115 18.14 -75.80 -1.80
N PHE H 116 17.96 -75.35 -0.56
CA PHE H 116 18.90 -75.57 0.53
C PHE H 116 18.27 -76.51 1.55
N VAL H 117 18.93 -77.63 1.80
CA VAL H 117 18.43 -78.65 2.72
C VAL H 117 19.27 -78.57 3.99
N TYR H 118 18.65 -78.10 5.08
CA TYR H 118 19.27 -78.09 6.39
C TYR H 118 18.78 -79.29 7.20
N VAL H 119 19.72 -79.98 7.85
CA VAL H 119 19.40 -81.12 8.69
C VAL H 119 19.95 -80.83 10.08
N LYS H 120 19.06 -80.78 11.07
CA LYS H 120 19.42 -80.44 12.44
C LYS H 120 19.57 -81.72 13.25
N SER H 121 20.67 -81.82 14.00
CA SER H 121 20.96 -82.99 14.82
C SER H 121 20.45 -82.79 16.24
N LYS H 122 20.14 -83.92 16.91
CA LYS H 122 19.66 -83.93 18.28
C LYS H 122 20.51 -84.90 19.09
N GLY H 123 21.44 -84.35 19.87
CA GLY H 123 22.22 -85.17 20.78
C GLY H 123 23.59 -84.56 21.01
N THR H 124 24.44 -85.36 21.66
CA THR H 124 25.79 -84.94 22.02
C THR H 124 26.75 -86.04 21.56
N PRO H 125 27.70 -85.76 20.65
CA PRO H 125 28.70 -86.78 20.33
C PRO H 125 29.60 -87.04 21.53
N SER H 126 30.01 -88.29 21.67
CA SER H 126 30.88 -88.65 22.78
C SER H 126 32.24 -87.96 22.63
N THR H 127 32.85 -87.65 23.77
CA THR H 127 34.12 -86.94 23.77
C THR H 127 35.20 -87.74 23.06
N ASP H 128 36.35 -87.09 22.86
CA ASP H 128 37.55 -87.60 22.21
C ASP H 128 37.40 -87.61 20.68
N THR H 129 36.23 -87.25 20.15
CA THR H 129 36.11 -87.12 18.70
C THR H 129 37.06 -86.01 18.22
N PRO H 130 37.71 -86.18 17.07
CA PRO H 130 38.44 -85.03 16.50
C PRO H 130 37.50 -83.87 16.24
N CYS H 131 37.96 -82.66 16.58
CA CYS H 131 37.10 -81.49 16.48
C CYS H 131 36.78 -81.20 15.03
N GLY H 132 35.62 -80.60 14.80
CA GLY H 132 35.14 -80.33 13.47
C GLY H 132 34.38 -81.47 12.85
N PHE H 133 34.41 -82.66 13.46
CA PHE H 133 33.47 -83.71 13.13
C PHE H 133 32.17 -83.54 13.89
N ASP H 134 32.21 -82.84 15.03
CA ASP H 134 31.02 -82.60 15.85
C ASP H 134 30.29 -81.34 15.41
N LYS H 135 29.88 -81.36 14.14
CA LYS H 135 29.09 -80.28 13.55
C LYS H 135 27.62 -80.67 13.64
N ASP H 136 26.85 -79.90 14.41
CA ASP H 136 25.46 -80.25 14.64
C ASP H 136 24.59 -80.06 13.40
N GLN H 137 25.00 -79.18 12.49
CA GLN H 137 24.24 -78.87 11.29
C GLN H 137 25.03 -79.21 10.04
N ILE H 138 24.32 -79.66 9.01
CA ILE H 138 24.87 -79.92 7.69
C ILE H 138 23.92 -79.34 6.66
N LEU H 139 24.48 -78.80 5.57
CA LEU H 139 23.70 -78.14 4.53
C LEU H 139 24.07 -78.73 3.17
N GLY H 140 23.07 -78.90 2.32
CA GLY H 140 23.26 -79.41 0.98
C GLY H 140 22.42 -78.69 -0.05
N THR H 141 23.02 -78.36 -1.19
CA THR H 141 22.37 -77.62 -2.26
C THR H 141 21.87 -78.57 -3.33
N VAL H 142 20.74 -78.21 -3.95
CA VAL H 142 20.07 -79.03 -4.94
C VAL H 142 19.71 -78.17 -6.14
N ILE H 143 19.96 -78.70 -7.35
CA ILE H 143 19.54 -78.06 -8.59
C ILE H 143 19.18 -79.13 -9.60
N ASN H 144 18.38 -78.75 -10.59
CA ASN H 144 17.94 -79.65 -11.65
C ASN H 144 18.86 -79.44 -12.86
N LEU H 145 19.73 -80.42 -13.12
CA LEU H 145 20.71 -80.30 -14.18
C LEU H 145 20.16 -80.60 -15.57
N GLN H 146 18.99 -81.22 -15.64
CA GLN H 146 18.45 -81.62 -16.96
C GLN H 146 18.23 -80.43 -17.88
N PRO H 147 17.58 -79.33 -17.49
CA PRO H 147 17.51 -78.18 -18.39
C PRO H 147 18.87 -77.59 -18.72
N ILE H 148 19.84 -77.67 -17.80
CA ILE H 148 21.16 -77.17 -18.10
C ILE H 148 21.83 -78.04 -19.15
N TYR H 149 21.63 -79.35 -19.08
CA TYR H 149 22.12 -80.23 -20.14
C TYR H 149 21.39 -79.97 -21.45
N LYS H 150 20.10 -79.62 -21.39
CA LYS H 150 19.38 -79.25 -22.60
C LYS H 150 20.05 -78.03 -23.25
N GLN H 151 20.40 -77.04 -22.45
CA GLN H 151 21.08 -75.86 -23.01
C GLN H 151 22.48 -76.21 -23.53
N THR H 152 23.18 -77.12 -22.86
CA THR H 152 24.55 -77.44 -23.27
C THR H 152 24.57 -78.29 -24.54
N LEU H 153 23.55 -79.13 -24.74
CA LEU H 153 23.49 -79.94 -25.95
C LEU H 153 23.42 -79.08 -27.20
N LYS H 154 22.89 -77.86 -27.08
CA LYS H 154 22.82 -76.96 -28.23
C LYS H 154 24.22 -76.64 -28.75
N TYR H 155 25.16 -76.40 -27.85
CA TYR H 155 26.54 -76.07 -28.21
C TYR H 155 27.46 -77.28 -28.22
N LEU H 156 26.93 -78.47 -27.94
CA LEU H 156 27.73 -79.70 -27.98
C LEU H 156 28.49 -79.84 -29.29
N LYS H 157 27.80 -79.69 -30.43
CA LYS H 157 28.43 -80.00 -31.71
C LYS H 157 29.53 -79.00 -32.10
N GLU H 158 29.65 -77.88 -31.40
CA GLU H 158 30.80 -77.01 -31.64
C GLU H 158 32.11 -77.69 -31.27
N VAL H 159 32.06 -78.74 -30.45
CA VAL H 159 33.26 -79.48 -30.11
C VAL H 159 33.84 -80.16 -31.35
N GLU H 160 32.98 -80.64 -32.24
CA GLU H 160 33.46 -81.33 -33.42
C GLU H 160 34.25 -80.41 -34.33
N CYS H 161 33.69 -79.24 -34.65
CA CYS H 161 34.28 -78.38 -35.66
C CYS H 161 35.60 -77.82 -35.18
N ASP H 162 36.62 -77.93 -36.01
CA ASP H 162 37.93 -77.36 -35.77
C ASP H 162 38.02 -76.00 -36.44
N CYS H 163 39.08 -75.26 -36.11
CA CYS H 163 39.39 -73.91 -36.57
C CYS H 163 38.57 -72.87 -35.82
N ASN H 164 37.64 -73.25 -34.96
CA ASN H 164 36.85 -72.34 -34.16
C ASN H 164 36.87 -72.80 -32.71
N ILE H 165 36.84 -71.83 -31.80
CA ILE H 165 36.74 -72.15 -30.38
C ILE H 165 35.30 -72.53 -30.06
N PRO H 166 35.04 -73.64 -29.36
CA PRO H 166 33.65 -73.92 -28.96
C PRO H 166 33.22 -73.01 -27.84
N LYS H 167 32.88 -71.76 -28.19
CA LYS H 167 32.69 -70.74 -27.17
C LYS H 167 31.45 -71.01 -26.34
N GLY H 168 30.36 -71.46 -26.96
CA GLY H 168 29.16 -71.76 -26.20
C GLY H 168 29.36 -72.92 -25.24
N PHE H 169 30.06 -73.97 -25.70
CA PHE H 169 30.33 -75.12 -24.85
C PHE H 169 31.15 -74.70 -23.63
N ILE H 170 32.20 -73.92 -23.86
CA ILE H 170 33.04 -73.45 -22.75
C ILE H 170 32.23 -72.57 -21.82
N ASP H 171 31.37 -71.70 -22.38
CA ASP H 171 30.57 -70.80 -21.56
C ASP H 171 29.63 -71.58 -20.65
N MET H 172 28.95 -72.58 -21.20
CA MET H 172 28.04 -73.38 -20.37
C MET H 172 28.79 -74.18 -19.31
N ILE H 173 29.95 -74.74 -19.69
CA ILE H 173 30.72 -75.49 -18.71
C ILE H 173 31.15 -74.58 -17.56
N LEU H 174 31.62 -73.37 -17.89
CA LEU H 174 32.04 -72.45 -16.85
C LEU H 174 30.85 -71.98 -16.02
N LYS H 175 29.68 -71.79 -16.65
CA LYS H 175 28.50 -71.39 -15.89
C LYS H 175 28.14 -72.44 -14.85
N LEU H 176 28.12 -73.71 -15.23
CA LEU H 176 27.83 -74.76 -14.26
C LEU H 176 28.92 -74.84 -13.19
N LYS H 177 30.19 -74.79 -13.62
CA LYS H 177 31.28 -74.98 -12.67
C LYS H 177 31.32 -73.85 -11.66
N ALA H 178 30.90 -72.65 -12.03
CA ALA H 178 30.85 -71.56 -11.07
C ALA H 178 29.92 -71.89 -9.91
N ILE H 179 28.73 -72.41 -10.22
CA ILE H 179 27.78 -72.75 -9.18
C ILE H 179 28.31 -73.89 -8.33
N GLU H 180 28.88 -74.92 -8.96
CA GLU H 180 29.47 -76.02 -8.21
C GLU H 180 30.53 -75.52 -7.24
N LEU H 181 31.52 -74.78 -7.76
CA LEU H 181 32.59 -74.25 -6.94
C LEU H 181 32.06 -73.38 -5.80
N CYS H 182 31.12 -72.47 -6.10
CA CYS H 182 30.61 -71.58 -5.07
C CYS H 182 29.76 -72.31 -4.05
N VAL H 183 29.24 -73.49 -4.40
CA VAL H 183 28.52 -74.29 -3.42
C VAL H 183 29.48 -75.04 -2.51
N ARG H 184 30.48 -75.71 -3.09
CA ARG H 184 31.31 -76.58 -2.26
C ARG H 184 32.33 -75.80 -1.44
N THR H 185 32.52 -74.51 -1.72
CA THR H 185 33.35 -73.64 -0.90
C THR H 185 32.57 -72.95 0.21
N GLY H 186 31.25 -73.07 0.21
CA GLY H 186 30.42 -72.35 1.16
C GLY H 186 30.10 -70.93 0.76
N ASN H 187 30.51 -70.48 -0.42
CA ASN H 187 30.23 -69.13 -0.88
C ASN H 187 28.86 -69.14 -1.58
N TYR H 188 27.84 -69.40 -0.77
CA TYR H 188 26.46 -69.53 -1.20
C TYR H 188 25.83 -68.24 -1.75
N PRO H 189 26.03 -67.05 -1.14
CA PRO H 189 25.40 -65.86 -1.72
C PRO H 189 25.78 -65.57 -3.15
N GLN H 190 27.08 -65.67 -3.47
CA GLN H 190 27.48 -65.51 -4.86
C GLN H 190 26.91 -66.65 -5.70
N ALA H 191 26.68 -67.82 -5.09
CA ALA H 191 26.03 -68.91 -5.82
C ALA H 191 24.61 -68.51 -6.22
N ILE H 192 23.86 -67.86 -5.33
CA ILE H 192 22.55 -67.36 -5.77
C ILE H 192 22.69 -66.28 -6.83
N LYS H 193 23.70 -65.41 -6.71
CA LYS H 193 23.86 -64.36 -7.72
C LYS H 193 24.08 -64.98 -9.10
N TYR H 194 24.95 -65.98 -9.19
CA TYR H 194 25.18 -66.67 -10.45
C TYR H 194 23.93 -67.42 -10.90
N TRP H 195 23.22 -68.07 -9.98
CA TRP H 195 22.04 -68.83 -10.36
C TRP H 195 20.97 -67.91 -10.93
N ASN H 196 20.74 -66.75 -10.29
CA ASN H 196 19.79 -65.79 -10.81
C ASN H 196 20.23 -65.25 -12.16
N LYS H 197 21.52 -64.98 -12.31
CA LYS H 197 22.01 -64.45 -13.59
C LYS H 197 21.82 -65.47 -14.71
N PHE H 198 22.12 -66.74 -14.46
CA PHE H 198 22.21 -67.74 -15.52
C PHE H 198 20.93 -68.55 -15.70
N PHE H 199 20.51 -69.29 -14.67
CA PHE H 199 19.61 -70.42 -14.84
C PHE H 199 18.23 -70.20 -14.23
N ILE H 200 17.91 -68.99 -13.77
CA ILE H 200 16.59 -68.77 -13.19
C ILE H 200 15.50 -68.75 -14.26
N LYS H 201 15.88 -68.56 -15.53
CA LYS H 201 14.93 -68.57 -16.64
C LYS H 201 14.89 -69.92 -17.34
N ASN H 202 15.24 -70.99 -16.63
CA ASN H 202 15.20 -72.33 -17.21
C ASN H 202 13.75 -72.78 -17.37
N ASN H 203 13.49 -73.51 -18.45
CA ASN H 203 12.17 -74.04 -18.76
C ASN H 203 12.25 -75.57 -18.84
N CYS H 204 11.15 -76.22 -18.46
CA CYS H 204 11.07 -77.67 -18.52
C CYS H 204 9.61 -78.08 -18.60
N LYS H 205 9.37 -79.35 -18.89
CA LYS H 205 7.99 -79.90 -18.95
C LYS H 205 7.53 -80.20 -17.54
N SER H 206 6.48 -79.55 -17.07
CA SER H 206 5.99 -79.72 -15.69
C SER H 206 5.49 -81.16 -15.55
N PRO H 207 5.57 -81.80 -14.38
CA PRO H 207 5.18 -83.19 -14.28
C PRO H 207 3.69 -83.29 -14.57
N THR H 208 3.27 -84.30 -15.34
CA THR H 208 1.84 -84.53 -15.66
C THR H 208 1.19 -85.09 -14.40
N SER H 209 0.33 -84.34 -13.71
CA SER H 209 -0.22 -84.75 -12.39
C SER H 209 -0.93 -86.09 -12.50
N ASN H 210 -1.68 -86.32 -13.58
CA ASN H 210 -2.28 -87.65 -13.78
C ASN H 210 -1.08 -88.55 -14.07
N CYS H 211 -0.89 -89.60 -13.28
CA CYS H 211 0.32 -90.44 -13.41
C CYS H 211 0.27 -91.22 -14.72
N GLY H 212 1.41 -91.73 -15.18
CA GLY H 212 1.53 -92.44 -16.46
C GLY H 212 1.71 -93.94 -16.32
N CYS H 213 1.21 -94.72 -17.28
CA CYS H 213 1.37 -96.17 -17.36
C CYS H 213 2.61 -96.52 -18.15
N TYR H 214 3.54 -97.19 -17.46
CA TYR H 214 4.84 -97.58 -17.99
C TYR H 214 5.48 -98.49 -16.95
N GLY H 215 6.58 -99.13 -17.34
CA GLY H 215 7.28 -100.03 -16.44
C GLY H 215 8.18 -101.02 -17.15
N MET I 1 43.53 -81.30 -1.40
CA MET I 1 44.45 -80.12 -1.32
C MET I 1 43.83 -79.02 -0.49
N ASP I 2 42.60 -78.65 -0.83
CA ASP I 2 41.77 -77.61 -0.26
C ASP I 2 42.20 -76.22 -0.76
N LYS I 3 43.34 -76.10 -1.47
CA LYS I 3 43.77 -74.83 -2.02
C LYS I 3 43.52 -74.69 -3.50
N MET I 4 43.63 -75.78 -4.28
CA MET I 4 43.19 -75.72 -5.67
C MET I 4 41.73 -75.31 -5.75
N LEU I 5 40.94 -75.71 -4.76
CA LEU I 5 39.56 -75.24 -4.64
C LEU I 5 39.50 -73.72 -4.59
N GLU I 6 40.26 -73.12 -3.66
CA GLU I 6 40.23 -71.67 -3.50
C GLU I 6 40.71 -70.96 -4.75
N ILE I 7 41.80 -71.43 -5.35
CA ILE I 7 42.32 -70.80 -6.55
C ILE I 7 41.30 -70.90 -7.69
N SER I 8 40.68 -72.06 -7.87
CA SER I 8 39.70 -72.21 -8.94
C SER I 8 38.48 -71.32 -8.73
N GLU I 9 37.97 -71.27 -7.49
CA GLU I 9 36.84 -70.40 -7.21
C GLU I 9 37.18 -68.95 -7.48
N GLU I 10 38.36 -68.51 -7.02
CA GLU I 10 38.79 -67.15 -7.27
C GLU I 10 38.90 -66.87 -8.77
N ALA I 11 39.50 -67.82 -9.51
CA ALA I 11 39.74 -67.59 -10.93
C ALA I 11 38.42 -67.45 -11.70
N ILE I 12 37.48 -68.36 -11.46
CA ILE I 12 36.24 -68.31 -12.22
C ILE I 12 35.37 -67.14 -11.77
N THR I 13 35.43 -66.79 -10.47
CA THR I 13 34.71 -65.60 -10.04
C THR I 13 35.26 -64.35 -10.70
N ARG I 14 36.59 -64.25 -10.83
CA ARG I 14 37.17 -63.12 -11.53
C ARG I 14 36.81 -63.14 -13.00
N TYR I 15 36.76 -64.32 -13.60
CA TYR I 15 36.35 -64.45 -15.00
C TYR I 15 34.96 -63.86 -15.21
N PHE I 16 34.00 -64.26 -14.39
CA PHE I 16 32.64 -63.78 -14.56
C PHE I 16 32.50 -62.32 -14.13
N THR I 17 33.35 -61.86 -13.21
CA THR I 17 33.36 -60.43 -12.90
C THR I 17 33.82 -59.61 -14.10
N THR I 18 34.84 -60.09 -14.81
CA THR I 18 35.27 -59.39 -16.03
C THR I 18 34.18 -59.43 -17.09
N LEU I 19 33.53 -60.58 -17.25
CA LEU I 19 32.43 -60.65 -18.20
C LEU I 19 31.24 -59.79 -17.78
N SER I 20 31.16 -59.42 -16.49
CA SER I 20 30.15 -58.47 -16.06
C SER I 20 30.57 -57.04 -16.39
N GLN I 21 31.80 -56.67 -16.05
CA GLN I 21 32.28 -55.32 -16.36
C GLN I 21 32.45 -55.14 -17.87
N PHE I 22 33.32 -55.95 -18.47
CA PHE I 22 33.50 -55.96 -19.91
C PHE I 22 32.59 -57.04 -20.49
N GLY I 23 32.74 -57.31 -21.79
CA GLY I 23 32.03 -58.40 -22.43
C GLY I 23 32.98 -59.32 -23.17
N TYR I 24 34.22 -59.43 -22.66
CA TYR I 24 35.25 -60.14 -23.38
C TYR I 24 36.39 -60.49 -22.45
N LYS I 25 36.81 -61.76 -22.48
CA LYS I 25 38.05 -62.21 -21.87
C LYS I 25 38.83 -62.99 -22.90
N LYS I 26 40.15 -62.81 -22.91
CA LYS I 26 41.00 -63.52 -23.86
C LYS I 26 40.77 -65.02 -23.73
N TYR I 27 40.54 -65.69 -24.85
CA TYR I 27 40.38 -67.14 -24.80
C TYR I 27 41.70 -67.84 -24.53
N SER I 28 42.83 -67.15 -24.74
CA SER I 28 44.11 -67.68 -24.30
C SER I 28 44.19 -67.79 -22.78
N ASP I 29 43.37 -67.02 -22.06
CA ASP I 29 43.26 -67.15 -20.62
C ASP I 29 42.12 -68.05 -20.19
N VAL I 30 41.04 -68.12 -20.98
CA VAL I 30 40.02 -69.13 -20.73
C VAL I 30 40.63 -70.51 -20.84
N ASP I 31 41.64 -70.68 -21.70
CA ASP I 31 42.35 -71.95 -21.75
C ASP I 31 43.03 -72.25 -20.41
N LYS I 32 43.65 -71.24 -19.80
CA LYS I 32 44.31 -71.44 -18.51
C LYS I 32 43.29 -71.77 -17.42
N ILE I 33 42.14 -71.10 -17.44
CA ILE I 33 41.08 -71.42 -16.48
C ILE I 33 40.60 -72.85 -16.66
N ILE I 34 40.44 -73.27 -17.92
CA ILE I 34 40.00 -74.63 -18.20
C ILE I 34 41.01 -75.64 -17.66
N VAL I 35 42.29 -75.41 -17.94
CA VAL I 35 43.33 -76.31 -17.44
C VAL I 35 43.30 -76.35 -15.92
N LEU I 36 43.14 -75.19 -15.28
CA LEU I 36 43.19 -75.14 -13.82
C LEU I 36 42.07 -75.94 -13.19
N PHE I 37 40.83 -75.68 -13.60
CA PHE I 37 39.75 -76.40 -12.91
C PHE I 37 39.71 -77.86 -13.33
N PHE I 38 40.13 -78.19 -14.56
CA PHE I 38 40.24 -79.59 -14.94
C PHE I 38 41.24 -80.32 -14.06
N MET I 39 42.40 -79.70 -13.79
CA MET I 39 43.36 -80.29 -12.87
C MET I 39 42.79 -80.45 -11.47
N GLU I 40 42.08 -79.44 -10.98
CA GLU I 40 41.58 -79.57 -9.60
C GLU I 40 40.58 -80.70 -9.49
N GLU I 41 39.65 -80.83 -10.45
CA GLU I 41 38.73 -81.96 -10.39
C GLU I 41 39.45 -83.29 -10.64
N MET I 42 40.54 -83.25 -11.41
CA MET I 42 41.35 -84.45 -11.58
C MET I 42 41.94 -84.90 -10.25
N LEU I 43 42.42 -83.95 -9.46
CA LEU I 43 43.11 -84.26 -8.20
C LEU I 43 42.17 -84.47 -7.03
N ALA I 44 40.91 -84.02 -7.14
CA ALA I 44 39.91 -84.18 -6.08
C ALA I 44 38.84 -85.19 -6.45
N GLY I 45 39.19 -86.19 -7.27
CA GLY I 45 38.26 -87.18 -7.76
C GLY I 45 38.79 -88.57 -7.56
N GLU I 46 38.30 -89.49 -8.39
CA GLU I 46 38.70 -90.89 -8.33
C GLU I 46 40.01 -91.16 -9.08
N MET I 47 40.58 -90.15 -9.72
CA MET I 47 41.84 -90.26 -10.44
C MET I 47 43.03 -89.75 -9.63
N SER I 48 42.83 -89.45 -8.35
CA SER I 48 43.94 -89.07 -7.48
C SER I 48 44.73 -90.27 -6.96
N TYR I 49 44.30 -91.50 -7.27
CA TYR I 49 44.99 -92.70 -6.83
C TYR I 49 46.08 -93.16 -7.78
N TYR I 50 46.21 -92.53 -8.95
CA TYR I 50 47.19 -92.91 -9.96
C TYR I 50 48.45 -92.05 -9.95
N VAL I 51 48.63 -91.22 -8.92
CA VAL I 51 49.69 -90.22 -8.90
C VAL I 51 50.79 -90.67 -7.96
N THR I 52 52.02 -90.66 -8.46
CA THR I 52 53.21 -90.85 -7.63
C THR I 52 53.69 -89.49 -7.14
N GLN I 53 54.77 -89.47 -6.36
CA GLN I 53 55.34 -88.20 -5.92
C GLN I 53 56.05 -87.49 -7.06
N ASP I 54 56.64 -88.24 -8.00
CA ASP I 54 57.19 -87.61 -9.19
C ASP I 54 56.10 -86.94 -10.02
N ASP I 55 54.95 -87.62 -10.15
CA ASP I 55 53.82 -87.02 -10.83
C ASP I 55 53.33 -85.77 -10.09
N TYR I 56 53.35 -85.82 -8.75
CA TYR I 56 52.99 -84.63 -7.98
C TYR I 56 53.95 -83.48 -8.25
N ARG I 57 55.25 -83.77 -8.28
CA ARG I 57 56.24 -82.75 -8.61
C ARG I 57 55.95 -82.13 -9.97
N ASN I 58 55.72 -82.98 -10.98
CA ASN I 58 55.49 -82.48 -12.33
C ASN I 58 54.22 -81.66 -12.39
N ILE I 59 53.15 -82.10 -11.72
CA ILE I 59 51.88 -81.39 -11.76
C ILE I 59 52.04 -80.02 -11.11
N VAL I 60 52.70 -79.95 -9.96
CA VAL I 60 52.89 -78.66 -9.30
C VAL I 60 53.76 -77.74 -10.14
N ASN I 61 54.86 -78.26 -10.69
CA ASN I 61 55.75 -77.41 -11.48
C ASN I 61 55.14 -77.01 -12.80
N ALA I 62 54.13 -77.72 -13.29
CA ALA I 62 53.40 -77.29 -14.48
C ALA I 62 52.29 -76.31 -14.15
N LEU I 63 51.64 -76.47 -12.98
CA LEU I 63 50.62 -75.52 -12.58
C LEU I 63 51.22 -74.17 -12.23
N TYR I 64 52.45 -74.14 -11.72
CA TYR I 64 53.08 -72.86 -11.43
C TYR I 64 53.39 -72.04 -12.67
N CYS I 65 53.29 -72.62 -13.87
CA CYS I 65 53.32 -71.80 -15.07
C CYS I 65 52.06 -70.94 -15.21
N LEU I 66 50.95 -71.35 -14.60
CA LEU I 66 49.72 -70.59 -14.66
C LEU I 66 49.61 -69.53 -13.57
N ALA I 67 50.60 -69.43 -12.68
CA ALA I 67 50.47 -68.63 -11.47
C ALA I 67 50.24 -67.15 -11.78
N GLY I 68 51.22 -66.50 -12.42
CA GLY I 68 51.09 -65.10 -12.76
C GLY I 68 50.77 -64.88 -14.22
N SER I 69 50.28 -65.91 -14.90
CA SER I 69 50.02 -65.80 -16.32
C SER I 69 48.95 -64.76 -16.61
N THR I 70 47.87 -64.75 -15.84
CA THR I 70 46.78 -63.80 -16.01
C THR I 70 46.36 -63.31 -14.63
N CYS I 71 45.53 -62.27 -14.60
CA CYS I 71 45.08 -61.72 -13.34
C CYS I 71 44.13 -62.66 -12.62
N MET I 72 43.44 -63.54 -13.34
CA MET I 72 42.51 -64.47 -12.71
C MET I 72 43.24 -65.41 -11.76
N ILE I 73 44.40 -65.90 -12.17
CA ILE I 73 45.21 -66.81 -11.37
C ILE I 73 46.32 -65.99 -10.72
N ASP I 74 46.53 -66.19 -9.42
CA ASP I 74 47.53 -65.47 -8.66
C ASP I 74 48.51 -66.44 -8.03
N PHE I 75 49.64 -65.91 -7.60
CA PHE I 75 50.61 -66.71 -6.86
C PHE I 75 50.04 -67.03 -5.49
N PRO I 76 49.85 -68.30 -5.12
CA PRO I 76 49.31 -68.59 -3.79
C PRO I 76 50.31 -68.21 -2.70
N MET I 77 49.77 -67.81 -1.55
CA MET I 77 50.56 -67.44 -0.39
C MET I 77 50.36 -68.48 0.69
N PHE I 78 51.46 -69.06 1.16
CA PHE I 78 51.47 -70.03 2.24
C PHE I 78 52.07 -69.41 3.49
N GLU I 79 51.82 -70.05 4.63
CA GLU I 79 52.34 -69.59 5.91
C GLU I 79 53.80 -70.03 6.00
N SER I 80 54.72 -69.08 5.84
CA SER I 80 56.15 -69.35 5.83
C SER I 80 56.87 -68.42 6.81
N TYR I 81 57.87 -68.98 7.50
CA TYR I 81 58.70 -68.25 8.44
C TYR I 81 60.19 -68.40 8.11
N ASP I 82 60.52 -68.63 6.85
CA ASP I 82 61.89 -68.86 6.41
C ASP I 82 62.36 -67.74 5.49
N THR I 83 63.62 -67.83 5.09
CA THR I 83 64.25 -66.86 4.22
C THR I 83 65.59 -67.45 3.77
N LEU I 84 66.19 -66.82 2.77
CA LEU I 84 67.43 -67.34 2.22
C LEU I 84 68.62 -67.11 3.16
N VAL I 85 68.56 -66.08 3.99
CA VAL I 85 69.59 -65.79 4.99
C VAL I 85 68.90 -65.62 6.33
N HIS I 86 69.25 -66.48 7.29
CA HIS I 86 68.59 -66.50 8.59
C HIS I 86 69.38 -65.67 9.61
N SER I 87 68.72 -65.36 10.72
CA SER I 87 69.31 -64.58 11.78
C SER I 87 69.97 -65.49 12.81
N ASN I 88 71.09 -65.03 13.36
CA ASN I 88 71.86 -65.76 14.36
C ASN I 88 71.62 -65.13 15.72
N ASN I 89 70.77 -65.77 16.53
CA ASN I 89 70.44 -65.28 17.86
C ASN I 89 71.17 -66.04 18.96
N ARG I 90 72.14 -66.88 18.63
CA ARG I 90 72.91 -67.58 19.65
C ARG I 90 73.73 -66.57 20.46
N THR I 91 73.98 -66.91 21.72
CA THR I 91 74.64 -66.03 22.67
C THR I 91 75.95 -66.66 23.15
N PHE I 92 76.90 -65.80 23.53
CA PHE I 92 78.25 -66.19 23.90
C PHE I 92 78.43 -66.07 25.42
N VAL I 93 78.91 -67.14 26.04
CA VAL I 93 79.01 -67.23 27.50
C VAL I 93 80.22 -68.08 27.93
N PRO I 94 81.44 -67.53 27.90
CA PRO I 94 82.61 -68.33 28.32
C PRO I 94 82.67 -68.57 29.82
N ARG I 95 83.52 -69.53 30.21
CA ARG I 95 83.67 -69.95 31.61
C ARG I 95 84.96 -69.38 32.20
N ILE I 96 84.79 -68.41 33.11
CA ILE I 96 85.83 -67.71 33.86
C ILE I 96 87.09 -67.48 33.02
N THR I 97 86.94 -66.90 31.83
CA THR I 97 88.10 -66.55 31.01
C THR I 97 88.99 -67.76 30.70
N GLU I 98 88.36 -68.90 30.39
CA GLU I 98 89.08 -70.14 30.11
C GLU I 98 89.12 -70.40 28.61
N ASP I 99 89.94 -71.38 28.23
CA ASP I 99 90.04 -71.85 26.86
C ASP I 99 90.36 -73.34 26.87
N SER I 100 90.17 -73.99 25.72
CA SER I 100 90.59 -75.38 25.58
C SER I 100 92.05 -75.39 25.15
N ILE I 101 92.55 -76.56 24.73
CA ILE I 101 93.95 -76.63 24.32
C ILE I 101 94.20 -75.82 23.06
N LEU I 102 93.15 -75.51 22.28
CA LEU I 102 93.29 -74.78 21.02
C LEU I 102 92.35 -73.59 20.88
N ARG I 103 91.24 -73.52 21.61
CA ARG I 103 90.14 -72.62 21.27
C ARG I 103 89.36 -72.24 22.52
N SER I 104 88.36 -71.38 22.32
CA SER I 104 87.52 -70.88 23.41
C SER I 104 86.44 -71.90 23.80
N THR I 105 85.69 -71.58 24.86
CA THR I 105 84.77 -72.51 25.49
C THR I 105 83.58 -71.71 26.01
N GLU I 106 82.45 -72.39 26.28
CA GLU I 106 81.34 -71.73 26.96
C GLU I 106 80.66 -72.70 27.92
N ASP I 107 79.63 -72.20 28.59
CA ASP I 107 78.81 -72.93 29.56
C ASP I 107 78.46 -74.35 29.14
N MET J 1 55.19 -87.10 1.66
CA MET J 1 54.89 -87.18 3.11
C MET J 1 55.99 -87.84 3.92
N PHE J 2 56.00 -87.54 5.22
CA PHE J 2 56.80 -88.26 6.21
C PHE J 2 55.90 -88.40 7.44
N PHE J 3 55.15 -89.49 7.50
CA PHE J 3 54.18 -89.68 8.56
C PHE J 3 54.89 -89.89 9.90
N THR J 4 54.37 -89.24 10.94
CA THR J 4 54.77 -89.51 12.30
C THR J 4 53.94 -90.67 12.85
N GLN J 5 54.42 -91.24 13.95
CA GLN J 5 53.70 -92.37 14.54
C GLN J 5 52.31 -91.96 14.98
N GLU J 6 52.19 -90.80 15.62
CA GLU J 6 50.91 -90.39 16.18
C GLU J 6 49.86 -90.25 15.08
N ASP J 7 50.28 -89.88 13.87
CA ASP J 7 49.36 -89.87 12.75
C ASP J 7 48.86 -91.28 12.43
N TYR J 8 49.75 -92.27 12.48
CA TYR J 8 49.31 -93.65 12.27
C TYR J 8 48.31 -94.07 13.35
N ARG J 9 48.60 -93.75 14.62
CA ARG J 9 47.64 -94.05 15.68
C ARG J 9 46.30 -93.39 15.41
N LYS J 10 46.30 -92.15 14.91
CA LYS J 10 45.06 -91.52 14.53
C LYS J 10 44.33 -92.32 13.45
N ILE J 11 45.08 -92.81 12.46
CA ILE J 11 44.45 -93.56 11.37
C ILE J 11 43.81 -94.84 11.89
N GLU J 12 44.53 -95.61 12.70
CA GLU J 12 43.91 -96.84 13.20
C GLU J 12 42.80 -96.54 14.21
N LYS J 13 42.92 -95.47 14.98
CA LYS J 13 41.85 -95.07 15.87
C LYS J 13 40.57 -94.82 15.08
N TRP J 14 40.68 -94.07 13.99
CA TRP J 14 39.50 -93.78 13.18
C TRP J 14 39.05 -94.96 12.34
N LEU J 15 39.92 -95.95 12.08
CA LEU J 15 39.49 -97.14 11.34
C LEU J 15 38.75 -98.12 12.25
N LEU J 16 39.30 -98.40 13.43
CA LEU J 16 38.60 -99.16 14.46
C LEU J 16 37.45 -98.36 15.08
N ALA J 17 37.31 -97.10 14.69
CA ALA J 17 36.13 -96.33 15.05
C ALA J 17 34.84 -96.98 14.52
N ASN J 18 34.87 -97.58 13.33
CA ASN J 18 33.73 -98.30 12.77
C ASN J 18 33.85 -99.81 13.00
N SER J 19 34.40 -100.17 14.16
CA SER J 19 34.67 -101.55 14.52
C SER J 19 33.38 -102.34 14.78
N MET K 1 44.52 -81.06 1.93
CA MET K 1 45.53 -82.16 2.04
C MET K 1 45.45 -83.06 0.81
N PHE K 2 46.55 -83.74 0.51
CA PHE K 2 46.64 -84.59 -0.68
C PHE K 2 47.51 -85.80 -0.38
N PHE K 3 47.08 -86.96 -0.92
CA PHE K 3 47.83 -88.21 -0.84
C PHE K 3 48.28 -88.62 -2.24
N THR K 4 49.43 -89.29 -2.29
CA THR K 4 49.91 -89.97 -3.48
C THR K 4 49.81 -91.48 -3.27
N GLN K 5 50.23 -92.24 -4.29
CA GLN K 5 50.22 -93.69 -4.16
C GLN K 5 51.12 -94.13 -3.01
N GLU K 6 52.34 -93.58 -2.95
CA GLU K 6 53.29 -94.03 -1.94
C GLU K 6 52.77 -93.80 -0.53
N ASP K 7 52.03 -92.72 -0.32
CA ASP K 7 51.44 -92.49 1.00
C ASP K 7 50.51 -93.63 1.39
N TYR K 8 49.65 -94.04 0.46
CA TYR K 8 48.75 -95.16 0.73
C TYR K 8 49.54 -96.45 0.96
N ARG K 9 50.61 -96.65 0.19
CA ARG K 9 51.42 -97.85 0.40
C ARG K 9 52.01 -97.89 1.81
N LYS K 10 52.57 -96.76 2.27
CA LYS K 10 53.08 -96.71 3.64
C LYS K 10 51.98 -96.99 4.64
N ILE K 11 50.81 -96.35 4.47
CA ILE K 11 49.75 -96.52 5.45
C ILE K 11 49.30 -97.98 5.51
N GLU K 12 49.07 -98.61 4.36
CA GLU K 12 48.56 -99.98 4.38
C GLU K 12 49.62 -100.95 4.89
N LYS K 13 50.89 -100.75 4.51
CA LYS K 13 51.94 -101.63 5.02
C LYS K 13 52.06 -101.50 6.54
N TRP K 14 51.95 -100.28 7.06
CA TRP K 14 52.05 -100.09 8.50
C TRP K 14 50.83 -100.67 9.21
N LEU K 15 49.65 -100.64 8.58
CA LEU K 15 48.51 -101.35 9.13
C LEU K 15 48.77 -102.85 9.21
N LEU K 16 49.21 -103.45 8.10
CA LEU K 16 49.39 -104.90 8.07
C LEU K 16 50.51 -105.34 9.01
N ALA K 17 51.52 -104.49 9.22
CA ALA K 17 52.62 -104.87 10.11
C ALA K 17 52.11 -105.13 11.52
N ASN K 18 51.15 -104.33 11.98
CA ASN K 18 50.63 -104.40 13.34
C ASN K 18 49.23 -105.04 13.37
N SER K 19 49.05 -106.10 12.59
CA SER K 19 47.80 -106.85 12.61
C SER K 19 48.05 -108.33 12.35
N MET L 1 49.36 -82.57 12.57
CA MET L 1 48.99 -83.09 11.22
C MET L 1 47.56 -83.62 11.28
N PHE L 2 46.60 -82.77 10.93
CA PHE L 2 45.19 -83.06 11.09
C PHE L 2 44.61 -83.72 9.85
N PHE L 3 43.76 -84.72 10.06
CA PHE L 3 43.03 -85.39 8.99
C PHE L 3 41.56 -85.02 9.06
N THR L 4 40.97 -84.73 7.91
CA THR L 4 39.53 -84.51 7.82
C THR L 4 38.83 -85.81 7.43
N GLN L 5 37.50 -85.76 7.43
CA GLN L 5 36.72 -86.94 7.08
C GLN L 5 37.01 -87.38 5.64
N GLU L 6 37.27 -86.42 4.75
CA GLU L 6 37.53 -86.76 3.36
C GLU L 6 38.81 -87.58 3.22
N ASP L 7 39.87 -87.21 3.94
CA ASP L 7 41.11 -87.97 3.87
C ASP L 7 40.89 -89.41 4.34
N TYR L 8 40.15 -89.58 5.43
CA TYR L 8 39.79 -90.92 5.88
C TYR L 8 38.98 -91.66 4.83
N ARG L 9 38.13 -90.95 4.09
CA ARG L 9 37.38 -91.59 3.01
C ARG L 9 38.32 -92.12 1.93
N LYS L 10 39.35 -91.34 1.59
CA LYS L 10 40.32 -91.83 0.62
C LYS L 10 41.06 -93.05 1.16
N ILE L 11 41.41 -93.05 2.45
CA ILE L 11 42.05 -94.22 3.04
C ILE L 11 41.14 -95.43 2.95
N GLU L 12 39.85 -95.26 3.27
CA GLU L 12 38.90 -96.35 3.14
C GLU L 12 38.87 -96.89 1.72
N LYS L 13 38.69 -96.01 0.73
CA LYS L 13 38.57 -96.48 -0.65
C LYS L 13 39.86 -97.15 -1.13
N TRP L 14 41.02 -96.75 -0.62
CA TRP L 14 42.24 -97.48 -0.98
C TRP L 14 42.28 -98.85 -0.31
N LEU L 15 41.95 -98.91 0.99
CA LEU L 15 42.09 -100.16 1.72
C LEU L 15 41.06 -101.19 1.26
N LEU L 16 39.88 -100.74 0.84
CA LEU L 16 38.84 -101.67 0.41
C LEU L 16 39.30 -102.52 -0.77
N ALA L 17 40.15 -101.97 -1.64
CA ALA L 17 40.63 -102.73 -2.79
C ALA L 17 41.48 -103.92 -2.37
N ASN L 18 42.12 -103.85 -1.21
CA ASN L 18 43.05 -104.88 -0.77
C ASN L 18 42.36 -105.96 0.04
N SER L 19 41.29 -105.64 0.74
CA SER L 19 40.62 -106.58 1.63
C SER L 19 39.34 -107.16 1.03
N ARG L 20 38.99 -108.38 1.43
CA ARG L 20 37.76 -109.05 1.02
C ARG L 20 37.17 -109.73 2.23
N LYS L 21 36.00 -110.30 2.04
CA LYS L 21 35.14 -110.79 3.10
C LYS L 21 35.42 -112.26 3.39
N ASP L 22 34.64 -112.83 4.31
CA ASP L 22 34.75 -114.26 4.59
C ASP L 22 34.38 -115.10 3.37
N THR L 23 33.31 -114.71 2.66
CA THR L 23 32.82 -115.50 1.54
C THR L 23 33.86 -115.68 0.44
N ASP L 24 34.80 -114.73 0.31
CA ASP L 24 35.76 -114.75 -0.77
C ASP L 24 36.97 -115.64 -0.50
N PHE L 25 37.06 -116.26 0.67
CA PHE L 25 38.10 -117.26 0.93
C PHE L 25 37.84 -118.51 0.09
N ALA M 425 162.88 -77.14 -59.17
CA ALA M 425 164.20 -77.30 -58.47
C ALA M 425 164.91 -75.95 -58.31
N PHE M 426 164.49 -74.95 -59.08
CA PHE M 426 164.95 -73.56 -59.03
C PHE M 426 166.37 -73.37 -59.55
N GLY M 427 167.07 -74.43 -59.95
CA GLY M 427 168.42 -74.27 -60.44
C GLY M 427 168.48 -74.00 -61.93
N GLY M 428 168.52 -72.73 -62.31
CA GLY M 428 168.52 -72.37 -63.71
C GLY M 428 167.23 -72.63 -64.44
N TRP M 429 166.11 -72.70 -63.72
CA TRP M 429 164.80 -72.92 -64.31
C TRP M 429 163.79 -71.91 -63.77
N LEU M 430 162.74 -71.70 -64.56
CA LEU M 430 161.59 -70.89 -64.18
C LEU M 430 160.36 -71.77 -64.35
N ASN M 431 160.04 -72.53 -63.30
CA ASN M 431 158.88 -73.44 -63.33
C ASN M 431 157.66 -72.65 -62.90
N THR M 432 156.94 -72.09 -63.88
CA THR M 432 155.76 -71.29 -63.61
C THR M 432 154.69 -71.59 -64.66
N GLN M 433 153.45 -71.35 -64.27
CA GLN M 433 152.28 -71.64 -65.12
C GLN M 433 152.28 -73.09 -65.57
N GLY M 434 152.65 -73.98 -64.66
CA GLY M 434 152.61 -75.40 -64.95
C GLY M 434 153.55 -75.86 -66.03
N GLY M 435 154.61 -75.10 -66.29
CA GLY M 435 155.60 -75.48 -67.29
C GLY M 435 156.99 -75.49 -66.69
N ASP M 436 157.95 -75.89 -67.52
CA ASP M 436 159.36 -75.95 -67.14
C ASP M 436 160.18 -75.28 -68.24
N PHE M 437 160.50 -74.02 -68.05
CA PHE M 437 161.27 -73.23 -69.01
C PHE M 437 162.67 -72.98 -68.46
N THR M 438 163.67 -73.13 -69.33
CA THR M 438 165.07 -72.99 -68.95
C THR M 438 165.76 -72.00 -69.87
N ASN M 439 166.78 -71.33 -69.32
CA ASN M 439 167.58 -70.39 -70.07
C ASN M 439 168.81 -71.04 -70.70
N GLY M 440 168.97 -72.35 -70.57
CA GLY M 440 170.10 -73.06 -71.12
C GLY M 440 171.19 -73.37 -70.11
N VAL M 441 171.22 -72.65 -68.99
CA VAL M 441 172.20 -72.91 -67.94
C VAL M 441 171.73 -74.08 -67.09
N THR M 442 172.65 -74.96 -66.74
CA THR M 442 172.35 -76.17 -65.95
C THR M 442 173.08 -76.05 -64.61
N PHE M 443 172.33 -75.77 -63.56
CA PHE M 443 172.87 -75.72 -62.21
C PHE M 443 173.00 -77.15 -61.71
N ILE M 444 174.20 -77.72 -61.82
CA ILE M 444 174.43 -79.11 -61.46
C ILE M 444 174.74 -79.12 -59.97
N ASN M 445 173.68 -79.16 -59.16
CA ASN M 445 173.75 -79.10 -57.71
C ASN M 445 173.29 -80.43 -57.12
N GLU M 446 173.51 -80.58 -55.82
CA GLU M 446 173.02 -81.67 -54.97
C GLU M 446 173.85 -82.95 -55.11
N GLY M 447 174.82 -83.01 -56.01
CA GLY M 447 175.62 -84.22 -56.15
C GLY M 447 176.69 -84.36 -55.09
N GLY M 448 177.64 -83.42 -55.09
CA GLY M 448 178.76 -83.44 -54.18
C GLY M 448 180.08 -83.37 -54.93
N SER M 449 181.15 -83.23 -54.15
CA SER M 449 182.49 -83.15 -54.71
C SER M 449 182.83 -84.46 -55.44
N HIS M 450 183.87 -84.40 -56.26
CA HIS M 450 184.31 -85.60 -56.98
C HIS M 450 184.74 -86.68 -55.99
N GLU M 451 185.44 -86.29 -54.93
CA GLU M 451 185.93 -87.27 -53.96
C GLU M 451 184.81 -87.77 -53.04
N GLU M 452 183.84 -86.92 -52.72
CA GLU M 452 182.78 -87.31 -51.78
C GLU M 452 181.70 -88.16 -52.43
N ASN M 453 181.59 -88.15 -53.76
CA ASN M 453 180.56 -88.92 -54.44
C ASN M 453 181.09 -90.32 -54.75
N PRO M 454 180.38 -91.40 -54.36
CA PRO M 454 180.92 -92.74 -54.67
C PRO M 454 181.07 -93.00 -56.15
N TYR M 455 180.23 -92.42 -56.99
CA TYR M 455 180.33 -92.52 -58.43
C TYR M 455 181.25 -91.46 -59.03
N GLN M 456 182.01 -90.75 -58.20
CA GLN M 456 182.95 -89.70 -58.60
C GLN M 456 182.27 -88.46 -59.14
N GLY M 457 180.94 -88.36 -59.03
CA GLY M 457 180.23 -87.20 -59.49
C GLY M 457 178.80 -87.56 -59.87
N ILE M 458 178.18 -86.68 -60.64
CA ILE M 458 176.80 -86.89 -61.05
C ILE M 458 176.70 -87.67 -62.36
N GLN M 459 177.69 -87.57 -63.23
CA GLN M 459 177.70 -88.28 -64.52
C GLN M 459 176.47 -87.86 -65.34
N ILE M 460 176.49 -86.59 -65.76
CA ILE M 460 175.35 -86.01 -66.44
C ILE M 460 175.04 -86.75 -67.74
N GLY M 461 176.08 -87.10 -68.50
CA GLY M 461 175.88 -87.68 -69.81
C GLY M 461 177.01 -88.60 -70.19
N VAL M 462 176.89 -89.17 -71.39
CA VAL M 462 177.86 -90.11 -71.96
C VAL M 462 178.21 -89.62 -73.35
N ASP M 463 179.48 -89.28 -73.56
CA ASP M 463 179.93 -88.82 -74.87
C ASP M 463 181.41 -89.16 -75.07
N GLY M 466 184.42 -88.16 -74.26
CA GLY M 466 184.65 -89.03 -73.12
C GLY M 466 183.35 -89.47 -72.46
N ALA M 467 183.16 -90.78 -72.36
CA ALA M 467 181.95 -91.30 -71.74
C ALA M 467 181.77 -90.83 -70.29
N PRO M 468 182.77 -90.91 -69.41
CA PRO M 468 182.56 -90.41 -68.04
C PRO M 468 182.62 -88.88 -67.94
N ASN M 469 181.48 -88.24 -68.23
CA ASN M 469 181.35 -86.79 -68.11
C ASN M 469 180.84 -86.49 -66.70
N LEU M 470 181.78 -86.31 -65.77
CA LEU M 470 181.47 -86.15 -64.36
C LEU M 470 181.50 -84.68 -63.96
N VAL M 471 180.59 -84.29 -63.06
CA VAL M 471 180.49 -82.92 -62.60
C VAL M 471 180.10 -82.94 -61.13
N GLU M 472 180.55 -81.92 -60.39
CA GLU M 472 180.32 -81.80 -58.96
C GLU M 472 179.20 -80.80 -58.68
N GLN M 473 179.02 -80.48 -57.39
CA GLN M 473 177.86 -79.69 -56.96
C GLN M 473 177.96 -78.22 -57.36
N GLY M 474 179.16 -77.66 -57.39
CA GLY M 474 179.32 -76.23 -57.59
C GLY M 474 179.40 -75.76 -59.02
N GLU M 475 179.60 -76.66 -59.98
CA GLU M 475 179.82 -76.27 -61.35
C GLU M 475 178.50 -76.06 -62.09
N VAL M 476 178.55 -75.27 -63.15
CA VAL M 476 177.41 -74.99 -64.02
C VAL M 476 177.84 -75.23 -65.46
N VAL M 477 176.87 -75.58 -66.30
CA VAL M 477 177.12 -75.97 -67.69
C VAL M 477 176.22 -75.16 -68.59
N TYR M 478 176.79 -74.60 -69.66
CA TYR M 478 176.03 -73.94 -70.70
C TYR M 478 176.57 -74.42 -72.05
N ASP M 479 175.69 -74.95 -72.89
CA ASP M 479 176.05 -75.42 -74.23
C ASP M 479 177.19 -76.44 -74.16
N ASP M 480 177.10 -77.37 -73.23
CA ASP M 480 178.08 -78.45 -73.05
C ASP M 480 179.47 -77.93 -72.70
N TYR M 481 179.56 -76.72 -72.14
CA TYR M 481 180.81 -76.17 -71.66
C TYR M 481 180.74 -76.05 -70.15
N VAL M 482 181.72 -76.61 -69.46
CA VAL M 482 181.71 -76.70 -68.01
C VAL M 482 182.45 -75.50 -67.42
N PHE M 483 181.79 -74.79 -66.51
CA PHE M 483 182.41 -73.72 -65.75
C PHE M 483 182.81 -74.26 -64.39
N SER M 484 184.11 -74.20 -64.09
CA SER M 484 184.67 -74.86 -62.93
C SER M 484 184.57 -73.97 -61.71
N ASP M 485 184.17 -74.55 -60.57
CA ASP M 485 184.02 -73.81 -59.34
C ASP M 485 185.28 -73.80 -58.49
N ARG M 486 186.10 -74.85 -58.56
CA ARG M 486 187.31 -74.89 -57.75
C ARG M 486 188.28 -73.79 -58.15
N MET M 487 188.27 -73.38 -59.42
CA MET M 487 189.20 -72.37 -59.90
C MET M 487 188.70 -70.98 -59.54
N GLU M 488 189.63 -70.07 -59.29
CA GLU M 488 189.35 -68.68 -58.95
C GLU M 488 189.63 -67.78 -60.14
N ILE M 489 189.27 -66.52 -59.98
CA ILE M 489 189.37 -65.53 -61.04
C ILE M 489 190.57 -64.64 -60.74
N PRO M 490 191.64 -64.70 -61.54
CA PRO M 490 192.71 -63.71 -61.36
C PRO M 490 192.19 -62.29 -61.61
N ASP M 491 192.73 -61.34 -60.84
CA ASP M 491 192.30 -59.96 -60.97
C ASP M 491 192.60 -59.42 -62.37
N ASP M 492 193.69 -59.88 -62.98
CA ASP M 492 193.98 -59.51 -64.36
C ASP M 492 192.84 -59.91 -65.28
N ILE M 493 192.34 -61.14 -65.11
CA ILE M 493 191.19 -61.59 -65.90
C ILE M 493 189.88 -61.08 -65.33
N ARG M 494 189.88 -60.54 -64.11
CA ARG M 494 188.69 -59.86 -63.62
C ARG M 494 188.46 -58.54 -64.34
N LYS M 495 189.50 -57.72 -64.45
CA LYS M 495 189.33 -56.37 -64.98
C LYS M 495 188.90 -56.40 -66.44
N GLU M 496 189.56 -57.21 -67.26
CA GLU M 496 189.13 -57.44 -68.63
C GLU M 496 188.14 -58.59 -68.66
N TYR M 497 187.09 -58.44 -69.47
CA TYR M 497 185.89 -59.27 -69.56
C TYR M 497 184.91 -58.97 -68.43
N LYS M 498 185.28 -58.19 -67.42
CA LYS M 498 184.36 -57.66 -66.41
C LYS M 498 183.54 -58.77 -65.73
N LEU M 499 184.25 -59.67 -65.04
CA LEU M 499 183.58 -60.67 -64.23
C LEU M 499 183.27 -60.12 -62.84
N ARG M 500 182.37 -60.81 -62.15
CA ARG M 500 181.89 -60.40 -60.83
C ARG M 500 182.17 -61.41 -59.74
N GLY M 501 181.99 -62.70 -59.99
CA GLY M 501 182.16 -63.69 -58.97
C GLY M 501 183.62 -64.04 -58.71
N LYS M 502 183.86 -64.66 -57.56
CA LYS M 502 185.21 -65.04 -57.19
C LYS M 502 185.69 -66.28 -57.94
N THR M 503 184.78 -67.17 -58.32
CA THR M 503 185.07 -68.33 -59.13
C THR M 503 184.46 -68.14 -60.52
N PHE M 504 184.76 -69.08 -61.43
CA PHE M 504 184.14 -69.04 -62.74
C PHE M 504 182.68 -69.49 -62.67
N ALA M 505 182.37 -70.47 -61.84
CA ALA M 505 180.99 -70.89 -61.66
C ALA M 505 180.14 -69.76 -61.11
N LYS M 506 180.66 -69.04 -60.11
CA LYS M 506 179.93 -67.90 -59.56
C LYS M 506 179.77 -66.78 -60.58
N ALA M 507 180.76 -66.59 -61.45
CA ALA M 507 180.63 -65.57 -62.48
C ALA M 507 179.56 -65.93 -63.49
N ALA M 508 179.45 -67.20 -63.83
CA ALA M 508 178.36 -67.65 -64.70
C ALA M 508 177.00 -67.51 -63.99
N LYS M 509 176.96 -67.83 -62.70
CA LYS M 509 175.72 -67.65 -61.94
C LYS M 509 175.32 -66.20 -61.79
N SER M 510 176.27 -65.27 -61.94
CA SER M 510 175.97 -63.85 -61.92
C SER M 510 175.65 -63.29 -63.29
N ALA M 511 176.20 -63.88 -64.36
CA ALA M 511 175.94 -63.39 -65.70
C ALA M 511 174.55 -63.79 -66.19
N GLN M 512 174.00 -64.90 -65.67
CA GLN M 512 172.73 -65.44 -66.12
C GLN M 512 171.57 -65.09 -65.18
N ARG M 513 171.77 -64.15 -64.26
CA ARG M 513 170.70 -63.80 -63.34
C ARG M 513 169.50 -63.23 -64.10
N GLU M 514 169.75 -62.38 -65.09
CA GLU M 514 168.66 -61.78 -65.85
C GLU M 514 167.89 -62.84 -66.62
N SER M 515 168.59 -63.80 -67.21
CA SER M 515 167.94 -64.76 -68.09
C SER M 515 167.02 -65.74 -67.37
N GLU M 516 167.15 -65.88 -66.05
CA GLU M 516 166.33 -66.84 -65.33
C GLU M 516 164.85 -66.45 -65.38
N GLU M 517 164.54 -65.19 -65.08
CA GLU M 517 163.15 -64.76 -65.00
C GLU M 517 162.53 -64.49 -66.36
N ARG M 518 163.33 -64.52 -67.43
CA ARG M 518 162.84 -64.25 -68.78
C ARG M 518 163.61 -65.11 -69.78
N PRO M 519 163.45 -66.43 -69.70
CA PRO M 519 164.21 -67.31 -70.61
C PRO M 519 163.75 -67.24 -72.06
N ASN M 520 162.61 -66.62 -72.34
CA ASN M 520 162.06 -66.57 -73.69
C ASN M 520 162.45 -65.31 -74.45
N ASP M 521 162.96 -64.29 -73.77
CA ASP M 521 163.25 -63.02 -74.42
C ASP M 521 164.41 -63.19 -75.39
N PRO M 522 164.29 -62.75 -76.66
CA PRO M 522 165.45 -62.87 -77.57
C PRO M 522 166.67 -62.12 -77.09
N LEU M 523 166.47 -60.92 -76.54
CA LEU M 523 167.60 -60.13 -76.04
C LEU M 523 168.30 -60.85 -74.90
N SER M 524 167.53 -61.48 -74.02
CA SER M 524 168.14 -62.21 -72.91
C SER M 524 168.97 -63.38 -73.42
N THR M 525 168.47 -64.10 -74.42
CA THR M 525 169.25 -65.21 -74.97
C THR M 525 170.53 -64.72 -75.63
N LYS M 526 170.46 -63.63 -76.39
CA LYS M 526 171.67 -63.09 -77.01
C LYS M 526 172.67 -62.64 -75.95
N GLY M 527 172.21 -61.94 -74.92
CA GLY M 527 173.11 -61.51 -73.87
C GLY M 527 173.73 -62.67 -73.12
N LEU M 528 172.93 -63.70 -72.84
CA LEU M 528 173.46 -64.88 -72.17
C LEU M 528 174.51 -65.57 -73.03
N GLN M 529 174.26 -65.70 -74.34
CA GLN M 529 175.23 -66.33 -75.22
C GLN M 529 176.53 -65.54 -75.23
N ALA M 530 176.45 -64.21 -75.32
CA ALA M 530 177.66 -63.40 -75.34
C ALA M 530 178.42 -63.50 -74.03
N ALA M 531 177.71 -63.40 -72.90
CA ALA M 531 178.38 -63.46 -71.60
C ALA M 531 179.02 -64.82 -71.38
N MET M 532 178.33 -65.90 -71.76
CA MET M 532 178.89 -67.23 -71.59
C MET M 532 180.11 -67.41 -72.47
N GLU M 533 180.10 -66.87 -73.69
CA GLU M 533 181.29 -66.93 -74.53
C GLU M 533 182.45 -66.18 -73.89
N ARG M 534 182.18 -65.00 -73.33
CA ARG M 534 183.23 -64.24 -72.65
C ARG M 534 183.82 -65.04 -71.49
N ILE M 535 182.95 -65.62 -70.66
CA ILE M 535 183.44 -66.35 -69.49
C ILE M 535 184.19 -67.60 -69.93
N ALA M 536 183.75 -68.24 -71.00
CA ALA M 536 184.47 -69.41 -71.51
C ALA M 536 185.87 -69.03 -71.98
N THR M 537 185.99 -67.92 -72.71
CA THR M 537 187.32 -67.48 -73.13
C THR M 537 188.18 -67.12 -71.93
N ALA M 538 187.59 -66.48 -70.92
CA ALA M 538 188.33 -66.16 -69.71
C ALA M 538 188.84 -67.42 -69.02
N GLN M 539 188.00 -68.45 -68.92
CA GLN M 539 188.42 -69.69 -68.29
C GLN M 539 189.50 -70.38 -69.10
N GLU M 540 189.40 -70.35 -70.43
CA GLU M 540 190.45 -70.93 -71.26
C GLU M 540 191.77 -70.20 -71.04
N GLU M 541 191.74 -68.88 -70.98
CA GLU M 541 192.95 -68.12 -70.73
C GLU M 541 193.54 -68.45 -69.37
N ALA M 542 192.70 -68.54 -68.34
CA ALA M 542 193.18 -68.85 -67.00
C ALA M 542 193.80 -70.24 -66.95
N ARG M 543 193.14 -71.23 -67.57
CA ARG M 543 193.69 -72.58 -67.57
C ARG M 543 195.00 -72.63 -68.35
N GLN M 544 195.08 -71.91 -69.47
CA GLN M 544 196.33 -71.86 -70.22
C GLN M 544 197.46 -71.26 -69.39
N ARG M 545 197.17 -70.16 -68.69
CA ARG M 545 198.20 -69.54 -67.85
C ARG M 545 198.65 -70.48 -66.74
N LYS M 546 197.69 -71.14 -66.08
CA LYS M 546 198.05 -72.06 -65.00
C LYS M 546 198.86 -73.23 -65.53
N GLU M 547 198.47 -73.79 -66.68
CA GLU M 547 199.20 -74.90 -67.26
C GLU M 547 200.63 -74.50 -67.63
N ALA M 548 200.78 -73.33 -68.24
CA ALA M 548 202.12 -72.86 -68.60
C ALA M 548 202.98 -72.63 -67.36
N HIS M 549 202.39 -72.03 -66.32
CA HIS M 549 203.15 -71.79 -65.10
C HIS M 549 203.56 -73.10 -64.43
N ARG M 550 202.65 -74.07 -64.37
CA ARG M 550 202.96 -75.35 -63.74
C ARG M 550 204.06 -76.09 -64.51
N GLU M 551 203.98 -76.10 -65.84
CA GLU M 551 205.05 -76.74 -66.62
C GLU M 551 206.35 -75.95 -66.56
N GLY M 552 206.29 -74.67 -66.20
CA GLY M 552 207.50 -73.86 -66.10
C GLY M 552 208.42 -74.32 -64.99
N PHE N 214 8.34 -8.39 -36.74
CA PHE N 214 8.49 -9.58 -35.86
C PHE N 214 9.96 -10.02 -35.95
N GLY N 215 10.28 -11.24 -35.51
CA GLY N 215 11.63 -11.72 -35.60
C GLY N 215 11.77 -13.23 -35.50
N SER N 216 12.54 -13.82 -36.40
CA SER N 216 12.88 -15.24 -36.36
C SER N 216 14.00 -15.53 -37.35
N GLY N 217 15.05 -16.21 -36.90
CA GLY N 217 16.21 -16.46 -37.74
C GLY N 217 16.52 -17.93 -37.93
N ALA N 218 15.50 -18.78 -37.79
CA ALA N 218 15.69 -20.21 -37.98
C ALA N 218 15.71 -20.62 -39.44
N ILE N 219 15.38 -19.71 -40.36
CA ILE N 219 15.46 -19.97 -41.78
C ILE N 219 16.50 -19.09 -42.46
N GLY N 220 16.71 -17.87 -41.97
CA GLY N 220 17.73 -17.02 -42.54
C GLY N 220 19.13 -17.44 -42.13
N TYR N 221 19.28 -17.92 -40.90
CA TYR N 221 20.58 -18.36 -40.42
C TYR N 221 21.09 -19.53 -41.26
N GLU N 222 20.23 -20.52 -41.53
CA GLU N 222 20.68 -21.68 -42.28
C GLU N 222 20.96 -21.32 -43.74
N PHE N 223 20.19 -20.41 -44.32
CA PHE N 223 20.49 -19.98 -45.69
C PHE N 223 21.80 -19.22 -45.75
N ASP N 224 22.07 -18.34 -44.78
CA ASP N 224 23.36 -17.65 -44.75
C ASP N 224 24.49 -18.65 -44.57
N ASN N 225 24.32 -19.63 -43.69
CA ASN N 225 25.34 -20.64 -43.48
C ASN N 225 25.58 -21.43 -44.76
N ARG N 226 24.52 -21.77 -45.48
CA ARG N 226 24.66 -22.50 -46.74
C ARG N 226 25.37 -21.66 -47.80
N TYR N 227 25.04 -20.37 -47.86
CA TYR N 227 25.73 -19.47 -48.79
C TYR N 227 27.22 -19.43 -48.49
N LEU N 228 27.58 -19.33 -47.21
CA LEU N 228 28.98 -19.29 -46.85
C LEU N 228 29.65 -20.65 -47.04
N ASN N 229 28.89 -21.74 -46.92
CA ASN N 229 29.45 -23.06 -47.23
C ASN N 229 29.76 -23.20 -48.71
N ASN N 230 28.86 -22.69 -49.57
CA ASN N 230 29.15 -22.70 -50.99
C ASN N 230 30.37 -21.84 -51.31
N GLN N 231 30.48 -20.69 -50.65
CA GLN N 231 31.69 -19.87 -50.82
C GLN N 231 32.93 -20.61 -50.33
N GLU N 232 32.81 -21.33 -49.22
CA GLU N 232 33.90 -22.16 -48.71
C GLU N 232 34.35 -23.17 -49.76
N MET N 233 33.39 -23.88 -50.35
CA MET N 233 33.76 -24.93 -51.31
C MET N 233 34.34 -24.32 -52.59
N SER N 234 33.82 -23.16 -53.01
CA SER N 234 34.40 -22.49 -54.16
C SER N 234 35.83 -22.03 -53.89
N ALA N 235 36.07 -21.51 -52.68
CA ALA N 235 37.41 -21.04 -52.34
C ALA N 235 38.41 -22.20 -52.30
N VAL N 236 38.04 -23.29 -51.62
CA VAL N 236 38.97 -24.42 -51.49
C VAL N 236 39.06 -25.27 -52.75
N ALA N 237 38.17 -25.07 -53.71
CA ALA N 237 38.25 -25.83 -54.97
C ALA N 237 39.27 -25.26 -55.93
N LYS N 238 39.78 -24.05 -55.68
CA LYS N 238 40.84 -23.46 -56.47
C LYS N 238 42.23 -23.77 -55.93
N GLN N 239 42.33 -24.55 -54.85
CA GLN N 239 43.62 -24.85 -54.24
C GLN N 239 44.31 -25.95 -55.03
N ARG N 240 45.55 -25.69 -55.44
CA ARG N 240 46.35 -26.62 -56.22
C ARG N 240 47.76 -26.70 -55.65
N LEU N 241 48.28 -27.92 -55.54
CA LEU N 241 49.68 -28.16 -55.23
C LEU N 241 50.41 -28.41 -56.55
N THR N 242 51.23 -27.45 -56.96
CA THR N 242 51.74 -27.41 -58.32
C THR N 242 52.80 -28.49 -58.55
N SER N 243 53.25 -28.57 -59.80
CA SER N 243 54.28 -29.51 -60.24
C SER N 243 55.22 -28.76 -61.17
N LEU N 244 56.09 -29.52 -61.86
CA LEU N 244 57.05 -28.98 -62.81
C LEU N 244 57.89 -27.87 -62.17
N PRO N 245 58.82 -28.21 -61.27
CA PRO N 245 59.72 -27.20 -60.71
C PRO N 245 61.08 -27.20 -61.40
N ASN O 6 132.53 -78.23 -38.94
CA ASN O 6 133.85 -77.83 -39.49
C ASN O 6 134.42 -78.93 -40.39
N PHE O 7 134.82 -78.55 -41.59
CA PHE O 7 135.38 -79.50 -42.54
C PHE O 7 136.82 -79.84 -42.12
N PRO O 8 137.17 -81.11 -41.95
CA PRO O 8 138.51 -81.43 -41.42
C PRO O 8 139.61 -80.97 -42.37
N ARG O 9 140.80 -80.81 -41.79
CA ARG O 9 141.95 -80.34 -42.56
C ARG O 9 142.29 -81.33 -43.67
N GLN O 10 142.54 -80.80 -44.86
CA GLN O 10 142.86 -81.60 -46.04
C GLN O 10 144.33 -81.52 -46.43
N MET O 11 145.13 -80.71 -45.73
CA MET O 11 146.56 -80.58 -46.02
C MET O 11 147.33 -81.50 -45.08
N LEU O 12 147.22 -82.79 -45.35
CA LEU O 12 147.78 -83.84 -44.51
C LEU O 12 148.52 -84.85 -45.36
N PRO O 13 149.41 -85.65 -44.76
CA PRO O 13 149.96 -86.80 -45.49
C PRO O 13 148.91 -87.89 -45.63
N PHE O 14 149.15 -88.76 -46.61
CA PHE O 14 148.17 -89.81 -46.90
C PHE O 14 147.97 -90.74 -45.70
N SER O 15 148.99 -90.90 -44.86
CA SER O 15 148.87 -91.79 -43.71
C SER O 15 147.84 -91.29 -42.72
N LYS O 16 147.77 -89.97 -42.51
CA LYS O 16 146.87 -89.39 -41.53
C LYS O 16 145.45 -89.20 -42.05
N LYS O 17 145.17 -89.56 -43.29
CA LYS O 17 143.82 -89.55 -43.82
C LYS O 17 143.17 -90.90 -43.52
N THR O 18 142.81 -91.08 -42.25
CA THR O 18 142.38 -92.36 -41.73
C THR O 18 140.87 -92.52 -41.92
N LYS O 19 140.31 -93.61 -41.38
CA LYS O 19 138.88 -93.85 -41.50
C LYS O 19 138.07 -92.76 -40.81
N GLN O 20 138.48 -92.37 -39.61
CA GLN O 20 137.72 -91.37 -38.87
C GLN O 20 137.76 -90.02 -39.57
N TRP O 21 138.88 -89.69 -40.23
CA TRP O 21 138.95 -88.45 -40.99
C TRP O 21 137.89 -88.42 -42.10
N ARG O 22 137.78 -89.51 -42.85
CA ARG O 22 136.81 -89.57 -43.94
C ARG O 22 135.38 -89.59 -43.40
N LYS O 23 135.17 -90.29 -42.29
CA LYS O 23 133.85 -90.26 -41.66
C LYS O 23 133.51 -88.85 -41.20
N ASP O 24 134.50 -88.09 -40.74
CA ASP O 24 134.26 -86.70 -40.37
C ASP O 24 133.89 -85.87 -41.59
N CYS O 25 134.55 -86.10 -42.72
CA CYS O 25 134.16 -85.41 -43.95
C CYS O 25 132.70 -85.70 -44.30
N LEU O 26 132.31 -86.98 -44.23
CA LEU O 26 130.94 -87.33 -44.59
C LEU O 26 129.94 -86.78 -43.58
N LEU O 27 130.30 -86.76 -42.30
CA LEU O 27 129.41 -86.18 -41.30
C LEU O 27 129.23 -84.68 -41.53
N TRP O 28 130.30 -83.99 -41.90
CA TRP O 28 130.17 -82.59 -42.27
C TRP O 28 129.24 -82.43 -43.46
N ALA O 29 129.40 -83.29 -44.47
CA ALA O 29 128.52 -83.22 -45.64
C ALA O 29 127.06 -83.41 -45.23
N ASN O 30 126.80 -84.35 -44.33
CA ASN O 30 125.45 -84.55 -43.83
C ASN O 30 124.95 -83.31 -43.10
N GLN O 31 125.83 -82.66 -42.33
CA GLN O 31 125.45 -81.44 -41.63
C GLN O 31 125.20 -80.27 -42.57
N LYS O 32 125.55 -80.39 -43.85
CA LYS O 32 125.35 -79.35 -44.87
C LYS O 32 125.72 -77.95 -44.36
N ASN O 36 121.85 -74.56 -49.05
CA ASN O 36 122.87 -74.48 -50.10
C ASN O 36 122.87 -73.10 -50.75
N TYR O 37 124.03 -72.68 -51.24
CA TYR O 37 124.19 -71.38 -51.87
C TYR O 37 125.22 -71.49 -53.00
N SER O 38 124.92 -70.85 -54.12
CA SER O 38 125.82 -70.82 -55.26
C SER O 38 125.69 -69.47 -55.95
N LEU O 39 126.72 -69.10 -56.71
CA LEU O 39 126.80 -67.78 -57.31
C LEU O 39 126.20 -67.70 -58.71
N VAL O 40 126.02 -68.84 -59.39
CA VAL O 40 125.52 -68.86 -60.75
C VAL O 40 124.38 -69.85 -60.89
N ARG O 41 123.67 -70.11 -59.79
CA ARG O 41 122.52 -71.02 -59.81
C ARG O 41 121.35 -70.36 -59.08
N LYS O 42 120.15 -70.65 -59.56
CA LYS O 42 118.94 -70.20 -58.88
C LYS O 42 118.67 -71.07 -57.66
N SER O 43 117.79 -70.59 -56.79
CA SER O 43 117.43 -71.35 -55.62
C SER O 43 116.61 -72.58 -56.02
N VAL O 44 116.61 -73.58 -55.14
CA VAL O 44 115.89 -74.81 -55.42
C VAL O 44 114.40 -74.56 -55.51
N ILE O 45 113.89 -73.57 -54.76
CA ILE O 45 112.47 -73.26 -54.80
C ILE O 45 112.08 -72.74 -56.18
N HIS O 46 112.94 -71.91 -56.78
CA HIS O 46 112.67 -71.40 -58.12
C HIS O 46 112.57 -72.54 -59.13
N LYS O 47 113.52 -73.45 -59.11
CA LYS O 47 113.51 -74.58 -60.03
C LYS O 47 112.29 -75.46 -59.81
N LYS O 48 111.96 -75.72 -58.54
CA LYS O 48 110.80 -76.55 -58.25
C LYS O 48 109.52 -75.89 -58.75
N ILE O 49 109.42 -74.57 -58.61
CA ILE O 49 108.24 -73.86 -59.10
C ILE O 49 108.17 -73.97 -60.62
N ASN O 50 109.31 -73.86 -61.30
CA ASN O 50 109.31 -74.01 -62.76
C ASN O 50 108.83 -75.39 -63.17
N TYR O 51 109.36 -76.43 -62.52
CA TYR O 51 108.96 -77.79 -62.86
C TYR O 51 107.50 -78.03 -62.55
N ASP O 52 107.01 -77.50 -61.42
CA ASP O 52 105.61 -77.64 -61.08
C ASP O 52 104.72 -76.95 -62.11
N LEU O 53 105.15 -75.78 -62.59
CA LEU O 53 104.42 -75.11 -63.66
C LEU O 53 104.37 -75.99 -64.91
N LEU O 54 105.49 -76.60 -65.27
CA LEU O 54 105.48 -77.46 -66.44
C LEU O 54 104.63 -78.72 -66.23
N ASN O 55 104.50 -79.18 -65.00
CA ASN O 55 103.72 -80.37 -64.69
C ASN O 55 102.27 -80.06 -64.35
N GLY O 56 101.85 -78.81 -64.48
CA GLY O 56 100.45 -78.46 -64.29
C GLY O 56 100.07 -78.05 -62.89
N ARG O 57 101.03 -77.70 -62.03
CA ARG O 57 100.76 -77.21 -60.69
C ARG O 57 101.05 -75.72 -60.61
N LEU O 58 100.12 -74.97 -60.06
CA LEU O 58 100.24 -73.54 -59.87
C LEU O 58 100.33 -73.23 -58.38
N HIS O 59 101.36 -72.50 -58.00
CA HIS O 59 101.54 -72.05 -56.61
C HIS O 59 101.01 -70.63 -56.51
N MET O 60 99.91 -70.47 -55.77
CA MET O 60 99.29 -69.16 -55.65
C MET O 60 100.18 -68.17 -54.92
N SER O 61 101.15 -68.64 -54.15
CA SER O 61 102.09 -67.76 -53.47
C SER O 61 103.18 -67.22 -54.39
N ASP O 62 103.32 -67.76 -55.59
CA ASP O 62 104.36 -67.32 -56.52
C ASP O 62 103.94 -66.14 -57.37
N LEU O 63 102.66 -65.78 -57.40
CA LEU O 63 102.18 -64.66 -58.19
C LEU O 63 101.38 -63.64 -57.39
N GLU O 64 101.22 -63.83 -56.08
CA GLU O 64 100.50 -62.87 -55.26
C GLU O 64 100.80 -63.15 -53.80
N LEU O 65 100.49 -62.17 -52.96
CA LEU O 65 100.47 -62.39 -51.52
C LEU O 65 99.16 -63.04 -51.12
N VAL O 66 99.25 -64.20 -50.47
CA VAL O 66 98.07 -64.96 -50.09
C VAL O 66 97.60 -64.46 -48.73
N LEU O 67 96.37 -63.97 -48.68
CA LEU O 67 95.79 -63.46 -47.43
C LEU O 67 95.03 -64.57 -46.70
N ILE O 72 93.94 -70.77 -51.70
CA ILE O 72 94.08 -71.44 -50.42
C ILE O 72 94.57 -72.86 -50.64
N LYS O 73 94.57 -73.67 -49.58
CA LYS O 73 95.04 -75.04 -49.62
C LYS O 73 94.00 -76.03 -50.11
N ALA O 74 92.78 -75.56 -50.40
CA ALA O 74 91.73 -76.39 -50.97
C ALA O 74 91.69 -76.18 -52.48
N ALA O 75 91.67 -77.29 -53.22
CA ALA O 75 91.83 -77.24 -54.68
C ALA O 75 90.47 -77.01 -55.34
N TYR O 76 89.99 -75.77 -55.23
CA TYR O 76 88.71 -75.37 -55.80
C TYR O 76 88.81 -73.95 -56.34
N ILE O 77 88.23 -73.74 -57.52
CA ILE O 77 88.39 -72.49 -58.27
C ILE O 77 87.76 -71.28 -57.56
N PRO O 78 86.63 -71.41 -56.83
CA PRO O 78 86.08 -70.23 -56.16
C PRO O 78 87.03 -69.45 -55.26
N ASP O 79 88.17 -70.06 -54.88
CA ASP O 79 89.28 -69.28 -54.32
C ASP O 79 90.63 -69.62 -54.94
N ARG O 80 90.80 -70.79 -55.54
CA ARG O 80 92.03 -71.14 -56.23
C ARG O 80 91.93 -70.75 -57.70
N LEU O 81 93.05 -70.89 -58.41
CA LEU O 81 93.19 -70.40 -59.77
C LEU O 81 93.55 -71.56 -60.69
N GLN O 82 92.86 -71.64 -61.83
CA GLN O 82 93.18 -72.64 -62.84
C GLN O 82 94.55 -72.39 -63.45
N HIS O 83 95.18 -73.47 -63.90
CA HIS O 83 96.39 -73.42 -64.69
C HIS O 83 96.09 -73.97 -66.07
N TYR O 84 96.70 -73.37 -67.09
CA TYR O 84 96.47 -73.74 -68.48
C TYR O 84 97.82 -73.97 -69.14
N PRO O 85 98.25 -75.22 -69.37
CA PRO O 85 99.62 -75.43 -69.81
C PRO O 85 99.85 -75.02 -71.26
N ILE O 86 100.07 -73.72 -71.47
CA ILE O 86 100.34 -73.19 -72.81
C ILE O 86 101.83 -73.02 -73.08
N MET O 87 102.68 -73.17 -72.06
CA MET O 87 104.12 -73.13 -72.24
C MET O 87 104.70 -74.48 -72.62
N ASN O 88 103.94 -75.56 -72.48
CA ASN O 88 104.50 -76.90 -72.70
C ASN O 88 104.85 -77.12 -74.17
N SER O 89 104.00 -76.68 -75.09
CA SER O 89 104.26 -76.89 -76.50
C SER O 89 105.51 -76.15 -76.95
N LYS O 90 105.75 -74.98 -76.38
CA LYS O 90 106.91 -74.17 -76.77
C LYS O 90 108.21 -74.90 -76.44
N LEU O 91 108.25 -75.61 -75.31
CA LEU O 91 109.39 -76.45 -74.98
C LEU O 91 109.40 -77.74 -75.77
N ASN O 92 108.21 -78.30 -76.05
CA ASN O 92 108.13 -79.61 -76.68
C ASN O 92 108.61 -79.55 -78.13
N VAL O 93 108.33 -78.46 -78.84
CA VAL O 93 108.81 -78.35 -80.21
C VAL O 93 110.33 -78.37 -80.23
N LEU O 94 110.96 -77.64 -79.30
CA LEU O 94 112.41 -77.60 -79.27
C LEU O 94 113.00 -78.95 -78.87
N ARG O 95 112.41 -79.63 -77.88
CA ARG O 95 112.97 -80.92 -77.49
C ARG O 95 112.79 -81.94 -78.61
N GLY O 96 111.68 -81.88 -79.35
CA GLY O 96 111.51 -82.76 -80.49
C GLY O 96 112.52 -82.46 -81.59
N GLU O 97 112.85 -81.18 -81.78
CA GLU O 97 113.90 -80.85 -82.73
C GLU O 97 115.27 -81.35 -82.27
N GLU O 98 115.50 -81.38 -80.96
CA GLU O 98 116.76 -81.93 -80.46
C GLU O 98 116.90 -83.39 -80.86
N SER O 99 115.83 -84.17 -80.75
CA SER O 99 115.90 -85.59 -81.08
C SER O 99 116.18 -85.81 -82.56
N LYS O 100 115.63 -84.98 -83.44
CA LYS O 100 115.79 -85.17 -84.87
C LYS O 100 117.09 -84.64 -85.41
N ARG O 101 117.78 -83.77 -84.68
CA ARG O 101 119.10 -83.32 -85.12
C ARG O 101 120.05 -84.51 -85.19
N VAL O 102 120.89 -84.53 -86.22
CA VAL O 102 121.77 -85.67 -86.44
C VAL O 102 122.71 -85.83 -85.26
N PHE O 103 122.84 -87.07 -84.78
CA PHE O 103 123.70 -87.42 -83.64
C PHE O 103 124.76 -88.38 -84.14
N ASP O 104 125.88 -87.83 -84.61
CA ASP O 104 127.07 -88.60 -84.96
C ASP O 104 128.26 -87.97 -84.22
N PHE O 105 128.49 -88.45 -83.00
CA PHE O 105 129.59 -87.99 -82.16
C PHE O 105 130.70 -89.03 -82.26
N LYS O 106 131.68 -88.75 -83.11
CA LYS O 106 132.80 -89.67 -83.36
C LYS O 106 134.09 -89.08 -82.82
N VAL O 107 134.94 -89.94 -82.26
CA VAL O 107 136.28 -89.53 -81.88
C VAL O 107 137.13 -89.41 -83.14
N VAL O 108 137.76 -88.25 -83.31
CA VAL O 108 138.52 -87.94 -84.51
C VAL O 108 139.90 -87.47 -84.10
N VAL O 109 140.91 -87.90 -84.86
CA VAL O 109 142.27 -87.42 -84.66
C VAL O 109 142.34 -86.00 -85.19
N THR O 110 142.65 -85.04 -84.32
CA THR O 110 142.62 -83.64 -84.70
C THR O 110 143.61 -83.33 -85.80
N ASN O 111 144.76 -84.02 -85.82
CA ASN O 111 145.80 -83.85 -86.83
C ASN O 111 146.20 -85.23 -87.34
N PRO O 112 145.40 -85.84 -88.20
CA PRO O 112 145.68 -87.22 -88.62
C PRO O 112 147.02 -87.39 -89.32
N ASN O 113 147.57 -86.33 -89.93
CA ASN O 113 148.85 -86.40 -90.62
C ASN O 113 149.99 -85.89 -89.74
N ALA O 114 149.88 -86.07 -88.43
CA ALA O 114 150.88 -85.61 -87.47
C ALA O 114 151.37 -86.82 -86.69
N ILE O 115 152.57 -87.31 -87.04
CA ILE O 115 153.17 -88.48 -86.42
C ILE O 115 154.51 -88.07 -85.84
N SER O 116 154.83 -88.60 -84.65
CA SER O 116 156.07 -88.29 -83.96
C SER O 116 156.77 -89.59 -83.57
N GLU O 117 157.97 -89.44 -83.02
CA GLU O 117 158.78 -90.60 -82.66
C GLU O 117 158.13 -91.41 -81.53
N ILE O 118 157.55 -90.73 -80.54
CA ILE O 118 156.96 -91.44 -79.41
C ILE O 118 155.78 -92.29 -79.86
N GLU O 119 154.97 -91.77 -80.79
CA GLU O 119 153.86 -92.55 -81.32
C GLU O 119 154.37 -93.80 -82.02
N ASP O 120 155.45 -93.67 -82.80
CA ASP O 120 156.01 -94.83 -83.48
C ASP O 120 156.55 -95.85 -82.47
N ASN O 121 157.19 -95.36 -81.41
CA ASN O 121 157.70 -96.28 -80.39
C ASN O 121 156.57 -97.04 -79.71
N LYS O 122 155.47 -96.35 -79.39
CA LYS O 122 154.35 -97.03 -78.76
C LYS O 122 153.70 -98.02 -79.72
N LYS O 123 153.61 -97.68 -81.00
CA LYS O 123 153.11 -98.62 -81.99
C LYS O 123 153.99 -99.86 -82.06
N ASN O 124 155.31 -99.67 -82.04
CA ASN O 124 156.22 -100.81 -82.08
C ASN O 124 156.05 -101.69 -80.84
N GLU O 125 155.88 -101.05 -79.67
CA GLU O 125 155.65 -101.82 -78.45
C GLU O 125 154.38 -102.66 -78.56
N LEU O 126 153.30 -102.06 -79.06
CA LEU O 126 152.05 -102.80 -79.20
C LEU O 126 152.21 -103.95 -80.18
N LEU O 127 152.88 -103.71 -81.31
CA LEU O 127 153.05 -104.78 -82.29
C LEU O 127 153.90 -105.91 -81.73
N GLN O 128 154.96 -105.58 -80.99
CA GLN O 128 155.78 -106.62 -80.39
C GLN O 128 154.96 -107.44 -79.38
N ARG O 129 154.17 -106.76 -78.55
CA ARG O 129 153.34 -107.47 -77.57
C ARG O 129 152.37 -108.42 -78.27
N LEU O 130 151.72 -107.93 -79.32
CA LEU O 130 150.78 -108.76 -80.07
C LEU O 130 151.50 -109.95 -80.71
N GLN O 131 152.72 -109.73 -81.20
CA GLN O 131 153.48 -110.82 -81.80
C GLN O 131 153.80 -111.89 -80.77
N GLU O 132 154.23 -111.48 -79.57
CA GLU O 132 154.49 -112.47 -78.52
C GLU O 132 153.22 -113.24 -78.17
N MET O 133 152.08 -112.54 -78.07
CA MET O 133 150.86 -113.24 -77.70
C MET O 133 150.45 -114.24 -78.77
N ILE O 134 150.50 -113.85 -80.05
CA ILE O 134 150.08 -114.79 -81.08
C ILE O 134 151.07 -115.95 -81.19
N THR O 135 152.35 -115.70 -80.87
CA THR O 135 153.30 -116.81 -80.81
C THR O 135 152.92 -117.77 -79.68
N ASP O 136 152.46 -117.23 -78.56
CA ASP O 136 152.08 -118.08 -77.44
C ASP O 136 150.84 -118.92 -77.76
N THR O 137 149.79 -118.27 -78.27
CA THR O 137 148.52 -118.99 -78.46
C THR O 137 148.56 -119.94 -79.64
N SER O 138 149.16 -119.53 -80.76
CA SER O 138 149.19 -120.39 -81.95
C SER O 138 149.96 -121.67 -81.65
N ILE O 139 149.40 -122.80 -82.06
CA ILE O 139 149.94 -124.11 -81.70
C ILE O 139 150.73 -124.63 -82.90
N SER O 140 152.02 -124.25 -82.95
CA SER O 140 152.99 -124.85 -83.85
C SER O 140 152.55 -124.82 -85.31
N GLU O 141 152.43 -123.61 -85.84
CA GLU O 141 152.24 -123.32 -87.26
C GLU O 141 150.80 -123.56 -87.72
N ASP O 142 149.93 -124.14 -86.88
CA ASP O 142 148.59 -124.48 -87.32
C ASP O 142 147.77 -123.24 -87.66
N GLU O 143 147.86 -122.19 -86.84
CA GLU O 143 147.17 -120.94 -87.09
C GLU O 143 148.09 -119.74 -86.88
N TYR O 144 149.41 -119.95 -86.78
CA TYR O 144 150.33 -118.84 -86.64
C TYR O 144 150.26 -117.91 -87.83
N ASN O 145 150.22 -118.47 -89.04
CA ASN O 145 150.10 -117.65 -90.25
C ASN O 145 148.77 -116.91 -90.28
N ILE O 146 147.72 -117.48 -89.69
CA ILE O 146 146.44 -116.77 -89.62
C ILE O 146 146.60 -115.51 -88.78
N LYS O 147 147.32 -115.61 -87.66
CA LYS O 147 147.55 -114.44 -86.82
C LYS O 147 148.43 -113.40 -87.54
N LEU O 148 149.46 -113.86 -88.27
CA LEU O 148 150.24 -112.91 -89.05
C LEU O 148 149.39 -112.20 -90.09
N GLU O 149 148.49 -112.95 -90.75
CA GLU O 149 147.60 -112.33 -91.73
C GLU O 149 146.70 -111.31 -91.05
N LYS O 150 146.23 -111.61 -89.83
CA LYS O 150 145.33 -110.70 -89.15
C LYS O 150 146.05 -109.42 -88.72
N LEU O 151 147.31 -109.53 -88.28
CA LEU O 151 148.02 -108.36 -87.77
C LEU O 151 148.87 -107.65 -88.82
N ASN O 152 149.00 -108.19 -90.03
CA ASN O 152 149.80 -107.51 -91.05
C ASN O 152 149.15 -106.20 -91.48
N ASP O 153 147.82 -106.13 -91.49
CA ASP O 153 147.15 -104.89 -91.85
C ASP O 153 147.25 -103.82 -90.79
N TYR O 154 147.77 -104.14 -89.59
CA TYR O 154 147.98 -103.14 -88.55
C TYR O 154 149.36 -102.48 -88.64
N TYR O 155 150.23 -102.94 -89.54
CA TYR O 155 151.49 -102.24 -89.73
C TYR O 155 151.29 -100.89 -90.41
N THR O 156 150.25 -100.76 -91.23
CA THR O 156 149.93 -99.47 -91.83
C THR O 156 149.13 -98.57 -90.91
N TYR O 157 148.74 -99.05 -89.74
CA TYR O 157 148.06 -98.22 -88.75
C TYR O 157 149.08 -97.39 -87.98
N GLU O 158 148.57 -96.40 -87.24
CA GLU O 158 149.38 -95.58 -86.36
C GLU O 158 148.85 -95.69 -84.94
N TRP O 159 149.66 -95.26 -83.98
CA TRP O 159 149.23 -95.24 -82.58
C TRP O 159 147.95 -94.44 -82.42
N GLN O 160 147.91 -93.25 -83.01
CA GLN O 160 146.71 -92.41 -82.93
C GLN O 160 145.51 -93.11 -83.56
N ASP O 161 145.73 -93.83 -84.66
CA ASP O 161 144.62 -94.55 -85.28
C ASP O 161 144.08 -95.65 -84.37
N ILE O 162 144.97 -96.40 -83.71
CA ILE O 162 144.49 -97.46 -82.83
C ILE O 162 143.74 -96.88 -81.64
N ARG O 163 144.26 -95.79 -81.05
CA ARG O 163 143.55 -95.16 -79.94
C ARG O 163 142.19 -94.63 -80.37
N GLU O 164 142.13 -93.96 -81.54
CA GLU O 164 140.86 -93.47 -82.03
C GLU O 164 139.90 -94.61 -82.27
N VAL O 165 140.40 -95.73 -82.83
CA VAL O 165 139.55 -96.88 -83.05
C VAL O 165 138.95 -97.36 -81.74
N ARG O 166 139.79 -97.56 -80.72
CA ARG O 166 139.30 -98.07 -79.44
C ARG O 166 138.25 -97.13 -78.87
N ALA O 167 138.51 -95.82 -78.92
CA ALA O 167 137.54 -94.86 -78.39
C ALA O 167 136.23 -94.95 -79.16
N ASN O 168 136.30 -95.07 -80.49
CA ASN O 168 135.09 -95.12 -81.29
C ASN O 168 134.27 -96.37 -81.00
N GLU O 169 134.92 -97.53 -80.87
CA GLU O 169 134.14 -98.73 -80.53
C GLU O 169 133.51 -98.61 -79.15
N LEU O 170 134.24 -98.10 -78.16
CA LEU O 170 133.61 -97.91 -76.84
C LEU O 170 132.40 -97.01 -76.93
N LEU O 171 132.57 -95.82 -77.53
CA LEU O 171 131.48 -94.85 -77.56
C LEU O 171 130.31 -95.37 -78.38
N ASN O 172 130.58 -95.99 -79.53
CA ASN O 172 129.51 -96.51 -80.36
C ASN O 172 128.72 -97.58 -79.63
N HIS O 173 129.41 -98.55 -79.01
CA HIS O 173 128.71 -99.62 -78.34
C HIS O 173 127.85 -99.07 -77.21
N TYR O 174 128.40 -98.17 -76.40
CA TYR O 174 127.61 -97.73 -75.24
C TYR O 174 126.52 -96.73 -75.64
N ILE O 175 126.72 -95.97 -76.72
CA ILE O 175 125.65 -95.12 -77.21
C ILE O 175 124.50 -95.97 -77.73
N LYS O 176 124.81 -97.03 -78.50
CA LYS O 176 123.75 -97.89 -79.00
C LYS O 176 123.11 -98.70 -77.89
N GLU O 177 123.84 -98.96 -76.80
CA GLU O 177 123.29 -99.75 -75.71
C GLU O 177 122.37 -98.92 -74.83
N TYR O 178 122.89 -97.84 -74.26
CA TYR O 178 122.15 -97.08 -73.27
C TYR O 178 121.10 -96.15 -73.87
N ASP O 179 121.08 -96.00 -75.19
CA ASP O 179 120.24 -94.99 -75.85
C ASP O 179 120.51 -93.61 -75.25
N ILE O 180 121.79 -93.23 -75.32
CA ILE O 180 122.22 -91.96 -74.74
C ILE O 180 121.44 -90.77 -75.28
N PRO O 181 121.06 -90.71 -76.57
CA PRO O 181 120.31 -89.54 -77.04
C PRO O 181 119.03 -89.26 -76.26
N LEU O 182 118.36 -90.28 -75.73
CA LEU O 182 117.21 -90.01 -74.87
C LEU O 182 117.63 -89.30 -73.58
N ILE O 183 118.77 -89.72 -73.02
CA ILE O 183 119.28 -89.04 -71.83
C ILE O 183 119.58 -87.58 -72.15
N PHE O 184 120.18 -87.34 -73.31
CA PHE O 184 120.47 -85.96 -73.70
C PHE O 184 119.19 -85.17 -73.93
N ASN O 185 118.15 -85.80 -74.46
CA ASN O 185 116.88 -85.09 -74.64
C ASN O 185 116.27 -84.69 -73.31
N ASN O 186 116.29 -85.60 -72.34
CA ASN O 186 115.78 -85.26 -71.01
C ASN O 186 116.61 -84.14 -70.38
N GLY O 187 117.92 -84.21 -70.50
CA GLY O 187 118.76 -83.13 -70.00
C GLY O 187 118.48 -81.81 -70.69
N PHE O 188 118.18 -81.86 -72.00
CA PHE O 188 117.86 -80.65 -72.74
C PHE O 188 116.58 -80.02 -72.22
N MET O 189 115.57 -80.85 -71.94
CA MET O 189 114.33 -80.32 -71.38
C MET O 189 114.59 -79.70 -70.01
N ASP O 190 115.41 -80.35 -69.18
CA ASP O 190 115.75 -79.78 -67.89
C ASP O 190 116.52 -78.47 -68.04
N ALA O 191 117.37 -78.37 -69.05
CA ALA O 191 118.09 -77.13 -69.32
C ALA O 191 117.13 -76.03 -69.71
N MET O 192 116.14 -76.34 -70.54
CA MET O 192 115.12 -75.36 -70.87
C MET O 192 114.37 -74.89 -69.63
N THR O 193 114.07 -75.82 -68.71
CA THR O 193 113.27 -75.45 -67.55
C THR O 193 114.08 -74.65 -66.52
N CYS O 194 115.35 -75.00 -66.32
CA CYS O 194 116.18 -74.38 -65.29
C CYS O 194 117.39 -73.63 -65.82
N GLY O 195 117.81 -73.87 -67.06
CA GLY O 195 119.07 -73.36 -67.52
C GLY O 195 120.26 -74.13 -67.00
N GLU O 196 120.05 -75.34 -66.47
CA GLU O 196 121.12 -76.17 -65.93
C GLU O 196 120.99 -77.57 -66.51
N GLU O 197 122.08 -78.05 -67.10
CA GLU O 197 122.17 -79.39 -67.69
C GLU O 197 123.36 -80.10 -67.08
N ILE O 198 123.11 -81.16 -66.31
CA ILE O 198 124.16 -81.86 -65.58
C ILE O 198 124.04 -83.35 -65.89
N TYR O 199 125.18 -84.00 -66.09
CA TYR O 199 125.26 -85.45 -66.27
C TYR O 199 126.39 -85.99 -65.41
N GLN O 200 126.19 -87.18 -64.86
CA GLN O 200 127.22 -87.89 -64.10
C GLN O 200 127.61 -89.16 -64.85
N CYS O 201 128.92 -89.40 -64.95
CA CYS O 201 129.48 -90.61 -65.52
C CYS O 201 130.25 -91.35 -64.44
N ASP O 202 130.00 -92.65 -64.32
CA ASP O 202 130.59 -93.43 -63.25
C ASP O 202 130.72 -94.89 -63.69
N ILE O 203 131.34 -95.68 -62.84
CA ILE O 203 131.49 -97.12 -63.04
C ILE O 203 130.58 -97.81 -62.04
N VAL O 204 129.64 -98.60 -62.55
CA VAL O 204 128.72 -99.38 -61.74
C VAL O 204 128.73 -100.81 -62.25
N GLY O 205 128.96 -101.75 -61.34
CA GLY O 205 129.05 -103.14 -61.75
C GLY O 205 130.24 -103.46 -62.62
N GLY O 206 131.24 -102.58 -62.65
CA GLY O 206 132.40 -102.76 -63.50
C GLY O 206 132.26 -102.18 -64.90
N GLU O 207 131.02 -101.78 -65.32
CA GLU O 207 130.80 -101.15 -66.61
C GLU O 207 130.65 -99.63 -66.43
N PRO O 208 131.07 -98.82 -67.40
CA PRO O 208 130.80 -97.39 -67.30
C PRO O 208 129.33 -97.10 -67.59
N VAL O 209 128.77 -96.17 -66.81
CA VAL O 209 127.40 -95.73 -66.99
C VAL O 209 127.36 -94.21 -66.95
N ILE O 210 126.36 -93.65 -67.61
CA ILE O 210 126.12 -92.20 -67.64
C ILE O 210 124.69 -91.95 -67.20
N GLU O 211 124.51 -91.01 -66.29
CA GLU O 211 123.20 -90.70 -65.73
C GLU O 211 122.99 -89.19 -65.75
N ARG O 212 121.72 -88.80 -65.76
CA ARG O 212 121.32 -87.40 -65.74
C ARG O 212 121.00 -87.01 -64.31
N VAL O 213 121.67 -85.98 -63.82
CA VAL O 213 121.52 -85.53 -62.44
C VAL O 213 120.35 -84.56 -62.37
N ASN O 214 119.45 -84.80 -61.44
CA ASN O 214 118.37 -83.85 -61.20
C ASN O 214 118.96 -82.56 -60.65
N PRO O 215 118.66 -81.40 -61.24
CA PRO O 215 119.21 -80.15 -60.67
C PRO O 215 118.77 -79.88 -59.25
N LEU O 216 117.66 -80.45 -58.79
CA LEU O 216 117.19 -80.24 -57.44
C LEU O 216 117.86 -81.16 -56.43
N LYS O 217 118.69 -82.11 -56.88
CA LYS O 217 119.31 -83.09 -56.01
C LYS O 217 120.83 -83.05 -56.13
N ILE O 218 121.39 -81.87 -56.41
CA ILE O 218 122.84 -81.68 -56.48
C ILE O 218 123.17 -80.36 -55.82
N ARG O 219 124.20 -80.37 -54.98
CA ARG O 219 124.71 -79.16 -54.33
C ARG O 219 126.13 -78.93 -54.84
N ILE O 220 126.33 -77.84 -55.57
CA ILE O 220 127.62 -77.49 -56.15
C ILE O 220 128.24 -76.39 -55.30
N PHE O 221 129.38 -76.70 -54.68
CA PHE O 221 130.07 -75.77 -53.78
C PHE O 221 131.42 -75.41 -54.34
N LYS O 222 131.88 -74.20 -53.99
CA LYS O 222 133.23 -73.73 -54.31
C LYS O 222 133.47 -73.72 -55.82
N SER O 223 132.70 -72.87 -56.51
CA SER O 223 132.95 -72.50 -57.89
C SER O 223 133.27 -71.01 -57.96
N GLY O 224 133.93 -70.64 -59.05
CA GLY O 224 134.50 -69.30 -59.17
C GLY O 224 133.78 -68.43 -60.17
N TYR O 225 132.45 -68.40 -60.11
CA TYR O 225 131.61 -67.86 -61.18
C TYR O 225 131.79 -68.66 -62.46
N SER O 226 132.17 -69.93 -62.32
CA SER O 226 132.47 -70.76 -63.47
C SER O 226 131.19 -71.32 -64.06
N ASN O 227 131.03 -71.16 -65.37
CA ASN O 227 129.86 -71.69 -66.06
C ASN O 227 129.83 -73.22 -66.03
N LYS O 228 131.00 -73.85 -66.04
CA LYS O 228 131.07 -75.30 -66.10
C LYS O 228 130.93 -75.92 -64.72
N VAL O 229 130.33 -77.10 -64.66
CA VAL O 229 130.23 -77.84 -63.41
C VAL O 229 131.53 -78.55 -63.05
N GLU O 230 132.38 -78.84 -64.03
CA GLU O 230 133.62 -79.55 -63.75
C GLU O 230 134.59 -78.73 -62.93
N ASP O 231 134.43 -77.41 -62.90
CA ASP O 231 135.32 -76.54 -62.14
C ASP O 231 134.99 -76.50 -60.66
N ALA O 232 133.86 -77.09 -60.25
CA ALA O 232 133.49 -77.09 -58.83
C ALA O 232 134.40 -78.01 -58.06
N ASP O 233 134.71 -77.62 -56.81
CA ASP O 233 135.60 -78.38 -55.95
C ASP O 233 134.88 -79.34 -55.03
N MET O 234 133.56 -79.30 -54.95
CA MET O 234 132.84 -80.15 -54.02
C MET O 234 131.40 -80.28 -54.47
N ILE O 235 130.92 -81.51 -54.58
CA ILE O 235 129.56 -81.81 -55.04
C ILE O 235 128.95 -82.84 -54.12
N ILE O 236 127.67 -82.63 -53.77
CA ILE O 236 126.91 -83.55 -52.93
C ILE O 236 125.69 -83.98 -53.73
N LEU O 237 125.46 -85.28 -53.81
CA LEU O 237 124.31 -85.87 -54.50
C LEU O 237 123.48 -86.64 -53.48
N GLU O 238 122.32 -86.08 -53.11
CA GLU O 238 121.43 -86.66 -52.13
C GLU O 238 120.17 -87.14 -52.85
N ASP O 239 119.98 -88.44 -52.89
CA ASP O 239 118.80 -89.04 -53.51
C ASP O 239 118.40 -90.27 -52.71
N TYR O 240 117.14 -90.66 -52.82
CA TYR O 240 116.59 -91.82 -52.13
C TYR O 240 116.63 -93.00 -53.08
N TRP O 241 117.56 -93.92 -52.87
CA TRP O 241 117.71 -95.09 -53.70
C TRP O 241 116.90 -96.26 -53.15
N SER O 242 116.56 -97.17 -54.03
CA SER O 242 115.95 -98.41 -53.56
C SER O 242 117.02 -99.33 -52.98
N PRO O 243 116.65 -100.25 -52.08
CA PRO O 243 117.68 -101.18 -51.57
C PRO O 243 118.36 -101.98 -52.66
N GLY O 244 117.61 -102.36 -53.69
CA GLY O 244 118.21 -103.12 -54.79
C GLY O 244 119.34 -102.37 -55.46
N ARG O 245 119.19 -101.06 -55.62
CA ARG O 245 120.23 -100.30 -56.32
C ARG O 245 121.49 -100.19 -55.49
N VAL O 246 121.36 -99.94 -54.18
CA VAL O 246 122.55 -99.87 -53.34
C VAL O 246 123.24 -101.22 -53.28
N ILE O 247 122.48 -102.31 -53.26
CA ILE O 247 123.12 -103.63 -53.29
C ILE O 247 123.74 -103.90 -54.66
N ASP O 248 123.12 -103.43 -55.74
CA ASP O 248 123.69 -103.61 -57.08
C ASP O 248 124.95 -102.81 -57.27
N THR O 249 125.12 -101.71 -56.52
CA THR O 249 126.28 -100.85 -56.64
C THR O 249 127.37 -101.16 -55.63
N TYR O 250 126.99 -101.57 -54.41
CA TYR O 250 127.93 -101.70 -53.30
C TYR O 250 127.90 -103.10 -52.69
N TYR O 251 127.61 -104.14 -53.49
CA TYR O 251 127.71 -105.49 -52.96
C TYR O 251 129.14 -105.81 -52.54
N ASP O 252 130.12 -105.34 -53.31
CA ASP O 252 131.51 -105.70 -53.09
C ASP O 252 132.13 -105.03 -51.89
N VAL O 253 131.43 -104.09 -51.25
CA VAL O 253 131.97 -103.37 -50.10
C VAL O 253 131.04 -103.37 -48.90
N LEU O 254 129.74 -103.66 -49.05
CA LEU O 254 128.84 -103.67 -47.91
C LEU O 254 129.13 -104.86 -47.01
N SER O 255 129.22 -104.60 -45.71
CA SER O 255 129.47 -105.63 -44.72
C SER O 255 128.15 -106.26 -44.28
N PRO O 256 128.21 -107.43 -43.62
CA PRO O 256 126.96 -108.03 -43.12
C PRO O 256 126.17 -107.11 -42.19
N LYS O 257 126.86 -106.31 -41.38
CA LYS O 257 126.15 -105.34 -40.56
C LYS O 257 125.37 -104.35 -41.41
N ASP O 258 125.96 -103.91 -42.52
CA ASP O 258 125.27 -102.99 -43.41
C ASP O 258 124.02 -103.64 -44.01
N ILE O 259 124.12 -104.91 -44.39
CA ILE O 259 122.95 -105.60 -44.95
C ILE O 259 121.86 -105.73 -43.89
N LYS O 260 122.26 -106.07 -42.66
CA LYS O 260 121.28 -106.13 -41.57
C LYS O 260 120.61 -104.79 -41.36
N TYR O 261 121.38 -103.69 -41.46
CA TYR O 261 120.78 -102.37 -41.35
C TYR O 261 119.79 -102.13 -42.49
N ILE O 262 120.14 -102.56 -43.70
CA ILE O 262 119.24 -102.42 -44.83
C ILE O 262 117.94 -103.17 -44.59
N GLU O 263 117.99 -104.29 -43.86
CA GLU O 263 116.76 -105.03 -43.57
C GLU O 263 116.05 -104.52 -42.32
N THR O 264 116.78 -104.37 -41.20
CA THR O 264 116.08 -103.99 -39.96
C THR O 264 115.53 -102.56 -39.98
N MET O 265 115.62 -101.81 -41.07
CA MET O 265 114.86 -100.58 -41.20
C MET O 265 113.36 -100.90 -41.15
N PRO O 266 112.53 -99.99 -40.62
CA PRO O 266 111.10 -100.32 -40.49
C PRO O 266 110.42 -100.65 -41.80
N ASP O 267 110.81 -100.00 -42.90
CA ASP O 267 110.17 -100.20 -44.19
C ASP O 267 108.67 -99.90 -44.09
N TYR O 268 108.36 -98.71 -43.59
CA TYR O 268 106.97 -98.30 -43.41
C TYR O 268 106.29 -98.08 -44.76
N ALA O 325 108.06 -94.39 -48.74
CA ALA O 325 108.29 -95.69 -49.34
C ALA O 325 109.49 -96.38 -48.68
N GLY O 326 109.81 -97.57 -49.15
CA GLY O 326 110.90 -98.33 -48.58
C GLY O 326 112.23 -98.08 -49.25
N ASN O 327 112.63 -96.82 -49.34
CA ASN O 327 113.88 -96.42 -49.97
C ASN O 327 114.90 -95.99 -48.92
N LEU O 328 116.16 -95.91 -49.35
CA LEU O 328 117.27 -95.54 -48.49
C LEU O 328 117.87 -94.22 -48.96
N ARG O 329 118.06 -93.30 -48.02
CA ARG O 329 118.71 -92.03 -48.32
C ARG O 329 120.18 -92.28 -48.60
N VAL O 330 120.60 -92.05 -49.84
CA VAL O 330 121.98 -92.29 -50.27
C VAL O 330 122.61 -90.93 -50.55
N LEU O 331 123.52 -90.52 -49.69
CA LEU O 331 124.23 -89.25 -49.81
C LEU O 331 125.66 -89.55 -50.24
N ARG O 332 126.05 -89.05 -51.41
CA ARG O 332 127.38 -89.25 -51.97
C ARG O 332 128.11 -87.91 -52.00
N LEU O 333 129.29 -87.88 -51.41
CA LEU O 333 130.10 -86.67 -51.32
C LEU O 333 131.28 -86.78 -52.26
N TYR O 334 131.51 -85.72 -53.04
CA TYR O 334 132.69 -85.58 -53.88
C TYR O 334 133.43 -84.33 -53.46
N TRP O 335 134.74 -84.42 -53.29
CA TRP O 335 135.52 -83.26 -52.87
C TRP O 335 136.95 -83.42 -53.33
N LYS O 336 137.60 -82.28 -53.54
CA LYS O 336 139.00 -82.24 -53.99
C LYS O 336 139.90 -82.09 -52.77
N SER O 337 140.53 -83.17 -52.34
CA SER O 337 141.52 -83.10 -51.29
C SER O 337 142.84 -82.60 -51.87
N LYS O 338 143.79 -82.34 -50.98
CA LYS O 338 145.11 -81.82 -51.36
C LYS O 338 146.17 -82.85 -51.01
N ARG O 339 146.99 -83.20 -52.00
CA ARG O 339 147.98 -84.26 -51.88
C ARG O 339 149.38 -83.69 -52.06
N LYS O 340 150.30 -84.13 -51.22
CA LYS O 340 151.70 -83.71 -51.29
C LYS O 340 152.43 -84.61 -52.27
N ILE O 341 153.03 -84.01 -53.29
CA ILE O 341 153.81 -84.72 -54.30
C ILE O 341 155.15 -84.01 -54.46
N LEU O 342 156.08 -84.69 -55.11
CA LEU O 342 157.44 -84.20 -55.31
C LEU O 342 157.75 -84.08 -56.79
N LYS O 343 158.34 -82.96 -57.19
CA LYS O 343 158.90 -82.80 -58.53
C LYS O 343 160.41 -83.02 -58.43
N VAL O 344 160.90 -84.02 -59.15
CA VAL O 344 162.30 -84.46 -59.06
C VAL O 344 162.98 -84.14 -60.38
N LYS O 345 164.13 -83.47 -60.30
CA LYS O 345 164.94 -83.14 -61.47
C LYS O 345 166.07 -84.16 -61.56
N SER O 346 165.99 -85.06 -62.53
CA SER O 346 166.98 -86.12 -62.71
C SER O 346 167.54 -86.04 -64.12
N TYR O 347 168.83 -86.38 -64.25
CA TYR O 347 169.53 -86.30 -65.52
C TYR O 347 169.50 -87.64 -66.25
N ASP O 348 169.31 -87.58 -67.55
CA ASP O 348 169.30 -88.78 -68.38
C ASP O 348 170.68 -89.44 -68.27
N PRO O 349 170.77 -90.73 -67.97
CA PRO O 349 172.12 -91.35 -67.86
C PRO O 349 172.94 -91.25 -69.14
N GLU O 350 172.30 -91.40 -70.30
CA GLU O 350 173.05 -91.42 -71.55
C GLU O 350 173.44 -90.01 -71.99
N THR O 351 172.45 -89.17 -72.26
CA THR O 351 172.67 -87.80 -72.70
C THR O 351 172.57 -86.85 -71.52
N GLY O 352 173.26 -85.71 -71.63
CA GLY O 352 173.20 -84.70 -70.59
C GLY O 352 171.92 -83.89 -70.66
N GLU O 353 170.78 -84.56 -70.52
CA GLU O 353 169.46 -83.95 -70.65
C GLU O 353 168.74 -84.08 -69.31
N GLU O 354 168.69 -82.99 -68.56
CA GLU O 354 167.95 -82.98 -67.31
C GLU O 354 166.46 -83.17 -67.57
N GLU O 355 165.83 -83.98 -66.73
CA GLU O 355 164.44 -84.41 -66.91
C GLU O 355 163.65 -84.09 -65.65
N TRP O 356 162.33 -84.20 -65.77
CA TRP O 356 161.40 -83.90 -64.68
C TRP O 356 160.41 -85.04 -64.53
N ASN O 357 160.05 -85.34 -63.29
CA ASN O 357 159.05 -86.36 -63.00
C ASN O 357 158.32 -85.99 -61.72
N PHE O 358 157.11 -86.52 -61.58
CA PHE O 358 156.26 -86.29 -60.42
C PHE O 358 156.10 -87.60 -59.65
N TYR O 359 156.32 -87.56 -58.35
CA TYR O 359 156.23 -88.71 -57.47
C TYR O 359 155.43 -88.37 -56.23
N PRO O 360 154.88 -89.38 -55.54
CA PRO O 360 154.20 -89.10 -54.26
C PRO O 360 155.17 -88.65 -53.18
N GLU O 361 154.64 -88.36 -51.99
CA GLU O 361 155.49 -87.87 -50.91
C GLU O 361 156.37 -88.97 -50.32
N ASN O 362 156.00 -90.23 -50.47
CA ASN O 362 156.78 -91.33 -49.92
C ASN O 362 157.99 -91.69 -50.77
N TYR O 363 158.14 -91.10 -51.95
CA TYR O 363 159.28 -91.39 -52.81
C TYR O 363 160.55 -90.81 -52.22
N VAL O 364 161.57 -91.64 -52.06
CA VAL O 364 162.86 -91.20 -51.53
C VAL O 364 163.69 -90.68 -52.69
N VAL O 365 164.14 -89.44 -52.58
CA VAL O 365 164.97 -88.85 -53.63
C VAL O 365 166.30 -89.57 -53.68
N ASN O 366 166.74 -89.92 -54.89
CA ASN O 366 167.99 -90.65 -55.07
C ASN O 366 169.15 -89.66 -55.05
N LYS O 367 169.70 -89.44 -53.86
CA LYS O 367 170.92 -88.66 -53.74
C LYS O 367 172.07 -89.38 -54.44
N GLU O 368 173.22 -88.72 -54.48
CA GLU O 368 174.43 -89.20 -55.14
C GLU O 368 174.24 -89.34 -56.65
N ALA O 369 173.18 -88.75 -57.21
CA ALA O 369 172.95 -88.76 -58.64
C ALA O 369 172.44 -87.42 -59.15
N GLY O 370 172.43 -86.38 -58.32
CA GLY O 370 171.98 -85.08 -58.75
C GLY O 370 170.48 -84.87 -58.74
N GLU O 371 169.73 -85.75 -58.08
CA GLU O 371 168.27 -85.66 -58.07
C GLU O 371 167.84 -84.57 -57.10
N GLU O 372 167.55 -83.39 -57.63
CA GLU O 372 166.98 -82.32 -56.82
C GLU O 372 165.47 -82.53 -56.69
N VAL O 373 164.96 -82.31 -55.48
CA VAL O 373 163.57 -82.60 -55.15
C VAL O 373 162.94 -81.35 -54.55
N GLN O 374 161.72 -81.04 -54.99
CA GLN O 374 160.92 -79.98 -54.40
C GLN O 374 159.49 -80.49 -54.25
N SER O 375 158.87 -80.15 -53.12
CA SER O 375 157.59 -80.71 -52.73
C SER O 375 156.48 -79.71 -53.03
N PHE O 376 155.39 -80.20 -53.63
CA PHE O 376 154.21 -79.41 -53.94
C PHE O 376 152.99 -80.08 -53.33
N TRP O 377 151.98 -79.27 -53.03
CA TRP O 377 150.65 -79.78 -52.68
C TRP O 377 149.76 -79.65 -53.91
N VAL O 378 149.01 -80.71 -54.20
CA VAL O 378 148.31 -80.85 -55.47
C VAL O 378 146.92 -81.39 -55.19
N ASN O 379 145.95 -80.93 -55.98
CA ASN O 379 144.58 -81.37 -55.82
C ASN O 379 144.47 -82.88 -56.04
N GLU O 380 143.50 -83.50 -55.37
CA GLU O 380 143.17 -84.90 -55.59
C GLU O 380 141.69 -85.09 -55.30
N ALA O 381 141.00 -85.77 -56.19
CA ALA O 381 139.56 -85.99 -56.04
C ALA O 381 139.31 -87.16 -55.10
N TRP O 382 138.38 -86.96 -54.16
CA TRP O 382 137.99 -87.98 -53.20
C TRP O 382 136.48 -88.16 -53.26
N GLU O 383 136.02 -89.32 -52.80
CA GLU O 383 134.59 -89.63 -52.77
C GLU O 383 134.26 -90.35 -51.48
N GLY O 384 132.96 -90.45 -51.21
CA GLY O 384 132.45 -91.15 -50.05
C GLY O 384 130.94 -91.15 -50.06
N THR O 385 130.33 -92.24 -49.63
CA THR O 385 128.87 -92.41 -49.71
C THR O 385 128.34 -92.84 -48.36
N MET O 386 127.28 -92.17 -47.91
CA MET O 386 126.52 -92.57 -46.73
C MET O 386 125.16 -93.09 -47.19
N ILE O 387 124.79 -94.27 -46.72
CA ILE O 387 123.51 -94.88 -47.01
C ILE O 387 122.72 -94.92 -45.71
N GLY O 388 121.51 -94.37 -45.73
CA GLY O 388 120.78 -94.22 -44.49
C GLY O 388 121.54 -93.27 -43.57
N ASN O 389 121.78 -93.73 -42.34
CA ASN O 389 122.56 -92.97 -41.37
C ASN O 389 123.71 -93.75 -40.75
N GLU O 390 123.80 -95.07 -40.96
CA GLU O 390 124.77 -95.91 -40.30
C GLU O 390 125.83 -96.47 -41.25
N ILE O 391 125.58 -96.49 -42.55
CA ILE O 391 126.45 -97.17 -43.51
C ILE O 391 127.41 -96.15 -44.10
N PHE O 392 128.69 -96.50 -44.13
CA PHE O 392 129.74 -95.66 -44.71
C PHE O 392 130.51 -96.50 -45.71
N VAL O 393 130.50 -96.10 -46.97
CA VAL O 393 130.94 -96.93 -48.08
C VAL O 393 131.82 -96.12 -49.02
N ASN O 394 132.89 -96.74 -49.50
CA ASN O 394 133.73 -96.19 -50.57
C ASN O 394 134.29 -94.82 -50.20
N MET O 395 134.90 -94.74 -49.02
CA MET O 395 135.64 -93.55 -48.60
C MET O 395 137.09 -93.75 -49.04
N ARG O 396 137.48 -93.08 -50.11
CA ARG O 396 138.79 -93.26 -50.71
C ARG O 396 139.00 -92.22 -51.79
N PRO O 397 140.22 -92.03 -52.30
CA PRO O 397 140.38 -91.23 -53.51
C PRO O 397 139.61 -91.86 -54.66
N ARG O 398 139.00 -91.00 -55.49
CA ARG O 398 138.27 -91.49 -56.64
C ARG O 398 139.19 -92.30 -57.54
N LEU O 399 138.77 -93.53 -57.88
CA LEU O 399 139.61 -94.35 -58.75
C LEU O 399 139.60 -93.84 -60.19
N ILE O 400 138.62 -93.01 -60.55
CA ILE O 400 138.60 -92.36 -61.86
C ILE O 400 139.12 -90.95 -61.63
N GLN O 401 140.44 -90.80 -61.74
CA GLN O 401 141.09 -89.49 -61.68
C GLN O 401 141.19 -88.97 -63.11
N TYR O 402 140.35 -87.99 -63.46
CA TYR O 402 140.34 -87.46 -64.81
C TYR O 402 141.60 -86.60 -64.99
N ASN O 403 142.71 -87.30 -65.17
CA ASN O 403 144.03 -86.67 -65.13
C ASN O 403 144.39 -86.05 -66.47
N ARG O 404 145.30 -85.10 -66.42
CA ARG O 404 145.89 -84.47 -67.59
C ARG O 404 147.35 -84.86 -67.70
N LEU O 405 147.90 -84.70 -68.90
CA LEU O 405 149.26 -85.17 -69.17
C LEU O 405 150.29 -84.38 -68.37
N ASN O 406 150.21 -83.05 -68.42
CA ASN O 406 151.24 -82.19 -67.83
C ASN O 406 150.87 -81.65 -66.46
N ASN O 407 149.59 -81.58 -66.12
CA ASN O 407 149.14 -80.96 -64.88
C ASN O 407 148.62 -82.03 -63.92
N PRO O 408 149.37 -82.41 -62.88
CA PRO O 408 148.83 -83.38 -61.91
C PRO O 408 147.65 -82.86 -61.12
N SER O 409 147.45 -81.54 -61.06
CA SER O 409 146.40 -80.94 -60.26
C SER O 409 145.10 -80.73 -61.01
N ARG O 410 145.06 -81.02 -62.32
CA ARG O 410 143.83 -80.91 -63.10
C ARG O 410 143.08 -82.22 -62.96
N CYS O 411 142.04 -82.22 -62.13
CA CYS O 411 141.19 -83.39 -61.92
C CYS O 411 139.79 -82.90 -61.64
N HIS O 412 138.83 -83.81 -61.80
CA HIS O 412 137.44 -83.53 -61.47
C HIS O 412 136.73 -84.86 -61.26
N PHE O 413 135.42 -84.78 -61.01
CA PHE O 413 134.60 -85.94 -60.78
C PHE O 413 133.88 -86.30 -62.08
N GLY O 414 133.03 -87.32 -62.00
CA GLY O 414 132.27 -87.73 -63.17
C GLY O 414 131.18 -86.76 -63.57
N ILE O 415 130.88 -85.77 -62.73
CA ILE O 415 129.79 -84.85 -63.01
C ILE O 415 130.24 -83.84 -64.04
N VAL O 416 129.47 -83.72 -65.13
CA VAL O 416 129.73 -82.78 -66.21
C VAL O 416 128.43 -82.05 -66.51
N GLY O 417 128.50 -80.73 -66.65
CA GLY O 417 127.31 -79.95 -66.88
C GLY O 417 127.65 -78.50 -67.13
N SER O 418 126.60 -77.71 -67.33
CA SER O 418 126.76 -76.31 -67.68
C SER O 418 125.55 -75.52 -67.22
N ILE O 419 125.72 -74.20 -67.13
CA ILE O 419 124.66 -73.26 -66.82
C ILE O 419 124.37 -72.47 -68.10
N TYR O 420 123.09 -72.32 -68.43
CA TYR O 420 122.70 -71.57 -69.62
C TYR O 420 122.43 -70.12 -69.21
N ASN O 421 123.50 -69.46 -68.78
CA ASN O 421 123.44 -68.12 -68.20
C ASN O 421 124.17 -67.14 -69.10
N LEU O 422 124.20 -65.88 -68.66
CA LEU O 422 124.77 -64.78 -69.43
C LEU O 422 125.70 -63.98 -68.53
N ASN O 423 126.98 -63.96 -68.87
CA ASN O 423 127.96 -63.07 -68.23
C ASN O 423 128.00 -63.30 -66.72
N ASP O 424 128.32 -64.52 -66.32
CA ASP O 424 128.55 -64.88 -64.92
C ASP O 424 127.32 -64.65 -64.05
N SER O 425 126.14 -64.57 -64.64
CA SER O 425 124.90 -64.36 -63.91
C SER O 425 124.19 -65.68 -63.69
N ARG O 426 123.04 -65.62 -63.02
CA ARG O 426 122.23 -66.81 -62.87
C ARG O 426 121.39 -67.03 -64.14
N PRO O 427 121.03 -68.28 -64.45
CA PRO O 427 120.38 -68.55 -65.74
C PRO O 427 118.97 -67.96 -65.79
N PHE O 428 118.70 -67.21 -66.86
CA PHE O 428 117.37 -66.69 -67.14
C PHE O 428 116.74 -67.62 -68.18
N SER O 429 116.22 -68.74 -67.70
CA SER O 429 115.79 -69.81 -68.57
C SER O 429 114.60 -69.39 -69.42
N LEU O 430 114.28 -70.22 -70.42
CA LEU O 430 113.14 -69.93 -71.28
C LEU O 430 111.84 -69.92 -70.49
N VAL O 431 111.69 -70.87 -69.57
CA VAL O 431 110.51 -70.91 -68.72
C VAL O 431 110.41 -69.64 -67.89
N ASP O 432 111.54 -69.10 -67.44
CA ASP O 432 111.51 -67.87 -66.64
C ASP O 432 110.93 -66.71 -67.45
N MET O 433 111.32 -66.57 -68.71
CA MET O 433 110.82 -65.46 -69.50
C MET O 433 109.38 -65.69 -69.97
N MET O 434 108.95 -66.95 -70.12
CA MET O 434 107.58 -67.21 -70.50
C MET O 434 106.61 -67.22 -69.33
N LYS O 435 107.10 -67.37 -68.11
CA LYS O 435 106.21 -67.54 -66.96
C LYS O 435 105.30 -66.35 -66.68
N PRO O 436 105.76 -65.09 -66.71
CA PRO O 436 104.83 -63.99 -66.46
C PRO O 436 103.65 -63.98 -67.42
N TYR O 437 103.89 -64.29 -68.68
CA TYR O 437 102.80 -64.37 -69.65
C TYR O 437 101.84 -65.48 -69.30
N ASN O 438 102.35 -66.63 -68.83
CA ASN O 438 101.47 -67.71 -68.44
C ASN O 438 100.62 -67.33 -67.24
N TYR O 439 101.20 -66.63 -66.27
CA TYR O 439 100.41 -66.20 -65.11
C TYR O 439 99.34 -65.20 -65.52
N LEU O 440 99.67 -64.25 -66.40
CA LEU O 440 98.66 -63.34 -66.90
C LEU O 440 97.57 -64.08 -67.66
N TYR O 441 97.97 -65.07 -68.46
CA TYR O 441 96.99 -65.88 -69.18
C TYR O 441 96.04 -66.57 -68.23
N ASP O 442 96.57 -67.14 -67.14
CA ASP O 442 95.72 -67.80 -66.16
C ASP O 442 94.74 -66.82 -65.52
N ALA O 443 95.21 -65.62 -65.18
CA ALA O 443 94.32 -64.62 -64.59
C ALA O 443 93.21 -64.21 -65.55
N ILE O 444 93.58 -63.92 -66.82
CA ILE O 444 92.58 -63.51 -67.79
C ILE O 444 91.58 -64.63 -68.03
N HIS O 445 92.04 -65.87 -68.08
CA HIS O 445 91.13 -66.96 -68.34
C HIS O 445 90.26 -67.27 -67.14
N ASP O 446 90.73 -66.94 -65.93
CA ASP O 446 89.86 -66.98 -64.76
C ASP O 446 88.74 -65.97 -64.88
N ARG O 447 89.06 -64.75 -65.31
CA ARG O 447 88.01 -63.78 -65.60
C ARG O 447 87.03 -64.33 -66.64
N LEU O 448 87.56 -64.96 -67.68
CA LEU O 448 86.70 -65.54 -68.72
C LEU O 448 85.79 -66.61 -68.15
N ASN O 449 86.33 -67.48 -67.29
CA ASN O 449 85.53 -68.54 -66.70
C ASN O 449 84.42 -67.97 -65.81
N LYS O 450 84.73 -66.95 -65.02
CA LYS O 450 83.71 -66.34 -64.18
C LYS O 450 82.63 -65.68 -65.04
N ALA O 451 83.03 -65.01 -66.11
CA ALA O 451 82.05 -64.40 -67.01
C ALA O 451 81.17 -65.47 -67.66
N ILE O 452 81.75 -66.60 -68.05
CA ILE O 452 80.97 -67.68 -68.63
C ILE O 452 79.98 -68.22 -67.60
N ALA O 453 80.44 -68.41 -66.36
CA ALA O 453 79.57 -68.94 -65.32
C ALA O 453 78.40 -67.99 -65.06
N SER O 454 78.66 -66.68 -65.07
CA SER O 454 77.64 -65.69 -64.76
C SER O 454 76.78 -65.31 -65.95
N ASN O 455 77.01 -65.91 -67.12
CA ASN O 455 76.35 -65.48 -68.35
C ASN O 455 75.08 -66.29 -68.57
N TRP O 456 73.93 -65.60 -68.55
CA TRP O 456 72.66 -66.17 -68.96
C TRP O 456 72.03 -65.22 -69.98
N GLY O 457 71.25 -65.78 -70.89
CA GLY O 457 70.72 -65.01 -71.99
C GLY O 457 69.80 -63.89 -71.58
N SER O 458 69.17 -63.24 -72.56
CA SER O 458 68.21 -62.19 -72.26
C SER O 458 67.02 -62.76 -71.52
N ILE O 459 66.59 -62.05 -70.49
CA ILE O 459 65.40 -62.40 -69.72
C ILE O 459 64.31 -61.39 -70.07
N LEU O 460 63.14 -61.90 -70.43
CA LEU O 460 62.02 -61.06 -70.81
C LEU O 460 61.05 -60.93 -69.65
N GLU O 461 60.67 -59.69 -69.33
CA GLU O 461 59.66 -59.41 -68.34
C GLU O 461 58.29 -59.46 -68.99
N LEU O 462 57.49 -60.45 -68.62
CA LEU O 462 56.18 -60.70 -69.24
C LEU O 462 55.09 -60.37 -68.24
N ASP O 463 54.16 -59.52 -68.66
CA ASP O 463 52.97 -59.20 -67.89
C ASP O 463 51.79 -60.02 -68.41
N LEU O 464 51.04 -60.63 -67.50
CA LEU O 464 49.95 -61.52 -67.83
C LEU O 464 48.58 -60.84 -67.69
N SER O 465 48.53 -59.53 -67.90
CA SER O 465 47.29 -58.78 -67.72
C SER O 465 46.34 -58.93 -68.91
N LYS O 466 46.77 -59.55 -70.00
CA LYS O 466 45.94 -59.72 -71.19
C LYS O 466 45.70 -61.18 -71.54
N VAL O 467 46.03 -62.11 -70.65
CA VAL O 467 45.64 -63.51 -70.87
C VAL O 467 44.11 -63.61 -70.81
N PRO O 468 43.44 -64.28 -71.75
CA PRO O 468 41.98 -64.28 -71.76
C PRO O 468 41.39 -64.91 -70.50
N LYS O 469 40.09 -64.65 -70.31
CA LYS O 469 39.39 -65.17 -69.14
C LYS O 469 39.30 -66.68 -69.20
N GLY O 470 39.23 -67.30 -68.03
CA GLY O 470 39.05 -68.74 -67.95
C GLY O 470 40.18 -69.54 -68.56
N TRP O 471 41.34 -68.92 -68.78
CA TRP O 471 42.48 -69.57 -69.39
C TRP O 471 43.65 -69.60 -68.41
N ASP O 472 44.18 -70.79 -68.17
CA ASP O 472 45.36 -70.92 -67.35
C ASP O 472 46.56 -70.34 -68.06
N VAL O 473 47.54 -69.87 -67.28
CA VAL O 473 48.78 -69.40 -67.88
C VAL O 473 49.52 -70.57 -68.52
N GLY O 474 49.46 -71.75 -67.91
CA GLY O 474 50.19 -72.89 -68.44
C GLY O 474 49.69 -73.32 -69.80
N LYS O 475 48.38 -73.53 -69.94
CA LYS O 475 47.84 -73.96 -71.23
C LYS O 475 47.90 -72.84 -72.26
N TRP O 476 47.71 -71.59 -71.82
CA TRP O 476 47.88 -70.46 -72.73
C TRP O 476 49.28 -70.45 -73.32
N MET O 477 50.30 -70.62 -72.47
CA MET O 477 51.67 -70.62 -72.97
C MET O 477 51.96 -71.85 -73.82
N TYR O 478 51.38 -73.00 -73.46
CA TYR O 478 51.58 -74.20 -74.28
C TYR O 478 51.04 -74.00 -75.69
N TYR O 479 49.83 -73.47 -75.81
CA TYR O 479 49.28 -73.25 -77.14
C TYR O 479 49.99 -72.11 -77.86
N ALA O 480 50.52 -71.14 -77.11
CA ALA O 480 51.37 -70.12 -77.72
C ALA O 480 52.61 -70.75 -78.34
N ARG O 481 53.24 -71.69 -77.62
CA ARG O 481 54.36 -72.43 -78.19
C ARG O 481 53.95 -73.14 -79.47
N VAL O 482 52.86 -73.91 -79.41
CA VAL O 482 52.52 -74.77 -80.53
C VAL O 482 52.16 -73.93 -81.76
N ASN O 483 51.34 -72.90 -81.58
CA ASN O 483 50.80 -72.15 -82.71
C ASN O 483 51.62 -70.93 -83.08
N HIS O 484 52.51 -70.46 -82.20
CA HIS O 484 53.22 -69.20 -82.36
C HIS O 484 52.28 -68.00 -82.40
N ILE O 485 51.04 -68.18 -81.95
CA ILE O 485 50.05 -67.13 -81.87
C ILE O 485 49.36 -67.26 -80.53
N ALA O 486 49.35 -66.18 -79.75
CA ALA O 486 48.78 -66.17 -78.40
C ALA O 486 47.59 -65.23 -78.40
N VAL O 487 46.38 -65.79 -78.39
CA VAL O 487 45.18 -64.97 -78.30
C VAL O 487 45.18 -64.20 -77.00
N ILE O 488 44.85 -62.91 -77.07
CA ILE O 488 44.80 -62.05 -75.90
C ILE O 488 43.45 -61.36 -75.87
N ASP O 489 43.11 -60.86 -74.67
CA ASP O 489 41.89 -60.13 -74.42
C ASP O 489 42.28 -58.72 -73.99
N SER O 490 42.10 -57.75 -74.89
CA SER O 490 42.43 -56.37 -74.58
C SER O 490 41.32 -55.63 -73.87
N PHE O 491 40.15 -56.26 -73.68
CA PHE O 491 39.03 -55.67 -72.97
C PHE O 491 38.79 -56.40 -71.65
N LYS O 492 39.86 -56.84 -71.01
CA LYS O 492 39.74 -57.42 -69.68
C LYS O 492 39.36 -56.34 -68.67
N GLU O 493 38.74 -56.77 -67.57
CA GLU O 493 38.32 -55.82 -66.55
C GLU O 493 39.51 -55.08 -65.94
N GLY O 494 40.69 -55.71 -65.94
CA GLY O 494 41.86 -55.05 -65.38
C GLY O 494 42.39 -53.91 -66.22
N THR O 495 42.10 -53.90 -67.52
CA THR O 495 42.55 -52.84 -68.42
C THR O 495 41.56 -51.68 -68.49
N ILE O 496 40.52 -51.69 -67.65
CA ILE O 496 39.47 -50.68 -67.74
C ILE O 496 40.03 -49.29 -67.45
N GLY O 497 40.94 -49.20 -66.48
CA GLY O 497 41.50 -47.90 -66.14
C GLY O 497 42.25 -47.27 -67.29
N ALA O 498 43.13 -48.04 -67.93
CA ALA O 498 43.89 -47.51 -69.05
C ALA O 498 42.98 -47.21 -70.23
N SER O 499 42.01 -48.08 -70.50
CA SER O 499 41.15 -47.87 -71.65
C SER O 499 40.28 -46.64 -71.49
N THR O 500 39.72 -46.43 -70.29
CA THR O 500 38.77 -45.36 -70.06
C THR O 500 39.43 -44.03 -69.68
N GLY O 501 40.74 -44.01 -69.47
CA GLY O 501 41.43 -42.79 -69.12
C GLY O 501 41.55 -42.52 -67.64
N LYS O 502 41.20 -43.47 -66.77
CA LYS O 502 41.36 -43.32 -65.34
C LYS O 502 42.73 -43.76 -64.85
N LEU O 503 43.52 -44.45 -65.66
CA LEU O 503 44.87 -44.84 -65.32
C LEU O 503 45.79 -44.48 -66.47
N ALA O 504 47.09 -44.46 -66.18
CA ALA O 504 48.08 -44.10 -67.20
C ALA O 504 48.02 -45.10 -68.35
N GLY O 505 48.17 -44.58 -69.56
CA GLY O 505 48.16 -45.41 -70.75
C GLY O 505 49.37 -46.29 -70.92
N ALA O 506 50.38 -46.14 -70.06
CA ALA O 506 51.58 -46.99 -70.16
C ALA O 506 51.28 -48.45 -69.84
N LEU O 507 50.14 -48.74 -69.21
CA LEU O 507 49.81 -50.12 -68.86
C LEU O 507 49.33 -50.93 -70.06
N ASN O 508 48.89 -50.28 -71.13
CA ASN O 508 48.41 -50.95 -72.33
C ASN O 508 49.38 -50.84 -73.50
N ASN O 509 50.60 -50.37 -73.25
CA ASN O 509 51.53 -50.00 -74.31
C ASN O 509 52.95 -50.11 -73.74
N ALA O 510 53.92 -49.57 -74.47
CA ALA O 510 55.33 -49.43 -74.10
C ALA O 510 56.13 -50.70 -74.32
N GLY O 511 55.54 -51.78 -74.82
CA GLY O 511 56.29 -53.00 -75.04
C GLY O 511 56.60 -53.72 -73.74
N LYS O 512 57.54 -54.66 -73.85
CA LYS O 512 57.93 -55.53 -72.75
C LYS O 512 59.39 -55.29 -72.40
N GLY O 513 59.67 -55.15 -71.11
CA GLY O 513 61.02 -54.91 -70.65
C GLY O 513 61.91 -56.11 -70.89
N MET O 514 63.21 -55.89 -70.68
CA MET O 514 64.22 -56.93 -70.91
C MET O 514 65.34 -56.75 -69.91
N ILE O 515 65.62 -57.80 -69.14
CA ILE O 515 66.74 -57.81 -68.21
C ILE O 515 67.93 -58.37 -68.98
N GLU O 516 68.61 -57.49 -69.70
CA GLU O 516 69.69 -57.86 -70.61
C GLU O 516 70.99 -57.27 -70.09
N THR O 517 72.06 -58.07 -70.09
CA THR O 517 73.38 -57.64 -69.68
C THR O 517 74.36 -57.88 -70.82
N ASN O 518 75.26 -56.92 -71.04
CA ASN O 518 76.26 -57.02 -72.11
C ASN O 518 77.47 -57.79 -71.61
N ILE O 519 77.25 -59.07 -71.32
CA ILE O 519 78.33 -59.94 -70.90
C ILE O 519 79.09 -60.52 -72.09
N GLY O 520 78.46 -60.60 -73.26
CA GLY O 520 79.15 -61.12 -74.43
C GLY O 520 80.34 -60.28 -74.83
N ASN O 521 80.21 -58.95 -74.74
CA ASN O 521 81.33 -58.07 -75.07
C ASN O 521 82.47 -58.27 -74.08
N TYR O 522 82.16 -58.46 -72.80
CA TYR O 522 83.18 -58.74 -71.81
C TYR O 522 83.92 -60.03 -72.16
N ILE O 523 83.17 -61.07 -72.54
CA ILE O 523 83.78 -62.34 -72.89
C ILE O 523 84.68 -62.19 -74.11
N GLN O 524 84.22 -61.43 -75.10
CA GLN O 524 85.07 -61.20 -76.27
C GLN O 524 86.33 -60.42 -75.91
N GLN O 525 86.21 -59.47 -74.98
CA GLN O 525 87.39 -58.76 -74.53
C GLN O 525 88.39 -59.71 -73.88
N GLN O 526 87.91 -60.62 -73.03
CA GLN O 526 88.80 -61.60 -72.43
C GLN O 526 89.45 -62.48 -73.48
N ILE O 527 88.67 -62.93 -74.47
CA ILE O 527 89.22 -63.81 -75.50
C ILE O 527 90.30 -63.08 -76.30
N ASN O 528 90.04 -61.82 -76.67
CA ASN O 528 91.04 -61.05 -77.40
C ASN O 528 92.29 -60.85 -76.57
N LEU O 529 92.14 -60.58 -75.27
CA LEU O 529 93.31 -60.44 -74.41
C LEU O 529 94.10 -61.73 -74.33
N LEU O 530 93.41 -62.88 -74.22
CA LEU O 530 94.12 -64.15 -74.18
C LEU O 530 94.90 -64.39 -75.46
N GLU O 531 94.29 -64.11 -76.61
CA GLU O 531 95.01 -64.26 -77.88
C GLU O 531 96.22 -63.35 -77.93
N PHE O 532 96.07 -62.10 -77.47
CA PHE O 532 97.19 -61.18 -77.48
C PHE O 532 98.32 -61.66 -76.59
N ILE O 533 98.00 -62.13 -75.39
CA ILE O 533 99.05 -62.57 -74.47
C ILE O 533 99.74 -63.83 -74.99
N LYS O 534 98.99 -64.75 -75.58
CA LYS O 534 99.60 -65.95 -76.13
C LYS O 534 100.54 -65.60 -77.28
N MET O 535 100.12 -64.67 -78.15
CA MET O 535 101.00 -64.22 -79.23
C MET O 535 102.24 -63.54 -78.66
N GLU O 536 102.07 -62.75 -77.60
CA GLU O 536 103.21 -62.07 -77.00
C GLU O 536 104.21 -63.06 -76.42
N MET O 537 103.73 -64.11 -75.74
CA MET O 537 104.64 -65.12 -75.23
C MET O 537 105.34 -65.84 -76.36
N ALA O 538 104.61 -66.15 -77.44
CA ALA O 538 105.23 -66.79 -78.60
C ALA O 538 106.33 -65.92 -79.17
N ASP O 539 106.09 -64.62 -79.30
CA ASP O 539 107.10 -63.71 -79.82
C ASP O 539 108.32 -63.66 -78.91
N VAL O 540 108.10 -63.59 -77.59
CA VAL O 540 109.22 -63.52 -76.66
C VAL O 540 110.05 -64.80 -76.73
N ALA O 541 109.41 -65.96 -76.77
CA ALA O 541 110.15 -67.21 -76.86
C ALA O 541 110.78 -67.41 -78.23
N GLY O 542 110.45 -66.60 -79.21
CA GLY O 542 110.96 -66.81 -80.55
C GLY O 542 110.38 -68.02 -81.24
N ILE O 543 109.22 -68.48 -80.80
CA ILE O 543 108.59 -69.70 -81.32
C ILE O 543 107.24 -69.27 -81.88
N SER O 544 107.21 -68.92 -83.16
CA SER O 544 106.03 -68.33 -83.78
C SER O 544 104.99 -69.40 -84.08
N LYS O 545 103.78 -68.93 -84.39
CA LYS O 545 102.70 -69.85 -84.74
C LYS O 545 103.04 -70.66 -85.98
N GLN O 546 103.59 -70.01 -87.00
CA GLN O 546 104.04 -70.74 -88.18
C GLN O 546 105.20 -71.68 -87.86
N ARG O 547 105.91 -71.42 -86.76
CA ARG O 547 107.06 -72.23 -86.38
C ARG O 547 106.68 -73.43 -85.52
N GLU O 548 105.46 -73.43 -84.94
CA GLU O 548 104.99 -74.57 -84.16
C GLU O 548 104.23 -75.60 -84.98
N GLY O 549 103.98 -75.34 -86.26
CA GLY O 549 103.21 -76.26 -87.09
C GLY O 549 103.52 -76.13 -88.57
N THR O 564 111.13 -70.21 -91.30
CA THR O 564 111.40 -70.85 -90.02
C THR O 564 112.88 -70.79 -89.66
N LEU O 565 113.73 -70.56 -90.66
CA LEU O 565 115.17 -70.51 -90.41
C LEU O 565 115.53 -69.39 -89.45
N GLN O 566 115.00 -68.18 -89.71
CA GLN O 566 115.28 -67.05 -88.83
C GLN O 566 114.71 -67.25 -87.44
N SER O 567 113.68 -68.09 -87.30
CA SER O 567 113.22 -68.50 -85.98
C SER O 567 114.14 -69.53 -85.36
N SER O 568 114.75 -70.39 -86.17
CA SER O 568 115.73 -71.34 -85.64
C SER O 568 116.96 -70.62 -85.11
N HIS O 569 117.29 -69.46 -85.70
CA HIS O 569 118.37 -68.66 -85.16
C HIS O 569 118.13 -68.28 -83.71
N ILE O 570 116.87 -68.07 -83.33
CA ILE O 570 116.58 -67.61 -81.98
C ILE O 570 116.95 -68.65 -80.93
N THR O 571 116.93 -69.93 -81.27
CA THR O 571 117.23 -71.01 -80.34
C THR O 571 118.53 -71.73 -80.66
N GLU O 572 119.24 -71.32 -81.72
CA GLU O 572 120.52 -71.95 -82.01
C GLU O 572 121.51 -71.76 -80.86
N TRP O 573 121.39 -70.68 -80.07
CA TRP O 573 122.25 -70.54 -78.90
C TRP O 573 122.01 -71.67 -77.90
N LEU O 574 120.74 -72.00 -77.66
CA LEU O 574 120.39 -73.08 -76.75
C LEU O 574 120.94 -74.40 -77.27
N PHE O 575 120.75 -74.65 -78.57
CA PHE O 575 121.23 -75.89 -79.16
C PHE O 575 122.76 -75.96 -79.15
N THR O 576 123.45 -74.84 -79.33
CA THR O 576 124.90 -74.84 -79.34
C THR O 576 125.46 -75.20 -77.96
N ILE O 577 124.92 -74.58 -76.91
CA ILE O 577 125.37 -74.96 -75.57
C ILE O 577 125.02 -76.41 -75.29
N HIS O 578 123.87 -76.88 -75.81
CA HIS O 578 123.52 -78.29 -75.63
C HIS O 578 124.55 -79.21 -76.27
N ASP O 579 124.98 -78.90 -77.50
CA ASP O 579 125.98 -79.73 -78.16
C ASP O 579 127.31 -79.69 -77.42
N ASP O 580 127.68 -78.53 -76.88
CA ASP O 580 128.90 -78.46 -76.08
C ASP O 580 128.82 -79.37 -74.86
N VAL O 581 127.70 -79.32 -74.15
CA VAL O 581 127.52 -80.18 -72.98
C VAL O 581 127.57 -81.65 -73.39
N LYS O 582 126.97 -81.98 -74.53
CA LYS O 582 126.98 -83.37 -74.99
C LYS O 582 128.41 -83.83 -75.30
N LYS O 583 129.20 -82.98 -75.96
CA LYS O 583 130.58 -83.34 -76.25
C LYS O 583 131.35 -83.60 -74.97
N ARG O 584 131.21 -82.71 -73.99
CA ARG O 584 131.96 -82.88 -72.75
C ARG O 584 131.51 -84.11 -71.98
N ALA O 585 130.20 -84.39 -71.98
CA ALA O 585 129.70 -85.59 -71.32
C ALA O 585 130.25 -86.84 -71.98
N LEU O 586 130.30 -86.86 -73.32
CA LEU O 586 130.82 -88.03 -74.01
C LEU O 586 132.31 -88.20 -73.75
N GLU O 587 133.05 -87.10 -73.66
CA GLU O 587 134.47 -87.21 -73.31
C GLU O 587 134.65 -87.79 -71.91
N CYS O 588 133.83 -87.33 -70.95
CA CYS O 588 133.90 -87.88 -69.60
C CYS O 588 133.59 -89.37 -69.60
N PHE O 589 132.56 -89.77 -70.36
CA PHE O 589 132.21 -91.18 -70.43
C PHE O 589 133.33 -91.99 -71.08
N LEU O 590 134.00 -91.42 -72.08
CA LEU O 590 135.12 -92.11 -72.70
C LEU O 590 136.24 -92.35 -71.69
N GLU O 591 136.55 -91.34 -70.88
CA GLU O 591 137.58 -91.54 -69.86
C GLU O 591 137.13 -92.56 -68.82
N THR O 592 135.85 -92.53 -68.44
CA THR O 592 135.33 -93.51 -67.49
C THR O 592 135.47 -94.92 -68.04
N ALA O 593 135.16 -95.10 -69.32
CA ALA O 593 135.32 -96.41 -69.95
C ALA O 593 136.79 -96.82 -70.01
N LYS O 594 137.68 -95.86 -70.29
CA LYS O 594 139.10 -96.19 -70.31
C LYS O 594 139.55 -96.73 -68.96
N VAL O 595 139.11 -96.09 -67.88
CA VAL O 595 139.45 -96.61 -66.55
C VAL O 595 138.78 -97.96 -66.32
N ALA O 596 137.56 -98.14 -66.83
CA ALA O 596 136.84 -99.38 -66.61
C ALA O 596 137.52 -100.56 -67.28
N LEU O 597 138.22 -100.32 -68.40
CA LEU O 597 138.94 -101.40 -69.08
C LEU O 597 139.89 -102.13 -68.13
N LYS O 598 140.62 -101.38 -67.31
CA LYS O 598 141.62 -101.99 -66.42
C LYS O 598 140.97 -102.35 -65.08
N GLY O 599 139.94 -103.18 -65.18
CA GLY O 599 139.18 -103.61 -64.01
C GLY O 599 138.73 -105.05 -64.05
N ARG O 600 139.35 -105.85 -64.92
CA ARG O 600 139.04 -107.28 -65.06
C ARG O 600 137.56 -107.49 -65.38
N ASN O 601 137.11 -106.83 -66.44
CA ASN O 601 135.77 -107.02 -66.98
C ASN O 601 135.91 -107.68 -68.35
N LYS O 602 135.26 -108.83 -68.52
CA LYS O 602 135.34 -109.56 -69.78
C LYS O 602 134.38 -109.04 -70.84
N LYS O 603 133.52 -108.07 -70.51
CA LYS O 603 132.65 -107.49 -71.52
C LYS O 603 133.48 -106.78 -72.60
N PHE O 604 134.53 -106.07 -72.18
CA PHE O 604 135.35 -105.35 -73.14
C PHE O 604 136.11 -106.27 -74.06
N GLN O 605 136.30 -107.53 -73.70
CA GLN O 605 136.91 -108.48 -74.62
C GLN O 605 136.02 -108.75 -75.83
N TYR O 606 134.71 -108.52 -75.72
CA TYR O 606 133.79 -108.79 -76.82
C TYR O 606 133.56 -107.57 -77.70
N ILE O 607 133.39 -106.39 -77.11
CA ILE O 607 133.13 -105.19 -77.90
C ILE O 607 134.40 -104.54 -78.45
N LEU O 608 135.57 -104.95 -77.98
CA LEU O 608 136.84 -104.43 -78.47
C LEU O 608 137.63 -105.53 -79.19
N SER O 609 138.50 -105.10 -80.09
CA SER O 609 139.37 -106.00 -80.83
C SER O 609 140.58 -106.35 -79.96
N ASP O 610 141.59 -106.94 -80.58
CA ASP O 610 142.81 -107.27 -79.85
C ASP O 610 143.65 -106.02 -79.59
N THR O 611 144.00 -105.28 -80.65
CA THR O 611 144.85 -104.11 -80.49
C THR O 611 144.20 -103.08 -79.58
N SER O 612 142.87 -102.96 -79.65
CA SER O 612 142.17 -102.04 -78.75
C SER O 612 142.34 -102.47 -77.30
N THR O 613 142.37 -103.77 -77.04
CA THR O 613 142.58 -104.29 -75.70
C THR O 613 144.04 -104.27 -75.27
N ARG O 614 144.98 -104.10 -76.21
CA ARG O 614 146.39 -103.94 -75.86
C ARG O 614 146.85 -102.50 -75.80
N VAL O 615 146.02 -101.54 -76.22
CA VAL O 615 146.38 -100.14 -75.99
C VAL O 615 146.56 -99.87 -74.51
N MET O 616 145.72 -100.46 -73.67
CA MET O 616 145.81 -100.21 -72.23
C MET O 616 147.13 -100.72 -71.64
N GLU O 617 147.80 -101.66 -72.29
CA GLU O 617 149.06 -102.16 -71.76
C GLU O 617 150.16 -101.11 -71.86
N ILE O 618 150.11 -100.26 -72.88
CA ILE O 618 151.12 -99.23 -73.04
C ILE O 618 150.92 -98.15 -71.97
N ASP O 619 152.01 -97.53 -71.55
CA ASP O 619 151.93 -96.49 -70.54
C ASP O 619 151.19 -95.26 -71.06
N GLY O 620 150.73 -94.43 -70.11
CA GLY O 620 150.06 -93.20 -70.44
C GLY O 620 148.57 -93.30 -70.68
N ASP O 621 147.98 -94.48 -70.50
CA ASP O 621 146.54 -94.63 -70.68
C ASP O 621 145.74 -93.95 -69.58
N GLU O 622 146.38 -93.53 -68.49
CA GLU O 622 145.67 -92.92 -67.39
C GLU O 622 145.27 -91.46 -67.65
N PHE O 623 145.70 -90.89 -68.77
CA PHE O 623 145.53 -89.47 -69.04
C PHE O 623 144.39 -89.25 -70.04
N ALA O 624 143.97 -88.00 -70.14
CA ALA O 624 142.87 -87.64 -71.02
C ALA O 624 143.24 -87.89 -72.47
N GLU O 625 142.24 -88.25 -73.28
CA GLU O 625 142.46 -88.45 -74.70
C GLU O 625 142.70 -87.13 -75.44
N ALA O 626 142.22 -86.01 -74.88
CA ALA O 626 142.51 -84.72 -75.49
C ALA O 626 143.99 -84.38 -75.47
N ASP O 627 144.76 -85.00 -74.58
CA ASP O 627 146.21 -84.80 -74.53
C ASP O 627 146.96 -85.70 -75.50
N TYR O 628 146.27 -86.57 -76.23
CA TYR O 628 146.88 -87.43 -77.23
C TYR O 628 146.47 -87.07 -78.65
N GLY O 629 145.69 -86.01 -78.83
CA GLY O 629 145.22 -85.62 -80.14
C GLY O 629 143.87 -86.17 -80.54
N LEU O 630 143.09 -86.69 -79.59
CA LEU O 630 141.79 -87.28 -79.87
C LEU O 630 140.71 -86.49 -79.14
N VAL O 631 139.63 -86.16 -79.85
CA VAL O 631 138.54 -85.37 -79.31
C VAL O 631 137.23 -85.88 -79.89
N VAL O 632 136.20 -85.96 -79.06
CA VAL O 632 134.85 -86.21 -79.54
C VAL O 632 134.39 -84.98 -80.30
N ASP O 633 133.87 -85.18 -81.52
CA ASP O 633 133.53 -84.06 -82.39
C ASP O 633 132.27 -84.37 -83.18
N ASN O 634 131.33 -83.43 -83.16
CA ASN O 634 130.14 -83.44 -84.02
C ASN O 634 130.06 -82.05 -84.66
N SER O 635 130.74 -81.89 -85.79
CA SER O 635 130.77 -80.63 -86.52
C SER O 635 130.59 -80.90 -88.00
N ASN O 636 130.46 -79.82 -88.77
CA ASN O 636 130.33 -79.97 -90.22
C ASN O 636 131.61 -80.53 -90.83
N GLY O 637 132.76 -80.30 -90.20
CA GLY O 637 133.99 -80.81 -90.75
C GLY O 637 134.04 -82.33 -90.77
N THR O 638 133.66 -82.97 -89.66
CA THR O 638 133.74 -84.41 -89.59
C THR O 638 132.66 -85.08 -90.44
N GLN O 639 131.46 -84.51 -90.46
CA GLN O 639 130.41 -85.04 -91.32
C GLN O 639 130.78 -84.89 -92.79
N GLU O 640 131.37 -83.75 -93.15
CA GLU O 640 131.86 -83.55 -94.51
C GLU O 640 132.94 -84.57 -94.85
N LEU O 641 133.87 -84.81 -93.92
CA LEU O 641 134.92 -85.78 -94.16
C LEU O 641 134.34 -87.18 -94.34
N GLN O 642 133.36 -87.55 -93.52
CA GLN O 642 132.72 -88.85 -93.65
C GLN O 642 132.04 -88.99 -95.01
N GLN O 643 131.30 -87.95 -95.44
CA GLN O 643 130.65 -87.99 -96.74
C GLN O 643 131.68 -88.11 -97.85
N LYS O 644 132.76 -87.34 -97.77
CA LYS O 644 133.79 -87.39 -98.81
C LYS O 644 134.43 -88.77 -98.87
N LEU O 645 134.72 -89.36 -97.71
CA LEU O 645 135.29 -90.71 -97.70
C LEU O 645 134.32 -91.72 -98.28
N ASP O 646 133.03 -91.60 -97.98
CA ASP O 646 132.05 -92.56 -98.49
C ASP O 646 131.93 -92.46 -100.01
N THR O 647 131.81 -91.25 -100.55
CA THR O 647 131.77 -91.11 -102.01
C THR O 647 133.07 -91.55 -102.65
N LEU O 648 134.20 -91.31 -101.98
CA LEU O 648 135.48 -91.76 -102.51
C LEU O 648 135.51 -93.28 -102.60
N ALA O 649 135.03 -93.95 -101.56
CA ALA O 649 134.95 -95.41 -101.58
C ALA O 649 134.02 -95.90 -102.67
N GLN O 650 132.88 -95.24 -102.85
CA GLN O 650 131.96 -95.62 -103.91
C GLN O 650 132.62 -95.49 -105.27
N ALA O 651 133.33 -94.38 -105.50
CA ALA O 651 134.07 -94.24 -106.75
C ALA O 651 135.17 -95.28 -106.90
N ALA O 652 135.73 -95.73 -105.77
CA ALA O 652 136.77 -96.75 -105.83
C ALA O 652 136.19 -98.11 -106.20
N LEU O 653 134.97 -98.41 -105.74
CA LEU O 653 134.31 -99.65 -106.15
C LEU O 653 134.22 -99.73 -107.67
N GLN O 654 133.70 -98.69 -108.31
CA GLN O 654 133.81 -98.59 -109.76
C GLN O 654 135.27 -98.38 -110.13
N THR O 655 135.62 -98.82 -111.35
CA THR O 655 136.99 -98.93 -111.85
C THR O 655 137.70 -100.16 -111.30
N GLN O 656 137.01 -101.02 -110.55
CA GLN O 656 137.59 -102.27 -110.04
C GLN O 656 138.86 -102.00 -109.23
N THR O 657 138.75 -101.10 -108.24
CA THR O 657 139.86 -100.74 -107.38
C THR O 657 139.65 -101.14 -105.92
N LEU O 658 138.41 -101.31 -105.48
CA LEU O 658 138.11 -101.54 -104.06
C LEU O 658 137.09 -102.65 -103.96
N SER O 659 137.37 -103.64 -103.11
CA SER O 659 136.63 -104.89 -103.07
C SER O 659 135.38 -104.78 -102.20
N PHE O 660 134.34 -105.53 -102.60
CA PHE O 660 133.04 -105.43 -101.94
C PHE O 660 133.14 -105.73 -100.45
N SER O 661 134.02 -106.67 -100.08
CA SER O 661 134.21 -106.99 -98.67
C SER O 661 134.66 -105.75 -97.90
N THR O 662 135.66 -105.05 -98.43
CA THR O 662 136.12 -103.84 -97.76
C THR O 662 135.08 -102.73 -97.83
N ILE O 663 134.25 -102.70 -98.88
CA ILE O 663 133.14 -101.75 -98.90
C ILE O 663 132.23 -102.00 -97.71
N THR O 664 131.90 -103.26 -97.45
CA THR O 664 131.10 -103.58 -96.29
C THR O 664 131.79 -103.15 -95.01
N LYS O 665 133.09 -103.38 -94.93
CA LYS O 665 133.84 -102.96 -93.74
C LYS O 665 133.75 -101.44 -93.54
N LEU O 666 133.84 -100.67 -94.63
CA LEU O 666 133.69 -99.23 -94.52
C LEU O 666 132.29 -98.86 -94.07
N TYR O 667 131.27 -99.50 -94.65
CA TYR O 667 129.90 -99.21 -94.24
C TYR O 667 129.63 -99.60 -92.80
N THR O 668 130.47 -100.45 -92.20
CA THR O 668 130.28 -100.87 -90.83
C THR O 668 131.52 -100.57 -90.00
N SER O 669 132.10 -99.38 -90.16
CA SER O 669 133.40 -99.06 -89.59
C SER O 669 133.29 -98.25 -88.30
N SER O 670 132.56 -97.14 -88.32
CA SER O 670 132.36 -96.23 -87.20
C SER O 670 133.59 -95.37 -86.89
N SER O 671 134.66 -95.49 -87.67
CA SER O 671 135.87 -94.70 -87.45
C SER O 671 136.41 -94.25 -88.81
N LEU O 672 136.72 -92.96 -88.92
CA LEU O 672 137.16 -92.43 -90.21
C LEU O 672 138.54 -92.95 -90.57
N ALA O 673 139.45 -93.03 -89.59
CA ALA O 673 140.79 -93.51 -89.89
C ALA O 673 140.78 -94.97 -90.31
N GLU O 674 139.92 -95.78 -89.69
CA GLU O 674 139.84 -97.19 -90.07
C GLU O 674 139.49 -97.34 -91.55
N LYS O 675 138.46 -96.61 -92.01
CA LYS O 675 138.08 -96.69 -93.41
C LYS O 675 139.16 -96.09 -94.30
N GLN O 676 139.83 -95.03 -93.84
CA GLN O 676 140.94 -94.48 -94.60
C GLN O 676 142.03 -95.51 -94.83
N ARG O 677 142.44 -96.20 -93.78
CA ARG O 677 143.48 -97.22 -93.93
C ARG O 677 142.99 -98.40 -94.75
N LEU O 678 141.70 -98.74 -94.68
CA LEU O 678 141.19 -99.80 -95.54
C LEU O 678 141.30 -99.43 -97.01
N ILE O 679 140.92 -98.19 -97.35
CA ILE O 679 141.03 -97.74 -98.73
C ILE O 679 142.49 -97.75 -99.17
N GLU O 680 143.39 -97.27 -98.31
CA GLU O 680 144.81 -97.27 -98.65
C GLU O 680 145.32 -98.69 -98.87
N LYS O 681 144.92 -99.61 -98.00
CA LYS O 681 145.37 -101.00 -98.11
C LYS O 681 144.93 -101.61 -99.43
N ASP O 682 143.67 -101.41 -99.80
CA ASP O 682 143.18 -102.02 -101.03
C ASP O 682 143.82 -101.38 -102.26
N GLU O 683 144.03 -100.05 -102.24
CA GLU O 683 144.75 -99.41 -103.32
C GLU O 683 146.14 -100.02 -103.48
N LYS O 684 146.88 -100.16 -102.37
CA LYS O 684 148.22 -100.71 -102.43
C LYS O 684 148.20 -102.13 -102.98
N GLN O 685 147.28 -102.96 -102.49
CA GLN O 685 147.21 -104.35 -102.92
C GLN O 685 146.93 -104.45 -104.41
N ILE O 686 145.95 -103.68 -104.90
CA ILE O 686 145.58 -103.76 -106.31
C ILE O 686 146.72 -103.26 -107.18
N ARG O 687 147.39 -102.17 -106.78
CA ARG O 687 148.48 -101.65 -107.61
C ARG O 687 149.64 -102.64 -107.66
N GLU O 688 149.96 -103.27 -106.53
CA GLU O 688 151.02 -104.28 -106.53
C GLU O 688 150.65 -105.46 -107.42
N ARG O 689 149.39 -105.91 -107.35
CA ARG O 689 148.97 -107.02 -108.20
C ARG O 689 149.07 -106.66 -109.67
N GLN O 690 148.67 -105.44 -110.03
CA GLN O 690 148.80 -105.00 -111.42
C GLN O 690 150.26 -104.99 -111.85
N ALA O 691 151.15 -104.46 -111.00
CA ALA O 691 152.55 -104.37 -111.36
C ALA O 691 153.16 -105.74 -111.56
N GLN O 692 152.88 -106.68 -110.65
CA GLN O 692 153.47 -108.01 -110.79
C GLN O 692 152.87 -108.77 -111.96
N ALA O 693 151.58 -108.56 -112.27
CA ALA O 693 151.00 -109.16 -113.46
C ALA O 693 151.67 -108.64 -114.73
N GLN O 694 151.93 -107.33 -114.77
CA GLN O 694 152.62 -106.76 -115.93
C GLN O 694 154.02 -107.34 -116.06
N LYS O 695 154.75 -107.46 -114.95
CA LYS O 695 156.07 -108.07 -115.00
C LYS O 695 156.00 -109.51 -115.49
N GLU O 696 155.01 -110.26 -115.02
CA GLU O 696 154.85 -111.65 -115.44
C GLU O 696 154.62 -111.74 -116.93
N GLN O 697 153.74 -110.89 -117.46
CA GLN O 697 153.49 -110.91 -118.90
C GLN O 697 154.74 -110.54 -119.69
N LEU O 698 155.47 -109.52 -119.23
CA LEU O 698 156.66 -109.09 -119.95
C LEU O 698 157.72 -110.19 -119.97
N GLU O 699 157.95 -110.85 -118.82
CA GLU O 699 158.96 -111.91 -118.80
C GLU O 699 158.51 -113.13 -119.58
N ALA O 700 157.20 -113.41 -119.61
CA ALA O 700 156.70 -114.49 -120.44
C ALA O 700 157.00 -114.23 -121.92
N GLN O 701 156.73 -113.00 -122.37
CA GLN O 701 157.06 -112.65 -123.76
C GLN O 701 158.55 -112.75 -124.01
N GLN O 702 159.36 -112.26 -123.06
CA GLN O 702 160.81 -112.29 -123.24
C GLN O 702 161.34 -113.71 -123.36
N GLN O 703 160.87 -114.62 -122.49
CA GLN O 703 161.35 -116.00 -122.56
C GLN O 703 160.83 -116.70 -123.82
N ILE O 704 159.62 -116.36 -124.27
CA ILE O 704 159.13 -116.94 -125.52
C ILE O 704 160.04 -116.53 -126.68
N ALA O 705 160.40 -115.24 -126.73
CA ALA O 705 161.33 -114.78 -127.76
C ALA O 705 162.69 -115.47 -127.63
N ALA O 706 163.16 -115.65 -126.39
CA ALA O 706 164.46 -116.27 -126.18
C ALA O 706 164.46 -117.71 -126.67
N MET O 707 163.38 -118.45 -126.44
CA MET O 707 163.35 -119.84 -126.87
C MET O 707 163.09 -119.97 -128.38
N GLN O 708 162.36 -119.02 -128.99
CA GLN O 708 162.43 -118.88 -130.45
C GLN O 708 163.87 -118.75 -130.92
N GLN O 709 164.65 -117.85 -130.30
CA GLN O 709 166.02 -117.66 -130.72
C GLN O 709 166.84 -118.93 -130.54
N GLN O 710 166.61 -119.64 -129.43
CA GLN O 710 167.38 -120.85 -129.15
C GLN O 710 167.11 -121.94 -130.18
N GLN O 711 165.84 -122.21 -130.47
CA GLN O 711 165.55 -123.22 -131.49
C GLN O 711 166.01 -122.77 -132.88
N LYS O 712 165.97 -121.47 -133.16
CA LYS O 712 166.44 -120.98 -134.45
C LYS O 712 167.94 -121.19 -134.63
N GLU O 713 168.73 -120.83 -133.61
CA GLU O 713 170.17 -121.09 -133.71
C GLU O 713 170.48 -122.58 -133.65
N ALA O 714 169.61 -123.38 -133.04
CA ALA O 714 169.77 -124.84 -133.14
C ALA O 714 169.63 -125.28 -134.60
N GLU O 715 168.64 -124.73 -135.31
CA GLU O 715 168.54 -125.01 -136.74
C GLU O 715 169.80 -124.59 -137.48
N LEU O 716 170.34 -123.41 -137.15
CA LEU O 716 171.53 -122.92 -137.83
C LEU O 716 172.71 -123.87 -137.64
N LEU O 717 172.96 -124.27 -136.38
CA LEU O 717 174.09 -125.15 -136.11
C LEU O 717 173.86 -126.53 -136.74
N GLN O 718 172.62 -127.01 -136.75
CA GLN O 718 172.33 -128.28 -137.42
C GLN O 718 172.66 -128.20 -138.90
N LYS O 719 172.26 -127.12 -139.56
CA LYS O 719 172.47 -127.07 -141.00
C LYS O 719 173.95 -126.93 -141.34
N GLU O 720 174.69 -126.11 -140.56
CA GLU O 720 176.12 -125.98 -140.85
C GLU O 720 176.85 -127.29 -140.58
N GLU O 721 176.53 -128.00 -139.50
CA GLU O 721 177.23 -129.25 -139.24
C GLU O 721 176.81 -130.34 -140.23
N ALA O 722 175.58 -130.30 -140.72
CA ALA O 722 175.19 -131.24 -141.78
C ALA O 722 176.00 -131.00 -143.04
N ASN O 723 176.15 -129.73 -143.44
CA ASN O 723 176.98 -129.42 -144.59
C ASN O 723 178.41 -129.88 -144.36
N ILE O 724 178.94 -129.66 -143.14
CA ILE O 724 180.29 -130.09 -142.83
C ILE O 724 180.43 -131.59 -143.01
N ARG O 725 179.51 -132.36 -142.42
CA ARG O 725 179.58 -133.82 -142.47
C ARG O 725 179.54 -134.31 -143.91
N ASP O 726 178.63 -133.76 -144.71
CA ASP O 726 178.63 -134.09 -146.14
C ASP O 726 179.97 -133.75 -146.77
N ASN O 727 180.63 -132.71 -146.30
CA ASN O 727 181.89 -132.29 -146.89
C ASN O 727 183.02 -133.28 -146.60
N GLN O 728 183.15 -133.69 -145.33
CA GLN O 728 184.13 -134.74 -145.02
C GLN O 728 183.82 -136.02 -145.78
N THR O 729 182.54 -136.39 -145.92
CA THR O 729 182.27 -137.62 -146.64
C THR O 729 182.57 -137.49 -148.13
N LYS O 730 182.41 -136.29 -148.70
CA LYS O 730 182.83 -136.06 -150.08
C LYS O 730 184.32 -136.31 -150.24
N ILE O 731 185.13 -135.69 -149.38
CA ILE O 731 186.57 -135.92 -149.51
C ILE O 731 186.92 -137.38 -149.18
N ILE O 732 186.10 -138.04 -148.37
CA ILE O 732 186.37 -139.44 -148.05
C ILE O 732 186.13 -140.33 -149.26
N ILE O 733 185.05 -140.10 -150.01
CA ILE O 733 184.84 -140.89 -151.22
C ILE O 733 185.93 -140.56 -152.24
N ALA O 734 186.38 -139.31 -152.28
CA ALA O 734 187.51 -138.96 -153.15
C ALA O 734 188.75 -139.77 -152.77
N GLN O 735 189.04 -139.87 -151.47
CA GLN O 735 190.17 -140.66 -151.02
C GLN O 735 189.98 -142.14 -151.36
N ILE O 736 188.77 -142.65 -151.19
CA ILE O 736 188.50 -144.06 -151.47
C ILE O 736 188.78 -144.36 -152.94
N GLN O 737 188.30 -143.50 -153.83
CA GLN O 737 188.53 -143.71 -155.25
C GLN O 737 189.97 -143.39 -155.66
N SER O 738 190.71 -142.63 -154.84
CA SER O 738 192.10 -142.35 -155.16
C SER O 738 193.01 -143.56 -154.92
N GLU O 739 192.55 -144.55 -154.16
CA GLU O 739 193.35 -145.74 -153.89
C GLU O 739 193.63 -146.50 -155.17
N MET P 1 47.76 -69.22 -58.75
CA MET P 1 47.58 -68.27 -57.62
C MET P 1 48.48 -68.63 -56.45
N VAL P 2 49.16 -67.64 -55.89
CA VAL P 2 50.05 -67.88 -54.76
C VAL P 2 49.24 -68.32 -53.54
N ASN P 3 48.14 -67.64 -53.26
CA ASN P 3 47.37 -67.86 -52.05
C ASN P 3 46.28 -68.91 -52.27
N ASN P 4 45.61 -69.26 -51.18
CA ASN P 4 44.54 -70.25 -51.18
C ASN P 4 43.18 -69.58 -51.11
N ILE P 5 42.18 -70.21 -51.73
CA ILE P 5 40.84 -69.63 -51.84
C ILE P 5 40.05 -70.14 -50.64
N ASN P 6 40.17 -69.45 -49.52
CA ASN P 6 39.34 -69.73 -48.36
C ASN P 6 37.98 -69.06 -48.55
N TRP P 7 36.91 -69.83 -48.41
CA TRP P 7 35.57 -69.36 -48.70
C TRP P 7 34.94 -68.66 -47.50
N VAL P 8 34.20 -67.59 -47.76
CA VAL P 8 33.44 -66.89 -46.73
C VAL P 8 32.11 -66.44 -47.32
N LYS P 9 31.21 -66.05 -46.42
CA LYS P 9 29.82 -65.80 -46.75
C LYS P 9 29.64 -64.47 -47.45
N LEU P 10 28.53 -64.36 -48.19
CA LEU P 10 28.24 -63.11 -48.91
C LEU P 10 28.13 -61.89 -48.00
N PRO P 11 27.40 -61.91 -46.89
CA PRO P 11 27.25 -60.67 -46.10
C PRO P 11 28.55 -60.09 -45.55
N VAL P 12 29.70 -60.75 -45.73
CA VAL P 12 30.97 -60.10 -45.43
C VAL P 12 31.09 -58.81 -46.26
N ILE P 13 30.72 -58.89 -47.53
CA ILE P 13 30.87 -57.73 -48.41
C ILE P 13 29.93 -56.61 -47.98
N LEU P 14 28.77 -56.95 -47.41
CA LEU P 14 27.89 -55.91 -46.90
C LEU P 14 28.38 -55.35 -45.58
N ASP P 15 29.08 -56.17 -44.79
CA ASP P 15 29.76 -55.65 -43.61
C ASP P 15 30.77 -54.59 -44.02
N ARG P 16 31.50 -54.82 -45.10
CA ARG P 16 32.46 -53.82 -45.56
C ARG P 16 31.81 -52.64 -46.26
N LEU P 17 30.77 -52.86 -47.06
CA LEU P 17 30.16 -51.76 -47.82
C LEU P 17 29.44 -50.79 -46.90
N LEU P 18 28.60 -51.29 -46.00
CA LEU P 18 27.71 -50.43 -45.24
C LEU P 18 28.44 -49.53 -44.25
N ARG P 19 29.77 -49.68 -44.11
CA ARG P 19 30.52 -48.68 -43.37
C ARG P 19 30.43 -47.32 -44.03
N HIS P 20 30.22 -47.28 -45.34
CA HIS P 20 30.02 -46.02 -46.03
C HIS P 20 28.56 -45.60 -45.85
N PRO P 21 28.28 -44.47 -45.20
CA PRO P 21 26.86 -44.10 -44.99
C PRO P 21 26.09 -43.86 -46.27
N LEU P 22 26.76 -43.57 -47.39
CA LEU P 22 26.07 -43.45 -48.67
C LEU P 22 25.72 -44.81 -49.28
N LEU P 23 26.13 -45.91 -48.66
CA LEU P 23 25.84 -47.26 -49.15
C LEU P 23 25.04 -48.06 -48.14
N THR P 24 24.26 -47.40 -47.29
CA THR P 24 23.46 -48.09 -46.28
C THR P 24 22.19 -48.70 -46.85
N ASP P 25 21.78 -48.32 -48.05
CA ASP P 25 20.57 -48.85 -48.67
C ASP P 25 20.82 -50.10 -49.49
N LEU P 26 22.04 -50.63 -49.49
CA LEU P 26 22.31 -51.90 -50.15
C LEU P 26 21.69 -53.05 -49.37
N ASN P 27 21.40 -54.14 -50.09
CA ASN P 27 20.77 -55.31 -49.51
C ASN P 27 21.51 -56.56 -49.98
N LEU P 28 21.09 -57.72 -49.47
CA LEU P 28 21.67 -58.97 -49.92
C LEU P 28 21.34 -59.22 -51.39
N GLU P 29 20.18 -58.75 -51.85
CA GLU P 29 19.84 -58.87 -53.26
C GLU P 29 20.87 -58.19 -54.15
N THR P 30 21.16 -56.92 -53.87
CA THR P 30 22.11 -56.18 -54.69
C THR P 30 23.51 -56.79 -54.56
N ALA P 31 23.87 -57.24 -53.37
CA ALA P 31 25.14 -57.91 -53.20
C ALA P 31 25.22 -59.15 -54.09
N ILE P 32 24.14 -59.94 -54.14
CA ILE P 32 24.15 -61.16 -54.95
C ILE P 32 24.30 -60.81 -56.42
N GLN P 33 23.50 -59.86 -56.90
CA GLN P 33 23.55 -59.51 -58.32
C GLN P 33 24.93 -59.00 -58.71
N TYR P 34 25.44 -58.00 -57.99
CA TYR P 34 26.72 -57.43 -58.38
C TYR P 34 27.88 -58.37 -58.09
N THR P 35 27.73 -59.30 -57.15
CA THR P 35 28.77 -60.30 -56.95
C THR P 35 28.83 -61.26 -58.12
N LEU P 36 27.68 -61.71 -58.62
CA LEU P 36 27.69 -62.53 -59.82
C LEU P 36 28.24 -61.76 -61.00
N ASP P 37 27.86 -60.48 -61.14
CA ASP P 37 28.37 -59.66 -62.23
C ASP P 37 29.89 -59.54 -62.17
N PHE P 38 30.42 -59.28 -60.97
CA PHE P 38 31.85 -59.13 -60.81
C PHE P 38 32.58 -60.45 -61.08
N ILE P 39 32.05 -61.56 -60.55
CA ILE P 39 32.70 -62.85 -60.76
C ILE P 39 32.75 -63.18 -62.24
N SER P 40 31.69 -62.87 -62.98
CA SER P 40 31.70 -63.15 -64.40
C SER P 40 32.63 -62.20 -65.15
N ALA P 41 32.60 -60.91 -64.81
CA ALA P 41 33.42 -59.94 -65.51
C ALA P 41 34.90 -60.23 -65.35
N MET P 42 35.34 -60.52 -64.12
CA MET P 42 36.73 -60.90 -63.91
C MET P 42 37.03 -62.26 -64.55
N GLY P 43 36.10 -63.20 -64.44
CA GLY P 43 36.28 -64.50 -65.06
C GLY P 43 37.48 -65.25 -64.54
N LEU P 44 37.72 -65.19 -63.24
CA LEU P 44 38.89 -65.81 -62.65
C LEU P 44 38.65 -67.30 -62.49
N PRO P 45 39.47 -68.18 -63.08
CA PRO P 45 39.15 -69.62 -63.01
C PRO P 45 39.36 -70.24 -61.64
N ASN P 46 40.12 -69.59 -60.76
CA ASN P 46 40.33 -70.12 -59.42
C ASN P 46 39.13 -69.92 -58.51
N VAL P 47 38.15 -69.12 -58.91
CA VAL P 47 36.97 -68.89 -58.10
C VAL P 47 35.91 -69.98 -58.31
N TYR P 48 35.96 -70.69 -59.43
CA TYR P 48 35.00 -71.74 -59.71
C TYR P 48 35.51 -73.09 -59.19
N VAL P 49 34.57 -73.99 -58.98
CA VAL P 49 34.85 -75.30 -58.37
C VAL P 49 34.97 -76.32 -59.48
N ASP P 50 36.11 -77.00 -59.54
CA ASP P 50 36.30 -78.05 -60.53
C ASP P 50 35.52 -79.29 -60.15
N LYS P 51 34.72 -79.80 -61.10
CA LYS P 51 33.96 -81.02 -60.90
C LYS P 51 34.09 -81.90 -62.14
N ILE P 52 33.91 -83.20 -61.94
CA ILE P 52 33.87 -84.17 -63.03
C ILE P 52 32.61 -84.99 -62.85
N GLU P 53 31.91 -85.25 -63.95
CA GLU P 53 30.62 -85.93 -63.90
C GLU P 53 30.38 -86.60 -65.24
N THR P 54 30.03 -87.89 -65.19
CA THR P 54 29.85 -88.70 -66.39
C THR P 54 28.40 -88.67 -66.84
N ILE P 55 28.20 -88.61 -68.16
CA ILE P 55 26.87 -88.63 -68.76
C ILE P 55 26.87 -89.68 -69.87
N ASP P 56 25.67 -90.05 -70.30
CA ASP P 56 25.47 -91.02 -71.37
C ASP P 56 24.86 -90.33 -72.58
N ILE P 57 25.38 -90.65 -73.76
CA ILE P 57 24.93 -90.06 -75.01
C ILE P 57 23.84 -90.95 -75.59
N LYS P 58 22.72 -90.34 -75.98
CA LYS P 58 21.61 -91.10 -76.54
C LYS P 58 21.77 -91.30 -78.04
N GLU P 59 21.76 -90.21 -78.81
CA GLU P 59 22.14 -90.29 -80.22
C GLU P 59 22.67 -88.90 -80.60
N TYR P 60 23.99 -88.74 -80.52
CA TYR P 60 24.66 -87.46 -80.77
C TYR P 60 24.15 -86.34 -79.86
N ARG P 61 23.51 -86.67 -78.74
CA ARG P 61 23.06 -85.68 -77.78
C ARG P 61 23.17 -86.26 -76.38
N GLY P 62 23.37 -85.39 -75.41
CA GLY P 62 23.50 -85.83 -74.03
C GLY P 62 22.99 -84.76 -73.09
N GLU P 63 22.52 -85.20 -71.93
CA GLU P 63 22.04 -84.28 -70.91
C GLU P 63 23.23 -83.70 -70.16
N LEU P 64 23.14 -82.41 -69.82
CA LEU P 64 24.25 -81.67 -69.25
C LEU P 64 23.98 -81.38 -67.77
N PRO P 65 25.00 -81.38 -66.90
CA PRO P 65 24.74 -81.12 -65.48
C PRO P 65 24.14 -79.74 -65.25
N CYS P 66 23.34 -79.64 -64.18
CA CYS P 66 22.57 -78.43 -63.94
C CYS P 66 23.46 -77.24 -63.62
N ASP P 67 24.51 -77.45 -62.80
CA ASP P 67 25.32 -76.34 -62.32
C ASP P 67 26.48 -75.98 -63.25
N LEU P 68 26.54 -76.57 -64.44
CA LEU P 68 27.66 -76.33 -65.34
C LEU P 68 27.70 -74.88 -65.79
N ILE P 69 28.92 -74.33 -65.89
CA ILE P 69 29.14 -72.98 -66.41
C ILE P 69 30.12 -73.00 -67.58
N SER P 70 31.26 -73.68 -67.41
CA SER P 70 32.23 -73.83 -68.49
C SER P 70 32.81 -75.23 -68.43
N ILE P 71 33.14 -75.77 -69.61
CA ILE P 71 33.68 -77.11 -69.74
C ILE P 71 35.18 -77.02 -69.94
N ASN P 72 35.94 -77.67 -69.05
CA ASN P 72 37.38 -77.79 -69.27
C ASN P 72 37.67 -78.76 -70.40
N GLN P 73 37.03 -79.93 -70.38
CA GLN P 73 37.27 -80.97 -71.37
C GLN P 73 36.11 -81.94 -71.39
N VAL P 74 36.06 -82.73 -72.46
CA VAL P 74 35.16 -83.86 -72.59
C VAL P 74 35.97 -85.01 -73.17
N ARG P 75 35.79 -86.21 -72.64
CA ARG P 75 36.54 -87.38 -73.09
C ARG P 75 35.60 -88.58 -73.13
N LEU P 76 36.10 -89.68 -73.67
CA LEU P 76 35.35 -90.94 -73.70
C LEU P 76 35.64 -91.73 -72.43
N HIS P 77 34.58 -92.33 -71.87
CA HIS P 77 34.72 -93.01 -70.58
C HIS P 77 35.61 -94.24 -70.71
N LYS P 78 35.51 -94.99 -71.81
CA LYS P 78 36.24 -96.24 -71.90
C LYS P 78 37.70 -96.02 -72.31
N ASN P 79 37.93 -95.20 -73.33
CA ASN P 79 39.27 -95.02 -73.87
C ASN P 79 40.03 -93.89 -73.19
N GLY P 80 39.32 -92.87 -72.71
CA GLY P 80 39.98 -91.72 -72.14
C GLY P 80 40.45 -90.69 -73.13
N ILE P 81 40.12 -90.84 -74.41
CA ILE P 81 40.54 -89.89 -75.43
C ILE P 81 39.70 -88.62 -75.31
N ALA P 82 40.36 -87.48 -75.28
CA ALA P 82 39.66 -86.21 -75.15
C ALA P 82 38.98 -85.83 -76.46
N LEU P 83 37.91 -85.05 -76.34
CA LEU P 83 37.11 -84.61 -77.47
C LEU P 83 37.41 -83.14 -77.78
N ARG P 84 37.75 -82.85 -79.04
CA ARG P 84 37.94 -81.48 -79.46
C ARG P 84 36.58 -80.84 -79.72
N ALA P 85 36.59 -79.59 -80.16
CA ALA P 85 35.36 -78.90 -80.49
C ALA P 85 34.89 -79.28 -81.89
N MET P 86 33.60 -79.06 -82.15
CA MET P 86 33.02 -79.37 -83.45
C MET P 86 33.27 -78.22 -84.42
N THR P 87 33.84 -78.57 -85.58
CA THR P 87 33.90 -77.67 -86.72
C THR P 87 32.84 -77.99 -87.77
N ASP P 88 32.10 -79.08 -87.59
CA ASP P 88 31.13 -79.52 -88.58
C ASP P 88 29.88 -78.66 -88.57
N ASN P 89 29.20 -78.60 -89.71
CA ASN P 89 27.88 -77.99 -89.83
C ASN P 89 26.77 -79.01 -90.06
N PHE P 90 27.11 -80.28 -90.32
CA PHE P 90 26.17 -81.34 -90.66
C PHE P 90 26.45 -82.58 -89.83
N ASN P 91 26.55 -82.40 -88.51
CA ASN P 91 27.08 -83.43 -87.62
C ASN P 91 26.27 -84.72 -87.66
N ALA P 92 25.03 -84.68 -87.19
CA ALA P 92 24.20 -85.87 -87.06
C ALA P 92 23.26 -86.06 -88.24
N TYR P 93 23.37 -85.23 -89.28
CA TYR P 93 22.41 -85.27 -90.38
C TYR P 93 22.95 -86.17 -91.48
N PRO P 94 22.33 -87.31 -91.78
CA PRO P 94 22.88 -88.20 -92.80
C PRO P 94 22.53 -87.73 -94.21
N THR P 95 23.21 -88.34 -95.17
CA THR P 95 22.90 -88.20 -96.58
C THR P 95 22.14 -89.43 -97.06
N HIS P 96 21.80 -89.43 -98.33
CA HIS P 96 21.14 -90.58 -98.98
C HIS P 96 22.12 -91.30 -99.90
N GLY P 107 35.48 -90.90 -87.69
CA GLY P 107 36.63 -90.03 -87.63
C GLY P 107 36.95 -89.56 -86.23
N GLU P 108 37.59 -88.40 -86.13
CA GLU P 108 37.96 -87.85 -84.83
C GLU P 108 36.70 -87.46 -84.07
N PRO P 109 36.57 -87.83 -82.79
CA PRO P 109 35.38 -87.41 -82.04
C PRO P 109 35.44 -85.93 -81.69
N SER P 110 34.26 -85.34 -81.51
CA SER P 110 34.14 -83.92 -81.21
C SER P 110 32.90 -83.70 -80.38
N PHE P 111 32.76 -82.47 -79.86
CA PHE P 111 31.63 -82.11 -79.02
C PHE P 111 31.24 -80.67 -79.28
N LYS P 112 30.08 -80.29 -78.75
CA LYS P 112 29.52 -78.96 -78.90
C LYS P 112 28.44 -78.77 -77.86
N THR P 113 28.45 -77.64 -77.16
CA THR P 113 27.52 -77.38 -76.08
C THR P 113 26.90 -76.00 -76.26
N GLN P 114 25.56 -75.93 -76.20
CA GLN P 114 24.86 -74.65 -76.20
C GLN P 114 24.10 -74.41 -74.90
N GLY P 115 23.17 -75.28 -74.53
CA GLY P 115 22.35 -75.05 -73.36
C GLY P 115 22.53 -76.12 -72.31
N ARG P 116 21.48 -76.89 -72.05
CA ARG P 116 21.54 -78.06 -71.19
C ARG P 116 21.87 -79.33 -71.97
N VAL P 117 22.27 -79.20 -73.24
CA VAL P 117 22.49 -80.33 -74.13
C VAL P 117 23.88 -80.23 -74.72
N ILE P 118 24.53 -81.38 -74.91
CA ILE P 118 25.85 -81.48 -75.50
C ILE P 118 25.73 -82.27 -76.79
N PHE P 119 26.15 -81.67 -77.90
CA PHE P 119 26.10 -82.30 -79.22
C PHE P 119 27.46 -82.91 -79.50
N THR P 120 27.55 -84.22 -79.39
CA THR P 120 28.76 -84.96 -79.71
C THR P 120 28.57 -85.71 -81.02
N SER P 121 29.67 -86.20 -81.58
CA SER P 121 29.67 -86.89 -82.86
C SER P 121 29.60 -88.40 -82.72
N ILE P 122 29.13 -88.89 -81.56
CA ILE P 122 29.08 -90.31 -81.27
C ILE P 122 27.64 -90.67 -80.94
N LYS P 123 27.21 -91.85 -81.36
CA LYS P 123 25.80 -92.20 -81.22
C LYS P 123 25.47 -92.66 -79.80
N HIS P 124 26.07 -93.76 -79.36
CA HIS P 124 25.76 -94.38 -78.06
C HIS P 124 27.03 -94.64 -77.29
N GLU P 125 27.42 -93.70 -76.42
CA GLU P 125 28.58 -93.86 -75.56
C GLU P 125 28.43 -92.96 -74.34
N LYS P 126 29.23 -93.25 -73.32
CA LYS P 126 29.33 -92.44 -72.12
C LYS P 126 30.59 -91.58 -72.18
N VAL P 127 30.48 -90.35 -71.71
CA VAL P 127 31.60 -89.40 -71.74
C VAL P 127 31.76 -88.78 -70.37
N ASP P 128 33.00 -88.43 -70.03
CA ASP P 128 33.32 -87.70 -68.81
C ASP P 128 33.53 -86.23 -69.16
N ILE P 129 32.92 -85.34 -68.38
CA ILE P 129 33.00 -83.91 -68.60
C ILE P 129 33.63 -83.28 -67.36
N SER P 130 34.73 -82.57 -67.56
CA SER P 130 35.37 -81.80 -66.49
C SER P 130 34.95 -80.35 -66.66
N TYR P 131 34.10 -79.87 -65.75
CA TYR P 131 33.50 -78.55 -65.85
C TYR P 131 33.77 -77.78 -64.57
N LYS P 132 33.35 -76.51 -64.58
CA LYS P 132 33.51 -75.61 -63.44
C LYS P 132 32.17 -75.05 -63.05
N ALA P 133 31.94 -74.93 -61.73
CA ALA P 133 30.71 -74.36 -61.21
C ALA P 133 31.03 -73.38 -60.08
N ILE P 134 29.99 -72.89 -59.39
CA ILE P 134 30.14 -71.95 -58.29
C ILE P 134 30.07 -72.72 -56.97
N MET P 135 30.96 -72.38 -56.05
CA MET P 135 30.84 -72.87 -54.69
C MET P 135 29.63 -72.22 -54.04
N LEU P 136 28.67 -73.03 -53.62
CA LEU P 136 27.39 -72.56 -53.12
C LEU P 136 27.36 -72.60 -51.59
N ASP P 137 26.40 -71.88 -51.04
CA ASP P 137 26.19 -71.75 -49.61
C ASP P 137 25.10 -72.71 -49.15
N ASP P 138 25.04 -72.94 -47.84
CA ASP P 138 24.00 -73.85 -47.32
C ASP P 138 22.60 -73.29 -47.53
N GLU P 139 22.44 -71.96 -47.60
CA GLU P 139 21.17 -71.41 -48.08
C GLU P 139 20.98 -71.76 -49.56
N GLY P 140 22.07 -71.75 -50.33
CA GLY P 140 22.02 -72.02 -51.75
C GLY P 140 22.44 -70.81 -52.56
N LEU P 141 23.37 -70.03 -52.00
CA LEU P 141 23.78 -68.75 -52.51
C LEU P 141 25.25 -68.79 -52.90
N PRO P 142 25.71 -67.87 -53.75
CA PRO P 142 27.13 -67.87 -54.13
C PRO P 142 28.02 -67.62 -52.92
N LEU P 143 29.21 -68.21 -52.97
CA LEU P 143 30.17 -68.16 -51.88
C LEU P 143 31.46 -67.56 -52.41
N ILE P 144 31.94 -66.50 -51.77
CA ILE P 144 33.02 -65.68 -52.32
C ILE P 144 34.33 -65.96 -51.59
N PRO P 145 35.49 -65.75 -52.22
CA PRO P 145 36.75 -65.84 -51.47
C PRO P 145 36.88 -64.72 -50.45
N ASP P 146 37.72 -64.97 -49.45
CA ASP P 146 38.03 -63.97 -48.44
C ASP P 146 39.33 -63.22 -48.72
N ASN P 147 39.94 -63.43 -49.88
CA ASN P 147 41.14 -62.71 -50.25
C ASN P 147 40.84 -61.21 -50.19
N PRO P 148 41.43 -60.45 -49.27
CA PRO P 148 41.02 -59.05 -49.11
C PRO P 148 41.19 -58.20 -50.36
N ILE P 149 42.06 -58.60 -51.29
CA ILE P 149 42.10 -57.92 -52.58
C ILE P 149 40.79 -58.15 -53.33
N PHE P 150 40.31 -59.39 -53.35
CA PHE P 150 39.04 -59.70 -53.98
C PHE P 150 37.89 -58.97 -53.29
N LEU P 151 37.88 -58.99 -51.95
CA LEU P 151 36.81 -58.33 -51.22
C LEU P 151 36.83 -56.83 -51.48
N LYS P 152 38.02 -56.22 -51.49
CA LYS P 152 38.11 -54.79 -51.74
C LYS P 152 37.66 -54.46 -53.16
N THR P 153 38.05 -55.27 -54.14
CA THR P 153 37.67 -54.97 -55.51
C THR P 153 36.17 -55.14 -55.72
N LEU P 154 35.56 -56.12 -55.04
CA LEU P 154 34.10 -56.28 -55.12
C LEU P 154 33.39 -55.13 -54.42
N GLU P 155 33.92 -54.71 -53.26
CA GLU P 155 33.41 -53.53 -52.58
C GLU P 155 33.41 -52.33 -53.52
N LEU P 156 34.52 -52.12 -54.21
CA LEU P 156 34.63 -50.99 -55.13
C LEU P 156 33.74 -51.16 -56.35
N TYR P 157 33.54 -52.39 -56.82
CA TYR P 157 32.60 -52.62 -57.91
C TYR P 157 31.20 -52.20 -57.52
N ILE P 158 30.72 -52.68 -56.36
CA ILE P 158 29.37 -52.35 -55.93
C ILE P 158 29.24 -50.86 -55.66
N LYS P 159 30.26 -50.27 -55.03
CA LYS P 159 30.25 -48.83 -54.79
C LYS P 159 30.22 -48.05 -56.09
N LYS P 160 30.95 -48.52 -57.11
CA LYS P 160 30.98 -47.83 -58.39
C LYS P 160 29.62 -47.88 -59.07
N GLU P 161 28.97 -49.04 -59.04
CA GLU P 161 27.63 -49.12 -59.63
C GLU P 161 26.65 -48.21 -58.88
N TRP P 162 26.71 -48.22 -57.56
CA TRP P 162 25.77 -47.39 -56.79
C TRP P 162 26.01 -45.92 -57.03
N PHE P 163 27.27 -45.48 -57.04
CA PHE P 163 27.57 -44.08 -57.29
C PHE P 163 27.28 -43.69 -58.72
N THR P 164 27.41 -44.62 -59.66
CA THR P 164 26.98 -44.32 -61.03
C THR P 164 25.48 -44.05 -61.07
N ILE P 165 24.69 -44.86 -60.38
CA ILE P 165 23.25 -44.64 -60.35
C ILE P 165 22.93 -43.28 -59.70
N LEU P 166 23.57 -42.99 -58.57
CA LEU P 166 23.32 -41.72 -57.90
C LEU P 166 23.72 -40.54 -58.78
N PHE P 167 24.88 -40.63 -59.43
CA PHE P 167 25.33 -39.57 -60.32
C PHE P 167 24.38 -39.40 -61.49
N ASP P 168 23.77 -40.48 -61.95
CA ASP P 168 22.73 -40.36 -62.97
C ASP P 168 21.55 -39.55 -62.45
N MET P 169 21.11 -39.81 -61.21
CA MET P 169 20.10 -38.91 -60.65
C MET P 169 20.66 -37.52 -60.39
N GLY P 170 21.98 -37.38 -60.24
CA GLY P 170 22.57 -36.11 -59.87
C GLY P 170 22.76 -35.92 -58.38
N LYS P 171 22.85 -37.01 -57.62
CA LYS P 171 23.02 -36.95 -56.17
C LYS P 171 24.45 -37.20 -55.73
N ILE P 172 25.40 -37.24 -56.66
CA ILE P 172 26.80 -37.45 -56.35
C ILE P 172 27.62 -36.52 -57.25
N SER P 173 28.66 -35.92 -56.68
CA SER P 173 29.51 -35.04 -57.44
C SER P 173 30.27 -35.83 -58.51
N PRO P 174 30.55 -35.22 -59.67
CA PRO P 174 31.33 -35.96 -60.69
C PRO P 174 32.70 -36.37 -60.21
N ALA P 175 33.34 -35.55 -59.37
CA ALA P 175 34.67 -35.89 -58.87
C ALA P 175 34.64 -37.17 -58.03
N VAL P 176 33.61 -37.34 -57.22
CA VAL P 176 33.50 -38.53 -56.38
C VAL P 176 33.40 -39.77 -57.26
N LEU P 177 32.56 -39.73 -58.29
CA LEU P 177 32.42 -40.87 -59.18
C LEU P 177 33.72 -41.13 -59.95
N ASN P 178 34.41 -40.07 -60.37
CA ASN P 178 35.67 -40.25 -61.07
C ASN P 178 36.70 -40.92 -60.18
N ASN P 179 36.78 -40.49 -58.91
CA ASN P 179 37.69 -41.14 -57.97
C ASN P 179 37.33 -42.60 -57.75
N THR P 180 36.04 -42.89 -57.62
CA THR P 180 35.61 -44.27 -57.42
C THR P 180 35.99 -45.14 -58.61
N GLN P 181 35.78 -44.63 -59.82
CA GLN P 181 36.14 -45.38 -61.02
C GLN P 181 37.64 -45.61 -61.09
N GLN P 182 38.43 -44.59 -60.77
CA GLN P 182 39.89 -44.73 -60.80
C GLN P 182 40.35 -45.80 -59.81
N GLU P 183 39.86 -45.73 -58.57
CA GLU P 183 40.22 -46.72 -57.57
C GLU P 183 39.80 -48.13 -58.00
N TYR P 184 38.59 -48.26 -58.53
CA TYR P 184 38.13 -49.59 -58.94
C TYR P 184 38.97 -50.11 -60.08
N ALA P 185 39.36 -49.26 -61.02
CA ALA P 185 40.18 -49.70 -62.13
C ALA P 185 41.52 -50.22 -61.63
N PHE P 186 42.16 -49.50 -60.71
CA PHE P 186 43.45 -49.98 -60.21
C PHE P 186 43.28 -51.29 -59.45
N LYS P 187 42.25 -51.39 -58.61
CA LYS P 187 42.08 -52.62 -57.85
C LYS P 187 41.65 -53.78 -58.73
N ALA P 188 40.96 -53.51 -59.83
CA ALA P 188 40.66 -54.58 -60.78
C ALA P 188 41.93 -55.12 -61.40
N GLY P 189 42.85 -54.23 -61.79
CA GLY P 189 44.13 -54.71 -62.27
C GLY P 189 44.89 -55.50 -61.22
N GLN P 190 44.88 -55.00 -59.98
CA GLN P 190 45.56 -55.69 -58.90
C GLN P 190 44.99 -57.08 -58.67
N CYS P 191 43.66 -57.20 -58.68
CA CYS P 191 43.03 -58.50 -58.48
C CYS P 191 43.33 -59.44 -59.63
N ASN P 192 43.28 -58.95 -60.87
CA ASN P 192 43.58 -59.80 -62.00
C ASN P 192 45.00 -60.34 -61.92
N ASN P 193 45.95 -59.49 -61.55
CA ASN P 193 47.32 -60.00 -61.37
C ASN P 193 47.42 -60.93 -60.18
N GLU P 194 46.64 -60.68 -59.12
CA GLU P 194 46.71 -61.53 -57.94
C GLU P 194 46.26 -62.95 -58.24
N PHE P 195 45.18 -63.10 -59.01
CA PHE P 195 44.59 -64.41 -59.22
C PHE P 195 45.20 -65.18 -60.39
N VAL P 196 45.95 -64.52 -61.27
CA VAL P 196 46.43 -65.14 -62.48
C VAL P 196 47.93 -65.46 -62.45
N ILE P 197 48.73 -64.70 -61.71
CA ILE P 197 50.18 -64.93 -61.73
C ILE P 197 50.48 -66.29 -61.12
N PRO P 198 51.29 -67.16 -61.77
CA PRO P 198 51.49 -68.51 -61.23
C PRO P 198 52.23 -68.51 -59.91
N SER P 199 51.92 -69.51 -59.08
CA SER P 199 52.62 -69.74 -57.83
C SER P 199 53.95 -70.43 -58.12
N VAL P 200 54.65 -70.86 -57.07
CA VAL P 200 55.94 -71.51 -57.26
C VAL P 200 55.77 -72.89 -57.89
N SER P 201 54.75 -73.64 -57.44
CA SER P 201 54.52 -74.97 -58.00
C SER P 201 53.95 -74.89 -59.41
N GLU P 202 53.05 -73.92 -59.65
CA GLU P 202 52.59 -73.70 -61.01
C GLU P 202 53.72 -73.20 -61.89
N MET P 203 54.67 -72.46 -61.33
CA MET P 203 55.82 -72.07 -62.12
C MET P 203 56.74 -73.24 -62.41
N GLU P 204 56.81 -74.23 -61.52
CA GLU P 204 57.52 -75.46 -61.86
C GLU P 204 56.84 -76.19 -63.00
N ALA P 205 55.50 -76.26 -62.97
CA ALA P 205 54.79 -76.88 -64.08
C ALA P 205 55.06 -76.16 -65.38
N ILE P 206 55.03 -74.82 -65.35
CA ILE P 206 55.28 -74.02 -66.55
C ILE P 206 56.72 -74.18 -67.01
N THR P 207 57.65 -74.30 -66.06
CA THR P 207 59.05 -74.51 -66.40
C THR P 207 59.25 -75.85 -67.11
N ASN P 208 58.64 -76.90 -66.58
CA ASN P 208 58.74 -78.20 -67.23
C ASN P 208 58.06 -78.22 -68.58
N MET P 209 57.03 -77.39 -68.76
CA MET P 209 56.36 -77.28 -70.05
C MET P 209 57.17 -76.48 -71.06
N TRP P 210 57.93 -75.48 -70.59
CA TRP P 210 58.65 -74.59 -71.49
C TRP P 210 59.91 -75.24 -72.03
N ASN P 211 60.75 -75.78 -71.14
CA ASN P 211 62.05 -76.33 -71.51
C ASN P 211 61.88 -77.79 -71.90
N GLN P 212 61.99 -78.06 -73.20
CA GLN P 212 61.72 -79.40 -73.73
C GLN P 212 62.58 -79.60 -74.97
N LEU P 213 63.60 -80.46 -74.85
CA LEU P 213 64.43 -80.74 -76.01
C LEU P 213 63.65 -81.44 -77.10
N ILE P 214 62.77 -82.38 -76.71
CA ILE P 214 61.85 -83.04 -77.62
C ILE P 214 60.46 -82.47 -77.33
N PRO P 215 59.93 -81.56 -78.14
CA PRO P 215 58.66 -80.92 -77.77
C PRO P 215 57.51 -81.91 -77.65
N ARG P 216 56.63 -81.66 -76.69
CA ARG P 216 55.41 -82.43 -76.51
C ARG P 216 54.24 -81.58 -77.00
N VAL P 217 53.52 -82.10 -78.00
CA VAL P 217 52.45 -81.35 -78.63
C VAL P 217 51.17 -82.20 -78.66
N THR P 218 51.02 -83.08 -77.67
CA THR P 218 49.88 -83.97 -77.57
C THR P 218 49.40 -84.06 -76.13
N GLU P 219 49.39 -82.92 -75.44
CA GLU P 219 48.93 -82.90 -74.06
C GLU P 219 47.41 -82.98 -73.98
N PHE P 220 46.72 -82.59 -75.06
CA PHE P 220 45.26 -82.57 -75.05
C PHE P 220 44.67 -83.97 -75.12
N ARG P 221 45.37 -84.92 -75.74
CA ARG P 221 44.83 -86.28 -75.81
C ARG P 221 44.66 -86.86 -74.42
N ARG P 222 45.67 -86.69 -73.57
CA ARG P 222 45.49 -86.87 -72.14
C ARG P 222 44.80 -85.63 -71.57
N GLY P 223 44.47 -85.67 -70.29
CA GLY P 223 43.77 -84.54 -69.69
C GLY P 223 44.69 -83.39 -69.33
N PHE P 224 45.61 -83.04 -70.23
CA PHE P 224 46.73 -82.16 -69.90
C PHE P 224 47.47 -82.65 -68.66
N LYS P 225 47.53 -83.98 -68.50
CA LYS P 225 48.10 -84.57 -67.30
C LYS P 225 49.61 -84.36 -67.26
N ASN P 226 50.30 -84.65 -68.36
CA ASN P 226 51.75 -84.55 -68.43
C ASN P 226 52.21 -83.18 -68.91
N LEU P 227 51.36 -82.17 -68.85
CA LEU P 227 51.74 -80.84 -69.32
C LEU P 227 52.91 -80.30 -68.52
N GLY P 228 52.90 -80.48 -67.20
CA GLY P 228 53.98 -80.08 -66.34
C GLY P 228 55.00 -81.16 -66.04
N ASP P 229 54.89 -82.32 -66.69
CA ASP P 229 55.85 -83.39 -66.43
C ASP P 229 57.23 -83.00 -66.95
N LYS P 230 58.25 -83.26 -66.14
CA LYS P 230 59.60 -82.92 -66.54
C LYS P 230 60.10 -83.85 -67.63
N GLU P 231 60.74 -83.27 -68.63
CA GLU P 231 61.19 -83.99 -69.81
C GLU P 231 62.63 -84.41 -69.59
N TYR P 232 62.85 -85.71 -69.38
CA TYR P 232 64.16 -86.25 -69.03
C TYR P 232 64.85 -86.76 -70.29
N ILE P 233 66.16 -86.54 -70.38
CA ILE P 233 66.97 -87.01 -71.50
C ILE P 233 68.00 -87.98 -70.93
N ARG P 234 68.05 -89.18 -71.53
CA ARG P 234 69.03 -90.17 -71.11
C ARG P 234 70.43 -89.70 -71.49
N VAL P 235 71.42 -90.03 -70.65
CA VAL P 235 72.81 -89.67 -70.92
C VAL P 235 73.48 -90.80 -71.67
N HIS P 236 74.37 -90.44 -72.60
CA HIS P 236 75.10 -91.39 -73.41
C HIS P 236 76.59 -91.04 -73.41
N MET Q 1 10.76 -35.58 -28.37
CA MET Q 1 9.60 -34.64 -28.35
C MET Q 1 8.37 -35.31 -28.94
N THR Q 2 7.20 -34.93 -28.46
CA THR Q 2 5.93 -35.50 -28.87
C THR Q 2 5.15 -34.50 -29.72
N TYR Q 3 4.04 -34.98 -30.28
CA TYR Q 3 3.16 -34.10 -31.04
C TYR Q 3 2.66 -32.95 -30.17
N ASN Q 4 2.41 -33.22 -28.89
CA ASN Q 4 1.85 -32.19 -28.01
C ASN Q 4 2.81 -31.01 -27.88
N GLU Q 5 4.09 -31.29 -27.67
CA GLU Q 5 5.05 -30.21 -27.48
C GLU Q 5 5.13 -29.33 -28.72
N LEU Q 6 5.21 -29.93 -29.90
CA LEU Q 6 5.31 -29.16 -31.14
C LEU Q 6 4.03 -28.36 -31.39
N ILE Q 7 2.88 -29.01 -31.21
CA ILE Q 7 1.59 -28.35 -31.46
C ILE Q 7 1.44 -27.15 -30.54
N TYR Q 8 1.70 -27.34 -29.24
CA TYR Q 8 1.49 -26.26 -28.30
C TYR Q 8 2.57 -25.21 -28.39
N MET Q 9 3.77 -25.56 -28.85
CA MET Q 9 4.76 -24.53 -29.12
C MET Q 9 4.30 -23.62 -30.24
N VAL Q 10 3.79 -24.20 -31.33
CA VAL Q 10 3.25 -23.39 -32.42
C VAL Q 10 2.08 -22.54 -31.92
N LEU Q 11 1.17 -23.15 -31.16
CA LEU Q 11 0.01 -22.40 -30.68
C LEU Q 11 0.40 -21.27 -29.76
N ASP Q 12 1.34 -21.51 -28.83
CA ASP Q 12 1.74 -20.49 -27.90
C ASP Q 12 2.49 -19.37 -28.59
N GLU Q 13 3.28 -19.69 -29.62
CA GLU Q 13 3.93 -18.64 -30.38
C GLU Q 13 2.90 -17.80 -31.13
N LEU Q 14 1.86 -18.45 -31.67
CA LEU Q 14 0.73 -17.72 -32.23
C LEU Q 14 -0.20 -17.16 -31.17
N LYS Q 15 -0.07 -17.60 -29.91
CA LYS Q 15 -0.95 -17.20 -28.82
C LYS Q 15 -2.41 -17.52 -29.16
N LEU Q 16 -2.64 -18.71 -29.71
CA LEU Q 16 -3.98 -19.22 -29.96
C LEU Q 16 -4.47 -20.01 -28.75
N SER Q 17 -4.58 -19.31 -27.62
CA SER Q 17 -4.92 -19.96 -26.36
C SER Q 17 -6.40 -20.02 -26.09
N SER Q 18 -7.16 -19.03 -26.54
CA SER Q 18 -8.59 -19.01 -26.26
C SER Q 18 -9.29 -20.14 -27.02
N ASP Q 19 -10.16 -20.86 -26.32
CA ASP Q 19 -10.95 -21.89 -26.97
C ASP Q 19 -11.86 -21.33 -28.06
N ASP Q 20 -12.15 -20.04 -28.01
CA ASP Q 20 -12.93 -19.36 -29.04
C ASP Q 20 -12.01 -18.77 -30.11
N SER Q 21 -11.13 -19.59 -30.65
CA SER Q 21 -10.16 -19.20 -31.67
C SER Q 21 -10.52 -19.87 -32.99
N TYR Q 22 -10.29 -19.15 -34.09
CA TYR Q 22 -10.62 -19.69 -35.40
C TYR Q 22 -9.74 -20.88 -35.74
N TYR Q 23 -8.45 -20.80 -35.40
CA TYR Q 23 -7.47 -21.81 -35.78
C TYR Q 23 -7.22 -22.75 -34.61
N THR Q 24 -7.73 -23.97 -34.73
CA THR Q 24 -7.64 -24.97 -33.68
C THR Q 24 -6.35 -25.74 -33.79
N PRO Q 25 -6.03 -26.61 -32.83
CA PRO Q 25 -4.81 -27.43 -32.95
C PRO Q 25 -4.80 -28.38 -34.13
N ASP Q 26 -5.95 -28.68 -34.74
CA ASP Q 26 -5.94 -29.58 -35.89
C ASP Q 26 -5.35 -28.90 -37.12
N HIS Q 27 -5.60 -27.60 -37.30
CA HIS Q 27 -4.87 -26.85 -38.31
C HIS Q 27 -3.38 -26.97 -38.09
N VAL Q 28 -2.94 -26.84 -36.84
CA VAL Q 28 -1.53 -26.94 -36.51
C VAL Q 28 -0.99 -28.32 -36.85
N ILE Q 29 -1.74 -29.37 -36.53
CA ILE Q 29 -1.29 -30.73 -36.80
C ILE Q 29 -1.12 -30.94 -38.30
N PHE Q 30 -2.13 -30.53 -39.07
CA PHE Q 30 -2.07 -30.68 -40.53
C PHE Q 30 -0.86 -29.94 -41.10
N LEU Q 31 -0.70 -28.68 -40.70
CA LEU Q 31 0.42 -27.89 -41.22
C LEU Q 31 1.76 -28.49 -40.81
N LEU Q 32 1.86 -28.98 -39.57
CA LEU Q 32 3.11 -29.54 -39.11
C LEU Q 32 3.49 -30.78 -39.91
N VAL Q 33 2.53 -31.68 -40.16
CA VAL Q 33 2.91 -32.88 -40.91
C VAL Q 33 3.24 -32.54 -42.36
N LYS Q 34 2.48 -31.63 -42.99
CA LYS Q 34 2.76 -31.32 -44.38
C LYS Q 34 4.09 -30.59 -44.53
N TYR Q 35 4.39 -29.67 -43.60
CA TYR Q 35 5.68 -29.00 -43.65
C TYR Q 35 6.82 -29.93 -43.23
N ARG Q 36 6.54 -30.96 -42.42
CA ARG Q 36 7.55 -31.98 -42.16
C ARG Q 36 7.98 -32.65 -43.45
N SER Q 37 6.99 -33.10 -44.23
CA SER Q 37 7.31 -33.74 -45.51
C SER Q 37 8.03 -32.77 -46.44
N PHE Q 38 7.55 -31.52 -46.48
CA PHE Q 38 8.17 -30.51 -47.33
C PHE Q 38 9.63 -30.31 -46.97
N LEU Q 39 9.93 -30.13 -45.68
CA LEU Q 39 11.30 -29.90 -45.25
C LEU Q 39 12.18 -31.11 -45.51
N LEU Q 40 11.66 -32.32 -45.25
CA LEU Q 40 12.46 -33.51 -45.48
C LEU Q 40 12.82 -33.64 -46.95
N LYS Q 41 11.87 -33.43 -47.85
CA LYS Q 41 12.22 -33.49 -49.27
C LYS Q 41 13.18 -32.38 -49.65
N GLN Q 42 12.97 -31.16 -49.13
CA GLN Q 42 13.85 -30.06 -49.49
C GLN Q 42 15.29 -30.33 -49.06
N ARG Q 43 15.46 -31.02 -47.94
CA ARG Q 43 16.81 -31.25 -47.42
C ARG Q 43 17.48 -32.48 -48.00
N TYR Q 44 16.72 -33.54 -48.27
CA TYR Q 44 17.28 -34.85 -48.59
C TYR Q 44 16.82 -35.35 -49.95
N SER Q 45 16.75 -34.48 -50.95
CA SER Q 45 16.43 -34.89 -52.32
C SER Q 45 17.43 -34.33 -53.31
N ASP Q 46 17.98 -33.15 -53.02
CA ASP Q 46 18.95 -32.55 -53.92
C ASP Q 46 20.17 -33.44 -54.13
N ILE Q 47 20.78 -33.90 -53.03
CA ILE Q 47 21.88 -34.85 -53.08
C ILE Q 47 21.74 -35.79 -51.88
N LYS Q 48 22.49 -36.88 -51.93
CA LYS Q 48 22.35 -37.94 -50.93
C LYS Q 48 23.16 -37.60 -49.69
N LYS Q 49 22.51 -37.67 -48.53
CA LYS Q 49 23.13 -37.37 -47.24
C LYS Q 49 22.69 -38.42 -46.23
N GLN Q 50 23.13 -38.26 -44.99
CA GLN Q 50 22.71 -39.15 -43.90
C GLN Q 50 21.38 -38.69 -43.35
N ILE Q 51 20.44 -39.62 -43.24
CA ILE Q 51 19.16 -39.37 -42.59
C ILE Q 51 19.27 -39.90 -41.16
N PRO Q 52 19.07 -39.07 -40.13
CA PRO Q 52 19.09 -39.59 -38.76
C PRO Q 52 17.92 -40.53 -38.50
N ASP Q 53 18.04 -41.29 -37.40
CA ASP Q 53 16.98 -42.21 -37.03
C ASP Q 53 15.71 -41.50 -36.60
N SER Q 54 15.78 -40.21 -36.29
CA SER Q 54 14.62 -39.49 -35.77
C SER Q 54 13.57 -39.23 -36.86
N ASP Q 55 13.99 -39.04 -38.10
CA ASP Q 55 13.03 -38.88 -39.19
C ASP Q 55 12.40 -40.20 -39.62
N TYR Q 56 12.91 -41.33 -39.14
CA TYR Q 56 12.35 -42.64 -39.46
C TYR Q 56 11.23 -42.97 -38.48
N GLN Q 57 10.36 -43.87 -38.91
CA GLN Q 57 9.20 -44.26 -38.12
C GLN Q 57 8.80 -45.67 -38.52
N SER Q 58 8.13 -46.36 -37.61
CA SER Q 58 7.84 -47.78 -37.76
C SER Q 58 6.35 -48.04 -37.68
N ILE Q 59 5.91 -49.09 -38.37
CA ILE Q 59 4.52 -49.53 -38.34
C ILE Q 59 4.49 -51.05 -38.24
N CYS Q 60 3.35 -51.58 -37.78
CA CYS Q 60 3.12 -53.02 -37.70
C CYS Q 60 2.08 -53.40 -38.75
N LEU Q 61 2.41 -54.42 -39.54
CA LEU Q 61 1.55 -54.89 -40.62
C LEU Q 61 1.19 -56.35 -40.40
N ASP Q 62 -0.06 -56.69 -40.68
CA ASP Q 62 -0.54 -58.07 -40.65
C ASP Q 62 -0.84 -58.50 -42.07
N LEU Q 63 -0.25 -59.61 -42.49
CA LEU Q 63 -0.27 -60.03 -43.88
C LEU Q 63 -1.33 -61.10 -44.10
N ILE Q 64 -2.07 -60.98 -45.19
CA ILE Q 64 -3.10 -61.94 -45.58
C ILE Q 64 -2.85 -62.35 -47.03
N GLU Q 65 -3.09 -63.62 -47.33
CA GLU Q 65 -2.94 -64.13 -48.68
C GLU Q 65 -4.15 -63.75 -49.52
N VAL Q 66 -3.90 -63.20 -50.70
CA VAL Q 66 -4.97 -62.73 -51.59
C VAL Q 66 -4.71 -63.23 -53.00
N PRO Q 67 -5.72 -63.39 -53.84
CA PRO Q 67 -5.47 -63.72 -55.24
C PRO Q 67 -4.88 -62.55 -55.99
N ALA Q 68 -4.23 -62.86 -57.12
CA ALA Q 68 -3.66 -61.80 -57.96
C ALA Q 68 -4.76 -60.91 -58.53
N ILE Q 69 -5.77 -61.51 -59.15
CA ILE Q 69 -6.89 -60.79 -59.74
C ILE Q 69 -8.15 -61.22 -58.99
N SER Q 70 -8.46 -62.51 -59.06
CA SER Q 70 -9.58 -63.11 -58.36
C SER Q 70 -9.27 -64.59 -58.25
N GLY Q 71 -10.20 -65.34 -57.67
CA GLY Q 71 -9.97 -66.76 -57.56
C GLY Q 71 -10.19 -67.44 -58.90
N GLU Q 72 -9.12 -67.76 -59.60
CA GLU Q 72 -9.20 -68.50 -60.85
C GLU Q 72 -7.97 -69.37 -60.99
N PRO Q 73 -8.04 -70.47 -61.75
CA PRO Q 73 -6.86 -71.34 -61.88
C PRO Q 73 -5.71 -70.72 -62.67
N CYS Q 74 -5.98 -69.85 -63.64
CA CYS Q 74 -4.96 -69.35 -64.57
C CYS Q 74 -4.65 -67.86 -64.37
N GLU Q 75 -5.08 -67.26 -63.27
CA GLU Q 75 -4.88 -65.84 -63.05
C GLU Q 75 -3.52 -65.50 -62.45
N GLY Q 76 -2.65 -66.49 -62.28
CA GLY Q 76 -1.32 -66.26 -61.74
C GLY Q 76 -1.22 -66.65 -60.27
N SER Q 77 0.01 -66.57 -59.77
CA SER Q 77 0.28 -66.97 -58.39
C SER Q 77 -0.28 -65.91 -57.43
N SER Q 78 -0.59 -66.38 -56.22
CA SER Q 78 -1.17 -65.48 -55.22
C SER Q 78 -0.11 -64.55 -54.64
N TYR Q 79 -0.58 -63.53 -53.94
CA TYR Q 79 0.26 -62.55 -53.27
C TYR Q 79 -0.07 -62.52 -51.77
N LEU Q 80 0.82 -61.88 -51.03
CA LEU Q 80 0.59 -61.54 -49.63
C LEU Q 80 0.51 -60.03 -49.54
N ARG Q 81 -0.55 -59.52 -48.92
CA ARG Q 81 -0.71 -58.07 -48.75
C ARG Q 81 -1.08 -57.76 -47.31
N SER Q 82 -0.69 -56.57 -46.87
CA SER Q 82 -1.07 -56.10 -45.54
C SER Q 82 -2.59 -55.96 -45.46
N LYS Q 83 -3.13 -56.25 -44.27
CA LYS Q 83 -4.57 -56.17 -44.08
C LYS Q 83 -5.07 -54.75 -44.31
N ASN Q 84 -4.36 -53.76 -43.80
CA ASN Q 84 -4.74 -52.36 -43.89
C ASN Q 84 -3.87 -51.64 -44.91
N LYS Q 85 -4.34 -50.48 -45.35
CA LYS Q 85 -3.57 -49.67 -46.30
C LYS Q 85 -2.30 -49.14 -45.63
N VAL Q 86 -1.27 -48.96 -46.43
CA VAL Q 86 0.07 -48.61 -45.94
C VAL Q 86 0.39 -47.16 -46.32
N PRO Q 87 0.94 -46.33 -45.44
CA PRO Q 87 1.31 -44.98 -45.84
C PRO Q 87 2.37 -44.99 -46.93
N THR Q 88 2.32 -43.98 -47.79
CA THR Q 88 3.35 -43.81 -48.80
C THR Q 88 4.66 -43.39 -48.15
N THR Q 89 5.77 -43.90 -48.68
CA THR Q 89 7.09 -43.59 -48.17
C THR Q 89 7.71 -42.43 -48.96
N MET Q 90 8.75 -41.85 -48.38
CA MET Q 90 9.56 -40.82 -49.03
C MET Q 90 10.84 -41.46 -49.53
N MET Q 91 11.20 -41.15 -50.78
CA MET Q 91 12.31 -41.81 -51.47
C MET Q 91 13.63 -41.11 -51.14
N ILE Q 92 13.92 -41.01 -49.84
CA ILE Q 92 15.07 -40.24 -49.37
C ILE Q 92 15.91 -40.99 -48.36
N GLY Q 93 15.37 -42.07 -47.79
CA GLY Q 93 16.05 -42.75 -46.69
C GLY Q 93 16.43 -44.19 -46.96
N ASN Q 94 16.14 -45.07 -46.00
CA ASN Q 94 16.40 -46.50 -46.10
C ASN Q 94 15.12 -47.25 -45.70
N PRO Q 95 14.12 -47.27 -46.57
CA PRO Q 95 12.94 -48.10 -46.29
C PRO Q 95 13.33 -49.55 -46.11
N ARG Q 96 12.75 -50.19 -45.09
CA ARG Q 96 13.07 -51.59 -44.80
C ARG Q 96 11.87 -52.29 -44.18
N VAL Q 97 11.61 -53.50 -44.66
CA VAL Q 97 10.64 -54.41 -44.08
C VAL Q 97 11.41 -55.52 -43.40
N TYR Q 98 11.15 -55.74 -42.11
CA TYR Q 98 11.86 -56.75 -41.35
C TYR Q 98 10.87 -57.59 -40.55
N PRO Q 99 11.23 -58.84 -40.21
CA PRO Q 99 10.29 -59.74 -39.52
C PRO Q 99 10.32 -59.56 -38.00
N MET Q 100 10.06 -58.33 -37.55
CA MET Q 100 10.01 -57.95 -36.13
C MET Q 100 11.38 -57.96 -35.45
N ASP Q 101 12.46 -58.31 -36.15
CA ASP Q 101 13.82 -58.14 -35.66
C ASP Q 101 14.57 -57.37 -36.74
N PHE Q 102 14.94 -56.13 -36.44
CA PHE Q 102 15.57 -55.30 -37.45
C PHE Q 102 16.87 -55.91 -37.95
N TYR Q 103 17.59 -56.59 -37.06
CA TYR Q 103 18.93 -57.10 -37.35
C TYR Q 103 18.89 -58.50 -37.94
N GLN Q 104 17.77 -58.89 -38.55
CA GLN Q 104 17.62 -60.23 -39.10
C GLN Q 104 16.61 -60.16 -40.24
N GLY Q 105 16.71 -61.11 -41.16
CA GLY Q 105 15.76 -61.21 -42.25
C GLY Q 105 16.05 -60.29 -43.41
N GLU Q 106 15.67 -60.71 -44.62
CA GLU Q 106 15.85 -59.94 -45.85
C GLU Q 106 14.54 -59.96 -46.63
N ILE Q 107 13.70 -58.96 -46.39
CA ILE Q 107 12.46 -58.74 -47.12
C ILE Q 107 12.63 -57.42 -47.85
N THR Q 108 13.00 -57.49 -49.12
CA THR Q 108 13.33 -56.29 -49.89
C THR Q 108 12.06 -55.49 -50.18
N TYR Q 109 12.20 -54.16 -50.15
CA TYR Q 109 11.11 -53.24 -50.46
C TYR Q 109 11.52 -52.46 -51.70
N ILE Q 110 10.88 -52.78 -52.83
CA ILE Q 110 11.31 -52.25 -54.13
C ILE Q 110 10.20 -51.41 -54.76
N SER Q 111 10.49 -50.82 -55.91
CA SER Q 111 9.50 -50.04 -56.64
C SER Q 111 8.38 -50.93 -57.16
N ARG Q 112 7.20 -50.34 -57.31
CA ARG Q 112 6.07 -51.11 -57.83
C ARG Q 112 6.32 -51.54 -59.27
N ASP Q 113 6.95 -50.68 -60.07
CA ASP Q 113 7.20 -51.00 -61.47
C ASP Q 113 8.20 -52.14 -61.60
N ARG Q 114 9.26 -52.10 -60.79
CA ARG Q 114 10.26 -53.17 -60.83
C ARG Q 114 9.67 -54.51 -60.43
N MET Q 115 8.69 -54.51 -59.51
CA MET Q 115 8.22 -55.74 -58.90
C MET Q 115 7.54 -56.68 -59.89
N ARG Q 116 7.17 -56.19 -61.09
CA ARG Q 116 6.62 -57.08 -62.10
C ARG Q 116 7.65 -58.12 -62.54
N TYR Q 117 8.83 -57.67 -62.91
CA TYR Q 117 9.88 -58.52 -63.48
C TYR Q 117 10.90 -58.74 -62.38
N VAL Q 118 10.72 -59.80 -61.60
CA VAL Q 118 11.57 -60.00 -60.44
C VAL Q 118 11.55 -61.49 -60.08
N GLY Q 119 12.69 -61.99 -59.63
CA GLY Q 119 12.82 -63.37 -59.21
C GLY Q 119 13.27 -64.33 -60.28
N TYR Q 120 13.45 -63.89 -61.52
CA TYR Q 120 13.87 -64.80 -62.58
C TYR Q 120 15.29 -65.28 -62.37
N ASN Q 121 16.14 -64.48 -61.75
CA ASN Q 121 17.50 -64.91 -61.46
C ASN Q 121 17.46 -66.09 -60.49
N LYS Q 122 18.27 -67.12 -60.79
CA LYS Q 122 18.16 -68.37 -60.04
C LYS Q 122 18.51 -68.20 -58.58
N PHE Q 123 19.41 -67.27 -58.25
CA PHE Q 123 19.83 -67.07 -56.87
C PHE Q 123 18.96 -66.08 -56.11
N LEU Q 124 18.02 -65.41 -56.78
CA LEU Q 124 17.11 -64.45 -56.16
C LEU Q 124 15.71 -65.04 -55.99
N ARG Q 125 15.59 -66.36 -55.97
CA ARG Q 125 14.29 -67.02 -55.95
C ARG Q 125 13.73 -67.23 -54.56
N ASN Q 126 14.51 -66.94 -53.51
CA ASN Q 126 14.06 -67.07 -52.12
C ASN Q 126 13.99 -65.73 -51.41
N ILE Q 127 13.95 -64.63 -52.16
CA ILE Q 127 13.94 -63.29 -51.59
C ILE Q 127 12.51 -62.77 -51.66
N ILE Q 128 12.03 -62.21 -50.56
CA ILE Q 128 10.69 -61.69 -50.47
C ILE Q 128 10.72 -60.20 -50.82
N TYR Q 129 9.74 -59.76 -51.60
CA TYR Q 129 9.71 -58.43 -52.17
C TYR Q 129 8.48 -57.67 -51.66
N CYS Q 130 8.54 -56.34 -51.75
CA CYS Q 130 7.42 -55.50 -51.36
C CYS Q 130 7.31 -54.32 -52.31
N SER Q 131 6.08 -53.80 -52.42
CA SER Q 131 5.83 -52.55 -53.12
C SER Q 131 4.39 -52.14 -52.83
N LYS Q 132 4.19 -50.85 -52.58
CA LYS Q 132 2.86 -50.33 -52.28
C LYS Q 132 2.09 -50.21 -53.60
N ALA Q 133 1.10 -51.07 -53.78
CA ALA Q 133 0.36 -51.12 -55.03
C ALA Q 133 -0.56 -49.91 -55.15
N PRO Q 134 -1.08 -49.65 -56.36
CA PRO Q 134 -2.03 -48.54 -56.50
C PRO Q 134 -3.27 -48.69 -55.64
N ASP Q 135 -3.63 -49.91 -55.25
CA ASP Q 135 -4.73 -50.09 -54.31
C ASP Q 135 -4.45 -49.38 -52.99
N GLY Q 136 -3.18 -49.24 -52.63
CA GLY Q 136 -2.78 -48.65 -51.36
C GLY Q 136 -2.16 -49.63 -50.40
N TYR Q 137 -2.31 -50.92 -50.63
CA TYR Q 137 -1.74 -51.94 -49.77
C TYR Q 137 -0.32 -52.28 -50.21
N LEU Q 138 0.42 -52.90 -49.30
CA LEU Q 138 1.78 -53.34 -49.56
C LEU Q 138 1.75 -54.81 -49.93
N TYR Q 139 1.89 -55.10 -51.22
CA TYR Q 139 1.84 -56.46 -51.73
C TYR Q 139 3.21 -57.12 -51.61
N PHE Q 140 3.20 -58.44 -51.45
CA PHE Q 140 4.41 -59.24 -51.32
C PHE Q 140 4.43 -60.30 -52.41
N LYS Q 141 5.62 -60.58 -52.95
CA LYS Q 141 5.77 -61.55 -54.01
C LYS Q 141 7.12 -62.24 -53.87
N SER Q 142 7.14 -63.53 -54.20
CA SER Q 142 8.39 -64.29 -54.23
C SER Q 142 8.13 -65.61 -54.92
N TRP Q 143 9.22 -66.27 -55.32
CA TRP Q 143 9.15 -67.56 -56.00
C TRP Q 143 9.30 -68.75 -55.05
N ASN Q 144 9.68 -68.52 -53.80
CA ASN Q 144 9.82 -69.57 -52.81
C ASN Q 144 8.52 -69.71 -52.01
N PRO Q 145 7.67 -70.73 -52.29
CA PRO Q 145 6.31 -70.75 -51.72
C PRO Q 145 6.20 -70.57 -50.22
N GLN Q 146 7.31 -70.67 -49.48
CA GLN Q 146 7.27 -70.46 -48.04
C GLN Q 146 6.82 -69.06 -47.65
N PHE Q 147 6.89 -68.09 -48.55
CA PHE Q 147 6.61 -66.71 -48.13
C PHE Q 147 5.17 -66.56 -47.69
N LEU Q 148 4.26 -67.33 -48.30
CA LEU Q 148 2.84 -67.22 -47.99
C LEU Q 148 2.54 -67.56 -46.55
N HIS Q 149 3.41 -68.33 -45.88
CA HIS Q 149 3.22 -68.64 -44.48
C HIS Q 149 3.51 -67.44 -43.58
N LEU Q 150 4.29 -66.48 -44.05
CA LEU Q 150 4.61 -65.29 -43.26
C LEU Q 150 3.32 -64.57 -42.87
N GLU Q 151 3.25 -64.17 -41.59
CA GLU Q 151 2.01 -63.69 -41.00
C GLU Q 151 2.07 -62.25 -40.51
N LYS Q 152 3.25 -61.73 -40.16
CA LYS Q 152 3.34 -60.45 -39.49
C LYS Q 152 4.73 -59.87 -39.71
N VAL Q 153 4.80 -58.62 -40.15
CA VAL Q 153 6.05 -57.94 -40.42
C VAL Q 153 5.98 -56.52 -39.88
N SER Q 154 7.12 -55.85 -39.89
CA SER Q 154 7.26 -54.44 -39.56
C SER Q 154 7.84 -53.70 -40.75
N PHE Q 155 7.66 -52.38 -40.77
CA PHE Q 155 8.09 -51.57 -41.90
C PHE Q 155 8.62 -50.24 -41.38
N ASN Q 156 9.92 -50.01 -41.58
CA ASN Q 156 10.60 -48.79 -41.18
C ASN Q 156 10.89 -47.94 -42.41
N ALA Q 157 10.56 -46.66 -42.35
CA ALA Q 157 10.81 -45.75 -43.47
C ALA Q 157 10.50 -44.34 -43.02
N ILE Q 158 10.86 -43.38 -43.87
CA ILE Q 158 10.48 -41.99 -43.68
C ILE Q 158 9.15 -41.82 -44.41
N PHE Q 159 8.06 -41.93 -43.66
CA PHE Q 159 6.75 -41.99 -44.27
C PHE Q 159 6.28 -40.59 -44.66
N GLU Q 160 5.44 -40.55 -45.70
CA GLU Q 160 4.95 -39.27 -46.20
C GLU Q 160 4.11 -38.55 -45.16
N ASP Q 161 3.14 -39.25 -44.55
CA ASP Q 161 2.35 -38.72 -43.45
C ASP Q 161 2.89 -39.25 -42.14
N ALA Q 162 3.29 -38.34 -41.25
CA ALA Q 162 3.64 -38.76 -39.90
C ALA Q 162 2.42 -39.25 -39.14
N LYS Q 163 1.25 -38.67 -39.40
CA LYS Q 163 0.04 -39.05 -38.68
C LYS Q 163 -0.41 -40.46 -39.06
N GLU Q 164 -0.43 -40.76 -40.37
CA GLU Q 164 -0.87 -42.08 -40.79
C GLU Q 164 0.04 -43.18 -40.26
N ALA Q 165 1.34 -42.96 -40.30
CA ALA Q 165 2.25 -43.97 -39.78
C ALA Q 165 2.22 -44.02 -38.25
N SER Q 166 1.91 -42.88 -37.61
CA SER Q 166 1.78 -42.88 -36.16
C SER Q 166 0.56 -43.67 -35.71
N GLU Q 167 -0.51 -43.65 -36.50
CA GLU Q 167 -1.69 -44.44 -36.15
C GLU Q 167 -1.42 -45.93 -36.28
N MET Q 168 -0.57 -46.32 -37.24
CA MET Q 168 -0.21 -47.70 -37.47
C MET Q 168 1.04 -48.12 -36.73
N ALA Q 169 1.45 -47.38 -35.69
CA ALA Q 169 2.73 -47.64 -35.05
C ALA Q 169 2.71 -48.97 -34.30
N CYS Q 170 3.90 -49.52 -34.11
CA CYS Q 170 4.03 -50.80 -33.43
C CYS Q 170 3.66 -50.64 -31.95
N PRO Q 171 3.07 -51.66 -31.33
CA PRO Q 171 2.83 -51.57 -29.89
C PRO Q 171 4.14 -51.48 -29.12
N GLU Q 172 4.11 -50.73 -28.03
CA GLU Q 172 5.27 -50.57 -27.16
C GLU Q 172 5.20 -51.61 -26.04
N GLU Q 173 6.26 -51.64 -25.21
CA GLU Q 173 6.28 -52.58 -24.10
C GLU Q 173 5.18 -52.26 -23.10
N ASN Q 174 5.02 -50.99 -22.76
CA ASN Q 174 3.93 -50.59 -21.88
C ASN Q 174 2.57 -50.90 -22.50
N GLY Q 175 2.42 -50.57 -23.77
CA GLY Q 175 1.17 -50.81 -24.48
C GLY Q 175 1.01 -49.80 -25.60
N THR Q 176 -0.21 -49.74 -26.12
CA THR Q 176 -0.55 -48.75 -27.13
C THR Q 176 -0.76 -47.39 -26.47
N ILE Q 177 -0.40 -46.34 -27.20
CA ILE Q 177 -0.62 -44.96 -26.77
C ILE Q 177 -1.85 -44.46 -27.52
N CYS Q 178 -2.94 -44.24 -26.77
CA CYS Q 178 -4.22 -43.92 -27.40
C CYS Q 178 -4.19 -42.59 -28.13
N LYS Q 179 -3.59 -41.56 -27.54
CA LYS Q 179 -3.64 -40.22 -28.11
C LYS Q 179 -2.48 -40.00 -29.06
N LEU Q 180 -2.80 -39.55 -30.28
CA LEU Q 180 -1.77 -39.10 -31.21
C LEU Q 180 -0.88 -38.03 -30.58
N GLU Q 181 -1.43 -37.21 -29.69
CA GLU Q 181 -0.66 -36.12 -29.10
C GLU Q 181 0.45 -36.64 -28.20
N ASP Q 182 0.38 -37.90 -27.77
CA ASP Q 182 1.37 -38.48 -26.86
C ASP Q 182 2.41 -39.31 -27.60
N LYS Q 183 2.43 -39.27 -28.92
CA LYS Q 183 3.38 -40.03 -29.73
C LYS Q 183 4.53 -39.13 -30.15
N GLU Q 184 5.64 -39.77 -30.52
CA GLU Q 184 6.85 -39.03 -30.87
C GLU Q 184 6.75 -38.52 -32.30
N PHE Q 185 6.92 -37.21 -32.47
CA PHE Q 185 6.86 -36.62 -33.80
C PHE Q 185 8.11 -37.02 -34.58
N PRO Q 186 7.98 -37.54 -35.81
CA PRO Q 186 9.16 -38.04 -36.54
C PRO Q 186 9.94 -36.98 -37.33
N ILE Q 187 10.73 -36.18 -36.62
CA ILE Q 187 11.61 -35.19 -37.25
C ILE Q 187 12.79 -34.95 -36.34
N GLU Q 188 13.95 -34.72 -36.94
CA GLU Q 188 15.14 -34.39 -36.17
C GLU Q 188 15.02 -33.01 -35.53
N ASP Q 189 15.61 -32.86 -34.35
CA ASP Q 189 15.54 -31.59 -33.64
C ASP Q 189 16.30 -30.49 -34.37
N ALA Q 190 17.20 -30.83 -35.28
CA ALA Q 190 17.86 -29.82 -36.09
C ALA Q 190 16.94 -29.21 -37.12
N LEU Q 191 15.82 -29.88 -37.43
CA LEU Q 191 14.85 -29.41 -38.39
C LEU Q 191 13.61 -28.80 -37.74
N VAL Q 192 13.54 -28.76 -36.42
CA VAL Q 192 12.34 -28.32 -35.73
C VAL Q 192 12.21 -26.80 -35.77
N PRO Q 193 13.25 -26.00 -35.51
CA PRO Q 193 13.08 -24.54 -35.57
C PRO Q 193 12.65 -24.09 -36.96
N PRO Q 194 13.24 -24.62 -38.04
CA PRO Q 194 12.70 -24.30 -39.37
C PRO Q 194 11.23 -24.64 -39.54
N LEU Q 195 10.81 -25.79 -39.03
CA LEU Q 195 9.43 -26.22 -39.18
C LEU Q 195 8.48 -25.28 -38.43
N ILE Q 196 8.83 -24.94 -37.19
CA ILE Q 196 7.99 -24.04 -36.40
C ILE Q 196 7.95 -22.68 -37.07
N GLU Q 197 9.08 -22.21 -37.59
CA GLU Q 197 9.08 -20.91 -38.26
C GLU Q 197 8.16 -20.92 -39.47
N LEU Q 198 8.24 -21.97 -40.30
CA LEU Q 198 7.41 -22.03 -41.49
C LEU Q 198 5.92 -22.08 -41.13
N VAL Q 199 5.55 -22.88 -40.12
CA VAL Q 199 4.14 -22.99 -39.79
C VAL Q 199 3.62 -21.70 -39.15
N VAL Q 200 4.43 -21.08 -38.29
CA VAL Q 200 4.01 -19.84 -37.69
C VAL Q 200 3.88 -18.75 -38.75
N LYS Q 201 4.77 -18.74 -39.73
CA LYS Q 201 4.62 -17.81 -40.85
C LYS Q 201 3.38 -18.13 -41.67
N GLU Q 202 3.03 -19.41 -41.79
CA GLU Q 202 1.81 -19.78 -42.49
C GLU Q 202 0.58 -19.18 -41.83
N LEU Q 203 0.51 -19.24 -40.50
CA LEU Q 203 -0.69 -18.81 -39.78
C LEU Q 203 -0.61 -17.42 -39.16
N ARG Q 204 0.50 -16.68 -39.32
CA ARG Q 204 0.56 -15.36 -38.69
C ARG Q 204 -0.39 -14.37 -39.35
N GLY Q 205 -0.30 -14.22 -40.66
CA GLY Q 205 -1.15 -13.29 -41.38
C GLY Q 205 -2.63 -13.60 -41.23
N PRO Q 206 -3.00 -14.86 -41.47
CA PRO Q 206 -4.41 -15.24 -41.28
C PRO Q 206 -4.92 -15.04 -39.87
N GLU Q 207 -4.04 -15.12 -38.88
CA GLU Q 207 -4.48 -14.98 -37.49
C GLU Q 207 -5.13 -13.63 -37.23
N TYR Q 208 -4.72 -12.59 -37.96
CA TYR Q 208 -5.23 -11.25 -37.79
C TYR Q 208 -6.09 -10.78 -38.95
N SER Q 209 -6.56 -11.71 -39.78
CA SER Q 209 -7.35 -11.32 -40.94
C SER Q 209 -8.80 -11.07 -40.54
N PRO Q 210 -9.53 -10.25 -41.30
CA PRO Q 210 -10.94 -10.02 -40.98
C PRO Q 210 -11.80 -11.22 -41.29
N LYS Q 211 -12.93 -11.32 -40.60
CA LYS Q 211 -13.90 -12.38 -40.77
C LYS Q 211 -15.23 -11.79 -41.23
N ASP Q 212 -16.04 -12.62 -41.88
CA ASP Q 212 -17.41 -12.26 -42.24
C ASP Q 212 -18.26 -12.43 -40.99
N GLU Q 213 -18.30 -11.39 -40.17
CA GLU Q 213 -18.88 -11.51 -38.83
C GLU Q 213 -20.39 -11.35 -38.85
N ASP Q 214 -20.90 -10.36 -39.58
CA ASP Q 214 -22.33 -10.08 -39.56
C ASP Q 214 -23.13 -11.21 -40.20
N ASN Q 215 -24.28 -11.52 -39.60
CA ASN Q 215 -25.22 -12.49 -40.14
C ASN Q 215 -26.33 -11.72 -40.84
N ASN Q 216 -26.06 -11.33 -42.09
CA ASN Q 216 -26.95 -10.42 -42.82
C ASN Q 216 -27.17 -10.85 -44.26
N ALA Q 217 -26.94 -12.11 -44.60
CA ALA Q 217 -27.11 -12.60 -45.96
C ALA Q 217 -26.27 -11.78 -46.95
N LYS Q 218 -25.03 -11.51 -46.56
CA LYS Q 218 -24.15 -10.64 -47.34
C LYS Q 218 -22.71 -11.03 -47.08
N ASP Q 219 -21.86 -10.80 -48.08
CA ASP Q 219 -20.42 -10.97 -47.92
C ASP Q 219 -19.83 -9.68 -47.39
N ASP Q 220 -19.23 -9.75 -46.21
CA ASP Q 220 -18.73 -8.58 -45.49
C ASP Q 220 -17.21 -8.48 -45.51
N LEU Q 221 -16.53 -9.31 -46.30
CA LEU Q 221 -15.08 -9.30 -46.34
C LEU Q 221 -14.52 -8.09 -47.09
N PRO Q 222 -15.12 -7.65 -48.20
CA PRO Q 222 -14.60 -6.44 -48.86
C PRO Q 222 -14.59 -5.21 -47.96
N ASP Q 223 -15.49 -5.12 -46.99
CA ASP Q 223 -15.55 -4.01 -46.08
C ASP Q 223 -14.62 -4.16 -44.88
N ALA Q 224 -13.84 -5.24 -44.82
CA ALA Q 224 -12.94 -5.51 -43.70
C ALA Q 224 -13.73 -5.60 -42.39
N ARG Q 225 -14.71 -6.49 -42.39
CA ARG Q 225 -15.60 -6.66 -41.24
C ARG Q 225 -15.06 -7.70 -40.26
N MET R 1 -19.84 -3.94 2.96
CA MET R 1 -20.87 -3.11 3.64
C MET R 1 -22.18 -3.87 3.78
N THR R 2 -22.91 -3.61 4.86
CA THR R 2 -24.21 -4.20 5.11
C THR R 2 -25.30 -3.25 4.63
N ASN R 3 -26.55 -3.76 4.61
CA ASN R 3 -27.66 -2.98 4.11
C ASN R 3 -27.83 -1.69 4.89
N LYS R 4 -27.70 -1.76 6.21
CA LYS R 4 -27.71 -0.54 7.01
C LYS R 4 -26.58 0.39 6.57
N GLU R 5 -25.41 -0.16 6.27
CA GLU R 5 -24.30 0.67 5.84
C GLU R 5 -24.52 1.24 4.45
N PHE R 6 -25.06 0.44 3.51
CA PHE R 6 -25.47 1.01 2.23
C PHE R 6 -26.40 2.20 2.44
N SER R 7 -27.44 2.03 3.25
CA SER R 7 -28.41 3.11 3.42
C SER R 7 -27.76 4.34 4.03
N ASP R 8 -26.99 4.17 5.10
CA ASP R 8 -26.42 5.32 5.80
C ASP R 8 -25.39 6.03 4.93
N GLY R 9 -24.48 5.27 4.30
CA GLY R 9 -23.50 5.89 3.42
C GLY R 9 -24.15 6.56 2.24
N PHE R 10 -25.22 5.97 1.71
CA PHE R 10 -25.90 6.56 0.56
C PHE R 10 -26.54 7.89 0.95
N SER R 11 -27.18 7.93 2.12
CA SER R 11 -27.74 9.19 2.61
C SER R 11 -26.65 10.22 2.84
N THR R 12 -25.52 9.81 3.42
CA THR R 12 -24.43 10.73 3.65
C THR R 12 -23.89 11.30 2.34
N LEU R 13 -23.74 10.44 1.33
CA LEU R 13 -23.21 10.90 0.06
C LEU R 13 -24.17 11.83 -0.65
N LEU R 14 -25.48 11.60 -0.53
CA LEU R 14 -26.45 12.51 -1.11
C LEU R 14 -26.70 13.75 -0.26
N ASN R 15 -26.13 13.82 0.95
CA ASN R 15 -26.34 14.95 1.85
C ASN R 15 -27.83 15.11 2.16
N SER R 16 -28.50 13.99 2.41
CA SER R 16 -29.92 14.04 2.74
C SER R 16 -30.15 14.75 4.06
N PHE R 17 -31.20 15.55 4.11
CA PHE R 17 -31.56 16.32 5.31
C PHE R 17 -30.42 17.23 5.75
N GLY R 18 -29.68 17.77 4.78
CA GLY R 18 -28.73 18.82 5.03
C GLY R 18 -29.32 20.19 4.76
N ILE R 19 -28.56 21.22 5.12
CA ILE R 19 -29.06 22.58 4.97
C ILE R 19 -29.03 23.03 3.51
N THR R 20 -28.09 22.54 2.73
CA THR R 20 -28.05 22.86 1.30
C THR R 20 -29.11 22.03 0.57
N PRO R 21 -29.46 22.42 -0.66
CA PRO R 21 -30.37 21.58 -1.45
C PRO R 21 -29.81 20.19 -1.63
N ASN R 22 -30.68 19.19 -1.54
CA ASN R 22 -30.24 17.81 -1.52
C ASN R 22 -31.40 16.92 -1.98
N ILE R 23 -31.17 15.61 -1.94
CA ILE R 23 -32.15 14.62 -2.36
C ILE R 23 -32.29 13.60 -1.24
N THR R 24 -33.54 13.32 -0.86
CA THR R 24 -33.85 12.26 0.10
C THR R 24 -34.70 11.21 -0.59
N LEU R 25 -34.29 9.95 -0.48
CA LEU R 25 -34.91 8.85 -1.19
C LEU R 25 -35.45 7.84 -0.19
N ASP R 26 -36.52 7.16 -0.60
CA ASP R 26 -37.05 6.06 0.19
C ASP R 26 -36.12 4.86 0.07
N GLU R 27 -36.24 3.95 1.03
CA GLU R 27 -35.43 2.73 0.98
C GLU R 27 -35.73 1.91 -0.27
N TYR R 28 -36.96 2.00 -0.78
CA TYR R 28 -37.26 1.30 -2.03
C TYR R 28 -36.48 1.88 -3.19
N GLU R 29 -36.41 3.20 -3.29
CA GLU R 29 -35.62 3.80 -4.36
C GLU R 29 -34.13 3.55 -4.14
N LYS R 30 -33.67 3.53 -2.89
CA LYS R 30 -32.29 3.14 -2.63
C LYS R 30 -32.03 1.72 -3.15
N SER R 31 -32.96 0.80 -2.89
CA SER R 31 -32.80 -0.56 -3.39
C SER R 31 -32.79 -0.59 -4.91
N THR R 32 -33.71 0.16 -5.53
CA THR R 32 -33.80 0.18 -6.99
C THR R 32 -32.51 0.69 -7.61
N PHE R 33 -32.01 1.82 -7.12
CA PHE R 33 -30.82 2.42 -7.70
C PHE R 33 -29.58 1.59 -7.40
N LEU R 34 -29.49 1.02 -6.19
CA LEU R 34 -28.35 0.17 -5.87
C LEU R 34 -28.33 -1.07 -6.76
N THR R 35 -29.49 -1.69 -6.97
CA THR R 35 -29.54 -2.86 -7.85
C THR R 35 -29.19 -2.48 -9.28
N ASN R 36 -29.73 -1.36 -9.77
CA ASN R 36 -29.44 -0.93 -11.14
C ASN R 36 -27.95 -0.66 -11.31
N ALA R 37 -27.34 0.03 -10.35
CA ALA R 37 -25.91 0.27 -10.40
C ALA R 37 -25.14 -1.03 -10.37
N GLN R 38 -25.56 -1.98 -9.52
CA GLN R 38 -24.87 -3.26 -9.44
C GLN R 38 -24.88 -3.97 -10.79
N GLU R 39 -26.06 -4.14 -11.38
CA GLU R 39 -26.15 -4.88 -12.63
C GLU R 39 -25.44 -4.15 -13.76
N GLN R 40 -25.60 -2.83 -13.86
CA GLN R 40 -24.90 -2.09 -14.90
C GLN R 40 -23.39 -2.22 -14.74
N LEU R 41 -22.89 -2.10 -13.51
CA LEU R 41 -21.46 -2.18 -13.29
C LEU R 41 -20.91 -3.55 -13.66
N ILE R 42 -21.61 -4.62 -13.27
CA ILE R 42 -21.04 -5.93 -13.53
C ILE R 42 -21.20 -6.33 -15.00
N ILE R 43 -22.25 -5.87 -15.69
CA ILE R 43 -22.32 -6.09 -17.13
C ILE R 43 -21.22 -5.32 -17.85
N ASP R 44 -21.02 -4.06 -17.47
CA ASP R 44 -19.95 -3.27 -18.08
C ASP R 44 -18.58 -3.89 -17.82
N ILE R 45 -18.39 -4.48 -16.65
CA ILE R 45 -17.11 -5.07 -16.32
C ILE R 45 -16.91 -6.37 -17.09
N TYR R 46 -17.96 -7.19 -17.20
CA TYR R 46 -17.85 -8.42 -18.00
C TYR R 46 -17.54 -8.10 -19.45
N SER R 47 -18.23 -7.10 -20.01
CA SER R 47 -18.02 -6.76 -21.41
C SER R 47 -16.77 -5.92 -21.64
N GLY R 48 -16.15 -5.40 -20.57
CA GLY R 48 -14.97 -4.58 -20.74
C GLY R 48 -15.25 -3.18 -21.24
N ARG R 49 -16.48 -2.70 -21.12
CA ARG R 49 -16.86 -1.39 -21.62
C ARG R 49 -16.74 -0.29 -20.57
N ASN R 50 -16.36 -0.62 -19.34
CA ASN R 50 -16.18 0.38 -18.30
C ASN R 50 -14.86 1.10 -18.52
N ILE R 51 -14.92 2.41 -18.71
CA ILE R 51 -13.72 3.18 -19.00
C ILE R 51 -12.80 3.22 -17.77
N ILE R 52 -13.38 3.27 -16.57
CA ILE R 52 -12.58 3.44 -15.36
C ILE R 52 -11.68 2.22 -15.14
N TYR R 53 -12.23 1.01 -15.34
CA TYR R 53 -11.45 -0.21 -15.33
C TYR R 53 -10.87 -0.52 -16.71
N GLY R 54 -11.72 -0.55 -17.73
CA GLY R 54 -11.28 -0.91 -19.06
C GLY R 54 -10.74 -2.31 -19.14
N LYS R 55 -11.34 -3.24 -18.41
CA LYS R 55 -10.84 -4.59 -18.30
C LYS R 55 -11.99 -5.58 -18.40
N SER R 56 -11.68 -6.78 -18.89
CA SER R 56 -12.69 -7.78 -19.22
C SER R 56 -12.96 -8.70 -18.04
N PHE R 57 -13.62 -9.83 -18.30
CA PHE R 57 -14.24 -10.63 -17.24
C PHE R 57 -13.22 -11.16 -16.25
N GLU R 58 -12.07 -11.65 -16.72
CA GLU R 58 -11.06 -12.23 -15.83
C GLU R 58 -9.68 -11.77 -16.27
N GLN R 59 -9.57 -10.50 -16.65
CA GLN R 59 -8.35 -10.01 -17.27
C GLN R 59 -7.36 -9.46 -16.25
N THR R 60 -7.79 -9.19 -15.02
CA THR R 60 -6.89 -8.81 -13.94
C THR R 60 -7.42 -9.37 -12.62
N GLU R 61 -6.57 -9.32 -11.60
CA GLU R 61 -6.98 -9.75 -10.27
C GLU R 61 -8.09 -8.88 -9.70
N GLU R 62 -8.10 -7.60 -10.07
CA GLU R 62 -9.17 -6.70 -9.62
C GLU R 62 -10.54 -7.22 -10.08
N ILE R 63 -10.67 -7.50 -11.37
CA ILE R 63 -11.95 -7.97 -11.88
C ILE R 63 -12.26 -9.36 -11.36
N ARG R 64 -11.23 -10.19 -11.17
CA ARG R 64 -11.45 -11.49 -10.55
C ARG R 64 -12.11 -11.33 -9.19
N ARG R 65 -11.53 -10.50 -8.33
CA ARG R 65 -12.06 -10.31 -6.99
C ARG R 65 -13.40 -9.60 -6.99
N TYR R 66 -13.73 -8.88 -8.07
CA TYR R 66 -15.05 -8.24 -8.14
C TYR R 66 -16.13 -9.28 -8.43
N LEU R 67 -15.98 -10.03 -9.52
CA LEU R 67 -17.02 -10.94 -10.00
C LEU R 67 -16.74 -12.40 -9.67
N SER R 68 -15.94 -12.68 -8.65
CA SER R 68 -15.70 -14.08 -8.28
C SER R 68 -16.94 -14.73 -7.67
N ASN R 69 -17.81 -13.95 -7.05
CA ASN R 69 -18.94 -14.48 -6.32
C ASN R 69 -20.19 -14.66 -7.18
N LEU R 70 -20.09 -14.46 -8.49
CA LEU R 70 -21.19 -14.71 -9.40
C LEU R 70 -21.00 -15.95 -10.27
N VAL R 71 -19.79 -16.49 -10.35
CA VAL R 71 -19.52 -17.60 -11.26
C VAL R 71 -19.96 -18.89 -10.60
N GLU R 72 -20.85 -19.62 -11.27
CA GLU R 72 -21.39 -20.89 -10.80
C GLU R 72 -21.19 -21.94 -11.88
N THR R 73 -20.96 -23.19 -11.45
CA THR R 73 -20.72 -24.30 -12.35
C THR R 73 -21.91 -25.24 -12.32
N TYR R 74 -22.24 -25.82 -13.47
CA TYR R 74 -23.46 -26.59 -13.64
C TYR R 74 -23.19 -27.84 -14.46
N GLU R 75 -23.83 -28.94 -14.07
CA GLU R 75 -23.76 -30.21 -14.77
C GLU R 75 -25.16 -30.70 -15.09
N THR R 76 -25.31 -31.41 -16.21
CA THR R 76 -26.59 -31.97 -16.59
C THR R 76 -26.37 -33.08 -17.61
N SER R 77 -27.15 -34.15 -17.47
CA SER R 77 -27.14 -35.26 -18.42
C SER R 77 -28.51 -35.54 -19.02
N THR R 78 -29.53 -34.76 -18.67
CA THR R 78 -30.87 -34.93 -19.21
C THR R 78 -30.99 -34.14 -20.51
N LYS R 79 -31.46 -34.81 -21.56
CA LYS R 79 -31.62 -34.21 -22.88
C LYS R 79 -33.08 -33.97 -23.17
N VAL R 80 -33.41 -32.74 -23.57
CA VAL R 80 -34.76 -32.44 -23.99
C VAL R 80 -35.06 -33.19 -25.28
N THR R 81 -36.17 -33.92 -25.31
CA THR R 81 -36.42 -34.88 -26.38
C THR R 81 -37.03 -34.21 -27.62
N GLY R 82 -38.21 -33.61 -27.47
CA GLY R 82 -38.92 -33.11 -28.63
C GLY R 82 -38.56 -31.69 -29.01
N LYS R 83 -37.64 -31.55 -29.95
CA LYS R 83 -37.26 -30.26 -30.48
C LYS R 83 -36.77 -30.45 -31.91
N LEU R 84 -36.74 -29.34 -32.66
CA LEU R 84 -36.29 -29.33 -34.05
C LEU R 84 -34.91 -28.70 -34.10
N GLY R 85 -33.94 -29.41 -34.67
CA GLY R 85 -32.57 -28.97 -34.75
C GLY R 85 -32.07 -28.91 -36.18
N LEU R 86 -30.85 -28.41 -36.33
CA LEU R 86 -30.20 -28.25 -37.63
C LEU R 86 -29.27 -29.40 -37.96
N SER R 87 -29.47 -30.57 -37.37
CA SER R 87 -28.62 -31.72 -37.64
C SER R 87 -29.24 -32.95 -36.97
N LYS R 88 -29.00 -34.12 -37.57
CA LYS R 88 -29.49 -35.35 -36.98
C LYS R 88 -28.79 -35.62 -35.65
N ASP R 89 -27.49 -35.39 -35.58
CA ASP R 89 -26.71 -35.62 -34.36
C ASP R 89 -26.71 -34.37 -33.47
N SER R 90 -27.90 -33.87 -33.17
CA SER R 90 -28.08 -32.67 -32.37
C SER R 90 -28.90 -33.02 -31.14
N VAL R 91 -28.36 -32.67 -29.97
CA VAL R 91 -29.01 -32.91 -28.69
C VAL R 91 -29.21 -31.57 -28.00
N PHE R 92 -30.24 -31.49 -27.16
CA PHE R 92 -30.65 -30.26 -26.53
C PHE R 92 -30.58 -30.40 -25.01
N PHE R 93 -30.03 -29.39 -24.36
CA PHE R 93 -29.86 -29.36 -22.91
C PHE R 93 -30.44 -28.07 -22.36
N GLU R 94 -31.09 -28.18 -21.19
CA GLU R 94 -31.72 -27.03 -20.58
C GLU R 94 -30.71 -26.20 -19.79
N ILE R 95 -30.93 -24.89 -19.77
CA ILE R 95 -30.03 -23.94 -19.12
C ILE R 95 -30.57 -23.71 -17.70
N PRO R 96 -29.72 -23.43 -16.70
CA PRO R 96 -30.23 -23.32 -15.32
C PRO R 96 -31.24 -22.22 -15.07
N GLN R 97 -31.55 -21.36 -16.04
CA GLN R 97 -32.58 -20.32 -15.99
C GLN R 97 -32.13 -19.10 -15.18
N ASP R 98 -31.02 -19.18 -14.44
CA ASP R 98 -30.43 -18.03 -13.76
C ASP R 98 -29.15 -17.55 -14.42
N THR R 99 -28.76 -18.14 -15.55
CA THR R 99 -27.52 -17.75 -16.21
C THR R 99 -27.68 -16.37 -16.82
N TRP R 100 -26.59 -15.59 -16.80
CA TRP R 100 -26.45 -14.48 -17.70
C TRP R 100 -25.54 -14.79 -18.87
N PHE R 101 -24.28 -15.16 -18.60
CA PHE R 101 -23.29 -15.41 -19.64
C PHE R 101 -22.56 -16.71 -19.33
N ILE R 102 -22.36 -17.52 -20.36
CA ILE R 102 -21.63 -18.77 -20.27
C ILE R 102 -20.17 -18.49 -20.61
N THR R 103 -19.28 -18.80 -19.67
CA THR R 103 -17.86 -18.50 -19.82
C THR R 103 -17.00 -19.74 -20.05
N TYR R 104 -17.37 -20.87 -19.47
CA TYR R 104 -16.75 -22.15 -19.73
C TYR R 104 -17.85 -23.16 -20.02
N GLU R 105 -17.57 -24.10 -20.92
CA GLU R 105 -18.63 -24.98 -21.40
C GLU R 105 -17.99 -26.19 -22.04
N VAL R 106 -18.39 -27.38 -21.59
CA VAL R 106 -17.70 -28.62 -21.92
C VAL R 106 -18.72 -29.74 -22.02
N ALA R 107 -18.44 -30.71 -22.88
CA ALA R 107 -19.27 -31.90 -23.05
C ALA R 107 -18.40 -33.15 -22.98
N PHE R 108 -18.92 -34.18 -22.32
CA PHE R 108 -18.27 -35.47 -22.23
C PHE R 108 -18.97 -36.46 -23.17
N LEU R 109 -18.18 -37.23 -23.92
CA LEU R 109 -18.69 -38.11 -24.95
C LEU R 109 -18.60 -39.56 -24.50
N LYS R 110 -19.67 -40.31 -24.75
CA LYS R 110 -19.72 -41.76 -24.51
C LYS R 110 -20.21 -42.42 -25.80
N ASP R 111 -19.27 -42.84 -26.65
CA ASP R 111 -19.60 -43.56 -27.88
C ASP R 111 -18.60 -44.68 -28.07
N SER R 112 -19.10 -45.85 -28.48
CA SER R 112 -18.24 -46.99 -28.73
C SER R 112 -17.32 -46.78 -29.94
N ARG R 113 -17.60 -45.80 -30.78
CA ARG R 113 -16.77 -45.51 -31.94
C ARG R 113 -15.56 -44.64 -31.60
N LEU R 114 -15.34 -44.35 -30.32
CA LEU R 114 -14.22 -43.51 -29.89
C LEU R 114 -13.03 -44.35 -29.44
N GLY R 115 -13.08 -45.66 -29.63
CA GLY R 115 -11.95 -46.50 -29.27
C GLY R 115 -11.65 -46.41 -27.79
N CYS R 116 -10.38 -46.18 -27.46
CA CYS R 116 -9.95 -45.95 -26.09
C CYS R 116 -10.01 -44.49 -25.69
N LEU R 117 -10.46 -43.61 -26.58
CA LEU R 117 -10.77 -42.22 -26.24
C LEU R 117 -12.21 -42.04 -25.80
N ASP R 118 -12.68 -42.84 -24.85
CA ASP R 118 -14.03 -42.69 -24.32
C ASP R 118 -14.03 -41.72 -23.15
N GLY R 119 -15.13 -40.98 -23.03
CA GLY R 119 -15.18 -39.92 -22.04
C GLY R 119 -14.27 -38.76 -22.35
N ILE R 120 -13.87 -38.62 -23.61
CA ILE R 120 -12.96 -37.54 -24.00
C ILE R 120 -13.64 -36.21 -23.70
N GLU R 121 -12.96 -35.38 -22.92
CA GLU R 121 -13.47 -34.05 -22.60
C GLU R 121 -13.37 -33.16 -23.83
N ALA R 122 -14.51 -32.86 -24.46
CA ALA R 122 -14.56 -32.11 -25.69
C ALA R 122 -14.97 -30.67 -25.41
N SER R 123 -14.30 -29.72 -26.08
CA SER R 123 -14.62 -28.32 -25.90
C SER R 123 -15.89 -27.98 -26.67
N VAL R 124 -16.76 -27.21 -26.04
CA VAL R 124 -17.98 -26.74 -26.67
C VAL R 124 -17.68 -25.37 -27.28
N VAL R 125 -17.74 -25.28 -28.61
CA VAL R 125 -17.41 -24.07 -29.34
C VAL R 125 -18.73 -23.40 -29.74
N PRO R 126 -19.06 -22.22 -29.22
CA PRO R 126 -20.23 -21.50 -29.73
C PRO R 126 -19.99 -21.01 -31.14
N LEU R 127 -20.87 -21.41 -32.06
CA LEU R 127 -20.72 -21.10 -33.48
C LEU R 127 -21.87 -20.25 -33.98
N PRO R 128 -21.63 -19.25 -34.83
CA PRO R 128 -22.74 -18.54 -35.47
C PRO R 128 -23.42 -19.43 -36.50
N GLN R 129 -24.63 -19.01 -36.90
CA GLN R 129 -25.40 -19.79 -37.87
C GLN R 129 -24.92 -19.60 -39.30
N ASP R 130 -24.18 -18.53 -39.60
CA ASP R 130 -23.53 -18.46 -40.90
C ASP R 130 -22.53 -19.59 -41.07
N ASP R 131 -21.74 -19.86 -40.05
CA ASP R 131 -20.63 -20.79 -40.16
C ASP R 131 -21.06 -22.23 -40.08
N LEU R 132 -22.32 -22.51 -39.74
CA LEU R 132 -22.71 -23.87 -39.39
C LEU R 132 -22.64 -24.81 -40.60
N TYR R 133 -23.20 -24.39 -41.74
CA TYR R 133 -23.21 -25.27 -42.90
C TYR R 133 -21.80 -25.62 -43.34
N ARG R 134 -20.92 -24.62 -43.40
CA ARG R 134 -19.55 -24.85 -43.81
C ARG R 134 -18.67 -25.38 -42.69
N ALA R 135 -19.17 -25.39 -41.45
CA ALA R 135 -18.45 -26.00 -40.33
C ALA R 135 -18.85 -27.44 -40.08
N LYS R 136 -19.99 -27.88 -40.62
CA LYS R 136 -20.40 -29.28 -40.43
C LYS R 136 -19.37 -30.23 -41.05
N ASP R 137 -18.88 -29.91 -42.24
CA ASP R 137 -17.90 -30.73 -42.94
C ASP R 137 -16.46 -30.29 -42.69
N ASN R 138 -16.25 -29.24 -41.91
CA ASN R 138 -14.89 -28.81 -41.58
C ASN R 138 -14.22 -29.88 -40.72
N PRO R 139 -13.06 -30.42 -41.09
CA PRO R 139 -12.36 -31.35 -40.20
C PRO R 139 -11.47 -30.69 -39.17
N PHE R 140 -11.35 -29.36 -39.20
CA PHE R 140 -10.54 -28.61 -38.26
C PHE R 140 -11.34 -27.68 -37.37
N ARG R 141 -12.58 -27.35 -37.75
CA ARG R 141 -13.45 -26.49 -36.96
C ARG R 141 -14.83 -27.10 -36.73
N GLY R 142 -15.10 -28.27 -37.27
CA GLY R 142 -16.39 -28.91 -37.13
C GLY R 142 -16.45 -29.83 -35.94
N PRO R 143 -17.58 -30.51 -35.74
CA PRO R 143 -17.69 -31.45 -34.63
C PRO R 143 -16.68 -32.57 -34.76
N SER R 144 -16.14 -33.01 -33.62
CA SER R 144 -15.12 -34.04 -33.59
C SER R 144 -15.06 -34.61 -32.18
N LYS R 145 -14.05 -35.44 -31.93
CA LYS R 145 -13.81 -35.92 -30.58
C LYS R 145 -13.33 -34.81 -29.65
N ASP R 146 -12.80 -33.72 -30.20
CA ASP R 146 -12.27 -32.61 -29.42
C ASP R 146 -13.03 -31.31 -29.70
N ARG R 147 -14.26 -31.39 -30.20
CA ARG R 147 -15.00 -30.20 -30.54
C ARG R 147 -16.50 -30.51 -30.54
N VAL R 148 -17.28 -29.61 -29.98
CA VAL R 148 -18.73 -29.66 -30.03
C VAL R 148 -19.25 -28.27 -30.34
N LEU R 149 -20.23 -28.18 -31.23
CA LEU R 149 -20.79 -26.90 -31.65
C LEU R 149 -22.10 -26.66 -30.91
N ARG R 150 -22.19 -25.52 -30.24
CA ARG R 150 -23.37 -25.15 -29.46
C ARG R 150 -24.06 -23.96 -30.11
N LEU R 151 -25.38 -24.06 -30.27
CA LEU R 151 -26.20 -23.00 -30.83
C LEU R 151 -27.32 -22.66 -29.85
N ASP R 152 -27.51 -21.37 -29.58
CA ASP R 152 -28.59 -20.93 -28.73
C ASP R 152 -29.91 -20.88 -29.49
N ILE R 153 -30.99 -21.29 -28.83
CA ILE R 153 -32.32 -21.31 -29.41
C ILE R 153 -33.33 -20.90 -28.35
N LYS R 154 -34.60 -20.91 -28.71
CA LYS R 154 -35.65 -20.41 -27.85
C LYS R 154 -35.84 -21.34 -26.64
N SER R 155 -36.55 -20.81 -25.63
CA SER R 155 -36.88 -21.54 -24.41
C SER R 155 -35.64 -21.88 -23.59
N ASP R 156 -34.58 -21.08 -23.71
CA ASP R 156 -33.35 -21.25 -22.93
C ASP R 156 -32.80 -22.68 -23.09
N LEU R 157 -32.43 -22.99 -24.33
CA LEU R 157 -31.93 -24.31 -24.70
C LEU R 157 -30.57 -24.17 -25.38
N ALA R 158 -29.84 -25.28 -25.44
CA ALA R 158 -28.51 -25.31 -26.02
C ALA R 158 -28.43 -26.53 -26.95
N GLU R 159 -28.34 -26.27 -28.25
CA GLU R 159 -28.27 -27.34 -29.25
C GLU R 159 -26.81 -27.73 -29.43
N LEU R 160 -26.45 -28.90 -28.93
CA LEU R 160 -25.10 -29.43 -29.03
C LEU R 160 -25.03 -30.37 -30.23
N ILE R 161 -24.34 -29.94 -31.28
CA ILE R 161 -24.12 -30.77 -32.46
C ILE R 161 -22.77 -31.46 -32.30
N SER R 162 -22.78 -32.79 -32.30
CA SER R 162 -21.59 -33.58 -32.07
C SER R 162 -21.58 -34.79 -32.98
N LYS R 163 -20.37 -35.24 -33.33
CA LYS R 163 -20.23 -36.45 -34.13
C LYS R 163 -20.49 -37.70 -33.29
N TYR R 164 -20.21 -37.64 -32.00
CA TYR R 164 -20.39 -38.75 -31.08
C TYR R 164 -21.44 -38.40 -30.04
N ASN R 165 -21.95 -39.43 -29.38
CA ASN R 165 -22.98 -39.23 -28.36
C ASN R 165 -22.44 -38.39 -27.21
N VAL R 166 -23.29 -37.50 -26.69
CA VAL R 166 -22.94 -36.62 -25.59
C VAL R 166 -23.74 -37.07 -24.37
N ASP R 167 -23.03 -37.45 -23.31
CA ASP R 167 -23.66 -37.93 -22.09
C ASP R 167 -23.83 -36.84 -21.03
N LYS R 168 -22.88 -35.93 -20.93
CA LYS R 168 -22.86 -34.92 -19.86
C LYS R 168 -22.52 -33.57 -20.47
N TYR R 169 -22.85 -32.52 -19.72
CA TYR R 169 -22.68 -31.14 -20.19
C TYR R 169 -22.23 -30.28 -19.01
N LEU R 170 -20.93 -30.05 -18.94
CA LEU R 170 -20.31 -29.23 -17.89
C LEU R 170 -20.19 -27.80 -18.36
N MET R 171 -20.50 -26.85 -17.48
CA MET R 171 -20.56 -25.45 -17.88
C MET R 171 -20.38 -24.56 -16.65
N ARG R 172 -19.77 -23.41 -16.88
CA ARG R 172 -19.53 -22.40 -15.84
C ARG R 172 -19.99 -21.05 -16.38
N TYR R 173 -20.87 -20.39 -15.63
CA TYR R 173 -21.52 -19.17 -16.08
C TYR R 173 -21.49 -18.12 -14.98
N ILE R 174 -21.78 -16.88 -15.37
CA ILE R 174 -22.03 -15.80 -14.41
C ILE R 174 -23.49 -15.86 -14.01
N SER R 175 -23.74 -15.93 -12.71
CA SER R 175 -25.08 -16.18 -12.18
C SER R 175 -25.82 -14.88 -11.87
N GLN R 176 -27.12 -15.00 -11.71
CA GLN R 176 -27.93 -13.86 -11.28
C GLN R 176 -27.46 -13.40 -9.90
N PRO R 177 -27.13 -12.12 -9.72
CA PRO R 177 -26.80 -11.65 -8.38
C PRO R 177 -28.04 -11.44 -7.54
N THR R 178 -27.90 -11.67 -6.24
CA THR R 178 -28.97 -11.33 -5.32
C THR R 178 -29.14 -9.80 -5.29
N PRO R 179 -30.34 -9.27 -5.51
CA PRO R 179 -30.49 -7.81 -5.54
C PRO R 179 -30.17 -7.20 -4.19
N ILE R 180 -29.97 -5.88 -4.21
CA ILE R 180 -29.69 -5.12 -3.00
C ILE R 180 -31.01 -4.51 -2.55
N ILE R 181 -31.69 -5.20 -1.65
CA ILE R 181 -32.94 -4.74 -1.07
C ILE R 181 -32.68 -4.41 0.39
N LEU R 182 -32.77 -3.13 0.74
CA LEU R 182 -32.40 -2.67 2.06
C LEU R 182 -33.51 -2.82 3.10
N VAL R 183 -34.73 -3.10 2.67
CA VAL R 183 -35.86 -3.23 3.60
C VAL R 183 -36.83 -4.26 3.04
N ASP R 184 -37.38 -5.08 3.92
CA ASP R 184 -38.44 -5.99 3.52
C ASP R 184 -39.64 -5.23 2.95
N LEU R 185 -39.86 -5.39 1.66
CA LEU R 185 -40.81 -4.54 0.96
C LEU R 185 -42.24 -4.93 1.31
N PRO R 186 -43.20 -3.99 1.18
CA PRO R 186 -44.61 -4.35 1.42
C PRO R 186 -45.12 -5.36 0.42
N ASP R 187 -46.37 -5.79 0.59
CA ASP R 187 -46.97 -6.72 -0.33
C ASP R 187 -47.08 -6.09 -1.72
N GLY R 188 -46.74 -6.88 -2.73
CA GLY R 188 -46.82 -6.44 -4.12
C GLY R 188 -45.48 -6.02 -4.69
N LEU R 189 -44.67 -5.32 -3.89
CA LEU R 189 -43.39 -4.85 -4.38
C LEU R 189 -42.33 -5.95 -4.30
N SER R 190 -41.35 -5.85 -5.18
CA SER R 190 -40.22 -6.78 -5.23
C SER R 190 -39.22 -6.25 -6.24
N ILE R 191 -37.97 -6.66 -6.07
CA ILE R 191 -36.90 -6.35 -7.01
C ILE R 191 -36.32 -7.69 -7.47
N ASN R 192 -36.43 -7.96 -8.77
CA ASN R 192 -36.00 -9.24 -9.33
C ASN R 192 -36.72 -10.40 -8.65
N GLY R 193 -38.00 -10.20 -8.35
CA GLY R 193 -38.80 -11.25 -7.73
C GLY R 193 -38.53 -11.48 -6.28
N VAL R 194 -37.73 -10.65 -5.62
CA VAL R 194 -37.37 -10.79 -4.22
C VAL R 194 -38.08 -9.69 -3.45
N SER R 195 -38.76 -10.07 -2.36
CA SER R 195 -39.50 -9.13 -1.52
C SER R 195 -38.82 -8.84 -0.18
N THR R 196 -38.11 -9.80 0.40
CA THR R 196 -37.47 -9.59 1.68
C THR R 196 -36.13 -8.87 1.50
N GLU R 197 -35.45 -8.62 2.61
CA GLU R 197 -34.12 -8.03 2.53
C GLU R 197 -33.17 -8.99 1.82
N SER R 198 -32.23 -8.42 1.08
CA SER R 198 -31.32 -9.20 0.24
C SER R 198 -29.99 -8.47 0.16
N GLU R 199 -28.95 -9.08 0.71
CA GLU R 199 -27.63 -8.47 0.76
C GLU R 199 -26.84 -8.81 -0.50
N CYS R 200 -26.01 -7.85 -0.92
CA CYS R 200 -25.14 -8.07 -2.07
C CYS R 200 -24.17 -9.20 -1.78
N GLU R 201 -23.97 -10.07 -2.77
CA GLU R 201 -23.11 -11.24 -2.60
C GLU R 201 -21.70 -11.04 -3.14
N LEU R 202 -21.43 -9.93 -3.83
CA LEU R 202 -20.10 -9.66 -4.34
C LEU R 202 -19.15 -9.36 -3.19
N ASN R 203 -17.89 -9.09 -3.53
CA ASN R 203 -16.89 -8.76 -2.53
C ASN R 203 -17.10 -7.34 -2.02
N PRO R 204 -16.70 -7.04 -0.78
CA PRO R 204 -16.86 -5.67 -0.26
C PRO R 204 -16.08 -4.62 -1.04
N VAL R 205 -15.13 -5.00 -1.88
CA VAL R 205 -14.32 -4.00 -2.59
C VAL R 205 -15.18 -3.17 -3.52
N VAL R 206 -16.09 -3.83 -4.26
CA VAL R 206 -16.86 -3.15 -5.30
C VAL R 206 -18.16 -2.55 -4.78
N HIS R 207 -18.47 -2.75 -3.50
CA HIS R 207 -19.70 -2.19 -2.95
C HIS R 207 -19.71 -0.68 -3.02
N ARG R 208 -18.57 -0.05 -2.77
CA ARG R 208 -18.53 1.41 -2.80
C ARG R 208 -18.63 1.94 -4.22
N ALA R 209 -18.02 1.26 -5.19
CA ALA R 209 -18.23 1.66 -6.57
C ALA R 209 -19.70 1.56 -6.94
N ILE R 210 -20.37 0.50 -6.48
CA ILE R 210 -21.81 0.38 -6.67
C ILE R 210 -22.53 1.56 -6.01
N LEU R 211 -22.07 1.97 -4.83
CA LEU R 211 -22.71 3.07 -4.11
C LEU R 211 -22.64 4.37 -4.90
N GLU R 212 -21.43 4.73 -5.35
CA GLU R 212 -21.30 5.96 -6.14
C GLU R 212 -22.06 5.89 -7.46
N ARG R 213 -22.08 4.73 -8.12
CA ARG R 213 -22.87 4.63 -9.34
C ARG R 213 -24.35 4.80 -9.03
N ALA R 214 -24.83 4.24 -7.93
CA ALA R 214 -26.23 4.43 -7.54
C ALA R 214 -26.52 5.89 -7.25
N VAL R 215 -25.58 6.59 -6.61
CA VAL R 215 -25.79 8.01 -6.32
C VAL R 215 -25.90 8.80 -7.62
N GLN R 216 -25.02 8.53 -8.58
CA GLN R 216 -25.11 9.22 -9.86
C GLN R 216 -26.43 8.90 -10.57
N LEU R 217 -26.86 7.64 -10.50
CA LEU R 217 -28.13 7.28 -11.11
C LEU R 217 -29.29 8.04 -10.47
N ALA R 218 -29.28 8.16 -9.15
CA ALA R 218 -30.34 8.91 -8.47
C ALA R 218 -30.33 10.37 -8.87
N ILE R 219 -29.14 10.98 -8.95
CA ILE R 219 -29.05 12.38 -9.35
C ILE R 219 -29.59 12.56 -10.76
N ILE R 220 -29.24 11.64 -11.67
CA ILE R 220 -29.76 11.72 -13.03
C ILE R 220 -31.27 11.55 -13.02
N SER R 221 -31.77 10.67 -12.17
CA SER R 221 -33.21 10.42 -12.10
C SER R 221 -33.97 11.67 -11.69
N LYS R 222 -33.47 12.39 -10.67
CA LYS R 222 -34.16 13.58 -10.19
C LYS R 222 -33.83 14.85 -10.95
N THR R 223 -32.84 14.82 -11.84
CA THR R 223 -32.39 16.04 -12.52
C THR R 223 -32.20 15.77 -14.01
N GLN R 224 -33.18 15.13 -14.64
CA GLN R 224 -33.16 14.87 -16.08
C GLN R 224 -34.13 15.73 -16.86
N LEU R 225 -35.00 16.49 -16.18
CA LEU R 225 -35.84 17.49 -16.84
C LEU R 225 -35.48 18.92 -16.48
N THR R 226 -34.85 19.15 -15.34
CA THR R 226 -34.46 20.49 -14.94
C THR R 226 -33.40 21.04 -15.90
N MET S 1 -45.51 38.87 37.19
CA MET S 1 -46.34 40.02 37.63
C MET S 1 -47.72 39.52 38.04
N ASN S 2 -47.91 39.29 39.34
CA ASN S 2 -49.16 38.70 39.82
C ASN S 2 -50.35 39.59 39.48
N VAL S 3 -51.54 39.00 39.57
CA VAL S 3 -52.70 39.58 38.89
C VAL S 3 -53.13 40.91 39.51
N ASN S 4 -52.89 41.11 40.80
CA ASN S 4 -53.21 42.39 41.41
C ASN S 4 -52.48 43.52 40.69
N GLU S 5 -51.20 43.31 40.40
CA GLU S 5 -50.45 44.29 39.62
C GLU S 5 -51.00 44.39 38.20
N PHE S 6 -51.39 43.27 37.60
CA PHE S 6 -52.03 43.36 36.29
C PHE S 6 -53.17 44.36 36.30
N SER S 7 -54.07 44.23 37.28
CA SER S 7 -55.19 45.17 37.37
C SER S 7 -54.72 46.58 37.67
N ASN S 8 -53.76 46.75 38.59
CA ASN S 8 -53.36 48.09 38.99
C ASN S 8 -52.72 48.86 37.85
N GLU S 9 -51.69 48.29 37.21
CA GLU S 9 -51.15 48.95 36.03
C GLU S 9 -52.12 48.96 34.85
N PHE S 10 -53.10 48.07 34.79
CA PHE S 10 -54.12 48.22 33.74
C PHE S 10 -54.90 49.51 33.95
N ASP S 11 -55.31 49.77 35.20
CA ASP S 11 -55.98 51.04 35.49
C ASP S 11 -55.09 52.21 35.15
N VAL S 12 -53.81 52.13 35.57
CA VAL S 12 -52.88 53.24 35.38
C VAL S 12 -52.74 53.58 33.90
N LEU S 13 -52.56 52.55 33.06
CA LEU S 13 -52.38 52.79 31.64
C LEU S 13 -53.70 53.06 30.91
N TYR S 14 -54.84 52.70 31.49
CA TYR S 14 -56.11 52.84 30.78
C TYR S 14 -56.76 54.19 31.04
N ASN S 15 -57.04 54.51 32.30
CA ASN S 15 -57.89 55.67 32.61
C ASN S 15 -57.35 56.62 33.67
N ASN S 16 -56.45 56.19 34.54
CA ASN S 16 -56.04 57.06 35.64
C ASN S 16 -55.22 58.24 35.16
N ILE S 17 -54.61 58.17 33.98
CA ILE S 17 -53.82 59.26 33.43
C ILE S 17 -54.55 60.01 32.31
N MET S 18 -55.62 59.44 31.75
CA MET S 18 -56.38 60.10 30.70
C MET S 18 -56.80 61.51 31.13
N SER S 19 -56.87 62.42 30.16
CA SER S 19 -57.34 63.77 30.44
C SER S 19 -58.82 63.75 30.82
N ASN S 20 -59.66 63.16 29.96
CA ASN S 20 -61.08 62.98 30.22
C ASN S 20 -61.28 61.50 30.55
N ALA S 21 -61.16 61.17 31.83
CA ALA S 21 -61.11 59.77 32.25
C ALA S 21 -62.38 59.03 31.87
N ALA S 22 -62.20 57.84 31.30
CA ALA S 22 -63.30 56.96 31.00
C ALA S 22 -63.72 56.20 32.25
N PRO S 23 -64.92 55.61 32.25
CA PRO S 23 -65.31 54.78 33.40
C PRO S 23 -64.35 53.62 33.60
N GLY S 24 -64.00 53.37 34.86
CA GLY S 24 -63.15 52.25 35.17
C GLY S 24 -63.81 50.93 34.80
N LEU S 25 -62.98 49.97 34.44
CA LEU S 25 -63.47 48.67 34.00
C LEU S 25 -63.69 47.74 35.18
N ASN S 26 -64.70 46.89 35.05
CA ASN S 26 -64.94 45.85 36.03
C ASN S 26 -63.83 44.81 35.97
N GLU S 27 -63.70 44.05 37.06
CA GLU S 27 -62.66 43.03 37.10
C GLU S 27 -62.92 41.91 36.11
N TYR S 28 -64.19 41.57 35.86
CA TYR S 28 -64.50 40.60 34.82
C TYR S 28 -64.05 41.09 33.45
N GLU S 29 -64.32 42.36 33.16
CA GLU S 29 -63.93 42.92 31.87
C GLU S 29 -62.42 42.89 31.71
N LYS S 30 -61.69 43.26 32.77
CA LYS S 30 -60.24 43.24 32.72
C LYS S 30 -59.71 41.82 32.56
N SER S 31 -60.31 40.84 33.24
CA SER S 31 -59.88 39.46 33.09
C SER S 31 -60.11 38.97 31.67
N VAL S 32 -61.28 39.27 31.10
CA VAL S 32 -61.58 38.84 29.73
C VAL S 32 -60.59 39.46 28.76
N LEU S 33 -60.33 40.76 28.91
CA LEU S 33 -59.42 41.43 28.00
C LEU S 33 -58.00 40.91 28.15
N LEU S 34 -57.56 40.63 29.38
CA LEU S 34 -56.22 40.08 29.58
C LEU S 34 -56.09 38.70 28.96
N THR S 35 -57.12 37.85 29.11
CA THR S 35 -57.05 36.52 28.50
C THR S 35 -57.05 36.62 26.98
N LYS S 36 -57.88 37.50 26.42
CA LYS S 36 -57.87 37.70 24.97
C LYS S 36 -56.50 38.18 24.50
N ALA S 37 -55.90 39.13 25.23
CA ALA S 37 -54.56 39.60 24.87
C ALA S 37 -53.54 38.49 24.96
N GLN S 38 -53.68 37.61 25.96
CA GLN S 38 -52.78 36.48 26.10
C GLN S 38 -52.82 35.59 24.87
N GLU S 39 -54.02 35.18 24.47
CA GLU S 39 -54.13 34.31 23.30
C GLU S 39 -53.66 35.03 22.03
N GLU S 40 -54.02 36.31 21.90
CA GLU S 40 -53.60 37.07 20.72
C GLU S 40 -52.09 37.17 20.64
N ILE S 41 -51.42 37.41 21.77
CA ILE S 41 -49.97 37.55 21.76
C ILE S 41 -49.32 36.21 21.47
N VAL S 42 -49.85 35.13 22.02
CA VAL S 42 -49.29 33.81 21.73
C VAL S 42 -49.35 33.52 20.24
N LYS S 43 -50.50 33.79 19.62
CA LYS S 43 -50.62 33.55 18.19
C LYS S 43 -49.80 34.53 17.37
N ASN S 44 -49.65 35.78 17.85
CA ASN S 44 -48.78 36.75 17.18
C ASN S 44 -47.35 36.24 17.13
N TYR S 45 -46.85 35.75 18.26
CA TYR S 45 -45.44 35.42 18.38
C TYR S 45 -45.10 34.03 17.90
N PHE S 46 -46.10 33.15 17.74
CA PHE S 46 -45.80 31.83 17.21
C PHE S 46 -45.49 31.88 15.72
N GLU S 47 -46.25 32.69 14.97
CA GLU S 47 -46.12 32.73 13.52
C GLU S 47 -45.30 33.95 13.11
N PRO S 48 -44.24 33.81 12.30
CA PRO S 48 -43.42 35.00 11.99
C PRO S 48 -44.19 36.15 11.37
N ALA S 49 -45.14 35.86 10.47
CA ALA S 49 -45.84 36.95 9.80
C ALA S 49 -46.84 37.65 10.71
N GLY S 50 -47.08 37.14 11.91
CA GLY S 50 -48.03 37.76 12.83
C GLY S 50 -47.51 38.93 13.62
N ASN S 51 -46.20 39.18 13.61
CA ASN S 51 -45.59 40.30 14.32
C ASN S 51 -44.69 41.08 13.38
N LYS S 52 -44.30 42.27 13.82
CA LYS S 52 -43.54 43.17 12.95
C LYS S 52 -42.14 42.65 12.66
N TYR S 53 -41.56 41.88 13.59
CA TYR S 53 -40.19 41.41 13.40
C TYR S 53 -40.11 40.39 12.27
N GLY S 54 -41.15 39.60 12.06
CA GLY S 54 -41.05 38.49 11.13
C GLY S 54 -40.37 37.28 11.72
N LYS S 55 -40.42 37.11 13.04
CA LYS S 55 -39.75 36.02 13.74
C LYS S 55 -40.77 35.19 14.50
N GLY S 56 -40.61 33.87 14.42
CA GLY S 56 -41.58 32.91 14.92
C GLY S 56 -41.19 32.33 16.26
N LEU S 57 -41.33 31.00 16.38
CA LEU S 57 -41.20 30.36 17.68
C LEU S 57 -39.76 30.37 18.18
N ASP S 58 -38.82 29.99 17.32
CA ASP S 58 -37.41 29.81 17.71
C ASP S 58 -36.50 30.58 16.78
N ASP S 59 -36.91 31.78 16.39
CA ASP S 59 -36.14 32.62 15.48
C ASP S 59 -35.33 33.69 16.22
N SER S 60 -35.34 33.70 17.54
CA SER S 60 -34.52 34.61 18.32
C SER S 60 -34.56 34.16 19.78
N PRO S 61 -33.61 34.60 20.61
CA PRO S 61 -33.65 34.23 22.03
C PRO S 61 -34.94 34.65 22.71
N LYS S 62 -35.47 35.81 22.35
CA LYS S 62 -36.66 36.32 22.99
C LYS S 62 -37.85 35.40 22.76
N ARG S 63 -38.01 34.87 21.54
CA ARG S 63 -39.13 33.99 21.28
C ARG S 63 -38.99 32.68 22.03
N GLN S 64 -37.76 32.16 22.13
CA GLN S 64 -37.52 30.95 22.91
C GLN S 64 -37.93 31.16 24.36
N ILE S 65 -37.46 32.25 24.97
CA ILE S 65 -37.85 32.53 26.35
C ILE S 65 -39.34 32.85 26.45
N ASP S 66 -39.94 33.35 25.38
CA ASP S 66 -41.37 33.68 25.40
C ASP S 66 -42.20 32.42 25.59
N PHE S 67 -41.93 31.41 24.76
CA PHE S 67 -42.67 30.15 24.83
C PHE S 67 -42.04 29.13 25.77
N SER S 68 -40.95 29.47 26.46
CA SER S 68 -40.29 28.51 27.35
C SER S 68 -41.25 27.96 28.41
N GLU S 69 -41.95 28.83 29.13
CA GLU S 69 -42.83 28.39 30.21
C GLU S 69 -44.16 27.86 29.73
N LEU S 70 -44.34 27.71 28.41
CA LEU S 70 -45.56 27.16 27.83
C LEU S 70 -45.35 25.83 27.14
N ILE S 71 -44.10 25.44 26.88
CA ILE S 71 -43.83 24.18 26.21
C ILE S 71 -44.07 23.02 27.17
N LYS S 72 -44.57 21.91 26.64
CA LYS S 72 -44.84 20.73 27.44
C LYS S 72 -44.59 19.49 26.60
N VAL S 73 -44.17 18.41 27.26
CA VAL S 73 -43.91 17.13 26.62
C VAL S 73 -44.90 16.12 27.18
N GLY S 74 -45.66 15.49 26.28
CA GLY S 74 -46.62 14.48 26.68
C GLY S 74 -46.57 13.30 25.73
N GLU S 75 -47.38 12.28 26.04
CA GLU S 75 -47.45 11.06 25.26
C GLU S 75 -48.85 10.89 24.70
N GLY S 76 -48.93 10.23 23.54
CA GLY S 76 -50.21 9.90 22.95
C GLY S 76 -50.67 8.52 23.38
N VAL S 77 -51.94 8.41 23.70
CA VAL S 77 -52.54 7.18 24.20
C VAL S 77 -53.08 6.39 23.02
N LEU S 78 -52.70 5.12 22.93
CA LEU S 78 -53.22 4.25 21.89
C LEU S 78 -54.74 4.16 21.99
N ASN S 79 -55.41 4.41 20.87
CA ASN S 79 -56.87 4.45 20.84
C ASN S 79 -57.47 3.11 20.40
N THR S 80 -57.09 2.04 21.10
CA THR S 80 -57.74 0.75 20.96
C THR S 80 -58.87 0.56 21.97
N SER S 81 -59.21 1.61 22.73
CA SER S 81 -60.29 1.50 23.71
C SER S 81 -61.61 1.15 23.02
N ALA S 82 -61.89 1.77 21.89
CA ALA S 82 -63.08 1.54 21.10
C ALA S 82 -62.71 1.33 19.65
N PRO S 83 -63.57 0.70 18.85
CA PRO S 83 -63.29 0.58 17.42
C PRO S 83 -63.49 1.91 16.72
N THR S 84 -63.02 1.97 15.48
CA THR S 84 -63.10 3.18 14.68
C THR S 84 -62.83 2.80 13.23
N ILE S 85 -62.97 3.78 12.34
CA ILE S 85 -62.70 3.61 10.92
C ILE S 85 -61.54 4.55 10.55
N THR S 86 -60.37 3.97 10.33
CA THR S 86 -59.21 4.74 9.90
C THR S 86 -59.26 4.96 8.40
N PHE S 87 -58.73 6.10 7.97
CA PHE S 87 -58.60 6.34 6.53
C PHE S 87 -57.55 5.44 5.90
N ASP S 88 -56.60 4.93 6.68
CA ASP S 88 -55.55 4.05 6.19
C ASP S 88 -55.65 2.73 6.96
N LYS S 89 -55.61 1.61 6.22
CA LYS S 89 -55.74 0.31 6.86
C LYS S 89 -54.58 0.00 7.80
N ARG S 90 -53.45 0.69 7.64
CA ARG S 90 -52.20 0.35 8.32
C ARG S 90 -51.74 1.48 9.24
N ALA S 91 -52.68 2.29 9.73
CA ALA S 91 -52.38 3.39 10.64
C ALA S 91 -52.93 3.07 12.03
N LYS S 92 -52.15 3.39 13.05
CA LYS S 92 -52.55 3.20 14.44
C LYS S 92 -53.03 4.54 14.98
N VAL S 93 -54.18 4.53 15.64
CA VAL S 93 -54.81 5.76 16.13
C VAL S 93 -54.28 6.06 17.53
N TYR S 94 -53.84 7.30 17.74
CA TYR S 94 -53.32 7.77 19.02
C TYR S 94 -54.00 9.08 19.38
N ASP S 95 -54.31 9.25 20.66
CA ASP S 95 -55.01 10.42 21.16
C ASP S 95 -54.01 11.37 21.82
N LEU S 96 -54.01 12.63 21.37
CA LEU S 96 -53.12 13.62 21.93
C LEU S 96 -53.66 14.16 23.26
N PRO S 97 -52.83 14.84 24.05
CA PRO S 97 -53.32 15.39 25.31
C PRO S 97 -54.38 16.46 25.08
N ALA S 98 -55.22 16.65 26.10
CA ALA S 98 -56.34 17.57 25.98
C ALA S 98 -55.88 19.02 25.96
N ASP S 99 -54.91 19.37 26.80
CA ASP S 99 -54.47 20.76 26.95
C ASP S 99 -53.42 21.13 25.90
N LEU S 100 -53.73 20.87 24.64
CA LEU S 100 -52.80 21.04 23.53
C LEU S 100 -53.20 22.28 22.72
N PHE S 101 -52.27 23.21 22.57
CA PHE S 101 -52.45 24.42 21.77
C PHE S 101 -51.84 24.28 20.39
N LEU S 102 -50.56 23.90 20.32
CA LEU S 102 -49.85 23.77 19.06
C LEU S 102 -48.79 22.69 19.21
N VAL S 103 -48.60 21.91 18.16
CA VAL S 103 -47.60 20.85 18.12
C VAL S 103 -46.38 21.39 17.39
N ILE S 104 -45.20 21.23 17.99
CA ILE S 104 -43.96 21.67 17.39
C ILE S 104 -42.97 20.53 17.15
N ASN S 105 -43.09 19.41 17.85
CA ASN S 105 -42.23 18.26 17.62
C ASN S 105 -42.98 17.01 18.03
N GLU S 106 -42.89 15.98 17.18
CA GLU S 106 -43.46 14.67 17.45
C GLU S 106 -42.43 13.61 17.12
N ALA S 107 -42.50 12.50 17.84
CA ALA S 107 -41.57 11.40 17.63
C ALA S 107 -42.24 10.11 18.07
N VAL S 108 -41.84 9.01 17.43
CA VAL S 108 -42.39 7.69 17.72
C VAL S 108 -41.22 6.75 17.97
N ASP S 109 -41.31 5.96 19.02
CA ASP S 109 -40.27 5.00 19.39
C ASP S 109 -40.74 3.61 19.00
N THR S 110 -40.16 3.08 17.93
CA THR S 110 -40.49 1.76 17.43
C THR S 110 -39.42 0.75 17.82
N ASN S 111 -39.70 -0.52 17.54
CA ASN S 111 -38.68 -1.55 17.74
C ASN S 111 -37.47 -1.31 16.84
N ALA S 112 -37.69 -0.69 15.68
CA ALA S 112 -36.62 -0.40 14.73
C ALA S 112 -35.99 0.97 14.95
N GLY S 113 -36.07 1.51 16.16
CA GLY S 113 -35.45 2.78 16.50
C GLY S 113 -36.44 3.92 16.47
N THR S 114 -35.98 5.06 17.01
CA THR S 114 -36.80 6.26 17.06
C THR S 114 -36.88 6.92 15.69
N LYS S 115 -38.03 7.54 15.41
CA LYS S 115 -38.30 8.12 14.11
C LYS S 115 -39.09 9.42 14.29
N GLN S 116 -38.69 10.45 13.56
CA GLN S 116 -39.37 11.73 13.63
C GLN S 116 -40.65 11.71 12.81
N ILE S 117 -41.73 12.21 13.39
CA ILE S 117 -43.02 12.25 12.71
C ILE S 117 -43.08 13.52 11.86
N VAL S 118 -43.41 13.34 10.59
CA VAL S 118 -43.56 14.42 9.62
C VAL S 118 -45.06 14.59 9.34
N PRO S 119 -45.70 15.67 9.77
CA PRO S 119 -47.13 15.82 9.48
C PRO S 119 -47.39 16.12 8.01
N ILE S 120 -47.87 15.14 7.28
CA ILE S 120 -48.05 15.26 5.83
C ILE S 120 -49.40 15.88 5.54
N SER S 121 -49.44 16.74 4.54
CA SER S 121 -50.67 17.42 4.15
C SER S 121 -51.57 16.49 3.34
N TYR S 122 -52.81 16.92 3.15
CA TYR S 122 -53.74 16.13 2.35
C TYR S 122 -53.32 16.07 0.89
N SER S 123 -52.58 17.08 0.40
CA SER S 123 -52.03 16.99 -0.94
C SER S 123 -50.81 16.09 -0.99
N ASP S 124 -49.95 16.14 0.04
CA ASP S 124 -48.80 15.25 0.08
C ASP S 124 -49.23 13.82 0.28
N TYR S 125 -50.33 13.58 1.01
CA TYR S 125 -50.83 12.22 1.15
C TYR S 125 -51.21 11.64 -0.21
N THR S 126 -51.96 12.39 -1.00
CA THR S 126 -52.36 11.92 -2.32
C THR S 126 -51.15 11.72 -3.21
N ARG S 127 -50.17 12.64 -3.14
CA ARG S 127 -48.98 12.49 -3.97
C ARG S 127 -48.18 11.26 -3.58
N LEU S 128 -48.01 11.02 -2.28
CA LEU S 128 -47.15 9.94 -1.81
C LEU S 128 -47.81 8.58 -2.00
N MET S 129 -49.13 8.48 -1.84
CA MET S 129 -49.80 7.20 -2.02
C MET S 129 -50.05 6.87 -3.48
N SER S 130 -49.77 7.78 -4.41
CA SER S 130 -49.78 7.45 -5.83
C SER S 130 -48.50 6.77 -6.27
N ARG S 131 -47.48 6.71 -5.41
CA ARG S 131 -46.17 6.14 -5.65
C ARG S 131 -46.18 4.65 -5.35
N PRO S 132 -45.20 3.89 -5.85
CA PRO S 132 -45.21 2.44 -5.58
C PRO S 132 -44.96 2.06 -4.13
N TYR S 133 -44.09 2.79 -3.42
CA TYR S 133 -43.67 2.35 -2.10
C TYR S 133 -44.69 2.72 -1.03
N LYS S 134 -44.96 4.02 -0.86
CA LYS S 134 -46.01 4.51 0.02
C LYS S 134 -45.67 4.30 1.49
N GLU S 135 -44.41 4.47 1.85
CA GLU S 135 -43.95 4.37 3.23
C GLU S 135 -43.01 5.54 3.51
N PRO S 136 -42.82 5.89 4.79
CA PRO S 136 -41.90 6.99 5.12
C PRO S 136 -40.47 6.66 4.72
N VAL S 137 -39.63 7.70 4.80
CA VAL S 137 -38.19 7.54 4.63
C VAL S 137 -37.64 6.84 5.86
N LYS S 138 -36.35 6.48 5.81
CA LYS S 138 -35.72 5.63 6.82
C LYS S 138 -36.07 6.05 8.24
N TYR S 139 -35.67 7.27 8.63
CA TYR S 139 -35.75 7.71 10.02
C TYR S 139 -36.91 8.68 10.25
N GLN S 140 -38.06 8.47 9.61
CA GLN S 140 -39.20 9.33 9.83
C GLN S 140 -40.49 8.51 9.77
N ALA S 141 -41.57 9.15 10.21
CA ALA S 141 -42.91 8.58 10.16
C ALA S 141 -43.87 9.67 9.71
N TRP S 142 -45.04 9.25 9.24
CA TRP S 142 -46.05 10.14 8.72
C TRP S 142 -47.19 10.28 9.72
N ARG S 143 -47.95 11.36 9.57
CA ARG S 143 -49.05 11.63 10.48
C ARG S 143 -50.16 12.38 9.76
N ILE S 144 -51.39 11.93 9.98
CA ILE S 144 -52.58 12.61 9.48
C ILE S 144 -53.65 12.54 10.57
N ILE S 145 -54.41 13.61 10.73
CA ILE S 145 -55.44 13.69 11.75
C ILE S 145 -56.67 12.95 11.26
N THR S 146 -57.34 12.24 12.17
CA THR S 146 -58.51 11.42 11.87
C THR S 146 -59.69 11.96 12.65
N THR S 147 -60.79 11.20 12.64
CA THR S 147 -62.00 11.58 13.35
C THR S 147 -61.70 11.87 14.82
N SER S 148 -61.86 13.13 15.21
CA SER S 148 -61.50 13.60 16.54
C SER S 148 -62.74 14.04 17.28
N ILE S 149 -62.90 13.59 18.52
CA ILE S 149 -64.01 13.97 19.38
C ILE S 149 -63.46 14.30 20.77
N ASN S 150 -63.65 15.55 21.20
CA ASN S 150 -63.25 16.08 22.50
C ASN S 150 -61.73 16.20 22.66
N ASN S 151 -60.94 15.76 21.69
CA ASN S 151 -59.49 15.85 21.73
C ASN S 151 -58.98 15.34 20.39
N ILE S 152 -57.78 15.79 20.02
CA ILE S 152 -57.24 15.49 18.71
C ILE S 152 -56.83 14.03 18.66
N SER S 153 -57.42 13.27 17.74
CA SER S 153 -57.04 11.89 17.46
C SER S 153 -56.16 11.86 16.23
N VAL S 154 -55.12 11.03 16.28
CA VAL S 154 -54.02 11.10 15.32
C VAL S 154 -53.71 9.71 14.79
N GLU S 155 -53.49 9.61 13.48
CA GLU S 155 -53.10 8.37 12.82
C GLU S 155 -51.61 8.40 12.55
N LEU S 156 -50.90 7.37 13.02
CA LEU S 156 -49.47 7.22 12.78
C LEU S 156 -49.25 6.12 11.76
N ILE S 157 -48.53 6.43 10.69
CA ILE S 157 -48.20 5.49 9.63
C ILE S 157 -46.70 5.28 9.66
N VAL S 158 -46.28 4.06 9.99
CA VAL S 158 -44.87 3.70 10.02
C VAL S 158 -44.63 2.66 8.94
N ASN S 159 -43.36 2.31 8.75
CA ASN S 159 -43.00 1.29 7.78
C ASN S 159 -43.57 -0.07 8.22
N SER S 160 -43.64 -0.99 7.27
CA SER S 160 -44.19 -2.30 7.56
C SER S 160 -43.31 -3.06 8.55
N ASN S 161 -43.95 -3.94 9.32
CA ASN S 161 -43.26 -4.78 10.30
C ASN S 161 -42.55 -3.93 11.36
N GLU S 162 -43.19 -2.84 11.77
CA GLU S 162 -42.69 -1.98 12.83
C GLU S 162 -43.80 -1.74 13.84
N THR S 163 -43.48 -1.96 15.11
CA THR S 163 -44.43 -1.83 16.21
C THR S 163 -44.08 -0.60 17.03
N ILE S 164 -45.09 0.21 17.34
CA ILE S 164 -44.89 1.46 18.06
C ILE S 164 -44.96 1.17 19.55
N THR S 165 -43.93 1.62 20.28
CA THR S 165 -43.88 1.47 21.73
C THR S 165 -44.29 2.75 22.46
N ASP S 166 -43.74 3.88 22.05
CA ASP S 166 -44.05 5.18 22.65
C ASP S 166 -44.30 6.18 21.54
N TYR S 167 -45.07 7.22 21.87
CA TYR S 167 -45.40 8.30 20.94
C TYR S 167 -45.39 9.59 21.73
N LYS S 168 -44.26 10.30 21.70
CA LYS S 168 -44.06 11.52 22.47
C LYS S 168 -44.38 12.74 21.62
N VAL S 169 -45.07 13.70 22.22
CA VAL S 169 -45.44 14.95 21.57
C VAL S 169 -44.93 16.10 22.43
N ARG S 170 -44.06 16.93 21.85
CA ARG S 170 -43.61 18.17 22.47
C ARG S 170 -44.46 19.29 21.89
N TYR S 171 -45.35 19.84 22.71
CA TYR S 171 -46.35 20.79 22.25
C TYR S 171 -46.34 22.03 23.14
N ILE S 172 -47.14 23.01 22.72
CA ILE S 172 -47.31 24.26 23.46
C ILE S 172 -48.61 24.15 24.24
N ARG S 173 -48.51 24.22 25.56
CA ARG S 173 -49.69 24.04 26.40
C ARG S 173 -50.67 25.19 26.21
N ARG S 174 -51.95 24.88 26.34
CA ARG S 174 -53.00 25.89 26.25
C ARG S 174 -52.84 26.85 27.42
N PRO S 175 -52.70 28.17 27.20
CA PRO S 175 -52.50 29.07 28.35
C PRO S 175 -53.70 29.07 29.29
N ALA S 176 -53.41 29.15 30.58
CA ALA S 176 -54.48 29.32 31.55
C ALA S 176 -54.94 30.77 31.57
N PRO S 177 -56.21 31.03 31.91
CA PRO S 177 -56.70 32.41 31.86
C PRO S 177 -56.06 33.27 32.93
N ILE S 178 -56.12 34.58 32.71
CA ILE S 178 -55.69 35.57 33.69
C ILE S 178 -56.96 36.11 34.34
N ILE S 179 -57.16 35.77 35.61
CA ILE S 179 -58.31 36.22 36.40
C ILE S 179 -57.76 36.95 37.62
N THR S 180 -58.20 38.19 37.80
CA THR S 180 -57.67 39.00 38.89
C THR S 180 -58.29 38.63 40.24
N THR S 181 -59.62 38.52 40.27
CA THR S 181 -60.35 38.30 41.51
C THR S 181 -61.23 37.06 41.36
N ASN S 182 -61.59 36.48 42.49
CA ASN S 182 -62.56 35.40 42.51
C ASN S 182 -63.86 35.88 41.87
N LEU S 183 -64.19 35.33 40.71
CA LEU S 183 -65.38 35.76 39.99
C LEU S 183 -66.66 35.15 40.54
N SER S 184 -66.59 34.44 41.66
CA SER S 184 -67.81 33.92 42.27
C SER S 184 -68.69 35.07 42.74
N SER S 185 -69.99 34.94 42.51
CA SER S 185 -70.93 35.97 42.89
C SER S 185 -72.26 35.32 43.25
N GLU S 186 -73.04 36.03 44.08
CA GLU S 186 -74.35 35.52 44.46
C GLU S 186 -75.34 35.58 43.29
N TYR S 187 -75.12 36.52 42.37
CA TYR S 187 -76.00 36.69 41.22
C TYR S 187 -75.62 35.80 40.03
N GLY S 188 -74.59 34.96 40.17
CA GLY S 188 -74.21 34.05 39.12
C GLY S 188 -72.71 33.94 38.96
N ASP S 189 -72.19 32.71 38.94
CA ASP S 189 -70.77 32.49 38.78
C ASP S 189 -70.41 32.60 37.30
N VAL S 190 -69.53 33.54 36.98
CA VAL S 190 -69.04 33.72 35.61
C VAL S 190 -67.64 33.12 35.54
N THR S 191 -67.26 32.70 34.34
CA THR S 191 -65.98 32.06 34.09
C THR S 191 -65.35 32.65 32.83
N ILE S 192 -64.03 32.56 32.76
CA ILE S 192 -63.31 32.99 31.57
C ILE S 192 -63.12 31.83 30.60
N ASN S 193 -62.56 30.72 31.07
CA ASN S 193 -62.45 29.48 30.30
C ASN S 193 -62.87 28.30 31.18
N GLY S 194 -63.94 28.48 31.94
CA GLY S 194 -64.45 27.42 32.81
C GLY S 194 -63.90 27.44 34.21
N VAL S 195 -63.15 28.47 34.60
CA VAL S 195 -62.59 28.58 35.95
C VAL S 195 -62.94 29.97 36.49
N SER S 196 -63.43 30.00 37.73
CA SER S 196 -63.81 31.25 38.38
C SER S 196 -62.76 31.76 39.36
N THR S 197 -61.87 30.90 39.84
CA THR S 197 -60.92 31.28 40.87
C THR S 197 -59.84 32.20 40.29
N VAL S 198 -59.03 32.76 41.19
CA VAL S 198 -57.91 33.60 40.76
C VAL S 198 -56.93 32.76 39.98
N SER S 199 -56.50 33.28 38.83
CA SER S 199 -55.61 32.55 37.91
C SER S 199 -54.48 33.49 37.53
N GLU S 200 -53.25 33.13 37.90
CA GLU S 200 -52.08 33.91 37.55
C GLU S 200 -51.67 33.63 36.11
N CYS S 201 -50.97 34.60 35.52
CA CYS S 201 -50.37 34.41 34.20
C CYS S 201 -49.20 33.46 34.34
N GLU S 202 -49.35 32.24 33.83
CA GLU S 202 -48.35 31.19 34.01
C GLU S 202 -47.29 31.18 32.91
N LEU S 203 -47.07 32.31 32.26
CA LEU S 203 -46.05 32.46 31.24
C LEU S 203 -44.86 33.19 31.82
N ASN S 204 -43.78 33.24 31.04
CA ASN S 204 -42.58 33.91 31.50
C ASN S 204 -42.88 35.40 31.70
N PRO S 205 -42.31 36.07 32.73
CA PRO S 205 -42.61 37.49 32.94
C PRO S 205 -42.17 38.43 31.83
N ILE S 206 -41.48 37.91 30.81
CA ILE S 206 -40.98 38.78 29.75
C ILE S 206 -42.12 39.37 28.93
N ILE S 207 -43.18 38.60 28.70
CA ILE S 207 -44.29 39.03 27.84
C ILE S 207 -45.47 39.56 28.65
N HIS S 208 -45.34 39.69 29.96
CA HIS S 208 -46.45 40.20 30.76
C HIS S 208 -46.75 41.65 30.39
N SER S 209 -45.71 42.46 30.16
CA SER S 209 -45.92 43.83 29.73
C SER S 209 -46.62 43.90 28.38
N GLU S 210 -46.23 43.02 27.45
CA GLU S 210 -46.88 43.00 26.15
C GLU S 210 -48.34 42.59 26.29
N ILE S 211 -48.64 41.61 27.15
CA ILE S 211 -50.02 41.22 27.38
C ILE S 211 -50.81 42.39 27.94
N LEU S 212 -50.24 43.13 28.89
CA LEU S 212 -50.92 44.28 29.45
C LEU S 212 -51.18 45.35 28.39
N GLN S 213 -50.19 45.64 27.55
CA GLN S 213 -50.37 46.65 26.51
C GLN S 213 -51.45 46.22 25.53
N ARG S 214 -51.44 44.96 25.11
CA ARG S 214 -52.48 44.49 24.20
C ARG S 214 -53.85 44.56 24.86
N ALA S 215 -53.93 44.25 26.15
CA ALA S 215 -55.19 44.38 26.87
C ALA S 215 -55.68 45.82 26.86
N VAL S 216 -54.78 46.77 27.08
CA VAL S 216 -55.17 48.18 27.08
C VAL S 216 -55.65 48.59 25.69
N GLU S 217 -54.95 48.15 24.64
CA GLU S 217 -55.37 48.48 23.28
C GLU S 217 -56.75 47.91 22.97
N LEU S 218 -57.00 46.66 23.38
CA LEU S 218 -58.32 46.07 23.19
C LEU S 218 -59.38 46.85 23.96
N ALA S 219 -59.05 47.27 25.18
CA ALA S 219 -60.00 48.03 25.98
C ALA S 219 -60.36 49.34 25.31
N LYS S 220 -59.37 50.04 24.76
CA LYS S 220 -59.66 51.32 24.11
C LYS S 220 -60.41 51.13 22.80
N ALA S 221 -60.09 50.05 22.07
CA ALA S 221 -60.85 49.75 20.85
C ALA S 221 -62.30 49.46 21.17
N ALA S 222 -62.55 48.71 22.26
CA ALA S 222 -63.92 48.48 22.69
C ALA S 222 -64.59 49.78 23.12
N TYR S 223 -63.83 50.66 23.80
CA TYR S 223 -64.38 51.94 24.23
C TYR S 223 -64.84 52.77 23.05
N GLN S 224 -64.02 52.87 22.00
CA GLN S 224 -64.45 53.60 20.81
C GLN S 224 -65.66 52.91 20.17
N GLY S 225 -65.54 51.61 19.92
CA GLY S 225 -66.67 50.80 19.52
C GLY S 225 -67.14 50.99 18.09
N ASP S 226 -66.44 51.76 17.28
CA ASP S 226 -66.79 51.84 15.87
C ASP S 226 -66.29 50.62 15.13
N LEU S 227 -66.85 50.41 13.93
CA LEU S 227 -66.45 49.25 13.13
C LEU S 227 -64.98 49.33 12.75
N GLN S 228 -64.47 50.53 12.50
CA GLN S 228 -63.08 50.68 12.05
C GLN S 228 -62.11 50.12 13.07
N ALA S 229 -62.28 50.47 14.34
CA ALA S 229 -61.38 49.96 15.37
C ALA S 229 -61.49 48.45 15.50
N SER S 230 -62.71 47.91 15.47
CA SER S 230 -62.90 46.48 15.65
C SER S 230 -62.23 45.70 14.52
N VAL S 231 -62.40 46.14 13.27
CA VAL S 231 -61.78 45.43 12.16
C VAL S 231 -60.26 45.62 12.18
N GLU S 232 -59.79 46.82 12.52
CA GLU S 232 -58.36 47.09 12.50
C GLU S 232 -57.62 46.25 13.54
N LEU S 233 -58.16 46.17 14.75
CA LEU S 233 -57.52 45.35 15.79
C LEU S 233 -57.95 43.89 15.74
N GLY S 234 -58.93 43.54 14.91
CA GLY S 234 -59.26 42.15 14.70
C GLY S 234 -58.36 41.43 13.72
N GLN S 235 -57.57 42.19 12.95
CA GLN S 235 -56.60 41.56 12.06
C GLN S 235 -55.52 40.84 12.85
N ARG S 236 -55.26 41.25 14.07
CA ARG S 236 -54.22 40.68 14.90
C ARG S 236 -54.70 39.51 15.76
N SER S 237 -55.96 39.10 15.62
CA SER S 237 -56.39 37.86 16.26
C SER S 237 -55.60 36.68 15.71
N GLU S 238 -55.56 36.55 14.39
CA GLU S 238 -54.68 35.62 13.69
C GLU S 238 -54.96 34.15 14.00
N MET T 1 -71.94 86.15 66.18
CA MET T 1 -72.97 86.87 66.99
C MET T 1 -73.78 85.89 67.82
N ASN T 2 -74.04 86.24 69.07
CA ASN T 2 -74.86 85.43 69.95
C ASN T 2 -76.34 85.81 69.78
N VAL T 3 -77.19 85.13 70.54
CA VAL T 3 -78.64 85.25 70.36
C VAL T 3 -79.10 86.68 70.62
N ASN T 4 -78.60 87.30 71.69
CA ASN T 4 -78.98 88.67 71.98
C ASN T 4 -78.61 89.59 70.84
N GLU T 5 -77.44 89.38 70.24
CA GLU T 5 -77.06 90.20 69.10
C GLU T 5 -78.00 89.94 67.93
N PHE T 6 -78.19 88.68 67.54
CA PHE T 6 -79.11 88.35 66.45
C PHE T 6 -80.42 89.11 66.60
N SER T 7 -81.01 89.09 67.79
CA SER T 7 -82.22 89.87 68.02
C SER T 7 -81.95 91.36 67.83
N ASN T 8 -80.82 91.87 68.32
CA ASN T 8 -80.59 93.31 68.34
C ASN T 8 -80.37 93.87 66.94
N GLU T 9 -79.42 93.32 66.17
CA GLU T 9 -79.32 93.81 64.79
C GLU T 9 -80.49 93.39 63.91
N PHE T 10 -81.26 92.35 64.25
CA PHE T 10 -82.51 92.17 63.51
C PHE T 10 -83.42 93.35 63.74
N ASP T 11 -83.52 93.81 64.99
CA ASP T 11 -84.32 94.99 65.29
C ASP T 11 -83.80 96.21 64.56
N VAL T 12 -82.47 96.37 64.50
CA VAL T 12 -81.89 97.54 63.86
C VAL T 12 -82.17 97.54 62.36
N LEU T 13 -81.95 96.40 61.70
CA LEU T 13 -82.11 96.32 60.25
C LEU T 13 -83.55 96.17 59.79
N TYR T 14 -84.48 95.86 60.68
CA TYR T 14 -85.88 95.74 60.30
C TYR T 14 -86.75 96.89 60.81
N ASN T 15 -86.29 97.65 61.81
CA ASN T 15 -87.08 98.70 62.43
C ASN T 15 -88.36 98.14 63.04
N ASN T 16 -88.19 97.27 64.02
CA ASN T 16 -89.28 96.83 64.88
C ASN T 16 -89.20 97.57 66.21
N ILE T 17 -90.17 97.30 67.08
CA ILE T 17 -90.26 97.94 68.39
C ILE T 17 -89.99 96.88 69.45
N MET T 18 -89.00 97.14 70.30
CA MET T 18 -88.70 96.21 71.39
C MET T 18 -89.76 96.22 72.47
N SER T 19 -90.51 97.31 72.60
CA SER T 19 -91.54 97.41 73.62
C SER T 19 -92.64 96.40 73.36
N ASN T 20 -93.30 95.98 74.43
CA ASN T 20 -94.42 95.05 74.35
C ASN T 20 -95.78 95.75 74.37
N ALA T 21 -95.83 97.03 74.75
CA ALA T 21 -97.08 97.76 74.68
C ALA T 21 -97.59 97.80 73.24
N ALA T 22 -96.74 98.23 72.31
CA ALA T 22 -96.93 97.88 70.91
C ALA T 22 -96.31 96.50 70.70
N PRO T 23 -97.06 95.50 70.24
CA PRO T 23 -96.47 94.16 70.15
C PRO T 23 -95.22 94.11 69.29
N GLY T 24 -95.16 94.93 68.24
CA GLY T 24 -93.98 94.93 67.41
C GLY T 24 -93.78 93.58 66.77
N LEU T 25 -92.52 93.22 66.55
CA LEU T 25 -92.14 91.90 66.07
C LEU T 25 -91.46 91.17 67.21
N ASN T 26 -92.07 90.09 67.67
CA ASN T 26 -91.68 89.46 68.92
C ASN T 26 -90.56 88.45 68.68
N GLU T 27 -90.13 87.77 69.75
CA GLU T 27 -88.96 86.91 69.68
C GLU T 27 -89.25 85.56 69.04
N TYR T 28 -90.45 85.01 69.23
CA TYR T 28 -90.77 83.73 68.60
C TYR T 28 -90.74 83.84 67.08
N GLU T 29 -91.37 84.89 66.55
CA GLU T 29 -91.42 85.08 65.11
C GLU T 29 -90.04 85.34 64.53
N LYS T 30 -89.23 86.14 65.22
CA LYS T 30 -87.86 86.37 64.78
C LYS T 30 -87.05 85.08 64.80
N SER T 31 -87.24 84.25 65.84
CA SER T 31 -86.53 82.97 65.89
C SER T 31 -86.94 82.08 64.73
N VAL T 32 -88.24 82.03 64.42
CA VAL T 32 -88.72 81.21 63.32
C VAL T 32 -88.09 81.67 62.01
N LEU T 33 -88.08 82.98 61.79
CA LEU T 33 -87.52 83.51 60.55
C LEU T 33 -86.02 83.26 60.46
N LEU T 34 -85.30 83.42 61.57
CA LEU T 34 -83.86 83.16 61.55
C LEU T 34 -83.57 81.69 61.27
N THR T 35 -84.34 80.80 61.87
CA THR T 35 -84.21 79.38 61.54
C THR T 35 -84.40 79.17 60.05
N LYS T 36 -85.58 79.51 59.53
CA LYS T 36 -85.87 79.31 58.12
C LYS T 36 -84.76 79.89 57.24
N ALA T 37 -84.24 81.06 57.63
CA ALA T 37 -83.15 81.65 56.89
C ALA T 37 -81.90 80.77 56.91
N GLN T 38 -81.60 80.13 58.05
CA GLN T 38 -80.37 79.36 58.10
C GLN T 38 -80.48 78.07 57.29
N GLU T 39 -81.61 77.36 57.36
CA GLU T 39 -81.78 76.24 56.43
C GLU T 39 -81.78 76.70 54.97
N GLU T 40 -82.38 77.85 54.66
CA GLU T 40 -82.32 78.33 53.27
C GLU T 40 -80.87 78.59 52.85
N ILE T 41 -80.08 79.21 53.72
CA ILE T 41 -78.70 79.53 53.37
C ILE T 41 -77.89 78.26 53.17
N VAL T 42 -78.07 77.27 54.06
CA VAL T 42 -77.35 76.01 53.93
C VAL T 42 -77.70 75.33 52.61
N LYS T 43 -79.00 75.25 52.30
CA LYS T 43 -79.43 74.59 51.08
C LYS T 43 -78.93 75.32 49.84
N ASN T 44 -78.96 76.66 49.85
CA ASN T 44 -78.57 77.41 48.67
C ASN T 44 -77.06 77.40 48.47
N TYR T 45 -76.29 77.35 49.56
CA TYR T 45 -74.84 77.34 49.42
C TYR T 45 -74.27 75.97 49.16
N PHE T 46 -74.98 74.90 49.55
CA PHE T 46 -74.48 73.56 49.22
C PHE T 46 -74.61 73.31 47.72
N GLU T 47 -75.77 73.58 47.16
CA GLU T 47 -75.98 73.41 45.73
C GLU T 47 -75.32 74.56 44.99
N PRO T 48 -74.37 74.32 44.07
CA PRO T 48 -73.72 75.46 43.41
C PRO T 48 -74.69 76.36 42.66
N ALA T 49 -75.74 75.82 42.05
CA ALA T 49 -76.67 76.64 41.30
C ALA T 49 -77.64 77.41 42.18
N GLY T 50 -77.66 77.16 43.50
CA GLY T 50 -78.59 77.84 44.37
C GLY T 50 -78.18 79.26 44.73
N ASN T 51 -76.90 79.58 44.62
CA ASN T 51 -76.38 80.89 44.96
C ASN T 51 -76.11 81.69 43.68
N LYS T 52 -75.53 82.88 43.84
CA LYS T 52 -75.24 83.76 42.71
C LYS T 52 -73.89 83.50 42.07
N TYR T 53 -72.94 82.92 42.81
CA TYR T 53 -71.61 82.69 42.26
C TYR T 53 -71.52 81.41 41.45
N GLY T 54 -72.40 80.45 41.69
CA GLY T 54 -72.27 79.16 41.04
C GLY T 54 -71.26 78.26 41.70
N LYS T 55 -71.07 78.40 43.01
CA LYS T 55 -70.04 77.66 43.75
C LYS T 55 -70.70 76.90 44.89
N GLY T 56 -70.38 75.62 45.00
CA GLY T 56 -71.04 74.70 45.92
C GLY T 56 -70.31 74.55 47.23
N LEU T 57 -70.22 73.32 47.71
CA LEU T 57 -69.70 73.07 49.05
C LEU T 57 -68.22 73.39 49.14
N ASP T 58 -67.42 72.88 48.20
CA ASP T 58 -65.96 72.98 48.24
C ASP T 58 -65.42 73.66 47.00
N ASP T 59 -66.13 74.67 46.50
CA ASP T 59 -65.75 75.36 45.27
C ASP T 59 -65.01 76.68 45.52
N SER T 60 -64.72 77.01 46.78
CA SER T 60 -63.93 78.19 47.11
C SER T 60 -63.63 78.16 48.60
N PRO T 61 -62.63 78.93 49.06
CA PRO T 61 -62.31 78.91 50.50
C PRO T 61 -63.47 79.31 51.38
N LYS T 62 -64.23 80.32 50.94
CA LYS T 62 -65.36 80.79 51.74
C LYS T 62 -66.37 79.68 51.97
N ARG T 63 -66.66 78.89 50.92
CA ARG T 63 -67.64 77.82 51.07
C ARG T 63 -67.11 76.72 51.96
N GLN T 64 -65.81 76.47 51.92
CA GLN T 64 -65.24 75.47 52.83
C GLN T 64 -65.36 75.92 54.28
N ILE T 65 -65.15 77.21 54.55
CA ILE T 65 -65.36 77.71 55.90
C ILE T 65 -66.85 77.79 56.27
N ASP T 66 -67.74 77.90 55.29
CA ASP T 66 -69.15 78.07 55.60
C ASP T 66 -69.72 76.82 56.28
N PHE T 67 -69.49 75.65 55.69
CA PHE T 67 -69.99 74.40 56.22
C PHE T 67 -69.05 73.76 57.22
N SER T 68 -67.96 74.44 57.59
CA SER T 68 -66.94 73.81 58.41
C SER T 68 -67.49 73.37 59.76
N GLU T 69 -68.33 74.21 60.38
CA GLU T 69 -68.89 73.87 61.69
C GLU T 69 -69.95 72.79 61.62
N LEU T 70 -70.40 72.40 60.42
CA LEU T 70 -71.41 71.38 60.26
C LEU T 70 -70.86 70.02 59.88
N ILE T 71 -69.63 69.96 59.35
CA ILE T 71 -69.08 68.68 58.94
C ILE T 71 -68.94 67.78 60.14
N LYS T 72 -69.45 66.55 60.03
CA LYS T 72 -69.37 65.56 61.09
C LYS T 72 -69.05 64.21 60.47
N VAL T 73 -68.22 63.44 61.17
CA VAL T 73 -67.85 62.09 60.75
C VAL T 73 -68.42 61.13 61.77
N GLY T 74 -69.24 60.19 61.31
CA GLY T 74 -69.81 59.19 62.19
C GLY T 74 -69.98 57.89 61.46
N GLU T 75 -70.01 56.80 62.23
CA GLU T 75 -70.14 55.46 61.68
C GLU T 75 -71.60 55.06 61.55
N GLY T 76 -71.87 54.19 60.60
CA GLY T 76 -73.19 53.57 60.48
C GLY T 76 -73.25 52.30 61.30
N VAL T 77 -74.41 52.08 61.93
CA VAL T 77 -74.63 50.96 62.83
C VAL T 77 -75.47 49.92 62.10
N LEU T 78 -75.05 48.66 62.19
CA LEU T 78 -75.76 47.58 61.52
C LEU T 78 -77.20 47.51 62.01
N ASN T 79 -78.12 47.27 61.08
CA ASN T 79 -79.55 47.17 61.36
C ASN T 79 -80.01 45.72 61.47
N THR T 80 -79.15 44.84 62.00
CA THR T 80 -79.50 43.43 62.13
C THR T 80 -80.63 43.20 63.12
N SER T 81 -81.01 44.19 63.94
CA SER T 81 -82.09 44.01 64.88
C SER T 81 -83.40 43.68 64.16
N ALA T 82 -83.74 44.45 63.13
CA ALA T 82 -84.97 44.23 62.37
C ALA T 82 -84.70 43.32 61.19
N PRO T 83 -85.44 42.20 61.03
CA PRO T 83 -85.18 41.31 59.87
C PRO T 83 -86.01 41.68 58.65
N THR T 84 -85.68 42.84 58.07
CA THR T 84 -86.41 43.37 56.93
C THR T 84 -85.98 42.65 55.66
N ILE T 85 -86.46 43.13 54.51
CA ILE T 85 -86.18 42.54 53.20
C ILE T 85 -85.40 43.56 52.38
N THR T 86 -84.31 43.12 51.78
CA THR T 86 -83.44 43.96 50.96
C THR T 86 -83.71 43.72 49.49
N PHE T 87 -83.39 44.74 48.68
CA PHE T 87 -83.56 44.62 47.23
C PHE T 87 -82.40 43.91 46.56
N ASP T 88 -81.27 43.74 47.25
CA ASP T 88 -80.12 43.00 46.74
C ASP T 88 -79.84 41.81 47.64
N LYS T 89 -79.36 40.73 47.04
CA LYS T 89 -79.02 39.54 47.81
C LYS T 89 -77.87 39.80 48.78
N ARG T 90 -76.87 40.57 48.33
CA ARG T 90 -75.64 40.78 49.08
C ARG T 90 -75.61 42.14 49.76
N ALA T 91 -76.76 42.64 50.21
CA ALA T 91 -76.87 43.96 50.82
C ALA T 91 -76.96 43.82 52.33
N LYS T 92 -76.06 44.50 53.04
CA LYS T 92 -76.11 44.61 54.48
C LYS T 92 -76.73 45.97 54.83
N VAL T 93 -77.83 45.94 55.58
CA VAL T 93 -78.55 47.16 55.91
C VAL T 93 -77.85 47.86 57.06
N TYR T 94 -77.57 49.15 56.88
CA TYR T 94 -76.92 49.97 57.90
C TYR T 94 -77.75 51.21 58.15
N ASP T 95 -77.84 51.61 59.42
CA ASP T 95 -78.56 52.81 59.81
C ASP T 95 -77.62 54.00 59.88
N LEU T 96 -78.09 55.14 59.39
CA LEU T 96 -77.28 56.36 59.36
C LEU T 96 -77.56 57.20 60.60
N PRO T 97 -76.72 58.19 60.88
CA PRO T 97 -76.98 59.05 62.04
C PRO T 97 -78.30 59.79 61.92
N ALA T 98 -78.90 60.06 63.09
CA ALA T 98 -80.21 60.70 63.11
C ALA T 98 -80.13 62.16 62.67
N ASP T 99 -79.11 62.89 63.13
CA ASP T 99 -78.97 64.31 62.79
C ASP T 99 -78.24 64.50 61.47
N LEU T 100 -78.73 63.84 60.42
CA LEU T 100 -78.09 63.84 59.12
C LEU T 100 -78.83 64.78 58.18
N PHE T 101 -78.07 65.62 57.47
CA PHE T 101 -78.60 66.57 56.50
C PHE T 101 -78.19 66.22 55.07
N LEU T 102 -76.90 66.05 54.83
CA LEU T 102 -76.39 65.70 53.51
C LEU T 102 -75.13 64.87 53.68
N VAL T 103 -75.02 63.79 52.91
CA VAL T 103 -73.85 62.93 52.93
C VAL T 103 -72.91 63.35 51.81
N ILE T 104 -71.65 63.59 52.15
CA ILE T 104 -70.66 64.06 51.18
C ILE T 104 -69.53 63.07 50.96
N ASN T 105 -69.27 62.15 51.89
CA ASN T 105 -68.30 61.08 51.67
C ASN T 105 -68.72 59.86 52.48
N GLU T 106 -68.56 58.69 51.89
CA GLU T 106 -68.83 57.42 52.56
C GLU T 106 -67.74 56.44 52.19
N ALA T 107 -67.34 55.62 53.17
CA ALA T 107 -66.31 54.61 52.96
C ALA T 107 -66.60 53.41 53.84
N VAL T 108 -66.27 52.23 53.33
CA VAL T 108 -66.51 50.96 54.01
C VAL T 108 -65.19 50.23 54.10
N ASP T 109 -64.89 49.70 55.29
CA ASP T 109 -63.65 48.97 55.54
C ASP T 109 -63.96 47.48 55.56
N THR T 110 -63.48 46.77 54.55
CA THR T 110 -63.69 45.34 54.41
C THR T 110 -62.38 44.60 54.66
N ASN T 111 -62.46 43.27 54.66
CA ASN T 111 -61.26 42.46 54.76
C ASN T 111 -60.32 42.71 53.59
N ALA T 112 -60.87 42.97 52.40
CA ALA T 112 -60.04 43.30 51.25
C ALA T 112 -59.38 44.67 51.40
N GLY T 113 -60.06 45.61 52.04
CA GLY T 113 -59.50 46.92 52.27
C GLY T 113 -60.60 47.97 52.25
N THR T 114 -60.20 49.21 52.54
CA THR T 114 -61.14 50.32 52.50
C THR T 114 -61.58 50.58 51.07
N LYS T 115 -62.89 50.78 50.90
CA LYS T 115 -63.48 50.95 49.57
C LYS T 115 -64.46 52.11 49.61
N GLN T 116 -64.24 53.10 48.75
CA GLN T 116 -65.11 54.27 48.72
C GLN T 116 -66.48 53.90 48.18
N ILE T 117 -67.51 54.44 48.79
CA ILE T 117 -68.89 54.15 48.43
C ILE T 117 -69.37 55.13 47.38
N VAL T 118 -70.04 54.60 46.36
CA VAL T 118 -70.61 55.34 45.25
C VAL T 118 -72.13 55.29 45.40
N PRO T 119 -72.82 56.41 45.71
CA PRO T 119 -74.28 56.33 45.78
C PRO T 119 -74.88 56.15 44.39
N ILE T 120 -75.30 54.94 44.09
CA ILE T 120 -75.63 54.53 42.74
C ILE T 120 -77.11 54.81 42.49
N SER T 121 -77.41 55.47 41.38
CA SER T 121 -78.77 55.89 41.09
C SER T 121 -79.63 54.67 40.72
N TYR T 122 -80.95 54.90 40.73
CA TYR T 122 -81.88 53.82 40.41
C TYR T 122 -81.73 53.37 38.96
N SER T 123 -81.32 54.26 38.06
CA SER T 123 -81.11 53.86 36.67
C SER T 123 -79.82 53.06 36.53
N ASP T 124 -78.75 53.52 37.17
CA ASP T 124 -77.47 52.83 37.07
C ASP T 124 -77.52 51.45 37.71
N TYR T 125 -78.39 51.26 38.71
CA TYR T 125 -78.53 49.93 39.29
C TYR T 125 -79.03 48.94 38.25
N THR T 126 -80.06 49.32 37.49
CA THR T 126 -80.53 48.44 36.42
C THR T 126 -79.48 48.30 35.33
N ARG T 127 -78.78 49.38 35.01
CA ARG T 127 -77.83 49.34 33.92
C ARG T 127 -76.65 48.41 34.22
N LEU T 128 -76.05 48.55 35.40
CA LEU T 128 -74.89 47.73 35.76
C LEU T 128 -75.27 46.33 36.21
N MET T 129 -76.51 46.10 36.62
CA MET T 129 -76.96 44.77 37.00
C MET T 129 -77.56 43.99 35.83
N SER T 130 -77.55 44.56 34.62
CA SER T 130 -77.92 43.85 33.41
C SER T 130 -76.70 43.37 32.64
N ARG T 131 -75.58 43.14 33.34
CA ARG T 131 -74.32 42.75 32.73
C ARG T 131 -73.87 41.41 33.32
N PRO T 132 -72.85 40.75 32.74
CA PRO T 132 -72.42 39.46 33.28
C PRO T 132 -72.01 39.46 34.75
N TYR T 133 -71.06 40.31 35.14
CA TYR T 133 -70.45 40.16 36.45
C TYR T 133 -71.34 40.68 37.57
N LYS T 134 -71.83 41.91 37.43
CA LYS T 134 -72.75 42.51 38.41
C LYS T 134 -72.09 42.73 39.76
N GLU T 135 -70.87 43.24 39.76
CA GLU T 135 -70.17 43.63 40.97
C GLU T 135 -69.49 44.97 40.75
N PRO T 136 -69.20 45.72 41.81
CA PRO T 136 -68.55 47.02 41.62
C PRO T 136 -67.12 46.88 41.11
N VAL T 137 -66.46 48.00 40.82
CA VAL T 137 -65.05 47.98 40.48
C VAL T 137 -64.26 47.62 41.73
N LYS T 138 -62.96 47.35 41.56
CA LYS T 138 -62.18 46.74 42.64
C LYS T 138 -62.17 47.59 43.90
N TYR T 139 -62.14 48.91 43.77
CA TYR T 139 -61.90 49.83 44.88
C TYR T 139 -63.12 50.65 45.26
N GLN T 140 -64.33 50.19 44.89
CA GLN T 140 -65.54 50.91 45.22
C GLN T 140 -66.62 49.94 45.66
N ALA T 141 -67.62 50.49 46.34
CA ALA T 141 -68.82 49.78 46.73
C ALA T 141 -70.03 50.66 46.43
N TRP T 142 -71.18 50.04 46.28
CA TRP T 142 -72.42 50.73 45.95
C TRP T 142 -73.23 50.99 47.20
N ARG T 143 -74.25 51.83 47.06
CA ARG T 143 -75.14 52.16 48.16
C ARG T 143 -76.47 52.64 47.61
N ILE T 144 -77.55 52.02 48.06
CA ILE T 144 -78.90 52.43 47.69
C ILE T 144 -79.76 52.43 48.94
N ILE T 145 -80.58 53.46 49.10
CA ILE T 145 -81.43 53.59 50.27
C ILE T 145 -82.53 52.53 50.21
N THR T 146 -82.98 52.08 51.39
CA THR T 146 -83.99 51.03 51.49
C THR T 146 -85.05 51.43 52.49
N THR T 147 -85.91 50.48 52.87
CA THR T 147 -87.00 50.75 53.80
C THR T 147 -86.48 51.38 55.08
N SER T 148 -86.94 52.59 55.37
CA SER T 148 -86.48 53.37 56.51
C SER T 148 -87.66 53.75 57.39
N ILE T 149 -87.45 53.66 58.71
CA ILE T 149 -88.44 54.05 59.71
C ILE T 149 -87.82 55.08 60.62
N ASN T 150 -88.35 56.32 60.56
CA ASN T 150 -87.88 57.47 61.36
C ASN T 150 -86.35 57.61 61.36
N ASN T 151 -85.71 57.17 60.28
CA ASN T 151 -84.26 57.27 60.13
C ASN T 151 -83.95 57.13 58.64
N ILE T 152 -82.70 56.85 58.31
CA ILE T 152 -82.29 56.49 56.96
C ILE T 152 -81.53 55.19 57.03
N SER T 153 -81.99 54.18 56.29
CA SER T 153 -81.33 52.89 56.19
C SER T 153 -80.81 52.72 54.77
N VAL T 154 -79.59 52.22 54.64
CA VAL T 154 -78.89 52.14 53.37
C VAL T 154 -78.39 50.72 53.17
N GLU T 155 -78.63 50.17 51.97
CA GLU T 155 -78.09 48.88 51.59
C GLU T 155 -76.67 49.07 51.06
N LEU T 156 -75.71 48.38 51.65
CA LEU T 156 -74.32 48.44 51.23
C LEU T 156 -74.03 47.22 50.36
N ILE T 157 -74.03 47.42 49.04
CA ILE T 157 -73.80 46.36 48.08
C ILE T 157 -72.29 46.35 47.81
N VAL T 158 -71.57 45.59 48.61
CA VAL T 158 -70.14 45.39 48.42
C VAL T 158 -69.97 44.10 47.64
N ASN T 159 -68.79 43.92 47.04
CA ASN T 159 -68.53 42.73 46.25
C ASN T 159 -68.71 41.48 47.09
N SER T 160 -69.27 40.44 46.49
CA SER T 160 -69.39 39.16 47.17
C SER T 160 -68.00 38.65 47.55
N ASN T 161 -67.99 37.62 48.42
CA ASN T 161 -66.77 37.07 48.96
C ASN T 161 -66.03 38.06 49.85
N GLU T 162 -66.72 39.09 50.34
CA GLU T 162 -66.12 40.09 51.22
C GLU T 162 -67.11 40.44 52.32
N THR T 163 -66.57 40.84 53.47
CA THR T 163 -67.36 41.20 54.63
C THR T 163 -67.10 42.64 54.99
N ILE T 164 -68.10 43.29 55.59
CA ILE T 164 -68.02 44.69 55.99
C ILE T 164 -67.70 44.74 57.48
N THR T 165 -66.65 45.47 57.83
CA THR T 165 -66.25 45.66 59.22
C THR T 165 -66.64 47.04 59.76
N ASP T 166 -66.42 48.09 58.97
CA ASP T 166 -66.77 49.44 59.36
C ASP T 166 -67.46 50.15 58.21
N TYR T 167 -68.19 51.21 58.55
CA TYR T 167 -68.87 52.03 57.53
C TYR T 167 -68.87 53.47 58.05
N LYS T 168 -67.89 54.25 57.62
CA LYS T 168 -67.75 55.64 58.04
C LYS T 168 -68.55 56.55 57.13
N VAL T 169 -69.16 57.57 57.71
CA VAL T 169 -69.98 58.54 56.99
C VAL T 169 -69.53 59.92 57.39
N ARG T 170 -69.06 60.70 56.41
CA ARG T 170 -68.78 62.12 56.60
C ARG T 170 -69.93 62.91 55.98
N TYR T 171 -70.65 63.64 56.82
CA TYR T 171 -71.91 64.26 56.43
C TYR T 171 -72.01 65.65 57.03
N ILE T 172 -72.93 66.44 56.48
CA ILE T 172 -73.22 67.76 57.01
C ILE T 172 -74.30 67.61 58.07
N ARG T 173 -73.97 67.99 59.31
CA ARG T 173 -74.90 67.84 60.41
C ARG T 173 -76.10 68.76 60.24
N ARG T 174 -77.24 68.33 60.75
CA ARG T 174 -78.45 69.16 60.68
C ARG T 174 -78.25 70.40 61.55
N PRO T 175 -78.43 71.61 61.02
CA PRO T 175 -78.21 72.80 61.85
C PRO T 175 -79.20 72.85 63.01
N ALA T 176 -78.71 73.32 64.16
CA ALA T 176 -79.59 73.53 65.30
C ALA T 176 -80.31 74.86 65.15
N PRO T 177 -81.50 75.01 65.75
CA PRO T 177 -82.28 76.22 65.53
C PRO T 177 -81.62 77.45 66.13
N ILE T 178 -81.98 78.61 65.61
CA ILE T 178 -81.60 79.90 66.17
C ILE T 178 -82.79 80.40 66.96
N ILE T 179 -82.70 80.36 68.29
CA ILE T 179 -83.77 80.76 69.18
C ILE T 179 -83.24 81.90 70.04
N THR T 180 -83.89 83.06 69.95
CA THR T 180 -83.37 84.26 70.61
C THR T 180 -83.62 84.24 72.12
N THR T 181 -84.73 83.64 72.57
CA THR T 181 -85.06 83.63 73.98
C THR T 181 -85.81 82.36 74.31
N ASN T 182 -85.81 82.01 75.59
CA ASN T 182 -86.56 80.84 76.07
C ASN T 182 -88.03 81.01 75.73
N LEU T 183 -88.52 80.17 74.81
CA LEU T 183 -89.88 80.34 74.31
C LEU T 183 -90.92 80.03 75.38
N SER T 184 -90.61 79.11 76.30
CA SER T 184 -91.57 78.74 77.33
C SER T 184 -91.87 79.87 78.30
N SER T 185 -91.04 80.91 78.33
CA SER T 185 -91.25 82.00 79.28
C SER T 185 -92.59 82.70 79.04
N GLU T 186 -92.84 83.13 77.79
CA GLU T 186 -94.10 83.75 77.41
C GLU T 186 -94.95 82.87 76.53
N TYR T 187 -94.34 82.13 75.62
CA TYR T 187 -95.06 81.32 74.64
C TYR T 187 -95.23 79.93 75.23
N GLY T 188 -96.48 79.57 75.53
CA GLY T 188 -96.79 78.39 76.32
C GLY T 188 -96.07 77.11 75.96
N ASP T 189 -96.33 76.58 74.76
CA ASP T 189 -95.79 75.29 74.35
C ASP T 189 -95.37 75.29 72.90
N VAL T 190 -94.83 76.42 72.43
CA VAL T 190 -94.35 76.52 71.06
C VAL T 190 -92.94 75.95 70.99
N THR T 191 -92.58 75.43 69.81
CA THR T 191 -91.24 74.93 69.56
C THR T 191 -90.83 75.35 68.15
N ILE T 192 -89.55 75.17 67.84
CA ILE T 192 -88.98 75.51 66.54
C ILE T 192 -88.56 74.26 65.79
N ASN T 193 -87.78 73.39 66.43
CA ASN T 193 -87.49 72.05 65.93
C ASN T 193 -87.48 71.06 67.06
N GLY T 194 -88.47 71.16 67.96
CA GLY T 194 -88.48 70.39 69.17
C GLY T 194 -87.74 71.01 70.33
N VAL T 195 -87.11 72.16 70.14
CA VAL T 195 -86.38 72.86 71.17
C VAL T 195 -87.21 74.06 71.63
N SER T 196 -87.07 74.40 72.91
CA SER T 196 -87.73 75.56 73.49
C SER T 196 -86.79 76.52 74.19
N THR T 197 -85.56 76.11 74.51
CA THR T 197 -84.62 76.95 75.24
C THR T 197 -83.84 77.82 74.26
N VAL T 198 -82.84 78.53 74.78
CA VAL T 198 -82.02 79.41 73.96
C VAL T 198 -81.03 78.56 73.16
N SER T 199 -81.03 78.75 71.85
CA SER T 199 -80.22 77.95 70.93
C SER T 199 -79.28 78.89 70.17
N GLU T 200 -78.02 78.92 70.59
CA GLU T 200 -77.02 79.70 69.88
C GLU T 200 -76.74 79.07 68.51
N CYS T 201 -76.34 79.91 67.57
CA CYS T 201 -76.07 79.44 66.21
C CYS T 201 -74.82 78.56 66.21
N GLU T 202 -74.92 77.38 65.59
CA GLU T 202 -73.86 76.40 65.57
C GLU T 202 -72.94 76.55 64.36
N LEU T 203 -73.03 77.65 63.63
CA LEU T 203 -72.31 77.86 62.39
C LEU T 203 -71.15 78.82 62.60
N ASN T 204 -70.29 78.88 61.58
CA ASN T 204 -69.18 79.83 61.60
C ASN T 204 -69.73 81.25 61.59
N PRO T 205 -69.07 82.20 62.26
CA PRO T 205 -69.55 83.59 62.21
C PRO T 205 -69.57 84.19 60.82
N ILE T 206 -68.91 83.57 59.83
CA ILE T 206 -68.81 84.18 58.52
C ILE T 206 -70.18 84.27 57.85
N ILE T 207 -71.06 83.29 58.09
CA ILE T 207 -72.38 83.26 57.47
C ILE T 207 -73.46 83.78 58.39
N HIS T 208 -73.11 84.28 59.58
CA HIS T 208 -74.11 84.87 60.45
C HIS T 208 -74.75 86.10 59.80
N SER T 209 -73.94 86.91 59.14
CA SER T 209 -74.49 88.08 58.44
C SER T 209 -75.40 87.66 57.30
N GLU T 210 -75.03 86.62 56.56
CA GLU T 210 -75.90 86.11 55.49
C GLU T 210 -77.23 85.66 56.06
N ILE T 211 -77.19 84.93 57.17
CA ILE T 211 -78.42 84.44 57.79
C ILE T 211 -79.28 85.60 58.24
N LEU T 212 -78.68 86.61 58.86
CA LEU T 212 -79.44 87.75 59.33
C LEU T 212 -80.09 88.50 58.17
N GLN T 213 -79.34 88.73 57.10
CA GLN T 213 -79.90 89.44 55.95
C GLN T 213 -81.03 88.64 55.31
N ARG T 214 -80.85 87.33 55.18
CA ARG T 214 -81.91 86.50 54.60
C ARG T 214 -83.15 86.52 55.48
N ALA T 215 -82.97 86.47 56.81
CA ALA T 215 -84.10 86.54 57.72
C ALA T 215 -84.83 87.87 57.60
N VAL T 216 -84.07 88.97 57.46
CA VAL T 216 -84.69 90.28 57.31
C VAL T 216 -85.50 90.33 56.01
N GLU T 217 -84.94 89.81 54.92
CA GLU T 217 -85.67 89.78 53.66
C GLU T 217 -86.96 88.96 53.79
N LEU T 218 -86.87 87.79 54.42
CA LEU T 218 -88.06 86.98 54.62
C LEU T 218 -89.09 87.71 55.47
N ALA T 219 -88.63 88.42 56.51
CA ALA T 219 -89.55 89.17 57.36
C ALA T 219 -90.29 90.22 56.56
N LYS T 220 -89.55 90.99 55.76
CA LYS T 220 -90.18 92.05 54.98
C LYS T 220 -91.16 91.46 53.96
N ALA T 221 -90.76 90.40 53.27
CA ALA T 221 -91.63 89.83 52.25
C ALA T 221 -92.87 89.19 52.84
N ALA T 222 -92.75 88.59 54.03
CA ALA T 222 -93.92 87.99 54.67
C ALA T 222 -94.85 89.07 55.20
N TYR T 223 -94.31 90.10 55.85
CA TYR T 223 -95.16 91.19 56.33
C TYR T 223 -95.86 91.91 55.18
N GLN T 224 -95.22 92.01 54.02
CA GLN T 224 -95.92 92.60 52.88
C GLN T 224 -97.14 91.78 52.50
N GLY T 225 -97.00 90.46 52.49
CA GLY T 225 -98.11 89.58 52.23
C GLY T 225 -98.47 89.40 50.77
N ASP T 226 -97.79 90.10 49.87
CA ASP T 226 -98.05 89.95 48.45
C ASP T 226 -97.72 88.53 48.01
N LEU T 227 -98.60 87.95 47.19
CA LEU T 227 -98.34 86.62 46.64
C LEU T 227 -97.06 86.62 45.82
N GLN T 228 -96.85 87.67 45.02
CA GLN T 228 -95.70 87.72 44.13
C GLN T 228 -94.40 87.66 44.92
N ALA T 229 -94.31 88.42 46.01
CA ALA T 229 -93.11 88.38 46.85
C ALA T 229 -92.93 87.01 47.47
N SER T 230 -94.02 86.39 47.92
CA SER T 230 -93.92 85.07 48.53
C SER T 230 -93.39 84.04 47.54
N VAL T 231 -93.88 84.07 46.30
CA VAL T 231 -93.38 83.12 45.30
C VAL T 231 -91.93 83.41 44.96
N GLU T 232 -91.55 84.68 44.81
CA GLU T 232 -90.16 84.97 44.45
C GLU T 232 -89.19 84.56 45.54
N LEU T 233 -89.51 84.86 46.81
CA LEU T 233 -88.62 84.46 47.89
C LEU T 233 -88.83 83.02 48.33
N GLY T 234 -89.78 82.31 47.73
CA GLY T 234 -89.89 80.88 47.94
C GLY T 234 -88.98 80.11 47.00
N GLN T 235 -88.59 80.75 45.89
CA GLN T 235 -87.64 80.12 44.97
C GLN T 235 -86.30 79.86 45.64
N ARG T 236 -85.94 80.67 46.64
CA ARG T 236 -84.69 80.50 47.37
C ARG T 236 -84.85 79.63 48.61
N SER T 237 -85.87 78.78 48.64
CA SER T 237 -86.06 77.85 49.75
C SER T 237 -85.43 76.50 49.49
N GLU T 238 -84.65 76.36 48.41
CA GLU T 238 -84.06 75.09 48.03
C GLU T 238 -82.65 75.30 47.51
N MET U 1 -17.03 -103.61 -50.77
CA MET U 1 -16.01 -104.70 -50.88
C MET U 1 -14.62 -104.10 -50.75
N HIS U 2 -13.72 -104.78 -50.04
CA HIS U 2 -12.48 -104.17 -49.61
C HIS U 2 -11.38 -105.24 -49.55
N PHE U 3 -10.17 -104.78 -49.23
CA PHE U 3 -8.99 -105.64 -49.09
C PHE U 3 -8.68 -105.83 -47.61
N ASN U 4 -8.36 -107.06 -47.22
CA ASN U 4 -7.89 -107.34 -45.88
C ASN U 4 -6.37 -107.18 -45.77
N GLU U 5 -5.63 -107.91 -46.60
CA GLU U 5 -4.20 -107.66 -46.77
C GLU U 5 -3.87 -107.87 -48.24
N LEU U 6 -3.10 -106.94 -48.80
CA LEU U 6 -2.64 -107.01 -50.19
C LEU U 6 -1.15 -106.70 -50.16
N ARG U 7 -0.34 -107.75 -50.05
CA ARG U 7 1.09 -107.60 -49.77
C ARG U 7 1.86 -108.66 -50.54
N ILE U 8 3.12 -108.34 -50.85
CA ILE U 8 4.06 -109.29 -51.40
C ILE U 8 4.85 -109.90 -50.25
N SER U 9 5.01 -111.22 -50.27
CA SER U 9 5.59 -111.93 -49.14
C SER U 9 7.01 -111.45 -48.87
N GLN U 10 7.38 -111.45 -47.59
CA GLN U 10 8.72 -111.00 -47.19
C GLN U 10 9.82 -111.86 -47.81
N ASP U 11 9.52 -113.10 -48.16
CA ASP U 11 10.48 -113.96 -48.84
C ASP U 11 10.58 -113.68 -50.33
N ASN U 12 9.80 -112.72 -50.85
CA ASN U 12 9.85 -112.34 -52.26
C ASN U 12 9.52 -113.51 -53.17
N ARG U 13 8.61 -114.38 -52.73
CA ARG U 13 8.21 -115.56 -53.50
C ARG U 13 6.71 -115.69 -53.69
N PHE U 14 5.88 -115.05 -52.87
CA PHE U 14 4.43 -115.12 -53.00
C PHE U 14 3.84 -113.72 -53.04
N LEU U 15 2.72 -113.60 -53.73
CA LEU U 15 1.93 -112.38 -53.80
C LEU U 15 0.62 -112.64 -53.07
N ILE U 16 0.48 -112.05 -51.89
CA ILE U 16 -0.64 -112.36 -51.01
C ILE U 16 -1.82 -111.46 -51.35
N ILE U 17 -2.97 -112.09 -51.61
CA ILE U 17 -4.22 -111.39 -51.86
C ILE U 17 -5.28 -112.01 -50.96
N ASP U 18 -5.85 -111.21 -50.06
CA ASP U 18 -6.89 -111.67 -49.14
C ASP U 18 -8.02 -110.66 -49.19
N VAL U 19 -9.06 -110.97 -49.96
CA VAL U 19 -10.16 -110.06 -50.21
C VAL U 19 -11.32 -110.44 -49.32
N SER U 20 -12.19 -109.47 -49.04
CA SER U 20 -13.41 -109.73 -48.29
C SER U 20 -14.48 -108.75 -48.73
N VAL U 21 -15.73 -109.14 -48.54
CA VAL U 21 -16.89 -108.29 -48.79
C VAL U 21 -17.25 -107.60 -47.49
N ASP U 22 -17.73 -106.36 -47.61
CA ASP U 22 -18.01 -105.56 -46.42
C ASP U 22 -19.10 -106.21 -45.58
N ASN U 23 -19.03 -105.97 -44.27
CA ASN U 23 -19.90 -106.64 -43.30
C ASN U 23 -21.29 -106.02 -43.21
N GLN U 24 -21.55 -104.89 -43.88
CA GLN U 24 -22.82 -104.22 -43.70
C GLN U 24 -23.96 -105.07 -44.27
N ASP U 25 -25.17 -104.83 -43.74
CA ASP U 25 -26.27 -105.77 -43.89
C ASP U 25 -26.71 -105.97 -45.33
N TYR U 26 -26.53 -104.99 -46.20
CA TYR U 26 -27.11 -105.03 -47.55
C TYR U 26 -26.12 -105.48 -48.62
N PHE U 27 -24.99 -106.06 -48.25
CA PHE U 27 -24.22 -106.91 -49.16
C PHE U 27 -24.42 -108.40 -48.87
N GLU U 28 -25.56 -108.76 -48.29
CA GLU U 28 -25.84 -110.18 -48.06
C GLU U 28 -25.96 -110.93 -49.39
N ASP U 29 -26.60 -110.31 -50.38
CA ASP U 29 -26.75 -110.93 -51.70
C ASP U 29 -25.45 -110.89 -52.51
N VAL U 30 -24.53 -109.99 -52.17
CA VAL U 30 -23.33 -109.78 -52.97
C VAL U 30 -22.26 -110.79 -52.58
N LEU U 31 -21.53 -111.29 -53.59
CA LEU U 31 -20.47 -112.26 -53.40
C LEU U 31 -19.19 -111.76 -54.06
N LEU U 32 -18.15 -112.59 -54.09
CA LEU U 32 -16.93 -112.31 -54.84
C LEU U 32 -16.92 -113.09 -56.14
N ASP U 33 -16.45 -112.45 -57.21
CA ASP U 33 -16.59 -112.98 -58.58
C ASP U 33 -15.27 -113.49 -59.15
N SER U 34 -14.24 -112.65 -59.22
CA SER U 34 -13.02 -113.04 -59.90
C SER U 34 -11.88 -112.15 -59.43
N ILE U 35 -10.66 -112.59 -59.74
CA ILE U 35 -9.45 -111.84 -59.43
C ILE U 35 -8.61 -111.79 -60.70
N VAL U 36 -8.32 -110.58 -61.18
CA VAL U 36 -7.57 -110.36 -62.41
C VAL U 36 -6.32 -109.56 -62.06
N ILE U 37 -5.16 -110.07 -62.48
CA ILE U 37 -3.87 -109.48 -62.15
C ILE U 37 -3.28 -108.86 -63.41
N ASP U 38 -2.89 -107.59 -63.31
CA ASP U 38 -2.24 -106.87 -64.40
C ASP U 38 -0.96 -106.23 -63.88
N THR U 39 -0.02 -106.02 -64.79
CA THR U 39 1.26 -105.39 -64.49
C THR U 39 1.29 -104.00 -65.11
N GLN U 40 2.46 -103.34 -64.99
CA GLN U 40 2.64 -102.03 -65.60
C GLN U 40 2.67 -102.09 -67.13
N ASP U 41 2.76 -103.28 -67.72
CA ASP U 41 2.78 -103.41 -69.17
C ASP U 41 1.39 -103.56 -69.76
N THR U 42 0.49 -104.28 -69.08
CA THR U 42 -0.80 -104.66 -69.63
C THR U 42 -1.98 -103.90 -69.03
N PHE U 43 -1.74 -102.82 -68.30
CA PHE U 43 -2.83 -102.12 -67.64
C PHE U 43 -3.62 -101.32 -68.67
N VAL U 44 -4.92 -101.20 -68.45
CA VAL U 44 -5.74 -100.23 -69.16
C VAL U 44 -6.66 -99.53 -68.18
N MET U 45 -6.97 -98.28 -68.47
CA MET U 45 -7.81 -97.48 -67.58
C MET U 45 -9.19 -98.12 -67.41
N ASN U 46 -9.79 -98.55 -68.52
CA ASN U 46 -11.15 -99.11 -68.49
C ASN U 46 -11.06 -100.57 -68.05
N GLY U 47 -10.99 -100.77 -66.73
CA GLY U 47 -11.04 -102.09 -66.17
C GLY U 47 -9.83 -102.93 -66.53
N PRO U 48 -9.89 -104.24 -66.24
CA PRO U 48 -8.78 -105.11 -66.65
C PRO U 48 -8.65 -105.16 -68.16
N SER U 49 -7.42 -105.37 -68.61
CA SER U 49 -7.14 -105.42 -70.04
C SER U 49 -7.43 -106.82 -70.58
N ASP U 50 -7.30 -106.97 -71.89
CA ASP U 50 -7.21 -108.30 -72.49
C ASP U 50 -5.86 -108.92 -72.12
N ASN U 51 -5.65 -110.15 -72.60
CA ASN U 51 -4.50 -111.02 -72.34
C ASN U 51 -3.88 -110.77 -70.97
N PRO U 52 -4.66 -110.85 -69.87
CA PRO U 52 -4.11 -110.47 -68.56
C PRO U 52 -3.01 -111.41 -68.10
N LEU U 53 -2.40 -111.09 -66.96
CA LEU U 53 -1.32 -111.93 -66.43
C LEU U 53 -1.87 -113.19 -65.79
N TYR U 54 -2.98 -113.08 -65.06
CA TYR U 54 -3.49 -114.21 -64.28
C TYR U 54 -4.94 -113.94 -63.92
N ILE U 55 -5.85 -114.77 -64.41
CA ILE U 55 -7.28 -114.66 -64.11
C ILE U 55 -7.64 -115.76 -63.12
N TYR U 56 -8.55 -115.44 -62.20
CA TYR U 56 -8.99 -116.39 -61.18
C TYR U 56 -10.49 -116.27 -61.00
N ASN U 57 -11.19 -117.40 -61.08
CA ASN U 57 -12.64 -117.47 -60.89
C ASN U 57 -12.91 -118.28 -59.63
N VAL U 58 -13.71 -117.71 -58.71
CA VAL U 58 -13.73 -118.23 -57.34
C VAL U 58 -14.74 -119.37 -57.13
N GLU U 59 -15.70 -119.61 -58.03
CA GLU U 59 -16.48 -120.84 -57.88
C GLU U 59 -15.60 -122.07 -57.99
N ASP U 60 -14.49 -121.98 -58.72
CA ASP U 60 -13.67 -123.16 -58.97
C ASP U 60 -13.13 -123.74 -57.68
N ALA U 61 -12.71 -122.89 -56.74
CA ALA U 61 -12.13 -123.37 -55.50
C ALA U 61 -13.17 -124.11 -54.65
N TYR U 62 -14.32 -123.48 -54.43
CA TYR U 62 -15.30 -123.99 -53.48
C TYR U 62 -16.25 -124.98 -54.16
N ASP U 63 -17.02 -125.68 -53.34
CA ASP U 63 -17.99 -126.67 -53.80
C ASP U 63 -19.36 -126.38 -53.22
N THR U 91 -22.50 -120.56 -48.81
CA THR U 91 -22.27 -119.38 -49.64
C THR U 91 -21.34 -118.39 -48.94
N GLN U 92 -21.32 -118.43 -47.60
CA GLN U 92 -20.47 -117.52 -46.85
C GLN U 92 -18.98 -117.79 -47.08
N GLN U 93 -18.63 -119.01 -47.49
CA GLN U 93 -17.24 -119.27 -47.86
C GLN U 93 -16.82 -118.44 -49.07
N MET U 94 -17.77 -118.13 -49.96
CA MET U 94 -17.48 -117.37 -51.17
C MET U 94 -17.36 -115.86 -50.90
N LYS U 95 -17.75 -115.39 -49.71
CA LYS U 95 -17.62 -113.97 -49.39
C LYS U 95 -16.20 -113.60 -48.98
N ASN U 96 -15.37 -114.57 -48.62
CA ASN U 96 -13.98 -114.33 -48.24
C ASN U 96 -13.09 -115.27 -49.04
N VAL U 97 -11.99 -114.72 -49.56
CA VAL U 97 -11.06 -115.45 -50.41
C VAL U 97 -9.64 -115.06 -50.03
N ARG U 98 -8.73 -116.02 -50.17
CA ARG U 98 -7.32 -115.80 -49.90
C ARG U 98 -6.49 -116.52 -50.95
N LEU U 99 -5.58 -115.78 -51.59
CA LEU U 99 -4.71 -116.33 -52.62
C LEU U 99 -3.25 -116.07 -52.26
N GLU U 100 -2.39 -117.00 -52.69
CA GLU U 100 -0.94 -116.90 -52.51
C GLU U 100 -0.30 -117.42 -53.79
N LEU U 101 0.03 -116.49 -54.69
CA LEU U 101 0.52 -116.85 -56.02
C LEU U 101 2.05 -116.85 -56.01
N ASN U 102 2.63 -118.00 -56.32
CA ASN U 102 4.07 -118.06 -56.55
C ASN U 102 4.42 -117.15 -57.72
N ILE U 103 5.18 -116.08 -57.44
CA ILE U 103 5.40 -115.06 -58.44
C ILE U 103 6.23 -115.61 -59.60
N GLN U 104 7.14 -116.54 -59.31
CA GLN U 104 7.95 -117.12 -60.38
C GLN U 104 7.09 -117.91 -61.36
N ASP U 105 5.97 -118.47 -60.89
CA ASP U 105 5.07 -119.17 -61.80
C ASP U 105 4.36 -118.20 -62.74
N LEU U 106 4.21 -116.95 -62.34
CA LEU U 106 3.64 -115.92 -63.22
C LEU U 106 4.65 -115.42 -64.25
N LYS U 107 5.91 -115.81 -64.15
CA LYS U 107 6.93 -115.45 -65.14
C LYS U 107 7.15 -113.94 -65.18
N VAL U 108 7.21 -113.32 -64.00
CA VAL U 108 7.49 -111.89 -63.88
C VAL U 108 8.48 -111.68 -62.75
N SER U 109 9.16 -110.53 -62.78
CA SER U 109 10.17 -110.23 -61.79
C SER U 109 9.51 -109.70 -60.52
N PRO U 110 9.71 -110.34 -59.36
CA PRO U 110 9.07 -109.82 -58.13
C PRO U 110 9.61 -108.47 -57.70
N CYS U 111 10.80 -108.08 -58.13
CA CYS U 111 11.43 -106.85 -57.66
C CYS U 111 11.11 -105.64 -58.52
N SER U 112 10.87 -105.83 -59.81
CA SER U 112 10.67 -104.74 -60.76
C SER U 112 9.30 -104.80 -61.41
N THR U 113 8.30 -105.32 -60.70
CA THR U 113 6.94 -105.46 -61.21
C THR U 113 5.97 -104.76 -60.28
N MET U 114 5.01 -104.05 -60.86
CA MET U 114 3.94 -103.38 -60.13
C MET U 114 2.63 -104.05 -60.52
N PHE U 115 2.05 -104.81 -59.59
CA PHE U 115 0.86 -105.59 -59.88
C PHE U 115 -0.40 -104.80 -59.57
N PHE U 116 -1.39 -104.92 -60.45
CA PHE U 116 -2.72 -104.35 -60.28
C PHE U 116 -3.70 -105.49 -60.09
N VAL U 117 -4.44 -105.45 -58.98
CA VAL U 117 -5.31 -106.56 -58.58
C VAL U 117 -6.75 -106.06 -58.61
N TYR U 118 -7.50 -106.52 -59.60
CA TYR U 118 -8.93 -106.23 -59.70
C TYR U 118 -9.74 -107.32 -59.01
N VAL U 119 -10.94 -106.94 -58.57
CA VAL U 119 -11.90 -107.87 -57.98
C VAL U 119 -13.29 -107.45 -58.43
N LYS U 120 -14.19 -108.44 -58.54
CA LYS U 120 -15.56 -108.19 -58.97
C LYS U 120 -16.54 -108.95 -58.09
N SER U 121 -17.82 -108.57 -58.19
CA SER U 121 -18.83 -108.89 -57.19
C SER U 121 -19.84 -109.95 -57.65
N LYS U 122 -20.38 -109.79 -58.86
CA LYS U 122 -21.47 -110.62 -59.42
C LYS U 122 -22.64 -110.71 -58.42
N GLY U 123 -23.14 -109.55 -58.03
CA GLY U 123 -24.23 -109.55 -57.08
C GLY U 123 -24.89 -108.20 -56.90
N THR U 124 -26.22 -108.22 -56.77
CA THR U 124 -27.00 -107.00 -56.68
C THR U 124 -27.22 -106.65 -55.22
N PRO U 125 -26.83 -105.46 -54.74
CA PRO U 125 -27.17 -105.09 -53.36
C PRO U 125 -28.65 -104.77 -53.21
N SER U 126 -29.09 -104.49 -51.98
CA SER U 126 -30.49 -104.17 -51.76
C SER U 126 -30.80 -102.78 -52.32
N THR U 127 -32.07 -102.39 -52.19
CA THR U 127 -32.53 -101.09 -52.68
C THR U 127 -32.31 -99.97 -51.68
N ASP U 128 -31.83 -100.27 -50.47
CA ASP U 128 -31.60 -99.27 -49.44
C ASP U 128 -30.16 -98.79 -49.39
N THR U 129 -29.35 -99.12 -50.39
CA THR U 129 -27.95 -98.73 -50.39
C THR U 129 -27.81 -97.21 -50.47
N PRO U 130 -27.00 -96.58 -49.63
CA PRO U 130 -26.65 -95.17 -49.89
C PRO U 130 -25.85 -95.02 -51.17
N CYS U 131 -26.07 -93.88 -51.83
CA CYS U 131 -25.55 -93.68 -53.18
C CYS U 131 -24.02 -93.59 -53.18
N GLY U 132 -23.42 -94.17 -54.20
CA GLY U 132 -21.98 -94.20 -54.35
C GLY U 132 -21.31 -95.39 -53.72
N PHE U 133 -22.02 -96.13 -52.87
CA PHE U 133 -21.44 -97.32 -52.24
C PHE U 133 -21.55 -98.55 -53.12
N ASP U 134 -22.52 -98.60 -54.04
CA ASP U 134 -22.73 -99.75 -54.90
C ASP U 134 -21.74 -99.67 -56.06
N LYS U 135 -20.59 -100.31 -55.88
CA LYS U 135 -19.57 -100.39 -56.93
C LYS U 135 -19.04 -101.82 -56.95
N ASP U 136 -19.15 -102.48 -58.10
CA ASP U 136 -18.76 -103.88 -58.19
C ASP U 136 -17.25 -104.07 -58.07
N GLN U 137 -16.48 -103.15 -58.66
CA GLN U 137 -15.04 -103.34 -58.84
C GLN U 137 -14.24 -102.48 -57.88
N ILE U 138 -13.06 -102.98 -57.52
CA ILE U 138 -12.05 -102.23 -56.80
C ILE U 138 -10.69 -102.50 -57.45
N LEU U 139 -9.65 -101.88 -56.91
CA LEU U 139 -8.30 -102.06 -57.42
C LEU U 139 -7.31 -101.79 -56.31
N GLY U 140 -6.22 -102.55 -56.30
CA GLY U 140 -5.14 -102.35 -55.34
C GLY U 140 -3.79 -102.55 -55.96
N THR U 141 -2.92 -101.54 -55.86
CA THR U 141 -1.59 -101.61 -56.46
C THR U 141 -0.62 -102.27 -55.48
N VAL U 142 0.37 -102.97 -56.04
CA VAL U 142 1.35 -103.71 -55.26
C VAL U 142 2.73 -103.45 -55.83
N ILE U 143 3.71 -103.28 -54.94
CA ILE U 143 5.12 -103.21 -55.31
C ILE U 143 5.94 -103.88 -54.21
N ASN U 144 7.21 -104.11 -54.50
CA ASN U 144 8.14 -104.71 -53.55
C ASN U 144 8.89 -103.61 -52.81
N LEU U 145 8.78 -103.62 -51.48
CA LEU U 145 9.41 -102.61 -50.65
C LEU U 145 10.86 -102.96 -50.28
N GLN U 146 11.30 -104.18 -50.57
CA GLN U 146 12.69 -104.54 -50.29
C GLN U 146 13.70 -103.69 -51.04
N PRO U 147 13.60 -103.49 -52.35
CA PRO U 147 14.57 -102.60 -53.02
C PRO U 147 14.55 -101.18 -52.46
N ILE U 148 13.38 -100.66 -52.12
CA ILE U 148 13.31 -99.33 -51.53
C ILE U 148 13.99 -99.31 -50.18
N TYR U 149 13.79 -100.37 -49.39
CA TYR U 149 14.46 -100.47 -48.10
C TYR U 149 15.98 -100.50 -48.27
N LYS U 150 16.46 -101.25 -49.25
CA LYS U 150 17.90 -101.31 -49.49
C LYS U 150 18.45 -99.96 -49.93
N GLN U 151 17.71 -99.24 -50.78
CA GLN U 151 18.15 -97.92 -51.18
C GLN U 151 18.21 -96.96 -50.00
N THR U 152 17.20 -97.00 -49.13
CA THR U 152 17.22 -96.14 -47.95
C THR U 152 18.40 -96.48 -47.05
N LEU U 153 18.68 -97.78 -46.87
CA LEU U 153 19.83 -98.17 -46.06
C LEU U 153 21.13 -97.69 -46.66
N LYS U 154 21.27 -97.80 -47.99
CA LYS U 154 22.48 -97.31 -48.65
C LYS U 154 22.64 -95.81 -48.47
N TYR U 155 21.56 -95.05 -48.64
CA TYR U 155 21.65 -93.60 -48.48
C TYR U 155 21.94 -93.23 -47.04
N LEU U 156 21.39 -93.96 -46.07
CA LEU U 156 21.71 -93.70 -44.68
C LEU U 156 23.17 -94.00 -44.39
N LYS U 157 23.71 -95.05 -45.00
CA LYS U 157 25.13 -95.33 -44.86
C LYS U 157 25.96 -94.17 -45.42
N GLU U 158 25.55 -93.63 -46.57
CA GLU U 158 26.23 -92.45 -47.10
C GLU U 158 26.13 -91.28 -46.14
N VAL U 159 24.97 -91.09 -45.52
CA VAL U 159 24.77 -89.98 -44.59
C VAL U 159 25.69 -90.14 -43.37
N GLU U 160 25.92 -91.38 -42.93
CA GLU U 160 26.80 -91.59 -41.79
C GLU U 160 28.20 -91.01 -42.04
N CYS U 161 28.67 -91.04 -43.28
CA CYS U 161 29.98 -90.51 -43.63
C CYS U 161 29.83 -89.01 -43.92
N ASP U 162 30.33 -88.18 -43.01
CA ASP U 162 30.42 -86.73 -43.07
C ASP U 162 29.07 -86.04 -42.78
N CYS U 163 27.99 -86.78 -42.52
CA CYS U 163 26.73 -86.19 -42.08
C CYS U 163 26.16 -85.21 -43.10
N ASN U 164 26.34 -85.47 -44.39
CA ASN U 164 25.72 -84.71 -45.46
C ASN U 164 24.64 -85.56 -46.12
N ILE U 165 23.51 -84.93 -46.44
CA ILE U 165 22.38 -85.61 -47.05
C ILE U 165 22.62 -85.71 -48.56
N PRO U 166 22.72 -86.91 -49.14
CA PRO U 166 22.77 -87.00 -50.60
C PRO U 166 21.47 -86.51 -51.22
N LYS U 167 21.59 -85.84 -52.37
CA LYS U 167 20.40 -85.35 -53.05
C LYS U 167 19.61 -86.46 -53.72
N GLY U 168 20.26 -87.57 -54.06
CA GLY U 168 19.53 -88.71 -54.56
C GLY U 168 18.53 -89.25 -53.57
N PHE U 169 18.85 -89.17 -52.28
CA PHE U 169 17.95 -89.64 -51.23
C PHE U 169 16.67 -88.80 -51.20
N ILE U 170 16.82 -87.48 -51.25
CA ILE U 170 15.65 -86.61 -51.25
C ILE U 170 14.85 -86.81 -52.54
N ASP U 171 15.55 -86.97 -53.66
CA ASP U 171 14.85 -87.24 -54.92
C ASP U 171 14.03 -88.52 -54.83
N MET U 172 14.61 -89.58 -54.26
CA MET U 172 13.89 -90.84 -54.12
C MET U 172 12.68 -90.66 -53.22
N ILE U 173 12.83 -89.94 -52.11
CA ILE U 173 11.71 -89.72 -51.19
C ILE U 173 10.58 -89.00 -51.90
N LEU U 174 10.91 -87.91 -52.60
CA LEU U 174 9.88 -87.11 -53.24
C LEU U 174 9.24 -87.85 -54.41
N LYS U 175 10.00 -88.66 -55.13
CA LYS U 175 9.42 -89.43 -56.22
C LYS U 175 8.52 -90.54 -55.70
N LEU U 176 8.88 -91.15 -54.58
CA LEU U 176 7.97 -92.10 -53.95
C LEU U 176 6.68 -91.41 -53.52
N LYS U 177 6.78 -90.23 -52.94
CA LYS U 177 5.58 -89.48 -52.58
C LYS U 177 4.75 -89.12 -53.81
N ALA U 178 5.41 -88.82 -54.92
CA ALA U 178 4.69 -88.54 -56.16
C ALA U 178 3.90 -89.77 -56.62
N ILE U 179 4.51 -90.95 -56.57
CA ILE U 179 3.79 -92.15 -56.96
C ILE U 179 2.64 -92.43 -55.99
N GLU U 180 2.85 -92.16 -54.69
CA GLU U 180 1.76 -92.30 -53.74
C GLU U 180 0.58 -91.41 -54.12
N LEU U 181 0.86 -90.14 -54.43
CA LEU U 181 -0.21 -89.22 -54.79
C LEU U 181 -0.92 -89.69 -56.06
N CYS U 182 -0.13 -90.15 -57.04
CA CYS U 182 -0.73 -90.62 -58.28
C CYS U 182 -1.64 -91.82 -58.04
N VAL U 183 -1.21 -92.74 -57.17
CA VAL U 183 -2.02 -93.92 -56.90
C VAL U 183 -3.30 -93.53 -56.17
N ARG U 184 -3.19 -92.70 -55.13
CA ARG U 184 -4.38 -92.34 -54.35
C ARG U 184 -5.32 -91.44 -55.12
N THR U 185 -4.84 -90.72 -56.14
CA THR U 185 -5.71 -89.98 -57.04
C THR U 185 -6.16 -90.79 -58.25
N GLY U 186 -5.65 -92.01 -58.42
CA GLY U 186 -6.05 -92.85 -59.52
C GLY U 186 -5.35 -92.59 -60.82
N ASN U 187 -4.31 -91.75 -60.83
CA ASN U 187 -3.61 -91.41 -62.07
C ASN U 187 -2.49 -92.42 -62.30
N TYR U 188 -2.90 -93.64 -62.63
CA TYR U 188 -1.98 -94.75 -62.80
C TYR U 188 -1.06 -94.61 -64.01
N PRO U 189 -1.49 -94.02 -65.13
CA PRO U 189 -0.53 -93.85 -66.25
C PRO U 189 0.72 -93.08 -65.87
N GLN U 190 0.57 -91.89 -65.30
CA GLN U 190 1.76 -91.14 -64.90
C GLN U 190 2.48 -91.85 -63.76
N ALA U 191 1.75 -92.61 -62.93
CA ALA U 191 2.40 -93.41 -61.90
C ALA U 191 3.36 -94.42 -62.52
N ILE U 192 2.92 -95.13 -63.56
CA ILE U 192 3.82 -96.07 -64.21
C ILE U 192 4.96 -95.35 -64.88
N LYS U 193 4.67 -94.18 -65.47
CA LYS U 193 5.73 -93.41 -66.11
C LYS U 193 6.84 -93.12 -65.12
N TYR U 194 6.47 -92.63 -63.93
CA TYR U 194 7.47 -92.37 -62.90
C TYR U 194 8.17 -93.66 -62.46
N TRP U 195 7.40 -94.73 -62.25
CA TRP U 195 8.00 -95.99 -61.81
C TRP U 195 9.05 -96.47 -62.81
N ASN U 196 8.66 -96.59 -64.08
CA ASN U 196 9.57 -97.07 -65.11
C ASN U 196 10.76 -96.14 -65.26
N LYS U 197 10.55 -94.83 -65.17
CA LYS U 197 11.62 -93.89 -65.43
C LYS U 197 12.64 -93.84 -64.29
N PHE U 198 12.19 -94.07 -63.05
CA PHE U 198 13.04 -93.82 -61.90
C PHE U 198 13.41 -95.06 -61.10
N PHE U 199 12.47 -95.97 -60.83
CA PHE U 199 12.69 -97.08 -59.92
C PHE U 199 12.94 -98.40 -60.64
N ILE U 200 13.13 -98.37 -61.96
CA ILE U 200 13.52 -99.56 -62.71
C ILE U 200 14.81 -99.24 -63.46
N LYS U 201 14.75 -98.26 -64.34
CA LYS U 201 15.93 -97.86 -65.11
C LYS U 201 16.82 -96.93 -64.30
N MET V 1 -11.40 -100.35 -26.97
CA MET V 1 -12.10 -99.72 -28.13
C MET V 1 -11.10 -99.39 -29.23
N HIS V 2 -11.58 -99.40 -30.48
CA HIS V 2 -10.74 -99.05 -31.62
C HIS V 2 -11.62 -98.70 -32.80
N PHE V 3 -11.01 -98.08 -33.80
CA PHE V 3 -11.71 -97.63 -34.99
C PHE V 3 -11.43 -98.59 -36.14
N ASN V 4 -12.49 -99.02 -36.82
CA ASN V 4 -12.36 -99.91 -37.97
C ASN V 4 -12.36 -99.15 -39.29
N GLU V 5 -13.23 -98.16 -39.45
CA GLU V 5 -13.33 -97.40 -40.68
C GLU V 5 -13.84 -96.01 -40.33
N LEU V 6 -12.97 -95.01 -40.44
CA LEU V 6 -13.30 -93.62 -40.10
C LEU V 6 -12.91 -92.77 -41.31
N ARG V 7 -13.92 -92.30 -42.04
CA ARG V 7 -13.69 -91.81 -43.39
C ARG V 7 -14.87 -90.96 -43.84
N ILE V 8 -14.60 -90.06 -44.79
CA ILE V 8 -15.63 -89.32 -45.51
C ILE V 8 -15.72 -89.93 -46.91
N SER V 9 -16.95 -90.18 -47.36
CA SER V 9 -17.15 -90.71 -48.70
C SER V 9 -16.59 -89.75 -49.73
N GLN V 10 -15.96 -90.30 -50.76
CA GLN V 10 -15.29 -89.48 -51.78
C GLN V 10 -16.27 -88.67 -52.61
N ASP V 11 -17.57 -88.99 -52.57
CA ASP V 11 -18.59 -88.15 -53.19
C ASP V 11 -18.99 -86.97 -52.30
N ASN V 12 -18.37 -86.82 -51.12
CA ASN V 12 -18.59 -85.67 -50.24
C ASN V 12 -20.03 -85.65 -49.73
N ARG V 13 -20.61 -86.82 -49.48
CA ARG V 13 -21.92 -86.95 -48.87
C ARG V 13 -21.87 -87.43 -47.43
N PHE V 14 -21.21 -88.56 -47.18
CA PHE V 14 -21.42 -89.33 -45.96
C PHE V 14 -20.17 -89.34 -45.10
N LEU V 15 -20.34 -88.97 -43.83
CA LEU V 15 -19.29 -89.13 -42.82
C LEU V 15 -19.42 -90.54 -42.23
N ILE V 16 -18.51 -91.41 -42.60
CA ILE V 16 -18.61 -92.83 -42.26
C ILE V 16 -17.86 -93.09 -40.97
N ILE V 17 -18.53 -93.73 -40.02
CA ILE V 17 -17.95 -94.12 -38.74
C ILE V 17 -18.26 -95.58 -38.50
N ASP V 18 -17.27 -96.33 -38.02
CA ASP V 18 -17.43 -97.76 -37.75
C ASP V 18 -16.56 -98.10 -36.55
N VAL V 19 -17.18 -98.19 -35.39
CA VAL V 19 -16.49 -98.46 -34.13
C VAL V 19 -16.82 -99.89 -33.69
N SER V 20 -15.87 -100.51 -33.01
CA SER V 20 -16.06 -101.86 -32.48
C SER V 20 -15.14 -102.05 -31.29
N VAL V 21 -15.72 -102.50 -30.17
CA VAL V 21 -14.93 -102.80 -28.99
C VAL V 21 -13.94 -103.91 -29.32
N ASP V 22 -12.81 -103.93 -28.61
CA ASP V 22 -11.80 -104.94 -28.85
C ASP V 22 -12.38 -106.33 -28.62
N ASN V 23 -11.87 -107.30 -29.39
CA ASN V 23 -12.35 -108.67 -29.31
C ASN V 23 -11.77 -109.44 -28.13
N GLN V 24 -10.82 -108.85 -27.40
CA GLN V 24 -10.20 -109.54 -26.28
C GLN V 24 -11.14 -109.57 -25.07
N ASP V 25 -11.08 -110.68 -24.32
CA ASP V 25 -12.11 -110.95 -23.31
C ASP V 25 -12.04 -109.99 -22.14
N TYR V 26 -10.90 -109.29 -21.95
CA TYR V 26 -10.84 -108.25 -20.92
C TYR V 26 -12.00 -107.29 -21.05
N PHE V 27 -12.34 -106.93 -22.29
CA PHE V 27 -13.29 -105.88 -22.59
C PHE V 27 -14.64 -106.46 -23.00
N GLU V 28 -14.92 -107.70 -22.62
CA GLU V 28 -16.20 -108.31 -22.96
C GLU V 28 -17.36 -107.54 -22.34
N ASP V 29 -17.20 -107.09 -21.10
CA ASP V 29 -18.29 -106.39 -20.42
C ASP V 29 -18.54 -105.01 -21.02
N VAL V 30 -17.47 -104.27 -21.35
CA VAL V 30 -17.63 -102.87 -21.73
C VAL V 30 -18.46 -102.75 -23.00
N LEU V 31 -19.31 -101.73 -23.06
CA LEU V 31 -20.19 -101.51 -24.19
C LEU V 31 -20.16 -100.04 -24.57
N LEU V 32 -20.56 -99.76 -25.82
CA LEU V 32 -20.54 -98.40 -26.33
C LEU V 32 -21.71 -97.61 -25.77
N ASP V 33 -21.44 -96.36 -25.38
CA ASP V 33 -22.44 -95.49 -24.77
C ASP V 33 -23.04 -94.50 -25.76
N SER V 34 -22.21 -93.69 -26.40
CA SER V 34 -22.71 -92.66 -27.28
C SER V 34 -21.62 -92.25 -28.28
N ILE V 35 -22.06 -91.57 -29.34
CA ILE V 35 -21.18 -91.03 -30.37
C ILE V 35 -21.43 -89.52 -30.43
N VAL V 36 -20.38 -88.73 -30.18
CA VAL V 36 -20.47 -87.28 -30.17
C VAL V 36 -19.55 -86.74 -31.26
N ILE V 37 -20.09 -85.85 -32.10
CA ILE V 37 -19.38 -85.28 -33.24
C ILE V 37 -19.11 -83.81 -32.94
N ASP V 38 -17.85 -83.41 -33.04
CA ASP V 38 -17.44 -82.02 -32.87
C ASP V 38 -16.63 -81.57 -34.08
N THR V 39 -16.58 -80.27 -34.29
CA THR V 39 -15.79 -79.65 -35.35
C THR V 39 -14.71 -78.78 -34.71
N GLN V 40 -13.86 -78.20 -35.57
CA GLN V 40 -12.80 -77.34 -35.06
C GLN V 40 -13.34 -76.08 -34.38
N ASP V 41 -14.59 -75.71 -34.66
CA ASP V 41 -15.20 -74.54 -34.03
C ASP V 41 -15.88 -74.87 -32.71
N THR V 42 -16.19 -76.13 -32.46
CA THR V 42 -16.86 -76.57 -31.23
C THR V 42 -16.03 -77.61 -30.50
N PHE V 43 -14.72 -77.39 -30.44
CA PHE V 43 -13.78 -78.30 -29.81
C PHE V 43 -13.31 -77.73 -28.47
N VAL V 44 -13.17 -78.62 -27.49
CA VAL V 44 -12.66 -78.27 -26.17
C VAL V 44 -11.54 -79.24 -25.84
N MET V 45 -10.61 -78.79 -24.98
CA MET V 45 -9.41 -79.57 -24.71
C MET V 45 -9.75 -80.94 -24.12
N ASN V 46 -10.65 -80.98 -23.15
CA ASN V 46 -11.02 -82.21 -22.45
C ASN V 46 -12.49 -82.53 -22.72
N GLY V 47 -12.74 -83.75 -23.20
CA GLY V 47 -14.08 -84.21 -23.43
C GLY V 47 -14.79 -83.45 -24.53
N PRO V 48 -15.96 -83.92 -24.96
CA PRO V 48 -16.73 -83.19 -25.96
C PRO V 48 -17.23 -81.87 -25.41
N SER V 49 -17.49 -80.94 -26.33
CA SER V 49 -18.05 -79.66 -25.95
C SER V 49 -19.49 -79.82 -25.48
N ASP V 50 -19.96 -78.82 -24.73
CA ASP V 50 -21.36 -78.79 -24.32
C ASP V 50 -22.29 -78.29 -25.42
N ASN V 51 -21.76 -77.99 -26.60
CA ASN V 51 -22.55 -77.61 -27.78
C ASN V 51 -22.05 -78.41 -28.98
N PRO V 52 -22.27 -79.73 -28.99
CA PRO V 52 -21.73 -80.54 -30.09
C PRO V 52 -22.49 -80.35 -31.39
N LEU V 53 -22.09 -81.09 -32.42
CA LEU V 53 -22.75 -81.06 -33.71
C LEU V 53 -23.73 -82.21 -33.89
N TYR V 54 -23.52 -83.33 -33.22
CA TYR V 54 -24.39 -84.48 -33.36
C TYR V 54 -24.18 -85.43 -32.20
N ILE V 55 -25.27 -85.95 -31.65
CA ILE V 55 -25.24 -86.91 -30.55
C ILE V 55 -26.02 -88.14 -30.97
N TYR V 56 -25.52 -89.32 -30.57
CA TYR V 56 -26.17 -90.58 -30.91
C TYR V 56 -25.92 -91.54 -29.76
N ASN V 57 -26.97 -91.82 -28.99
CA ASN V 57 -26.88 -92.79 -27.89
C ASN V 57 -27.10 -94.19 -28.43
N VAL V 58 -26.16 -95.10 -28.13
CA VAL V 58 -26.25 -96.45 -28.64
C VAL V 58 -27.40 -97.21 -27.99
N GLU V 59 -27.63 -96.97 -26.69
CA GLU V 59 -28.60 -97.74 -25.94
C GLU V 59 -30.04 -97.49 -26.38
N ASP V 60 -30.29 -96.47 -27.20
CA ASP V 60 -31.62 -96.25 -27.75
C ASP V 60 -31.82 -97.11 -29.00
N ALA V 61 -31.61 -98.41 -28.86
CA ALA V 61 -31.68 -99.36 -29.97
C ALA V 61 -31.78 -100.76 -29.38
N TYR V 62 -31.58 -101.77 -30.21
CA TYR V 62 -31.51 -103.14 -29.72
C TYR V 62 -30.40 -103.25 -28.69
N ASP V 63 -30.72 -103.90 -27.56
CA ASP V 63 -29.79 -104.01 -26.43
C ASP V 63 -29.55 -105.47 -26.09
N THR V 91 -25.91 -108.85 -27.41
CA THR V 91 -25.03 -107.78 -26.96
C THR V 91 -23.98 -107.42 -28.01
N GLN V 92 -23.77 -108.32 -28.97
CA GLN V 92 -22.79 -108.04 -30.02
C GLN V 92 -23.20 -106.84 -30.86
N GLN V 93 -24.51 -106.62 -31.02
CA GLN V 93 -24.97 -105.42 -31.72
C GLN V 93 -24.57 -104.17 -30.95
N MET V 94 -24.55 -104.24 -29.62
CA MET V 94 -24.13 -103.10 -28.81
C MET V 94 -22.63 -102.88 -28.85
N LYS V 95 -21.86 -103.95 -29.02
CA LYS V 95 -20.40 -103.83 -29.03
C LYS V 95 -19.87 -103.20 -30.32
N ASN V 96 -20.61 -103.32 -31.42
CA ASN V 96 -20.19 -102.80 -32.72
C ASN V 96 -21.29 -101.89 -33.26
N VAL V 97 -20.91 -100.66 -33.63
CA VAL V 97 -21.84 -99.67 -34.14
C VAL V 97 -21.24 -99.00 -35.37
N ARG V 98 -22.13 -98.64 -36.29
CA ARG V 98 -21.75 -98.04 -37.56
C ARG V 98 -22.74 -96.93 -37.90
N LEU V 99 -22.23 -95.82 -38.44
CA LEU V 99 -23.06 -94.70 -38.86
C LEU V 99 -22.72 -94.28 -40.27
N GLU V 100 -23.71 -93.74 -40.96
CA GLU V 100 -23.62 -93.23 -42.32
C GLU V 100 -24.20 -91.82 -42.39
N LEU V 101 -23.75 -90.96 -41.48
CA LEU V 101 -24.31 -89.62 -41.37
C LEU V 101 -24.15 -88.84 -42.66
N ASN V 102 -25.27 -88.32 -43.17
CA ASN V 102 -25.22 -87.40 -44.29
C ASN V 102 -24.84 -86.02 -43.79
N ILE V 103 -23.97 -85.34 -44.54
CA ILE V 103 -23.38 -84.10 -44.05
C ILE V 103 -24.31 -82.91 -44.22
N GLN V 104 -25.22 -82.96 -45.21
CA GLN V 104 -26.13 -81.85 -45.41
C GLN V 104 -27.07 -81.67 -44.22
N ASP V 105 -27.48 -82.76 -43.58
CA ASP V 105 -28.28 -82.63 -42.37
C ASP V 105 -27.51 -81.98 -41.23
N LEU V 106 -26.18 -82.04 -41.27
CA LEU V 106 -25.35 -81.44 -40.23
C LEU V 106 -25.10 -79.95 -40.46
N LYS V 107 -25.49 -79.39 -41.61
CA LYS V 107 -25.31 -77.97 -41.90
C LYS V 107 -23.83 -77.57 -41.86
N VAL V 108 -22.96 -78.42 -42.40
CA VAL V 108 -21.53 -78.13 -42.47
C VAL V 108 -21.00 -78.56 -43.83
N SER V 109 -19.83 -78.02 -44.18
CA SER V 109 -19.18 -78.28 -45.46
C SER V 109 -18.31 -79.53 -45.38
N PRO V 110 -18.46 -80.51 -46.27
CA PRO V 110 -17.65 -81.73 -46.14
C PRO V 110 -16.15 -81.50 -46.23
N CYS V 111 -15.71 -80.55 -47.06
CA CYS V 111 -14.28 -80.38 -47.35
C CYS V 111 -13.59 -79.36 -46.46
N SER V 112 -14.30 -78.30 -46.04
CA SER V 112 -13.72 -77.26 -45.21
C SER V 112 -13.97 -77.48 -43.72
N THR V 113 -14.19 -78.73 -43.31
CA THR V 113 -14.49 -79.05 -41.92
C THR V 113 -13.64 -80.23 -41.47
N MET V 114 -13.23 -80.19 -40.20
CA MET V 114 -12.45 -81.25 -39.56
C MET V 114 -13.23 -81.75 -38.36
N PHE V 115 -13.73 -82.97 -38.45
CA PHE V 115 -14.62 -83.53 -37.45
C PHE V 115 -13.84 -84.25 -36.36
N PHE V 116 -14.34 -84.16 -35.13
CA PHE V 116 -13.82 -84.91 -33.99
C PHE V 116 -14.88 -85.92 -33.57
N VAL V 117 -14.51 -87.19 -33.57
CA VAL V 117 -15.43 -88.27 -33.24
C VAL V 117 -15.05 -88.78 -31.86
N TYR V 118 -15.94 -88.57 -30.88
CA TYR V 118 -15.78 -89.09 -29.54
C TYR V 118 -16.69 -90.28 -29.35
N VAL V 119 -16.16 -91.35 -28.75
CA VAL V 119 -16.92 -92.56 -28.46
C VAL V 119 -16.76 -92.84 -26.97
N LYS V 120 -17.87 -92.83 -26.24
CA LYS V 120 -17.88 -93.12 -24.82
C LYS V 120 -18.38 -94.55 -24.61
N SER V 121 -17.76 -95.26 -23.67
CA SER V 121 -18.11 -96.63 -23.35
C SER V 121 -18.76 -96.69 -21.98
N LYS V 122 -19.76 -97.58 -21.86
CA LYS V 122 -20.44 -97.85 -20.60
C LYS V 122 -20.13 -99.28 -20.19
N GLY V 123 -19.60 -99.45 -19.00
CA GLY V 123 -19.24 -100.76 -18.49
C GLY V 123 -18.02 -100.64 -17.59
N THR V 124 -17.50 -101.81 -17.21
CA THR V 124 -16.30 -101.90 -16.39
C THR V 124 -15.41 -103.00 -16.97
N PRO V 125 -14.17 -102.71 -17.37
CA PRO V 125 -13.30 -103.80 -17.81
C PRO V 125 -12.82 -104.63 -16.62
N SER V 126 -12.78 -105.93 -16.82
CA SER V 126 -12.38 -106.83 -15.74
C SER V 126 -10.93 -106.56 -15.33
N THR V 127 -10.66 -106.77 -14.04
CA THR V 127 -9.34 -106.53 -13.47
C THR V 127 -8.30 -107.42 -14.18
N ASP V 128 -7.02 -107.06 -14.02
CA ASP V 128 -5.82 -107.71 -14.54
C ASP V 128 -5.58 -107.26 -15.98
N THR V 129 -6.43 -106.43 -16.55
CA THR V 129 -6.08 -105.77 -17.80
C THR V 129 -4.94 -104.78 -17.53
N PRO V 130 -3.91 -104.73 -18.38
CA PRO V 130 -2.88 -103.69 -18.20
C PRO V 130 -3.48 -102.29 -18.29
N CYS V 131 -2.98 -101.39 -17.44
CA CYS V 131 -3.58 -100.06 -17.36
C CYS V 131 -3.32 -99.30 -18.65
N GLY V 132 -4.18 -98.35 -18.95
CA GLY V 132 -4.13 -97.60 -20.19
C GLY V 132 -5.01 -98.21 -21.25
N PHE V 133 -5.07 -99.55 -21.28
CA PHE V 133 -6.04 -100.21 -22.14
C PHE V 133 -7.46 -99.91 -21.69
N ASP V 134 -7.66 -99.68 -20.39
CA ASP V 134 -8.97 -99.39 -19.84
C ASP V 134 -9.28 -97.90 -19.92
N LYS V 135 -9.30 -97.41 -21.16
CA LYS V 135 -9.64 -96.01 -21.45
C LYS V 135 -11.07 -95.98 -21.97
N ASP V 136 -11.99 -95.48 -21.15
CA ASP V 136 -13.40 -95.49 -21.52
C ASP V 136 -13.70 -94.61 -22.72
N GLN V 137 -12.85 -93.63 -23.01
CA GLN V 137 -13.07 -92.67 -24.09
C GLN V 137 -11.98 -92.80 -25.13
N ILE V 138 -12.35 -92.63 -26.40
CA ILE V 138 -11.43 -92.67 -27.53
C ILE V 138 -11.82 -91.56 -28.49
N LEU V 139 -10.82 -90.96 -29.14
CA LEU V 139 -11.04 -89.85 -30.04
C LEU V 139 -10.31 -90.09 -31.35
N GLY V 140 -11.00 -89.83 -32.47
CA GLY V 140 -10.41 -89.91 -33.78
C GLY V 140 -10.92 -88.82 -34.70
N THR V 141 -10.01 -88.16 -35.42
CA THR V 141 -10.37 -87.02 -36.25
C THR V 141 -10.67 -87.46 -37.68
N VAL V 142 -11.12 -86.51 -38.49
CA VAL V 142 -11.52 -86.76 -39.87
C VAL V 142 -11.22 -85.53 -40.71
N ILE V 143 -10.73 -85.76 -41.93
CA ILE V 143 -10.52 -84.69 -42.90
C ILE V 143 -10.74 -85.26 -44.30
N ASN V 144 -11.19 -84.40 -45.21
CA ASN V 144 -11.36 -84.75 -46.61
C ASN V 144 -10.04 -84.53 -47.33
N LEU V 145 -9.36 -85.62 -47.67
CA LEU V 145 -8.04 -85.54 -48.29
C LEU V 145 -8.10 -85.31 -49.79
N GLN V 146 -9.27 -85.45 -50.42
CA GLN V 146 -9.37 -85.25 -51.86
C GLN V 146 -9.02 -83.84 -52.28
N PRO V 147 -9.58 -82.77 -51.69
CA PRO V 147 -9.14 -81.42 -52.10
C PRO V 147 -7.67 -81.15 -51.82
N ILE V 148 -7.08 -81.78 -50.81
CA ILE V 148 -5.66 -81.59 -50.56
C ILE V 148 -4.84 -82.27 -51.65
N TYR V 149 -5.29 -83.44 -52.11
CA TYR V 149 -4.66 -84.04 -53.29
C TYR V 149 -4.85 -83.17 -54.53
N LYS V 150 -6.01 -82.51 -54.65
CA LYS V 150 -6.22 -81.61 -55.77
C LYS V 150 -5.21 -80.48 -55.75
N GLN V 151 -4.93 -79.93 -54.57
CA GLN V 151 -3.89 -78.90 -54.47
C GLN V 151 -2.51 -79.48 -54.79
N THR V 152 -2.22 -80.68 -54.30
CA THR V 152 -0.87 -81.22 -54.47
C THR V 152 -0.59 -81.61 -55.93
N LEU V 153 -1.62 -81.99 -56.67
CA LEU V 153 -1.42 -82.35 -58.08
C LEU V 153 -0.92 -81.16 -58.88
N LYS V 154 -1.27 -79.94 -58.48
CA LYS V 154 -0.80 -78.76 -59.19
C LYS V 154 0.72 -78.66 -59.17
N TYR V 155 1.36 -79.12 -58.09
CA TYR V 155 2.80 -79.08 -57.95
C TYR V 155 3.46 -80.44 -58.17
N LEU V 156 2.66 -81.47 -58.48
CA LEU V 156 3.21 -82.80 -58.74
C LEU V 156 4.35 -82.79 -59.75
N LYS V 157 4.16 -82.13 -60.89
CA LYS V 157 5.12 -82.26 -61.99
C LYS V 157 6.46 -81.58 -61.69
N GLU V 158 6.56 -80.81 -60.60
CA GLU V 158 7.85 -80.29 -60.19
C GLU V 158 8.85 -81.40 -59.91
N VAL V 159 8.37 -82.60 -59.55
CA VAL V 159 9.28 -83.71 -59.28
C VAL V 159 10.04 -84.11 -60.54
N GLU V 160 9.38 -84.05 -61.70
CA GLU V 160 10.08 -84.39 -62.94
C GLU V 160 11.23 -83.43 -63.22
N CYS V 161 10.98 -82.13 -63.05
CA CYS V 161 11.95 -81.10 -63.44
C CYS V 161 13.13 -81.13 -62.49
N ASP V 162 14.25 -81.68 -62.95
CA ASP V 162 15.49 -81.57 -62.20
C ASP V 162 16.09 -80.17 -62.38
N CYS V 163 17.16 -79.89 -61.65
CA CYS V 163 17.84 -78.61 -61.52
C CYS V 163 17.06 -77.64 -60.63
N ASN V 164 15.86 -78.01 -60.17
CA ASN V 164 15.04 -77.14 -59.34
C ASN V 164 14.49 -77.94 -58.17
N ILE V 165 14.32 -77.26 -57.05
CA ILE V 165 13.71 -77.88 -55.87
C ILE V 165 12.20 -77.90 -56.06
N PRO V 166 11.53 -79.06 -55.89
CA PRO V 166 10.06 -79.02 -55.98
C PRO V 166 9.45 -78.42 -54.71
N LYS V 167 9.43 -77.09 -54.66
CA LYS V 167 9.09 -76.41 -53.41
C LYS V 167 7.60 -76.50 -53.11
N GLY V 168 6.75 -76.42 -54.14
CA GLY V 168 5.31 -76.54 -53.90
C GLY V 168 4.94 -77.93 -53.42
N PHE V 169 5.53 -78.96 -54.02
CA PHE V 169 5.28 -80.33 -53.60
C PHE V 169 5.70 -80.54 -52.15
N ILE V 170 6.89 -80.06 -51.80
CA ILE V 170 7.40 -80.18 -50.44
C ILE V 170 6.49 -79.44 -49.48
N ASP V 171 6.06 -78.24 -49.85
CA ASP V 171 5.21 -77.43 -48.98
C ASP V 171 3.88 -78.13 -48.72
N MET V 172 3.26 -78.68 -49.76
CA MET V 172 2.01 -79.38 -49.58
C MET V 172 2.17 -80.62 -48.70
N ILE V 173 3.24 -81.39 -48.94
CA ILE V 173 3.47 -82.59 -48.14
C ILE V 173 3.67 -82.22 -46.67
N LEU V 174 4.46 -81.18 -46.40
CA LEU V 174 4.68 -80.78 -45.03
C LEU V 174 3.41 -80.21 -44.39
N LYS V 175 2.58 -79.51 -45.18
CA LYS V 175 1.31 -79.03 -44.65
C LYS V 175 0.43 -80.17 -44.20
N LEU V 176 0.33 -81.22 -45.02
CA LEU V 176 -0.48 -82.38 -44.62
C LEU V 176 0.13 -83.08 -43.40
N LYS V 177 1.44 -83.28 -43.41
CA LYS V 177 2.05 -84.05 -42.33
C LYS V 177 2.07 -83.28 -41.02
N ALA V 178 2.00 -81.96 -41.05
CA ALA V 178 1.84 -81.21 -39.81
C ALA V 178 0.57 -81.62 -39.10
N ILE V 179 -0.55 -81.63 -39.82
CA ILE V 179 -1.82 -82.06 -39.24
C ILE V 179 -1.72 -83.52 -38.81
N GLU V 180 -1.12 -84.37 -39.65
CA GLU V 180 -1.02 -85.78 -39.32
C GLU V 180 -0.29 -85.99 -37.99
N LEU V 181 0.91 -85.41 -37.86
CA LEU V 181 1.69 -85.60 -36.64
C LEU V 181 1.02 -84.97 -35.44
N CYS V 182 0.48 -83.76 -35.60
CA CYS V 182 -0.18 -83.11 -34.47
C CYS V 182 -1.39 -83.91 -34.00
N VAL V 183 -2.04 -84.63 -34.92
CA VAL V 183 -3.13 -85.51 -34.51
C VAL V 183 -2.59 -86.73 -33.78
N ARG V 184 -1.56 -87.38 -34.33
CA ARG V 184 -1.08 -88.62 -33.73
C ARG V 184 -0.47 -88.40 -32.35
N THR V 185 0.01 -87.20 -32.06
CA THR V 185 0.57 -86.89 -30.74
C THR V 185 -0.47 -86.32 -29.78
N GLY V 186 -1.72 -86.17 -30.20
CA GLY V 186 -2.74 -85.62 -29.35
C GLY V 186 -2.73 -84.11 -29.23
N ASN V 187 -1.87 -83.41 -29.96
CA ASN V 187 -1.78 -81.95 -29.89
C ASN V 187 -2.85 -81.36 -30.82
N TYR V 188 -4.10 -81.58 -30.42
CA TYR V 188 -5.23 -81.12 -31.22
C TYR V 188 -5.32 -79.60 -31.40
N PRO V 189 -5.06 -78.75 -30.39
CA PRO V 189 -5.21 -77.30 -30.66
C PRO V 189 -4.32 -76.78 -31.76
N GLN V 190 -3.04 -77.16 -31.76
CA GLN V 190 -2.17 -76.73 -32.86
C GLN V 190 -2.63 -77.36 -34.17
N ALA V 191 -3.24 -78.54 -34.12
CA ALA V 191 -3.79 -79.13 -35.33
C ALA V 191 -4.91 -78.25 -35.88
N ILE V 192 -5.79 -77.74 -35.01
CA ILE V 192 -6.81 -76.81 -35.48
C ILE V 192 -6.19 -75.57 -36.05
N LYS V 193 -5.15 -75.05 -35.40
CA LYS V 193 -4.50 -73.83 -35.89
C LYS V 193 -3.94 -74.05 -37.29
N TYR V 194 -3.28 -75.18 -37.51
CA TYR V 194 -2.73 -75.47 -38.83
C TYR V 194 -3.83 -75.68 -39.85
N TRP V 195 -4.91 -76.36 -39.47
CA TRP V 195 -6.02 -76.56 -40.40
C TRP V 195 -6.63 -75.22 -40.81
N ASN V 196 -6.81 -74.32 -39.84
CA ASN V 196 -7.33 -72.99 -40.15
C ASN V 196 -6.37 -72.22 -41.05
N LYS V 197 -5.06 -72.33 -40.78
CA LYS V 197 -4.09 -71.61 -41.60
C LYS V 197 -4.10 -72.11 -43.03
N PHE V 198 -4.14 -73.42 -43.23
CA PHE V 198 -3.93 -74.01 -44.55
C PHE V 198 -5.23 -74.30 -45.28
N PHE V 199 -6.08 -75.16 -44.72
CA PHE V 199 -7.09 -75.87 -45.49
C PHE V 199 -8.53 -75.45 -45.21
N ILE V 200 -8.76 -74.46 -44.35
CA ILE V 200 -10.13 -74.06 -44.07
C ILE V 200 -10.81 -73.46 -45.30
N LYS V 201 -10.04 -72.89 -46.22
CA LYS V 201 -10.59 -72.30 -47.44
C LYS V 201 -10.67 -73.29 -48.59
N ASN V 202 -10.69 -74.60 -48.29
CA ASN V 202 -10.81 -75.60 -49.34
C ASN V 202 -12.20 -75.56 -49.97
N ASN V 203 -12.26 -75.80 -51.27
CA ASN V 203 -13.50 -75.89 -52.02
C ASN V 203 -13.71 -77.32 -52.50
N CYS V 204 -14.97 -77.66 -52.71
CA CYS V 204 -15.33 -79.00 -53.17
C CYS V 204 -16.65 -78.93 -53.91
N LYS V 205 -16.86 -79.88 -54.81
CA LYS V 205 -18.10 -79.95 -55.58
C LYS V 205 -19.18 -80.55 -54.68
N SER V 206 -20.17 -79.74 -54.33
CA SER V 206 -21.24 -80.20 -53.46
C SER V 206 -22.00 -81.33 -54.15
N PRO V 207 -22.25 -82.45 -53.49
CA PRO V 207 -22.96 -83.55 -54.16
C PRO V 207 -24.36 -83.15 -54.56
N THR V 208 -24.77 -83.59 -55.75
CA THR V 208 -26.11 -83.31 -56.25
C THR V 208 -27.12 -84.18 -55.52
N SER V 209 -28.21 -83.57 -55.05
CA SER V 209 -29.18 -84.31 -54.25
C SER V 209 -29.81 -85.44 -55.04
N ASN V 210 -30.16 -85.20 -56.30
CA ASN V 210 -30.67 -86.27 -57.15
C ASN V 210 -29.59 -87.32 -57.33
N CYS V 211 -29.80 -88.49 -56.74
CA CYS V 211 -28.76 -89.51 -56.69
C CYS V 211 -28.37 -89.92 -58.10
N GLY V 212 -27.08 -89.76 -58.42
CA GLY V 212 -26.60 -90.21 -59.71
C GLY V 212 -26.71 -91.71 -59.79
N CYS V 213 -27.42 -92.20 -60.80
CA CYS V 213 -27.86 -93.60 -60.82
C CYS V 213 -26.82 -94.39 -61.61
N TYR V 214 -26.33 -95.47 -61.03
CA TYR V 214 -25.37 -96.34 -61.68
C TYR V 214 -25.23 -97.63 -60.87
N GLY V 215 -24.56 -98.60 -61.47
CA GLY V 215 -24.34 -99.89 -60.84
C GLY V 215 -23.98 -100.98 -61.84
N MET W 1 8.69 -97.08 -31.31
CA MET W 1 9.69 -96.10 -30.82
C MET W 1 9.04 -95.07 -29.90
N ASP W 2 8.05 -94.35 -30.44
CA ASP W 2 7.28 -93.31 -29.75
C ASP W 2 8.08 -92.04 -29.52
N LYS W 3 9.36 -91.98 -29.90
CA LYS W 3 10.18 -90.79 -29.77
C LYS W 3 10.50 -90.13 -31.10
N MET W 4 10.64 -90.91 -32.18
CA MET W 4 10.74 -90.32 -33.51
C MET W 4 9.51 -89.50 -33.82
N LEU W 5 8.34 -89.95 -33.38
CA LEU W 5 7.12 -89.18 -33.57
C LEU W 5 7.22 -87.82 -32.89
N GLU W 6 7.70 -87.81 -31.64
CA GLU W 6 7.84 -86.54 -30.93
C GLU W 6 8.87 -85.64 -31.60
N ILE W 7 10.01 -86.20 -32.00
CA ILE W 7 11.05 -85.40 -32.63
C ILE W 7 10.53 -84.79 -33.93
N SER W 8 9.85 -85.60 -34.75
CA SER W 8 9.31 -85.08 -36.00
C SER W 8 8.25 -84.03 -35.77
N GLU W 9 7.35 -84.25 -34.79
CA GLU W 9 6.32 -83.26 -34.52
C GLU W 9 6.95 -81.95 -34.11
N GLU W 10 7.95 -82.00 -33.24
CA GLU W 10 8.66 -80.79 -32.84
C GLU W 10 9.34 -80.14 -34.04
N ALA W 11 9.95 -80.95 -34.91
CA ALA W 11 10.72 -80.40 -36.02
C ALA W 11 9.82 -79.65 -36.99
N ILE W 12 8.72 -80.28 -37.43
CA ILE W 12 7.83 -79.60 -38.36
C ILE W 12 7.11 -78.43 -37.68
N THR W 13 6.80 -78.53 -36.39
CA THR W 13 6.20 -77.37 -35.72
C THR W 13 7.17 -76.19 -35.72
N ARG W 14 8.44 -76.44 -35.44
CA ARG W 14 9.44 -75.37 -35.51
C ARG W 14 9.58 -74.86 -36.92
N TYR W 15 9.51 -75.75 -37.91
CA TYR W 15 9.63 -75.35 -39.31
C TYR W 15 8.54 -74.35 -39.68
N PHE W 16 7.28 -74.68 -39.36
CA PHE W 16 6.21 -73.78 -39.69
C PHE W 16 6.18 -72.55 -38.78
N THR W 17 6.73 -72.64 -37.56
CA THR W 17 6.88 -71.45 -36.76
C THR W 17 7.86 -70.47 -37.40
N THR W 18 8.96 -70.98 -37.94
CA THR W 18 9.88 -70.11 -38.68
C THR W 18 9.22 -69.54 -39.92
N LEU W 19 8.49 -70.37 -40.66
CA LEU W 19 7.77 -69.86 -41.83
C LEU W 19 6.66 -68.89 -41.45
N SER W 20 6.25 -68.87 -40.18
CA SER W 20 5.31 -67.85 -39.72
C SER W 20 6.04 -66.55 -39.39
N GLN W 21 7.10 -66.63 -38.59
CA GLN W 21 7.88 -65.43 -38.27
C GLN W 21 8.59 -64.92 -39.50
N PHE W 22 9.30 -65.79 -40.21
CA PHE W 22 10.00 -65.48 -41.44
C PHE W 22 9.17 -65.99 -42.61
N GLY W 23 9.74 -65.93 -43.81
CA GLY W 23 9.13 -66.56 -44.96
C GLY W 23 10.16 -67.39 -45.70
N TYR W 24 11.08 -67.98 -44.94
CA TYR W 24 12.21 -68.68 -45.55
C TYR W 24 12.87 -69.59 -44.53
N LYS W 25 13.08 -70.84 -44.91
CA LYS W 25 13.98 -71.75 -44.22
C LYS W 25 14.89 -72.39 -45.26
N LYS W 26 16.13 -72.66 -44.87
CA LYS W 26 17.07 -73.27 -45.80
C LYS W 26 16.50 -74.58 -46.32
N TYR W 27 16.52 -74.75 -47.64
CA TYR W 27 16.09 -76.02 -48.18
C TYR W 27 17.12 -77.13 -47.92
N SER W 28 18.36 -76.76 -47.63
CA SER W 28 19.30 -77.73 -47.10
C SER W 28 18.87 -78.25 -45.74
N ASP W 29 18.02 -77.50 -45.03
CA ASP W 29 17.45 -77.95 -43.77
C ASP W 29 16.11 -78.63 -43.97
N VAL W 30 15.32 -78.19 -44.95
CA VAL W 30 14.11 -78.91 -45.31
C VAL W 30 14.46 -80.32 -45.78
N ASP W 31 15.63 -80.50 -46.39
CA ASP W 31 16.05 -81.86 -46.77
C ASP W 31 16.23 -82.74 -45.54
N LYS W 32 16.81 -82.20 -44.47
CA LYS W 32 16.96 -82.97 -43.24
C LYS W 32 15.61 -83.26 -42.62
N ILE W 33 14.69 -82.29 -42.65
CA ILE W 33 13.33 -82.55 -42.17
C ILE W 33 12.69 -83.68 -42.97
N ILE W 34 12.91 -83.67 -44.29
CA ILE W 34 12.30 -84.69 -45.15
C ILE W 34 12.86 -86.06 -44.82
N VAL W 35 14.18 -86.16 -44.67
CA VAL W 35 14.79 -87.41 -44.25
C VAL W 35 14.20 -87.87 -42.93
N LEU W 36 14.05 -86.95 -41.98
CA LEU W 36 13.59 -87.31 -40.65
C LEU W 36 12.18 -87.91 -40.70
N PHE W 37 11.23 -87.21 -41.34
CA PHE W 37 9.89 -87.75 -41.30
C PHE W 37 9.72 -88.93 -42.26
N PHE W 38 10.55 -89.07 -43.29
CA PHE W 38 10.53 -90.31 -44.06
C PHE W 38 10.94 -91.49 -43.19
N MET W 39 12.00 -91.34 -42.40
CA MET W 39 12.39 -92.42 -41.50
C MET W 39 11.31 -92.69 -40.48
N GLU W 40 10.68 -91.63 -39.95
CA GLU W 40 9.60 -91.82 -38.98
C GLU W 40 8.46 -92.62 -39.59
N GLU W 41 8.08 -92.30 -40.83
CA GLU W 41 7.03 -93.06 -41.50
C GLU W 41 7.44 -94.50 -41.70
N MET W 42 8.68 -94.72 -42.17
CA MET W 42 9.08 -96.07 -42.55
C MET W 42 9.20 -96.98 -41.34
N LEU W 43 9.73 -96.48 -40.23
CA LEU W 43 9.92 -97.32 -39.05
C LEU W 43 8.62 -97.59 -38.31
N ALA W 44 7.58 -96.79 -38.53
CA ALA W 44 6.31 -96.91 -37.82
C ALA W 44 5.21 -97.43 -38.74
N GLY W 45 5.54 -98.35 -39.63
CA GLY W 45 4.59 -98.90 -40.57
C GLY W 45 4.88 -100.36 -40.87
N GLU W 46 4.46 -100.80 -42.06
CA GLU W 46 4.66 -102.19 -42.46
C GLU W 46 6.06 -102.47 -42.98
N MET W 47 6.93 -101.46 -43.01
CA MET W 47 8.28 -101.60 -43.54
C MET W 47 9.31 -101.88 -42.44
N SER W 48 8.89 -101.86 -41.18
CA SER W 48 9.83 -102.10 -40.08
C SER W 48 10.17 -103.57 -39.91
N TYR W 49 9.40 -104.48 -40.49
CA TYR W 49 9.65 -105.90 -40.34
C TYR W 49 10.90 -106.38 -41.07
N TYR W 50 11.48 -105.54 -41.93
CA TYR W 50 12.73 -105.87 -42.59
C TYR W 50 13.96 -105.40 -41.83
N VAL W 51 13.78 -104.90 -40.61
CA VAL W 51 14.85 -104.25 -39.85
C VAL W 51 15.54 -105.28 -38.97
N THR W 52 16.85 -105.44 -39.16
CA THR W 52 17.68 -106.22 -38.26
C THR W 52 18.31 -105.28 -37.22
N GLN W 53 19.07 -105.85 -36.29
CA GLN W 53 19.75 -105.01 -35.31
C GLN W 53 20.92 -104.25 -35.94
N ASP W 54 21.60 -104.82 -36.92
CA ASP W 54 22.60 -104.07 -37.65
C ASP W 54 21.96 -102.90 -38.41
N ASP W 55 20.80 -103.16 -39.02
CA ASP W 55 20.08 -102.09 -39.69
C ASP W 55 19.64 -101.02 -38.69
N TYR W 56 19.20 -101.43 -37.50
CA TYR W 56 18.83 -100.46 -36.48
C TYR W 56 20.03 -99.62 -36.05
N ARG W 57 21.18 -100.26 -35.86
CA ARG W 57 22.40 -99.53 -35.51
C ARG W 57 22.72 -98.49 -36.57
N ASN W 58 22.72 -98.91 -37.84
CA ASN W 58 23.06 -97.99 -38.92
C ASN W 58 22.04 -96.85 -39.01
N ILE W 59 20.76 -97.17 -38.83
CA ILE W 59 19.72 -96.16 -38.92
C ILE W 59 19.90 -95.12 -37.80
N VAL W 60 20.17 -95.58 -36.58
CA VAL W 60 20.34 -94.65 -35.47
C VAL W 60 21.59 -93.79 -35.68
N ASN W 61 22.69 -94.41 -36.10
CA ASN W 61 23.92 -93.65 -36.31
C ASN W 61 23.80 -92.69 -37.48
N ALA W 62 22.95 -92.98 -38.47
CA ALA W 62 22.69 -92.03 -39.54
C ALA W 62 21.77 -90.91 -39.09
N LEU W 63 20.80 -91.22 -38.23
CA LEU W 63 19.89 -90.19 -37.75
C LEU W 63 20.60 -89.21 -36.82
N TYR W 64 21.58 -89.69 -36.05
CA TYR W 64 22.27 -88.77 -35.14
C TYR W 64 23.16 -87.77 -35.85
N CYS W 65 23.38 -87.92 -37.16
CA CYS W 65 23.97 -86.83 -37.93
C CYS W 65 23.02 -85.65 -38.06
N LEU W 66 21.72 -85.87 -37.88
CA LEU W 66 20.72 -84.82 -37.93
C LEU W 66 20.53 -84.11 -36.59
N ALA W 67 21.18 -84.59 -35.53
CA ALA W 67 20.81 -84.21 -34.17
C ALA W 67 20.95 -82.71 -33.93
N GLY W 68 22.17 -82.19 -34.00
CA GLY W 68 22.41 -80.78 -33.81
C GLY W 68 22.63 -80.05 -35.11
N SER W 69 22.23 -80.68 -36.22
CA SER W 69 22.49 -80.09 -37.53
C SER W 69 21.74 -78.77 -37.71
N THR W 70 20.48 -78.72 -37.25
CA THR W 70 19.65 -77.54 -37.40
C THR W 70 19.04 -77.19 -36.05
N CYS W 71 18.32 -76.08 -36.00
CA CYS W 71 17.56 -75.75 -34.80
C CYS W 71 16.31 -76.62 -34.69
N MET W 72 15.75 -77.04 -35.83
CA MET W 72 14.51 -77.83 -35.78
C MET W 72 14.75 -79.19 -35.15
N ILE W 73 15.75 -79.91 -35.62
CA ILE W 73 16.14 -81.19 -35.03
C ILE W 73 17.10 -80.89 -33.89
N ASP W 74 16.82 -81.47 -32.72
CA ASP W 74 17.59 -81.21 -31.51
C ASP W 74 17.97 -82.54 -30.90
N PHE W 75 19.04 -82.52 -30.10
CA PHE W 75 19.53 -83.73 -29.45
C PHE W 75 18.45 -84.27 -28.51
N PRO W 76 18.02 -85.53 -28.65
CA PRO W 76 17.06 -86.06 -27.69
C PRO W 76 17.68 -86.26 -26.32
N MET W 77 16.84 -86.15 -25.29
CA MET W 77 17.25 -86.37 -23.91
C MET W 77 16.53 -87.60 -23.39
N PHE W 78 17.30 -88.58 -22.91
CA PHE W 78 16.78 -89.81 -22.36
C PHE W 78 17.03 -89.86 -20.85
N GLU W 79 16.33 -90.79 -20.19
CA GLU W 79 16.43 -90.93 -18.75
C GLU W 79 17.68 -91.77 -18.44
N SER W 80 18.72 -91.12 -17.93
CA SER W 80 19.98 -91.79 -17.61
C SER W 80 20.49 -91.28 -16.27
N TYR W 81 21.19 -92.17 -15.55
CA TYR W 81 21.73 -91.87 -14.24
C TYR W 81 23.19 -92.31 -14.12
N ASP W 82 23.90 -92.39 -15.24
CA ASP W 82 25.26 -92.91 -15.29
C ASP W 82 26.23 -91.80 -15.66
N THR W 83 27.50 -92.17 -15.78
CA THR W 83 28.58 -91.24 -16.08
C THR W 83 29.83 -92.04 -16.38
N LEU W 84 30.86 -91.36 -16.89
CA LEU W 84 32.11 -92.03 -17.22
C LEU W 84 32.94 -92.35 -15.99
N VAL W 85 32.67 -91.70 -14.85
CA VAL W 85 33.39 -91.94 -13.61
C VAL W 85 32.33 -92.09 -12.52
N HIS W 86 32.08 -93.33 -12.09
CA HIS W 86 31.06 -93.60 -11.10
C HIS W 86 31.61 -93.44 -9.69
N SER W 87 30.70 -93.33 -8.74
CA SER W 87 31.07 -93.05 -7.35
C SER W 87 31.39 -94.34 -6.60
N ASN W 88 32.15 -94.20 -5.53
CA ASN W 88 32.53 -95.30 -4.64
C ASN W 88 31.92 -95.05 -3.27
N ASN W 89 30.74 -95.60 -3.04
CA ASN W 89 30.07 -95.51 -1.75
C ASN W 89 30.27 -96.75 -0.88
N ARG W 90 31.16 -97.66 -1.25
CA ARG W 90 31.45 -98.79 -0.38
C ARG W 90 32.02 -98.31 0.94
N THR W 91 31.67 -99.02 2.01
CA THR W 91 32.13 -98.71 3.36
C THR W 91 33.10 -99.78 3.84
N PHE W 92 34.05 -99.36 4.68
CA PHE W 92 35.08 -100.25 5.23
C PHE W 92 34.69 -100.63 6.66
N VAL W 93 34.60 -101.93 6.92
CA VAL W 93 34.19 -102.43 8.23
C VAL W 93 35.23 -103.46 8.68
N PRO W 94 36.32 -103.05 9.32
CA PRO W 94 37.32 -104.03 9.77
C PRO W 94 36.77 -104.93 10.85
N ARG W 95 37.28 -106.15 10.89
CA ARG W 95 36.92 -107.12 11.92
C ARG W 95 38.14 -107.41 12.80
N ILE W 96 37.92 -107.28 14.12
CA ILE W 96 38.93 -107.58 15.18
C ILE W 96 40.35 -107.34 14.69
N THR W 97 40.59 -106.19 14.08
CA THR W 97 41.93 -105.81 13.62
C THR W 97 42.61 -106.97 12.90
N GLU W 98 41.80 -107.84 12.27
CA GLU W 98 42.33 -109.12 11.75
C GLU W 98 42.88 -109.01 10.34
N ASP W 99 44.20 -109.09 10.19
CA ASP W 99 44.77 -109.21 8.84
C ASP W 99 44.57 -110.66 8.46
N SER W 100 44.44 -110.97 7.19
CA SER W 100 44.34 -112.36 6.69
C SER W 100 45.79 -112.81 6.50
N ILE W 101 46.03 -113.92 5.83
CA ILE W 101 47.41 -114.45 5.70
C ILE W 101 48.24 -113.40 4.99
N LEU W 102 47.70 -112.72 3.97
CA LEU W 102 48.40 -111.63 3.24
C LEU W 102 47.57 -110.34 3.22
N ARG W 103 46.33 -110.40 2.76
CA ARG W 103 45.42 -109.23 2.62
C ARG W 103 44.78 -108.84 3.95
N SER W 104 44.10 -107.70 4.02
CA SER W 104 43.34 -107.27 5.23
C SER W 104 42.01 -107.99 5.14
N THR W 105 41.12 -107.83 6.10
CA THR W 105 39.84 -108.54 6.12
C THR W 105 38.71 -107.68 6.68
N GLU W 106 37.54 -107.69 6.05
CA GLU W 106 36.35 -107.01 6.56
C GLU W 106 35.25 -108.03 6.79
N ASP W 107 34.06 -107.54 7.11
CA ASP W 107 32.87 -108.38 7.25
C ASP W 107 32.67 -109.09 5.92
N MET X 1 17.71 -106.02 -26.87
CA MET X 1 16.58 -106.61 -26.10
C MET X 1 17.00 -107.97 -25.53
N PHE X 2 16.39 -108.33 -24.41
CA PHE X 2 16.62 -109.63 -23.79
C PHE X 2 15.35 -110.44 -23.59
N PHE X 3 14.21 -109.79 -23.34
CA PHE X 3 12.92 -110.46 -23.16
C PHE X 3 13.00 -111.48 -22.02
N THR X 4 13.20 -110.95 -20.81
CA THR X 4 13.14 -111.80 -19.63
C THR X 4 11.77 -112.46 -19.54
N GLN X 5 11.70 -113.51 -18.71
CA GLN X 5 10.64 -114.51 -18.86
C GLN X 5 9.25 -113.93 -18.67
N GLU X 6 9.10 -112.99 -17.74
CA GLU X 6 7.77 -112.43 -17.52
C GLU X 6 7.26 -111.64 -18.73
N ASP X 7 8.15 -111.12 -19.58
CA ASP X 7 7.68 -110.53 -20.83
C ASP X 7 7.07 -111.58 -21.73
N TYR X 8 7.71 -112.75 -21.84
CA TYR X 8 7.12 -113.84 -22.60
C TYR X 8 5.79 -114.27 -22.01
N ARG X 9 5.69 -114.29 -20.69
CA ARG X 9 4.43 -114.64 -20.05
C ARG X 9 3.36 -113.61 -20.36
N LYS X 10 3.72 -112.33 -20.38
CA LYS X 10 2.79 -111.28 -20.77
C LYS X 10 2.31 -111.50 -22.20
N ILE X 11 3.23 -111.84 -23.11
CA ILE X 11 2.87 -112.06 -24.50
C ILE X 11 1.91 -113.25 -24.60
N GLU X 12 2.22 -114.34 -23.91
CA GLU X 12 1.32 -115.49 -23.87
C GLU X 12 -0.06 -115.08 -23.36
N LYS X 13 -0.09 -114.32 -22.27
CA LYS X 13 -1.35 -113.91 -21.65
C LYS X 13 -2.21 -113.12 -22.62
N TRP X 14 -1.64 -112.09 -23.23
CA TRP X 14 -2.35 -111.31 -24.24
C TRP X 14 -2.84 -112.18 -25.39
N LEU X 15 -1.94 -112.97 -25.97
CA LEU X 15 -2.31 -113.76 -27.15
C LEU X 15 -3.41 -114.75 -26.79
N LEU X 16 -3.30 -115.40 -25.65
CA LEU X 16 -4.27 -116.38 -25.17
C LEU X 16 -5.57 -115.72 -24.74
N ALA X 17 -5.60 -114.39 -24.61
CA ALA X 17 -6.84 -113.73 -24.21
C ALA X 17 -7.94 -113.96 -25.25
N ASN X 18 -7.73 -113.49 -26.48
CA ASN X 18 -8.75 -113.64 -27.53
C ASN X 18 -8.65 -114.97 -28.24
N SER X 19 -7.75 -115.84 -27.78
CA SER X 19 -7.77 -117.24 -28.16
C SER X 19 -9.14 -117.87 -28.00
N MET Y 1 9.24 -97.96 -27.95
CA MET Y 1 9.61 -99.38 -28.22
C MET Y 1 9.71 -99.66 -29.71
N PHE Y 2 10.69 -100.47 -30.09
CA PHE Y 2 10.91 -100.83 -31.49
C PHE Y 2 11.49 -102.23 -31.56
N PHE Y 3 10.84 -103.10 -32.34
CA PHE Y 3 11.30 -104.47 -32.51
C PHE Y 3 12.11 -104.59 -33.80
N THR Y 4 13.17 -105.38 -33.75
CA THR Y 4 13.87 -105.83 -34.94
C THR Y 4 13.34 -107.21 -35.33
N GLN Y 5 13.90 -107.77 -36.40
CA GLN Y 5 13.51 -109.14 -36.76
C GLN Y 5 13.90 -110.12 -35.66
N GLU Y 6 15.09 -109.97 -35.10
CA GLU Y 6 15.56 -110.90 -34.08
C GLU Y 6 14.62 -110.96 -32.88
N ASP Y 7 14.01 -109.83 -32.53
CA ASP Y 7 13.00 -109.85 -31.47
C ASP Y 7 11.85 -110.78 -31.82
N TYR Y 8 11.38 -110.68 -33.07
CA TYR Y 8 10.28 -111.55 -33.50
C TYR Y 8 10.72 -113.02 -33.52
N ARG Y 9 11.95 -113.28 -33.95
CA ARG Y 9 12.45 -114.66 -33.91
C ARG Y 9 12.45 -115.19 -32.48
N LYS Y 10 12.95 -114.39 -31.53
CA LYS Y 10 12.94 -114.82 -30.14
C LYS Y 10 11.53 -115.12 -29.67
N ILE Y 11 10.60 -114.19 -29.90
CA ILE Y 11 9.25 -114.36 -29.39
C ILE Y 11 8.60 -115.61 -29.99
N GLU Y 12 8.64 -115.74 -31.32
CA GLU Y 12 7.97 -116.86 -31.95
C GLU Y 12 8.61 -118.19 -31.57
N LYS Y 13 9.95 -118.25 -31.56
CA LYS Y 13 10.63 -119.50 -31.22
C LYS Y 13 10.30 -119.91 -29.80
N TRP Y 14 10.31 -118.95 -28.86
CA TRP Y 14 10.05 -119.30 -27.48
C TRP Y 14 8.59 -119.70 -27.29
N LEU Y 15 7.67 -119.10 -28.06
CA LEU Y 15 6.27 -119.53 -28.00
C LEU Y 15 6.10 -120.95 -28.50
N LEU Y 16 6.72 -121.30 -29.64
CA LEU Y 16 6.65 -122.67 -30.10
C LEU Y 16 7.31 -123.64 -29.12
N ALA Y 17 8.36 -123.18 -28.42
CA ALA Y 17 8.96 -124.03 -27.39
C ALA Y 17 7.95 -124.35 -26.29
N ASN Y 18 7.00 -123.46 -26.04
CA ASN Y 18 5.96 -123.65 -25.03
C ASN Y 18 4.64 -124.08 -25.63
N SER Y 19 4.66 -124.86 -26.71
CA SER Y 19 3.45 -125.37 -27.33
C SER Y 19 3.69 -126.74 -27.94
N MET Z 1 9.27 -105.14 -18.62
CA MET Z 1 9.14 -103.90 -19.44
C MET Z 1 7.74 -103.81 -20.05
N PHE Z 2 7.19 -102.60 -20.07
CA PHE Z 2 5.78 -102.40 -20.39
C PHE Z 2 5.57 -102.47 -21.91
N PHE Z 3 4.57 -103.24 -22.32
CA PHE Z 3 4.11 -103.30 -23.70
C PHE Z 3 2.75 -102.63 -23.80
N THR Z 4 2.58 -101.80 -24.83
CA THR Z 4 1.29 -101.20 -25.14
C THR Z 4 0.67 -101.89 -26.37
N GLN Z 5 -0.49 -101.38 -26.79
CA GLN Z 5 -1.31 -102.12 -27.74
C GLN Z 5 -0.62 -102.30 -29.09
N GLU Z 6 0.06 -101.27 -29.58
CA GLU Z 6 0.64 -101.37 -30.92
C GLU Z 6 1.78 -102.39 -30.98
N ASP Z 7 2.56 -102.54 -29.90
CA ASP Z 7 3.56 -103.60 -29.87
C ASP Z 7 2.90 -104.96 -30.03
N TYR Z 8 1.79 -105.16 -29.33
CA TYR Z 8 1.04 -106.40 -29.44
C TYR Z 8 0.50 -106.58 -30.86
N ARG Z 9 0.05 -105.50 -31.49
CA ARG Z 9 -0.43 -105.60 -32.87
C ARG Z 9 0.69 -106.04 -33.81
N LYS Z 10 1.90 -105.48 -33.63
CA LYS Z 10 3.03 -105.91 -34.45
C LYS Z 10 3.34 -107.38 -34.21
N ILE Z 11 3.27 -107.83 -32.96
CA ILE Z 11 3.57 -109.24 -32.66
C ILE Z 11 2.56 -110.14 -33.36
N GLU Z 12 1.27 -109.83 -33.26
CA GLU Z 12 0.27 -110.65 -33.94
C GLU Z 12 0.46 -110.61 -35.46
N LYS Z 13 0.74 -109.44 -36.01
CA LYS Z 13 0.94 -109.35 -37.46
C LYS Z 13 2.13 -110.20 -37.90
N TRP Z 14 3.16 -110.30 -37.07
CA TRP Z 14 4.27 -111.19 -37.40
C TRP Z 14 3.87 -112.65 -37.30
N LEU Z 15 3.19 -113.02 -36.22
CA LEU Z 15 2.84 -114.42 -36.03
C LEU Z 15 1.84 -114.90 -37.09
N LEU Z 16 0.99 -114.02 -37.59
CA LEU Z 16 0.03 -114.41 -38.63
C LEU Z 16 0.73 -114.91 -39.88
N ALA Z 17 1.96 -114.49 -40.14
CA ALA Z 17 2.67 -114.90 -41.35
C ALA Z 17 2.97 -116.38 -41.33
N ASN Z 18 3.32 -116.92 -40.16
CA ASN Z 18 3.75 -118.30 -40.03
C ASN Z 18 2.57 -119.27 -40.00
N SER Z 19 1.43 -118.84 -39.48
CA SER Z 19 0.33 -119.74 -39.19
C SER Z 19 -0.68 -119.81 -40.35
N ARG Z 20 -1.46 -120.90 -40.37
CA ARG Z 20 -2.54 -121.11 -41.33
C ARG Z 20 -3.77 -121.54 -40.54
N LYS Z 21 -4.86 -121.73 -41.28
CA LYS Z 21 -6.09 -122.30 -40.76
C LYS Z 21 -6.13 -123.81 -41.02
N ASP Z 22 -7.14 -124.46 -40.43
CA ASP Z 22 -7.31 -125.89 -40.63
C ASP Z 22 -7.54 -126.25 -42.09
N THR Z 23 -8.30 -125.43 -42.83
CA THR Z 23 -8.60 -125.75 -44.23
C THR Z 23 -7.33 -125.81 -45.07
N ASP Z 24 -6.26 -125.18 -44.61
CA ASP Z 24 -5.03 -125.07 -45.38
C ASP Z 24 -4.13 -126.31 -45.27
N PHE Z 25 -4.46 -127.27 -44.40
CA PHE Z 25 -3.75 -128.55 -44.38
C PHE Z 25 -4.08 -129.34 -45.65
N ALA AA 425 140.17 -109.90 -52.41
CA ALA AA 425 140.86 -110.55 -51.26
C ALA AA 425 141.35 -109.53 -50.24
N PHE AA 426 141.37 -108.25 -50.63
CA PHE AA 426 141.86 -107.11 -49.86
C PHE AA 426 143.38 -107.07 -49.81
N GLY AA 427 144.08 -108.06 -50.33
CA GLY AA 427 145.52 -108.02 -50.41
C GLY AA 427 146.00 -107.53 -51.76
N GLY AA 428 146.37 -106.26 -51.85
CA GLY AA 428 146.87 -105.71 -53.10
C GLY AA 428 145.81 -105.46 -54.16
N TRP AA 429 144.53 -105.56 -53.82
CA TRP AA 429 143.44 -105.29 -54.74
C TRP AA 429 142.45 -104.33 -54.11
N LEU AA 430 141.77 -103.58 -54.98
CA LEU AA 430 140.72 -102.64 -54.58
C LEU AA 430 139.47 -103.07 -55.34
N ASN AA 431 138.71 -103.99 -54.73
CA ASN AA 431 137.48 -104.49 -55.33
C ASN AA 431 136.36 -103.54 -54.96
N THR AA 432 136.15 -102.53 -55.79
CA THR AA 432 135.15 -101.50 -55.55
C THR AA 432 134.45 -101.16 -56.85
N GLN AA 433 133.22 -100.65 -56.72
CA GLN AA 433 132.42 -100.20 -57.86
C GLN AA 433 132.24 -101.32 -58.90
N GLY AA 434 132.11 -102.56 -58.42
CA GLY AA 434 131.86 -103.67 -59.30
C GLY AA 434 133.02 -104.10 -60.16
N GLY AA 435 134.24 -103.64 -59.83
CA GLY AA 435 135.43 -104.00 -60.57
C GLY AA 435 136.49 -104.59 -59.66
N ASP AA 436 137.59 -105.00 -60.28
CA ASP AA 436 138.73 -105.60 -59.58
C ASP AA 436 139.99 -104.91 -60.10
N PHE AA 437 140.40 -103.85 -59.43
CA PHE AA 437 141.56 -103.06 -59.81
C PHE AA 437 142.73 -103.39 -58.90
N THR AA 438 143.91 -103.55 -59.50
CA THR AA 438 145.12 -103.95 -58.79
C THR AA 438 146.25 -102.98 -59.07
N ASN AA 439 147.11 -102.81 -58.06
CA ASN AA 439 148.30 -101.98 -58.19
C ASN AA 439 149.51 -102.75 -58.69
N GLY AA 440 149.39 -104.07 -58.89
CA GLY AA 440 150.45 -104.92 -59.39
C GLY AA 440 151.06 -105.83 -58.33
N VAL AA 441 150.96 -105.46 -57.06
CA VAL AA 441 151.50 -106.28 -55.99
C VAL AA 441 150.52 -107.42 -55.73
N THR AA 442 151.07 -108.63 -55.57
CA THR AA 442 150.27 -109.84 -55.41
C THR AA 442 150.46 -110.36 -53.99
N PHE AA 443 149.46 -110.10 -53.14
CA PHE AA 443 149.48 -110.64 -51.78
C PHE AA 443 149.20 -112.12 -51.83
N ILE AA 444 150.23 -112.94 -51.61
CA ILE AA 444 150.12 -114.39 -51.72
C ILE AA 444 149.95 -114.92 -50.29
N ASN AA 445 148.71 -115.18 -49.91
CA ASN AA 445 148.36 -115.61 -48.55
C ASN AA 445 147.51 -116.88 -48.63
N GLU AA 446 147.19 -117.41 -47.46
CA GLU AA 446 146.24 -118.50 -47.23
C GLU AA 446 146.80 -119.88 -47.58
N GLY AA 447 147.96 -119.97 -48.23
CA GLY AA 447 148.50 -121.26 -48.59
C GLY AA 447 149.20 -121.95 -47.45
N GLY AA 448 150.24 -121.32 -46.93
CA GLY AA 448 151.03 -121.85 -45.84
C GLY AA 448 152.50 -121.93 -46.19
N SER AA 449 153.29 -122.30 -45.18
CA SER AA 449 154.72 -122.45 -45.38
C SER AA 449 155.01 -123.58 -46.35
N HIS AA 450 156.23 -123.58 -46.90
CA HIS AA 450 156.61 -124.62 -47.86
C HIS AA 450 156.57 -126.00 -47.21
N GLU AA 451 157.01 -126.11 -45.95
CA GLU AA 451 157.04 -127.41 -45.30
C GLU AA 451 155.64 -127.89 -44.91
N GLU AA 452 154.72 -126.96 -44.64
CA GLU AA 452 153.37 -127.33 -44.22
C GLU AA 452 152.44 -127.64 -45.39
N ASN AA 453 152.83 -127.29 -46.62
CA ASN AA 453 151.97 -127.45 -47.79
C ASN AA 453 152.34 -128.75 -48.49
N PRO AA 454 151.41 -129.71 -48.69
CA PRO AA 454 151.81 -130.97 -49.35
C PRO AA 454 152.41 -130.79 -50.74
N TYR AA 455 151.95 -129.80 -51.51
CA TYR AA 455 152.57 -129.47 -52.78
C TYR AA 455 153.74 -128.49 -52.62
N GLN AA 456 154.22 -128.30 -51.38
CA GLN AA 456 155.39 -127.49 -51.07
C GLN AA 456 155.22 -126.00 -51.39
N GLY AA 457 154.06 -125.58 -51.87
CA GLY AA 457 153.89 -124.19 -52.27
C GLY AA 457 152.61 -124.02 -53.05
N ILE AA 458 152.29 -122.75 -53.30
CA ILE AA 458 151.01 -122.43 -53.94
C ILE AA 458 151.08 -122.71 -55.44
N GLN AA 459 152.27 -122.70 -56.04
CA GLN AA 459 152.44 -122.97 -57.46
C GLN AA 459 151.66 -121.97 -58.31
N ILE AA 460 152.07 -120.70 -58.21
CA ILE AA 460 151.35 -119.64 -58.89
C ILE AA 460 151.37 -119.83 -60.40
N GLY AA 461 152.53 -120.24 -60.95
CA GLY AA 461 152.69 -120.33 -62.38
C GLY AA 461 153.71 -121.39 -62.75
N VAL AA 462 153.93 -121.52 -64.06
CA VAL AA 462 154.83 -122.51 -64.63
C VAL AA 462 155.72 -121.78 -65.64
N ASP AA 463 156.98 -121.59 -65.28
CA ASP AA 463 157.93 -120.88 -66.15
C ASP AA 463 159.31 -121.51 -66.06
N GLY AA 466 162.04 -121.89 -64.36
CA GLY AA 466 161.68 -122.97 -63.47
C GLY AA 466 160.19 -123.23 -63.43
N ALA AA 467 159.78 -124.42 -63.85
CA ALA AA 467 158.37 -124.78 -63.81
C ALA AA 467 157.78 -124.70 -62.41
N PRO AA 468 158.40 -125.25 -61.36
CA PRO AA 468 157.82 -125.11 -60.02
C PRO AA 468 158.07 -123.74 -59.40
N ASN AA 469 157.20 -122.77 -59.71
CA ASN AA 469 157.26 -121.44 -59.11
C ASN AA 469 156.38 -121.46 -57.86
N LEU AA 470 157.00 -121.70 -56.71
CA LEU AA 470 156.31 -121.91 -55.44
C LEU AA 470 156.48 -120.70 -54.54
N VAL AA 471 155.40 -120.36 -53.82
CA VAL AA 471 155.39 -119.24 -52.88
C VAL AA 471 154.57 -119.67 -51.66
N GLU AA 472 154.86 -119.06 -50.52
CA GLU AA 472 154.18 -119.35 -49.26
C GLU AA 472 153.30 -118.17 -48.84
N GLN AA 473 152.69 -118.30 -47.66
CA GLN AA 473 151.68 -117.35 -47.20
C GLN AA 473 152.24 -115.97 -46.89
N GLY AA 474 153.51 -115.86 -46.52
CA GLY AA 474 154.04 -114.60 -46.04
C GLY AA 474 154.59 -113.69 -47.11
N GLU AA 475 154.98 -114.26 -48.25
CA GLU AA 475 155.66 -113.48 -49.27
C GLU AA 475 154.68 -112.79 -50.22
N VAL AA 476 155.19 -111.75 -50.89
CA VAL AA 476 154.44 -110.99 -51.87
C VAL AA 476 155.30 -110.87 -53.12
N VAL AA 477 154.65 -110.62 -54.25
CA VAL AA 477 155.30 -110.59 -55.56
C VAL AA 477 154.89 -109.32 -56.29
N TYR AA 478 155.86 -108.69 -56.95
CA TYR AA 478 155.58 -107.58 -57.85
C TYR AA 478 156.48 -107.70 -59.06
N ASP AA 479 155.87 -107.81 -60.24
CA ASP AA 479 156.57 -107.96 -61.51
C ASP AA 479 157.52 -109.16 -61.41
N ASP AA 480 156.90 -110.33 -61.25
CA ASP AA 480 157.57 -111.62 -61.36
C ASP AA 480 158.84 -111.74 -60.50
N TYR AA 481 158.93 -110.97 -59.42
CA TYR AA 481 160.09 -111.04 -58.53
C TYR AA 481 159.57 -111.16 -57.10
N VAL AA 482 160.22 -112.03 -56.31
CA VAL AA 482 159.68 -112.47 -55.03
C VAL AA 482 160.38 -111.74 -53.90
N PHE AA 483 159.59 -111.25 -52.94
CA PHE AA 483 160.10 -110.68 -51.70
C PHE AA 483 160.02 -111.75 -50.61
N SER AA 484 161.15 -112.07 -50.00
CA SER AA 484 161.20 -113.13 -49.00
C SER AA 484 160.71 -112.61 -47.66
N ASP AA 485 159.78 -113.36 -47.04
CA ASP AA 485 159.28 -113.02 -45.71
C ASP AA 485 160.14 -113.63 -44.61
N ARG AA 486 160.80 -114.75 -44.89
CA ARG AA 486 161.65 -115.37 -43.88
C ARG AA 486 162.86 -114.51 -43.56
N MET AA 487 163.40 -113.81 -44.56
CA MET AA 487 164.60 -113.01 -44.37
C MET AA 487 164.30 -111.79 -43.51
N GLU AA 488 165.37 -111.16 -43.03
CA GLU AA 488 165.31 -109.93 -42.25
C GLU AA 488 166.25 -108.91 -42.87
N ILE AA 489 165.97 -107.65 -42.62
CA ILE AA 489 166.77 -106.55 -43.15
C ILE AA 489 167.82 -106.19 -42.08
N PRO AA 490 169.12 -106.32 -42.36
CA PRO AA 490 170.11 -105.77 -41.42
C PRO AA 490 169.95 -104.26 -41.30
N ASP AA 491 170.29 -103.73 -40.12
CA ASP AA 491 170.13 -102.32 -39.86
C ASP AA 491 170.89 -101.47 -40.88
N ASP AA 492 172.03 -101.98 -41.36
CA ASP AA 492 172.77 -101.28 -42.41
C ASP AA 492 171.88 -101.05 -43.64
N ILE AA 493 171.10 -102.06 -44.02
CA ILE AA 493 170.23 -101.93 -45.18
C ILE AA 493 168.92 -101.25 -44.82
N ARG AA 494 168.56 -101.18 -43.53
CA ARG AA 494 167.42 -100.36 -43.14
C ARG AA 494 167.72 -98.87 -43.30
N LYS AA 495 168.90 -98.44 -42.83
CA LYS AA 495 169.21 -97.01 -42.82
C LYS AA 495 169.28 -96.45 -44.25
N GLU AA 496 169.94 -97.17 -45.15
CA GLU AA 496 170.04 -96.75 -46.55
C GLU AA 496 169.13 -97.66 -47.39
N TYR AA 497 168.41 -97.04 -48.32
CA TYR AA 497 167.17 -97.47 -48.96
C TYR AA 497 165.95 -97.20 -48.07
N LYS AA 498 166.14 -96.81 -46.81
CA LYS AA 498 165.07 -96.36 -45.92
C LYS AA 498 163.87 -97.30 -45.92
N LEU AA 499 164.11 -98.53 -45.49
CA LEU AA 499 163.03 -99.50 -45.35
C LEU AA 499 162.38 -99.37 -43.98
N ARG AA 500 161.14 -99.87 -43.88
CA ARG AA 500 160.33 -99.76 -42.69
C ARG AA 500 160.04 -101.10 -42.03
N GLY AA 501 159.59 -102.09 -42.79
CA GLY AA 501 159.24 -103.37 -42.22
C GLY AA 501 160.46 -104.14 -41.74
N LYS AA 502 160.21 -105.06 -40.80
CA LYS AA 502 161.29 -105.88 -40.27
C LYS AA 502 161.72 -106.94 -41.28
N THR AA 503 160.78 -107.52 -42.01
CA THR AA 503 161.06 -108.45 -43.09
C THR AA 503 160.83 -107.77 -44.44
N PHE AA 504 161.47 -108.31 -45.46
CA PHE AA 504 161.38 -107.69 -46.79
C PHE AA 504 159.93 -107.67 -47.28
N ALA AA 505 159.18 -108.74 -47.02
CA ALA AA 505 157.77 -108.75 -47.42
C ALA AA 505 157.01 -107.63 -46.72
N LYS AA 506 157.23 -107.46 -45.42
CA LYS AA 506 156.57 -106.38 -44.70
C LYS AA 506 157.01 -105.01 -45.18
N ALA AA 507 158.26 -104.88 -45.65
CA ALA AA 507 158.71 -103.60 -46.19
C ALA AA 507 157.94 -103.25 -47.45
N ALA AA 508 157.67 -104.24 -48.31
CA ALA AA 508 156.86 -103.99 -49.50
C ALA AA 508 155.39 -103.78 -49.15
N LYS AA 509 154.90 -104.47 -48.12
CA LYS AA 509 153.55 -104.21 -47.64
C LYS AA 509 153.41 -102.82 -47.04
N SER AA 510 154.54 -102.20 -46.68
CA SER AA 510 154.54 -100.81 -46.25
C SER AA 510 154.76 -99.83 -47.40
N ALA AA 511 155.49 -100.25 -48.44
CA ALA AA 511 155.78 -99.35 -49.55
C ALA AA 511 154.56 -99.16 -50.46
N GLN AA 512 153.71 -100.17 -50.56
CA GLN AA 512 152.59 -100.16 -51.50
C GLN AA 512 151.28 -99.68 -50.89
N ARG AA 513 151.29 -99.23 -49.64
CA ARG AA 513 150.04 -98.85 -48.99
C ARG AA 513 149.37 -97.68 -49.70
N GLU AA 514 150.15 -96.68 -50.11
CA GLU AA 514 149.57 -95.54 -50.80
C GLU AA 514 148.99 -95.93 -52.15
N SER AA 515 149.59 -96.93 -52.82
CA SER AA 515 149.13 -97.35 -54.14
C SER AA 515 147.93 -98.28 -54.08
N GLU AA 516 147.61 -98.84 -52.90
CA GLU AA 516 146.53 -99.81 -52.82
C GLU AA 516 145.16 -99.17 -53.04
N GLU AA 517 144.99 -97.93 -52.58
CA GLU AA 517 143.71 -97.23 -52.70
C GLU AA 517 143.58 -96.43 -54.00
N ARG AA 518 144.59 -96.46 -54.86
CA ARG AA 518 144.57 -95.63 -56.06
C ARG AA 518 145.40 -96.29 -57.16
N PRO AA 519 145.01 -97.48 -57.62
CA PRO AA 519 145.85 -98.19 -58.60
C PRO AA 519 145.99 -97.49 -59.94
N ASN AA 520 145.08 -96.58 -60.28
CA ASN AA 520 145.07 -95.93 -61.59
C ASN AA 520 145.79 -94.59 -61.59
N ASP AA 521 146.38 -94.17 -60.49
CA ASP AA 521 147.07 -92.89 -60.44
C ASP AA 521 148.47 -93.02 -61.04
N PRO AA 522 148.85 -92.23 -62.05
CA PRO AA 522 150.19 -92.39 -62.64
C PRO AA 522 151.31 -92.17 -61.63
N LEU AA 523 151.17 -91.17 -60.76
CA LEU AA 523 152.20 -90.90 -59.77
C LEU AA 523 152.34 -92.08 -58.81
N SER AA 524 151.23 -92.68 -58.42
CA SER AA 524 151.29 -93.83 -57.54
C SER AA 524 152.01 -95.01 -58.21
N THR AA 525 151.74 -95.24 -59.49
CA THR AA 525 152.42 -96.32 -60.19
C THR AA 525 153.91 -96.05 -60.29
N LYS AA 526 154.31 -94.82 -60.59
CA LYS AA 526 155.74 -94.52 -60.67
C LYS AA 526 156.40 -94.67 -59.31
N GLY AA 527 155.75 -94.19 -58.25
CA GLY AA 527 156.31 -94.35 -56.92
C GLY AA 527 156.46 -95.81 -56.53
N LEU AA 528 155.44 -96.62 -56.86
CA LEU AA 528 155.54 -98.05 -56.60
C LEU AA 528 156.67 -98.68 -57.39
N GLN AA 529 156.85 -98.28 -58.64
CA GLN AA 529 157.93 -98.81 -59.46
C GLN AA 529 159.28 -98.52 -58.82
N ALA AA 530 159.47 -97.28 -58.36
CA ALA AA 530 160.75 -96.90 -57.76
C ALA AA 530 160.97 -97.63 -56.43
N ALA AA 531 159.95 -97.64 -55.57
CA ALA AA 531 160.11 -98.30 -54.28
C ALA AA 531 160.35 -99.79 -54.43
N MET AA 532 159.66 -100.43 -55.38
CA MET AA 532 159.86 -101.86 -55.61
C MET AA 532 161.28 -102.13 -56.10
N GLU AA 533 161.80 -101.27 -57.00
CA GLU AA 533 163.18 -101.45 -57.41
C GLU AA 533 164.14 -101.30 -56.24
N ARG AA 534 163.90 -100.31 -55.37
CA ARG AA 534 164.78 -100.12 -54.22
C ARG AA 534 164.77 -101.35 -53.31
N ILE AA 535 163.57 -101.87 -52.99
CA ILE AA 535 163.50 -103.00 -52.09
C ILE AA 535 164.10 -104.24 -52.75
N ALA AA 536 163.92 -104.40 -54.07
CA ALA AA 536 164.52 -105.53 -54.75
C ALA AA 536 166.04 -105.48 -54.68
N THR AA 537 166.62 -104.29 -54.92
CA THR AA 537 168.06 -104.16 -54.81
C THR AA 537 168.55 -104.39 -53.39
N ALA AA 538 167.78 -103.92 -52.39
CA ALA AA 538 168.14 -104.18 -51.01
C ALA AA 538 168.15 -105.67 -50.71
N GLN AA 539 167.14 -106.40 -51.19
CA GLN AA 539 167.10 -107.83 -50.94
C GLN AA 539 168.22 -108.55 -51.67
N GLU AA 540 168.57 -108.10 -52.87
CA GLU AA 540 169.70 -108.71 -53.58
C GLU AA 540 170.99 -108.48 -52.83
N GLU AA 541 171.18 -107.27 -52.29
CA GLU AA 541 172.38 -107.01 -51.48
C GLU AA 541 172.41 -107.89 -50.24
N ALA AA 542 171.26 -108.05 -49.58
CA ALA AA 542 171.19 -108.92 -48.41
C ALA AA 542 171.53 -110.36 -48.78
N ARG AA 543 171.02 -110.82 -49.91
CA ARG AA 543 171.25 -112.21 -50.32
C ARG AA 543 172.71 -112.45 -50.66
N GLN AA 544 173.33 -111.53 -51.42
CA GLN AA 544 174.74 -111.72 -51.76
C GLN AA 544 175.61 -111.63 -50.51
N ARG AA 545 175.28 -110.72 -49.59
CA ARG AA 545 176.01 -110.66 -48.33
C ARG AA 545 175.89 -111.98 -47.56
N LYS AA 546 174.68 -112.52 -47.47
CA LYS AA 546 174.46 -113.72 -46.69
C LYS AA 546 175.19 -114.91 -47.30
N GLU AA 547 175.11 -115.08 -48.62
CA GLU AA 547 175.78 -116.22 -49.24
C GLU AA 547 177.30 -116.06 -49.16
N ALA AA 548 177.80 -114.83 -49.28
CA ALA AA 548 179.24 -114.61 -49.12
C ALA AA 548 179.70 -114.98 -47.72
N HIS AA 549 178.93 -114.58 -46.70
CA HIS AA 549 179.29 -114.93 -45.33
C HIS AA 549 179.22 -116.43 -45.10
N ARG AA 550 178.17 -117.09 -45.62
CA ARG AA 550 178.04 -118.53 -45.43
C ARG AA 550 179.17 -119.28 -46.11
N GLU AA 551 179.53 -118.89 -47.34
CA GLU AA 551 180.62 -119.55 -48.04
C GLU AA 551 181.96 -119.29 -47.38
N GLY AA 552 182.11 -118.21 -46.63
CA GLY AA 552 183.36 -117.88 -45.97
C GLY AA 552 183.68 -118.86 -44.84
N PHE BA 214 1.39 -9.62 -45.58
CA PHE BA 214 1.06 -10.95 -44.99
C PHE BA 214 2.30 -11.82 -44.97
N GLY BA 215 2.13 -13.14 -44.90
CA GLY BA 215 3.27 -14.02 -44.91
C GLY BA 215 2.95 -15.49 -45.14
N SER BA 216 3.75 -16.10 -46.03
CA SER BA 216 3.81 -17.55 -46.16
C SER BA 216 5.05 -17.89 -46.97
N GLY BA 217 5.93 -18.73 -46.43
CA GLY BA 217 7.24 -18.93 -47.01
C GLY BA 217 7.47 -20.33 -47.54
N ALA BA 218 6.42 -20.96 -48.07
CA ALA BA 218 6.55 -22.28 -48.65
C ALA BA 218 7.07 -22.26 -50.07
N ILE BA 219 7.16 -21.08 -50.71
CA ILE BA 219 7.67 -20.96 -52.07
C ILE BA 219 8.95 -20.15 -52.06
N GLY BA 220 9.06 -19.20 -51.11
CA GLY BA 220 10.33 -18.51 -50.94
C GLY BA 220 11.42 -19.44 -50.42
N TYR BA 221 11.06 -20.31 -49.47
CA TYR BA 221 12.03 -21.25 -48.92
C TYR BA 221 12.54 -22.19 -50.01
N GLU BA 222 11.63 -22.73 -50.82
CA GLU BA 222 12.04 -23.68 -51.84
C GLU BA 222 12.91 -23.00 -52.90
N PHE BA 223 12.58 -21.77 -53.28
CA PHE BA 223 13.38 -21.09 -54.30
C PHE BA 223 14.75 -20.73 -53.76
N ASP BA 224 14.84 -20.28 -52.51
CA ASP BA 224 16.15 -20.00 -51.93
C ASP BA 224 16.98 -21.28 -51.82
N ASN BA 225 16.35 -22.38 -51.39
CA ASN BA 225 17.06 -23.65 -51.30
C ASN BA 225 17.54 -24.11 -52.66
N ARG BA 226 16.72 -23.92 -53.69
CA ARG BA 226 17.10 -24.29 -55.05
C ARG BA 226 18.24 -23.42 -55.57
N TYR BA 227 18.21 -22.12 -55.26
CA TYR BA 227 19.31 -21.25 -55.64
C TYR BA 227 20.61 -21.71 -55.00
N LEU BA 228 20.55 -22.05 -53.70
CA LEU BA 228 21.74 -22.53 -53.02
C LEU BA 228 22.19 -23.87 -53.57
N ASN BA 229 21.26 -24.73 -53.99
CA ASN BA 229 21.64 -25.99 -54.62
C ASN BA 229 22.36 -25.73 -55.94
N ASN BA 230 21.86 -24.79 -56.73
CA ASN BA 230 22.51 -24.46 -58.00
C ASN BA 230 23.92 -23.94 -57.75
N GLN BA 231 24.07 -23.07 -56.77
CA GLN BA 231 25.38 -22.50 -56.47
C GLN BA 231 26.34 -23.56 -55.93
N GLU BA 232 25.81 -24.50 -55.13
CA GLU BA 232 26.62 -25.62 -54.66
C GLU BA 232 27.08 -26.50 -55.81
N MET BA 233 26.19 -26.80 -56.75
CA MET BA 233 26.59 -27.62 -57.90
C MET BA 233 27.62 -26.90 -58.75
N SER BA 234 27.48 -25.57 -58.89
CA SER BA 234 28.51 -24.81 -59.60
C SER BA 234 29.84 -24.89 -58.87
N ALA BA 235 29.82 -24.82 -57.54
CA ALA BA 235 31.07 -24.89 -56.77
C ALA BA 235 31.74 -26.25 -56.95
N VAL BA 236 31.00 -27.34 -56.72
CA VAL BA 236 31.62 -28.66 -56.76
C VAL BA 236 31.99 -29.07 -58.17
N ALA BA 237 31.39 -28.46 -59.19
CA ALA BA 237 31.71 -28.81 -60.57
C ALA BA 237 33.09 -28.32 -61.00
N LYS BA 238 33.71 -27.43 -60.23
CA LYS BA 238 35.06 -26.96 -60.50
C LYS BA 238 36.13 -27.83 -59.86
N GLN BA 239 35.75 -28.76 -58.99
CA GLN BA 239 36.74 -29.56 -58.28
C GLN BA 239 37.43 -30.54 -59.22
N ARG BA 240 38.75 -30.64 -59.07
CA ARG BA 240 39.55 -31.56 -59.86
C ARG BA 240 40.61 -32.17 -58.94
N LEU BA 241 40.99 -33.41 -59.24
CA LEU BA 241 42.12 -34.07 -58.62
C LEU BA 241 43.25 -34.10 -59.66
N THR BA 242 44.28 -33.28 -59.43
CA THR BA 242 45.25 -32.97 -60.46
C THR BA 242 46.14 -34.18 -60.78
N SER BA 243 46.99 -34.01 -61.79
CA SER BA 243 47.90 -35.03 -62.25
C SER BA 243 49.22 -34.35 -62.67
N LEU BA 244 50.06 -35.11 -63.38
CA LEU BA 244 51.37 -34.66 -63.84
C LEU BA 244 52.17 -34.11 -62.66
N PRO BA 245 52.71 -34.98 -61.79
CA PRO BA 245 53.60 -34.53 -60.72
C PRO BA 245 55.06 -34.73 -61.09
N ALA CA 2 -87.72 109.86 53.10
CA ALA CA 2 -88.54 108.71 53.54
C ALA CA 2 -89.63 108.42 52.51
N LEU CA 3 -90.90 108.39 52.92
CA LEU CA 3 -92.01 108.10 52.02
C LEU CA 3 -93.00 109.25 51.91
N LYS CA 4 -93.49 109.78 53.03
CA LYS CA 4 -94.59 110.73 53.02
C LYS CA 4 -94.29 111.89 53.97
N LYS CA 5 -95.10 112.94 53.87
CA LYS CA 5 -94.96 114.15 54.67
C LYS CA 5 -96.35 114.59 55.13
N GLU CA 6 -96.38 115.69 55.87
CA GLU CA 6 -97.62 116.38 56.21
C GLU CA 6 -97.28 117.76 56.74
N GLN CA 7 -98.01 118.78 56.27
CA GLN CA 7 -97.78 120.14 56.69
C GLN CA 7 -98.82 120.56 57.73
N HIS CA 8 -98.36 121.30 58.74
CA HIS CA 8 -99.20 121.74 59.85
C HIS CA 8 -99.19 123.26 59.91
N PHE CA 9 -100.36 123.85 59.78
CA PHE CA 9 -100.59 125.26 60.05
C PHE CA 9 -101.37 125.39 61.35
N PHE CA 10 -101.39 126.60 61.91
CA PHE CA 10 -101.98 126.88 63.21
C PHE CA 10 -102.95 128.04 63.07
N LYS CA 11 -104.20 127.73 62.76
CA LYS CA 11 -105.26 128.74 62.70
C LYS CA 11 -105.86 129.05 64.07
N GLY CA 12 -105.51 128.29 65.09
CA GLY CA 12 -106.09 128.51 66.41
C GLY CA 12 -105.63 127.43 67.36
N MET CA 13 -106.33 127.32 68.48
CA MET CA 13 -106.11 126.24 69.44
C MET CA 13 -107.42 125.49 69.61
N GLN CA 14 -107.37 124.18 69.39
CA GLN CA 14 -108.53 123.31 69.47
C GLN CA 14 -108.26 122.19 70.45
N ARG CA 15 -109.29 121.77 71.16
CA ARG CA 15 -109.22 120.66 72.08
C ARG CA 15 -110.50 119.86 71.92
N ASP CA 16 -110.73 118.91 72.82
CA ASP CA 16 -112.00 118.22 72.99
C ASP CA 16 -112.26 117.21 71.87
N LEU CA 17 -111.40 117.14 70.85
CA LEU CA 17 -111.60 116.27 69.70
C LEU CA 17 -110.70 115.05 69.80
N SER CA 18 -111.19 113.92 69.32
CA SER CA 18 -110.43 112.68 69.40
C SER CA 18 -109.12 112.81 68.64
N VAL CA 19 -108.07 112.25 69.21
CA VAL CA 19 -106.74 112.36 68.61
C VAL CA 19 -106.71 111.74 67.22
N SER CA 20 -107.49 110.68 67.01
CA SER CA 20 -107.55 110.06 65.69
C SER CA 20 -108.11 111.01 64.65
N LYS CA 21 -109.00 111.92 65.06
CA LYS CA 21 -109.73 112.80 64.13
C LYS CA 21 -109.35 114.26 64.30
N PHE CA 22 -108.19 114.54 64.88
CA PHE CA 22 -107.75 115.92 65.05
C PHE CA 22 -107.46 116.56 63.69
N ASN CA 23 -107.55 117.88 63.66
CA ASN CA 23 -107.37 118.65 62.43
C ASN CA 23 -105.97 119.24 62.40
N PRO CA 24 -105.16 119.00 61.38
CA PRO CA 24 -103.79 119.57 61.39
C PRO CA 24 -103.74 121.08 61.40
N GLU CA 25 -104.82 121.77 61.02
CA GLU CA 25 -104.79 123.22 60.98
C GLU CA 25 -104.79 123.87 62.35
N TYR CA 26 -105.10 123.12 63.42
CA TYR CA 26 -105.15 123.65 64.78
C TYR CA 26 -104.07 123.01 65.63
N ALA CA 27 -103.77 123.68 66.73
CA ALA CA 27 -102.84 123.20 67.75
C ALA CA 27 -103.62 122.63 68.92
N PHE CA 28 -103.15 121.51 69.46
CA PHE CA 28 -103.87 120.87 70.55
C PHE CA 28 -103.75 121.66 71.85
N ASP CA 29 -102.58 122.27 72.10
CA ASP CA 29 -102.37 122.99 73.35
C ASP CA 29 -101.19 123.92 73.11
N ALA CA 30 -101.31 125.15 73.58
CA ALA CA 30 -100.27 126.15 73.39
C ALA CA 30 -100.18 127.03 74.63
N GLN CA 31 -98.96 127.43 74.96
CA GLN CA 31 -98.68 128.28 76.11
C GLN CA 31 -97.98 129.53 75.65
N ASN CA 32 -98.52 130.68 76.03
CA ASN CA 32 -97.91 132.00 75.79
C ASN CA 32 -97.53 132.16 74.31
N ILE CA 33 -98.53 132.06 73.44
CA ILE CA 33 -98.36 132.35 72.03
C ILE CA 33 -99.49 133.25 71.56
N ARG CA 34 -99.31 133.84 70.40
CA ARG CA 34 -100.30 134.72 69.80
C ARG CA 34 -100.31 134.49 68.30
N ILE CA 35 -101.49 134.20 67.75
CA ILE CA 35 -101.63 133.87 66.33
C ILE CA 35 -102.11 135.06 65.52
N THR CA 36 -102.52 136.14 66.17
CA THR CA 36 -102.92 137.36 65.48
C THR CA 36 -101.73 138.33 65.42
N ALA CA 37 -101.69 139.12 64.36
CA ALA CA 37 -100.57 140.04 64.15
C ALA CA 37 -100.64 141.17 65.17
N ARG CA 38 -99.65 141.23 66.05
CA ARG CA 38 -99.60 142.20 67.13
C ARG CA 38 -98.17 142.72 67.22
N GLU CA 39 -98.03 144.05 67.14
CA GLU CA 39 -96.76 144.78 67.08
C GLU CA 39 -95.89 144.39 65.88
N HIS CA 40 -96.33 143.45 65.05
CA HIS CA 40 -95.62 143.02 63.84
C HIS CA 40 -96.65 142.31 62.97
N ASP CA 41 -96.29 142.10 61.71
CA ASP CA 41 -97.23 141.50 60.76
C ASP CA 41 -97.20 139.98 60.82
N THR CA 42 -97.35 139.41 62.02
CA THR CA 42 -97.30 137.96 62.21
C THR CA 42 -98.69 137.37 62.42
N LEU CA 43 -99.57 137.53 61.44
CA LEU CA 43 -100.91 136.96 61.50
C LEU CA 43 -100.91 135.59 60.83
N LEU CA 44 -101.61 134.64 61.46
CA LEU CA 44 -101.62 133.22 61.06
C LEU CA 44 -100.23 132.59 61.18
N SER CA 45 -99.33 133.21 61.94
CA SER CA 45 -98.03 132.64 62.26
C SER CA 45 -97.83 132.74 63.77
N VAL CA 46 -97.47 131.62 64.39
CA VAL CA 46 -97.32 131.60 65.84
C VAL CA 46 -96.20 132.53 66.25
N SER CA 47 -96.44 133.29 67.32
CA SER CA 47 -95.48 134.29 67.79
C SER CA 47 -95.61 134.42 69.31
N ASN CA 48 -94.63 135.10 69.90
CA ASN CA 48 -94.47 135.12 71.34
C ASN CA 48 -95.47 136.08 71.98
N GLU CA 49 -95.50 136.06 73.31
CA GLU CA 49 -96.18 137.06 74.13
C GLU CA 49 -95.16 138.02 74.72
N LYS CA 50 -95.31 139.31 74.38
CA LYS CA 50 -94.49 140.33 75.01
C LYS CA 50 -94.86 140.46 76.48
N GLY CA 51 -93.85 140.73 77.30
CA GLY CA 51 -94.02 140.75 78.74
C GLY CA 51 -94.59 142.06 79.25
N ASN CA 52 -94.72 142.13 80.57
CA ASN CA 52 -95.25 143.31 81.24
C ASN CA 52 -94.11 144.22 81.68
N LYS CA 53 -94.46 145.46 82.00
CA LYS CA 53 -93.52 146.45 82.49
C LYS CA 53 -94.15 147.14 83.69
N GLU CA 54 -93.45 147.13 84.82
CA GLU CA 54 -93.97 147.73 86.04
C GLU CA 54 -94.08 149.25 85.88
N ILE CA 55 -95.12 149.82 86.47
CA ILE CA 55 -95.37 151.26 86.44
C ILE CA 55 -95.31 151.74 87.88
N PRO CA 56 -94.35 152.60 88.27
CA PRO CA 56 -94.28 153.02 89.67
C PRO CA 56 -95.49 153.84 90.08
N LEU CA 57 -95.91 153.65 91.33
CA LEU CA 57 -97.05 154.36 91.91
C LEU CA 57 -96.54 155.50 92.77
N GLN CA 58 -96.18 156.61 92.12
CA GLN CA 58 -95.66 157.77 92.81
C GLN CA 58 -96.80 158.71 93.20
N SER CA 59 -96.72 159.24 94.42
CA SER CA 59 -97.66 160.23 94.89
C SER CA 59 -97.39 161.56 94.18
N PRO CA 60 -98.31 162.53 94.27
CA PRO CA 60 -98.04 163.83 93.66
C PRO CA 60 -96.80 164.50 94.20
N SER CA 61 -96.47 164.28 95.48
CA SER CA 61 -95.22 164.77 96.04
C SER CA 61 -94.01 164.01 95.49
N GLY CA 62 -94.23 162.83 94.89
CA GLY CA 62 -93.17 162.03 94.31
C GLY CA 62 -92.79 160.81 95.13
N ASP CA 63 -93.26 160.69 96.37
CA ASP CA 63 -92.89 159.55 97.17
C ASP CA 63 -93.59 158.29 96.68
N PRO CA 64 -93.01 157.10 96.89
CA PRO CA 64 -93.72 155.88 96.50
C PRO CA 64 -94.98 155.69 97.33
N VAL CA 65 -95.98 155.05 96.71
CA VAL CA 65 -97.24 154.72 97.37
C VAL CA 65 -97.39 153.21 97.33
N VAL CA 66 -97.35 152.59 98.50
CA VAL CA 66 -97.55 151.15 98.62
C VAL CA 66 -99.03 150.87 98.86
N ILE CA 67 -99.59 149.94 98.08
CA ILE CA 67 -100.99 149.59 98.22
C ILE CA 67 -101.14 148.59 99.35
N ASP CA 68 -102.24 148.71 100.10
CA ASP CA 68 -102.35 148.04 101.39
C ASP CA 68 -102.39 146.52 101.21
N GLY CA 69 -103.37 146.01 100.48
CA GLY CA 69 -103.54 144.58 100.38
C GLY CA 69 -104.37 144.08 99.21
N VAL CA 70 -105.22 143.08 99.48
CA VAL CA 70 -105.95 142.40 98.42
C VAL CA 70 -106.88 143.37 97.72
N LEU CA 71 -106.91 143.31 96.40
CA LEU CA 71 -107.79 144.14 95.59
C LEU CA 71 -109.15 143.47 95.44
N LEU CA 72 -110.21 144.26 95.60
CA LEU CA 72 -111.58 143.79 95.47
C LEU CA 72 -112.25 144.22 94.17
N GLY CA 73 -111.79 145.30 93.55
CA GLY CA 73 -112.37 145.75 92.31
C GLY CA 73 -111.73 147.05 91.88
N GLN CA 74 -111.90 147.35 90.60
CA GLN CA 74 -111.34 148.55 89.98
C GLN CA 74 -112.46 149.31 89.27
N ASN CA 75 -112.10 150.50 88.77
CA ASN CA 75 -113.03 151.28 87.96
C ASN CA 75 -112.26 152.36 87.23
N VAL CA 76 -112.35 152.37 85.90
CA VAL CA 76 -111.75 153.41 85.07
C VAL CA 76 -112.85 154.35 84.65
N LEU CA 77 -112.81 155.60 85.11
CA LEU CA 77 -113.88 156.54 84.79
C LEU CA 77 -113.67 157.16 83.41
N ASN CA 78 -112.64 158.00 83.27
CA ASN CA 78 -112.14 158.41 81.96
C ASN CA 78 -110.65 158.10 81.83
N ASN CA 79 -109.84 158.60 82.75
CA ASN CA 79 -108.44 158.22 82.87
C ASN CA 79 -108.05 157.94 84.31
N TYR CA 80 -108.99 158.05 85.27
CA TYR CA 80 -108.72 157.80 86.67
C TYR CA 80 -109.12 156.37 87.01
N VAL CA 81 -108.17 155.58 87.49
CA VAL CA 81 -108.43 154.23 87.93
C VAL CA 81 -108.70 154.26 89.43
N THR CA 82 -109.83 153.69 89.84
CA THR CA 82 -110.26 153.72 91.24
C THR CA 82 -110.23 152.30 91.78
N LEU CA 83 -109.34 152.05 92.74
CA LEU CA 83 -109.15 150.73 93.33
C LEU CA 83 -109.82 150.66 94.70
N PHE CA 84 -110.49 149.55 94.97
CA PHE CA 84 -111.09 149.25 96.26
C PHE CA 84 -110.35 148.05 96.82
N THR CA 85 -109.41 148.30 97.74
CA THR CA 85 -108.54 147.27 98.29
C THR CA 85 -108.81 147.10 99.78
N LYS CA 86 -108.75 145.85 100.25
CA LYS CA 86 -108.79 145.52 101.67
C LYS CA 86 -107.34 145.34 102.15
N GLY CA 87 -107.17 145.13 103.44
CA GLY CA 87 -105.89 144.91 104.06
C GLY CA 87 -105.98 145.22 105.55
N THR CA 88 -104.91 145.83 106.09
CA THR CA 88 -104.98 146.29 107.47
C THR CA 88 -106.11 147.29 107.65
N ASN CA 89 -106.31 148.16 106.67
CA ASN CA 89 -107.47 149.03 106.57
C ASN CA 89 -108.19 148.74 105.26
N ASP CA 90 -109.29 149.45 105.02
CA ASP CA 90 -110.09 149.30 103.82
C ASP CA 90 -109.97 150.60 103.03
N ASN CA 91 -109.15 150.57 101.99
CA ASN CA 91 -108.66 151.77 101.33
C ASN CA 91 -109.36 152.01 100.00
N ILE CA 92 -109.23 153.24 99.50
CA ILE CA 92 -109.64 153.62 98.16
C ILE CA 92 -108.54 154.48 97.57
N TYR CA 93 -108.20 154.21 96.31
CA TYR CA 93 -107.13 154.91 95.62
C TYR CA 93 -107.66 155.54 94.34
N ARG CA 94 -106.94 156.56 93.86
CA ARG CA 94 -107.18 157.16 92.56
C ARG CA 94 -105.85 157.21 91.82
N LEU CA 95 -105.77 156.48 90.72
CA LEU CA 95 -104.55 156.37 89.93
C LEU CA 95 -104.78 157.03 88.57
N GLU CA 96 -103.95 158.01 88.23
CA GLU CA 96 -103.96 158.64 86.93
C GLU CA 96 -102.64 158.34 86.23
N ASN CA 97 -102.71 157.84 85.00
CA ASN CA 97 -101.53 157.45 84.27
C ASN CA 97 -100.86 158.69 83.69
N LYS CA 98 -99.72 159.07 84.25
CA LYS CA 98 -98.87 160.08 83.65
C LYS CA 98 -97.96 159.40 82.63
N GLY CA 99 -96.93 160.09 82.17
CA GLY CA 99 -96.09 159.55 81.10
C GLY CA 99 -95.46 158.22 81.47
N THR CA 100 -94.89 158.13 82.67
CA THR CA 100 -94.18 156.93 83.10
C THR CA 100 -94.54 156.45 84.50
N TYR CA 101 -95.52 157.07 85.15
CA TYR CA 101 -95.87 156.69 86.51
C TYR CA 101 -97.35 156.98 86.76
N PHE CA 102 -97.88 156.35 87.80
CA PHE CA 102 -99.27 156.53 88.21
C PHE CA 102 -99.31 157.51 89.37
N GLU CA 103 -99.93 158.67 89.15
CA GLU CA 103 -100.07 159.65 90.22
C GLU CA 103 -101.14 159.16 91.20
N THR CA 104 -100.69 158.48 92.26
CA THR CA 104 -101.60 157.81 93.18
C THR CA 104 -102.05 158.76 94.28
N LEU CA 105 -103.35 158.74 94.58
CA LEU CA 105 -103.92 159.44 95.71
C LEU CA 105 -104.73 158.45 96.54
N ILE CA 106 -104.76 158.68 97.84
CA ILE CA 106 -105.50 157.83 98.78
C ILE CA 106 -106.75 158.60 99.15
N LEU CA 107 -107.87 158.28 98.48
CA LEU CA 107 -109.11 159.00 98.73
C LEU CA 107 -109.71 158.68 100.09
N PHE CA 108 -109.38 157.52 100.67
CA PHE CA 108 -109.95 157.17 101.96
C PHE CA 108 -109.14 156.02 102.55
N SER CA 109 -109.10 155.97 103.88
CA SER CA 109 -108.42 154.90 104.60
C SER CA 109 -109.14 154.73 105.94
N GLY CA 110 -110.05 153.77 106.00
CA GLY CA 110 -110.82 153.56 107.21
C GLY CA 110 -111.41 152.18 107.32
N ASN CA 111 -112.64 152.10 107.83
CA ASN CA 111 -113.29 150.82 108.12
C ASN CA 111 -114.60 150.67 107.34
N LEU CA 112 -114.62 151.00 106.04
CA LEU CA 112 -115.78 150.68 105.19
C LEU CA 112 -115.89 149.18 105.24
N ASN CA 113 -116.85 148.60 105.91
CA ASN CA 113 -116.81 147.14 106.10
C ASN CA 113 -116.64 146.55 104.70
N PHE CA 114 -115.55 145.81 104.44
CA PHE CA 114 -115.28 145.19 103.12
C PHE CA 114 -114.84 143.77 103.38
N SER CA 115 -115.25 142.79 102.59
CA SER CA 115 -114.87 141.39 102.70
C SER CA 115 -114.34 140.91 101.35
N THR CA 116 -113.41 139.96 101.41
CA THR CA 116 -112.90 139.36 100.19
C THR CA 116 -113.93 138.44 99.54
N ASP CA 117 -114.85 137.89 100.33
CA ASP CA 117 -115.91 137.04 99.78
C ASP CA 117 -116.95 137.83 99.00
N TYR CA 118 -116.92 139.17 99.07
CA TYR CA 118 -117.88 140.04 98.40
C TYR CA 118 -117.11 141.10 97.63
N PRO CA 119 -116.62 140.77 96.42
CA PRO CA 119 -115.86 141.78 95.65
C PRO CA 119 -116.73 142.94 95.20
N ILE CA 120 -116.14 143.89 94.47
CA ILE CA 120 -116.79 145.14 94.14
C ILE CA 120 -117.20 145.13 92.66
N GLU CA 121 -118.34 145.75 92.38
CA GLU CA 121 -118.81 146.00 91.02
C GLU CA 121 -119.23 147.47 90.97
N SER CA 122 -118.79 148.18 89.93
CA SER CA 122 -118.87 149.63 89.92
C SER CA 122 -119.40 150.17 88.59
N ILE CA 123 -120.08 151.32 88.68
CA ILE CA 123 -120.41 152.16 87.53
C ILE CA 123 -119.96 153.57 87.87
N SER CA 124 -119.29 154.23 86.91
CA SER CA 124 -118.70 155.55 87.11
C SER CA 124 -119.11 156.48 85.97
N VAL CA 125 -119.63 157.64 86.33
CA VAL CA 125 -120.16 158.61 85.36
C VAL CA 125 -119.31 159.86 85.38
N TYR CA 126 -119.30 160.57 84.25
CA TYR CA 126 -118.61 161.85 84.09
C TYR CA 126 -119.64 162.91 83.73
N GLU CA 127 -120.08 163.68 84.73
CA GLU CA 127 -121.00 164.77 84.50
C GLU CA 127 -120.29 166.06 84.14
N ASN CA 128 -119.13 166.32 84.72
CA ASN CA 128 -118.37 167.54 84.48
C ASN CA 128 -117.00 167.37 85.12
N ASN CA 129 -116.20 168.44 85.10
CA ASN CA 129 -114.83 168.36 85.57
C ASN CA 129 -114.75 168.06 87.06
N ASN CA 130 -115.78 168.41 87.84
CA ASN CA 130 -115.74 168.26 89.29
C ASN CA 130 -116.63 167.14 89.81
N ILE CA 131 -117.73 166.85 89.13
CA ILE CA 131 -118.65 165.80 89.55
C ILE CA 131 -118.30 164.56 88.73
N GLN CA 132 -117.37 163.76 89.25
CA GLN CA 132 -116.98 162.49 88.63
C GLN CA 132 -117.19 161.41 89.69
N LYS CA 133 -118.30 160.71 89.60
CA LYS CA 133 -118.75 159.79 90.63
C LYS CA 133 -118.43 158.35 90.27
N VAL CA 134 -118.35 157.51 91.29
CA VAL CA 134 -118.14 156.08 91.13
C VAL CA 134 -119.07 155.35 92.07
N TYR CA 135 -120.19 154.85 91.54
CA TYR CA 135 -121.13 154.07 92.31
C TYR CA 135 -120.66 152.62 92.34
N TRP CA 136 -120.60 152.03 93.53
CA TRP CA 136 -120.16 150.65 93.68
C TRP CA 136 -120.97 149.96 94.75
N VAL CA 137 -121.09 148.64 94.62
CA VAL CA 137 -121.93 147.83 95.49
C VAL CA 137 -121.20 146.53 95.82
N ASP CA 138 -121.26 146.14 97.09
CA ASP CA 138 -120.97 144.78 97.49
C ASP CA 138 -122.25 143.96 97.48
N GLY CA 139 -122.09 142.65 97.60
CA GLY CA 139 -123.23 141.80 97.86
C GLY CA 139 -123.65 141.75 99.31
N LEU CA 140 -122.96 142.49 100.17
CA LEU CA 140 -123.13 142.45 101.61
C LEU CA 140 -123.55 143.78 102.21
N ASN CA 141 -122.98 144.88 101.74
CA ASN CA 141 -123.16 146.20 102.35
C ASN CA 141 -124.02 147.09 101.47
N GLN CA 142 -124.35 148.25 102.02
CA GLN CA 142 -125.13 149.25 101.31
C GLN CA 142 -124.40 149.71 100.05
N ALA CA 143 -125.17 150.14 99.06
CA ALA CA 143 -124.60 150.80 97.91
C ALA CA 143 -124.01 152.15 98.33
N ARG CA 144 -122.90 152.52 97.68
CA ARG CA 144 -122.14 153.70 98.09
C ARG CA 144 -121.74 154.50 96.85
N VAL CA 145 -121.32 155.74 97.09
CA VAL CA 145 -120.88 156.65 96.05
C VAL CA 145 -119.59 157.32 96.51
N ILE CA 146 -118.75 157.70 95.55
CA ILE CA 146 -117.54 158.46 95.85
C ILE CA 146 -117.26 159.39 94.67
N ASN CA 147 -117.00 160.66 94.99
CA ASN CA 147 -116.54 161.63 94.01
C ASN CA 147 -115.01 161.61 94.01
N ILE CA 148 -114.43 161.09 92.94
CA ILE CA 148 -112.99 160.82 92.91
C ILE CA 148 -112.20 162.11 92.72
N THR CA 149 -112.88 163.24 92.49
CA THR CA 149 -112.23 164.54 92.43
C THR CA 149 -112.31 165.29 93.75
N LYS CA 150 -112.52 164.57 94.86
CA LYS CA 150 -112.61 165.18 96.18
C LYS CA 150 -111.84 164.30 97.15
N ASP CA 151 -111.02 164.93 98.00
CA ASP CA 151 -110.04 164.21 98.81
C ASP CA 151 -110.17 164.52 100.29
N ASP CA 152 -111.34 164.94 100.75
CA ASP CA 152 -111.58 165.25 102.17
C ASP CA 152 -112.59 164.27 102.77
N TYR CA 153 -112.53 163.01 102.34
CA TYR CA 153 -113.39 161.98 102.92
C TYR CA 153 -112.77 161.51 104.23
N ASN CA 154 -113.51 161.70 105.33
CA ASN CA 154 -112.99 161.46 106.67
C ASN CA 154 -113.77 160.43 107.46
N ASN CA 155 -114.97 160.04 107.03
CA ASN CA 155 -115.78 159.06 107.72
C ASN CA 155 -116.33 158.05 106.74
N ALA CA 156 -116.72 156.89 107.25
CA ALA CA 156 -117.26 155.81 106.43
C ALA CA 156 -118.68 156.08 105.96
N ASP CA 157 -119.38 157.05 106.55
CA ASP CA 157 -120.74 157.40 106.15
C ASP CA 157 -120.78 158.43 105.04
N ASP CA 158 -119.63 158.94 104.60
CA ASP CA 158 -119.61 159.95 103.55
C ASP CA 158 -119.93 159.37 102.18
N PHE CA 159 -119.96 158.04 102.04
CA PHE CA 159 -120.18 157.40 100.75
C PHE CA 159 -121.58 156.86 100.56
N ASP CA 160 -122.41 156.84 101.60
CA ASP CA 160 -123.76 156.29 101.47
C ASP CA 160 -124.62 157.16 100.57
N PHE CA 161 -125.69 156.57 100.04
CA PHE CA 161 -126.59 157.31 99.18
C PHE CA 161 -127.24 158.46 99.91
N VAL CA 162 -127.62 158.25 101.16
CA VAL CA 162 -128.30 159.27 101.96
C VAL CA 162 -127.24 160.15 102.60
N GLY CA 163 -127.48 161.46 102.59
CA GLY CA 163 -126.52 162.39 103.14
C GLY CA 163 -126.43 162.29 104.65
N THR CA 164 -125.35 162.88 105.17
CA THR CA 164 -125.07 162.90 106.60
C THR CA 164 -125.03 164.35 107.08
N ILE CA 165 -125.46 164.56 108.32
CA ILE CA 165 -125.51 165.88 108.94
C ILE CA 165 -124.52 165.89 110.10
N HIS CA 166 -123.56 166.80 110.04
CA HIS CA 166 -122.51 166.90 111.06
C HIS CA 166 -122.83 167.97 112.10
N THR CA 167 -123.24 169.16 111.67
CA THR CA 167 -123.56 170.24 112.59
C THR CA 167 -124.92 169.98 113.24
N SER CA 168 -125.13 170.63 114.39
CA SER CA 168 -126.38 170.53 115.15
C SER CA 168 -127.23 171.73 114.79
N SER CA 169 -128.05 171.57 113.75
CA SER CA 169 -128.88 172.67 113.28
C SER CA 169 -129.91 173.04 114.33
N LYS CA 170 -130.10 174.35 114.52
CA LYS CA 170 -131.11 174.90 115.43
C LYS CA 170 -131.93 175.89 114.61
N ILE CA 171 -133.15 175.49 114.22
CA ILE CA 171 -134.01 176.28 113.37
C ILE CA 171 -135.30 176.51 114.12
N GLU CA 172 -135.58 177.76 114.47
CA GLU CA 172 -136.82 178.18 115.11
C GLU CA 172 -137.64 179.03 114.14
N VAL CA 173 -138.94 178.80 114.13
CA VAL CA 173 -139.86 179.51 113.23
C VAL CA 173 -140.87 180.25 114.08
N SER CA 174 -141.01 181.55 113.82
CA SER CA 174 -141.95 182.40 114.53
C SER CA 174 -142.80 183.15 113.50
N LYS CA 175 -144.00 183.55 113.94
CA LYS CA 175 -144.98 184.16 113.05
C LYS CA 175 -144.88 185.68 113.13
N VAL CA 176 -144.73 186.30 111.97
CA VAL CA 176 -144.80 187.76 111.82
C VAL CA 176 -146.14 188.10 111.23
N ASN CA 177 -146.83 189.09 111.81
CA ASN CA 177 -148.18 189.45 111.42
C ASN CA 177 -148.18 190.86 110.83
N GLY CA 178 -148.84 191.01 109.69
CA GLY CA 178 -148.97 192.30 109.03
C GLY CA 178 -148.75 192.25 107.53
N SER CA 179 -147.90 191.32 107.08
CA SER CA 179 -147.54 191.21 105.67
C SER CA 179 -147.56 189.75 105.26
N GLY CA 180 -147.91 189.53 104.00
CA GLY CA 180 -148.00 188.21 103.41
C GLY CA 180 -149.39 187.91 102.91
N ALA CA 181 -149.55 186.67 102.43
CA ALA CA 181 -150.84 186.21 101.93
C ALA CA 181 -150.89 184.70 102.11
N PHE CA 182 -151.56 184.27 103.18
CA PHE CA 182 -151.69 182.85 103.50
C PHE CA 182 -153.16 182.48 103.63
N GLY CA 183 -153.43 181.19 103.50
CA GLY CA 183 -154.77 180.68 103.69
C GLY CA 183 -155.02 180.31 105.14
N GLN CA 184 -156.29 180.38 105.55
CA GLN CA 184 -156.65 180.00 106.90
C GLN CA 184 -156.32 178.55 107.17
N GLY CA 185 -155.79 178.27 108.35
CA GLY CA 185 -155.47 176.93 108.77
C GLY CA 185 -154.17 176.91 109.54
N VAL CA 186 -153.63 175.70 109.73
CA VAL CA 186 -152.37 175.50 110.43
C VAL CA 186 -151.31 175.15 109.40
N ILE CA 187 -150.07 175.55 109.68
CA ILE CA 187 -148.94 175.36 108.78
C ILE CA 187 -147.78 174.74 109.56
N GLN CA 188 -147.09 173.80 108.93
CA GLN CA 188 -145.93 173.14 109.51
C GLN CA 188 -144.80 173.17 108.49
N TYR CA 189 -143.59 173.45 108.98
CA TYR CA 189 -142.41 173.58 108.13
C TYR CA 189 -141.50 172.37 108.30
N ALA CA 190 -141.01 171.85 107.17
CA ALA CA 190 -140.05 170.75 107.15
C ALA CA 190 -138.81 171.18 106.37
N PHE CA 191 -137.65 170.74 106.85
CA PHE CA 191 -136.36 171.14 106.30
C PHE CA 191 -135.55 169.90 105.93
N THR CA 192 -134.66 170.07 104.97
CA THR CA 192 -133.78 168.98 104.56
C THR CA 192 -132.63 169.54 103.71
N TYR CA 193 -131.40 169.16 104.07
CA TYR CA 193 -130.25 169.54 103.28
C TYR CA 193 -130.21 168.74 101.97
N TYR CA 194 -129.50 169.29 100.98
CA TYR CA 194 -129.23 168.53 99.77
C TYR CA 194 -128.11 169.20 99.00
N ASN CA 195 -127.10 168.40 98.62
CA ASN CA 195 -126.01 168.86 97.80
C ASN CA 195 -126.45 169.03 96.34
N LYS CA 196 -125.85 170.00 95.68
CA LYS CA 196 -126.15 170.25 94.28
C LYS CA 196 -125.58 169.08 93.47
N TYR CA 197 -126.41 168.44 92.64
CA TYR CA 197 -125.99 167.29 91.85
C TYR CA 197 -125.46 166.17 92.74
N GLY CA 198 -125.96 166.07 93.96
CA GLY CA 198 -125.44 165.12 94.92
C GLY CA 198 -126.49 164.49 95.81
N LYS CA 199 -126.13 164.22 97.05
CA LYS CA 199 -126.98 163.48 97.96
C LYS CA 199 -128.04 164.40 98.56
N GLU CA 200 -128.95 163.80 99.34
CA GLU CA 200 -130.01 164.56 99.99
C GLU CA 200 -130.33 163.88 101.32
N THR CA 201 -130.35 164.68 102.38
CA THR CA 201 -130.64 164.16 103.71
C THR CA 201 -132.15 163.98 103.91
N ASN CA 202 -132.49 163.19 104.91
CA ASN CA 202 -133.89 163.04 105.30
C ASN CA 202 -134.39 164.34 105.93
N ILE CA 203 -135.66 164.36 106.30
CA ILE CA 203 -136.22 165.53 106.98
C ILE CA 203 -135.70 165.51 108.40
N PHE CA 204 -134.67 166.30 108.67
CA PHE CA 204 -134.01 166.25 109.97
C PHE CA 204 -134.73 167.09 111.02
N ARG CA 205 -135.41 168.16 110.61
CA ARG CA 205 -136.13 169.04 111.53
C ARG CA 205 -137.49 169.40 110.95
N THR CA 206 -138.51 169.39 111.80
CA THR CA 206 -139.85 169.83 111.44
C THR CA 206 -140.35 170.79 112.52
N SER CA 207 -140.78 171.96 112.09
CA SER CA 207 -141.29 172.95 113.02
C SER CA 207 -142.63 172.49 113.60
N PRO CA 208 -143.00 172.94 114.79
CA PRO CA 208 -144.34 172.65 115.30
C PRO CA 208 -145.39 173.34 114.44
N LEU CA 209 -146.65 173.01 114.72
CA LEU CA 209 -147.74 173.66 114.01
C LEU CA 209 -147.79 175.14 114.34
N LEU CA 210 -147.95 175.97 113.32
CA LEU CA 210 -148.16 177.40 113.47
C LEU CA 210 -149.52 177.76 112.92
N TYR CA 211 -150.20 178.69 113.59
CA TYR CA 211 -151.58 179.02 113.31
C TYR CA 211 -151.65 180.25 112.43
N ILE CA 212 -152.31 180.11 111.28
CA ILE CA 212 -152.53 181.24 110.37
C ILE CA 212 -153.82 181.90 110.80
N ALA CA 213 -153.70 182.87 111.71
CA ALA CA 213 -154.84 183.61 112.23
C ALA CA 213 -154.45 185.07 112.40
N TYR CA 214 -155.45 185.89 112.68
CA TYR CA 214 -155.22 187.31 112.86
C TYR CA 214 -154.56 187.56 114.22
N SER CA 215 -154.06 188.78 114.40
CA SER CA 215 -153.38 189.13 115.63
C SER CA 215 -154.31 189.17 116.84
N ASP CA 216 -155.62 189.16 116.63
CA ASP CA 216 -156.58 189.25 117.73
C ASP CA 216 -157.77 188.29 117.62
N ARG CA 217 -157.94 187.56 116.54
CA ARG CA 217 -159.06 186.63 116.41
C ARG CA 217 -158.67 185.52 115.45
N GLY CA 218 -159.47 184.46 115.44
CA GLY CA 218 -159.32 183.40 114.48
C GLY CA 218 -159.79 183.83 113.11
N ALA CA 219 -159.64 182.93 112.14
CA ALA CA 219 -159.97 183.19 110.76
C ALA CA 219 -161.17 182.35 110.34
N SER CA 220 -162.03 182.94 109.51
CA SER CA 220 -163.15 182.21 108.95
C SER CA 220 -162.62 181.14 108.00
N PRO CA 221 -163.39 180.07 107.75
CA PRO CA 221 -162.90 179.03 106.83
C PRO CA 221 -162.62 179.54 105.43
N GLU CA 222 -163.22 180.65 105.01
CA GLU CA 222 -163.07 181.18 103.66
C GLU CA 222 -162.22 182.45 103.60
N GLU CA 223 -161.51 182.78 104.68
CA GLU CA 223 -160.74 184.02 104.75
C GLU CA 223 -159.26 183.76 104.50
N THR CA 224 -158.61 184.73 103.87
CA THR CA 224 -157.16 184.72 103.68
C THR CA 224 -156.53 185.71 104.62
N VAL CA 225 -155.46 185.30 105.28
CA VAL CA 225 -154.81 186.08 106.33
C VAL CA 225 -153.50 186.64 105.81
N SER CA 226 -153.15 187.84 106.29
CA SER CA 226 -151.90 188.49 105.92
C SER CA 226 -150.87 188.21 107.01
N CYS CA 227 -150.33 187.00 106.96
CA CYS CA 227 -149.30 186.54 107.89
C CYS CA 227 -148.03 186.18 107.13
N SER CA 228 -146.92 186.20 107.86
CA SER CA 228 -145.63 185.80 107.30
C SER CA 228 -144.79 185.20 108.43
N PHE CA 229 -144.04 184.15 108.11
CA PHE CA 229 -143.29 183.40 109.10
C PHE CA 229 -141.80 183.58 108.83
N GLN CA 230 -141.09 184.09 109.84
CA GLN CA 230 -139.64 184.27 109.75
C GLN CA 230 -138.95 183.00 110.25
N ILE CA 231 -137.99 182.52 109.46
CA ILE CA 231 -137.25 181.31 109.77
C ILE CA 231 -135.83 181.73 110.13
N ASN CA 232 -135.42 181.42 111.36
CA ASN CA 232 -134.12 181.83 111.88
C ASN CA 232 -133.21 180.60 111.93
N PHE CA 233 -132.40 180.41 110.91
CA PHE CA 233 -131.43 179.33 110.89
C PHE CA 233 -130.24 179.65 111.79
N THR CA 234 -129.71 178.61 112.42
CA THR CA 234 -128.57 178.76 113.31
C THR CA 234 -127.73 177.50 113.27
N GLU CA 235 -126.44 177.66 112.98
CA GLU CA 235 -125.48 176.56 112.97
C GLU CA 235 -125.91 175.48 111.96
N LEU CA 236 -125.97 175.88 110.71
CA LEU CA 236 -126.32 174.98 109.62
C LEU CA 236 -125.10 174.22 109.14
N ASP CA 237 -125.34 173.14 108.41
CA ASP CA 237 -124.27 172.33 107.83
C ASP CA 237 -123.80 173.02 106.56
N SER CA 238 -122.75 173.84 106.70
CA SER CA 238 -122.24 174.62 105.57
C SER CA 238 -121.65 173.73 104.48
N SER CA 239 -121.33 172.47 104.79
CA SER CA 239 -120.79 171.58 103.78
C SER CA 239 -121.77 171.30 102.65
N TYR CA 240 -123.07 171.47 102.90
CA TYR CA 240 -124.08 171.25 101.89
C TYR CA 240 -124.30 172.51 101.06
N ASP CA 241 -124.68 172.31 99.79
CA ASP CA 241 -124.87 173.45 98.90
C ASP CA 241 -126.12 174.24 99.25
N PHE CA 242 -127.22 173.56 99.58
CA PHE CA 242 -128.50 174.21 99.81
C PHE CA 242 -129.21 173.55 100.98
N ILE CA 243 -130.12 174.32 101.58
CA ILE CA 243 -131.08 173.81 102.55
C ILE CA 243 -132.47 174.08 102.00
N ARG CA 244 -133.28 173.03 101.91
CA ARG CA 244 -134.60 173.11 101.31
C ARG CA 244 -135.66 173.28 102.41
N VAL CA 245 -136.71 174.02 102.09
CA VAL CA 245 -137.77 174.34 103.03
C VAL CA 245 -139.09 173.89 102.41
N TYR CA 246 -139.87 173.14 103.18
CA TYR CA 246 -141.22 172.74 102.81
C TYR CA 246 -142.22 173.40 103.76
N SER CA 247 -143.50 173.28 103.41
CA SER CA 247 -144.56 173.89 104.20
C SER CA 247 -145.82 173.06 104.05
N ILE CA 248 -146.15 172.29 105.08
CA ILE CA 248 -147.35 171.46 105.08
C ILE CA 248 -148.50 172.33 105.59
N HIS CA 249 -149.48 172.59 104.72
CA HIS CA 249 -150.59 173.48 105.01
C HIS CA 249 -151.87 172.66 105.09
N ARG CA 250 -152.58 172.77 106.21
CA ARG CA 250 -153.85 172.08 106.44
C ARG CA 250 -154.96 173.11 106.48
N THR CA 251 -156.03 172.84 105.73
CA THR CA 251 -157.22 173.69 105.72
C THR CA 251 -158.42 173.06 106.40
N SER CA 252 -158.28 171.86 106.95
CA SER CA 252 -159.37 171.19 107.65
C SER CA 252 -158.76 170.19 108.63
N ILE CA 253 -159.60 169.31 109.17
CA ILE CA 253 -159.16 168.29 110.12
C ILE CA 253 -158.80 167.04 109.34
N ASP CA 254 -157.53 166.62 109.45
CA ASP CA 254 -157.04 165.40 108.83
C ASP CA 254 -157.25 165.41 107.30
N ALA CA 255 -157.19 166.59 106.70
CA ALA CA 255 -157.31 166.72 105.25
C ALA CA 255 -155.94 166.61 104.59
N THR CA 256 -155.96 166.22 103.32
CA THR CA 256 -154.73 166.11 102.55
C THR CA 256 -154.08 167.48 102.46
N PRO CA 257 -152.93 167.72 103.11
CA PRO CA 257 -152.37 169.09 103.12
C PRO CA 257 -151.87 169.51 101.75
N THR CA 258 -151.42 170.77 101.65
CA THR CA 258 -150.92 171.36 100.41
C THR CA 258 -149.45 171.66 100.61
N VAL CA 259 -148.60 170.69 100.31
CA VAL CA 259 -147.17 170.86 100.48
C VAL CA 259 -146.65 171.81 99.41
N ARG CA 260 -145.85 172.79 99.81
CA ARG CA 260 -145.22 173.75 98.91
C ARG CA 260 -143.71 173.70 99.10
N LYS CA 261 -142.98 173.81 97.99
CA LYS CA 261 -141.53 173.91 98.03
C LYS CA 261 -141.18 175.40 98.12
N VAL CA 262 -140.91 175.86 99.34
CA VAL CA 262 -140.78 177.29 99.58
C VAL CA 262 -139.58 177.85 98.83
N ALA CA 263 -138.38 177.39 99.17
CA ALA CA 263 -137.18 177.92 98.55
C ALA CA 263 -136.03 176.94 98.76
N ASP CA 264 -134.99 177.12 97.96
CA ASP CA 264 -133.72 176.38 98.08
C ASP CA 264 -132.67 177.39 98.52
N LEU CA 265 -132.57 177.59 99.83
CA LEU CA 265 -131.67 178.59 100.39
C LEU CA 265 -130.28 178.02 100.58
N ALA CA 266 -129.29 178.90 100.58
CA ALA CA 266 -127.92 178.49 100.86
C ALA CA 266 -127.79 178.03 102.31
N THR CA 267 -126.83 177.15 102.55
CA THR CA 267 -126.65 176.54 103.86
C THR CA 267 -125.91 177.44 104.85
N ASP CA 268 -125.68 178.71 104.50
CA ASP CA 268 -125.07 179.66 105.40
C ASP CA 268 -125.98 180.84 105.71
N THR CA 269 -127.15 180.93 105.08
CA THR CA 269 -128.06 182.03 105.37
C THR CA 269 -128.62 181.90 106.79
N LYS CA 270 -128.89 183.04 107.41
CA LYS CA 270 -129.29 183.10 108.80
C LYS CA 270 -130.74 183.51 109.03
N LEU CA 271 -131.43 184.00 108.00
CA LEU CA 271 -132.81 184.44 108.17
C LEU CA 271 -133.53 184.38 106.84
N TYR CA 272 -134.80 183.99 106.89
CA TYR CA 272 -135.66 183.99 105.71
C TYR CA 272 -137.10 184.16 106.17
N VAL CA 273 -137.82 185.07 105.50
CA VAL CA 273 -139.22 185.33 105.79
C VAL CA 273 -140.05 184.73 104.67
N ASP CA 274 -140.98 183.85 105.03
CA ASP CA 274 -141.75 183.07 104.06
C ASP CA 274 -143.13 183.69 103.90
N THR CA 275 -143.22 184.66 102.99
CA THR CA 275 -144.53 185.10 102.53
C THR CA 275 -145.19 183.96 101.74
N GLY CA 276 -146.52 183.91 101.81
CA GLY CA 276 -147.23 182.82 101.18
C GLY CA 276 -147.23 182.82 99.66
N THR CA 277 -146.70 183.88 99.04
CA THR CA 277 -146.74 183.98 97.59
C THR CA 277 -145.90 182.89 96.93
N THR CA 278 -144.58 182.90 97.17
CA THR CA 278 -143.68 182.04 96.44
C THR CA 278 -143.79 180.59 96.91
N GLY CA 279 -143.56 179.66 95.97
CA GLY CA 279 -143.52 178.25 96.28
C GLY CA 279 -144.21 177.37 95.25
N GLU CA 280 -143.58 176.25 94.90
CA GLU CA 280 -144.16 175.29 93.97
C GLU CA 280 -144.94 174.24 94.74
N ILE CA 281 -146.17 173.98 94.32
CA ILE CA 281 -147.07 173.08 95.02
C ILE CA 281 -146.67 171.66 94.62
N VAL CA 282 -145.87 171.00 95.45
CA VAL CA 282 -145.45 169.63 95.19
C VAL CA 282 -146.48 168.66 95.76
N ASP CA 283 -146.42 167.41 95.31
CA ASP CA 283 -147.37 166.42 95.78
C ASP CA 283 -147.08 166.07 97.24
N PRO CA 284 -148.11 165.84 98.07
CA PRO CA 284 -147.83 165.49 99.48
C PRO CA 284 -147.07 164.20 99.65
N THR CA 285 -147.20 163.25 98.72
CA THR CA 285 -146.65 161.91 98.93
C THR CA 285 -145.13 161.88 98.82
N LEU CA 286 -144.51 162.87 98.17
CA LEU CA 286 -143.08 162.81 97.95
C LEU CA 286 -142.28 163.35 99.14
N LEU CA 287 -142.94 163.80 100.20
CA LEU CA 287 -142.24 164.06 101.45
C LEU CA 287 -141.76 162.77 102.11
N LEU CA 288 -142.26 161.62 101.67
CA LEU CA 288 -141.77 160.34 102.15
C LEU CA 288 -140.61 159.81 101.31
N TYR CA 289 -140.44 160.29 100.09
CA TYR CA 289 -139.37 159.86 99.21
C TYR CA 289 -138.10 160.70 99.36
N VAL CA 290 -138.10 161.67 100.27
CA VAL CA 290 -136.90 162.47 100.49
C VAL CA 290 -135.83 161.60 101.14
N GLY CA 291 -134.64 161.57 100.55
CA GLY CA 291 -133.57 160.71 101.03
C GLY CA 291 -133.65 159.29 100.52
N GLY CA 292 -134.81 158.65 100.68
CA GLY CA 292 -135.01 157.30 100.17
C GLY CA 292 -134.60 156.24 101.17
N GLU CA 293 -134.71 155.00 100.73
CA GLU CA 293 -134.39 153.84 101.55
C GLU CA 293 -132.92 153.48 101.43
N GLU CA 294 -132.48 152.61 102.33
CA GLU CA 294 -131.10 152.12 102.36
C GLU CA 294 -131.13 150.65 101.99
N ILE CA 295 -130.60 150.32 100.80
CA ILE CA 295 -130.65 148.97 100.26
C ILE CA 295 -129.24 148.48 99.97
N ALA CA 296 -129.09 147.16 100.02
CA ALA CA 296 -127.82 146.49 99.76
C ALA CA 296 -127.91 145.70 98.46
N PRO CA 297 -127.83 146.35 97.30
CA PRO CA 297 -127.99 145.63 96.03
C PRO CA 297 -126.82 144.70 95.74
N TYR CA 298 -126.91 143.97 94.64
CA TYR CA 298 -125.87 143.06 94.21
C TYR CA 298 -125.25 143.44 92.87
N THR CA 299 -126.04 143.97 91.93
CA THR CA 299 -125.57 144.30 90.60
C THR CA 299 -126.27 145.56 90.12
N MET CA 300 -125.69 146.17 89.07
CA MET CA 300 -126.23 147.39 88.50
C MET CA 300 -126.05 147.39 86.99
N THR CA 301 -126.87 148.19 86.32
CA THR CA 301 -126.68 148.56 84.92
C THR CA 301 -126.93 150.05 84.80
N GLN CA 302 -126.90 150.56 83.57
CA GLN CA 302 -127.07 151.98 83.34
C GLN CA 302 -127.54 152.15 81.89
N LYS CA 303 -128.84 152.37 81.71
CA LYS CA 303 -129.41 152.61 80.39
C LYS CA 303 -130.23 153.89 80.43
N ASP CA 304 -130.00 154.76 79.46
CA ASP CA 304 -130.79 155.98 79.29
C ASP CA 304 -130.81 156.81 80.58
N ASN CA 305 -129.63 156.91 81.21
CA ASN CA 305 -129.46 157.72 82.40
C ASN CA 305 -130.34 157.24 83.56
N THR CA 306 -130.64 155.94 83.58
CA THR CA 306 -131.44 155.32 84.62
C THR CA 306 -130.67 154.15 85.22
N LEU CA 307 -130.72 154.02 86.54
CA LEU CA 307 -129.93 153.03 87.26
C LEU CA 307 -130.82 151.89 87.72
N PHE CA 308 -130.36 150.67 87.48
CA PHE CA 308 -131.04 149.45 87.91
C PHE CA 308 -130.25 148.81 89.04
N LEU CA 309 -130.98 148.19 89.97
CA LEU CA 309 -130.39 147.63 91.18
C LEU CA 309 -131.12 146.33 91.50
N GLY CA 310 -130.43 145.20 91.33
CA GLY CA 310 -131.04 143.88 91.45
C GLY CA 310 -130.52 143.12 92.65
N ASN CA 311 -131.36 142.22 93.17
CA ASN CA 311 -130.99 141.35 94.29
C ASN CA 311 -130.53 142.17 95.49
N TYR CA 312 -131.46 142.94 96.03
CA TYR CA 312 -131.18 143.91 97.08
C TYR CA 312 -131.84 143.49 98.40
N THR CA 313 -131.19 143.89 99.49
CA THR CA 313 -131.68 143.67 100.84
C THR CA 313 -131.98 145.02 101.47
N LEU CA 314 -133.17 145.16 102.04
CA LEU CA 314 -133.55 146.40 102.72
C LEU CA 314 -132.90 146.40 104.10
N LYS CA 315 -131.81 147.14 104.24
CA LYS CA 315 -131.09 147.17 105.50
C LYS CA 315 -131.92 147.91 106.53
N ARG CA 316 -132.60 147.15 107.38
CA ARG CA 316 -133.42 147.68 108.46
C ARG CA 316 -132.71 147.47 109.80
N SER CA 317 -132.55 148.56 110.55
CA SER CA 317 -131.82 148.54 111.82
C SER CA 317 -132.83 148.74 112.95
N LEU CA 318 -132.97 147.72 113.79
CA LEU CA 318 -133.92 147.72 114.89
C LEU CA 318 -133.18 147.77 116.22
N ILE CA 319 -133.95 147.97 117.29
CA ILE CA 319 -133.44 148.04 118.65
C ILE CA 319 -133.85 146.75 119.35
N SER CA 320 -132.87 146.08 119.98
CA SER CA 320 -133.13 144.80 120.62
C SER CA 320 -134.06 144.98 121.82
N THR CA 321 -134.79 143.91 122.14
CA THR CA 321 -135.77 143.98 123.23
C THR CA 321 -135.10 144.28 124.55
N GLU CA 322 -133.93 143.69 124.81
CA GLU CA 322 -133.26 143.95 126.09
C GLU CA 322 -132.88 145.41 126.23
N LEU CA 323 -132.45 146.05 125.14
CA LEU CA 323 -132.12 147.46 125.21
C LEU CA 323 -133.38 148.30 125.39
N LYS CA 324 -134.49 147.90 124.77
CA LYS CA 324 -135.75 148.61 124.98
C LYS CA 324 -136.16 148.54 126.45
N ASN CA 325 -136.05 147.36 127.06
CA ASN CA 325 -136.40 147.22 128.47
C ASN CA 325 -135.45 148.00 129.35
N GLN CA 326 -134.16 148.03 129.00
CA GLN CA 326 -133.20 148.80 129.78
C GLN CA 326 -133.52 150.29 129.72
N ILE CA 327 -133.88 150.80 128.53
CA ILE CA 327 -134.28 152.20 128.41
C ILE CA 327 -135.55 152.46 129.23
N LYS CA 328 -136.49 151.52 129.20
CA LYS CA 328 -137.71 151.69 129.98
C LYS CA 328 -137.39 151.77 131.47
N SER CA 329 -136.49 150.90 131.95
CA SER CA 329 -136.16 150.89 133.37
C SER CA 329 -135.35 152.12 133.78
N ASP CA 330 -134.50 152.61 132.89
CA ASP CA 330 -133.60 153.72 133.19
C ASP CA 330 -134.24 155.09 132.97
N SER CA 331 -135.52 155.14 132.61
CA SER CA 331 -136.19 156.41 132.34
C SER CA 331 -136.72 156.99 133.65
N ILE CA 332 -136.18 158.13 134.05
CA ILE CA 332 -136.66 158.87 135.21
C ILE CA 332 -137.57 159.97 134.67
N VAL CA 333 -138.85 159.67 134.59
CA VAL CA 333 -139.84 160.60 134.04
C VAL CA 333 -140.43 161.42 135.17
N THR CA 334 -140.55 162.73 134.94
CA THR CA 334 -141.12 163.64 135.91
C THR CA 334 -141.91 164.72 135.18
N THR CA 335 -142.85 165.33 135.89
CA THR CA 335 -143.68 166.40 135.35
C THR CA 335 -143.19 167.73 135.90
N ILE CA 336 -143.02 168.70 135.01
CA ILE CA 336 -142.51 170.02 135.37
C ILE CA 336 -143.48 171.08 134.88
N LEU CA 337 -143.35 172.28 135.44
CA LEU CA 337 -144.20 173.42 135.11
C LEU CA 337 -143.35 174.39 134.28
N GLY CA 338 -143.33 174.17 132.97
CA GLY CA 338 -142.60 175.02 132.05
C GLY CA 338 -143.49 176.07 131.42
N GLY CA 339 -142.85 176.91 130.59
CA GLY CA 339 -143.57 177.94 129.87
C GLY CA 339 -142.94 178.23 128.51
N LEU CA 340 -143.35 179.34 127.90
CA LEU CA 340 -142.83 179.72 126.60
C LEU CA 340 -141.50 180.47 126.76
N ASP CA 341 -140.84 180.71 125.63
CA ASP CA 341 -139.56 181.43 125.65
C ASP CA 341 -139.75 182.86 126.16
N ASP CA 342 -140.82 183.52 125.75
CA ASP CA 342 -141.07 184.89 126.20
C ASP CA 342 -141.26 184.94 127.70
N ALA CA 343 -142.17 184.11 128.22
CA ALA CA 343 -142.44 183.93 129.64
C ALA CA 343 -143.14 185.11 130.29
N ILE CA 344 -143.42 186.20 129.56
CA ILE CA 344 -144.11 187.36 130.09
C ILE CA 344 -145.05 187.88 129.02
N GLU CA 345 -146.36 187.83 129.29
CA GLU CA 345 -147.38 188.33 128.38
C GLU CA 345 -147.75 189.73 128.82
N SER CA 346 -147.03 190.72 128.30
CA SER CA 346 -147.28 192.12 128.64
C SER CA 346 -148.53 192.68 127.96
N GLU CA 347 -149.12 191.96 127.01
CA GLU CA 347 -150.30 192.46 126.33
C GLU CA 347 -151.49 192.56 127.27
N TRP CA 348 -151.52 191.76 128.31
CA TRP CA 348 -152.67 191.66 129.21
C TRP CA 348 -152.37 192.43 130.50
N ASN CA 349 -153.33 193.24 130.93
CA ASN CA 349 -153.19 194.05 132.13
C ASN CA 349 -154.55 194.15 132.82
N VAL CA 350 -154.53 194.60 134.07
CA VAL CA 350 -155.75 194.74 134.86
C VAL CA 350 -156.30 196.16 134.75
N ASN CA 351 -155.80 196.93 133.78
CA ASN CA 351 -156.27 198.29 133.54
C ASN CA 351 -157.25 198.36 132.37
N THR CA 352 -157.98 197.28 132.11
CA THR CA 352 -158.90 197.22 130.99
C THR CA 352 -160.11 196.37 131.34
N GLN CA 353 -161.21 196.61 130.63
CA GLN CA 353 -162.45 195.90 130.91
C GLN CA 353 -162.37 194.43 130.52
N TYR CA 354 -161.62 194.12 129.46
CA TYR CA 354 -161.59 192.76 128.93
C TYR CA 354 -160.32 192.59 128.13
N ASN CA 355 -159.57 191.52 128.42
CA ASN CA 355 -158.37 191.16 127.68
C ASN CA 355 -158.46 189.69 127.31
N SER CA 356 -158.61 189.40 126.02
CA SER CA 356 -158.74 188.04 125.54
C SER CA 356 -157.36 187.41 125.44
N ASN CA 357 -157.12 186.39 126.24
CA ASN CA 357 -155.83 185.69 126.24
C ASN CA 357 -155.73 184.89 124.94
N TYR CA 358 -154.99 185.45 123.98
CA TYR CA 358 -154.88 184.89 122.64
C TYR CA 358 -153.54 184.19 122.51
N ASP CA 359 -153.58 182.88 122.23
CA ASP CA 359 -152.38 182.05 122.18
C ASP CA 359 -152.06 181.53 120.78
N LEU CA 360 -152.69 182.10 119.75
CA LEU CA 360 -152.43 181.68 118.38
C LEU CA 360 -151.27 182.42 117.72
N ASN CA 361 -150.72 183.44 118.39
CA ASN CA 361 -149.54 184.13 117.88
C ASN CA 361 -148.26 183.39 118.18
N TYR CA 362 -148.32 182.29 118.93
CA TYR CA 362 -147.17 181.47 119.28
C TYR CA 362 -147.21 180.18 118.48
N ASP CA 363 -146.27 179.28 118.79
CA ASP CA 363 -146.20 177.98 118.13
C ASP CA 363 -147.29 177.08 118.71
N SER CA 364 -147.30 175.81 118.31
CA SER CA 364 -148.22 174.82 118.86
C SER CA 364 -147.73 174.21 120.16
N ARG CA 365 -146.61 174.70 120.70
CA ARG CA 365 -146.13 174.24 122.00
C ARG CA 365 -146.97 174.77 123.15
N ILE CA 366 -147.99 175.60 122.88
CA ILE CA 366 -148.91 176.05 123.92
C ILE CA 366 -149.67 174.89 124.54
N LYS CA 367 -149.77 173.75 123.85
CA LYS CA 367 -150.50 172.62 124.38
C LYS CA 367 -149.85 172.13 125.68
N GLY CA 368 -150.69 171.69 126.60
CA GLY CA 368 -150.22 171.12 127.86
C GLY CA 368 -150.74 169.72 128.09
N PHE CA 369 -150.84 169.33 129.35
CA PHE CA 369 -151.33 168.00 129.73
C PHE CA 369 -152.32 168.15 130.87
N GLN CA 370 -153.47 167.49 130.75
CA GLN CA 370 -154.45 167.51 131.83
C GLN CA 370 -153.85 166.86 133.08
N LYS CA 371 -154.17 167.44 134.23
CA LYS CA 371 -153.48 167.02 135.46
C LYS CA 371 -153.80 165.59 135.83
N GLY CA 372 -155.06 165.17 135.70
CA GLY CA 372 -155.45 163.82 136.12
C GLY CA 372 -155.48 162.79 135.01
N GLU CA 373 -154.96 163.12 133.84
CA GLU CA 373 -154.99 162.23 132.69
C GLU CA 373 -153.81 161.26 132.70
N ILE CA 374 -154.00 160.15 132.00
CA ILE CA 374 -152.99 159.15 131.76
C ILE CA 374 -152.50 159.29 130.33
N TYR CA 375 -151.19 159.41 130.14
CA TYR CA 375 -150.58 159.53 128.83
C TYR CA 375 -149.57 158.41 128.65
N ARG CA 376 -149.65 157.72 127.51
CA ARG CA 376 -148.69 156.68 127.16
C ARG CA 376 -147.51 157.35 126.47
N LEU CA 377 -146.36 157.36 127.13
CA LEU CA 377 -145.19 158.10 126.68
C LEU CA 377 -144.23 157.19 125.93
N GLY CA 378 -143.26 157.84 125.26
CA GLY CA 378 -142.24 157.12 124.53
C GLY CA 378 -141.09 158.05 124.21
N ILE CA 379 -140.12 157.53 123.46
CA ILE CA 379 -138.93 158.28 123.08
C ILE CA 379 -138.41 157.73 121.76
N GLN CA 380 -137.89 158.64 120.94
CA GLN CA 380 -137.34 158.31 119.62
C GLN CA 380 -135.87 158.65 119.59
N PHE CA 381 -135.21 158.20 118.51
CA PHE CA 381 -133.81 158.50 118.28
C PHE CA 381 -133.61 158.81 116.80
N GLN CA 382 -132.66 159.69 116.51
CA GLN CA 382 -132.36 160.13 115.15
C GLN CA 382 -130.99 159.62 114.73
N ASP CA 383 -130.90 159.15 113.49
CA ASP CA 383 -129.64 158.66 112.94
C ASP CA 383 -128.78 159.85 112.54
N ASN CA 384 -127.64 159.59 111.91
CA ASN CA 384 -126.81 160.65 111.36
C ASN CA 384 -127.43 161.30 110.13
N LYS CA 385 -128.47 160.68 109.53
CA LYS CA 385 -129.08 161.19 108.33
C LYS CA 385 -130.34 162.00 108.59
N GLY CA 386 -130.91 161.91 109.79
CA GLY CA 386 -132.21 162.47 110.08
C GLY CA 386 -133.33 161.46 110.08
N LYS CA 387 -133.04 160.17 109.93
CA LYS CA 387 -134.05 159.13 109.95
C LYS CA 387 -134.40 158.81 111.39
N TRP CA 388 -135.68 158.95 111.74
CA TRP CA 388 -136.12 158.67 113.09
C TRP CA 388 -136.34 157.17 113.26
N SER CA 389 -135.87 156.64 114.39
CA SER CA 389 -136.02 155.22 114.69
C SER CA 389 -137.46 154.95 115.13
N GLU CA 390 -137.73 153.72 115.55
CA GLU CA 390 -139.04 153.40 116.11
C GLU CA 390 -139.15 154.02 117.50
N VAL CA 391 -140.30 153.80 118.14
CA VAL CA 391 -140.58 154.35 119.46
C VAL CA 391 -140.25 153.30 120.51
N VAL CA 392 -139.77 153.78 121.66
CA VAL CA 392 -139.45 152.94 122.80
C VAL CA 392 -140.46 153.26 123.89
N PHE CA 393 -141.45 152.39 124.05
CA PHE CA 393 -142.49 152.61 125.05
C PHE CA 393 -141.89 152.56 126.45
N ILE CA 394 -142.07 153.64 127.21
CA ILE CA 394 -141.46 153.77 128.53
C ILE CA 394 -142.46 153.62 129.66
N GLY CA 395 -143.75 153.73 129.40
CA GLY CA 395 -144.78 153.55 130.41
C GLY CA 395 -145.88 154.58 130.30
N ASP CA 396 -147.02 154.26 130.92
CA ASP CA 396 -148.13 155.19 131.04
C ASP CA 396 -147.97 155.97 132.34
N TYR CA 397 -147.84 157.29 132.23
CA TYR CA 397 -147.53 158.13 133.37
C TYR CA 397 -148.56 159.25 133.48
N GLU CA 398 -149.00 159.51 134.72
CA GLU CA 398 -150.04 160.47 134.98
C GLU CA 398 -149.43 161.83 135.32
N CYS CA 399 -150.04 162.88 134.80
CA CYS CA 399 -149.60 164.24 135.11
C CYS CA 399 -149.89 164.55 136.58
N THR CA 400 -149.18 165.56 137.10
CA THR CA 400 -149.32 165.94 138.50
C THR CA 400 -149.36 167.44 138.74
N GLU CA 401 -149.19 168.27 137.70
CA GLU CA 401 -149.28 169.72 137.84
C GLU CA 401 -150.30 170.26 136.84
N ARG CA 402 -151.12 171.20 137.31
CA ARG CA 402 -152.16 171.81 136.48
C ARG CA 402 -151.62 173.07 135.81
N PHE CA 403 -152.45 173.64 134.92
CA PHE CA 403 -152.15 174.94 134.38
C PHE CA 403 -152.22 175.99 135.50
N LYS CA 404 -151.61 177.14 135.25
CA LYS CA 404 -151.63 178.22 136.23
C LYS CA 404 -151.45 179.54 135.50
N TYR CA 405 -152.50 180.37 135.51
CA TYR CA 405 -152.46 181.72 134.97
C TYR CA 405 -152.63 182.69 136.13
N THR CA 406 -151.66 183.59 136.30
CA THR CA 406 -151.68 184.60 137.36
C THR CA 406 -151.62 185.97 136.71
N GLN CA 407 -152.68 186.75 136.86
CA GLN CA 407 -152.78 188.07 136.26
C GLN CA 407 -152.19 189.09 137.23
N TYR CA 408 -151.00 189.58 136.92
CA TYR CA 408 -150.39 190.66 137.69
C TYR CA 408 -150.90 192.00 137.15
N ASP CA 409 -150.35 193.10 137.67
CA ASP CA 409 -150.88 194.41 137.35
C ASP CA 409 -150.69 194.74 135.87
N THR CA 410 -149.50 194.50 135.33
CA THR CA 410 -149.14 194.90 133.98
C THR CA 410 -148.86 193.72 133.05
N TYR CA 411 -148.98 192.49 133.52
CA TYR CA 411 -148.66 191.33 132.70
C TYR CA 411 -149.24 190.09 133.35
N GLY CA 412 -149.26 189.00 132.58
CA GLY CA 412 -149.74 187.73 133.07
C GLY CA 412 -148.77 186.62 132.73
N ILE CA 413 -148.72 185.64 133.62
CA ILE CA 413 -147.78 184.52 133.53
C ILE CA 413 -148.58 183.24 133.45
N THR CA 414 -148.36 182.48 132.37
CA THR CA 414 -149.01 181.17 132.18
C THR CA 414 -147.95 180.08 132.24
N LEU CA 415 -148.25 179.02 132.99
CA LEU CA 415 -147.35 177.89 133.15
C LEU CA 415 -148.00 176.67 132.52
N ILE CA 416 -147.26 176.01 131.61
CA ILE CA 416 -147.76 174.87 130.86
C ILE CA 416 -147.14 173.61 131.46
N PRO CA 417 -147.93 172.65 131.97
CA PRO CA 417 -147.32 171.39 132.43
C PRO CA 417 -146.67 170.65 131.27
N ARG CA 418 -145.50 170.08 131.54
CA ARG CA 418 -144.76 169.32 130.55
C ARG CA 418 -144.06 168.14 131.23
N PHE CA 419 -144.12 166.99 130.58
CA PHE CA 419 -143.36 165.83 131.03
C PHE CA 419 -141.88 166.04 130.75
N LYS CA 420 -141.05 165.30 131.49
CA LYS CA 420 -139.60 165.39 131.33
C LYS CA 420 -138.98 164.05 131.64
N VAL CA 421 -138.38 163.41 130.64
CA VAL CA 421 -137.73 162.12 130.78
C VAL CA 421 -136.23 162.35 130.91
N VAL CA 422 -135.64 161.77 131.95
CA VAL CA 422 -134.21 161.87 132.22
C VAL CA 422 -133.63 160.47 132.23
N ILE CA 423 -132.59 160.25 131.42
CA ILE CA 423 -131.85 159.00 131.39
C ILE CA 423 -130.38 159.34 131.62
N SER CA 424 -129.80 158.78 132.67
CA SER CA 424 -128.41 159.06 133.04
C SER CA 424 -127.52 157.83 133.11
N ASN CA 425 -128.08 156.62 132.92
CA ASN CA 425 -127.26 155.42 132.92
C ASN CA 425 -126.30 155.46 131.74
N SER CA 426 -125.01 155.68 132.02
CA SER CA 426 -124.05 155.86 130.95
C SER CA 426 -123.94 154.63 130.07
N THR CA 427 -124.17 153.43 130.63
CA THR CA 427 -124.13 152.22 129.82
C THR CA 427 -125.22 152.26 128.74
N THR CA 428 -126.43 152.64 129.13
CA THR CA 428 -127.54 152.70 128.19
C THR CA 428 -127.29 153.75 127.12
N ILE CA 429 -126.77 154.92 127.54
CA ILE CA 429 -126.51 155.98 126.58
C ILE CA 429 -125.43 155.58 125.59
N GLN CA 430 -124.37 154.92 126.08
CA GLN CA 430 -123.32 154.45 125.18
C GLN CA 430 -123.85 153.38 124.23
N ALA CA 431 -124.72 152.49 124.73
CA ALA CA 431 -125.32 151.49 123.86
C ALA CA 431 -126.16 152.16 122.77
N ILE CA 432 -126.92 153.20 123.13
CA ILE CA 432 -127.71 153.92 122.15
C ILE CA 432 -126.80 154.59 121.12
N LYS CA 433 -125.71 155.21 121.58
CA LYS CA 433 -124.80 155.86 120.65
C LYS CA 433 -124.16 154.86 119.71
N ASN CA 434 -123.82 153.67 120.22
CA ASN CA 434 -123.18 152.66 119.38
C ASN CA 434 -124.07 152.22 118.22
N LEU CA 435 -125.39 152.39 118.34
CA LEU CA 435 -126.31 152.08 117.27
C LEU CA 435 -126.34 153.14 116.18
N GLY CA 436 -125.53 154.19 116.29
CA GLY CA 436 -125.51 155.26 115.31
C GLY CA 436 -126.45 156.40 115.58
N TYR CA 437 -127.12 156.42 116.72
CA TYR CA 437 -128.07 157.47 117.04
C TYR CA 437 -127.34 158.68 117.64
N ILE CA 438 -127.89 159.86 117.40
CA ILE CA 438 -127.29 161.11 117.86
C ILE CA 438 -128.30 161.89 118.69
N ASN CA 439 -129.46 162.16 118.12
CA ASN CA 439 -130.50 162.95 118.78
C ASN CA 439 -131.59 162.06 119.34
N ALA CA 440 -132.51 162.69 120.08
CA ALA CA 440 -133.66 162.00 120.62
C ALA CA 440 -134.81 162.99 120.75
N ARG CA 441 -136.03 162.46 120.79
CA ARG CA 441 -137.22 163.29 120.80
C ARG CA 441 -138.32 162.60 121.60
N GLY CA 442 -139.22 163.40 122.14
CA GLY CA 442 -140.36 162.85 122.87
C GLY CA 442 -141.49 162.45 121.93
N VAL CA 443 -142.12 161.32 122.26
CA VAL CA 443 -143.21 160.78 121.47
C VAL CA 443 -144.29 160.28 122.43
N VAL CA 444 -145.55 160.59 122.11
CA VAL CA 444 -146.68 160.33 123.01
C VAL CA 444 -147.84 159.76 122.21
N VAL CA 445 -148.66 158.95 122.89
CA VAL CA 445 -149.97 158.54 122.39
C VAL CA 445 -151.01 159.25 123.25
N PHE CA 446 -151.80 160.11 122.64
CA PHE CA 446 -152.80 160.84 123.41
C PHE CA 446 -154.04 159.97 123.63
N PRO CA 447 -154.78 160.19 124.71
CA PRO CA 447 -155.94 159.35 124.99
C PRO CA 447 -157.16 159.75 124.18
N THR CA 448 -157.95 158.74 123.82
CA THR CA 448 -159.21 158.97 123.12
C THR CA 448 -160.31 159.30 124.11
N LEU CA 449 -161.44 159.78 123.58
CA LEU CA 449 -162.55 160.19 124.43
C LEU CA 449 -163.10 159.02 125.24
N GLU CA 450 -163.01 157.80 124.72
CA GLU CA 450 -163.55 156.66 125.45
C GLU CA 450 -162.69 156.30 126.64
N ASP CA 451 -161.38 156.41 126.51
CA ASP CA 451 -160.45 156.05 127.58
C ASP CA 451 -159.99 157.25 128.40
N ARG CA 452 -160.58 158.42 128.17
CA ARG CA 452 -160.21 159.60 128.94
C ARG CA 452 -160.67 159.47 130.38
N ASN CA 453 -159.79 159.82 131.32
CA ASN CA 453 -160.21 159.99 132.71
C ASN CA 453 -161.08 161.22 132.86
N ILE CA 454 -160.69 162.32 132.21
CA ILE CA 454 -161.41 163.59 132.29
C ILE CA 454 -162.29 163.73 131.05
N LEU CA 455 -163.57 163.97 131.28
CA LEU CA 455 -164.47 164.22 130.16
C LEU CA 455 -164.42 165.70 129.75
N CYS CA 456 -164.60 166.61 130.70
CA CYS CA 456 -164.51 168.04 130.41
C CYS CA 456 -164.31 168.79 131.72
N GLN CA 457 -164.06 170.09 131.58
CA GLN CA 457 -163.87 171.00 132.69
C GLN CA 457 -164.71 172.25 132.45
N GLY CA 458 -165.35 172.75 133.50
CA GLY CA 458 -166.20 173.92 133.33
C GLY CA 458 -166.76 174.39 134.65
N ILE CA 459 -167.38 175.57 134.60
CA ILE CA 459 -167.97 176.15 135.80
C ILE CA 459 -169.25 175.43 136.17
N LEU CA 460 -169.70 175.64 137.39
CA LEU CA 460 -170.96 175.15 137.90
C LEU CA 460 -171.90 176.32 138.15
N CYS CA 461 -173.09 176.26 137.54
CA CYS CA 461 -174.08 177.31 137.63
C CYS CA 461 -175.33 176.78 138.33
N PRO CA 462 -175.82 177.42 139.39
CA PRO CA 462 -177.08 176.97 139.99
C PRO CA 462 -178.24 177.13 139.03
N THR CA 463 -179.24 176.27 139.20
CA THR CA 463 -180.46 176.31 138.40
C THR CA 463 -181.58 176.99 139.20
N VAL CA 464 -182.74 177.15 138.56
CA VAL CA 464 -183.90 177.78 139.17
C VAL CA 464 -185.12 176.94 138.85
N ALA CA 465 -186.17 177.12 139.66
CA ALA CA 465 -187.40 176.36 139.51
C ALA CA 465 -188.57 177.19 140.02
N ASN CA 466 -189.66 177.20 139.26
CA ASN CA 466 -190.88 177.86 139.69
C ASN CA 466 -191.63 176.98 140.69
N TYR CA 467 -192.32 177.63 141.62
CA TYR CA 467 -193.04 176.89 142.65
C TYR CA 467 -194.13 176.02 142.06
N LYS CA 468 -195.01 176.63 141.26
CA LYS CA 468 -196.14 175.89 140.72
C LYS CA 468 -195.70 174.80 139.77
N ASP CA 469 -194.72 175.09 138.90
CA ASP CA 469 -194.21 174.07 138.00
C ASP CA 469 -193.52 172.95 138.76
N ARG CA 470 -192.74 173.30 139.79
CA ARG CA 470 -192.07 172.27 140.57
C ARG CA 470 -193.07 171.35 141.25
N LEU CA 471 -194.15 171.90 141.80
CA LEU CA 471 -195.21 171.06 142.35
C LEU CA 471 -195.83 170.22 141.23
N ASP CA 472 -196.06 170.82 140.07
CA ASP CA 472 -196.61 170.10 138.93
C ASP CA 472 -195.58 169.15 138.32
N ASN CA 473 -194.30 169.46 138.45
CA ASN CA 473 -193.21 168.70 137.85
C ASN CA 473 -193.25 168.73 136.32
N SER CA 474 -193.94 169.70 135.73
CA SER CA 474 -193.88 169.85 134.29
C SER CA 474 -192.45 170.29 133.95
N PRO CA 475 -192.02 171.49 134.33
CA PRO CA 475 -190.62 171.65 134.75
C PRO CA 475 -190.46 171.45 136.25
N PHE CA 476 -189.34 170.84 136.62
CA PHE CA 476 -188.90 170.79 138.01
C PHE CA 476 -187.67 171.67 138.25
N VAL CA 477 -186.81 171.81 137.25
CA VAL CA 477 -185.71 172.77 137.26
C VAL CA 477 -185.53 173.32 135.86
N GLN CA 478 -184.77 174.42 135.77
CA GLN CA 478 -184.50 175.04 134.48
C GLN CA 478 -183.25 175.89 134.60
N SER CA 479 -182.62 176.14 133.46
CA SER CA 479 -181.41 176.95 133.44
C SER CA 479 -181.72 178.36 133.94
N SER CA 480 -180.87 178.86 134.82
CA SER CA 480 -181.04 180.22 135.33
C SER CA 480 -180.79 181.23 134.22
N TRP CA 481 -181.74 182.13 134.02
CA TRP CA 481 -181.55 183.20 133.04
C TRP CA 481 -180.32 184.03 133.38
N PHE CA 482 -180.08 184.27 134.66
CA PHE CA 482 -178.88 184.93 135.14
C PHE CA 482 -177.92 183.90 135.72
N SER CA 483 -176.63 184.07 135.45
CA SER CA 483 -175.62 183.27 136.12
C SER CA 483 -175.47 183.74 137.57
N ARG CA 484 -175.27 182.80 138.48
CA ARG CA 484 -175.39 183.02 139.92
C ARG CA 484 -174.13 182.57 140.63
N PRO CA 485 -173.07 183.39 140.61
CA PRO CA 485 -171.86 183.02 141.34
C PRO CA 485 -172.03 183.13 142.85
N LYS CA 486 -171.19 182.39 143.57
CA LYS CA 486 -171.12 182.52 145.01
C LYS CA 486 -170.24 183.70 145.40
N GLN CA 487 -170.52 184.26 146.57
CA GLN CA 487 -169.77 185.39 147.10
C GLN CA 487 -168.80 184.92 148.17
N ALA CA 488 -167.58 185.48 148.14
CA ALA CA 488 -166.53 185.02 149.05
C ALA CA 488 -166.75 185.49 150.48
N THR CA 489 -167.51 186.56 150.69
CA THR CA 489 -167.74 187.12 152.03
C THR CA 489 -169.22 187.47 152.17
N GLU CA 490 -169.59 187.91 153.37
CA GLU CA 490 -170.96 188.28 153.69
C GLU CA 490 -171.12 189.78 153.89
N THR CA 491 -170.16 190.58 153.42
CA THR CA 491 -170.26 192.03 153.57
C THR CA 491 -171.31 192.63 152.65
N TRP CA 492 -171.67 191.94 151.56
CA TRP CA 492 -172.70 192.45 150.67
C TRP CA 492 -174.05 192.56 151.38
N LYS CA 493 -174.31 191.67 152.34
CA LYS CA 493 -175.54 191.78 153.13
C LYS CA 493 -175.59 193.10 153.87
N THR CA 494 -174.47 193.50 154.48
CA THR CA 494 -174.42 194.81 155.15
C THR CA 494 -174.46 195.95 154.13
N GLU CA 495 -173.91 195.72 152.93
CA GLU CA 495 -173.99 196.75 151.89
C GLU CA 495 -175.43 197.03 151.50
N TYR CA 496 -176.26 195.99 151.41
CA TYR CA 496 -177.69 196.15 151.13
C TYR CA 496 -178.44 196.59 152.40
N SER CA 497 -178.11 197.79 152.86
CA SER CA 497 -178.75 198.37 154.03
C SER CA 497 -178.50 199.87 154.03
N GLY CA 498 -179.58 200.65 153.98
CA GLY CA 498 -179.43 202.10 154.02
C GLY CA 498 -178.81 202.63 152.74
N THR CA 499 -177.94 203.62 152.88
CA THR CA 499 -177.29 204.27 151.76
C THR CA 499 -175.95 203.61 151.39
N ASN CA 500 -175.62 202.49 152.01
CA ASN CA 500 -174.32 201.87 151.76
C ASN CA 500 -174.18 201.43 150.31
N HIS CA 501 -175.23 200.85 149.75
CA HIS CA 501 -175.18 200.30 148.40
C HIS CA 501 -175.47 201.40 147.37
N LEU CA 502 -174.48 201.71 146.55
CA LEU CA 502 -174.67 202.58 145.39
C LEU CA 502 -174.89 201.69 144.17
N SER CA 503 -175.91 202.02 143.38
CA SER CA 503 -176.32 201.14 142.29
C SER CA 503 -175.24 201.00 141.22
N GLU CA 504 -174.27 201.91 141.17
CA GLU CA 504 -173.23 201.80 140.16
C GLU CA 504 -172.30 200.62 140.39
N PHE CA 505 -172.30 200.03 141.58
CA PHE CA 505 -171.44 198.88 141.84
C PHE CA 505 -171.95 197.63 141.14
N GLY CA 506 -173.26 197.51 140.94
CA GLY CA 506 -173.85 196.32 140.39
C GLY CA 506 -174.50 195.46 141.46
N GLU CA 507 -175.42 194.60 141.02
CA GLU CA 507 -176.24 193.80 141.91
C GLU CA 507 -175.78 192.36 141.92
N VAL CA 508 -175.53 191.82 143.10
CA VAL CA 508 -175.21 190.40 143.25
C VAL CA 508 -176.51 189.60 143.07
N PRO CA 509 -176.53 188.54 142.26
CA PRO CA 509 -177.78 187.80 142.08
C PRO CA 509 -178.11 186.97 143.31
N TYR CA 510 -179.36 186.51 143.35
CA TYR CA 510 -179.81 185.58 144.39
C TYR CA 510 -179.15 184.23 144.12
N PHE CA 511 -178.11 183.91 144.88
CA PHE CA 511 -177.31 182.70 144.65
C PHE CA 511 -177.45 181.64 145.75
N GLN CA 512 -178.03 181.98 146.89
CA GLN CA 512 -178.20 181.00 147.95
C GLN CA 512 -179.22 179.94 147.53
N HIS CA 513 -179.14 178.78 148.18
CA HIS CA 513 -179.79 177.57 147.67
C HIS CA 513 -181.31 177.70 147.56
N ASN CA 514 -182.02 177.83 148.69
CA ASN CA 514 -183.46 177.96 148.67
C ASN CA 514 -183.92 179.41 148.78
N GLU CA 515 -183.01 180.37 148.66
CA GLU CA 515 -183.40 181.77 148.76
C GLU CA 515 -184.31 182.10 147.58
N PRO CA 516 -185.53 182.59 147.80
CA PRO CA 516 -186.36 182.99 146.66
C PRO CA 516 -185.72 184.12 145.87
N ILE CA 517 -185.95 184.10 144.56
CA ILE CA 517 -185.48 185.16 143.68
C ILE CA 517 -186.50 186.29 143.74
N GLY CA 518 -186.30 187.18 144.69
CA GLY CA 518 -187.26 188.24 145.00
C GLY CA 518 -187.28 188.49 146.49
N SER CA 519 -187.93 189.59 146.86
CA SER CA 519 -188.00 189.98 148.26
C SER CA 519 -188.95 191.16 148.39
N ALA CA 520 -189.35 191.45 149.63
CA ALA CA 520 -190.17 192.60 149.95
C ALA CA 520 -189.38 193.72 150.60
N SER CA 521 -188.12 193.49 150.97
CA SER CA 521 -187.30 194.50 151.61
C SER CA 521 -186.78 195.49 150.57
N LEU CA 522 -187.15 196.76 150.72
CA LEU CA 522 -186.69 197.79 149.79
C LEU CA 522 -185.19 198.06 149.94
N SER CA 523 -184.57 197.59 151.03
CA SER CA 523 -183.13 197.78 151.19
C SER CA 523 -182.34 197.01 150.13
N GLU CA 524 -182.94 196.02 149.49
CA GLU CA 524 -182.32 195.22 148.44
C GLU CA 524 -183.22 195.17 147.21
N ILE CA 525 -183.84 196.30 146.90
CA ILE CA 525 -184.85 196.32 145.84
C ILE CA 525 -184.22 196.06 144.48
N THR CA 526 -182.98 196.54 144.26
CA THR CA 526 -182.34 196.38 142.97
C THR CA 526 -182.08 194.93 142.61
N ARG CA 527 -182.09 194.02 143.59
CA ARG CA 527 -181.89 192.60 143.34
C ARG CA 527 -183.09 191.94 142.67
N TRP CA 528 -184.25 192.58 142.65
CA TRP CA 528 -185.47 191.92 142.18
C TRP CA 528 -185.36 191.61 140.70
N GLU CA 529 -185.54 190.33 140.36
CA GLU CA 529 -185.42 189.86 138.99
C GLU CA 529 -186.76 189.62 138.32
N ILE CA 530 -187.83 189.43 139.08
CA ILE CA 530 -189.16 189.20 138.53
C ILE CA 530 -190.12 190.17 139.22
N GLN CA 531 -191.00 190.79 138.44
CA GLN CA 531 -191.92 191.78 139.01
C GLN CA 531 -192.99 191.13 139.87
N THR CA 532 -193.44 189.93 139.51
CA THR CA 532 -194.53 189.26 140.21
C THR CA 532 -194.06 188.36 141.34
N SER CA 533 -192.89 188.64 141.91
CA SER CA 533 -192.33 187.85 143.01
C SER CA 533 -192.55 188.57 144.34
N LEU CA 534 -192.84 187.79 145.37
CA LEU CA 534 -193.05 188.31 146.72
C LEU CA 534 -192.05 187.77 147.72
N GLY CA 535 -191.07 186.99 147.29
CA GLY CA 535 -190.10 186.41 148.21
C GLY CA 535 -190.68 185.39 149.17
N LEU CA 536 -191.63 184.58 148.70
CA LEU CA 536 -192.18 183.52 149.52
C LEU CA 536 -191.14 182.41 149.67
N VAL CA 537 -190.80 182.06 150.91
CA VAL CA 537 -189.82 181.02 151.18
C VAL CA 537 -190.41 179.69 150.70
N PRO CA 538 -189.59 178.75 150.17
CA PRO CA 538 -190.11 177.44 149.75
C PRO CA 538 -190.20 176.43 150.90
N TYR CA 539 -190.75 176.87 152.03
CA TYR CA 539 -190.91 176.03 153.21
C TYR CA 539 -192.24 176.33 153.86
N TYR CA 540 -192.95 175.28 154.26
CA TYR CA 540 -194.28 175.42 154.85
C TYR CA 540 -194.42 174.43 156.00
N ASN CA 541 -195.26 174.77 156.96
CA ASN CA 541 -195.55 173.88 158.07
C ASN CA 541 -196.67 172.93 157.67
N PRO CA 542 -196.44 171.62 157.62
CA PRO CA 542 -197.51 170.72 157.16
C PRO CA 542 -198.74 170.70 158.06
N SER CA 543 -198.59 171.06 159.33
CA SER CA 543 -199.74 171.08 160.24
C SER CA 543 -200.69 172.23 159.93
N THR CA 544 -200.22 173.29 159.27
CA THR CA 544 -201.04 174.47 159.03
C THR CA 544 -201.70 174.43 157.65
N THR CA 545 -200.91 174.32 156.58
CA THR CA 545 -201.40 174.45 155.22
C THR CA 545 -200.87 173.30 154.37
N ASN CA 546 -201.58 173.03 153.28
CA ASN CA 546 -201.16 172.04 152.31
C ASN CA 546 -200.09 172.62 151.39
N ALA CA 547 -199.53 171.78 150.53
CA ALA CA 547 -198.54 172.25 149.57
C ALA CA 547 -199.18 173.14 148.52
N LYS CA 548 -200.33 172.71 147.97
CA LYS CA 548 -201.00 173.48 146.93
C LYS CA 548 -201.45 174.83 147.48
N ASP CA 549 -202.04 174.84 148.67
CA ASP CA 549 -202.51 176.09 149.25
C ASP CA 549 -201.35 177.03 149.54
N PHE CA 550 -200.23 176.49 150.04
CA PHE CA 550 -199.07 177.31 150.30
C PHE CA 550 -198.51 177.91 149.03
N VAL CA 551 -198.43 177.11 147.97
CA VAL CA 551 -197.88 177.62 146.71
C VAL CA 551 -198.82 178.63 146.07
N ASP CA 552 -200.13 178.48 146.28
CA ASP CA 552 -201.09 179.38 145.65
C ASP CA 552 -200.93 180.82 146.11
N GLY CA 553 -200.24 181.06 147.23
CA GLY CA 553 -199.97 182.42 147.65
C GLY CA 553 -199.04 183.17 146.71
N SER CA 554 -198.20 182.45 145.99
CA SER CA 554 -197.30 183.06 145.02
C SER CA 554 -196.84 181.98 144.02
N PRO CA 555 -197.74 181.45 143.20
CA PRO CA 555 -197.34 180.37 142.29
C PRO CA 555 -196.31 180.77 141.26
N SER CA 556 -196.19 182.05 140.95
CA SER CA 556 -195.19 182.54 140.02
C SER CA 556 -193.87 182.88 140.70
N GLU CA 557 -193.65 182.36 141.91
CA GLU CA 557 -192.39 182.55 142.61
C GLU CA 557 -191.40 181.48 142.19
N PHE CA 558 -190.13 181.87 142.12
CA PHE CA 558 -189.04 181.00 141.74
C PHE CA 558 -188.10 180.81 142.92
N LEU CA 559 -187.48 179.63 142.99
CA LEU CA 559 -186.43 179.35 143.94
C LEU CA 559 -185.16 178.94 143.21
N VAL CA 560 -184.02 179.32 143.79
CA VAL CA 560 -182.75 178.83 143.27
C VAL CA 560 -182.60 177.35 143.63
N ASP CA 561 -181.70 176.67 142.92
CA ASP CA 561 -181.50 175.25 143.16
C ASP CA 561 -180.03 174.92 142.89
N GLU CA 562 -179.24 174.89 143.96
CA GLU CA 562 -177.86 174.42 143.89
C GLU CA 562 -177.74 172.91 143.98
N ASN CA 563 -178.82 172.21 144.34
CA ASN CA 563 -178.80 170.75 144.35
C ASN CA 563 -178.79 170.18 142.94
N ILE CA 564 -179.31 170.92 141.97
CA ILE CA 564 -179.30 170.53 140.56
C ILE CA 564 -178.60 171.64 139.79
N VAL CA 565 -177.51 171.30 139.10
CA VAL CA 565 -176.63 172.28 138.51
C VAL CA 565 -176.54 172.08 137.01
N THR CA 566 -175.82 172.97 136.33
CA THR CA 566 -175.68 172.94 134.87
C THR CA 566 -174.22 173.26 134.55
N MET CA 567 -173.43 172.23 134.27
CA MET CA 567 -172.02 172.43 133.94
C MET CA 567 -171.88 172.96 132.53
N HIS CA 568 -171.08 174.01 132.38
CA HIS CA 568 -170.87 174.70 131.10
C HIS CA 568 -169.39 174.63 130.75
N SER CA 569 -169.03 173.65 129.91
CA SER CA 569 -167.66 173.43 129.47
C SER CA 569 -167.52 173.80 127.99
N PRO CA 570 -166.33 174.24 127.56
CA PRO CA 570 -166.17 174.56 126.13
C PRO CA 570 -166.28 173.34 125.23
N ASP CA 571 -165.91 172.16 125.72
CA ASP CA 571 -165.95 170.97 124.89
C ASP CA 571 -167.38 170.63 124.48
N VAL CA 572 -168.34 170.82 125.38
CA VAL CA 572 -169.73 170.54 125.05
C VAL CA 572 -170.20 171.45 123.92
N GLU CA 573 -169.84 172.73 123.98
CA GLU CA 573 -170.29 173.65 122.93
C GLU CA 573 -169.57 173.38 121.61
N PHE CA 574 -168.26 173.11 121.66
CA PHE CA 574 -167.46 173.02 120.45
C PHE CA 574 -167.37 171.59 119.92
N ASP CA 575 -167.20 170.60 120.79
CA ASP CA 575 -167.11 169.21 120.37
C ASP CA 575 -168.51 168.61 120.36
N ASP CA 576 -169.00 168.28 119.16
CA ASP CA 576 -170.36 167.78 119.00
C ASP CA 576 -170.56 166.39 119.58
N ARG CA 577 -169.49 165.68 119.95
CA ARG CA 577 -169.63 164.34 120.49
C ARG CA 577 -170.14 164.36 121.93
N LEU CA 578 -169.93 165.45 122.67
CA LEU CA 578 -170.37 165.54 124.04
C LEU CA 578 -171.79 166.07 124.17
N GLN CA 579 -172.40 166.54 123.08
CA GLN CA 579 -173.77 167.03 123.12
C GLN CA 579 -174.80 165.92 122.98
N ASN CA 580 -174.37 164.67 122.81
CA ASN CA 580 -175.27 163.54 122.63
C ASN CA 580 -175.19 162.54 123.78
N ILE CA 581 -174.57 162.91 124.90
CA ILE CA 581 -174.48 162.00 126.04
C ILE CA 581 -175.88 161.78 126.60
N THR CA 582 -176.16 160.54 127.00
CA THR CA 582 -177.47 160.17 127.54
C THR CA 582 -177.23 159.25 128.73
N ASN CA 583 -177.44 159.77 129.94
CA ASN CA 583 -177.28 159.01 131.18
C ASN CA 583 -175.87 158.42 131.28
N GLY CA 584 -174.89 159.31 131.30
CA GLY CA 584 -173.50 158.92 131.41
C GLY CA 584 -173.08 158.82 132.86
N LYS CA 585 -172.41 157.71 133.20
CA LYS CA 585 -171.96 157.46 134.57
C LYS CA 585 -170.60 158.11 134.76
N PHE CA 586 -170.60 159.26 135.44
CA PHE CA 586 -169.37 159.98 135.75
C PHE CA 586 -169.43 160.51 137.17
N LYS CA 587 -168.26 160.86 137.69
CA LYS CA 587 -168.10 161.41 139.03
C LYS CA 587 -167.64 162.87 138.93
N LEU CA 588 -168.02 163.66 139.93
CA LEU CA 588 -167.73 165.09 139.95
C LEU CA 588 -166.75 165.41 141.07
N ARG CA 589 -165.79 166.29 140.78
CA ARG CA 589 -164.91 166.83 141.80
C ARG CA 589 -164.62 168.29 141.49
N ILE CA 590 -164.78 169.14 142.49
CA ILE CA 590 -164.52 170.58 142.35
C ILE CA 590 -163.05 170.82 142.63
N ILE CA 591 -162.36 171.44 141.67
CA ILE CA 591 -160.91 171.58 141.72
C ILE CA 591 -160.46 172.99 142.04
N GLY CA 592 -161.25 174.00 141.70
CA GLY CA 592 -160.78 175.37 141.89
C GLY CA 592 -161.94 176.35 141.80
N THR CA 593 -161.58 177.62 141.67
CA THR CA 593 -162.53 178.71 141.61
C THR CA 593 -162.21 179.61 140.42
N THR CA 594 -163.02 180.63 140.24
CA THR CA 594 -162.84 181.64 139.20
C THR CA 594 -162.78 183.01 139.85
N HIS CA 595 -161.78 183.80 139.47
CA HIS CA 595 -161.54 185.11 140.09
C HIS CA 595 -162.29 186.18 139.30
N LEU CA 596 -163.58 186.29 139.58
CA LEU CA 596 -164.39 187.33 138.96
C LEU CA 596 -163.94 188.69 139.45
N THR CA 597 -163.81 189.64 138.52
CA THR CA 597 -163.33 190.99 138.81
C THR CA 597 -164.28 192.08 138.35
N ASN CA 598 -164.95 191.90 137.21
CA ASN CA 598 -165.82 192.93 136.67
C ASN CA 598 -166.94 192.26 135.90
N THR CA 599 -167.85 193.08 135.35
CA THR CA 599 -168.96 192.58 134.56
C THR CA 599 -169.36 193.67 133.57
N LEU CA 600 -169.43 193.30 132.29
CA LEU CA 600 -169.82 194.22 131.22
C LEU CA 600 -171.32 194.06 130.99
N SER CA 601 -172.09 195.09 131.36
CA SER CA 601 -173.54 195.04 131.30
C SER CA 601 -174.07 196.17 130.43
N ASP CA 602 -175.25 195.93 129.85
CA ASP CA 602 -175.90 196.92 129.00
C ASP CA 602 -177.40 196.73 129.08
N ILE CA 603 -178.13 197.77 128.68
CA ILE CA 603 -179.58 197.81 128.81
C ILE CA 603 -180.16 198.54 127.61
N SER CA 604 -181.33 198.10 127.16
CA SER CA 604 -182.05 198.74 126.08
C SER CA 604 -183.54 198.61 126.34
N VAL CA 605 -184.27 199.71 126.15
CA VAL CA 605 -185.71 199.77 126.40
C VAL CA 605 -186.38 200.43 125.21
N ILE CA 606 -187.40 199.77 124.67
CA ILE CA 606 -188.20 200.29 123.57
C ILE CA 606 -189.66 200.14 123.94
N THR CA 607 -190.43 201.22 123.78
CA THR CA 607 -191.85 201.25 124.14
C THR CA 607 -192.69 201.45 122.88
N SER CA 608 -193.77 200.69 122.78
CA SER CA 608 -194.67 200.81 121.63
C SER CA 608 -195.27 202.22 121.57
N THR CA 609 -195.82 202.70 122.67
CA THR CA 609 -196.46 204.00 122.75
C THR CA 609 -195.51 205.03 123.32
N PRO CA 610 -195.77 206.33 123.12
CA PRO CA 610 -194.89 207.35 123.70
C PRO CA 610 -195.00 207.40 125.21
N THR CA 611 -194.20 208.26 125.83
CA THR CA 611 -194.26 208.43 127.28
C THR CA 611 -195.58 209.07 127.68
N TYR CA 612 -195.93 208.90 128.96
CA TYR CA 612 -197.13 209.52 129.48
C TYR CA 612 -196.96 211.04 129.54
N GLY CA 613 -195.94 211.50 130.26
CA GLY CA 613 -195.63 212.91 130.31
C GLY CA 613 -195.24 213.46 128.96
N ASN CA 614 -195.87 214.56 128.56
CA ASN CA 614 -195.56 215.15 127.26
C ASN CA 614 -194.11 215.64 127.20
N TYR CA 615 -193.53 216.01 128.35
CA TYR CA 615 -192.15 216.46 128.43
C TYR CA 615 -191.28 215.49 129.22
N ALA CA 616 -191.65 214.22 129.28
CA ALA CA 616 -190.90 213.25 130.05
C ALA CA 616 -189.61 212.87 129.35
N THR CA 617 -188.61 212.48 130.14
CA THR CA 617 -187.33 212.08 129.57
C THR CA 617 -187.42 210.72 128.89
N GLY CA 618 -188.14 209.78 129.52
CA GLY CA 618 -188.27 208.45 128.98
C GLY CA 618 -187.20 207.50 129.49
N PHE CA 619 -186.65 206.68 128.59
CA PHE CA 619 -185.62 205.73 128.97
C PHE CA 619 -184.36 206.45 129.41
N TYR CA 620 -183.88 206.14 130.60
CA TYR CA 620 -182.65 206.69 131.15
C TYR CA 620 -181.66 205.57 131.41
N LYS CA 621 -180.45 205.71 130.85
CA LYS CA 621 -179.40 204.70 130.98
C LYS CA 621 -178.40 205.16 132.03
N GLY CA 622 -178.29 204.40 133.12
CA GLY CA 622 -177.36 204.71 134.19
C GLY CA 622 -176.07 203.90 134.09
N LYS CA 623 -175.16 204.20 135.01
CA LYS CA 623 -173.88 203.50 135.11
C LYS CA 623 -174.04 202.28 136.01
N VAL CA 624 -173.68 201.11 135.48
CA VAL CA 624 -173.77 199.86 136.24
C VAL CA 624 -172.62 198.96 135.83
N ALA CA 625 -171.66 198.77 136.74
CA ALA CA 625 -170.68 197.68 136.73
C ALA CA 625 -169.66 197.75 135.59
N ASN CA 626 -169.74 198.73 134.69
CA ASN CA 626 -168.79 198.82 133.58
C ASN CA 626 -167.49 199.40 134.13
N MET CA 627 -166.71 198.54 134.77
CA MET CA 627 -165.49 198.92 135.46
C MET CA 627 -164.36 197.98 135.07
N ASN CA 628 -163.13 198.46 135.28
CA ASN CA 628 -161.94 197.72 134.87
C ASN CA 628 -161.74 196.50 135.76
N ILE CA 629 -160.77 195.66 135.35
CA ILE CA 629 -160.42 194.49 136.14
C ILE CA 629 -159.80 194.90 137.47
N SER CA 630 -159.17 196.07 137.53
CA SER CA 630 -158.49 196.48 138.76
C SER CA 630 -159.46 196.58 139.93
N THR CA 631 -160.66 197.11 139.69
CA THR CA 631 -161.70 197.19 140.71
C THR CA 631 -162.36 195.81 140.85
N SER CA 632 -161.57 194.87 141.39
CA SER CA 632 -162.01 193.48 141.50
C SER CA 632 -162.91 193.25 142.72
N TYR CA 633 -163.03 194.22 143.62
CA TYR CA 633 -163.89 194.03 144.78
C TYR CA 633 -165.34 193.82 144.38
N TYR CA 634 -165.82 194.59 143.41
CA TYR CA 634 -167.19 194.49 142.94
C TYR CA 634 -167.31 193.50 141.77
N GLY CA 635 -166.83 192.28 142.00
CA GLY CA 635 -166.95 191.22 141.02
C GLY CA 635 -168.18 190.36 141.24
N GLY CA 636 -168.58 189.65 140.20
CA GLY CA 636 -169.77 188.82 140.28
C GLY CA 636 -171.03 189.64 140.53
N ARG CA 637 -171.14 190.80 139.87
CA ARG CA 637 -172.27 191.69 140.03
C ARG CA 637 -172.82 192.01 138.65
N GLN CA 638 -174.12 192.29 138.57
CA GLN CA 638 -174.83 192.41 137.31
C GLN CA 638 -175.69 193.67 137.30
N LEU CA 639 -176.35 193.88 136.17
CA LEU CA 639 -177.41 194.88 136.03
C LEU CA 639 -178.72 194.12 136.04
N SER CA 640 -179.37 194.06 137.20
CA SER CA 640 -180.62 193.32 137.37
C SER CA 640 -181.83 194.25 137.30
N ALA CA 641 -181.90 195.21 138.21
CA ALA CA 641 -183.01 196.16 138.24
C ALA CA 641 -182.46 197.56 138.50
N GLY CA 642 -183.23 198.56 138.11
CA GLY CA 642 -182.81 199.93 138.31
C GLY CA 642 -183.88 200.87 137.83
N LEU CA 643 -183.65 202.15 138.09
CA LEU CA 643 -184.60 203.21 137.74
C LEU CA 643 -184.31 203.70 136.31
N PHE CA 644 -184.63 202.82 135.36
CA PHE CA 644 -184.32 203.04 133.96
C PHE CA 644 -185.44 203.76 133.20
N TRP CA 645 -186.40 204.33 133.92
CA TRP CA 645 -187.54 205.02 133.30
C TRP CA 645 -187.80 206.32 134.04
N SER CA 646 -188.38 207.28 133.33
CA SER CA 646 -188.64 208.61 133.90
C SER CA 646 -189.87 209.18 133.21
N ASP CA 647 -190.99 209.19 133.92
CA ASP CA 647 -192.25 209.69 133.37
C ASP CA 647 -193.05 210.38 134.47
N ASN CA 648 -194.00 211.20 134.06
CA ASN CA 648 -194.94 211.79 134.98
C ASN CA 648 -195.83 210.71 135.59
N VAL CA 649 -196.65 211.10 136.56
CA VAL CA 649 -197.51 210.19 137.30
C VAL CA 649 -198.91 210.25 136.72
N LYS CA 650 -199.57 209.10 136.66
CA LYS CA 650 -200.95 209.00 136.15
C LYS CA 650 -201.88 209.32 137.31
N PHE CA 651 -202.25 210.59 137.43
CA PHE CA 651 -203.14 211.04 138.49
C PHE CA 651 -204.59 210.88 138.06
N GLN CA 652 -205.48 210.88 139.07
CA GLN CA 652 -206.90 210.83 138.77
C GLN CA 652 -207.33 212.06 137.98
N ASP CA 653 -206.82 213.23 138.36
CA ASP CA 653 -206.96 214.43 137.55
C ASP CA 653 -205.71 214.53 136.68
N PRO CA 654 -205.76 214.08 135.42
CA PRO CA 654 -204.51 213.96 134.65
C PRO CA 654 -203.89 215.31 134.37
N SER CA 655 -202.56 215.38 134.57
CA SER CA 655 -201.78 216.57 134.27
C SER CA 655 -200.48 216.16 133.58
N PRO CA 656 -200.55 215.70 132.33
CA PRO CA 656 -199.31 215.45 131.58
C PRO CA 656 -198.55 216.72 131.23
N GLN CA 657 -199.17 217.89 131.33
CA GLN CA 657 -198.50 219.13 130.97
C GLN CA 657 -197.37 219.48 131.93
N ASP CA 658 -197.36 218.90 133.14
CA ASP CA 658 -196.32 219.20 134.10
C ASP CA 658 -194.97 218.70 133.58
N LYS CA 659 -193.93 219.50 133.82
CA LYS CA 659 -192.57 219.15 133.43
C LYS CA 659 -191.83 218.39 134.51
N LEU CA 660 -192.48 218.08 135.63
CA LEU CA 660 -191.86 217.28 136.67
C LEU CA 660 -191.80 215.82 136.24
N GLU CA 661 -190.90 215.06 136.87
CA GLU CA 661 -190.66 213.68 136.48
C GLU CA 661 -190.27 212.85 137.69
N ARG CA 662 -190.97 211.74 137.89
CA ARG CA 662 -190.53 210.70 138.79
C ARG CA 662 -189.66 209.70 138.02
N LEU CA 663 -189.11 208.73 138.72
CA LEU CA 663 -188.43 207.59 138.11
C LEU CA 663 -189.11 206.31 138.55
N TRP CA 664 -189.20 205.35 137.63
CA TRP CA 664 -189.92 204.11 137.84
C TRP CA 664 -188.98 202.93 137.73
N MET CA 665 -189.21 201.91 138.55
CA MET CA 665 -188.36 200.74 138.57
C MET CA 665 -188.65 199.85 137.38
N VAL CA 666 -187.58 199.28 136.82
CA VAL CA 666 -187.67 198.41 135.64
C VAL CA 666 -186.95 197.11 135.97
N TYR CA 667 -187.67 196.00 135.96
CA TYR CA 667 -187.14 194.69 136.28
C TYR CA 667 -186.76 193.95 135.00
N PRO CA 668 -185.98 192.85 135.12
CA PRO CA 668 -185.66 192.05 133.93
C PRO CA 668 -186.91 191.51 133.24
N TRP CA 669 -187.75 190.80 133.99
CA TRP CA 669 -189.02 190.29 133.48
C TRP CA 669 -190.10 191.26 133.95
N HIS CA 670 -190.35 192.28 133.15
CA HIS CA 670 -191.18 193.39 133.55
C HIS CA 670 -192.66 193.10 133.25
N ARG CA 671 -193.52 193.89 133.88
CA ARG CA 671 -194.96 193.81 133.64
C ARG CA 671 -195.26 193.99 132.16
N ASN CA 672 -196.22 193.21 131.66
CA ASN CA 672 -196.66 193.30 130.27
C ASN CA 672 -197.63 194.48 130.13
N GLY CA 673 -197.07 195.68 130.28
CA GLY CA 673 -197.85 196.89 130.20
C GLY CA 673 -197.01 198.14 130.21
N SER CA 674 -197.49 199.18 130.90
CA SER CA 674 -196.76 200.44 130.98
C SER CA 674 -195.63 200.35 131.99
N LEU CA 675 -194.50 200.98 131.64
CA LEU CA 675 -193.37 201.01 132.57
C LEU CA 675 -193.71 201.85 133.80
N MET CA 676 -194.43 202.96 133.59
CA MET CA 676 -194.86 203.83 134.68
C MET CA 676 -196.20 203.34 135.21
N ASN CA 677 -196.69 203.99 136.27
CA ASN CA 677 -197.90 203.52 136.94
C ASN CA 677 -199.11 203.72 136.03
N MET CA 678 -199.66 202.62 135.53
CA MET CA 678 -200.84 202.67 134.67
C MET CA 678 -201.29 201.24 134.45
N GLY CA 679 -202.54 201.09 134.00
CA GLY CA 679 -203.09 199.78 133.74
C GLY CA 679 -204.59 199.80 133.56
N VAL CA 680 -205.09 199.04 132.59
CA VAL CA 680 -206.50 199.03 132.22
C VAL CA 680 -206.89 200.46 131.87
N PRO CA 681 -206.42 200.99 130.75
CA PRO CA 681 -206.83 202.34 130.35
C PRO CA 681 -208.33 202.41 130.07
N THR CA 682 -208.91 203.56 130.36
CA THR CA 682 -210.34 203.78 130.22
C THR CA 682 -210.75 204.30 128.84
N GLU CA 683 -209.79 204.53 127.94
CA GLU CA 683 -210.07 205.15 126.65
C GLU CA 683 -209.43 204.46 125.45
N GLY CA 684 -208.36 203.69 125.63
CA GLY CA 684 -207.67 203.11 124.50
C GLY CA 684 -206.42 202.34 124.87
N THR CA 685 -205.32 202.63 124.18
CA THR CA 685 -204.06 201.95 124.46
C THR CA 685 -203.37 202.55 125.67
N ARG CA 686 -202.44 201.79 126.24
CA ARG CA 686 -201.66 202.24 127.38
C ARG CA 686 -200.69 203.34 126.96
N ALA CA 687 -200.00 203.92 127.95
CA ALA CA 687 -198.96 204.91 127.72
C ALA CA 687 -197.64 204.36 128.22
N ALA CA 688 -196.58 204.60 127.45
CA ALA CA 688 -195.26 204.04 127.75
C ALA CA 688 -195.32 202.51 127.82
N ALA CA 689 -196.15 201.92 126.97
CA ALA CA 689 -196.26 200.46 126.95
C ALA CA 689 -194.97 199.83 126.49
N LEU CA 690 -194.56 198.76 127.18
CA LEU CA 690 -193.32 198.08 126.83
C LEU CA 690 -193.47 197.33 125.52
N GLN CA 691 -192.44 197.43 124.68
CA GLN CA 691 -192.37 196.70 123.41
C GLN CA 691 -191.24 195.67 123.40
N ARG CA 692 -190.03 196.06 123.76
CA ARG CA 692 -188.89 195.16 123.74
C ARG CA 692 -187.83 195.69 124.67
N LYS CA 693 -187.55 194.94 125.74
CA LYS CA 693 -186.48 195.24 126.67
C LYS CA 693 -185.51 194.06 126.71
N ILE CA 694 -184.22 194.36 126.75
CA ILE CA 694 -183.18 193.35 126.70
C ILE CA 694 -182.03 193.77 127.62
N ILE CA 695 -181.44 192.79 128.29
CA ILE CA 695 -180.34 193.00 129.23
C ILE CA 695 -179.20 192.07 128.87
N SER CA 696 -177.99 192.60 128.89
CA SER CA 696 -176.78 191.84 128.60
C SER CA 696 -175.86 191.85 129.82
N ASN CA 697 -175.09 190.78 129.96
CA ASN CA 697 -174.13 190.65 131.05
C ASN CA 697 -172.99 189.75 130.60
N LEU CA 698 -171.77 190.14 130.96
CA LEU CA 698 -170.57 189.36 130.63
C LEU CA 698 -169.68 189.35 131.88
N LYS CA 699 -169.88 188.35 132.72
CA LYS CA 699 -169.00 188.18 133.87
C LYS CA 699 -167.62 187.74 133.40
N PHE CA 700 -166.59 188.44 133.87
CA PHE CA 700 -165.21 188.19 133.45
C PHE CA 700 -164.43 187.63 134.62
N ALA CA 701 -163.83 186.46 134.43
CA ALA CA 701 -162.98 185.81 135.43
C ALA CA 701 -161.54 185.96 134.96
N SER CA 702 -160.85 186.97 135.51
CA SER CA 702 -159.50 187.28 135.06
C SER CA 702 -158.50 186.18 135.39
N GLN CA 703 -158.82 185.30 136.34
CA GLN CA 703 -157.87 184.28 136.76
C GLN CA 703 -158.64 183.19 137.49
N ASN CA 704 -158.07 181.98 137.50
CA ASN CA 704 -158.63 180.84 138.20
C ASN CA 704 -157.67 180.39 139.29
N ASN CA 705 -158.20 180.24 140.51
CA ASN CA 705 -157.42 179.76 141.64
C ASN CA 705 -157.79 178.31 141.91
N TYR CA 706 -156.80 177.43 141.94
CA TYR CA 706 -157.01 176.00 142.07
C TYR CA 706 -156.73 175.53 143.49
N LEU CA 707 -157.52 174.58 143.96
CA LEU CA 707 -157.37 174.06 145.31
C LEU CA 707 -156.12 173.17 145.40
N PRO CA 708 -155.49 173.08 146.57
CA PRO CA 708 -154.50 172.02 146.78
C PRO CA 708 -155.16 170.65 146.78
N ASN CA 709 -154.32 169.63 146.57
CA ASN CA 709 -154.82 168.27 146.49
C ASN CA 709 -155.57 167.86 147.75
N GLN CA 710 -155.13 168.33 148.92
CA GLN CA 710 -155.76 167.92 150.17
C GLN CA 710 -157.20 168.41 150.25
N SER CA 711 -157.46 169.64 149.81
CA SER CA 711 -158.76 170.28 149.97
C SER CA 711 -159.68 170.08 148.77
N VAL CA 712 -159.33 169.17 147.85
CA VAL CA 712 -160.21 168.91 146.72
C VAL CA 712 -161.52 168.34 147.23
N TRP CA 713 -162.63 168.78 146.62
CA TRP CA 713 -163.96 168.33 146.98
C TRP CA 713 -164.43 167.28 145.99
N GLU CA 714 -164.74 166.09 146.49
CA GLU CA 714 -165.25 164.99 145.68
C GLU CA 714 -166.67 164.66 146.12
N ALA CA 715 -167.59 164.57 145.17
CA ALA CA 715 -168.96 164.20 145.49
C ALA CA 715 -169.02 162.79 146.08
N GLU CA 716 -168.26 161.86 145.52
CA GLU CA 716 -168.22 160.48 145.99
C GLU CA 716 -167.05 160.28 146.94
N ILE CA 717 -167.34 159.82 148.14
CA ILE CA 717 -166.35 159.31 149.08
C ILE CA 717 -166.93 158.03 149.65
N SER CA 718 -166.39 156.89 149.25
CA SER CA 718 -166.95 155.60 149.66
C SER CA 718 -166.92 155.46 151.17
N GLY CA 719 -168.02 154.98 151.74
CA GLY CA 719 -168.16 154.85 153.16
C GLY CA 719 -168.70 156.07 153.87
N ASP CA 720 -168.88 157.18 153.15
CA ASP CA 720 -169.41 158.42 153.73
C ASP CA 720 -170.89 158.51 153.44
N ALA CA 721 -171.70 158.60 154.50
CA ALA CA 721 -173.15 158.65 154.32
C ALA CA 721 -173.58 159.91 153.59
N ASN CA 722 -172.99 161.06 153.95
CA ASN CA 722 -173.43 162.33 153.37
C ASN CA 722 -172.98 162.48 151.93
N HIS CA 723 -171.72 162.12 151.64
CA HIS CA 723 -171.13 162.39 150.33
C HIS CA 723 -171.59 161.36 149.32
N THR CA 724 -172.88 161.44 148.97
CA THR CA 724 -173.41 160.65 147.88
C THR CA 724 -172.99 161.26 146.55
N GLY CA 725 -173.12 160.47 145.48
CA GLY CA 725 -172.56 160.85 144.20
C GLY CA 725 -173.43 161.75 143.35
N ILE CA 726 -173.42 161.48 142.05
CA ILE CA 726 -174.08 162.32 141.05
C ILE CA 726 -174.96 161.42 140.19
N THR CA 727 -176.12 161.94 139.79
CA THR CA 727 -176.97 161.19 138.89
C THR CA 727 -176.30 161.09 137.52
N PRO CA 728 -176.74 160.15 136.68
CA PRO CA 728 -176.12 160.03 135.35
C PRO CA 728 -176.17 161.34 134.57
N VAL CA 729 -175.05 161.70 133.98
CA VAL CA 729 -174.94 162.97 133.27
C VAL CA 729 -175.83 162.95 132.03
N ASN CA 730 -176.39 164.11 131.70
CA ASN CA 730 -177.24 164.27 130.52
C ASN CA 730 -176.84 165.53 129.79
N SER CA 731 -176.84 165.46 128.46
CA SER CA 731 -176.53 166.60 127.61
C SER CA 731 -177.83 167.19 127.08
N TRP CA 732 -178.06 168.46 127.36
CA TRP CA 732 -179.22 169.18 126.85
C TRP CA 732 -178.83 169.90 125.57
N THR CA 733 -179.62 169.71 124.52
CA THR CA 733 -179.41 170.39 123.24
C THR CA 733 -180.54 171.34 122.89
N GLU CA 734 -181.78 170.85 122.79
CA GLU CA 734 -182.91 171.68 122.40
C GLU CA 734 -184.13 171.53 123.30
N GLY CA 735 -184.41 170.32 123.79
CA GLY CA 735 -185.71 170.04 124.39
C GLY CA 735 -185.70 169.51 125.80
N LEU CA 736 -186.42 168.40 126.01
CA LEU CA 736 -186.66 167.87 127.35
C LEU CA 736 -185.56 166.91 127.74
N VAL CA 737 -185.07 167.04 128.98
CA VAL CA 737 -184.03 166.19 129.54
C VAL CA 737 -184.55 165.65 130.86
N ARG CA 738 -184.78 164.35 130.94
CA ARG CA 738 -185.23 163.70 132.17
C ARG CA 738 -184.01 163.37 133.02
N ILE CA 739 -183.74 164.17 134.03
CA ILE CA 739 -182.67 163.83 134.96
C ILE CA 739 -183.07 162.54 135.70
N PRO CA 740 -182.25 161.48 135.69
CA PRO CA 740 -182.68 160.24 136.34
C PRO CA 740 -182.92 160.43 137.83
N ALA CA 741 -183.53 159.41 138.43
CA ALA CA 741 -183.82 159.46 139.86
C ALA CA 741 -182.54 159.59 140.67
N GLN CA 742 -182.62 160.35 141.75
CA GLN CA 742 -181.48 160.61 142.62
C GLN CA 742 -181.58 159.73 143.86
N ALA CA 743 -180.47 159.08 144.21
CA ALA CA 743 -180.50 158.05 145.24
C ALA CA 743 -180.87 158.63 146.59
N ASN CA 744 -181.47 157.79 147.43
CA ASN CA 744 -181.89 158.18 148.78
C ASN CA 744 -182.91 159.31 148.72
N SER CA 745 -183.81 159.24 147.75
CA SER CA 745 -184.89 160.21 147.62
C SER CA 745 -186.10 159.52 147.03
N ASN CA 746 -187.24 159.63 147.71
CA ASN CA 746 -188.46 159.00 147.23
C ASN CA 746 -189.08 159.72 146.03
N LEU CA 747 -188.55 160.87 145.64
CA LEU CA 747 -189.03 161.55 144.45
C LEU CA 747 -188.77 160.68 143.21
N GLY CA 748 -189.44 161.03 142.12
CA GLY CA 748 -189.28 160.35 140.85
C GLY CA 748 -188.19 160.95 140.00
N SER CA 749 -188.26 160.70 138.70
CA SER CA 749 -187.30 161.25 137.77
C SER CA 749 -187.61 162.71 137.49
N LEU CA 750 -186.59 163.55 137.57
CA LEU CA 750 -186.75 164.98 137.33
C LEU CA 750 -186.61 165.29 135.86
N ASN CA 751 -187.36 166.31 135.41
CA ASN CA 751 -187.35 166.76 134.02
C ASN CA 751 -186.82 168.18 133.96
N TYR CA 752 -186.19 168.52 132.83
CA TYR CA 752 -185.40 169.73 132.70
C TYR CA 752 -185.71 170.42 131.38
N TYR CA 753 -186.03 171.71 131.46
CA TYR CA 753 -186.15 172.60 130.30
C TYR CA 753 -185.17 173.74 130.45
N ALA CA 754 -184.50 174.09 129.34
CA ALA CA 754 -183.71 175.30 129.25
C ALA CA 754 -184.24 176.28 128.21
N ASN CA 755 -185.17 175.85 127.35
CA ASN CA 755 -185.88 176.74 126.44
C ASN CA 755 -187.26 177.00 127.05
N ILE CA 756 -187.42 178.18 127.65
CA ILE CA 756 -188.61 178.52 128.43
C ILE CA 756 -189.45 179.49 127.61
N ASP CA 757 -190.72 179.13 127.43
CA ASP CA 757 -191.73 180.03 126.84
C ASP CA 757 -192.89 180.04 127.82
N LYS CA 758 -192.90 181.02 128.72
CA LYS CA 758 -193.83 181.07 129.83
C LYS CA 758 -194.45 182.46 129.95
N VAL CA 759 -195.66 182.49 130.51
CA VAL CA 759 -196.33 183.72 130.89
C VAL CA 759 -196.69 183.60 132.37
N LEU CA 760 -196.27 184.58 133.16
CA LEU CA 760 -196.38 184.53 134.61
C LEU CA 760 -197.54 185.41 135.05
N THR CA 761 -198.46 184.82 135.80
CA THR CA 761 -199.65 185.50 136.30
C THR CA 761 -199.59 185.57 137.83
N PHE CA 762 -199.92 186.74 138.37
CA PHE CA 762 -199.95 186.96 139.82
C PHE CA 762 -201.39 186.83 140.29
N ASN CA 763 -201.68 185.74 140.99
CA ASN CA 763 -202.96 185.61 141.67
C ASN CA 763 -202.94 186.42 142.95
N ARG CA 764 -203.99 187.21 143.18
CA ARG CA 764 -204.02 188.15 144.28
C ARG CA 764 -204.75 187.52 145.47
N SER CA 765 -204.09 187.53 146.63
CA SER CA 765 -204.65 186.98 147.85
C SER CA 765 -204.00 187.70 149.02
N GLU CA 766 -204.47 187.39 150.24
CA GLU CA 766 -203.99 188.02 151.46
C GLU CA 766 -203.52 186.99 152.48
N GLN CA 767 -203.00 185.85 152.00
CA GLN CA 767 -202.39 184.86 152.88
C GLN CA 767 -200.89 185.08 153.04
N ILE CA 768 -200.33 186.09 152.38
CA ILE CA 768 -198.94 186.50 152.61
C ILE CA 768 -198.86 187.90 153.18
N SER CA 769 -199.71 188.81 152.71
CA SER CA 769 -199.83 190.15 153.27
C SER CA 769 -201.17 190.72 152.84
N GLU CA 770 -201.74 191.55 153.73
CA GLU CA 770 -203.10 192.03 153.51
C GLU CA 770 -203.23 192.91 152.27
N ILE CA 771 -202.14 193.54 151.83
CA ILE CA 771 -202.24 194.51 150.74
C ILE CA 771 -202.25 193.87 149.37
N TYR CA 772 -201.76 192.63 149.23
CA TYR CA 772 -201.65 192.02 147.91
C TYR CA 772 -202.96 191.46 147.38
N LYS CA 773 -204.10 191.80 148.00
CA LYS CA 773 -205.39 191.45 147.41
C LYS CA 773 -205.72 192.32 146.21
N ASN CA 774 -205.03 193.45 146.03
CA ASN CA 774 -205.26 194.35 144.91
C ASN CA 774 -204.27 194.18 143.78
N GLY CA 775 -203.10 193.60 144.05
CA GLY CA 775 -202.07 193.44 143.04
C GLY CA 775 -200.69 193.73 143.59
N TYR CA 776 -199.66 193.50 142.77
CA TYR CA 776 -198.30 193.82 143.19
C TYR CA 776 -198.06 195.33 143.09
N LEU CA 777 -197.38 195.86 144.10
CA LEU CA 777 -197.15 197.29 144.18
C LEU CA 777 -196.22 197.75 143.06
N ILE CA 778 -196.29 199.04 142.76
CA ILE CA 778 -195.42 199.70 141.79
C ILE CA 778 -194.51 200.65 142.55
N TYR CA 779 -193.21 200.54 142.32
CA TYR CA 779 -192.21 201.24 143.12
C TYR CA 779 -191.66 202.42 142.34
N THR CA 780 -191.61 203.57 143.01
CA THR CA 780 -191.12 204.82 142.42
C THR CA 780 -190.23 205.51 143.45
N THR CA 781 -189.82 206.73 143.13
CA THR CA 781 -188.94 207.49 144.00
C THR CA 781 -189.72 208.16 145.12
N LYS CA 782 -189.01 208.49 146.20
CA LYS CA 782 -189.64 209.18 147.31
C LYS CA 782 -190.04 210.60 146.95
N ASP CA 783 -189.33 211.22 146.01
CA ASP CA 783 -189.57 212.61 145.65
C ASP CA 783 -189.23 212.81 144.18
N TRP CA 784 -189.74 213.90 143.62
CA TRP CA 784 -189.44 214.26 142.24
C TRP CA 784 -187.94 214.54 142.08
N ILE CA 785 -187.54 214.72 140.83
CA ILE CA 785 -186.16 215.11 140.53
C ILE CA 785 -185.97 216.53 141.05
N THR CA 786 -184.96 216.72 141.90
CA THR CA 786 -184.83 217.99 142.62
C THR CA 786 -184.32 219.10 141.71
N ASP CA 787 -183.09 218.97 141.22
CA ASP CA 787 -182.43 220.01 140.42
C ASP CA 787 -181.73 219.39 139.22
N GLY CA 788 -182.37 218.40 138.60
CA GLY CA 788 -181.79 217.72 137.47
C GLY CA 788 -180.77 216.66 137.80
N LYS CA 789 -180.53 216.39 139.08
CA LYS CA 789 -179.53 215.40 139.48
C LYS CA 789 -180.15 214.00 139.40
N ILE CA 790 -180.47 213.60 138.16
CA ILE CA 790 -181.06 212.29 137.94
C ILE CA 790 -180.04 211.18 138.20
N ALA CA 791 -178.77 211.42 137.89
CA ALA CA 791 -177.75 210.38 138.06
C ALA CA 791 -177.61 209.99 139.53
N ASP CA 792 -177.49 210.98 140.41
CA ASP CA 792 -177.34 210.68 141.82
C ASP CA 792 -178.56 209.96 142.37
N LEU CA 793 -179.75 210.39 141.97
CA LEU CA 793 -180.97 209.72 142.41
C LEU CA 793 -181.01 208.28 141.93
N PHE CA 794 -180.60 208.06 140.68
CA PHE CA 794 -180.53 206.69 140.15
C PHE CA 794 -179.56 205.85 140.96
N ASN CA 795 -178.41 206.41 141.32
CA ASN CA 795 -177.42 205.64 142.05
C ASN CA 795 -177.94 205.19 143.41
N ASN CA 796 -178.62 206.08 144.12
CA ASN CA 796 -179.19 205.77 145.43
C ASN CA 796 -180.62 205.26 145.32
N ALA CA 797 -180.83 204.22 144.50
CA ALA CA 797 -182.15 203.65 144.35
C ALA CA 797 -182.56 202.82 145.55
N ILE CA 798 -181.60 202.35 146.36
CA ILE CA 798 -181.94 201.56 147.54
C ILE CA 798 -182.70 202.41 148.54
N SER CA 799 -182.25 203.65 148.76
CA SER CA 799 -182.83 204.52 149.77
C SER CA 799 -183.98 205.36 149.22
N GLN CA 800 -183.75 206.07 148.11
CA GLN CA 800 -184.77 206.95 147.53
C GLN CA 800 -185.74 206.12 146.69
N THR CA 801 -186.57 205.35 147.39
CA THR CA 801 -187.56 204.50 146.73
C THR CA 801 -188.71 204.24 147.68
N ILE CA 802 -189.93 204.21 147.13
CA ILE CA 802 -191.13 203.94 147.92
C ILE CA 802 -192.25 203.60 146.95
N SER CA 803 -193.15 202.72 147.38
CA SER CA 803 -194.26 202.32 146.53
C SER CA 803 -195.23 203.48 146.32
N VAL CA 804 -196.02 203.36 145.25
CA VAL CA 804 -196.93 204.45 144.88
C VAL CA 804 -197.97 204.67 145.96
N ASP CA 805 -198.55 203.60 146.49
CA ASP CA 805 -199.61 203.74 147.48
C ASP CA 805 -199.10 204.42 148.75
N GLN CA 806 -197.88 204.07 149.18
CA GLN CA 806 -197.35 204.58 150.44
C GLN CA 806 -197.01 206.07 150.38
N VAL CA 807 -197.03 206.68 149.21
CA VAL CA 807 -196.80 208.12 149.11
C VAL CA 807 -197.97 208.83 149.80
N GLN CA 808 -197.71 209.43 150.96
CA GLN CA 808 -198.78 210.03 151.75
C GLN CA 808 -199.45 211.20 151.05
N ASP CA 809 -198.78 211.83 150.08
CA ASP CA 809 -199.40 212.91 149.34
C ASP CA 809 -200.36 212.42 148.26
N TRP CA 810 -200.27 211.15 147.86
CA TRP CA 810 -201.06 210.60 146.77
C TRP CA 810 -202.12 209.62 147.27
N LEU CA 811 -202.60 209.81 148.51
CA LEU CA 811 -203.58 208.89 149.07
C LEU CA 811 -204.94 209.01 148.39
N THR CA 812 -205.22 210.12 147.70
CA THR CA 812 -206.51 210.33 147.06
C THR CA 812 -206.41 210.85 145.63
N ARG CA 813 -205.22 211.19 145.14
CA ARG CA 813 -205.05 211.76 143.81
C ARG CA 813 -204.84 210.72 142.73
N ILE CA 814 -204.74 209.44 143.08
CA ILE CA 814 -204.47 208.36 142.13
C ILE CA 814 -205.56 207.31 142.27
N ALA CA 815 -206.12 206.89 141.15
CA ALA CA 815 -207.15 205.86 141.16
C ALA CA 815 -206.55 204.51 141.57
N ASP CA 816 -207.41 203.62 142.05
CA ASP CA 816 -206.95 202.32 142.51
C ASP CA 816 -206.34 201.52 141.36
N THR CA 817 -206.81 201.71 140.13
CA THR CA 817 -206.29 200.98 138.99
C THR CA 817 -204.94 201.49 138.52
N ASP CA 818 -204.49 202.65 139.00
CA ASP CA 818 -203.20 203.23 138.62
C ASP CA 818 -202.19 203.18 139.76
N LYS CA 819 -202.42 202.32 140.76
CA LYS CA 819 -201.46 202.13 141.83
C LYS CA 819 -201.25 200.66 142.19
N TYR CA 820 -201.95 199.73 141.55
CA TYR CA 820 -201.73 198.30 141.72
C TYR CA 820 -201.61 197.64 140.35
N GLY CA 821 -200.54 196.88 140.15
CA GLY CA 821 -200.31 196.20 138.89
C GLY CA 821 -200.77 194.75 138.97
N THR CA 822 -201.60 194.37 138.01
CA THR CA 822 -202.18 193.02 137.95
C THR CA 822 -202.13 192.48 136.54
N GLU CA 823 -201.02 192.71 135.84
CA GLU CA 823 -200.83 192.23 134.47
C GLU CA 823 -199.78 191.11 134.44
N PRO CA 824 -199.84 190.19 133.48
CA PRO CA 824 -198.85 189.11 133.45
C PRO CA 824 -197.45 189.58 133.11
N VAL CA 825 -196.49 188.65 133.11
CA VAL CA 825 -195.11 188.91 132.72
C VAL CA 825 -194.71 187.86 131.70
N SER CA 826 -194.15 188.31 130.59
CA SER CA 826 -193.75 187.41 129.50
C SER CA 826 -192.30 186.97 129.75
N MET CA 827 -192.13 185.70 130.07
CA MET CA 827 -190.82 185.11 130.35
C MET CA 827 -190.41 184.23 129.16
N LYS CA 828 -189.33 184.61 128.49
CA LYS CA 828 -188.90 183.93 127.28
C LYS CA 828 -187.40 184.03 127.13
N TYR CA 829 -186.73 182.88 126.95
CA TYR CA 829 -185.30 182.86 126.68
C TYR CA 829 -184.91 181.46 126.24
N LYS CA 830 -183.71 181.35 125.70
CA LYS CA 830 -183.15 180.09 125.22
C LYS CA 830 -181.77 179.90 125.83
N SER CA 831 -181.26 178.67 125.71
CA SER CA 831 -179.96 178.30 126.24
C SER CA 831 -179.18 177.50 125.20
N ASN CA 832 -177.86 177.55 125.33
CA ASN CA 832 -176.96 176.80 124.46
C ASN CA 832 -176.73 175.41 125.02
N PRO CA 833 -176.07 174.52 124.27
CA PRO CA 833 -175.80 173.17 124.78
C PRO CA 833 -174.97 173.21 126.05
N HIS CA 834 -175.26 172.28 126.96
CA HIS CA 834 -174.61 172.21 128.25
C HIS CA 834 -174.86 170.84 128.85
N LEU CA 835 -174.23 170.57 129.98
CA LEU CA 835 -174.41 169.33 130.72
C LEU CA 835 -175.19 169.63 132.00
N VAL CA 836 -176.20 168.80 132.27
CA VAL CA 836 -177.04 168.96 133.45
C VAL CA 836 -177.03 167.66 134.23
N PHE CA 837 -176.82 167.74 135.54
CA PHE CA 837 -176.86 166.59 136.42
C PHE CA 837 -177.37 167.05 137.77
N ALA CA 838 -177.43 166.12 138.73
CA ALA CA 838 -178.00 166.40 140.04
C ALA CA 838 -177.28 165.59 141.10
N PHE CA 839 -176.94 166.24 142.20
CA PHE CA 839 -176.35 165.53 143.33
C PHE CA 839 -177.40 164.60 143.95
N ASN CA 840 -176.94 163.41 144.36
CA ASN CA 840 -177.82 162.49 145.04
C ASN CA 840 -178.11 162.96 146.46
N TYR CA 841 -179.30 162.64 146.95
CA TYR CA 841 -179.67 162.96 148.33
C TYR CA 841 -178.77 162.20 149.30
N THR CA 842 -178.56 162.80 150.47
CA THR CA 842 -177.79 162.14 151.51
C THR CA 842 -178.54 160.89 151.98
N GLU CA 843 -177.83 160.04 152.72
CA GLU CA 843 -178.44 158.83 153.25
C GLU CA 843 -179.55 159.15 154.24
N SER CA 844 -179.53 160.33 154.85
CA SER CA 844 -180.60 160.76 155.74
C SER CA 844 -181.80 161.35 155.00
N GLY CA 845 -181.68 161.59 153.70
CA GLY CA 845 -182.76 162.17 152.91
C GLY CA 845 -182.62 163.64 152.63
N LYS CA 846 -181.53 164.27 153.02
CA LYS CA 846 -181.32 165.68 152.76
C LYS CA 846 -180.79 165.89 151.34
N GLN CA 847 -180.53 167.15 150.99
CA GLN CA 847 -180.02 167.51 149.68
C GLN CA 847 -178.55 167.85 149.77
N LEU CA 848 -177.76 167.28 148.87
CA LEU CA 848 -176.33 167.60 148.76
C LEU CA 848 -176.16 168.82 147.87
N ILE CA 849 -175.30 169.75 148.31
CA ILE CA 849 -175.17 171.06 147.72
C ILE CA 849 -173.69 171.38 147.54
N LEU CA 850 -173.39 172.27 146.61
CA LEU CA 850 -172.04 172.76 146.45
C LEU CA 850 -171.57 173.39 147.76
N PRO CA 851 -170.35 173.11 148.22
CA PRO CA 851 -169.95 173.61 149.54
C PRO CA 851 -169.78 175.12 149.55
N MET CA 852 -169.98 175.70 150.73
CA MET CA 852 -169.85 177.13 150.94
C MET CA 852 -168.44 177.44 151.43
N LYS CA 853 -167.74 178.31 150.69
CA LYS CA 853 -166.33 178.58 150.97
C LYS CA 853 -166.18 179.33 152.28
N ASN CA 854 -165.31 178.83 153.15
CA ASN CA 854 -164.98 179.46 154.42
C ASN CA 854 -166.21 179.68 155.29
N ASN CA 855 -167.22 178.80 155.15
CA ASN CA 855 -168.43 178.85 155.98
C ASN CA 855 -169.13 180.20 155.87
N ASN CA 856 -169.25 180.70 154.64
CA ASN CA 856 -169.89 181.99 154.38
C ASN CA 856 -170.96 181.83 153.31
N ASN CA 857 -172.06 182.58 153.47
CA ASN CA 857 -173.16 182.59 152.49
C ASN CA 857 -173.72 181.19 152.28
N GLY CA 858 -174.30 180.65 153.35
CA GLY CA 858 -174.86 179.31 153.30
C GLY CA 858 -176.26 179.28 152.74
N TYR CA 859 -176.83 178.07 152.73
CA TYR CA 859 -178.18 177.86 152.25
C TYR CA 859 -179.19 178.52 153.18
N LEU CA 860 -180.42 178.65 152.69
CA LEU CA 860 -181.53 179.19 153.47
C LEU CA 860 -182.07 178.07 154.35
N ALA CA 861 -181.76 178.12 155.65
CA ALA CA 861 -182.19 177.06 156.54
C ALA CA 861 -183.70 177.16 156.78
N PRO CA 862 -184.43 176.04 156.77
CA PRO CA 862 -185.85 176.10 157.07
C PRO CA 862 -186.12 176.26 158.56
N SER CA 863 -187.31 176.77 158.87
CA SER CA 863 -187.74 176.89 160.25
C SER CA 863 -188.08 175.51 160.81
N ALA CA 864 -188.29 175.46 162.13
CA ALA CA 864 -188.61 174.21 162.78
C ALA CA 864 -189.93 173.65 162.27
N ASN CA 865 -189.94 172.34 162.00
CA ASN CA 865 -191.14 171.60 161.59
C ASN CA 865 -191.69 172.09 160.25
N SER CA 866 -190.86 172.72 159.43
CA SER CA 866 -191.25 173.17 158.10
C SER CA 866 -190.60 172.28 157.05
N LYS CA 867 -191.40 171.82 156.09
CA LYS CA 867 -190.94 170.94 155.02
C LYS CA 867 -190.97 171.67 153.68
N PRO CA 868 -190.16 171.26 152.71
CA PRO CA 868 -190.28 171.84 151.37
C PRO CA 868 -191.62 171.46 150.74
N PHE CA 869 -192.12 172.37 149.90
CA PHE CA 869 -193.41 172.13 149.26
C PHE CA 869 -193.35 171.00 148.23
N TRP CA 870 -192.16 170.66 147.74
CA TRP CA 870 -192.02 169.56 146.79
C TRP CA 870 -191.70 168.23 147.47
N ASN CA 871 -191.52 168.22 148.78
CA ASN CA 871 -191.12 167.01 149.51
C ASN CA 871 -191.63 167.09 150.93
N PRO CA 872 -192.93 166.84 151.14
CA PRO CA 872 -193.46 166.86 152.51
C PRO CA 872 -192.79 165.86 153.43
N THR CA 873 -192.43 164.69 152.92
CA THR CA 873 -191.80 163.65 153.73
C THR CA 873 -190.27 163.81 153.65
N ALA CA 874 -189.79 164.87 154.28
CA ALA CA 874 -188.38 165.22 154.32
C ALA CA 874 -187.89 165.29 155.76
N PRO CA 875 -186.60 165.08 156.00
CA PRO CA 875 -186.09 165.16 157.37
C PRO CA 875 -185.97 166.60 157.84
N GLU CA 876 -185.71 166.77 159.14
CA GLU CA 876 -185.52 168.08 159.71
C GLU CA 876 -184.30 168.75 159.08
N GLY CA 877 -184.47 170.01 158.70
CA GLY CA 877 -183.44 170.73 157.96
C GLY CA 877 -183.52 170.50 156.47
N ALA CA 878 -183.56 169.23 156.07
CA ALA CA 878 -183.78 168.84 154.68
C ALA CA 878 -182.68 169.35 153.75
N VAL CA 879 -181.53 169.75 154.29
CA VAL CA 879 -180.44 170.29 153.50
C VAL CA 879 -179.12 169.94 154.18
N TYR CA 880 -178.14 169.55 153.38
CA TYR CA 880 -176.78 169.29 153.85
C TYR CA 880 -175.81 170.11 153.02
N GLN CA 881 -174.90 170.80 153.68
CA GLN CA 881 -173.90 171.60 152.99
C GLN CA 881 -172.60 171.58 153.78
N ASP CA 882 -171.49 171.45 153.07
CA ASP CA 882 -170.15 171.42 153.64
C ASP CA 882 -169.43 172.72 153.26
N SER CA 883 -168.22 172.89 153.79
CA SER CA 883 -167.39 174.05 153.49
C SER CA 883 -165.99 173.60 153.08
N ILE CA 884 -165.34 174.43 152.27
CA ILE CA 884 -163.96 174.23 151.85
C ILE CA 884 -163.15 175.39 152.42
N ASN CA 885 -162.07 175.08 153.13
CA ASN CA 885 -161.20 176.08 153.73
C ASN CA 885 -160.22 176.57 152.67
N PHE CA 886 -160.71 177.42 151.79
CA PHE CA 886 -159.94 178.00 150.70
C PHE CA 886 -159.88 179.51 150.89
N THR CA 887 -158.67 180.04 151.09
CA THR CA 887 -158.48 181.44 151.41
C THR CA 887 -157.91 182.26 150.26
N ASN CA 888 -157.32 181.62 149.25
CA ASN CA 888 -156.72 182.37 148.16
C ASN CA 888 -157.76 183.12 147.32
N GLU CA 889 -159.02 182.71 147.37
CA GLU CA 889 -160.10 183.37 146.65
C GLU CA 889 -160.81 184.32 147.59
N ASN CA 890 -160.87 185.61 147.21
CA ASN CA 890 -161.50 186.64 148.01
C ASN CA 890 -162.59 187.41 147.27
N ARG CA 891 -162.90 187.05 146.03
CA ARG CA 891 -163.94 187.67 145.23
C ARG CA 891 -164.98 186.62 144.86
N ALA CA 892 -166.01 187.07 144.14
CA ALA CA 892 -167.04 186.15 143.68
C ALA CA 892 -166.43 185.12 142.73
N PHE CA 893 -167.05 183.94 142.68
CA PHE CA 893 -166.46 182.83 141.95
C PHE CA 893 -167.54 181.84 141.56
N PHE CA 894 -167.18 180.96 140.62
CA PHE CA 894 -167.93 179.76 140.30
C PHE CA 894 -167.07 178.56 140.66
N TRP CA 895 -167.68 177.56 141.32
CA TRP CA 895 -166.94 176.36 141.64
C TRP CA 895 -166.52 175.64 140.36
N LEU CA 896 -165.24 175.73 140.01
CA LEU CA 896 -164.72 175.07 138.82
C LEU CA 896 -164.53 173.59 139.13
N ALA CA 897 -165.13 172.72 138.32
CA ALA CA 897 -165.22 171.30 138.65
C ALA CA 897 -164.99 170.47 137.40
N GLU CA 898 -165.00 169.15 137.60
CA GLU CA 898 -164.40 168.22 136.67
C GLU CA 898 -165.22 166.94 136.69
N LEU CA 899 -165.50 166.37 135.51
CA LEU CA 899 -166.31 165.15 135.43
C LEU CA 899 -165.39 163.94 135.51
N TYR CA 900 -165.01 163.61 136.74
CA TYR CA 900 -164.09 162.52 136.99
C TYR CA 900 -164.67 161.18 136.58
N ARG CA 901 -163.82 160.31 136.04
CA ARG CA 901 -164.16 158.93 135.74
C ARG CA 901 -163.11 158.04 136.40
N ASP CA 902 -163.58 157.07 137.18
CA ASP CA 902 -162.68 156.31 138.05
C ASP CA 902 -162.10 155.08 137.35
N SER CA 903 -162.96 154.22 136.81
CA SER CA 903 -162.54 152.94 136.26
C SER CA 903 -162.50 153.03 134.73
N VAL CA 904 -161.35 152.72 134.16
CA VAL CA 904 -161.17 152.68 132.71
C VAL CA 904 -160.36 151.44 132.36
N VAL CA 905 -161.03 150.41 131.86
CA VAL CA 905 -160.39 149.15 131.49
C VAL CA 905 -159.89 149.25 130.07
N ASN CA 906 -158.64 148.82 129.84
CA ASN CA 906 -158.04 148.80 128.50
C ASN CA 906 -158.04 150.21 127.90
N ARG CA 907 -157.25 151.08 128.54
CA ARG CA 907 -157.19 152.48 128.16
C ARG CA 907 -156.81 152.63 126.68
N PHE CA 908 -155.59 152.23 126.33
CA PHE CA 908 -155.09 152.35 124.97
C PHE CA 908 -155.14 151.02 124.22
N GLY CA 909 -156.14 150.19 124.51
CA GLY CA 909 -156.25 148.88 123.92
C GLY CA 909 -155.57 147.77 124.69
N GLY CA 910 -154.80 148.10 125.72
CA GLY CA 910 -154.11 147.12 126.52
C GLY CA 910 -152.75 147.66 126.97
N ASP CA 911 -152.23 147.05 128.03
CA ASP CA 911 -150.94 147.44 128.59
C ASP CA 911 -149.77 146.68 127.97
N THR CA 912 -150.03 145.58 127.28
CA THR CA 912 -148.95 144.77 126.73
C THR CA 912 -148.27 145.48 125.56
N GLU CA 913 -147.08 144.98 125.22
CA GLU CA 913 -146.46 145.33 123.93
C GLU CA 913 -147.39 145.01 122.78
N GLU CA 914 -148.21 143.96 122.95
CA GLU CA 914 -149.14 143.54 121.92
C GLU CA 914 -150.15 144.63 121.59
N ALA CA 915 -150.74 145.24 122.61
CA ALA CA 915 -151.67 146.35 122.38
C ALA CA 915 -150.93 147.58 121.90
N ILE CA 916 -149.73 147.84 122.44
CA ILE CA 916 -148.97 149.01 122.04
C ILE CA 916 -148.61 148.96 120.57
N LEU CA 917 -148.50 147.76 120.01
CA LEU CA 917 -148.18 147.64 118.58
C LEU CA 917 -149.26 148.28 117.72
N ASN CA 918 -150.53 148.08 118.06
CA ASN CA 918 -151.64 148.60 117.27
C ASN CA 918 -151.88 150.08 117.48
N ASN CA 919 -151.16 150.73 118.41
CA ASN CA 919 -151.38 152.14 118.68
C ASN CA 919 -150.64 153.00 117.67
N THR CA 920 -151.13 154.23 117.51
CA THR CA 920 -150.51 155.24 116.66
C THR CA 920 -149.90 156.32 117.55
N TRP CA 921 -148.64 156.66 117.29
CA TRP CA 921 -147.88 157.59 118.12
C TRP CA 921 -147.70 158.91 117.37
N LEU CA 922 -147.53 159.98 118.14
CA LEU CA 922 -147.33 161.32 117.60
C LEU CA 922 -146.07 161.93 118.19
N PRO CA 923 -145.37 162.80 117.46
CA PRO CA 923 -144.22 163.49 118.04
C PRO CA 923 -144.64 164.51 119.09
N SER CA 924 -143.71 164.79 120.00
CA SER CA 924 -143.93 165.78 121.05
C SER CA 924 -142.58 166.31 121.51
N GLY CA 925 -142.28 167.54 121.15
CA GLY CA 925 -141.09 168.23 121.61
C GLY CA 925 -140.01 168.28 120.54
N ASP CA 926 -139.05 169.16 120.78
CA ASP CA 926 -137.92 169.32 119.88
C ASP CA 926 -136.88 168.23 120.12
N SER CA 927 -136.07 167.97 119.09
CA SER CA 927 -135.02 166.98 119.19
C SER CA 927 -133.84 167.56 119.96
N VAL CA 928 -133.28 166.75 120.85
CA VAL CA 928 -132.14 167.15 121.68
C VAL CA 928 -131.00 166.17 121.44
N ILE CA 929 -129.78 166.67 121.62
CA ILE CA 929 -128.58 165.86 121.39
C ILE CA 929 -128.39 164.92 122.56
N ILE CA 930 -127.90 163.71 122.26
CA ILE CA 930 -127.59 162.71 123.27
C ILE CA 930 -126.15 162.94 123.71
N GLY CA 931 -125.97 163.65 124.83
CA GLY CA 931 -124.67 163.86 125.40
C GLY CA 931 -124.34 162.83 126.45
N ASP CA 932 -123.82 163.27 127.60
CA ASP CA 932 -123.60 162.36 128.71
C ASP CA 932 -124.90 161.88 129.34
N SER CA 933 -126.02 162.56 129.05
CA SER CA 933 -127.32 162.14 129.54
C SER CA 933 -128.38 162.64 128.57
N ILE CA 934 -129.55 162.01 128.62
CA ILE CA 934 -130.67 162.34 127.75
C ILE CA 934 -131.72 163.04 128.60
N ASN CA 935 -132.07 164.27 128.21
CA ASN CA 935 -133.05 165.08 128.93
C ASN CA 935 -134.09 165.55 127.93
N ILE CA 936 -135.22 164.83 127.88
CA ILE CA 936 -136.30 165.14 126.96
C ILE CA 936 -137.32 166.01 127.68
N GLU CA 937 -138.05 166.82 126.92
CA GLU CA 937 -139.12 167.65 127.46
C GLU CA 937 -140.26 167.66 126.46
N TYR CA 938 -141.42 167.13 126.86
CA TYR CA 938 -142.56 166.98 125.96
C TYR CA 938 -143.30 168.31 125.90
N THR CA 939 -143.01 169.11 124.87
CA THR CA 939 -143.57 170.45 124.80
C THR CA 939 -145.01 170.44 124.31
N GLU CA 940 -145.30 169.66 123.27
CA GLU CA 940 -146.63 169.64 122.65
C GLU CA 940 -147.44 168.49 123.24
N GLY CA 941 -148.56 168.83 123.89
CA GLY CA 941 -149.49 167.86 124.40
C GLY CA 941 -150.79 167.87 123.63
N ASP CA 942 -151.92 167.88 124.34
CA ASP CA 942 -153.23 167.92 123.68
C ASP CA 942 -154.22 168.86 124.34
N THR CA 943 -153.84 169.53 125.45
CA THR CA 943 -154.76 170.36 126.22
C THR CA 943 -154.39 171.82 126.06
N TYR CA 944 -155.39 172.66 125.84
CA TYR CA 944 -155.20 174.10 125.77
C TYR CA 944 -155.62 174.75 127.07
N TYR CA 945 -155.43 176.07 127.14
CA TYR CA 945 -155.84 176.87 128.30
C TYR CA 945 -156.17 178.26 127.76
N GLN CA 946 -157.45 178.47 127.45
CA GLN CA 946 -157.87 179.64 126.69
C GLN CA 946 -159.16 180.20 127.28
N ARG CA 947 -159.38 181.49 127.04
CA ARG CA 947 -160.58 182.16 127.52
C ARG CA 947 -161.80 181.62 126.78
N TYR CA 948 -162.84 181.28 127.54
CA TYR CA 948 -164.07 180.72 127.00
C TYR CA 948 -165.24 181.59 127.42
N ASP CA 949 -165.94 182.16 126.44
CA ASP CA 949 -167.11 183.00 126.69
C ASP CA 949 -168.35 182.15 126.44
N CYS CA 950 -168.97 181.67 127.52
CA CYS CA 950 -170.15 180.82 127.42
C CYS CA 950 -171.39 181.70 127.32
N LEU CA 951 -172.00 181.73 126.14
CA LEU CA 951 -173.27 182.44 125.96
C LEU CA 951 -174.37 181.57 126.55
N ARG CA 952 -174.54 181.67 127.87
CA ARG CA 952 -175.45 180.79 128.59
C ARG CA 952 -176.88 181.00 128.13
N THR CA 953 -177.30 182.26 127.99
CA THR CA 953 -178.69 182.59 127.69
C THR CA 953 -178.74 183.65 126.60
N PHE CA 954 -179.78 183.57 125.77
CA PHE CA 954 -180.03 184.56 124.74
C PHE CA 954 -181.53 184.63 124.50
N ALA CA 955 -181.93 185.52 123.59
CA ALA CA 955 -183.34 185.85 123.41
C ALA CA 955 -184.07 184.72 122.68
N TYR CA 956 -185.29 184.43 123.15
CA TYR CA 956 -186.15 183.49 122.45
C TYR CA 956 -186.48 183.98 121.05
N THR CA 957 -186.82 185.26 120.92
CA THR CA 957 -187.15 185.88 119.65
C THR CA 957 -186.58 187.29 119.62
N ASN CA 958 -186.65 187.91 118.45
CA ASN CA 958 -186.16 189.27 118.25
C ASN CA 958 -187.24 190.33 118.41
N GLU CA 959 -188.46 189.93 118.82
CA GLU CA 959 -189.55 190.87 119.00
C GLU CA 959 -190.28 190.71 120.33
N ASP CA 960 -189.87 189.77 121.18
CA ASP CA 960 -190.53 189.60 122.46
C ASP CA 960 -190.19 190.76 123.39
N GLN CA 961 -190.99 190.89 124.45
CA GLN CA 961 -190.83 192.01 125.37
C GLN CA 961 -189.58 191.85 126.23
N ASN CA 962 -189.54 190.80 127.05
CA ASN CA 962 -188.47 190.57 128.00
C ASN CA 962 -187.56 189.47 127.48
N SER CA 963 -186.27 189.79 127.34
CA SER CA 963 -185.26 188.82 126.96
C SER CA 963 -183.97 189.13 127.73
N ILE CA 964 -183.16 188.11 127.93
CA ILE CA 964 -181.95 188.20 128.74
C ILE CA 964 -180.79 187.61 127.96
N VAL CA 965 -179.64 188.27 128.03
CA VAL CA 965 -178.39 187.76 127.48
C VAL CA 965 -177.40 187.65 128.63
N ASP CA 966 -176.81 186.47 128.80
CA ASP CA 966 -175.90 186.18 129.90
C ASP CA 966 -174.67 185.48 129.35
N ILE CA 967 -173.50 186.03 129.66
CA ILE CA 967 -172.22 185.49 129.22
C ILE CA 967 -171.30 185.38 130.43
N VAL CA 968 -170.45 184.34 130.42
CA VAL CA 968 -169.47 184.11 131.47
C VAL CA 968 -168.14 183.86 130.79
N SER CA 969 -167.27 184.87 130.79
CA SER CA 969 -165.94 184.75 130.20
C SER CA 969 -164.96 184.31 131.26
N PHE CA 970 -164.35 183.14 131.06
CA PHE CA 970 -163.42 182.59 132.04
C PHE CA 970 -162.41 181.71 131.31
N MET CA 971 -161.29 181.46 131.98
CA MET CA 971 -160.24 180.60 131.46
C MET CA 971 -160.50 179.15 131.86
N CYS CA 972 -160.24 178.22 130.94
CA CYS CA 972 -160.51 176.82 131.18
C CYS CA 972 -159.60 175.95 130.34
N GLU CA 973 -159.48 174.69 130.74
CA GLU CA 973 -158.71 173.70 130.02
C GLU CA 973 -159.61 172.93 129.07
N SER CA 974 -159.15 172.74 127.84
CA SER CA 974 -159.95 172.05 126.83
C SER CA 974 -159.03 171.39 125.81
N LYS CA 975 -159.57 170.37 125.15
CA LYS CA 975 -158.89 169.70 124.06
C LYS CA 975 -159.19 170.34 122.71
N VAL CA 976 -159.97 171.42 122.68
CA VAL CA 976 -160.36 172.10 121.45
C VAL CA 976 -159.80 173.51 121.50
N ASN CA 977 -159.20 173.95 120.39
CA ASN CA 977 -158.59 175.27 120.36
C ASN CA 977 -159.68 176.34 120.41
N ILE CA 978 -159.96 176.82 121.63
CA ILE CA 978 -161.04 177.78 121.81
C ILE CA 978 -160.72 179.09 121.10
N ASP CA 979 -159.43 179.41 120.95
CA ASP CA 979 -159.03 180.66 120.31
C ASP CA 979 -159.27 180.66 118.81
N GLY CA 980 -159.77 179.57 118.23
CA GLY CA 980 -160.14 179.56 116.83
C GLY CA 980 -161.46 180.23 116.52
N ARG CA 981 -162.11 180.80 117.52
CA ARG CA 981 -163.34 181.55 117.31
C ARG CA 981 -163.05 182.76 116.43
N TYR CA 982 -163.71 182.82 115.28
CA TYR CA 982 -163.38 183.78 114.23
C TYR CA 982 -164.39 184.92 114.10
N ASP CA 983 -165.32 185.05 115.05
CA ASP CA 983 -166.26 186.16 115.05
C ASP CA 983 -165.74 187.30 115.91
N LYS CA 984 -166.15 188.52 115.56
CA LYS CA 984 -165.62 189.73 116.18
C LYS CA 984 -166.48 190.25 117.32
N ASN CA 985 -167.50 189.48 117.74
CA ASN CA 985 -168.35 189.89 118.85
C ASN CA 985 -167.80 189.31 120.17
N ARG CA 986 -166.54 189.66 120.46
CA ARG CA 986 -165.85 189.19 121.64
C ARG CA 986 -165.46 190.37 122.51
N GLY CA 987 -165.76 190.27 123.80
CA GLY CA 987 -165.31 191.27 124.76
C GLY CA 987 -165.85 192.66 124.50
N GLN CA 988 -167.12 192.76 124.12
CA GLN CA 988 -167.78 194.03 123.89
C GLN CA 988 -168.88 194.22 124.93
N VAL CA 989 -169.02 195.46 125.40
CA VAL CA 989 -169.97 195.73 126.48
C VAL CA 989 -171.41 195.55 126.02
N ASN CA 990 -171.69 195.79 124.73
CA ASN CA 990 -173.06 195.78 124.25
C ASN CA 990 -173.70 194.41 124.42
N ASN CA 991 -173.21 193.41 123.70
CA ASN CA 991 -173.67 192.01 123.82
C ASN CA 991 -175.19 191.91 123.78
N LEU CA 992 -175.84 192.78 123.01
CA LEU CA 992 -177.29 192.83 122.98
C LEU CA 992 -177.89 191.89 121.94
N ALA CA 993 -177.33 191.89 120.73
CA ALA CA 993 -177.86 191.09 119.63
C ALA CA 993 -177.13 189.77 119.46
N VAL CA 994 -176.27 189.39 120.41
CA VAL CA 994 -175.53 188.14 120.26
C VAL CA 994 -176.48 186.95 120.32
N SER CA 995 -176.02 185.84 119.77
CA SER CA 995 -176.83 184.64 119.58
C SER CA 995 -175.90 183.50 119.18
N PRO CA 996 -176.37 182.26 119.10
CA PRO CA 996 -175.50 181.20 118.55
C PRO CA 996 -175.10 181.45 117.10
N THR CA 997 -175.82 182.32 116.38
CA THR CA 997 -175.48 182.64 115.00
C THR CA 997 -174.33 183.63 114.89
N ASN CA 998 -173.99 184.35 115.97
CA ASN CA 998 -173.05 185.46 115.89
C ASN CA 998 -171.91 185.36 116.90
N PHE CA 999 -172.15 184.72 118.05
CA PHE CA 999 -171.25 184.88 119.19
C PHE CA 999 -170.09 183.89 119.17
N ASN CA 1000 -170.37 182.60 118.94
CA ASN CA 1000 -169.36 181.56 119.11
C ASN CA 1000 -169.18 180.75 117.83
N LEU CA 1001 -169.05 181.43 116.69
CA LEU CA 1001 -168.63 180.76 115.48
C LEU CA 1001 -167.22 180.21 115.66
N PHE CA 1002 -166.96 179.03 115.10
CA PHE CA 1002 -165.75 178.29 115.39
C PHE CA 1002 -165.14 177.75 114.11
N ASN CA 1003 -163.81 177.79 114.02
CA ASN CA 1003 -163.05 177.22 112.91
C ASN CA 1003 -162.29 176.00 113.43
N PRO CA 1004 -162.76 174.76 113.16
CA PRO CA 1004 -162.12 173.60 113.80
C PRO CA 1004 -160.67 173.38 113.41
N VAL CA 1005 -160.21 173.94 112.28
CA VAL CA 1005 -158.93 173.54 111.71
C VAL CA 1005 -157.78 173.77 112.68
N TYR CA 1006 -157.87 174.80 113.52
CA TYR CA 1006 -156.76 175.13 114.41
C TYR CA 1006 -156.51 174.07 115.46
N SER CA 1007 -157.48 173.19 115.71
CA SER CA 1007 -157.32 172.11 116.69
C SER CA 1007 -156.79 170.85 116.00
N GLN CA 1008 -155.61 171.00 115.40
CA GLN CA 1008 -154.98 169.95 114.61
C GLN CA 1008 -153.76 169.42 115.36
N LYS CA 1009 -153.53 168.12 115.26
CA LYS CA 1009 -152.43 167.45 115.94
C LYS CA 1009 -151.24 167.32 114.99
N ASN CA 1010 -150.20 166.63 115.45
CA ASN CA 1010 -149.04 166.30 114.61
C ASN CA 1010 -149.31 165.00 113.83
N ASN CA 1011 -150.41 165.03 113.06
CA ASN CA 1011 -150.88 163.82 112.40
C ASN CA 1011 -150.03 163.45 111.18
N PHE CA 1012 -149.39 164.43 110.54
CA PHE CA 1012 -148.70 164.15 109.28
C PHE CA 1012 -147.57 163.14 109.46
N PHE CA 1013 -146.68 163.40 110.41
CA PHE CA 1013 -145.56 162.51 110.71
C PHE CA 1013 -145.92 161.71 111.95
N THR CA 1014 -146.38 160.47 111.75
CA THR CA 1014 -146.77 159.59 112.83
C THR CA 1014 -145.99 158.29 112.73
N PHE CA 1015 -145.66 157.72 113.89
CA PHE CA 1015 -144.82 156.53 114.00
C PHE CA 1015 -145.54 155.49 114.85
N ARG CA 1016 -144.89 154.34 115.02
CA ARG CA 1016 -145.47 153.26 115.81
C ARG CA 1016 -144.37 152.26 116.17
N THR CA 1017 -144.65 151.43 117.16
CA THR CA 1017 -143.69 150.47 117.67
C THR CA 1017 -143.53 149.31 116.72
N ILE CA 1018 -142.36 148.66 116.76
CA ILE CA 1018 -142.03 147.52 115.92
C ILE CA 1018 -141.55 146.38 116.80
N ASP CA 1019 -142.01 145.17 116.48
CA ASP CA 1019 -141.65 143.98 117.24
C ASP CA 1019 -140.33 143.43 116.74
N TYR CA 1020 -139.41 143.14 117.66
CA TYR CA 1020 -138.08 142.68 117.28
C TYR CA 1020 -138.12 141.25 116.76
N GLU CA 1021 -138.79 140.35 117.48
CA GLU CA 1021 -138.76 138.93 117.14
C GLU CA 1021 -139.70 138.55 116.00
N ARG CA 1022 -140.58 139.45 115.58
CA ARG CA 1022 -141.42 139.16 114.43
C ARG CA 1022 -140.56 139.10 113.17
N PHE CA 1023 -140.91 138.17 112.28
CA PHE CA 1023 -140.15 137.92 111.06
C PHE CA 1023 -140.84 138.62 109.90
N SER CA 1024 -140.35 139.80 109.54
CA SER CA 1024 -140.74 140.50 108.32
C SER CA 1024 -139.54 140.52 107.40
N ILE CA 1025 -139.70 140.01 106.19
CA ILE CA 1025 -138.56 139.80 105.31
C ILE CA 1025 -138.01 141.14 104.85
N ASN CA 1026 -136.71 141.15 104.53
CA ASN CA 1026 -136.05 142.31 103.98
C ASN CA 1026 -135.14 141.95 102.82
N TYR CA 1027 -135.23 140.73 102.28
CA TYR CA 1027 -134.38 140.25 101.20
C TYR CA 1027 -135.25 139.91 100.00
N PHE CA 1028 -134.85 140.43 98.84
CA PHE CA 1028 -135.60 140.26 97.58
C PHE CA 1028 -134.62 139.77 96.51
N PRO CA 1029 -134.34 138.47 96.47
CA PRO CA 1029 -133.39 137.98 95.45
C PRO CA 1029 -133.88 138.20 94.03
N ASN CA 1030 -135.18 138.15 93.79
CA ASN CA 1030 -135.78 138.39 92.48
C ASN CA 1030 -136.53 139.72 92.56
N SER CA 1031 -135.80 140.81 92.33
CA SER CA 1031 -136.40 142.14 92.36
C SER CA 1031 -135.40 143.15 91.83
N ILE CA 1032 -135.86 144.07 90.99
CA ILE CA 1032 -135.04 145.11 90.41
C ILE CA 1032 -135.75 146.44 90.62
N THR CA 1033 -135.10 147.35 91.35
CA THR CA 1033 -135.59 148.70 91.51
C THR CA 1033 -135.03 149.58 90.39
N VAL CA 1034 -135.82 150.55 89.97
CA VAL CA 1034 -135.46 151.45 88.88
C VAL CA 1034 -135.62 152.88 89.37
N THR CA 1035 -134.58 153.68 89.21
CA THR CA 1035 -134.62 155.08 89.62
C THR CA 1035 -135.21 155.92 88.50
N LYS CA 1036 -135.27 157.23 88.73
CA LYS CA 1036 -135.75 158.17 87.72
C LYS CA 1036 -134.62 158.53 86.78
N GLU CA 1037 -134.99 158.92 85.57
CA GLU CA 1037 -134.01 159.39 84.60
C GLU CA 1037 -133.29 160.60 85.17
N LYS CA 1038 -131.95 160.57 85.11
CA LYS CA 1038 -131.16 161.68 85.65
C LYS CA 1038 -131.53 162.97 84.93
N SER CA 1039 -132.04 163.93 85.70
CA SER CA 1039 -132.44 165.21 85.12
C SER CA 1039 -131.24 165.93 84.52
N LEU CA 1040 -130.08 165.84 85.16
CA LEU CA 1040 -128.90 166.62 84.80
C LEU CA 1040 -129.23 168.11 84.79
N GLY CA 1041 -130.11 168.51 85.72
CA GLY CA 1041 -130.36 169.90 86.02
C GLY CA 1041 -130.08 170.17 87.48
N GLU CA 1042 -130.29 171.43 87.87
CA GLU CA 1042 -129.96 171.88 89.22
C GLU CA 1042 -130.96 171.29 90.22
N ASP CA 1043 -130.78 169.99 90.48
CA ASP CA 1043 -131.51 169.31 91.53
C ASP CA 1043 -130.68 168.11 91.98
N ILE CA 1044 -131.27 167.27 92.85
CA ILE CA 1044 -130.57 166.14 93.43
C ILE CA 1044 -130.18 165.11 92.38
N ASP CA 1045 -129.29 164.19 92.75
CA ASP CA 1045 -128.95 163.05 91.92
C ASP CA 1045 -130.04 161.99 92.08
N THR CA 1046 -130.75 161.68 90.99
CA THR CA 1046 -131.87 160.75 91.08
C THR CA 1046 -131.41 159.35 91.46
N TRP CA 1047 -130.17 158.98 91.13
CA TRP CA 1047 -129.70 157.63 91.42
C TRP CA 1047 -129.61 157.38 92.91
N THR CA 1048 -129.14 158.37 93.69
CA THR CA 1048 -128.99 158.19 95.12
C THR CA 1048 -130.34 158.11 95.84
N ASN CA 1049 -131.42 158.59 95.23
CA ASN CA 1049 -132.74 158.58 95.83
C ASN CA 1049 -133.48 157.33 95.35
N ILE CA 1050 -133.57 156.33 96.22
CA ILE CA 1050 -134.26 155.08 95.93
C ILE CA 1050 -135.57 155.08 96.71
N THR CA 1051 -136.68 154.92 95.99
CA THR CA 1051 -138.01 154.92 96.58
C THR CA 1051 -138.71 153.57 96.48
N LEU CA 1052 -138.20 152.65 95.67
CA LEU CA 1052 -138.81 151.33 95.47
C LEU CA 1052 -140.21 151.46 94.89
N ALA CA 1053 -140.48 152.54 94.17
CA ALA CA 1053 -141.79 152.75 93.55
C ALA CA 1053 -141.88 152.17 92.15
N THR CA 1054 -140.79 151.67 91.59
CA THR CA 1054 -140.75 151.15 90.22
C THR CA 1054 -140.03 149.81 90.20
N THR CA 1055 -140.41 148.92 91.11
CA THR CA 1055 -139.76 147.62 91.20
C THR CA 1055 -140.18 146.73 90.03
N LEU CA 1056 -139.44 145.63 89.87
CA LEU CA 1056 -139.76 144.62 88.87
C LEU CA 1056 -139.20 143.30 89.39
N ASP CA 1057 -140.06 142.28 89.45
CA ASP CA 1057 -139.73 141.00 90.04
C ASP CA 1057 -139.68 139.92 88.97
N LEU CA 1058 -138.59 139.19 88.93
CA LEU CA 1058 -138.42 138.09 87.99
C LEU CA 1058 -138.96 136.80 88.61
N ASP CA 1059 -138.95 135.74 87.81
CA ASP CA 1059 -139.47 134.46 88.28
C ASP CA 1059 -138.54 133.85 89.33
N GLY CA 1060 -139.11 133.37 90.42
CA GLY CA 1060 -138.32 132.83 91.51
C GLY CA 1060 -137.91 131.38 91.36
N ASP CA 1061 -138.46 130.68 90.37
CA ASP CA 1061 -138.15 129.28 90.14
C ASP CA 1061 -137.02 129.07 89.14
N LYS CA 1062 -136.32 130.16 88.76
CA LYS CA 1062 -135.04 130.11 88.02
C LYS CA 1062 -133.84 130.38 88.91
N GLY CA 1063 -133.94 131.34 89.81
CA GLY CA 1063 -132.87 131.61 90.75
C GLY CA 1063 -132.77 133.10 91.03
N GLU CA 1064 -131.81 133.43 91.89
CA GLU CA 1064 -131.56 134.82 92.22
C GLU CA 1064 -130.97 135.55 91.03
N ILE CA 1065 -131.02 136.89 91.09
CA ILE CA 1065 -130.49 137.72 90.01
C ILE CA 1065 -128.97 137.73 90.16
N VAL CA 1066 -128.30 136.89 89.37
CA VAL CA 1066 -126.84 136.78 89.48
C VAL CA 1066 -126.18 138.04 88.98
N SER CA 1067 -126.60 138.54 87.82
CA SER CA 1067 -125.95 139.69 87.21
C SER CA 1067 -126.93 140.44 86.33
N LEU CA 1068 -126.71 141.75 86.23
CA LEU CA 1068 -127.40 142.62 85.28
C LEU CA 1068 -126.35 143.24 84.37
N ASN CA 1069 -126.65 143.28 83.07
CA ASN CA 1069 -125.72 143.81 82.09
C ASN CA 1069 -126.51 144.51 80.98
N THR CA 1070 -125.82 145.39 80.26
CA THR CA 1070 -126.38 146.10 79.13
C THR CA 1070 -125.56 145.81 77.89
N TYR CA 1071 -126.23 145.66 76.75
CA TYR CA 1071 -125.55 145.38 75.49
C TYR CA 1071 -126.39 145.92 74.35
N ASN CA 1072 -125.88 146.95 73.68
CA ASN CA 1072 -126.53 147.57 72.52
C ASN CA 1072 -127.94 148.03 72.87
N ASN CA 1073 -128.02 148.98 73.80
CA ASN CA 1073 -129.24 149.69 74.15
C ASN CA 1073 -130.27 148.81 74.84
N GLU CA 1074 -129.90 147.62 75.31
CA GLU CA 1074 -130.83 146.70 75.95
C GLU CA 1074 -130.21 146.16 77.22
N ILE CA 1075 -131.00 146.12 78.30
CA ILE CA 1075 -130.57 145.47 79.53
C ILE CA 1075 -130.83 143.99 79.43
N PHE CA 1076 -129.87 143.19 79.87
CA PHE CA 1076 -130.02 141.75 79.97
C PHE CA 1076 -129.67 141.33 81.39
N CYS CA 1077 -130.51 140.47 81.98
CA CYS CA 1077 -130.36 140.02 83.36
C CYS CA 1077 -130.04 138.53 83.37
N PHE CA 1078 -128.96 138.18 84.05
CA PHE CA 1078 -128.58 136.79 84.22
C PHE CA 1078 -129.10 136.28 85.56
N GLN CA 1079 -129.84 135.18 85.53
CA GLN CA 1079 -130.27 134.46 86.72
C GLN CA 1079 -129.47 133.16 86.82
N ARG CA 1080 -129.59 132.51 87.97
CA ARG CA 1080 -128.81 131.28 88.18
C ARG CA 1080 -129.21 130.20 87.19
N ARG CA 1081 -130.46 130.19 86.72
CA ARG CA 1081 -130.91 129.27 85.69
C ARG CA 1081 -131.80 130.00 84.69
N GLY CA 1082 -131.47 131.25 84.38
CA GLY CA 1082 -132.27 132.01 83.45
C GLY CA 1082 -131.53 133.22 82.92
N LEU CA 1083 -131.97 133.68 81.76
CA LEU CA 1083 -131.44 134.90 81.14
C LEU CA 1083 -132.61 135.61 80.49
N SER CA 1084 -132.84 136.86 80.90
CA SER CA 1084 -134.00 137.63 80.48
C SER CA 1084 -133.55 138.97 79.91
N ASN CA 1085 -134.48 139.62 79.21
CA ASN CA 1085 -134.28 140.94 78.64
C ASN CA 1085 -135.32 141.87 79.24
N ILE CA 1086 -134.87 142.83 80.05
CA ILE CA 1086 -135.76 143.72 80.77
C ILE CA 1086 -136.20 144.82 79.81
N LEU CA 1087 -137.45 144.75 79.36
CA LEU CA 1087 -137.95 145.73 78.39
C LEU CA 1087 -138.14 147.06 79.09
N PHE CA 1088 -137.29 148.02 78.78
CA PHE CA 1088 -137.35 149.35 79.38
C PHE CA 1088 -137.03 150.38 78.31
N ASN CA 1089 -137.93 151.35 78.14
CA ASN CA 1089 -137.77 152.44 77.18
C ASN CA 1089 -137.75 151.93 75.74
N SER CA 1090 -138.39 150.81 75.48
CA SER CA 1090 -138.50 150.29 74.12
C SER CA 1090 -139.63 150.99 73.38
N GLY CA 1107 -142.17 154.13 76.45
CA GLY CA 1107 -142.02 155.55 76.71
C GLY CA 1107 -141.34 155.82 78.04
N LEU CA 1108 -140.24 155.12 78.28
CA LEU CA 1108 -139.41 155.16 79.48
C LEU CA 1108 -140.04 154.38 80.63
N LYS CA 1109 -141.28 153.90 80.50
CA LYS CA 1109 -141.85 153.06 81.54
C LYS CA 1109 -141.19 151.68 81.52
N VAL CA 1110 -141.07 151.09 82.70
CA VAL CA 1110 -140.43 149.78 82.84
C VAL CA 1110 -141.47 148.72 82.53
N SER CA 1111 -141.60 148.34 81.26
CA SER CA 1111 -142.54 147.31 80.87
C SER CA 1111 -142.06 145.95 81.40
N GLY CA 1112 -142.82 144.92 81.09
CA GLY CA 1112 -142.49 143.59 81.53
C GLY CA 1112 -141.15 143.10 81.03
N LYS CA 1113 -140.79 141.87 81.40
CA LYS CA 1113 -139.54 141.26 80.98
C LYS CA 1113 -139.79 140.30 79.82
N ARG CA 1114 -138.70 139.77 79.28
CA ARG CA 1114 -138.76 138.87 78.13
C ARG CA 1114 -137.63 137.87 78.24
N TYR CA 1115 -137.97 136.58 78.33
CA TYR CA 1115 -136.97 135.55 78.54
C TYR CA 1115 -136.35 135.13 77.21
N ILE CA 1116 -135.02 135.01 77.21
CA ILE CA 1116 -134.28 134.56 76.05
C ILE CA 1116 -133.97 133.08 76.21
N SER CA 1117 -133.84 132.63 77.47
CA SER CA 1117 -133.68 131.21 77.76
C SER CA 1117 -134.19 130.94 79.16
N ASN CA 1118 -135.10 129.98 79.28
CA ASN CA 1118 -135.63 129.59 80.58
C ASN CA 1118 -134.73 128.63 81.33
N THR CA 1119 -133.71 128.05 80.66
CA THR CA 1119 -132.90 126.99 81.23
C THR CA 1119 -131.42 127.32 81.31
N ILE CA 1120 -130.93 128.27 80.51
CA ILE CA 1120 -129.52 128.66 80.52
C ILE CA 1120 -129.39 129.96 81.29
N GLY CA 1121 -128.45 130.00 82.22
CA GLY CA 1121 -128.21 131.19 83.01
C GLY CA 1121 -126.90 131.11 83.77
N CYS CA 1122 -126.20 132.25 83.86
CA CYS CA 1122 -124.91 132.29 84.53
C CYS CA 1122 -125.09 132.22 86.04
N ALA CA 1123 -124.19 131.51 86.70
CA ALA CA 1123 -124.20 131.38 88.16
C ALA CA 1123 -123.07 132.11 88.85
N ASN CA 1124 -122.00 132.44 88.12
CA ASN CA 1124 -120.86 133.17 88.65
C ASN CA 1124 -120.79 134.51 87.94
N LYS CA 1125 -121.07 135.59 88.67
CA LYS CA 1125 -121.19 136.91 88.05
C LYS CA 1125 -119.88 137.35 87.40
N TRP CA 1126 -118.75 136.90 87.92
CA TRP CA 1126 -117.46 137.48 87.56
C TRP CA 1126 -116.86 136.88 86.30
N SER CA 1127 -117.53 135.92 85.67
CA SER CA 1127 -117.11 135.40 84.39
C SER CA 1127 -117.71 136.15 83.20
N ILE CA 1128 -118.46 137.22 83.46
CA ILE CA 1128 -119.17 137.95 82.41
C ILE CA 1128 -118.28 139.10 81.95
N ALA CA 1129 -117.99 139.14 80.65
CA ALA CA 1129 -117.17 140.17 80.05
C ALA CA 1129 -117.94 140.79 78.89
N GLU CA 1130 -118.13 142.10 78.94
CA GLU CA 1130 -118.81 142.81 77.86
C GLU CA 1130 -117.82 143.10 76.73
N SER CA 1131 -118.35 143.17 75.51
CA SER CA 1131 -117.53 143.46 74.34
C SER CA 1131 -118.44 143.94 73.23
N PRO CA 1132 -117.89 144.50 72.16
CA PRO CA 1132 -118.72 144.80 70.99
C PRO CA 1132 -119.38 143.57 70.41
N SER CA 1133 -118.73 142.41 70.49
CA SER CA 1133 -119.28 141.21 69.88
C SER CA 1133 -120.42 140.61 70.68
N GLY CA 1134 -120.46 140.85 71.98
CA GLY CA 1134 -121.54 140.31 72.81
C GLY CA 1134 -121.11 140.21 74.26
N LEU CA 1135 -121.68 139.21 74.93
CA LEU CA 1135 -121.48 138.97 76.36
C LEU CA 1135 -120.94 137.56 76.54
N TYR CA 1136 -119.68 137.45 76.92
CA TYR CA 1136 -119.03 136.16 77.16
C TYR CA 1136 -119.20 135.79 78.63
N PHE CA 1137 -119.96 134.74 78.89
CA PHE CA 1137 -120.14 134.22 80.25
C PHE CA 1137 -119.95 132.72 80.26
N ILE CA 1138 -119.53 132.20 81.40
CA ILE CA 1138 -119.28 130.78 81.61
C ILE CA 1138 -120.32 130.25 82.57
N ASP CA 1139 -121.12 129.28 82.12
CA ASP CA 1139 -122.16 128.67 82.94
C ASP CA 1139 -121.62 127.37 83.53
N ASN CA 1140 -121.51 127.31 84.85
CA ASN CA 1140 -121.01 126.10 85.50
C ASN CA 1140 -122.07 125.01 85.52
N GLU CA 1141 -123.35 125.37 85.49
CA GLU CA 1141 -124.41 124.37 85.49
C GLU CA 1141 -124.35 123.51 84.24
N THR CA 1142 -124.17 124.13 83.08
CA THR CA 1142 -124.19 123.45 81.79
C THR CA 1142 -122.80 123.14 81.24
N ASN CA 1143 -121.74 123.56 81.93
CA ASN CA 1143 -120.37 123.23 81.53
C ASN CA 1143 -120.06 123.75 80.12
N SER CA 1144 -120.29 125.05 79.92
CA SER CA 1144 -120.10 125.65 78.61
C SER CA 1144 -119.70 127.10 78.76
N LEU CA 1145 -119.09 127.62 77.70
CA LEU CA 1145 -118.62 129.02 77.62
C LEU CA 1145 -119.44 129.69 76.54
N TYR CA 1146 -120.50 130.37 76.94
CA TYR CA 1146 -121.46 130.91 75.99
C TYR CA 1146 -121.01 132.28 75.49
N LEU CA 1147 -121.67 132.74 74.43
CA LEU CA 1147 -121.56 134.11 73.95
C LEU CA 1147 -122.93 134.56 73.51
N PHE CA 1148 -123.47 135.57 74.17
CA PHE CA 1148 -124.77 136.12 73.82
C PHE CA 1148 -124.56 137.37 72.97
N ASN CA 1149 -125.11 137.35 71.75
CA ASN CA 1149 -125.07 138.47 70.83
C ASN CA 1149 -126.43 138.64 70.18
N GLY CA 1150 -127.49 138.41 70.96
CA GLY CA 1150 -128.84 138.34 70.43
C GLY CA 1150 -129.35 136.91 70.49
N GLU CA 1151 -128.46 135.95 70.25
CA GLU CA 1151 -128.75 134.53 70.38
C GLU CA 1151 -127.60 133.86 71.11
N ILE CA 1152 -127.93 132.95 72.02
CA ILE CA 1152 -126.92 132.30 72.85
C ILE CA 1152 -126.18 131.28 72.00
N VAL CA 1153 -124.86 131.40 71.94
CA VAL CA 1153 -123.99 130.51 71.19
C VAL CA 1153 -122.96 129.94 72.15
N SER CA 1154 -122.81 128.61 72.14
CA SER CA 1154 -121.87 127.94 73.03
C SER CA 1154 -120.51 127.89 72.34
N LEU CA 1155 -119.61 128.80 72.72
CA LEU CA 1155 -118.30 128.84 72.10
C LEU CA 1155 -117.49 127.59 72.42
N SER CA 1156 -117.62 127.07 73.64
CA SER CA 1156 -116.86 125.88 74.00
C SER CA 1156 -117.23 124.70 73.11
N ASP CA 1157 -118.52 124.50 72.87
CA ASP CA 1157 -118.95 123.42 71.98
C ASP CA 1157 -118.51 123.69 70.55
N LYS CA 1158 -118.66 124.94 70.09
CA LYS CA 1158 -118.31 125.26 68.71
C LYS CA 1158 -116.82 125.02 68.45
N LEU CA 1159 -115.97 125.43 69.38
CA LEU CA 1159 -114.53 125.34 69.22
C LEU CA 1159 -113.91 124.19 70.00
N GLY CA 1160 -114.73 123.28 70.52
CA GLY CA 1160 -114.22 122.09 71.18
C GLY CA 1160 -113.49 122.38 72.48
N PHE CA 1161 -114.22 122.84 73.50
CA PHE CA 1161 -113.64 123.04 74.83
C PHE CA 1161 -114.60 122.55 75.91
N ARG CA 1162 -115.47 121.59 75.58
CA ARG CA 1162 -116.40 121.05 76.57
C ARG CA 1162 -115.64 120.41 77.73
N GLN CA 1163 -114.66 119.56 77.42
CA GLN CA 1163 -113.97 118.82 78.47
C GLN CA 1163 -113.19 119.75 79.39
N TRP CA 1164 -112.53 120.76 78.82
CA TRP CA 1164 -111.68 121.63 79.62
C TRP CA 1164 -112.49 122.36 80.69
N ILE CA 1165 -113.70 122.80 80.35
CA ILE CA 1165 -114.51 123.51 81.32
C ILE CA 1165 -115.25 122.51 82.22
N SER CA 1166 -115.65 121.36 81.70
CA SER CA 1166 -116.34 120.37 82.52
C SER CA 1166 -115.43 119.85 83.62
N THR CA 1167 -114.13 119.79 83.37
CA THR CA 1167 -113.17 119.30 84.36
C THR CA 1167 -112.66 120.39 85.29
N HIS CA 1168 -113.00 121.66 85.05
CA HIS CA 1168 -112.49 122.78 85.83
C HIS CA 1168 -113.59 123.58 86.53
N ASN CA 1169 -114.83 123.10 86.50
CA ASN CA 1169 -115.92 123.84 87.12
C ASN CA 1169 -115.99 123.56 88.62
N VAL CA 1170 -116.51 124.53 89.36
CA VAL CA 1170 -116.75 124.39 90.80
C VAL CA 1170 -117.96 125.22 91.17
N HIS CA 1171 -118.62 124.83 92.26
CA HIS CA 1171 -119.80 125.55 92.72
C HIS CA 1171 -119.45 126.86 93.41
N VAL CA 1172 -118.24 126.95 93.98
CA VAL CA 1172 -117.86 128.12 94.76
C VAL CA 1172 -117.76 129.34 93.87
N ASN CA 1173 -118.22 130.47 94.37
CA ASN CA 1173 -118.15 131.72 93.62
C ASN CA 1173 -116.73 132.28 93.65
N TRP CA 1174 -116.44 133.15 92.68
CA TRP CA 1174 -115.12 133.75 92.59
C TRP CA 1174 -114.91 134.77 93.70
N GLU CA 1175 -113.70 134.80 94.25
CA GLU CA 1175 -113.30 135.79 95.24
C GLU CA 1175 -111.81 136.00 95.14
N PRO CA 1176 -111.31 137.22 95.36
CA PRO CA 1176 -109.94 137.54 94.94
C PRO CA 1176 -108.86 136.75 95.65
N VAL CA 1177 -109.07 136.35 96.90
CA VAL CA 1177 -108.02 135.66 97.65
C VAL CA 1177 -107.69 134.34 96.97
N GLY CA 1178 -108.68 133.46 96.83
CA GLY CA 1178 -108.54 132.22 96.11
C GLY CA 1178 -109.43 132.15 94.90
N TYR CA 1179 -108.82 132.21 93.72
CA TYR CA 1179 -109.57 131.95 92.48
C TYR CA 1179 -110.20 130.57 92.56
N ASN CA 1180 -111.52 130.51 92.42
CA ASN CA 1180 -112.24 129.23 92.37
C ASN CA 1180 -113.00 129.07 91.05
N ASN CA 1181 -113.79 130.05 90.67
CA ASN CA 1181 -114.42 130.08 89.36
C ASN CA 1181 -113.63 130.99 88.44
N TYR CA 1182 -114.07 131.10 87.19
CA TYR CA 1182 -113.37 131.92 86.23
C TYR CA 1182 -113.61 133.39 86.50
N ARG CA 1183 -112.68 134.22 86.05
CA ARG CA 1183 -112.79 135.67 86.12
C ARG CA 1183 -112.47 136.21 84.73
N SER CA 1184 -113.49 136.71 84.04
CA SER CA 1184 -113.36 137.07 82.64
C SER CA 1184 -113.04 138.56 82.51
N PHE CA 1185 -111.95 138.87 81.81
CA PHE CA 1185 -111.57 140.23 81.47
C PHE CA 1185 -111.71 140.42 79.96
N TYR CA 1186 -111.40 141.63 79.50
CA TYR CA 1186 -111.51 141.96 78.08
C TYR CA 1186 -110.48 143.02 77.73
N ASP CA 1187 -109.69 142.75 76.69
CA ASP CA 1187 -108.69 143.69 76.18
C ASP CA 1187 -109.31 144.46 75.04
N LYS CA 1188 -109.74 145.68 75.31
CA LYS CA 1188 -110.39 146.50 74.30
C LYS CA 1188 -109.43 146.85 73.16
N ASN CA 1189 -108.15 146.99 73.44
CA ASN CA 1189 -107.21 147.44 72.41
C ASN CA 1189 -106.94 146.35 71.37
N ASN CA 1190 -107.12 145.08 71.73
CA ASN CA 1190 -106.79 143.97 70.85
C ASN CA 1190 -107.90 142.94 70.73
N ASN CA 1191 -109.06 143.17 71.35
CA ASN CA 1191 -110.22 142.28 71.20
C ASN CA 1191 -109.89 140.87 71.68
N ASP CA 1192 -109.17 140.77 72.79
CA ASP CA 1192 -108.83 139.51 73.42
C ASP CA 1192 -109.63 139.36 74.71
N VAL CA 1193 -110.15 138.15 74.93
CA VAL CA 1193 -110.94 137.83 76.12
C VAL CA 1193 -110.13 136.83 76.93
N TYR CA 1194 -109.87 137.15 78.19
CA TYR CA 1194 -109.11 136.30 79.09
C TYR CA 1194 -110.04 135.72 80.14
N PHE CA 1195 -110.21 134.40 80.13
CA PHE CA 1195 -110.99 133.69 81.13
C PHE CA 1195 -110.02 133.12 82.16
N THR CA 1196 -109.64 133.97 83.12
CA THR CA 1196 -108.59 133.63 84.06
C THR CA 1196 -109.08 132.61 85.08
N TYR CA 1197 -108.17 131.74 85.51
CA TYR CA 1197 -108.43 130.72 86.51
C TYR CA 1197 -107.27 130.71 87.49
N LYS CA 1198 -107.40 129.93 88.57
CA LYS CA 1198 -106.37 129.94 89.59
C LYS CA 1198 -105.03 129.40 89.10
N ASP CA 1199 -105.02 128.63 88.00
CA ASP CA 1199 -103.79 128.02 87.52
C ASP CA 1199 -103.63 128.08 86.00
N HIS CA 1200 -104.52 128.79 85.29
CA HIS CA 1200 -104.35 128.97 83.85
C HIS CA 1200 -105.15 130.19 83.44
N CYS CA 1201 -104.97 130.59 82.18
CA CYS CA 1201 -105.67 131.75 81.62
C CYS CA 1201 -105.92 131.48 80.15
N LEU CA 1202 -107.15 131.05 79.85
CA LEU CA 1202 -107.53 130.75 78.47
C LEU CA 1202 -107.88 132.04 77.74
N CYS CA 1203 -107.20 132.29 76.62
CA CYS CA 1203 -107.37 133.52 75.86
C CYS CA 1203 -108.18 133.25 74.60
N TYR CA 1204 -109.18 134.08 74.37
CA TYR CA 1204 -110.04 134.01 73.19
C TYR CA 1204 -109.94 135.31 72.43
N SER CA 1205 -109.67 135.23 71.12
CA SER CA 1205 -109.48 136.40 70.29
C SER CA 1205 -110.70 136.58 69.40
N GLU CA 1206 -111.34 137.75 69.50
CA GLU CA 1206 -112.48 138.06 68.65
C GLU CA 1206 -112.06 138.45 67.24
N LEU CA 1207 -110.77 138.75 67.01
CA LEU CA 1207 -110.32 139.05 65.67
C LEU CA 1207 -110.47 137.84 64.76
N ILE CA 1208 -110.24 136.65 65.30
CA ILE CA 1208 -110.35 135.40 64.54
C ILE CA 1208 -111.42 134.47 65.08
N ASN CA 1209 -112.05 134.78 66.21
CA ASN CA 1209 -113.07 133.92 66.81
C ASN CA 1209 -112.51 132.54 67.12
N GLN CA 1210 -111.29 132.50 67.64
CA GLN CA 1210 -110.62 131.25 67.99
C GLN CA 1210 -109.90 131.42 69.31
N PHE CA 1211 -109.82 130.32 70.07
CA PHE CA 1211 -108.97 130.29 71.25
C PHE CA 1211 -107.51 130.21 70.81
N THR CA 1212 -106.67 131.07 71.39
CA THR CA 1212 -105.29 131.19 70.95
C THR CA 1212 -104.32 130.36 71.78
N SER CA 1213 -104.35 130.48 73.11
CA SER CA 1213 -103.33 129.89 73.94
C SER CA 1213 -103.84 129.76 75.37
N PHE CA 1214 -102.99 129.23 76.23
CA PHE CA 1214 -103.20 129.14 77.68
C PHE CA 1214 -102.20 130.11 78.30
N MET CA 1215 -102.63 131.34 78.51
CA MET CA 1215 -101.72 132.40 78.87
C MET CA 1215 -101.24 132.23 80.32
N SER CA 1216 -100.07 132.79 80.61
CA SER CA 1216 -99.49 132.74 81.95
C SER CA 1216 -99.92 133.94 82.78
N TYR CA 1217 -101.22 134.20 82.83
CA TYR CA 1217 -101.79 135.33 83.56
C TYR CA 1217 -102.72 134.86 84.67
N GLU CA 1218 -102.49 133.65 85.19
CA GLU CA 1218 -103.38 133.10 86.19
C GLU CA 1218 -103.29 133.86 87.50
N GLY CA 1219 -104.42 133.91 88.22
CA GLY CA 1219 -104.44 134.47 89.55
C GLY CA 1219 -104.21 135.96 89.63
N VAL CA 1220 -104.42 136.68 88.53
CA VAL CA 1220 -104.28 138.13 88.50
C VAL CA 1220 -105.64 138.74 88.84
N PRO CA 1221 -105.76 139.52 89.92
CA PRO CA 1221 -107.09 140.05 90.28
C PRO CA 1221 -107.74 140.92 89.20
N ALA CA 1222 -106.97 141.76 88.51
CA ALA CA 1222 -107.54 142.75 87.62
C ALA CA 1222 -106.73 142.85 86.34
N MET CA 1223 -107.45 143.02 85.22
CA MET CA 1223 -106.84 143.27 83.92
C MET CA 1223 -107.83 144.16 83.17
N PHE CA 1224 -107.43 145.39 82.87
CA PHE CA 1224 -108.36 146.38 82.36
C PHE CA 1224 -107.62 147.38 81.49
N ASN CA 1225 -108.39 148.06 80.65
CA ASN CA 1225 -107.86 149.08 79.75
C ASN CA 1225 -108.05 150.46 80.36
N VAL CA 1226 -106.97 151.23 80.40
CA VAL CA 1226 -106.99 152.62 80.82
C VAL CA 1226 -106.58 153.44 79.62
N SER CA 1227 -107.52 154.22 79.08
CA SER CA 1227 -107.30 154.98 77.84
C SER CA 1227 -106.94 153.96 76.77
N SER CA 1228 -105.86 154.14 76.00
CA SER CA 1228 -105.50 153.27 74.89
C SER CA 1228 -104.38 152.31 75.25
N GLU CA 1229 -104.37 151.79 76.48
CA GLU CA 1229 -103.35 150.85 76.91
C GLU CA 1229 -103.97 149.86 77.90
N PHE CA 1230 -103.48 148.63 77.87
CA PHE CA 1230 -104.00 147.53 78.68
C PHE CA 1230 -103.13 147.36 79.91
N TYR CA 1231 -103.76 147.27 81.08
CA TYR CA 1231 -103.07 147.21 82.36
C TYR CA 1231 -103.51 145.98 83.13
N ALA CA 1232 -102.66 145.57 84.07
CA ALA CA 1232 -102.96 144.48 84.99
C ALA CA 1232 -102.43 144.84 86.36
N PHE CA 1233 -103.06 144.28 87.39
CA PHE CA 1233 -102.73 144.56 88.78
C PHE CA 1233 -102.48 143.25 89.49
N LYS CA 1234 -101.26 143.07 90.01
CA LYS CA 1234 -100.91 141.86 90.73
C LYS CA 1234 -99.90 142.19 91.81
N ASP CA 1235 -100.07 141.59 92.98
CA ASP CA 1235 -99.11 141.69 94.09
C ASP CA 1235 -98.92 143.14 94.53
N GLY CA 1236 -99.95 143.97 94.40
CA GLY CA 1236 -99.90 145.33 94.88
C GLY CA 1236 -99.25 146.33 93.95
N LYS CA 1237 -99.02 145.98 92.69
CA LYS CA 1237 -98.39 146.88 91.74
C LYS CA 1237 -99.13 146.82 90.42
N MET CA 1238 -99.05 147.92 89.67
CA MET CA 1238 -99.66 148.01 88.35
C MET CA 1238 -98.63 147.67 87.29
N TRP CA 1239 -98.95 146.67 86.47
CA TRP CA 1239 -98.07 146.21 85.40
C TRP CA 1239 -98.68 146.58 84.05
N GLU CA 1240 -97.98 147.42 83.29
CA GLU CA 1240 -98.43 147.73 81.94
C GLU CA 1240 -98.18 146.54 81.04
N GLN CA 1241 -99.21 146.12 80.31
CA GLN CA 1241 -99.13 144.91 79.50
C GLN CA 1241 -98.58 145.21 78.12
N PHE CA 1242 -97.91 144.21 77.55
CA PHE CA 1242 -97.44 144.26 76.17
C PHE CA 1242 -96.40 145.35 75.98
N ALA CA 1243 -95.61 145.60 77.03
CA ALA CA 1243 -94.62 146.68 77.03
C ALA CA 1243 -93.25 146.26 77.51
N GLY CA 1244 -93.12 145.15 78.22
CA GLY CA 1244 -91.83 144.68 78.70
C GLY CA 1244 -91.12 143.83 77.67
N ASP CA 1245 -90.08 143.15 78.14
CA ASP CA 1245 -89.35 142.24 77.27
C ASP CA 1245 -90.14 140.97 77.05
N TYR CA 1246 -89.88 140.30 75.93
CA TYR CA 1246 -90.65 139.13 75.57
C TYR CA 1246 -90.42 138.00 76.57
N ASN CA 1247 -91.50 137.27 76.86
CA ASN CA 1247 -91.45 136.10 77.74
C ASN CA 1247 -91.08 136.47 79.17
N MET CA 1248 -91.48 137.65 79.63
CA MET CA 1248 -91.22 138.10 81.00
C MET CA 1248 -92.53 138.59 81.61
N PHE CA 1249 -93.18 137.73 82.40
CA PHE CA 1249 -94.45 138.04 83.02
C PHE CA 1249 -94.22 138.39 84.49
N PHE CA 1250 -94.54 139.63 84.85
CA PHE CA 1250 -94.42 140.09 86.23
C PHE CA 1250 -93.00 139.90 86.77
N GLY CA 1251 -92.02 140.10 85.90
CA GLY CA 1251 -90.63 139.96 86.28
C GLY CA 1251 -90.08 138.56 86.23
N GLU CA 1252 -90.91 137.56 85.94
CA GLU CA 1252 -90.50 136.16 85.88
C GLU CA 1252 -90.58 135.68 84.44
N TYR CA 1253 -89.63 134.81 84.06
CA TYR CA 1253 -89.65 134.20 82.74
C TYR CA 1253 -90.57 133.00 82.74
N LYS CA 1254 -91.53 132.99 81.81
CA LYS CA 1254 -92.40 131.85 81.60
C LYS CA 1254 -92.16 131.27 80.21
N PRO CA 1255 -92.17 129.95 80.05
CA PRO CA 1255 -91.92 129.38 78.73
C PRO CA 1255 -93.13 129.47 77.82
N PHE CA 1256 -92.87 129.30 76.52
CA PHE CA 1256 -93.91 129.20 75.51
C PHE CA 1256 -93.72 127.90 74.73
N SER CA 1257 -94.84 127.35 74.26
CA SER CA 1257 -94.82 126.08 73.54
C SER CA 1257 -96.05 126.01 72.65
N ILE CA 1258 -96.07 125.01 71.78
CA ILE CA 1258 -97.22 124.75 70.92
C ILE CA 1258 -97.27 123.25 70.62
N THR CA 1259 -98.39 122.62 70.97
CA THR CA 1259 -98.61 121.19 70.77
C THR CA 1259 -99.59 120.98 69.64
N PHE CA 1260 -99.30 120.01 68.77
CA PHE CA 1260 -100.19 119.71 67.66
C PHE CA 1260 -100.13 118.23 67.35
N VAL CA 1261 -101.31 117.60 67.26
CA VAL CA 1261 -101.39 116.19 66.93
C VAL CA 1261 -100.99 115.97 65.49
N ALA CA 1262 -100.18 114.94 65.25
CA ALA CA 1262 -99.71 114.58 63.92
C ALA CA 1262 -100.34 113.23 63.56
N ASN CA 1263 -101.48 113.29 62.87
CA ASN CA 1263 -102.21 112.10 62.44
C ASN CA 1263 -102.57 112.27 60.97
N ALA CA 1264 -101.65 111.87 60.09
CA ALA CA 1264 -101.87 111.86 58.65
C ALA CA 1264 -102.02 110.41 58.21
N GLU CA 1265 -103.08 110.13 57.47
CA GLU CA 1265 -103.42 108.76 57.10
C GLU CA 1265 -103.49 107.89 58.35
N GLU CA 1266 -104.39 108.26 59.25
CA GLU CA 1266 -104.40 107.68 60.59
C GLU CA 1266 -104.70 106.17 60.65
N PRO CA 1267 -105.35 105.53 59.67
CA PRO CA 1267 -105.40 104.06 59.74
C PRO CA 1267 -104.04 103.42 59.61
N ASN CA 1268 -103.14 104.03 58.85
CA ASN CA 1268 -101.82 103.48 58.63
C ASN CA 1268 -100.93 103.71 59.84
N ASP CA 1269 -100.06 102.74 60.10
CA ASP CA 1269 -99.06 102.85 61.16
C ASP CA 1269 -97.81 103.50 60.60
N LYS CA 1270 -97.33 104.56 61.25
CA LYS CA 1270 -96.27 105.39 60.74
C LYS CA 1270 -95.11 105.46 61.73
N ILE CA 1271 -93.91 105.59 61.19
CA ILE CA 1271 -92.71 105.89 61.95
C ILE CA 1271 -92.47 107.38 61.85
N PHE CA 1272 -92.61 108.10 62.97
CA PHE CA 1272 -92.40 109.54 62.98
C PHE CA 1272 -90.92 109.83 63.13
N ASN CA 1273 -90.37 110.60 62.19
CA ASN CA 1273 -88.93 110.69 61.97
C ASN CA 1273 -88.37 112.09 62.18
N THR CA 1274 -88.94 113.10 61.52
CA THR CA 1274 -88.35 114.43 61.49
C THR CA 1274 -89.46 115.47 61.60
N VAL CA 1275 -89.09 116.65 62.10
CA VAL CA 1275 -89.99 117.80 62.19
C VAL CA 1275 -89.29 118.94 61.48
N GLU CA 1276 -89.54 119.08 60.18
CA GLU CA 1276 -89.06 120.24 59.43
C GLU CA 1276 -89.96 121.42 59.72
N PHE CA 1277 -89.36 122.57 60.03
CA PHE CA 1277 -90.17 123.73 60.36
C PHE CA 1277 -89.39 125.01 60.12
N ARG CA 1278 -90.10 126.02 59.64
CA ARG CA 1278 -89.56 127.36 59.48
C ARG CA 1278 -89.87 128.21 60.70
N ALA CA 1279 -88.88 128.96 61.16
CA ALA CA 1279 -89.02 129.78 62.36
C ALA CA 1279 -87.82 130.71 62.44
N ASP CA 1280 -88.01 131.82 63.15
CA ASP CA 1280 -86.99 132.86 63.23
C ASP CA 1280 -87.10 133.56 64.57
N SER CA 1281 -85.95 133.75 65.23
CA SER CA 1281 -85.87 134.48 66.49
C SER CA 1281 -85.11 135.78 66.27
N TRP CA 1282 -85.62 136.86 66.86
CA TRP CA 1282 -85.07 138.19 66.69
C TRP CA 1282 -84.68 138.76 68.05
N ASP CA 1283 -83.86 139.81 68.02
CA ASP CA 1283 -83.49 140.52 69.24
C ASP CA 1283 -83.29 141.99 68.85
N SER CA 1284 -84.36 142.77 68.95
CA SER CA 1284 -84.35 144.20 68.63
C SER CA 1284 -83.80 144.43 67.22
N ASP CA 1285 -84.53 143.89 66.25
CA ASP CA 1285 -84.23 144.02 64.82
C ASP CA 1285 -82.97 143.28 64.39
N ASN CA 1286 -82.42 142.42 65.24
CA ASN CA 1286 -81.24 141.61 64.90
C ASN CA 1286 -81.66 140.15 64.82
N LEU CA 1287 -81.40 139.53 63.67
CA LEU CA 1287 -81.70 138.11 63.51
C LEU CA 1287 -80.77 137.28 64.37
N ILE CA 1288 -81.28 136.13 64.82
CA ILE CA 1288 -80.52 135.17 65.63
C ILE CA 1288 -80.73 133.82 64.97
N SER CA 1289 -79.73 133.36 64.23
CA SER CA 1289 -79.83 132.14 63.43
C SER CA 1289 -79.37 130.90 64.19
N ASN CA 1290 -79.27 130.96 65.51
CA ASN CA 1290 -78.76 129.87 66.31
C ASN CA 1290 -79.73 129.33 67.35
N LYS CA 1291 -80.72 130.13 67.77
CA LYS CA 1291 -81.63 129.75 68.85
C LYS CA 1291 -83.06 129.93 68.36
N THR CA 1292 -83.78 128.82 68.21
CA THR CA 1292 -85.21 128.84 67.92
C THR CA 1292 -86.02 128.13 68.99
N PHE CA 1293 -85.70 126.88 69.30
CA PHE CA 1293 -86.44 126.10 70.27
C PHE CA 1293 -85.47 125.32 71.12
N ASP CA 1294 -85.92 124.92 72.31
CA ASP CA 1294 -85.08 124.29 73.31
C ASP CA 1294 -85.58 122.92 73.78
N THR CA 1295 -86.69 122.43 73.26
CA THR CA 1295 -87.14 121.09 73.59
C THR CA 1295 -88.10 120.60 72.53
N LEU CA 1296 -88.27 119.28 72.48
CA LEU CA 1296 -89.24 118.66 71.58
C LEU CA 1296 -89.74 117.39 72.26
N ASP CA 1297 -90.89 117.49 72.91
CA ASP CA 1297 -91.51 116.34 73.56
C ASP CA 1297 -92.49 115.70 72.58
N VAL CA 1298 -92.27 114.42 72.28
CA VAL CA 1298 -93.12 113.65 71.39
C VAL CA 1298 -93.53 112.38 72.11
N TRP CA 1299 -94.83 112.09 72.13
CA TRP CA 1299 -95.36 111.00 72.93
C TRP CA 1299 -96.66 110.51 72.33
N ASN CA 1300 -97.08 109.33 72.77
CA ASN CA 1300 -98.37 108.76 72.43
C ASN CA 1300 -98.80 107.87 73.60
N GLU CA 1301 -99.77 106.98 73.35
CA GLU CA 1301 -100.33 106.18 74.43
C GLU CA 1301 -99.30 105.30 75.13
N TYR CA 1302 -98.19 104.96 74.45
CA TYR CA 1302 -97.24 104.01 75.01
C TYR CA 1302 -95.78 104.44 74.83
N GLN CA 1303 -95.52 105.69 74.43
CA GLN CA 1303 -94.16 106.14 74.17
C GLN CA 1303 -94.01 107.58 74.62
N HIS CA 1304 -92.78 107.96 74.96
CA HIS CA 1304 -92.49 109.35 75.33
C HIS CA 1304 -90.99 109.57 75.18
N GLY CA 1305 -90.61 110.52 74.32
CA GLY CA 1305 -89.22 110.88 74.15
C GLY CA 1305 -89.07 112.38 74.12
N THR CA 1306 -87.84 112.83 74.39
CA THR CA 1306 -87.56 114.26 74.44
C THR CA 1306 -86.06 114.49 74.28
N THR CA 1307 -85.71 115.52 73.50
CA THR CA 1307 -84.35 115.94 73.29
C THR CA 1307 -84.25 117.46 73.44
N PRO CA 1308 -83.07 117.98 73.81
CA PRO CA 1308 -82.97 119.43 74.07
C PRO CA 1308 -82.90 120.31 72.84
N LEU CA 1309 -82.79 119.74 71.63
CA LEU CA 1309 -82.66 120.54 70.41
C LEU CA 1309 -81.44 121.46 70.47
N THR CA 1310 -80.27 120.84 70.57
CA THR CA 1310 -79.00 121.54 70.43
C THR CA 1310 -78.54 121.49 68.98
N ASN CA 1311 -77.68 122.42 68.61
CA ASN CA 1311 -77.16 122.54 67.25
C ASN CA 1311 -75.65 122.74 67.33
N LEU CA 1312 -74.90 121.67 67.10
CA LEU CA 1312 -73.45 121.72 67.01
C LEU CA 1312 -73.06 121.66 65.54
N LEU CA 1313 -72.29 122.66 65.08
CA LEU CA 1313 -72.05 122.81 63.66
C LEU CA 1313 -71.28 121.62 63.08
N GLY CA 1314 -70.28 121.14 63.81
CA GLY CA 1314 -69.46 120.06 63.30
C GLY CA 1314 -70.04 118.68 63.53
N HIS CA 1315 -70.52 118.43 64.73
CA HIS CA 1315 -71.02 117.12 65.11
C HIS CA 1315 -72.52 117.01 64.82
N PRO CA 1316 -73.02 115.79 64.65
CA PRO CA 1316 -74.48 115.64 64.55
C PRO CA 1316 -75.15 116.02 65.85
N SER CA 1317 -76.36 116.57 65.74
CA SER CA 1317 -77.11 117.04 66.88
C SER CA 1317 -78.59 116.84 66.60
N PRO CA 1318 -79.44 116.88 67.63
CA PRO CA 1318 -80.88 116.72 67.38
C PRO CA 1318 -81.44 117.73 66.40
N LEU CA 1319 -80.95 118.97 66.46
CA LEU CA 1319 -81.45 120.06 65.62
C LEU CA 1319 -80.34 120.51 64.68
N LYS CA 1320 -80.67 120.63 63.40
CA LYS CA 1320 -79.75 121.16 62.40
C LYS CA 1320 -80.50 122.10 61.47
N LYS CA 1321 -79.86 123.20 61.13
CA LYS CA 1321 -80.41 124.17 60.19
C LYS CA 1321 -79.56 124.16 58.92
N LYS CA 1322 -80.23 124.32 57.77
CA LYS CA 1322 -79.50 124.47 56.52
C LYS CA 1322 -80.42 125.09 55.48
N PHE CA 1323 -79.92 126.11 54.80
CA PHE CA 1323 -80.69 126.85 53.80
C PHE CA 1323 -82.00 127.36 54.40
N ARG CA 1324 -81.91 127.90 55.62
CA ARG CA 1324 -82.98 128.65 56.26
C ARG CA 1324 -84.18 127.79 56.65
N ILE CA 1325 -83.99 126.48 56.81
CA ILE CA 1325 -85.05 125.59 57.30
C ILE CA 1325 -84.47 124.77 58.45
N TRP CA 1326 -85.22 124.69 59.55
CA TRP CA 1326 -84.84 123.86 60.68
C TRP CA 1326 -85.39 122.46 60.50
N ARG CA 1327 -84.65 121.48 61.00
CA ARG CA 1327 -85.06 120.08 60.92
C ARG CA 1327 -84.57 119.38 62.18
N ALA CA 1328 -85.49 118.79 62.93
CA ALA CA 1328 -85.19 118.14 64.20
C ALA CA 1328 -85.56 116.67 64.11
N ASN CA 1329 -84.63 115.81 64.53
CA ASN CA 1329 -84.93 114.39 64.60
C ASN CA 1329 -85.87 114.13 65.77
N ILE CA 1330 -86.98 113.46 65.48
CA ILE CA 1330 -87.97 113.22 66.54
C ILE CA 1330 -87.35 112.33 67.60
N PRO CA 1331 -87.59 112.57 68.90
CA PRO CA 1331 -86.92 111.76 69.92
C PRO CA 1331 -87.29 110.29 69.81
N ARG CA 1332 -86.61 109.48 70.60
CA ARG CA 1332 -86.90 108.05 70.71
C ARG CA 1332 -87.32 107.73 72.14
N ALA CA 1333 -88.01 106.60 72.27
CA ALA CA 1333 -88.72 106.28 73.51
C ALA CA 1333 -87.75 106.24 74.69
N ILE CA 1334 -88.20 106.80 75.82
CA ILE CA 1334 -87.39 106.82 77.02
C ILE CA 1334 -87.20 105.40 77.56
N ALA CA 1335 -88.20 104.53 77.38
CA ALA CA 1335 -88.14 103.20 77.97
C ALA CA 1335 -86.96 102.40 77.43
N ASN CA 1336 -86.79 102.40 76.11
CA ASN CA 1336 -85.73 101.64 75.46
C ASN CA 1336 -84.57 102.51 75.00
N ASN CA 1337 -84.82 103.76 74.60
CA ASN CA 1337 -83.83 104.67 74.04
C ASN CA 1337 -83.36 104.23 72.66
N ARG CA 1338 -84.05 103.28 72.03
CA ARG CA 1338 -83.73 102.77 70.71
C ARG CA 1338 -84.91 102.82 69.76
N ASP CA 1339 -86.13 102.63 70.28
CA ASP CA 1339 -87.31 102.53 69.44
C ASP CA 1339 -87.76 103.91 68.99
N ARG CA 1340 -88.06 104.02 67.69
CA ARG CA 1340 -88.58 105.26 67.15
C ARG CA 1340 -90.05 105.41 67.55
N ILE CA 1341 -90.57 106.63 67.40
CA ILE CA 1341 -91.95 106.90 67.76
C ILE CA 1341 -92.82 106.31 66.65
N ARG CA 1342 -93.30 105.09 66.85
CA ARG CA 1342 -94.12 104.38 65.89
C ARG CA 1342 -95.53 104.22 66.46
N ASN CA 1343 -96.50 104.89 65.83
CA ASN CA 1343 -97.88 104.81 66.23
C ASN CA 1343 -98.71 105.41 65.12
N THR CA 1344 -100.01 105.13 65.14
CA THR CA 1344 -100.91 105.69 64.12
C THR CA 1344 -100.98 107.20 64.22
N TRP CA 1345 -100.83 107.75 65.43
CA TRP CA 1345 -100.80 109.19 65.64
C TRP CA 1345 -99.78 109.49 66.74
N ALA CA 1346 -99.52 110.77 66.96
CA ALA CA 1346 -98.59 111.18 68.00
C ALA CA 1346 -98.72 112.68 68.24
N TYR CA 1347 -98.49 113.08 69.48
CA TYR CA 1347 -98.49 114.49 69.85
C TYR CA 1347 -97.09 115.05 69.69
N ILE CA 1348 -96.99 116.19 69.00
CA ILE CA 1348 -95.72 116.85 68.74
C ILE CA 1348 -95.77 118.20 69.42
N LYS CA 1349 -94.79 118.47 70.28
CA LYS CA 1349 -94.77 119.68 71.11
C LYS CA 1349 -93.41 120.34 71.03
N LEU CA 1350 -93.35 121.53 70.44
CA LEU CA 1350 -92.16 122.36 70.42
C LEU CA 1350 -92.30 123.44 71.49
N GLY CA 1351 -91.18 123.77 72.13
CA GLY CA 1351 -91.22 124.77 73.19
C GLY CA 1351 -89.83 125.26 73.54
N MET CA 1352 -89.79 126.44 74.15
CA MET CA 1352 -88.60 126.99 74.77
C MET CA 1352 -88.77 126.97 76.28
N ASN CA 1353 -87.77 126.44 76.99
CA ASN CA 1353 -87.79 126.41 78.45
C ASN CA 1353 -86.53 126.99 79.05
N THR CA 1354 -85.65 127.60 78.24
CA THR CA 1354 -84.47 128.28 78.73
C THR CA 1354 -84.75 129.78 78.81
N PRO CA 1355 -84.34 130.49 79.88
CA PRO CA 1355 -84.61 131.93 79.93
C PRO CA 1355 -84.03 132.67 78.74
N ASN CA 1356 -84.83 133.59 78.19
CA ASN CA 1356 -84.45 134.37 77.02
C ASN CA 1356 -85.55 135.39 76.78
N THR CA 1357 -85.20 136.46 76.07
CA THR CA 1357 -86.15 137.50 75.69
C THR CA 1357 -85.98 137.76 74.20
N TYR CA 1358 -86.65 136.95 73.38
CA TYR CA 1358 -86.68 137.11 71.93
C TYR CA 1358 -88.11 137.01 71.46
N ARG CA 1359 -88.38 137.61 70.31
CA ARG CA 1359 -89.63 137.35 69.59
C ARG CA 1359 -89.33 136.27 68.56
N THR CA 1360 -90.08 135.17 68.63
CA THR CA 1360 -89.81 133.95 67.86
C THR CA 1360 -91.02 133.68 66.99
N GLU CA 1361 -90.98 134.16 65.75
CA GLU CA 1361 -92.04 133.87 64.80
C GLU CA 1361 -91.89 132.43 64.33
N PHE CA 1362 -92.97 131.66 64.45
CA PHE CA 1362 -92.98 130.24 64.10
C PHE CA 1362 -94.06 130.05 63.04
N HIS CA 1363 -93.64 129.89 61.79
CA HIS CA 1363 -94.58 129.93 60.68
C HIS CA 1363 -95.37 128.62 60.55
N ASP CA 1364 -94.68 127.51 60.33
CA ASP CA 1364 -95.35 126.22 60.20
C ASP CA 1364 -94.31 125.12 60.42
N ALA CA 1365 -94.76 123.87 60.32
CA ALA CA 1365 -93.91 122.72 60.58
C ALA CA 1365 -94.40 121.53 59.77
N ILE CA 1366 -93.50 120.93 59.00
CA ILE CA 1366 -93.76 119.70 58.27
C ILE CA 1366 -93.18 118.54 59.07
N ILE CA 1367 -93.93 117.45 59.13
CA ILE CA 1367 -93.51 116.24 59.82
C ILE CA 1367 -93.34 115.14 58.78
N HIS CA 1368 -92.15 114.57 58.73
CA HIS CA 1368 -91.83 113.49 57.80
C HIS CA 1368 -91.98 112.16 58.52
N TYR CA 1369 -92.82 111.29 57.99
CA TYR CA 1369 -93.07 109.98 58.56
C TYR CA 1369 -92.91 108.93 57.47
N PHE CA 1370 -92.98 107.66 57.88
CA PHE CA 1370 -92.83 106.52 56.99
C PHE CA 1370 -94.04 105.61 57.18
N ALA CA 1371 -94.94 105.60 56.20
CA ALA CA 1371 -96.16 104.80 56.28
C ALA CA 1371 -96.07 103.59 55.35
N UNK DA 1 -111.79 140.33 59.33
CA UNK DA 1 -112.04 138.94 58.87
C UNK DA 1 -111.08 138.53 57.75
N UNK DA 2 -109.81 138.93 57.88
CA UNK DA 2 -108.79 138.47 56.94
C UNK DA 2 -108.38 137.03 57.21
N UNK DA 3 -108.40 136.63 58.49
CA UNK DA 3 -108.08 135.24 58.83
C UNK DA 3 -109.06 134.27 58.19
N UNK DA 4 -110.34 134.62 58.19
CA UNK DA 4 -111.34 133.74 57.58
C UNK DA 4 -111.07 133.57 56.09
N UNK DA 5 -110.77 134.65 55.38
CA UNK DA 5 -110.49 134.55 53.95
C UNK DA 5 -109.23 133.74 53.69
N UNK DA 6 -108.17 134.00 54.45
CA UNK DA 6 -106.91 133.29 54.23
C UNK DA 6 -107.06 131.80 54.51
N UNK DA 7 -107.78 131.44 55.57
CA UNK DA 7 -108.02 130.03 55.84
C UNK DA 7 -108.97 129.42 54.81
N UNK DA 8 -109.91 130.20 54.28
CA UNK DA 8 -110.81 129.68 53.26
C UNK DA 8 -110.09 129.42 51.95
N UNK DA 9 -109.04 130.18 51.65
CA UNK DA 9 -108.24 129.97 50.45
C UNK DA 9 -107.09 129.00 50.68
N UNK DA 10 -107.24 128.06 51.62
CA UNK DA 10 -106.22 127.06 51.91
C UNK DA 10 -104.89 127.72 52.29
N UNK DA 11 -104.96 128.75 53.12
CA UNK DA 11 -103.79 129.49 53.57
C UNK DA 11 -103.06 130.14 52.40
N UNK DA 12 -103.85 130.67 51.46
CA UNK DA 12 -103.31 131.30 50.25
C UNK DA 12 -102.43 130.32 49.47
N UNK DA 13 -102.86 129.07 49.42
CA UNK DA 13 -102.20 127.96 48.72
C UNK DA 13 -100.89 127.54 49.37
N UNK DA 14 -100.49 128.16 50.48
CA UNK DA 14 -99.24 127.83 51.15
C UNK DA 14 -98.05 127.97 50.20
MG MG EA . 158.12 -65.84 -97.95
MG MG FA . 149.45 -87.49 -83.57
#